data_7QV7
#
_entry.id   7QV7
#
loop_
_entity.id
_entity.type
_entity.pdbx_description
1 polymer 'Hydrogen dependent carbon dioxide reductase subunit HycB3'
2 polymer 'Hydrogen dependent carbon dioxide reductase subunit HycB4'
3 polymer 'Hydrogen dependent carbon dioxide reductase subunit HydA2'
4 polymer 'Hydrogen dependent carbon dioxide reductase subunit FdhF'
5 non-polymer 'IRON/SULFUR CLUSTER'
6 non-polymer dicarbonyl[bis(cyanide-kappaC)]-mu-(iminodimethanethiolatato-1kappaS:2kappaS)-mu-(oxomethylidene)diiron(2+)
#
loop_
_entity_poly.entity_id
_entity_poly.type
_entity_poly.pdbx_seq_one_letter_code
_entity_poly.pdbx_strand_id
1 'polypeptide(L)'
;MPNRFVIADPKRCLGCYTCIAACAFVHEEQGLQPFPRLYLTYTSEGIMPIQCRHCEDAPCAEVCPVEAIKKEGNAIIIDE
KACIGCKTCLLACSFGAIDFSVQDSLEQSIFKDIKENLMQDQKTQQRIVAVKCDLCNFREEGPACVQFCPTKALKLVDGD
EINKMVKNKRTVNVESLLSVYGTK
;
A,G
2 'polypeptide(L)'
;MYQKVNCYSILFLKGVDKMKTQLNPFVVANPAKCIGCKACEVACFAVHNRNNHVGATVGTVSIPVIPRLHLIKTEHGTMP
IQCRHCEDAPCANVCTVGAIKREGNAIVVDEKLCIGCKSCLLACPFGAIELLPQYEDGREVFQINLKEESESGLVQEPRI
IAYKCDLCNDLGEPACVKACPENALTLVMPTEMKKARNKEAALSFLRVVR
;
B,C,J,N,P,X
3 'polypeptide(L)'
;MSANKAIINIDQELCTGCRRCAEVCPVDAIEGEKGKPQKINTEVCVMCGQCVQKCSSYASYFDESITPRNVKLQERGMLD
SVKEPLFAAYNLGYARQVKEALENPQLFKVVQCAPAIRVSIAEEFGLDLGDLTPGKLVAALRRLNFDRVYDTNFGADLTI
IEEANELVKRIKEGKDLPMFTSCCPAWVKFAEQTYPELLKHISTCKSPQQMTGAIIKTYGAKINNVDPAKIFSVSVMPCT
CKSYESDRPEMRSSGYKDVDLVITTRELAHLMKDKGIDFATLPDEEFDSPLGNYTGAATIFGNTGGVMEAALRTAYELIT
KKPIPNIDIEFVRGGEGIRTATVQVGELELKIAVVSGLKNVIPILEDIKKNKCDLHFVEVMTCPEGCISGGGQPKLLLEE
YREVAYKKRKEALYKHDAELELRKSHENPAIKKLYEEFLGEPLGKQSHHLLHTKYTPRKKV
;
D,K,Q,R,V,Z
4 'polypeptide(L)'
;MKDGKQEKVLTTCPYCGTGCGLYLKVENEKIVGVEPDKLHPVNQGELCIKGYYGYKYVHDPRRLTSPLIKKNGKFVPVSW
DEALNFIANGLKKIKSEYGSDAFAMFCSARATNEDNYAAQKFARAVIGINNVDHCARLCHAPTVAGLAMTLGSGAMTNSI
PEISTYSDVIFIIGSNTAECHPLIAAHVIKAKERGAKLIVADPRMNAMVHKADIWLRVPSGYNIPLINGMIHIIIKEGLV
KTDFVKNHAVGFEEMAKAVEKYTPEYVEELTGIPKKDLIKAARFYGQAQAAAILYSMGVTQFSHGTGNVVSLANLAVITG
NLGRPGAGICPLRGQNNVQGACDVGALPNVLPGYLDVTKEQNRERFEKVWGVKLPSNIGLRVTEVPDAILNKRVRALYIF
GENPIMSDPDSDHLRHALEHLDLLIVQDIFLTETARLAHVVLPAACWAEKDGTFTNTERRVQRVRKAVEAPGEAKPDWWI
FSQIAERMGYTGMQYNNVQEIWDEVRKIVPEKFGGISYARLEKEKGLAWPCPTEDHTGTPILYLGGKFATPSGKAQMYPV
IFYPNTCICDEGAEKQDFNHVIVGSIAELPDEEYPFTLTTGRRVYHYHTATMTRKSPVIDQIAPQELVEINPQDATRLGI
NDGDFLRVSTRRGYVATRAWVTERVPKGTIFMTFHYWEACCNELTNTASDAICCIPEFKVAAAKVEKISQVEAQAILKEK
IEKYQVELEKDVANMLAKEKGGK
;
S,Y
#
loop_
_chem_comp.id
_chem_comp.type
_chem_comp.name
_chem_comp.formula
402 non-polymer dicarbonyl[bis(cyanide-kappaC)]-mu-(iminodimethanethiolatato-1kappaS:2kappaS)-mu-(oxomethylidene)diiron(2+) 'C7 H5 Fe2 N3 O3 S2 2'
SF4 non-polymer 'IRON/SULFUR CLUSTER' 'Fe4 S4'
#
# COMPACT_ATOMS: atom_id res chain seq x y z
N PRO A 2 18.11 -14.25 -26.15
CA PRO A 2 18.97 -13.07 -26.09
C PRO A 2 20.43 -13.42 -25.76
N ASN A 3 21.26 -12.39 -25.62
CA ASN A 3 22.66 -12.59 -25.26
C ASN A 3 22.78 -13.04 -23.82
N ARG A 4 23.96 -13.57 -23.48
CA ARG A 4 24.27 -14.01 -22.12
C ARG A 4 25.09 -12.93 -21.45
N PHE A 5 24.81 -12.66 -20.17
CA PHE A 5 25.65 -11.72 -19.44
C PHE A 5 25.73 -12.19 -17.99
N VAL A 6 26.31 -11.34 -17.14
CA VAL A 6 26.54 -11.71 -15.74
C VAL A 6 26.27 -10.51 -14.85
N ILE A 7 25.59 -10.75 -13.73
CA ILE A 7 25.26 -9.70 -12.78
C ILE A 7 25.65 -10.13 -11.38
N ALA A 8 25.93 -9.14 -10.53
CA ALA A 8 26.32 -9.38 -9.14
C ALA A 8 25.35 -8.63 -8.24
N ASP A 9 24.60 -9.37 -7.44
CA ASP A 9 23.75 -8.73 -6.45
C ASP A 9 24.61 -8.12 -5.36
N PRO A 10 24.42 -6.84 -5.03
CA PRO A 10 25.32 -6.18 -4.07
C PRO A 10 25.15 -6.60 -2.63
N LYS A 11 24.21 -7.51 -2.35
CA LYS A 11 23.97 -7.95 -0.98
C LYS A 11 25.12 -8.77 -0.42
N ARG A 12 25.93 -9.40 -1.27
CA ARG A 12 26.98 -10.31 -0.83
C ARG A 12 28.29 -10.04 -1.57
N CYS A 13 28.67 -8.76 -1.67
CA CYS A 13 29.96 -8.38 -2.26
C CYS A 13 30.80 -7.74 -1.17
N LEU A 14 31.86 -8.44 -0.77
CA LEU A 14 32.71 -8.00 0.34
C LEU A 14 33.82 -7.05 -0.10
N GLY A 15 33.96 -6.79 -1.39
CA GLY A 15 35.07 -5.99 -1.88
C GLY A 15 36.41 -6.67 -1.67
N CYS A 16 36.46 -7.99 -1.84
CA CYS A 16 37.66 -8.76 -1.54
C CYS A 16 38.69 -8.75 -2.65
N TYR A 17 38.36 -8.17 -3.80
CA TYR A 17 39.31 -7.93 -4.90
C TYR A 17 39.91 -9.22 -5.46
N THR A 18 39.20 -10.34 -5.42
CA THR A 18 39.74 -11.55 -6.03
C THR A 18 39.07 -11.88 -7.37
N CYS A 19 37.83 -11.42 -7.57
CA CYS A 19 37.19 -11.60 -8.87
C CYS A 19 37.92 -10.84 -9.96
N ILE A 20 38.33 -9.60 -9.67
CA ILE A 20 39.05 -8.79 -10.63
C ILE A 20 40.42 -9.40 -10.96
N ALA A 21 41.15 -9.86 -9.95
CA ALA A 21 42.45 -10.50 -10.20
C ALA A 21 42.31 -11.81 -10.95
N ALA A 22 41.28 -12.60 -10.63
CA ALA A 22 41.03 -13.83 -11.36
C ALA A 22 40.67 -13.55 -12.81
N CYS A 23 39.92 -12.48 -13.07
CA CYS A 23 39.65 -12.07 -14.44
C CYS A 23 40.94 -11.64 -15.15
N ALA A 24 41.82 -10.92 -14.45
CA ALA A 24 43.04 -10.43 -15.08
C ALA A 24 44.00 -11.56 -15.45
N PHE A 25 44.30 -12.45 -14.49
CA PHE A 25 45.35 -13.44 -14.74
C PHE A 25 44.90 -14.52 -15.71
N VAL A 26 43.63 -14.91 -15.68
CA VAL A 26 43.12 -15.89 -16.64
C VAL A 26 43.24 -15.37 -18.06
N HIS A 27 42.88 -14.10 -18.27
CA HIS A 27 43.06 -13.48 -19.58
C HIS A 27 44.53 -13.33 -19.92
N GLU A 28 45.39 -13.13 -18.92
CA GLU A 28 46.82 -12.99 -19.18
C GLU A 28 47.43 -14.29 -19.68
N GLU A 29 47.04 -15.43 -19.09
CA GLU A 29 47.73 -16.68 -19.38
C GLU A 29 47.44 -17.19 -20.78
N GLN A 30 46.36 -16.76 -21.41
CA GLN A 30 46.02 -17.20 -22.76
C GLN A 30 46.68 -16.35 -23.84
N GLY A 31 47.22 -15.19 -23.48
CA GLY A 31 47.87 -14.32 -24.43
C GLY A 31 47.14 -13.05 -24.78
N LEU A 32 46.03 -12.76 -24.12
CA LEU A 32 45.28 -11.53 -24.38
C LEU A 32 45.85 -10.40 -23.53
N GLN A 33 45.12 -9.29 -23.46
CA GLN A 33 45.57 -8.17 -22.65
C GLN A 33 45.46 -8.51 -21.17
N PRO A 34 46.53 -8.36 -20.39
CA PRO A 34 46.50 -8.80 -18.98
C PRO A 34 45.59 -7.98 -18.08
N PHE A 35 45.17 -6.79 -18.51
CA PHE A 35 44.42 -5.91 -17.63
C PHE A 35 43.00 -6.45 -17.41
N PRO A 36 42.44 -6.25 -16.21
CA PRO A 36 41.14 -6.83 -15.90
C PRO A 36 40.01 -6.14 -16.65
N ARG A 37 38.86 -6.79 -16.66
CA ARG A 37 37.71 -6.35 -17.44
C ARG A 37 36.45 -6.25 -16.58
N LEU A 38 36.58 -6.35 -15.26
CA LEU A 38 35.50 -6.15 -14.32
C LEU A 38 35.93 -5.06 -13.34
N TYR A 39 35.04 -4.11 -13.08
CA TYR A 39 35.41 -2.91 -12.33
C TYR A 39 34.68 -2.86 -11.01
N LEU A 40 35.29 -2.19 -10.03
CA LEU A 40 34.71 -2.02 -8.70
C LEU A 40 34.43 -0.54 -8.46
N THR A 41 33.23 -0.23 -7.97
CA THR A 41 32.82 1.14 -7.71
C THR A 41 32.38 1.26 -6.26
N TYR A 42 32.92 2.27 -5.57
CA TYR A 42 32.48 2.60 -4.22
C TYR A 42 31.47 3.72 -4.29
N THR A 43 30.30 3.50 -3.69
CA THR A 43 29.22 4.47 -3.71
C THR A 43 28.85 4.85 -2.28
N SER A 44 27.88 5.75 -2.16
CA SER A 44 27.40 6.16 -0.85
C SER A 44 26.60 5.06 -0.17
N GLU A 45 25.88 4.26 -0.96
CA GLU A 45 25.01 3.20 -0.44
C GLU A 45 25.21 1.92 -1.25
N GLY A 46 26.17 1.12 -0.81
CA GLY A 46 26.45 -0.19 -1.38
C GLY A 46 27.72 -0.19 -2.22
N ILE A 47 28.38 -1.35 -2.25
CA ILE A 47 29.53 -1.59 -3.10
C ILE A 47 29.16 -2.70 -4.07
N MET A 48 29.26 -2.41 -5.36
CA MET A 48 28.83 -3.34 -6.40
C MET A 48 29.83 -3.31 -7.54
N PRO A 49 30.25 -4.45 -8.06
CA PRO A 49 31.07 -4.45 -9.28
C PRO A 49 30.22 -4.16 -10.50
N ILE A 50 30.81 -3.43 -11.45
CA ILE A 50 30.17 -3.05 -12.69
C ILE A 50 30.96 -3.65 -13.84
N GLN A 51 30.26 -3.96 -14.93
CA GLN A 51 30.82 -4.72 -16.04
C GLN A 51 29.95 -4.50 -17.27
N CYS A 52 30.27 -5.23 -18.33
CA CYS A 52 29.60 -5.05 -19.62
C CYS A 52 28.37 -5.92 -19.70
N ARG A 53 27.24 -5.39 -19.26
CA ARG A 53 25.96 -6.01 -19.58
C ARG A 53 25.75 -5.94 -21.08
N HIS A 54 25.74 -7.10 -21.73
CA HIS A 54 25.86 -7.14 -23.19
C HIS A 54 24.65 -6.54 -23.87
N CYS A 55 24.78 -5.28 -24.29
CA CYS A 55 23.69 -4.53 -24.90
C CYS A 55 23.26 -5.20 -26.19
N GLU A 56 22.00 -5.62 -26.23
CA GLU A 56 21.47 -6.45 -27.31
C GLU A 56 21.29 -5.62 -28.57
N ASP A 57 21.30 -4.30 -28.42
CA ASP A 57 21.31 -3.39 -29.55
C ASP A 57 22.73 -2.85 -29.78
N ALA A 58 23.61 -2.95 -28.78
CA ALA A 58 25.04 -2.69 -28.89
C ALA A 58 25.38 -1.32 -29.44
N PRO A 59 25.29 -0.25 -28.63
CA PRO A 59 25.67 1.08 -29.11
C PRO A 59 27.16 1.22 -29.39
N CYS A 60 27.96 0.24 -28.95
CA CYS A 60 29.40 0.26 -29.19
C CYS A 60 29.74 0.16 -30.68
N ALA A 61 29.11 -0.80 -31.37
CA ALA A 61 29.47 -1.09 -32.75
C ALA A 61 28.95 -0.06 -33.73
N GLU A 62 28.02 0.81 -33.32
CA GLU A 62 27.50 1.81 -34.23
C GLU A 62 28.42 3.02 -34.38
N VAL A 63 29.40 3.17 -33.49
CA VAL A 63 30.33 4.29 -33.55
C VAL A 63 31.75 3.87 -33.88
N CYS A 64 32.04 2.58 -33.92
CA CYS A 64 33.38 2.13 -34.25
C CYS A 64 33.65 2.36 -35.73
N PRO A 65 34.68 3.13 -36.09
CA PRO A 65 34.89 3.45 -37.50
C PRO A 65 35.60 2.38 -38.30
N VAL A 66 36.38 1.51 -37.65
CA VAL A 66 37.13 0.48 -38.35
C VAL A 66 36.39 -0.86 -38.35
N GLU A 67 35.19 -0.90 -37.79
CA GLU A 67 34.34 -2.10 -37.73
C GLU A 67 35.04 -3.23 -36.98
N ALA A 68 35.40 -2.95 -35.73
CA ALA A 68 36.16 -3.88 -34.92
C ALA A 68 35.36 -4.51 -33.78
N ILE A 69 34.06 -4.26 -33.70
CA ILE A 69 33.21 -4.85 -32.67
C ILE A 69 32.14 -5.69 -33.37
N LYS A 70 32.01 -6.95 -32.97
CA LYS A 70 31.06 -7.80 -33.65
C LYS A 70 30.45 -8.81 -32.68
N LYS A 71 29.29 -9.33 -33.06
CA LYS A 71 28.57 -10.28 -32.23
C LYS A 71 28.98 -11.70 -32.60
N GLU A 72 29.47 -12.45 -31.61
CA GLU A 72 29.87 -13.83 -31.82
C GLU A 72 29.25 -14.71 -30.75
N GLY A 73 28.70 -15.85 -31.18
CA GLY A 73 28.01 -16.74 -30.27
C GLY A 73 26.79 -16.07 -29.67
N ASN A 74 26.88 -15.73 -28.39
CA ASN A 74 25.86 -14.93 -27.72
C ASN A 74 26.49 -13.78 -26.95
N ALA A 75 27.59 -13.23 -27.47
CA ALA A 75 28.34 -12.20 -26.78
C ALA A 75 28.86 -11.18 -27.78
N ILE A 76 29.44 -10.11 -27.24
CA ILE A 76 30.01 -9.02 -28.03
C ILE A 76 31.52 -9.09 -27.91
N ILE A 77 32.21 -9.13 -29.04
CA ILE A 77 33.65 -9.35 -29.11
C ILE A 77 34.30 -8.09 -29.66
N ILE A 78 35.42 -7.69 -29.02
CA ILE A 78 36.08 -6.42 -29.26
C ILE A 78 37.17 -6.49 -30.31
N ASP A 79 37.65 -7.69 -30.66
CA ASP A 79 38.59 -7.92 -31.76
C ASP A 79 39.84 -7.04 -31.62
N GLU A 80 40.64 -7.35 -30.60
CA GLU A 80 41.77 -6.50 -30.22
C GLU A 80 42.80 -6.35 -31.32
N LYS A 81 42.79 -7.24 -32.32
CA LYS A 81 43.74 -7.13 -33.42
C LYS A 81 43.43 -5.96 -34.34
N ALA A 82 42.21 -5.44 -34.32
CA ALA A 82 41.80 -4.39 -35.25
C ALA A 82 41.53 -3.04 -34.58
N CYS A 83 41.48 -2.98 -33.26
CA CYS A 83 41.26 -1.71 -32.57
C CYS A 83 42.47 -0.81 -32.74
N ILE A 84 42.21 0.49 -32.91
CA ILE A 84 43.27 1.47 -33.14
C ILE A 84 43.41 2.48 -32.03
N GLY A 85 42.44 2.61 -31.14
CA GLY A 85 42.49 3.56 -30.06
C GLY A 85 41.65 4.80 -30.22
N CYS A 86 40.82 4.87 -31.26
CA CYS A 86 39.90 5.99 -31.44
C CYS A 86 38.85 5.92 -30.35
N LYS A 87 39.02 6.70 -29.29
CA LYS A 87 38.22 6.55 -28.08
C LYS A 87 36.79 7.06 -28.29
N THR A 88 36.12 6.44 -29.26
CA THR A 88 34.74 6.76 -29.60
C THR A 88 33.74 5.81 -28.97
N CYS A 89 34.10 4.53 -28.85
CA CYS A 89 33.26 3.58 -28.14
C CYS A 89 33.14 3.93 -26.66
N LEU A 90 34.11 4.66 -26.11
CA LEU A 90 34.03 5.08 -24.72
C LEU A 90 32.98 6.18 -24.53
N LEU A 91 32.76 7.01 -25.55
CA LEU A 91 31.78 8.07 -25.44
C LEU A 91 30.36 7.54 -25.55
N ALA A 92 30.18 6.34 -26.10
CA ALA A 92 28.85 5.81 -26.37
C ALA A 92 28.41 4.75 -25.36
N CYS A 93 29.32 4.24 -24.54
CA CYS A 93 28.98 3.20 -23.57
C CYS A 93 28.35 3.86 -22.34
N SER A 94 27.05 3.63 -22.16
CA SER A 94 26.34 4.26 -21.05
C SER A 94 26.83 3.75 -19.70
N PHE A 95 27.15 2.46 -19.61
CA PHE A 95 27.63 1.88 -18.37
C PHE A 95 29.11 2.08 -18.13
N GLY A 96 29.85 2.53 -19.16
CA GLY A 96 31.27 2.78 -19.00
C GLY A 96 32.07 1.53 -18.69
N ALA A 97 31.82 0.45 -19.42
CA ALA A 97 32.48 -0.82 -19.18
C ALA A 97 33.73 -1.03 -20.02
N ILE A 98 34.13 -0.05 -20.82
CA ILE A 98 35.34 -0.15 -21.63
C ILE A 98 36.39 0.80 -21.08
N ASP A 99 37.55 0.25 -20.74
CA ASP A 99 38.73 1.05 -20.44
C ASP A 99 39.85 0.60 -21.35
N PHE A 100 40.98 1.28 -21.28
CA PHE A 100 42.07 1.07 -22.22
C PHE A 100 43.32 0.56 -21.51
N SER A 101 44.12 -0.20 -22.24
CA SER A 101 45.28 -0.90 -21.69
C SER A 101 46.41 0.09 -21.44
N VAL A 102 46.32 0.77 -20.29
CA VAL A 102 47.33 1.73 -19.86
C VAL A 102 47.60 1.49 -18.38
N GLN A 103 48.88 1.50 -18.00
CA GLN A 103 49.26 1.23 -16.62
C GLN A 103 48.67 2.26 -15.65
N ASP A 104 48.49 3.50 -16.10
CA ASP A 104 47.90 4.53 -15.26
C ASP A 104 46.42 4.33 -15.02
N SER A 105 45.76 3.45 -15.77
CA SER A 105 44.33 3.20 -15.57
C SER A 105 44.05 2.39 -14.32
N LEU A 106 45.08 1.83 -13.68
CA LEU A 106 44.89 1.00 -12.50
C LEU A 106 44.96 1.86 -11.24
N GLU A 107 43.99 1.67 -10.35
CA GLU A 107 43.97 2.42 -9.11
C GLU A 107 44.82 1.72 -8.05
N GLN A 108 45.19 2.48 -7.02
CA GLN A 108 46.04 1.98 -5.95
C GLN A 108 45.25 0.99 -5.10
N SER A 109 45.57 -0.30 -5.21
CA SER A 109 44.87 -1.34 -4.48
C SER A 109 45.80 -2.55 -4.36
N ILE A 110 45.23 -3.68 -3.93
CA ILE A 110 46.03 -4.90 -3.76
C ILE A 110 46.46 -5.44 -5.12
N PHE A 111 45.59 -5.33 -6.13
CA PHE A 111 45.90 -5.89 -7.44
C PHE A 111 47.09 -5.20 -8.08
N LYS A 112 47.19 -3.86 -7.93
CA LYS A 112 48.35 -3.15 -8.46
C LYS A 112 49.63 -3.60 -7.78
N ASP A 113 49.57 -3.81 -6.46
CA ASP A 113 50.75 -4.29 -5.72
C ASP A 113 51.16 -5.67 -6.20
N ILE A 114 50.18 -6.57 -6.42
CA ILE A 114 50.49 -7.91 -6.88
C ILE A 114 51.11 -7.87 -8.28
N LYS A 115 50.53 -7.06 -9.18
CA LYS A 115 51.05 -6.98 -10.53
C LYS A 115 52.45 -6.35 -10.57
N GLU A 116 52.70 -5.36 -9.72
CA GLU A 116 54.02 -4.75 -9.63
C GLU A 116 55.06 -5.70 -9.03
N ASN A 117 54.68 -6.51 -8.04
CA ASN A 117 55.63 -7.44 -7.46
C ASN A 117 55.89 -8.63 -8.39
N LEU A 118 54.92 -8.97 -9.24
CA LEU A 118 55.12 -10.05 -10.21
C LEU A 118 56.22 -9.69 -11.21
N MET A 119 56.21 -8.46 -11.70
CA MET A 119 57.20 -8.04 -12.68
C MET A 119 58.49 -7.58 -12.01
N ARG A 127 51.35 -1.74 -27.39
CA ARG A 127 50.01 -1.65 -27.95
C ARG A 127 49.00 -1.17 -26.91
N ILE A 128 48.10 -0.28 -27.33
CA ILE A 128 47.02 0.22 -26.49
C ILE A 128 45.72 0.03 -27.27
N VAL A 129 44.90 -0.92 -26.85
CA VAL A 129 43.63 -1.21 -27.50
C VAL A 129 42.55 -1.32 -26.43
N ALA A 130 41.31 -1.13 -26.85
CA ALA A 130 40.19 -1.19 -25.91
C ALA A 130 39.97 -2.61 -25.44
N VAL A 131 39.73 -2.78 -24.14
CA VAL A 131 39.47 -4.08 -23.54
C VAL A 131 38.06 -4.09 -22.98
N LYS A 132 37.43 -5.28 -23.02
CA LYS A 132 36.03 -5.42 -22.65
C LYS A 132 35.79 -6.87 -22.27
N CYS A 133 34.90 -7.08 -21.29
CA CYS A 133 34.53 -8.43 -20.87
C CYS A 133 33.92 -9.19 -22.04
N ASP A 134 34.65 -10.17 -22.56
CA ASP A 134 34.19 -10.99 -23.67
C ASP A 134 33.50 -12.26 -23.21
N LEU A 135 33.10 -12.33 -21.94
CA LEU A 135 32.32 -13.40 -21.34
C LEU A 135 33.09 -14.72 -21.29
N CYS A 136 34.38 -14.70 -21.62
CA CYS A 136 35.27 -15.87 -21.57
C CYS A 136 34.73 -17.00 -22.45
N ASN A 137 34.66 -16.72 -23.76
CA ASN A 137 34.28 -17.76 -24.71
C ASN A 137 35.44 -18.64 -25.13
N PHE A 138 36.67 -18.24 -24.79
CA PHE A 138 37.86 -19.01 -25.13
C PHE A 138 38.14 -20.14 -24.16
N ARG A 139 37.36 -20.25 -23.09
CA ARG A 139 37.57 -21.25 -22.05
C ARG A 139 36.38 -22.18 -22.00
N GLU A 140 36.64 -23.49 -21.96
CA GLU A 140 35.56 -24.47 -21.92
C GLU A 140 34.76 -24.38 -20.62
N GLU A 141 35.44 -24.04 -19.52
CA GLU A 141 34.73 -23.74 -18.28
C GLU A 141 34.01 -22.40 -18.42
N GLY A 142 33.12 -22.12 -17.47
CA GLY A 142 32.40 -20.88 -17.45
C GLY A 142 33.29 -19.68 -17.15
N PRO A 143 32.68 -18.53 -16.90
CA PRO A 143 33.47 -17.33 -16.58
C PRO A 143 34.30 -17.53 -15.32
N ALA A 144 35.51 -16.97 -15.35
CA ALA A 144 36.38 -17.04 -14.17
C ALA A 144 35.91 -16.11 -13.06
N CYS A 145 35.09 -15.11 -13.39
CA CYS A 145 34.62 -14.16 -12.39
C CYS A 145 33.47 -14.69 -11.56
N VAL A 146 32.84 -15.80 -11.97
CA VAL A 146 31.68 -16.32 -11.27
C VAL A 146 32.03 -17.54 -10.39
N GLN A 147 33.06 -18.30 -10.74
CA GLN A 147 33.44 -19.48 -9.98
C GLN A 147 34.67 -19.23 -9.10
N PHE A 148 35.06 -17.98 -8.91
CA PHE A 148 36.13 -17.61 -7.98
C PHE A 148 35.65 -16.71 -6.85
N CYS A 149 34.39 -16.27 -6.88
CA CYS A 149 33.89 -15.36 -5.86
C CYS A 149 33.70 -16.09 -4.55
N PRO A 150 34.29 -15.63 -3.45
CA PRO A 150 34.12 -16.33 -2.16
C PRO A 150 32.70 -16.31 -1.64
N THR A 151 31.87 -15.39 -2.10
CA THR A 151 30.48 -15.33 -1.68
C THR A 151 29.51 -15.74 -2.77
N LYS A 152 30.01 -16.04 -3.97
CA LYS A 152 29.19 -16.40 -5.13
C LYS A 152 28.13 -15.32 -5.42
N ALA A 153 28.54 -14.07 -5.35
CA ALA A 153 27.62 -12.98 -5.65
C ALA A 153 27.31 -12.91 -7.14
N LEU A 154 28.33 -13.05 -7.98
CA LEU A 154 28.11 -13.01 -9.42
C LEU A 154 27.34 -14.24 -9.89
N LYS A 155 26.55 -14.06 -10.93
CA LYS A 155 25.79 -15.14 -11.52
C LYS A 155 25.51 -14.82 -12.98
N LEU A 156 25.61 -15.83 -13.83
CA LEU A 156 25.39 -15.67 -15.26
C LEU A 156 23.92 -15.89 -15.58
N VAL A 157 23.42 -15.11 -16.54
CA VAL A 157 22.03 -15.18 -16.97
C VAL A 157 21.98 -15.30 -18.48
N ASP A 158 21.11 -16.18 -18.96
CA ASP A 158 20.83 -16.45 -20.36
C ASP A 158 19.36 -16.14 -20.62
N GLY A 159 18.89 -16.45 -21.83
CA GLY A 159 17.49 -16.26 -22.16
C GLY A 159 16.56 -17.18 -21.38
N ASP A 160 16.97 -18.44 -21.20
CA ASP A 160 16.13 -19.40 -20.49
C ASP A 160 15.92 -19.00 -19.03
N GLU A 161 16.99 -18.57 -18.37
CA GLU A 161 16.86 -18.15 -16.98
C GLU A 161 16.03 -16.88 -16.87
N ILE A 162 16.15 -15.96 -17.84
CA ILE A 162 15.33 -14.75 -17.83
C ILE A 162 13.86 -15.10 -17.96
N ASN A 163 13.54 -16.01 -18.89
CA ASN A 163 12.15 -16.43 -19.06
C ASN A 163 11.63 -17.13 -17.81
N LYS A 164 12.46 -17.98 -17.19
CA LYS A 164 12.05 -18.68 -15.98
C LYS A 164 11.77 -17.69 -14.85
N MET A 165 12.64 -16.68 -14.69
CA MET A 165 12.43 -15.68 -13.64
C MET A 165 11.17 -14.86 -13.89
N VAL A 166 10.93 -14.48 -15.15
CA VAL A 166 9.74 -13.71 -15.48
C VAL A 166 8.49 -14.51 -15.17
N LYS A 167 8.47 -15.79 -15.59
CA LYS A 167 7.30 -16.62 -15.34
C LYS A 167 7.10 -16.86 -13.85
N ASN A 168 8.19 -17.05 -13.10
CA ASN A 168 8.09 -17.26 -11.66
C ASN A 168 7.50 -16.04 -10.97
N LYS A 169 7.99 -14.84 -11.31
CA LYS A 169 7.48 -13.63 -10.69
C LYS A 169 6.01 -13.42 -11.04
N ARG A 170 5.64 -13.65 -12.30
CA ARG A 170 4.25 -13.46 -12.71
C ARG A 170 3.33 -14.45 -12.00
N THR A 171 3.74 -15.71 -11.91
CA THR A 171 2.92 -16.72 -11.22
C THR A 171 2.77 -16.41 -9.75
N VAL A 172 3.86 -15.97 -9.08
CA VAL A 172 3.78 -15.63 -7.66
C VAL A 172 2.83 -14.46 -7.45
N ASN A 173 2.92 -13.43 -8.29
CA ASN A 173 2.01 -12.30 -8.17
C ASN A 173 0.56 -12.72 -8.35
N VAL A 174 0.29 -13.55 -9.36
CA VAL A 174 -1.08 -13.99 -9.62
C VAL A 174 -1.61 -14.82 -8.46
N GLU A 175 -0.79 -15.72 -7.94
CA GLU A 175 -1.23 -16.56 -6.83
C GLU A 175 -1.51 -15.72 -5.58
N SER A 176 -0.69 -14.71 -5.33
CA SER A 176 -0.94 -13.84 -4.18
C SER A 176 -2.25 -13.07 -4.35
N LEU A 177 -2.47 -12.52 -5.55
CA LEU A 177 -3.71 -11.77 -5.79
C LEU A 177 -4.95 -12.66 -5.69
N LEU A 178 -4.87 -13.89 -6.19
CA LEU A 178 -5.98 -14.83 -6.06
C LEU A 178 -6.21 -15.20 -4.60
N SER A 179 -5.14 -15.45 -3.86
CA SER A 179 -5.28 -15.91 -2.47
C SER A 179 -5.87 -14.83 -1.59
N VAL A 180 -5.52 -13.57 -1.82
CA VAL A 180 -5.98 -12.51 -0.92
C VAL A 180 -7.37 -12.02 -1.31
N TYR A 181 -7.49 -11.42 -2.49
CA TYR A 181 -8.74 -10.77 -2.89
C TYR A 181 -8.72 -10.49 -4.38
N GLY A 182 -9.78 -10.87 -5.08
CA GLY A 182 -9.90 -10.62 -6.50
C GLY A 182 -10.00 -9.15 -6.86
N THR B 21 53.11 6.56 -19.16
CA THR B 21 52.20 6.86 -20.26
C THR B 21 50.77 6.97 -19.74
N GLN B 22 50.06 8.01 -20.18
CA GLN B 22 48.72 8.30 -19.74
C GLN B 22 47.81 8.44 -20.96
N LEU B 23 46.50 8.33 -20.74
CA LEU B 23 45.54 8.49 -21.83
C LEU B 23 45.60 9.90 -22.39
N ASN B 24 45.52 10.00 -23.71
CA ASN B 24 45.53 11.32 -24.36
C ASN B 24 44.14 11.93 -24.31
N PRO B 25 43.98 13.11 -23.70
CA PRO B 25 42.68 13.79 -23.77
C PRO B 25 42.43 14.33 -25.17
N PHE B 26 41.15 14.49 -25.51
CA PHE B 26 40.76 14.98 -26.81
C PHE B 26 39.50 15.82 -26.69
N VAL B 27 39.23 16.61 -27.72
CA VAL B 27 38.10 17.54 -27.74
C VAL B 27 36.97 16.98 -28.59
N VAL B 28 35.76 17.00 -28.03
CA VAL B 28 34.59 16.41 -28.67
C VAL B 28 33.48 17.46 -28.68
N ALA B 29 32.70 17.47 -29.76
CA ALA B 29 31.60 18.42 -29.91
C ALA B 29 30.36 17.91 -29.20
N ASN B 30 29.24 18.59 -29.44
CA ASN B 30 27.94 18.19 -28.90
C ASN B 30 26.85 18.67 -29.85
N PRO B 31 26.13 17.77 -30.50
CA PRO B 31 25.12 18.20 -31.48
C PRO B 31 23.94 18.94 -30.87
N ALA B 32 23.68 18.78 -29.58
CA ALA B 32 22.53 19.43 -28.97
C ALA B 32 22.77 20.93 -28.76
N LYS B 33 24.03 21.34 -28.64
CA LYS B 33 24.37 22.73 -28.35
C LYS B 33 25.24 23.36 -29.43
N CYS B 34 25.13 22.92 -30.67
CA CYS B 34 25.88 23.50 -31.78
C CYS B 34 24.91 24.04 -32.82
N ILE B 35 25.24 25.22 -33.36
CA ILE B 35 24.39 25.90 -34.33
C ILE B 35 25.09 26.14 -35.66
N GLY B 36 26.36 25.75 -35.79
CA GLY B 36 27.10 26.05 -37.00
C GLY B 36 27.42 27.52 -37.16
N CYS B 37 27.78 28.20 -36.08
CA CYS B 37 28.11 29.62 -36.13
C CYS B 37 29.54 29.87 -36.56
N LYS B 38 30.38 28.83 -36.63
CA LYS B 38 31.76 28.93 -37.12
C LYS B 38 32.61 29.88 -36.28
N ALA B 39 32.30 30.01 -34.99
CA ALA B 39 33.07 30.86 -34.10
C ALA B 39 34.25 30.12 -33.46
N CYS B 40 34.36 28.81 -33.68
CA CYS B 40 35.47 28.04 -33.15
C CYS B 40 36.59 27.85 -34.16
N GLU B 41 36.29 27.94 -35.45
CA GLU B 41 37.33 27.79 -36.47
C GLU B 41 38.21 29.02 -36.55
N VAL B 42 37.62 30.22 -36.48
CA VAL B 42 38.39 31.45 -36.63
C VAL B 42 39.31 31.67 -35.44
N ALA B 43 38.88 31.31 -34.22
CA ALA B 43 39.75 31.40 -33.06
C ALA B 43 40.93 30.45 -33.19
N CYS B 44 40.69 29.25 -33.72
CA CYS B 44 41.76 28.30 -34.00
C CYS B 44 42.75 28.88 -35.00
N PHE B 45 42.24 29.47 -36.09
CA PHE B 45 43.10 30.05 -37.11
C PHE B 45 43.94 31.19 -36.55
N ALA B 46 43.33 32.01 -35.68
CA ALA B 46 44.06 33.12 -35.08
C ALA B 46 45.12 32.64 -34.10
N VAL B 47 44.79 31.67 -33.25
CA VAL B 47 45.73 31.28 -32.20
C VAL B 47 46.87 30.43 -32.75
N HIS B 48 46.62 29.59 -33.74
CA HIS B 48 47.66 28.69 -34.22
C HIS B 48 48.54 29.32 -35.30
N ASN B 49 48.26 30.56 -35.71
CA ASN B 49 49.05 31.27 -36.71
C ASN B 49 49.58 32.60 -36.17
N ARG B 50 50.11 32.58 -34.95
CA ARG B 50 50.61 33.81 -34.32
C ARG B 50 51.80 34.40 -35.07
N ASN B 51 52.55 33.60 -35.81
CA ASN B 51 53.76 34.06 -36.48
C ASN B 51 53.49 34.77 -37.80
N ASN B 52 52.23 34.86 -38.23
CA ASN B 52 51.88 35.46 -39.51
C ASN B 52 51.21 36.83 -39.34
N HIS B 53 51.64 37.60 -38.34
CA HIS B 53 51.24 39.00 -38.13
C HIS B 53 49.73 39.12 -37.96
N VAL B 54 49.23 38.54 -36.87
CA VAL B 54 47.82 38.66 -36.48
C VAL B 54 47.76 39.29 -35.10
N GLY B 55 46.88 40.28 -34.95
CA GLY B 55 46.79 41.03 -33.71
C GLY B 55 45.38 41.14 -33.17
N ALA B 56 44.59 40.07 -33.31
CA ALA B 56 43.20 40.01 -32.86
C ALA B 56 42.34 41.08 -33.51
N THR B 57 42.68 41.47 -34.75
CA THR B 57 41.92 42.43 -35.52
C THR B 57 41.71 41.90 -36.92
N VAL B 58 40.50 42.04 -37.44
CA VAL B 58 40.21 41.63 -38.80
C VAL B 58 40.73 42.70 -39.74
N GLY B 59 41.60 42.30 -40.66
CA GLY B 59 42.20 43.24 -41.59
C GLY B 59 43.71 43.13 -41.63
N THR B 60 44.32 42.76 -40.49
CA THR B 60 45.76 42.53 -40.44
C THR B 60 46.15 41.15 -40.95
N VAL B 61 45.18 40.30 -41.26
CA VAL B 61 45.45 38.95 -41.75
C VAL B 61 45.77 39.04 -43.23
N SER B 62 47.05 38.92 -43.57
CA SER B 62 47.51 38.96 -44.96
C SER B 62 47.67 37.56 -45.54
N ILE B 63 47.06 36.56 -44.93
CA ILE B 63 47.18 35.17 -45.37
C ILE B 63 45.77 34.61 -45.54
N PRO B 64 45.61 33.56 -46.36
CA PRO B 64 44.35 32.82 -46.37
C PRO B 64 44.12 32.14 -45.02
N VAL B 65 42.88 31.72 -44.81
CA VAL B 65 42.46 31.15 -43.54
C VAL B 65 42.69 29.64 -43.55
N ILE B 66 43.30 29.13 -42.48
CA ILE B 66 43.52 27.70 -42.31
C ILE B 66 43.13 27.30 -40.88
N PRO B 67 41.99 26.64 -40.70
CA PRO B 67 41.68 26.09 -39.37
C PRO B 67 42.25 24.70 -39.21
N ARG B 68 42.00 24.06 -38.06
CA ARG B 68 42.43 22.69 -37.84
C ARG B 68 41.29 21.70 -37.70
N LEU B 69 40.18 22.10 -37.09
CA LEU B 69 38.97 21.30 -37.10
C LEU B 69 38.10 21.70 -38.28
N HIS B 70 37.07 20.90 -38.56
CA HIS B 70 36.21 21.16 -39.71
C HIS B 70 34.75 21.01 -39.32
N LEU B 71 33.92 21.94 -39.79
CA LEU B 71 32.49 21.90 -39.54
C LEU B 71 31.78 21.32 -40.75
N ILE B 72 30.87 20.36 -40.51
CA ILE B 72 30.12 19.69 -41.55
C ILE B 72 28.66 19.58 -41.15
N LYS B 73 27.77 19.70 -42.12
CA LYS B 73 26.33 19.70 -41.91
C LYS B 73 25.70 18.50 -42.59
N THR B 74 24.83 17.79 -41.86
CA THR B 74 24.02 16.71 -42.42
C THR B 74 22.55 17.02 -42.11
N GLU B 75 21.67 16.09 -42.46
CA GLU B 75 20.26 16.28 -42.14
C GLU B 75 19.99 16.13 -40.65
N HIS B 76 20.88 15.47 -39.92
CA HIS B 76 20.79 15.41 -38.46
C HIS B 76 21.62 16.51 -37.82
N GLY B 77 21.42 17.75 -38.25
CA GLY B 77 22.12 18.87 -37.66
C GLY B 77 23.53 19.06 -38.20
N THR B 78 24.26 19.93 -37.50
CA THR B 78 25.60 20.34 -37.89
C THR B 78 26.56 20.05 -36.76
N MET B 79 27.76 19.60 -37.09
CA MET B 79 28.74 19.30 -36.06
C MET B 79 30.15 19.53 -36.60
N PRO B 80 31.08 19.94 -35.75
CA PRO B 80 32.49 19.91 -36.13
C PRO B 80 33.17 18.63 -35.67
N ILE B 81 34.19 18.24 -36.43
CA ILE B 81 35.02 17.09 -36.10
C ILE B 81 36.48 17.47 -36.25
N GLN B 82 37.33 16.70 -35.56
CA GLN B 82 38.75 16.97 -35.47
C GLN B 82 39.46 15.68 -35.06
N CYS B 83 40.77 15.77 -34.91
CA CYS B 83 41.57 14.59 -34.55
C CYS B 83 41.23 14.12 -33.15
N ARG B 84 41.04 12.81 -33.01
CA ARG B 84 40.72 12.20 -31.72
C ARG B 84 41.97 11.80 -30.93
N HIS B 85 43.16 11.95 -31.52
CA HIS B 85 44.42 11.61 -30.88
C HIS B 85 44.46 10.14 -30.47
N CYS B 86 44.40 9.27 -31.48
CA CYS B 86 44.45 7.84 -31.25
C CYS B 86 45.82 7.44 -30.69
N GLU B 87 45.81 6.45 -29.79
CA GLU B 87 47.07 5.97 -29.22
C GLU B 87 47.89 5.23 -30.27
N ASP B 88 47.35 4.14 -30.80
CA ASP B 88 47.99 3.41 -31.90
C ASP B 88 47.50 4.03 -33.21
N ALA B 89 47.98 5.23 -33.46
CA ALA B 89 47.47 6.04 -34.57
C ALA B 89 47.92 5.46 -35.90
N PRO B 90 47.01 5.19 -36.84
CA PRO B 90 47.43 4.74 -38.18
C PRO B 90 48.30 5.75 -38.90
N CYS B 91 48.05 7.04 -38.72
CA CYS B 91 48.83 8.06 -39.41
C CYS B 91 50.29 8.04 -38.98
N ALA B 92 50.56 7.75 -37.71
CA ALA B 92 51.93 7.64 -37.24
C ALA B 92 52.64 6.44 -37.88
N ASN B 93 51.92 5.33 -38.02
CA ASN B 93 52.55 4.12 -38.56
C ASN B 93 52.80 4.23 -40.05
N VAL B 94 51.85 4.78 -40.80
CA VAL B 94 51.98 4.82 -42.26
C VAL B 94 53.05 5.81 -42.70
N CYS B 95 53.24 6.89 -41.94
CA CYS B 95 54.20 7.92 -42.33
C CYS B 95 55.62 7.36 -42.29
N THR B 96 56.21 7.18 -43.47
CA THR B 96 57.53 6.58 -43.57
C THR B 96 58.63 7.56 -43.19
N VAL B 97 58.46 8.84 -43.52
CA VAL B 97 59.49 9.84 -43.24
C VAL B 97 59.65 10.04 -41.74
N GLY B 98 58.56 9.98 -40.98
CA GLY B 98 58.61 10.19 -39.56
C GLY B 98 58.24 11.59 -39.11
N ALA B 99 57.48 12.34 -39.92
CA ALA B 99 57.07 13.67 -39.52
C ALA B 99 56.15 13.63 -38.32
N ILE B 100 55.24 12.67 -38.28
CA ILE B 100 54.29 12.55 -37.18
C ILE B 100 54.99 11.91 -35.98
N LYS B 101 54.99 12.61 -34.85
CA LYS B 101 55.63 12.15 -33.63
C LYS B 101 54.71 12.38 -32.45
N ARG B 102 54.90 11.58 -31.40
CA ARG B 102 54.18 11.75 -30.14
C ARG B 102 55.04 12.56 -29.18
N GLU B 103 55.20 13.84 -29.50
CA GLU B 103 56.12 14.69 -28.75
C GLU B 103 55.58 15.00 -27.35
N GLY B 104 54.30 15.35 -27.25
CA GLY B 104 53.72 15.68 -25.96
C GLY B 104 52.61 14.75 -25.55
N ASN B 105 51.62 15.28 -24.81
CA ASN B 105 50.48 14.47 -24.42
C ASN B 105 49.56 14.16 -25.59
N ALA B 106 49.65 14.91 -26.68
CA ALA B 106 48.84 14.70 -27.87
C ALA B 106 49.73 14.48 -29.08
N ILE B 107 49.20 13.74 -30.05
CA ILE B 107 49.95 13.42 -31.26
C ILE B 107 50.00 14.66 -32.15
N VAL B 108 51.21 15.02 -32.58
CA VAL B 108 51.45 16.28 -33.28
C VAL B 108 52.17 15.98 -34.59
N VAL B 109 52.00 16.87 -35.56
CA VAL B 109 52.66 16.78 -36.85
C VAL B 109 53.80 17.81 -36.89
N ASP B 110 54.88 17.45 -37.56
CA ASP B 110 56.02 18.35 -37.75
C ASP B 110 55.98 18.91 -39.17
N GLU B 111 56.08 20.22 -39.28
CA GLU B 111 55.99 20.90 -40.57
C GLU B 111 57.33 20.98 -41.29
N LYS B 112 58.40 20.45 -40.70
CA LYS B 112 59.71 20.50 -41.33
C LYS B 112 60.00 19.28 -42.20
N LEU B 113 59.54 18.09 -41.79
CA LEU B 113 59.88 16.85 -42.46
C LEU B 113 58.75 16.32 -43.34
N CYS B 114 57.66 17.06 -43.50
CA CYS B 114 56.56 16.60 -44.33
C CYS B 114 56.94 16.64 -45.80
N ILE B 115 56.53 15.62 -46.55
CA ILE B 115 56.87 15.51 -47.96
C ILE B 115 55.65 15.58 -48.87
N GLY B 116 54.44 15.57 -48.33
CA GLY B 116 53.25 15.69 -49.14
C GLY B 116 52.69 14.38 -49.68
N CYS B 117 53.13 13.24 -49.17
CA CYS B 117 52.54 11.97 -49.57
C CYS B 117 51.14 11.84 -48.96
N LYS B 118 50.17 11.49 -49.80
CA LYS B 118 48.77 11.49 -49.41
C LYS B 118 48.38 10.31 -48.52
N SER B 119 49.37 9.56 -48.03
CA SER B 119 49.10 8.32 -47.30
C SER B 119 48.30 8.59 -46.02
N CYS B 120 48.55 9.73 -45.37
CA CYS B 120 47.77 10.09 -44.19
C CYS B 120 46.29 10.21 -44.52
N LEU B 121 45.97 10.72 -45.71
CA LEU B 121 44.57 10.83 -46.11
C LEU B 121 43.92 9.46 -46.27
N LEU B 122 44.72 8.41 -46.46
CA LEU B 122 44.16 7.07 -46.45
C LEU B 122 44.12 6.48 -45.05
N ALA B 123 45.02 6.94 -44.16
CA ALA B 123 45.16 6.30 -42.85
C ALA B 123 44.01 6.66 -41.92
N CYS B 124 43.61 7.93 -41.90
CA CYS B 124 42.69 8.40 -40.88
C CYS B 124 41.27 7.97 -41.21
N PRO B 125 40.59 7.23 -40.33
CA PRO B 125 39.17 6.93 -40.56
C PRO B 125 38.27 8.16 -40.43
N PHE B 126 38.74 9.22 -39.77
CA PHE B 126 37.94 10.42 -39.59
C PHE B 126 38.31 11.55 -40.55
N GLY B 127 39.48 11.48 -41.18
CA GLY B 127 39.89 12.50 -42.12
C GLY B 127 40.09 13.88 -41.50
N ALA B 128 40.80 13.93 -40.38
CA ALA B 128 41.08 15.19 -39.71
C ALA B 128 42.38 15.83 -40.17
N ILE B 129 43.06 15.25 -41.15
CA ILE B 129 44.30 15.79 -41.71
C ILE B 129 43.99 16.42 -43.06
N GLU B 130 44.47 17.64 -43.27
CA GLU B 130 44.27 18.33 -44.54
C GLU B 130 45.63 18.68 -45.14
N LEU B 131 45.69 18.81 -46.46
CA LEU B 131 46.90 19.23 -47.16
C LEU B 131 46.66 20.61 -47.75
N LEU B 132 47.40 21.61 -47.26
CA LEU B 132 47.23 22.98 -47.69
C LEU B 132 48.59 23.63 -47.90
N PRO B 133 48.67 24.66 -48.74
CA PRO B 133 49.94 25.38 -48.90
C PRO B 133 50.39 26.02 -47.60
N GLN B 134 51.70 26.03 -47.38
CA GLN B 134 52.27 26.61 -46.17
C GLN B 134 52.44 28.11 -46.32
N TYR B 135 52.16 28.83 -45.24
CA TYR B 135 52.29 30.29 -45.19
C TYR B 135 53.14 30.66 -43.99
N GLU B 136 54.21 31.41 -44.25
CA GLU B 136 55.11 31.86 -43.19
C GLU B 136 55.41 33.34 -43.37
N ASP B 137 55.34 34.08 -42.25
CA ASP B 137 55.66 35.51 -42.21
C ASP B 137 54.80 36.32 -43.18
N GLY B 138 53.56 35.89 -43.36
CA GLY B 138 52.62 36.62 -44.18
C GLY B 138 52.76 36.43 -45.67
N ARG B 139 53.71 35.62 -46.12
CA ARG B 139 53.93 35.40 -47.55
C ARG B 139 53.90 33.91 -47.86
N GLU B 140 53.55 33.59 -49.10
CA GLU B 140 53.46 32.21 -49.54
C GLU B 140 54.85 31.58 -49.61
N VAL B 141 54.97 30.39 -49.04
CA VAL B 141 56.24 29.67 -48.98
C VAL B 141 56.47 28.94 -50.29
N PHE B 142 57.66 29.10 -50.86
CA PHE B 142 58.03 28.48 -52.12
C PHE B 142 59.15 27.47 -51.91
N GLN B 143 59.16 26.45 -52.77
CA GLN B 143 60.17 25.41 -52.80
C GLN B 143 61.32 25.84 -53.72
N ILE B 144 62.16 24.89 -54.10
CA ILE B 144 63.37 25.21 -54.85
C ILE B 144 63.17 25.00 -56.36
N ASN B 145 62.90 23.76 -56.78
CA ASN B 145 62.88 23.41 -58.20
C ASN B 145 61.62 22.60 -58.53
N LEU B 146 60.58 23.29 -58.98
CA LEU B 146 59.38 22.66 -59.53
C LEU B 146 58.80 23.58 -60.60
N LYS B 147 57.69 23.16 -61.18
CA LYS B 147 56.97 23.99 -62.15
C LYS B 147 55.53 24.20 -61.70
N LEU B 154 56.57 29.29 -66.88
CA LEU B 154 56.96 28.47 -65.74
C LEU B 154 56.76 29.24 -64.44
N VAL B 155 55.78 28.79 -63.64
CA VAL B 155 55.44 29.42 -62.37
C VAL B 155 55.75 28.45 -61.24
N GLN B 156 56.40 28.95 -60.19
CA GLN B 156 56.77 28.12 -59.06
C GLN B 156 55.54 27.63 -58.31
N GLU B 157 55.70 26.49 -57.64
CA GLU B 157 54.64 25.84 -56.88
C GLU B 157 54.88 25.98 -55.38
N PRO B 158 53.85 26.25 -54.59
CA PRO B 158 54.02 26.35 -53.14
C PRO B 158 54.17 24.99 -52.48
N ARG B 159 54.84 25.00 -51.33
CA ARG B 159 55.01 23.78 -50.54
C ARG B 159 53.69 23.40 -49.87
N ILE B 160 53.39 22.10 -49.87
CA ILE B 160 52.17 21.57 -49.28
C ILE B 160 52.50 20.95 -47.93
N ILE B 161 51.68 21.26 -46.93
CA ILE B 161 51.90 20.85 -45.55
C ILE B 161 50.60 20.25 -45.01
N ALA B 162 50.73 19.19 -44.22
CA ALA B 162 49.59 18.59 -43.54
C ALA B 162 49.24 19.37 -42.28
N TYR B 163 47.95 19.65 -42.11
CA TYR B 163 47.43 20.38 -40.98
C TYR B 163 46.48 19.48 -40.20
N LYS B 164 46.65 19.46 -38.88
CA LYS B 164 45.76 18.75 -37.97
C LYS B 164 45.88 19.40 -36.61
N CYS B 165 44.92 19.10 -35.74
CA CYS B 165 44.89 19.72 -34.42
C CYS B 165 46.07 19.26 -33.58
N ASP B 166 46.78 20.23 -33.00
CA ASP B 166 47.92 19.95 -32.14
C ASP B 166 47.55 19.92 -30.66
N LEU B 167 46.27 20.11 -30.34
CA LEU B 167 45.76 20.28 -28.97
C LEU B 167 46.38 21.49 -28.27
N CYS B 168 47.00 22.39 -29.05
CA CYS B 168 47.59 23.63 -28.55
C CYS B 168 48.59 23.38 -27.41
N ASN B 169 49.49 22.42 -27.65
CA ASN B 169 50.47 22.05 -26.63
C ASN B 169 51.47 23.17 -26.40
N ASP B 170 51.96 23.80 -27.47
CA ASP B 170 52.91 24.89 -27.31
C ASP B 170 52.26 26.14 -26.75
N LEU B 171 51.00 26.38 -27.12
CA LEU B 171 50.26 27.53 -26.63
C LEU B 171 49.56 27.17 -25.32
N GLY B 172 48.64 28.03 -24.88
CA GLY B 172 47.91 27.77 -23.65
C GLY B 172 46.74 26.83 -23.83
N GLU B 173 45.60 27.18 -23.24
CA GLU B 173 44.40 26.37 -23.36
C GLU B 173 43.87 26.42 -24.80
N PRO B 174 43.15 25.39 -25.22
CA PRO B 174 42.60 25.39 -26.59
C PRO B 174 41.66 26.56 -26.83
N ALA B 175 41.76 27.15 -28.02
CA ALA B 175 40.90 28.26 -28.39
C ALA B 175 39.66 27.82 -29.14
N CYS B 176 39.60 26.58 -29.62
CA CYS B 176 38.36 26.03 -30.14
C CYS B 176 37.31 25.96 -29.05
N VAL B 177 37.69 25.50 -27.87
CA VAL B 177 36.89 25.70 -26.67
C VAL B 177 37.13 27.14 -26.19
N LYS B 178 36.17 27.68 -25.44
CA LYS B 178 36.12 29.02 -24.84
C LYS B 178 35.78 30.08 -25.89
N ALA B 179 35.73 29.71 -27.17
CA ALA B 179 35.20 30.59 -28.21
C ALA B 179 33.82 30.17 -28.65
N CYS B 180 33.23 29.14 -28.04
CA CYS B 180 31.92 28.66 -28.42
C CYS B 180 30.85 29.47 -27.70
N PRO B 181 29.94 30.15 -28.43
CA PRO B 181 28.88 30.89 -27.75
C PRO B 181 27.97 30.01 -26.90
N GLU B 182 27.71 28.79 -27.33
CA GLU B 182 26.83 27.88 -26.60
C GLU B 182 27.58 26.88 -25.74
N ASN B 183 28.91 26.93 -25.73
CA ASN B 183 29.77 26.02 -24.97
C ASN B 183 29.49 24.56 -25.36
N ALA B 184 29.78 24.25 -26.61
CA ALA B 184 29.58 22.91 -27.17
C ALA B 184 30.84 22.05 -27.12
N LEU B 185 31.95 22.56 -27.64
CA LEU B 185 33.20 21.81 -27.64
C LEU B 185 33.72 21.63 -26.22
N THR B 186 34.05 20.38 -25.86
CA THR B 186 34.57 20.09 -24.53
C THR B 186 35.81 19.22 -24.65
N LEU B 187 36.84 19.58 -23.87
CA LEU B 187 38.05 18.78 -23.74
C LEU B 187 37.82 17.76 -22.64
N VAL B 188 37.84 16.47 -22.99
CA VAL B 188 37.49 15.40 -22.07
C VAL B 188 38.71 14.53 -21.81
N MET B 189 38.93 14.19 -20.54
CA MET B 189 39.90 13.17 -20.18
C MET B 189 39.18 11.82 -20.13
N PRO B 190 39.61 10.82 -20.89
CA PRO B 190 38.82 9.59 -21.01
C PRO B 190 38.86 8.69 -19.79
N THR B 191 39.49 9.14 -18.71
CA THR B 191 39.48 8.42 -17.44
C THR B 191 38.39 8.89 -16.51
N GLU B 192 38.10 10.20 -16.50
CA GLU B 192 37.09 10.73 -15.59
C GLU B 192 35.68 10.35 -16.01
N MET B 193 35.41 10.34 -17.32
CA MET B 193 34.08 9.95 -17.79
C MET B 193 33.78 8.49 -17.44
N LYS B 194 34.78 7.62 -17.56
CA LYS B 194 34.57 6.21 -17.22
C LYS B 194 34.18 6.05 -15.75
N LYS B 195 34.89 6.73 -14.85
CA LYS B 195 34.57 6.64 -13.43
C LYS B 195 33.21 7.25 -13.12
N ALA B 196 32.90 8.39 -13.75
CA ALA B 196 31.62 9.04 -13.49
C ALA B 196 30.46 8.17 -13.98
N ARG B 197 30.58 7.58 -15.16
CA ARG B 197 29.53 6.71 -15.68
C ARG B 197 29.39 5.45 -14.83
N ASN B 198 30.51 4.90 -14.36
CA ASN B 198 30.46 3.75 -13.47
C ASN B 198 29.72 4.08 -12.18
N LYS B 199 30.02 5.25 -11.60
CA LYS B 199 29.34 5.66 -10.37
C LYS B 199 27.85 5.88 -10.61
N GLU B 200 27.50 6.49 -11.74
CA GLU B 200 26.09 6.74 -12.04
C GLU B 200 25.34 5.42 -12.23
N ALA B 201 25.94 4.47 -12.94
CA ALA B 201 25.29 3.18 -13.15
C ALA B 201 25.13 2.43 -11.84
N ALA B 202 26.17 2.44 -10.99
CA ALA B 202 26.10 1.76 -9.70
C ALA B 202 25.03 2.38 -8.81
N LEU B 203 24.96 3.70 -8.77
CA LEU B 203 23.95 4.36 -7.96
C LEU B 203 22.54 4.07 -8.47
N SER B 204 22.36 4.05 -9.80
CA SER B 204 21.04 3.78 -10.35
C SER B 204 20.61 2.35 -10.07
N PHE B 205 21.54 1.39 -10.15
CA PHE B 205 21.17 0.00 -9.89
C PHE B 205 20.97 -0.29 -8.41
N LEU B 206 21.76 0.36 -7.55
CA LEU B 206 21.69 0.09 -6.12
C LEU B 206 20.39 0.60 -5.50
N ARG B 207 19.84 1.70 -6.02
CA ARG B 207 18.67 2.30 -5.42
C ARG B 207 17.41 1.48 -5.64
N VAL B 208 17.39 0.63 -6.65
CA VAL B 208 16.19 -0.14 -6.99
C VAL B 208 16.21 -1.49 -6.30
N VAL B 209 17.34 -2.19 -6.36
CA VAL B 209 17.45 -3.50 -5.72
C VAL B 209 17.50 -3.34 -4.20
N THR C 21 -48.71 -29.22 61.44
CA THR C 21 -49.55 -28.12 60.97
C THR C 21 -50.20 -27.39 62.14
N GLN C 22 -49.92 -26.09 62.25
CA GLN C 22 -50.48 -25.25 63.29
C GLN C 22 -51.07 -23.99 62.67
N LEU C 23 -52.16 -23.52 63.27
CA LEU C 23 -52.82 -22.32 62.78
C LEU C 23 -51.93 -21.10 63.00
N ASN C 24 -51.80 -20.28 61.97
CA ASN C 24 -50.90 -19.13 62.04
C ASN C 24 -51.48 -18.04 62.92
N PRO C 25 -50.76 -17.58 63.95
CA PRO C 25 -51.24 -16.45 64.74
C PRO C 25 -51.24 -15.16 63.93
N PHE C 26 -52.11 -14.23 64.34
CA PHE C 26 -52.16 -12.93 63.68
C PHE C 26 -52.48 -11.86 64.71
N VAL C 27 -51.81 -10.72 64.59
CA VAL C 27 -52.06 -9.59 65.48
C VAL C 27 -53.30 -8.84 65.02
N VAL C 28 -54.09 -8.34 65.97
CA VAL C 28 -55.32 -7.63 65.68
C VAL C 28 -55.39 -6.40 66.57
N ALA C 29 -56.07 -5.37 66.07
CA ALA C 29 -56.22 -4.11 66.79
C ALA C 29 -57.61 -4.00 67.38
N ASN C 30 -57.74 -3.12 68.38
CA ASN C 30 -59.01 -2.85 69.04
C ASN C 30 -59.48 -1.45 68.69
N PRO C 31 -60.46 -1.29 67.80
CA PRO C 31 -60.90 0.06 67.42
C PRO C 31 -61.55 0.84 68.54
N ALA C 32 -62.05 0.15 69.58
CA ALA C 32 -62.74 0.85 70.67
C ALA C 32 -61.80 1.76 71.45
N LYS C 33 -60.57 1.31 71.69
CA LYS C 33 -59.62 2.05 72.50
C LYS C 33 -58.48 2.68 71.69
N CYS C 34 -58.38 2.37 70.40
CA CYS C 34 -57.30 2.93 69.60
C CYS C 34 -57.48 4.43 69.42
N ILE C 35 -56.36 5.15 69.47
CA ILE C 35 -56.39 6.60 69.38
C ILE C 35 -55.94 7.13 68.02
N GLY C 36 -55.04 6.42 67.35
CA GLY C 36 -54.47 6.92 66.11
C GLY C 36 -53.23 7.75 66.31
N CYS C 37 -52.40 7.38 67.28
CA CYS C 37 -51.18 8.13 67.59
C CYS C 37 -50.02 7.80 66.66
N LYS C 38 -50.14 6.71 65.89
CA LYS C 38 -49.12 6.33 64.90
C LYS C 38 -47.75 6.11 65.54
N ALA C 39 -47.74 5.57 66.76
CA ALA C 39 -46.50 5.24 67.44
C ALA C 39 -46.11 3.78 67.30
N CYS C 40 -46.96 2.97 66.68
CA CYS C 40 -46.64 1.57 66.42
C CYS C 40 -46.03 1.35 65.03
N GLU C 41 -46.33 2.23 64.09
CA GLU C 41 -45.75 2.12 62.75
C GLU C 41 -44.27 2.48 62.77
N VAL C 42 -43.91 3.53 63.50
CA VAL C 42 -42.53 3.99 63.54
C VAL C 42 -41.65 2.96 64.24
N ALA C 43 -42.18 2.30 65.27
CA ALA C 43 -41.45 1.22 65.92
C ALA C 43 -41.22 0.06 64.96
N CYS C 44 -42.20 -0.23 64.10
CA CYS C 44 -42.05 -1.27 63.09
C CYS C 44 -40.94 -0.90 62.10
N PHE C 45 -40.92 0.37 61.68
CA PHE C 45 -39.85 0.84 60.81
C PHE C 45 -38.48 0.73 61.47
N ALA C 46 -38.40 1.10 62.75
CA ALA C 46 -37.12 1.05 63.45
C ALA C 46 -36.64 -0.39 63.64
N VAL C 47 -37.57 -1.32 63.87
CA VAL C 47 -37.15 -2.69 64.15
C VAL C 47 -36.84 -3.44 62.86
N HIS C 48 -37.45 -3.06 61.73
CA HIS C 48 -37.18 -3.81 60.50
C HIS C 48 -35.85 -3.42 59.86
N ASN C 49 -35.39 -2.19 60.04
CA ASN C 49 -34.20 -1.68 59.35
C ASN C 49 -32.99 -1.63 60.26
N ARG C 50 -32.80 -2.64 61.11
CA ARG C 50 -31.66 -2.66 62.03
C ARG C 50 -30.33 -2.76 61.31
N ASN C 51 -30.30 -3.22 60.06
CA ASN C 51 -29.07 -3.34 59.29
C ASN C 51 -28.77 -2.09 58.46
N ASN C 52 -29.57 -1.03 58.59
CA ASN C 52 -29.41 0.18 57.80
C ASN C 52 -28.92 1.36 58.64
N HIS C 53 -28.00 1.08 59.58
CA HIS C 53 -27.34 2.10 60.40
C HIS C 53 -28.34 2.94 61.20
N VAL C 54 -29.05 2.27 62.10
CA VAL C 54 -29.98 2.92 63.02
C VAL C 54 -29.49 2.70 64.45
N GLY C 55 -29.53 3.76 65.24
CA GLY C 55 -29.06 3.70 66.61
C GLY C 55 -30.12 4.04 67.63
N ALA C 56 -31.38 3.72 67.30
CA ALA C 56 -32.53 3.98 68.16
C ALA C 56 -32.65 5.46 68.53
N THR C 57 -32.30 6.33 67.57
CA THR C 57 -32.38 7.77 67.79
C THR C 57 -32.60 8.45 66.44
N VAL C 58 -33.16 9.65 66.49
CA VAL C 58 -33.39 10.44 65.30
C VAL C 58 -32.08 11.13 64.90
N GLY C 59 -31.92 11.39 63.61
CA GLY C 59 -30.71 11.96 63.06
C GLY C 59 -29.75 10.95 62.47
N THR C 60 -29.84 9.69 62.92
CA THR C 60 -29.07 8.61 62.31
C THR C 60 -29.83 7.90 61.19
N VAL C 61 -31.09 8.26 60.96
CA VAL C 61 -31.89 7.65 59.92
C VAL C 61 -31.87 8.60 58.71
N SER C 62 -31.04 8.28 57.73
CA SER C 62 -30.94 9.06 56.50
C SER C 62 -31.78 8.45 55.37
N ILE C 63 -32.60 7.47 55.68
CA ILE C 63 -33.44 6.79 54.69
C ILE C 63 -34.90 7.10 54.98
N PRO C 64 -35.78 7.09 53.97
CA PRO C 64 -37.20 7.35 54.23
C PRO C 64 -37.83 6.24 55.06
N VAL C 65 -39.04 6.51 55.52
CA VAL C 65 -39.75 5.62 56.43
C VAL C 65 -40.65 4.68 55.63
N ILE C 66 -40.61 3.40 55.99
CA ILE C 66 -41.45 2.38 55.38
C ILE C 66 -42.09 1.54 56.49
N PRO C 67 -43.40 1.69 56.73
CA PRO C 67 -44.05 0.84 57.74
C PRO C 67 -44.60 -0.45 57.14
N ARG C 68 -45.18 -1.31 57.96
CA ARG C 68 -45.80 -2.55 57.50
C ARG C 68 -47.29 -2.60 57.75
N LEU C 69 -47.74 -2.25 58.95
CA LEU C 69 -49.17 -2.07 59.19
C LEU C 69 -49.55 -0.65 58.80
N HIS C 70 -50.79 -0.48 58.32
CA HIS C 70 -51.24 0.79 57.79
C HIS C 70 -52.48 1.26 58.53
N LEU C 71 -52.48 2.52 58.95
CA LEU C 71 -53.57 3.10 59.72
C LEU C 71 -54.61 3.70 58.78
N ILE C 72 -55.88 3.39 59.03
CA ILE C 72 -56.99 3.94 58.27
C ILE C 72 -57.97 4.58 59.25
N LYS C 73 -58.37 5.81 58.96
CA LYS C 73 -59.29 6.57 59.80
C LYS C 73 -60.55 6.89 59.01
N THR C 74 -61.70 6.54 59.57
CA THR C 74 -63.00 6.82 58.97
C THR C 74 -63.93 7.35 60.05
N GLU C 75 -65.19 7.60 59.67
CA GLU C 75 -66.16 8.19 60.59
C GLU C 75 -66.40 7.31 61.81
N HIS C 76 -66.19 6.01 61.68
CA HIS C 76 -66.22 5.11 62.84
C HIS C 76 -64.83 4.92 63.42
N GLY C 77 -64.13 6.02 63.68
CA GLY C 77 -62.86 5.97 64.36
C GLY C 77 -61.69 5.56 63.47
N THR C 78 -60.56 5.34 64.12
CA THR C 78 -59.32 4.98 63.44
C THR C 78 -58.87 3.60 63.89
N MET C 79 -58.21 2.88 62.98
CA MET C 79 -57.75 1.53 63.28
C MET C 79 -56.60 1.18 62.35
N PRO C 80 -55.59 0.45 62.83
CA PRO C 80 -54.57 -0.08 61.91
C PRO C 80 -54.94 -1.46 61.39
N ILE C 81 -54.79 -1.63 60.07
CA ILE C 81 -55.00 -2.90 59.41
C ILE C 81 -53.64 -3.40 58.92
N GLN C 82 -53.51 -4.73 58.90
CA GLN C 82 -52.23 -5.36 58.57
C GLN C 82 -52.53 -6.73 57.96
N CYS C 83 -51.47 -7.49 57.69
CA CYS C 83 -51.62 -8.81 57.08
C CYS C 83 -52.24 -9.77 58.10
N ARG C 84 -53.34 -10.39 57.70
CA ARG C 84 -54.02 -11.35 58.56
C ARG C 84 -53.39 -12.74 58.52
N HIS C 85 -52.40 -12.96 57.64
CA HIS C 85 -51.74 -14.25 57.45
C HIS C 85 -52.77 -15.32 57.10
N CYS C 86 -53.37 -15.15 55.92
CA CYS C 86 -54.45 -16.02 55.46
C CYS C 86 -53.99 -17.47 55.35
N GLU C 87 -54.83 -18.38 55.84
CA GLU C 87 -54.51 -19.80 55.77
C GLU C 87 -54.55 -20.29 54.33
N ASP C 88 -55.62 -19.94 53.60
CA ASP C 88 -55.71 -20.20 52.17
C ASP C 88 -55.27 -18.95 51.42
N ALA C 89 -53.98 -18.68 51.51
CA ALA C 89 -53.43 -17.38 51.10
C ALA C 89 -53.51 -17.21 49.58
N PRO C 90 -54.19 -16.18 49.08
CA PRO C 90 -54.18 -15.95 47.63
C PRO C 90 -52.89 -15.29 47.15
N CYS C 91 -52.24 -14.50 48.01
CA CYS C 91 -51.05 -13.77 47.59
C CYS C 91 -49.92 -14.73 47.21
N ALA C 92 -49.75 -15.80 47.98
CA ALA C 92 -48.71 -16.78 47.65
C ALA C 92 -49.02 -17.49 46.34
N ASN C 93 -50.28 -17.86 46.13
CA ASN C 93 -50.63 -18.69 44.98
C ASN C 93 -50.67 -17.90 43.68
N VAL C 94 -51.06 -16.63 43.71
CA VAL C 94 -51.06 -15.83 42.48
C VAL C 94 -49.62 -15.52 42.05
N CYS C 95 -48.70 -15.41 42.99
CA CYS C 95 -47.31 -15.05 42.70
C CYS C 95 -46.67 -16.15 41.86
N THR C 96 -46.45 -15.86 40.58
CA THR C 96 -45.89 -16.86 39.67
C THR C 96 -44.39 -17.03 39.89
N VAL C 97 -43.69 -15.95 40.22
CA VAL C 97 -42.24 -16.04 40.40
C VAL C 97 -41.90 -16.86 41.64
N GLY C 98 -42.77 -16.87 42.64
CA GLY C 98 -42.50 -17.59 43.86
C GLY C 98 -41.84 -16.78 44.95
N ALA C 99 -42.01 -15.45 44.93
CA ALA C 99 -41.40 -14.61 45.94
C ALA C 99 -42.02 -14.85 47.31
N ILE C 100 -43.34 -15.03 47.37
CA ILE C 100 -44.02 -15.24 48.64
C ILE C 100 -43.97 -16.72 48.99
N LYS C 101 -43.37 -17.03 50.14
CA LYS C 101 -43.21 -18.39 50.61
C LYS C 101 -43.61 -18.49 52.07
N ARG C 102 -44.03 -19.67 52.49
CA ARG C 102 -44.41 -19.92 53.87
C ARG C 102 -43.26 -20.63 54.57
N GLU C 103 -42.26 -19.84 54.97
CA GLU C 103 -41.08 -20.41 55.62
C GLU C 103 -41.39 -20.88 57.03
N GLY C 104 -42.10 -20.07 57.80
CA GLY C 104 -42.48 -20.45 59.15
C GLY C 104 -43.97 -20.62 59.30
N ASN C 105 -44.49 -20.44 60.52
CA ASN C 105 -45.92 -20.47 60.73
C ASN C 105 -46.61 -19.32 60.01
N ALA C 106 -45.98 -18.14 60.02
CA ALA C 106 -46.50 -16.98 59.32
C ALA C 106 -46.08 -16.99 57.86
N ILE C 107 -46.62 -16.03 57.10
CA ILE C 107 -46.33 -15.90 55.68
C ILE C 107 -45.45 -14.67 55.48
N VAL C 108 -44.36 -14.84 54.73
CA VAL C 108 -43.36 -13.80 54.56
C VAL C 108 -42.95 -13.73 53.10
N VAL C 109 -42.85 -12.51 52.57
CA VAL C 109 -42.41 -12.30 51.20
C VAL C 109 -40.89 -12.22 51.17
N ASP C 110 -40.28 -12.78 50.12
CA ASP C 110 -38.85 -12.73 49.93
C ASP C 110 -38.51 -11.61 48.96
N GLU C 111 -37.60 -10.73 49.36
CA GLU C 111 -37.23 -9.57 48.57
C GLU C 111 -36.18 -9.88 47.51
N LYS C 112 -35.58 -11.06 47.54
CA LYS C 112 -34.54 -11.39 46.58
C LYS C 112 -35.13 -11.69 45.21
N LEU C 113 -36.23 -12.43 45.15
CA LEU C 113 -36.79 -12.89 43.89
C LEU C 113 -37.99 -12.08 43.41
N CYS C 114 -38.47 -11.13 44.20
CA CYS C 114 -39.64 -10.36 43.82
C CYS C 114 -39.30 -9.42 42.67
N ILE C 115 -40.20 -9.33 41.69
CA ILE C 115 -40.00 -8.54 40.49
C ILE C 115 -40.97 -7.38 40.39
N GLY C 116 -41.97 -7.30 41.26
CA GLY C 116 -42.89 -6.19 41.24
C GLY C 116 -44.14 -6.38 40.42
N CYS C 117 -44.42 -7.60 39.95
CA CYS C 117 -45.65 -7.86 39.21
C CYS C 117 -46.83 -7.72 40.17
N LYS C 118 -47.62 -6.69 39.98
CA LYS C 118 -48.59 -6.23 40.98
C LYS C 118 -49.81 -7.11 41.11
N SER C 119 -49.76 -8.34 40.57
CA SER C 119 -50.89 -9.27 40.70
C SER C 119 -51.23 -9.59 42.14
N CYS C 120 -50.27 -9.44 43.06
CA CYS C 120 -50.57 -9.60 44.48
C CYS C 120 -51.65 -8.63 44.93
N LEU C 121 -51.59 -7.39 44.42
CA LEU C 121 -52.62 -6.41 44.74
C LEU C 121 -53.98 -6.81 44.16
N LEU C 122 -54.00 -7.66 43.14
CA LEU C 122 -55.26 -8.18 42.64
C LEU C 122 -55.77 -9.36 43.46
N ALA C 123 -54.97 -9.86 44.41
CA ALA C 123 -55.34 -11.05 45.16
C ALA C 123 -55.84 -10.70 46.56
N CYS C 124 -55.05 -9.96 47.33
CA CYS C 124 -55.37 -9.71 48.73
C CYS C 124 -56.54 -8.74 48.84
N PRO C 125 -57.65 -9.13 49.49
CA PRO C 125 -58.80 -8.21 49.63
C PRO C 125 -58.59 -7.20 50.75
N PHE C 126 -57.84 -7.59 51.79
CA PHE C 126 -57.58 -6.66 52.88
C PHE C 126 -56.62 -5.55 52.46
N GLY C 127 -55.63 -5.89 51.63
CA GLY C 127 -54.70 -4.89 51.12
C GLY C 127 -53.64 -4.45 52.11
N ALA C 128 -52.78 -5.38 52.52
CA ALA C 128 -51.69 -5.08 53.43
C ALA C 128 -50.34 -5.09 52.75
N ILE C 129 -50.31 -5.14 51.42
CA ILE C 129 -49.08 -5.21 50.64
C ILE C 129 -48.89 -3.90 49.91
N GLU C 130 -47.73 -3.28 50.07
CA GLU C 130 -47.42 -2.03 49.38
C GLU C 130 -46.13 -2.18 48.60
N LEU C 131 -46.11 -1.62 47.38
CA LEU C 131 -44.95 -1.66 46.51
C LEU C 131 -44.17 -0.35 46.71
N LEU C 132 -43.01 -0.45 47.35
CA LEU C 132 -42.21 0.70 47.73
C LEU C 132 -40.75 0.47 47.39
N PRO C 133 -39.97 1.54 47.21
CA PRO C 133 -38.55 1.37 46.89
C PRO C 133 -37.78 0.66 48.00
N GLN C 134 -36.78 -0.11 47.58
CA GLN C 134 -35.93 -0.84 48.51
C GLN C 134 -34.85 0.09 49.07
N TYR C 135 -34.36 -0.26 50.26
CA TYR C 135 -33.30 0.52 50.91
C TYR C 135 -32.39 -0.43 51.68
N GLU C 136 -31.11 -0.46 51.29
CA GLU C 136 -30.12 -1.25 52.01
C GLU C 136 -28.84 -0.46 52.15
N ASP C 137 -28.16 -0.65 53.29
CA ASP C 137 -26.88 -0.01 53.61
C ASP C 137 -27.00 1.52 53.49
N GLY C 138 -28.13 2.04 53.99
CA GLY C 138 -28.36 3.47 53.98
C GLY C 138 -28.46 4.11 52.62
N ARG C 139 -28.64 3.33 51.55
CA ARG C 139 -28.64 3.85 50.19
C ARG C 139 -29.78 3.23 49.40
N GLU C 140 -30.19 3.93 48.34
CA GLU C 140 -31.23 3.44 47.46
C GLU C 140 -30.64 2.50 46.42
N VAL C 141 -31.36 1.40 46.17
CA VAL C 141 -30.88 0.33 45.30
C VAL C 141 -31.15 0.69 43.85
N PHE C 142 -30.11 0.69 43.03
CA PHE C 142 -30.21 1.02 41.61
C PHE C 142 -30.22 -0.26 40.77
N GLN C 143 -30.65 -0.11 39.52
CA GLN C 143 -30.75 -1.21 38.58
C GLN C 143 -29.81 -1.01 37.39
N ILE C 144 -29.81 -2.01 36.51
CA ILE C 144 -28.82 -2.09 35.44
C ILE C 144 -29.31 -1.36 34.19
N ASN C 145 -30.44 -1.80 33.62
CA ASN C 145 -30.93 -1.28 32.35
C ASN C 145 -32.37 -0.79 32.52
N LEU C 146 -32.53 0.46 32.94
CA LEU C 146 -33.83 1.12 33.01
C LEU C 146 -33.63 2.61 32.81
N LYS C 147 -34.72 3.30 32.49
CA LYS C 147 -34.70 4.75 32.36
C LYS C 147 -35.71 5.39 33.30
N LEU C 154 -31.64 10.85 31.08
CA LEU C 154 -31.50 9.40 31.15
C LEU C 154 -30.90 8.97 32.48
N VAL C 155 -31.77 8.73 33.46
CA VAL C 155 -31.35 8.32 34.80
C VAL C 155 -31.79 6.89 35.02
N GLN C 156 -31.36 6.31 36.14
CA GLN C 156 -31.69 4.95 36.50
C GLN C 156 -32.89 4.93 37.44
N GLU C 157 -33.58 3.79 37.47
CA GLU C 157 -34.84 3.73 38.20
C GLU C 157 -34.71 2.93 39.49
N PRO C 158 -35.48 3.28 40.51
CA PRO C 158 -35.42 2.54 41.77
C PRO C 158 -36.00 1.14 41.64
N ARG C 159 -35.50 0.25 42.49
CA ARG C 159 -36.08 -1.09 42.61
C ARG C 159 -37.27 -1.05 43.56
N ILE C 160 -38.43 -1.48 43.07
CA ILE C 160 -39.65 -1.49 43.85
C ILE C 160 -39.89 -2.91 44.35
N ILE C 161 -40.16 -3.05 45.63
CA ILE C 161 -40.30 -4.34 46.29
C ILE C 161 -41.60 -4.34 47.07
N ALA C 162 -42.04 -5.54 47.44
CA ALA C 162 -43.28 -5.71 48.17
C ALA C 162 -43.03 -5.68 49.67
N TYR C 163 -43.82 -4.89 50.39
CA TYR C 163 -43.73 -4.76 51.84
C TYR C 163 -45.04 -5.22 52.46
N LYS C 164 -44.92 -6.08 53.48
CA LYS C 164 -46.06 -6.55 54.25
C LYS C 164 -45.53 -7.04 55.59
N CYS C 165 -46.46 -7.19 56.54
CA CYS C 165 -46.08 -7.69 57.86
C CYS C 165 -45.64 -9.14 57.77
N ASP C 166 -44.60 -9.50 58.52
CA ASP C 166 -44.07 -10.86 58.54
C ASP C 166 -44.06 -11.46 59.95
N LEU C 167 -44.87 -10.92 60.86
CA LEU C 167 -45.05 -11.36 62.24
C LEU C 167 -43.79 -11.17 63.08
N CYS C 168 -42.71 -10.63 62.51
CA CYS C 168 -41.43 -10.44 63.19
C CYS C 168 -40.88 -11.77 63.74
N ASN C 169 -41.10 -12.84 62.98
CA ASN C 169 -40.60 -14.15 63.41
C ASN C 169 -39.09 -14.25 63.26
N ASP C 170 -38.52 -13.59 62.24
CA ASP C 170 -37.07 -13.61 62.06
C ASP C 170 -36.35 -12.93 63.21
N LEU C 171 -36.89 -11.79 63.68
CA LEU C 171 -36.33 -11.10 64.83
C LEU C 171 -37.04 -11.61 66.09
N GLY C 172 -36.85 -10.90 67.20
CA GLY C 172 -37.44 -11.31 68.47
C GLY C 172 -38.92 -11.00 68.57
N GLU C 173 -39.37 -10.64 69.77
CA GLU C 173 -40.77 -10.33 69.98
C GLU C 173 -41.14 -9.07 69.19
N PRO C 174 -42.31 -9.06 68.54
CA PRO C 174 -42.66 -7.94 67.64
C PRO C 174 -42.71 -6.60 68.36
N ALA C 175 -42.22 -5.57 67.67
CA ALA C 175 -42.10 -4.24 68.28
C ALA C 175 -43.42 -3.48 68.29
N CYS C 176 -44.40 -3.90 67.49
CA CYS C 176 -45.70 -3.24 67.52
C CYS C 176 -46.38 -3.43 68.88
N VAL C 177 -46.22 -4.62 69.48
CA VAL C 177 -46.64 -4.82 70.86
C VAL C 177 -45.75 -3.97 71.77
N LYS C 178 -46.28 -3.60 72.94
CA LYS C 178 -45.68 -2.75 73.96
C LYS C 178 -45.07 -1.47 73.42
N ALA C 179 -45.58 -0.98 72.28
CA ALA C 179 -45.30 0.37 71.82
C ALA C 179 -46.55 1.24 71.79
N CYS C 180 -47.72 0.63 71.77
CA CYS C 180 -48.99 1.36 71.91
C CYS C 180 -49.12 1.88 73.34
N PRO C 181 -49.56 3.12 73.54
CA PRO C 181 -49.68 3.64 74.92
C PRO C 181 -50.72 2.91 75.75
N GLU C 182 -51.89 2.60 75.18
CA GLU C 182 -52.93 1.88 75.89
C GLU C 182 -52.92 0.39 75.64
N ASN C 183 -51.98 -0.10 74.82
CA ASN C 183 -51.85 -1.52 74.46
C ASN C 183 -53.13 -2.05 73.82
N ALA C 184 -53.44 -1.46 72.67
CA ALA C 184 -54.65 -1.80 71.93
C ALA C 184 -54.49 -3.07 71.09
N LEU C 185 -53.39 -3.19 70.36
CA LEU C 185 -53.18 -4.34 69.50
C LEU C 185 -52.66 -5.52 70.30
N THR C 186 -53.17 -6.71 70.01
CA THR C 186 -52.80 -7.93 70.70
C THR C 186 -52.53 -9.04 69.69
N LEU C 187 -51.62 -9.94 70.07
CA LEU C 187 -51.31 -11.13 69.28
C LEU C 187 -52.24 -12.26 69.70
N VAL C 188 -53.07 -12.72 68.77
CA VAL C 188 -54.04 -13.78 69.03
C VAL C 188 -53.86 -14.90 68.01
N MET C 189 -54.01 -16.13 68.48
CA MET C 189 -54.03 -17.31 67.62
C MET C 189 -55.30 -18.09 67.93
N PRO C 190 -56.08 -18.45 66.92
CA PRO C 190 -57.53 -18.65 67.12
C PRO C 190 -57.97 -19.89 67.88
N THR C 191 -57.06 -20.60 68.55
CA THR C 191 -57.52 -21.73 69.37
C THR C 191 -58.01 -21.25 70.74
N GLU C 192 -57.20 -20.44 71.43
CA GLU C 192 -57.56 -19.97 72.76
C GLU C 192 -58.79 -19.08 72.75
N MET C 193 -58.91 -18.21 71.74
CA MET C 193 -60.08 -17.34 71.64
C MET C 193 -61.35 -18.17 71.43
N LYS C 194 -61.28 -19.17 70.55
CA LYS C 194 -62.44 -20.03 70.30
C LYS C 194 -62.82 -20.81 71.55
N LYS C 195 -61.82 -21.35 72.25
CA LYS C 195 -62.11 -22.10 73.47
C LYS C 195 -62.73 -21.21 74.55
N ALA C 196 -62.21 -19.99 74.70
CA ALA C 196 -62.76 -19.06 75.69
C ALA C 196 -64.19 -18.66 75.33
N ARG C 197 -64.45 -18.40 74.05
CA ARG C 197 -65.82 -18.05 73.64
C ARG C 197 -66.78 -19.21 73.85
N ASN C 198 -66.35 -20.44 73.53
CA ASN C 198 -67.21 -21.60 73.73
C ASN C 198 -67.47 -21.84 75.22
N LYS C 199 -66.45 -21.68 76.06
CA LYS C 199 -66.63 -21.84 77.50
C LYS C 199 -67.58 -20.79 78.06
N GLU C 200 -67.44 -19.53 77.61
CA GLU C 200 -68.34 -18.48 78.08
C GLU C 200 -69.77 -18.72 77.63
N ALA C 201 -69.96 -19.17 76.38
CA ALA C 201 -71.30 -19.48 75.90
C ALA C 201 -71.93 -20.63 76.69
N ALA C 202 -71.13 -21.68 76.96
CA ALA C 202 -71.65 -22.80 77.73
C ALA C 202 -72.01 -22.40 79.15
N LEU C 203 -71.16 -21.58 79.78
CA LEU C 203 -71.46 -21.12 81.14
C LEU C 203 -72.71 -20.24 81.17
N SER C 204 -72.86 -19.36 80.19
CA SER C 204 -74.05 -18.51 80.13
C SER C 204 -75.32 -19.34 79.90
N PHE C 205 -75.22 -20.37 79.05
CA PHE C 205 -76.37 -21.24 78.80
C PHE C 205 -76.73 -22.04 80.05
N LEU C 206 -75.72 -22.52 80.78
CA LEU C 206 -75.97 -23.32 81.98
C LEU C 206 -76.44 -22.48 83.16
N ARG C 207 -76.07 -21.21 83.21
CA ARG C 207 -76.50 -20.34 84.32
C ARG C 207 -77.96 -19.95 84.23
N VAL C 208 -78.59 -20.13 83.07
CA VAL C 208 -79.99 -19.79 82.89
C VAL C 208 -80.89 -21.02 83.07
N VAL C 209 -80.51 -22.14 82.48
CA VAL C 209 -81.28 -23.37 82.59
C VAL C 209 -81.17 -23.95 83.99
N ALA D 6 20.42 48.30 -51.03
CA ALA D 6 21.47 47.40 -51.55
C ALA D 6 22.84 47.82 -51.05
N ILE D 7 22.93 48.15 -49.76
CA ILE D 7 24.18 48.53 -49.13
C ILE D 7 24.56 47.60 -47.98
N ILE D 8 23.58 47.17 -47.19
CA ILE D 8 23.82 46.18 -46.14
C ILE D 8 23.07 44.91 -46.53
N ASN D 9 23.76 44.00 -47.20
CA ASN D 9 23.14 42.80 -47.74
C ASN D 9 23.78 41.55 -47.12
N ILE D 10 23.08 40.43 -47.28
CA ILE D 10 23.51 39.13 -46.79
C ILE D 10 23.62 38.18 -47.97
N ASP D 11 24.76 37.50 -48.07
CA ASP D 11 24.96 36.51 -49.12
C ASP D 11 24.34 35.19 -48.68
N GLN D 12 23.56 34.59 -49.57
CA GLN D 12 22.87 33.35 -49.27
C GLN D 12 23.77 32.12 -49.38
N GLU D 13 24.98 32.28 -49.92
CA GLU D 13 25.91 31.17 -50.08
C GLU D 13 26.93 31.08 -48.96
N LEU D 14 26.84 31.96 -47.95
CA LEU D 14 27.82 31.98 -46.88
C LEU D 14 27.16 31.92 -45.51
N CYS D 15 25.93 32.43 -45.43
CA CYS D 15 25.20 32.40 -44.17
C CYS D 15 24.82 30.98 -43.80
N THR D 16 24.97 30.64 -42.53
CA THR D 16 24.58 29.34 -42.01
C THR D 16 23.32 29.40 -41.16
N GLY D 17 22.73 30.58 -41.00
CA GLY D 17 21.53 30.72 -40.19
C GLY D 17 21.76 30.44 -38.72
N CYS D 18 22.86 30.96 -38.17
CA CYS D 18 23.19 30.72 -36.78
C CYS D 18 22.34 31.55 -35.82
N ARG D 19 21.62 32.56 -36.31
CA ARG D 19 20.68 33.38 -35.56
C ARG D 19 21.35 34.19 -34.44
N ARG D 20 22.68 34.32 -34.45
CA ARG D 20 23.32 35.16 -33.45
C ARG D 20 23.17 36.64 -33.77
N CYS D 21 23.04 36.99 -35.06
CA CYS D 21 22.83 38.38 -35.43
C CYS D 21 21.41 38.84 -35.14
N ALA D 22 20.44 37.92 -35.09
CA ALA D 22 19.06 38.26 -34.79
C ALA D 22 18.82 38.51 -33.31
N GLU D 23 19.77 38.17 -32.45
CA GLU D 23 19.68 38.44 -31.02
C GLU D 23 20.27 39.79 -30.64
N VAL D 24 20.83 40.51 -31.61
CA VAL D 24 21.37 41.85 -31.37
C VAL D 24 20.84 42.88 -32.35
N CYS D 25 19.97 42.49 -33.26
CA CYS D 25 19.37 43.45 -34.20
C CYS D 25 18.45 44.38 -33.43
N PRO D 26 18.64 45.70 -33.51
CA PRO D 26 17.84 46.62 -32.68
C PRO D 26 16.37 46.72 -33.08
N VAL D 27 16.02 46.45 -34.34
CA VAL D 27 14.64 46.61 -34.78
C VAL D 27 14.13 45.35 -35.46
N ASP D 28 14.89 44.25 -35.34
CA ASP D 28 14.52 42.95 -35.90
C ASP D 28 14.32 43.05 -37.41
N ALA D 29 15.41 43.36 -38.11
CA ALA D 29 15.38 43.61 -39.55
C ALA D 29 15.79 42.40 -40.36
N ILE D 30 15.90 41.22 -39.75
CA ILE D 30 16.34 40.00 -40.43
C ILE D 30 15.27 38.94 -40.28
N GLU D 31 15.08 38.16 -41.34
CA GLU D 31 14.08 37.11 -41.36
C GLU D 31 14.71 35.79 -41.83
N GLY D 32 14.14 34.68 -41.38
CA GLY D 32 14.65 33.38 -41.75
C GLY D 32 14.14 32.31 -40.82
N GLU D 33 14.89 31.21 -40.74
CA GLU D 33 14.54 30.10 -39.87
C GLU D 33 15.72 29.74 -38.97
N LYS D 34 15.61 28.63 -38.24
CA LYS D 34 16.75 28.16 -37.45
C LYS D 34 17.86 27.65 -38.35
N GLY D 35 17.52 27.15 -39.53
CA GLY D 35 18.50 26.81 -40.54
C GLY D 35 18.36 27.71 -41.74
N LYS D 36 19.07 27.39 -42.84
CA LYS D 36 19.01 28.05 -44.14
C LYS D 36 19.57 29.47 -44.09
N PRO D 37 20.01 30.02 -45.21
CA PRO D 37 20.47 31.42 -45.21
C PRO D 37 19.33 32.39 -44.90
N GLN D 38 19.70 33.50 -44.29
CA GLN D 38 18.74 34.52 -43.87
C GLN D 38 18.73 35.68 -44.86
N LYS D 39 17.74 36.55 -44.70
CA LYS D 39 17.58 37.73 -45.55
C LYS D 39 17.37 38.96 -44.68
N ILE D 40 17.92 40.09 -45.14
CA ILE D 40 17.81 41.36 -44.43
C ILE D 40 16.67 42.16 -45.03
N ASN D 41 15.73 42.58 -44.17
CA ASN D 41 14.61 43.41 -44.60
C ASN D 41 15.08 44.85 -44.68
N THR D 42 15.34 45.32 -45.90
CA THR D 42 15.87 46.67 -46.08
C THR D 42 14.82 47.75 -45.84
N GLU D 43 13.53 47.39 -45.83
CA GLU D 43 12.46 48.36 -45.62
C GLU D 43 12.20 48.67 -44.16
N VAL D 44 12.85 47.95 -43.24
CA VAL D 44 12.65 48.18 -41.81
C VAL D 44 14.02 48.33 -41.17
N CYS D 45 15.07 48.17 -41.98
CA CYS D 45 16.43 48.30 -41.49
C CYS D 45 16.71 49.73 -41.05
N VAL D 46 17.40 49.89 -39.92
CA VAL D 46 17.78 51.20 -39.41
C VAL D 46 19.27 51.49 -39.64
N MET D 47 19.94 50.67 -40.44
CA MET D 47 21.22 51.01 -41.07
C MET D 47 22.34 51.14 -40.03
N CYS D 48 22.15 50.54 -38.85
CA CYS D 48 23.14 50.66 -37.79
C CYS D 48 24.43 49.90 -38.13
N GLY D 49 24.30 48.75 -38.79
CA GLY D 49 25.47 47.98 -39.14
C GLY D 49 26.09 47.20 -38.01
N GLN D 50 25.36 46.94 -36.94
CA GLN D 50 25.88 46.16 -35.82
C GLN D 50 25.85 44.66 -36.07
N CYS D 51 25.08 44.20 -37.05
CA CYS D 51 25.01 42.78 -37.38
C CYS D 51 26.20 42.30 -38.19
N VAL D 52 27.01 43.22 -38.72
CA VAL D 52 28.20 42.84 -39.47
C VAL D 52 29.26 42.24 -38.54
N GLN D 53 29.43 42.83 -37.36
CA GLN D 53 30.45 42.38 -36.41
C GLN D 53 29.99 41.18 -35.57
N LYS D 54 28.94 40.47 -35.98
CA LYS D 54 28.47 39.30 -35.26
C LYS D 54 28.37 38.07 -36.16
N CYS D 55 28.98 38.12 -37.34
CA CYS D 55 28.96 37.02 -38.28
C CYS D 55 30.35 36.45 -38.43
N SER D 56 30.48 35.13 -38.29
CA SER D 56 31.77 34.47 -38.29
C SER D 56 32.00 33.53 -39.47
N SER D 57 30.99 33.28 -40.30
CA SER D 57 31.19 32.46 -41.50
C SER D 57 32.14 33.18 -42.45
N TYR D 58 33.08 32.42 -43.04
CA TYR D 58 34.21 33.03 -43.72
C TYR D 58 34.58 32.31 -45.00
N ALA D 59 33.58 31.75 -45.70
CA ALA D 59 33.75 30.77 -46.78
C ALA D 59 34.88 31.12 -47.73
N SER D 60 35.86 30.23 -47.83
CA SER D 60 37.14 30.52 -48.44
C SER D 60 37.11 30.25 -49.95
N TYR D 61 38.27 30.41 -50.57
CA TYR D 61 38.44 30.20 -52.00
C TYR D 61 39.07 28.84 -52.33
N PHE D 62 39.26 27.98 -51.34
CA PHE D 62 39.84 26.67 -51.57
C PHE D 62 38.84 25.67 -52.15
N ASP D 63 37.55 25.98 -52.12
CA ASP D 63 36.52 25.13 -52.70
C ASP D 63 35.88 25.85 -53.88
N GLU D 64 35.73 25.13 -54.99
CA GLU D 64 35.20 25.71 -56.23
C GLU D 64 33.68 25.78 -56.26
N SER D 65 33.00 25.25 -55.24
CA SER D 65 31.55 25.38 -55.16
C SER D 65 31.11 26.80 -54.84
N ILE D 66 32.02 27.65 -54.37
CA ILE D 66 31.73 29.04 -54.06
C ILE D 66 32.50 29.90 -55.07
N THR D 67 32.16 31.18 -55.12
CA THR D 67 32.82 32.11 -56.02
C THR D 67 34.32 32.21 -55.68
N PRO D 68 35.18 32.47 -56.68
CA PRO D 68 36.62 32.41 -56.45
C PRO D 68 37.19 33.66 -55.80
N ARG D 69 36.33 34.49 -55.18
CA ARG D 69 36.73 35.74 -54.53
C ARG D 69 37.35 36.72 -55.52
N ASN D 70 36.91 36.66 -56.77
CA ASN D 70 37.30 37.62 -57.80
C ASN D 70 36.17 38.54 -58.22
N VAL D 71 34.97 37.99 -58.40
CA VAL D 71 33.80 38.81 -58.71
C VAL D 71 33.16 39.33 -57.42
N LYS D 72 33.43 38.70 -56.28
CA LYS D 72 32.86 39.17 -55.02
C LYS D 72 33.39 40.56 -54.66
N LEU D 73 34.67 40.81 -54.92
CA LEU D 73 35.22 42.13 -54.63
C LEU D 73 34.62 43.21 -55.53
N GLN D 74 34.19 42.83 -56.74
CA GLN D 74 33.52 43.78 -57.61
C GLN D 74 32.13 44.13 -57.09
N GLU D 75 31.37 43.12 -56.65
CA GLU D 75 30.04 43.37 -56.13
C GLU D 75 30.08 44.10 -54.80
N ARG D 76 31.09 43.82 -53.97
CA ARG D 76 31.22 44.48 -52.68
C ARG D 76 31.62 45.95 -52.85
N GLY D 77 32.28 46.29 -53.94
CA GLY D 77 32.74 47.65 -54.16
C GLY D 77 34.04 48.00 -53.48
N MET D 78 34.68 47.05 -52.79
CA MET D 78 35.95 47.31 -52.15
C MET D 78 37.09 47.20 -53.16
N LEU D 79 38.31 47.35 -52.67
CA LEU D 79 39.48 47.25 -53.54
C LEU D 79 39.70 45.81 -53.98
N ASP D 80 40.40 45.66 -55.10
CA ASP D 80 40.65 44.35 -55.70
C ASP D 80 42.03 43.81 -55.35
N SER D 81 42.74 44.43 -54.41
CA SER D 81 44.08 43.99 -54.04
C SER D 81 44.25 43.99 -52.53
N VAL D 82 43.27 43.42 -51.81
CA VAL D 82 43.32 43.32 -50.36
C VAL D 82 43.27 41.86 -49.89
N LYS D 83 42.40 41.04 -50.52
CA LYS D 83 42.22 39.63 -50.18
C LYS D 83 41.94 39.43 -48.69
N GLU D 84 41.14 40.33 -48.12
CA GLU D 84 40.70 40.19 -46.74
C GLU D 84 39.75 39.00 -46.63
N PRO D 85 39.79 38.27 -45.50
CA PRO D 85 38.82 37.20 -45.29
C PRO D 85 37.40 37.73 -45.22
N LEU D 86 36.59 37.42 -46.23
CA LEU D 86 35.25 37.97 -46.35
C LEU D 86 34.28 37.22 -45.45
N PHE D 87 33.29 37.96 -44.93
CA PHE D 87 32.24 37.38 -44.12
C PHE D 87 30.94 37.33 -44.93
N ALA D 88 29.88 36.84 -44.28
CA ALA D 88 28.57 36.81 -44.91
C ALA D 88 27.84 38.14 -44.76
N ALA D 89 27.95 38.78 -43.61
CA ALA D 89 27.38 40.11 -43.39
C ALA D 89 28.39 41.14 -43.86
N TYR D 90 28.36 41.45 -45.15
CA TYR D 90 29.36 42.31 -45.78
C TYR D 90 28.82 43.71 -45.96
N ASN D 91 29.69 44.70 -45.75
CA ASN D 91 29.37 46.09 -46.00
C ASN D 91 29.74 46.48 -47.43
N LEU D 92 28.87 47.27 -48.05
CA LEU D 92 29.14 47.76 -49.40
C LEU D 92 30.31 48.74 -49.38
N GLY D 93 31.21 48.59 -50.34
CA GLY D 93 32.43 49.38 -50.38
C GLY D 93 32.33 50.53 -51.36
N TYR D 94 32.92 51.66 -50.98
CA TYR D 94 33.00 52.84 -51.82
C TYR D 94 34.44 53.22 -52.13
N ALA D 95 35.32 52.22 -52.15
CA ALA D 95 36.74 52.48 -52.39
C ALA D 95 37.03 52.83 -53.84
N ARG D 96 36.28 52.26 -54.78
CA ARG D 96 36.55 52.50 -56.19
C ARG D 96 36.30 53.94 -56.57
N GLN D 97 35.18 54.52 -56.12
CA GLN D 97 34.88 55.91 -56.40
C GLN D 97 35.90 56.84 -55.75
N VAL D 98 36.33 56.52 -54.53
CA VAL D 98 37.33 57.31 -53.84
C VAL D 98 38.65 57.29 -54.61
N LYS D 99 39.07 56.11 -55.07
CA LYS D 99 40.30 56.00 -55.84
C LYS D 99 40.19 56.75 -57.17
N GLU D 100 39.05 56.64 -57.84
CA GLU D 100 38.86 57.34 -59.10
C GLU D 100 38.90 58.86 -58.91
N ALA D 101 38.29 59.35 -57.83
CA ALA D 101 38.35 60.78 -57.55
C ALA D 101 39.75 61.23 -57.17
N LEU D 102 40.49 60.38 -56.45
CA LEU D 102 41.85 60.74 -56.06
C LEU D 102 42.80 60.75 -57.25
N GLU D 103 42.56 59.88 -58.24
CA GLU D 103 43.39 59.90 -59.44
C GLU D 103 43.15 61.15 -60.28
N ASN D 104 41.95 61.73 -60.20
CA ASN D 104 41.63 62.92 -60.98
C ASN D 104 42.22 64.16 -60.30
N PRO D 105 43.10 64.90 -60.99
CA PRO D 105 43.67 66.12 -60.39
C PRO D 105 42.91 67.40 -60.72
N GLN D 106 41.84 67.33 -61.50
CA GLN D 106 41.10 68.52 -61.91
C GLN D 106 40.10 68.99 -60.86
N LEU D 107 39.90 68.24 -59.79
CA LEU D 107 38.95 68.60 -58.74
C LEU D 107 39.70 68.89 -57.46
N PHE D 108 39.40 70.04 -56.85
CA PHE D 108 39.96 70.39 -55.56
C PHE D 108 39.37 69.47 -54.49
N LYS D 109 40.21 68.69 -53.84
CA LYS D 109 39.77 67.61 -52.96
C LYS D 109 39.90 68.05 -51.50
N VAL D 110 38.84 67.84 -50.73
CA VAL D 110 38.82 68.10 -49.31
C VAL D 110 38.32 66.85 -48.59
N VAL D 111 38.97 66.51 -47.48
CA VAL D 111 38.63 65.34 -46.69
C VAL D 111 38.30 65.77 -45.27
N GLN D 112 37.41 65.03 -44.64
CA GLN D 112 36.98 65.26 -43.27
C GLN D 112 37.22 64.03 -42.43
N CYS D 113 37.89 64.22 -41.28
CA CYS D 113 38.22 63.13 -40.38
C CYS D 113 37.44 63.28 -39.09
N ALA D 114 36.85 62.18 -38.63
CA ALA D 114 36.10 62.15 -37.38
C ALA D 114 37.05 62.08 -36.19
N PRO D 115 36.57 62.45 -34.99
CA PRO D 115 37.39 62.25 -33.79
C PRO D 115 37.28 60.83 -33.24
N ALA D 116 37.25 59.85 -34.14
CA ALA D 116 37.32 58.45 -33.78
C ALA D 116 38.24 57.64 -34.66
N ILE D 117 38.67 58.16 -35.82
CA ILE D 117 39.59 57.45 -36.70
C ILE D 117 40.96 57.34 -36.03
N ARG D 118 41.38 58.39 -35.32
CA ARG D 118 42.72 58.48 -34.74
C ARG D 118 43.01 57.41 -33.70
N VAL D 119 41.98 56.75 -33.16
CA VAL D 119 42.17 55.75 -32.11
C VAL D 119 41.93 54.37 -32.71
N SER D 120 41.08 54.30 -33.74
CA SER D 120 40.68 53.02 -34.31
C SER D 120 41.63 52.53 -35.40
N ILE D 121 42.15 53.43 -36.24
CA ILE D 121 42.93 52.99 -37.39
C ILE D 121 44.30 52.48 -36.98
N ALA D 122 44.76 52.80 -35.77
CA ALA D 122 46.05 52.31 -35.31
C ALA D 122 46.06 50.81 -35.10
N GLU D 123 44.90 50.21 -34.79
CA GLU D 123 44.82 48.78 -34.57
C GLU D 123 45.09 47.97 -35.84
N GLU D 124 44.80 48.54 -37.01
CA GLU D 124 44.90 47.83 -38.28
C GLU D 124 46.35 47.60 -38.73
N PHE D 125 47.32 48.21 -38.06
CA PHE D 125 48.72 48.14 -38.48
C PHE D 125 49.58 47.57 -37.37
N GLY D 126 49.06 46.59 -36.64
CA GLY D 126 49.83 45.89 -35.63
C GLY D 126 50.27 46.72 -34.44
N LEU D 127 49.38 47.58 -33.93
CA LEU D 127 49.65 48.39 -32.76
C LEU D 127 48.62 48.09 -31.68
N ASP D 128 48.89 48.58 -30.47
CA ASP D 128 47.98 48.35 -29.35
C ASP D 128 46.70 49.15 -29.53
N LEU D 129 45.61 48.62 -28.96
CA LEU D 129 44.32 49.29 -29.03
C LEU D 129 44.33 50.52 -28.14
N GLY D 130 43.83 51.63 -28.66
CA GLY D 130 43.78 52.86 -27.90
C GLY D 130 45.06 53.66 -27.97
N ASP D 131 45.55 53.92 -29.19
CA ASP D 131 46.76 54.70 -29.41
C ASP D 131 46.41 55.98 -30.15
N LEU D 132 46.89 57.11 -29.65
CA LEU D 132 46.58 58.42 -30.22
C LEU D 132 47.66 58.78 -31.24
N THR D 133 47.28 58.81 -32.51
CA THR D 133 48.20 59.17 -33.61
C THR D 133 47.53 60.17 -34.55
N PRO D 134 47.39 61.42 -34.11
CA PRO D 134 46.81 62.42 -35.03
C PRO D 134 47.77 62.88 -36.11
N GLY D 135 49.04 63.13 -35.76
CA GLY D 135 49.98 63.65 -36.74
C GLY D 135 50.30 62.66 -37.84
N LYS D 136 50.49 61.39 -37.50
CA LYS D 136 50.72 60.37 -38.50
C LYS D 136 49.50 60.22 -39.41
N LEU D 137 48.31 60.30 -38.83
CA LEU D 137 47.09 60.16 -39.62
C LEU D 137 46.93 61.31 -40.61
N VAL D 138 47.15 62.55 -40.16
CA VAL D 138 47.02 63.68 -41.09
C VAL D 138 48.15 63.67 -42.12
N ALA D 139 49.34 63.18 -41.73
CA ALA D 139 50.41 63.01 -42.71
C ALA D 139 50.03 62.01 -43.79
N ALA D 140 49.41 60.89 -43.38
CA ALA D 140 48.95 59.91 -44.36
C ALA D 140 47.86 60.49 -45.26
N LEU D 141 46.92 61.23 -44.68
CA LEU D 141 45.84 61.83 -45.46
C LEU D 141 46.38 62.84 -46.47
N ARG D 142 47.41 63.61 -46.09
CA ARG D 142 48.05 64.50 -47.05
C ARG D 142 48.86 63.73 -48.08
N ARG D 143 49.41 62.59 -47.70
CA ARG D 143 50.11 61.72 -48.65
C ARG D 143 49.16 61.02 -49.61
N LEU D 144 47.86 61.00 -49.32
CA LEU D 144 46.87 60.43 -50.22
C LEU D 144 46.36 61.43 -51.25
N ASN D 145 47.17 62.45 -51.57
CA ASN D 145 46.85 63.45 -52.60
C ASN D 145 45.56 64.20 -52.28
N PHE D 146 45.43 64.65 -51.04
CA PHE D 146 44.29 65.45 -50.61
C PHE D 146 44.73 66.90 -50.46
N ASP D 147 44.03 67.80 -51.17
CA ASP D 147 44.40 69.21 -51.11
C ASP D 147 44.10 69.82 -49.75
N ARG D 148 42.95 69.49 -49.17
CA ARG D 148 42.56 69.99 -47.85
C ARG D 148 42.20 68.84 -46.93
N VAL D 149 42.68 68.91 -45.69
CA VAL D 149 42.36 67.94 -44.66
C VAL D 149 41.80 68.70 -43.47
N TYR D 150 40.54 68.42 -43.12
CA TYR D 150 39.86 69.11 -42.03
C TYR D 150 39.28 68.12 -41.04
N ASP D 151 39.08 68.62 -39.82
CA ASP D 151 38.36 67.91 -38.78
C ASP D 151 36.92 68.37 -38.75
N THR D 152 36.02 67.45 -38.43
CA THR D 152 34.62 67.75 -38.22
C THR D 152 34.35 68.37 -36.86
N ASN D 153 35.38 68.54 -36.03
CA ASN D 153 35.19 69.05 -34.67
C ASN D 153 34.80 70.53 -34.68
N PHE D 154 35.15 71.26 -35.73
CA PHE D 154 34.67 72.64 -35.87
C PHE D 154 33.15 72.67 -35.98
N GLY D 155 32.60 71.82 -36.86
CA GLY D 155 31.16 71.68 -36.92
C GLY D 155 30.58 71.13 -35.63
N ALA D 156 31.34 70.31 -34.91
CA ALA D 156 30.88 69.81 -33.62
C ALA D 156 30.71 70.95 -32.61
N ASP D 157 31.66 71.88 -32.58
CA ASP D 157 31.53 73.03 -31.70
C ASP D 157 30.40 73.95 -32.17
N LEU D 158 30.21 74.06 -33.49
CA LEU D 158 29.06 74.80 -34.01
C LEU D 158 27.75 74.19 -33.54
N THR D 159 27.66 72.86 -33.55
CA THR D 159 26.44 72.20 -33.09
C THR D 159 26.28 72.35 -31.59
N ILE D 160 27.38 72.38 -30.85
CA ILE D 160 27.31 72.66 -29.42
C ILE D 160 26.68 74.02 -29.17
N ILE D 161 27.14 75.03 -29.89
CA ILE D 161 26.59 76.39 -29.74
C ILE D 161 25.13 76.44 -30.17
N GLU D 162 24.81 75.81 -31.31
CA GLU D 162 23.45 75.83 -31.82
C GLU D 162 22.49 75.12 -30.87
N GLU D 163 22.91 73.97 -30.33
CA GLU D 163 22.07 73.24 -29.38
C GLU D 163 21.87 74.01 -28.10
N ALA D 164 22.93 74.69 -27.61
CA ALA D 164 22.79 75.52 -26.43
C ALA D 164 21.80 76.66 -26.67
N ASN D 165 21.89 77.30 -27.84
CA ASN D 165 20.97 78.39 -28.16
C ASN D 165 19.54 77.88 -28.29
N GLU D 166 19.36 76.70 -28.89
CA GLU D 166 18.03 76.12 -29.02
C GLU D 166 17.44 75.79 -27.65
N LEU D 167 18.25 75.22 -26.76
CA LEU D 167 17.76 74.91 -25.41
C LEU D 167 17.42 76.19 -24.64
N VAL D 168 18.24 77.24 -24.78
CA VAL D 168 17.96 78.51 -24.12
C VAL D 168 16.67 79.11 -24.65
N LYS D 169 16.44 79.01 -25.96
CA LYS D 169 15.20 79.52 -26.54
C LYS D 169 14.00 78.70 -26.09
N ARG D 170 14.17 77.38 -25.94
CA ARG D 170 13.05 76.48 -25.68
C ARG D 170 12.68 76.37 -24.21
N ILE D 171 13.60 76.66 -23.27
CA ILE D 171 13.22 76.60 -21.86
C ILE D 171 12.23 77.70 -21.53
N LYS D 172 12.39 78.87 -22.14
CA LYS D 172 11.40 79.94 -22.03
C LYS D 172 10.28 79.69 -23.03
N GLU D 173 9.04 79.80 -22.56
CA GLU D 173 7.84 79.52 -23.36
C GLU D 173 7.90 78.10 -23.92
N GLY D 174 7.87 77.15 -22.99
CA GLY D 174 8.04 75.73 -23.26
C GLY D 174 7.21 75.17 -24.41
N LYS D 175 7.91 74.65 -25.42
CA LYS D 175 7.27 74.13 -26.62
C LYS D 175 8.12 72.96 -27.12
N ASP D 176 7.54 71.76 -27.10
CA ASP D 176 8.25 70.51 -27.38
C ASP D 176 9.47 70.37 -26.47
N LEU D 177 9.22 70.56 -25.17
CA LEU D 177 10.28 70.40 -24.17
C LEU D 177 10.88 68.99 -24.14
N PRO D 178 10.10 67.88 -24.18
CA PRO D 178 10.75 66.57 -24.27
C PRO D 178 11.36 66.34 -25.66
N MET D 179 12.55 66.90 -25.86
CA MET D 179 13.20 66.89 -27.17
C MET D 179 14.49 66.08 -27.10
N PHE D 180 14.83 65.44 -28.22
CA PHE D 180 16.01 64.60 -28.33
C PHE D 180 17.00 65.23 -29.31
N THR D 181 18.22 64.69 -29.30
CA THR D 181 19.26 65.15 -30.21
C THR D 181 19.16 64.41 -31.55
N SER D 182 19.82 64.98 -32.55
CA SER D 182 19.81 64.40 -33.90
C SER D 182 21.23 64.07 -34.35
N CYS D 183 22.01 63.44 -33.47
CA CYS D 183 23.41 63.19 -33.77
C CYS D 183 23.58 62.22 -34.95
N CYS D 184 22.95 61.06 -34.87
CA CYS D 184 23.19 60.06 -35.91
C CYS D 184 21.89 59.71 -36.63
N PRO D 185 21.96 59.52 -37.95
CA PRO D 185 20.72 59.35 -38.74
C PRO D 185 20.03 58.01 -38.53
N ALA D 186 20.61 57.08 -37.78
CA ALA D 186 19.92 55.83 -37.50
C ALA D 186 18.66 56.08 -36.67
N TRP D 187 18.75 56.94 -35.66
CA TRP D 187 17.57 57.32 -34.90
C TRP D 187 16.58 58.10 -35.76
N VAL D 188 17.06 58.92 -36.69
CA VAL D 188 16.16 59.64 -37.58
C VAL D 188 15.38 58.64 -38.44
N LYS D 189 16.06 57.64 -38.97
CA LYS D 189 15.40 56.62 -39.77
C LYS D 189 14.42 55.80 -38.93
N PHE D 190 14.79 55.47 -37.69
CA PHE D 190 13.89 54.72 -36.82
C PHE D 190 12.64 55.52 -36.48
N ALA D 191 12.79 56.81 -36.19
CA ALA D 191 11.64 57.66 -35.90
C ALA D 191 10.76 57.84 -37.13
N GLU D 192 11.38 57.96 -38.30
CA GLU D 192 10.62 58.05 -39.54
C GLU D 192 9.83 56.77 -39.79
N GLN D 193 10.43 55.62 -39.52
CA GLN D 193 9.78 54.35 -39.80
C GLN D 193 8.66 54.05 -38.80
N THR D 194 8.87 54.38 -37.53
CA THR D 194 7.98 53.91 -36.47
C THR D 194 7.11 54.97 -35.84
N TYR D 195 7.60 56.20 -35.68
CA TYR D 195 6.87 57.24 -34.95
C TYR D 195 6.76 58.50 -35.79
N PRO D 196 5.79 58.54 -36.71
CA PRO D 196 5.55 59.78 -37.47
C PRO D 196 5.04 60.93 -36.61
N GLU D 197 4.44 60.64 -35.45
CA GLU D 197 3.89 61.67 -34.59
C GLU D 197 4.94 62.33 -33.69
N LEU D 198 6.11 61.72 -33.53
CA LEU D 198 7.17 62.26 -32.68
C LEU D 198 8.28 62.92 -33.48
N LEU D 199 8.03 63.21 -34.76
CA LEU D 199 9.04 63.78 -35.63
C LEU D 199 9.33 65.25 -35.33
N LYS D 200 8.41 65.96 -34.68
CA LYS D 200 8.62 67.36 -34.37
C LYS D 200 9.42 67.59 -33.10
N HIS D 201 9.52 66.59 -32.23
CA HIS D 201 10.31 66.74 -31.02
C HIS D 201 11.81 66.54 -31.26
N ILE D 202 12.20 66.04 -32.43
CA ILE D 202 13.61 65.89 -32.73
C ILE D 202 14.22 67.28 -32.92
N SER D 203 15.53 67.37 -32.71
CA SER D 203 16.22 68.65 -32.84
C SER D 203 16.24 69.10 -34.29
N THR D 204 15.98 70.39 -34.49
CA THR D 204 16.04 71.00 -35.81
C THR D 204 17.47 71.28 -36.26
N CYS D 205 18.43 71.15 -35.37
CA CYS D 205 19.83 71.33 -35.71
C CYS D 205 20.29 70.22 -36.65
N LYS D 206 21.09 70.58 -37.64
CA LYS D 206 21.68 69.59 -38.52
C LYS D 206 22.79 68.83 -37.78
N SER D 207 23.28 67.77 -38.40
CA SER D 207 24.48 67.11 -37.92
C SER D 207 25.67 68.04 -38.06
N PRO D 208 26.68 67.92 -37.20
CA PRO D 208 27.83 68.87 -37.23
C PRO D 208 28.57 68.91 -38.55
N GLN D 209 28.30 67.90 -39.37
CA GLN D 209 29.33 67.17 -40.07
C GLN D 209 28.96 67.00 -41.53
N GLN D 210 27.67 66.75 -41.78
CA GLN D 210 27.10 67.17 -43.05
C GLN D 210 27.19 68.68 -43.23
N MET D 211 26.95 69.46 -42.16
CA MET D 211 27.06 70.90 -42.34
C MET D 211 28.52 71.37 -42.25
N THR D 212 29.42 70.55 -41.71
CA THR D 212 30.84 70.80 -41.95
C THR D 212 31.15 70.71 -43.44
N GLY D 213 30.61 69.69 -44.10
CA GLY D 213 30.68 69.65 -45.57
C GLY D 213 30.05 70.86 -46.21
N ALA D 214 28.91 71.32 -45.68
CA ALA D 214 28.23 72.50 -46.22
C ALA D 214 29.08 73.75 -46.07
N ILE D 215 29.71 73.95 -44.91
CA ILE D 215 30.57 75.10 -44.67
C ILE D 215 31.76 75.07 -45.62
N ILE D 216 32.30 73.87 -45.86
CA ILE D 216 33.34 73.73 -46.88
C ILE D 216 32.78 74.14 -48.25
N LYS D 217 31.53 73.78 -48.54
CA LYS D 217 30.93 74.08 -49.83
C LYS D 217 30.76 75.58 -50.04
N THR D 218 30.32 76.32 -49.02
CA THR D 218 29.96 77.72 -49.18
C THR D 218 30.96 78.66 -48.55
N TYR D 219 31.23 78.52 -47.25
CA TYR D 219 32.20 79.40 -46.61
C TYR D 219 33.64 79.07 -47.01
N GLY D 220 33.92 77.79 -47.24
CA GLY D 220 35.25 77.40 -47.71
C GLY D 220 35.54 77.82 -49.14
N ALA D 221 34.50 78.09 -49.93
CA ALA D 221 34.70 78.58 -51.29
C ALA D 221 35.13 80.05 -51.32
N LYS D 222 34.92 80.79 -50.23
CA LYS D 222 35.34 82.18 -50.16
C LYS D 222 36.71 82.35 -49.54
N ILE D 223 37.09 81.46 -48.60
CA ILE D 223 38.43 81.53 -48.02
C ILE D 223 39.48 81.09 -49.02
N ASN D 224 39.10 80.35 -50.06
CA ASN D 224 39.99 79.94 -51.13
C ASN D 224 39.56 80.62 -52.43
N ASN D 225 40.35 80.38 -53.48
CA ASN D 225 40.12 80.98 -54.79
C ASN D 225 39.51 80.00 -55.77
N VAL D 226 38.62 79.13 -55.31
CA VAL D 226 37.95 78.15 -56.16
C VAL D 226 36.45 78.39 -56.11
N ASP D 227 35.76 77.93 -57.15
CA ASP D 227 34.31 78.03 -57.28
C ASP D 227 33.63 76.80 -56.69
N PRO D 228 32.41 76.94 -56.15
CA PRO D 228 31.68 75.80 -55.57
C PRO D 228 31.01 74.89 -56.61
N ALA D 229 31.79 74.51 -57.63
CA ALA D 229 31.31 73.59 -58.66
C ALA D 229 32.28 72.47 -58.98
N LYS D 230 33.55 72.57 -58.56
CA LYS D 230 34.53 71.52 -58.76
C LYS D 230 35.09 70.97 -57.46
N ILE D 231 34.61 71.46 -56.31
CA ILE D 231 35.07 70.94 -55.03
C ILE D 231 34.53 69.53 -54.81
N PHE D 232 35.40 68.64 -54.33
CA PHE D 232 35.04 67.26 -54.06
C PHE D 232 35.27 66.97 -52.58
N SER D 233 34.19 66.70 -51.86
CA SER D 233 34.25 66.49 -50.41
C SER D 233 34.09 65.02 -50.09
N VAL D 234 35.05 64.47 -49.35
CA VAL D 234 34.99 63.11 -48.84
C VAL D 234 35.06 63.18 -47.32
N SER D 235 34.14 62.51 -46.64
CA SER D 235 34.07 62.53 -45.19
C SER D 235 34.12 61.09 -44.69
N VAL D 236 35.20 60.72 -43.99
CA VAL D 236 35.36 59.35 -43.53
C VAL D 236 34.78 59.21 -42.14
N MET D 237 33.96 58.17 -41.94
CA MET D 237 33.26 57.96 -40.67
C MET D 237 33.35 56.50 -40.25
N PRO D 238 33.37 56.24 -38.94
CA PRO D 238 33.30 54.85 -38.43
C PRO D 238 31.88 54.34 -38.31
N CYS D 239 31.10 54.47 -39.38
CA CYS D 239 29.70 54.08 -39.34
C CYS D 239 29.21 53.75 -40.74
N THR D 240 28.27 52.79 -40.80
CA THR D 240 27.59 52.44 -42.03
C THR D 240 26.34 53.28 -42.26
N CYS D 241 25.95 54.10 -41.30
CA CYS D 241 24.73 54.90 -41.36
C CYS D 241 24.90 56.23 -42.08
N LYS D 242 26.12 56.57 -42.50
CA LYS D 242 26.36 57.90 -43.07
C LYS D 242 26.01 57.96 -44.56
N SER D 243 26.08 56.85 -45.27
CA SER D 243 25.68 56.85 -46.67
C SER D 243 24.18 57.08 -46.81
N TYR D 244 23.41 56.78 -45.76
CA TYR D 244 21.98 57.07 -45.77
C TYR D 244 21.68 58.55 -45.51
N GLU D 245 22.60 59.26 -44.86
CA GLU D 245 22.38 60.67 -44.55
C GLU D 245 22.95 61.61 -45.62
N SER D 246 24.02 61.19 -46.31
CA SER D 246 24.69 62.03 -47.28
C SER D 246 24.06 61.98 -48.66
N ASP D 247 22.82 61.48 -48.79
CA ASP D 247 22.15 61.41 -50.08
C ASP D 247 20.67 61.79 -49.96
N ARG D 248 20.31 62.53 -48.91
CA ARG D 248 18.91 62.92 -48.79
C ARG D 248 18.62 64.19 -49.59
N PRO D 249 17.44 64.29 -50.19
CA PRO D 249 17.11 65.51 -50.94
C PRO D 249 16.86 66.73 -50.06
N GLU D 250 16.51 66.54 -48.79
CA GLU D 250 16.23 67.65 -47.89
C GLU D 250 17.42 67.99 -46.99
N MET D 251 18.56 67.34 -47.20
CA MET D 251 19.73 67.53 -46.35
C MET D 251 20.89 68.02 -47.21
N ARG D 252 20.62 69.04 -48.02
CA ARG D 252 21.61 69.63 -48.91
C ARG D 252 21.53 71.15 -48.82
N SER D 253 22.65 71.80 -49.11
CA SER D 253 22.74 73.25 -49.07
C SER D 253 23.46 73.75 -50.31
N SER D 254 23.13 75.00 -50.69
CA SER D 254 23.74 75.70 -51.83
C SER D 254 23.55 74.94 -53.14
N GLY D 255 22.47 74.15 -53.24
CA GLY D 255 22.17 73.45 -54.47
C GLY D 255 22.93 72.15 -54.67
N TYR D 256 24.18 72.11 -54.23
CA TYR D 256 25.03 70.95 -54.40
C TYR D 256 25.00 70.07 -53.15
N LYS D 257 25.60 68.89 -53.28
CA LYS D 257 25.68 67.96 -52.16
C LYS D 257 26.72 68.44 -51.16
N ASP D 258 26.32 68.50 -49.88
CA ASP D 258 27.25 68.94 -48.85
C ASP D 258 28.38 67.93 -48.64
N VAL D 259 28.04 66.65 -48.58
CA VAL D 259 29.00 65.57 -48.52
C VAL D 259 28.67 64.59 -49.64
N ASP D 260 29.67 64.28 -50.47
CA ASP D 260 29.43 63.42 -51.62
C ASP D 260 29.19 61.99 -51.20
N LEU D 261 30.16 61.36 -50.54
CA LEU D 261 30.05 59.98 -50.11
C LEU D 261 30.96 59.76 -48.92
N VAL D 262 30.70 58.65 -48.21
CA VAL D 262 31.41 58.34 -46.98
C VAL D 262 32.11 56.99 -47.11
N ILE D 263 33.12 56.79 -46.27
CA ILE D 263 33.91 55.56 -46.25
C ILE D 263 34.20 55.20 -44.80
N THR D 264 34.52 53.93 -44.56
CA THR D 264 34.84 53.46 -43.22
C THR D 264 36.36 53.48 -42.99
N THR D 265 36.75 53.29 -41.73
CA THR D 265 38.17 53.26 -41.38
C THR D 265 38.86 52.02 -41.93
N ARG D 266 38.14 50.91 -42.06
CA ARG D 266 38.71 49.72 -42.70
C ARG D 266 39.01 50.00 -44.16
N GLU D 267 38.15 50.77 -44.83
CA GLU D 267 38.39 51.13 -46.22
C GLU D 267 39.60 52.06 -46.36
N LEU D 268 39.77 53.00 -45.43
CA LEU D 268 41.00 53.79 -45.45
C LEU D 268 42.22 52.92 -45.22
N ALA D 269 42.11 51.93 -44.35
CA ALA D 269 43.23 51.00 -44.14
C ALA D 269 43.54 50.24 -45.42
N HIS D 270 42.51 49.84 -46.16
CA HIS D 270 42.71 49.14 -47.42
C HIS D 270 43.38 50.04 -48.46
N LEU D 271 42.96 51.31 -48.56
CA LEU D 271 43.62 52.24 -49.47
C LEU D 271 45.08 52.50 -49.06
N MET D 272 45.35 52.59 -47.75
CA MET D 272 46.72 52.77 -47.31
C MET D 272 47.57 51.54 -47.62
N LYS D 273 46.98 50.34 -47.50
CA LYS D 273 47.69 49.12 -47.90
C LYS D 273 47.97 49.10 -49.40
N ASP D 274 46.99 49.56 -50.19
CA ASP D 274 47.18 49.64 -51.63
C ASP D 274 48.28 50.63 -52.00
N LYS D 275 48.34 51.76 -51.29
CA LYS D 275 49.36 52.77 -51.53
C LYS D 275 50.76 52.30 -51.14
N GLY D 276 50.88 51.25 -50.34
CA GLY D 276 52.17 50.75 -49.92
C GLY D 276 52.94 51.69 -49.02
N ILE D 277 52.27 52.29 -48.04
CA ILE D 277 52.90 53.21 -47.10
C ILE D 277 52.73 52.66 -45.69
N ASP D 278 53.82 52.69 -44.92
CA ASP D 278 53.77 52.27 -43.53
C ASP D 278 53.21 53.38 -42.65
N PHE D 279 52.79 52.99 -41.45
CA PHE D 279 52.10 53.91 -40.54
C PHE D 279 53.00 54.48 -39.45
N ALA D 280 53.95 53.70 -38.93
CA ALA D 280 54.78 54.18 -37.84
C ALA D 280 55.83 55.18 -38.32
N THR D 281 56.23 55.08 -39.59
CA THR D 281 57.26 55.97 -40.13
C THR D 281 56.74 57.39 -40.31
N LEU D 282 55.42 57.56 -40.41
CA LEU D 282 54.84 58.86 -40.73
C LEU D 282 55.09 59.85 -39.59
N PRO D 283 55.56 61.07 -39.90
CA PRO D 283 55.83 62.04 -38.84
C PRO D 283 54.58 62.77 -38.39
N ASP D 284 54.75 63.74 -37.50
CA ASP D 284 53.63 64.52 -36.99
C ASP D 284 53.38 65.74 -37.85
N GLU D 285 52.10 65.99 -38.14
CA GLU D 285 51.70 67.16 -38.91
C GLU D 285 50.52 67.85 -38.24
N GLU D 286 49.94 68.86 -38.89
CA GLU D 286 48.83 69.60 -38.32
C GLU D 286 47.83 69.94 -39.41
N PHE D 287 46.56 69.97 -39.02
CA PHE D 287 45.48 70.33 -39.94
C PHE D 287 45.54 71.82 -40.27
N ASP D 288 44.80 72.20 -41.30
CA ASP D 288 44.78 73.60 -41.74
C ASP D 288 44.08 74.46 -40.69
N SER D 289 44.69 75.61 -40.37
CA SER D 289 44.14 76.47 -39.33
C SER D 289 42.75 77.04 -39.62
N PRO D 290 42.41 77.55 -40.83
CA PRO D 290 41.08 78.16 -40.99
C PRO D 290 39.90 77.24 -40.72
N LEU D 291 40.01 75.96 -41.04
CA LEU D 291 38.90 75.02 -40.87
C LEU D 291 39.36 73.75 -40.18
N GLY D 292 40.27 73.89 -39.21
CA GLY D 292 40.72 72.74 -38.44
C GLY D 292 40.96 73.07 -36.99
N ASN D 293 40.50 74.23 -36.55
CA ASN D 293 40.65 74.67 -35.16
C ASN D 293 39.42 74.27 -34.36
N TYR D 294 39.65 73.72 -33.17
CA TYR D 294 38.57 73.22 -32.35
C TYR D 294 39.05 73.13 -30.91
N THR D 295 38.15 72.69 -30.02
CA THR D 295 38.44 72.50 -28.61
C THR D 295 38.28 71.03 -28.24
N GLY D 296 38.57 70.73 -26.97
CA GLY D 296 38.51 69.34 -26.52
C GLY D 296 37.09 68.82 -26.38
N ALA D 297 36.11 69.71 -26.18
CA ALA D 297 34.73 69.28 -26.02
C ALA D 297 34.13 68.76 -27.32
N ALA D 298 34.76 69.04 -28.46
CA ALA D 298 34.28 68.59 -29.75
C ALA D 298 34.88 67.27 -30.18
N THR D 299 35.73 66.66 -29.36
CA THR D 299 36.40 65.41 -29.70
C THR D 299 35.70 64.20 -29.12
N ILE D 300 34.87 64.38 -28.10
CA ILE D 300 34.31 63.25 -27.35
C ILE D 300 32.87 62.97 -27.79
N PHE D 301 32.51 63.37 -29.01
CA PHE D 301 31.18 63.05 -29.51
C PHE D 301 31.05 61.58 -29.87
N GLY D 302 32.14 60.95 -30.32
CA GLY D 302 32.09 59.53 -30.62
C GLY D 302 31.86 58.69 -29.37
N ASN D 303 32.51 59.03 -28.27
CA ASN D 303 32.34 58.34 -27.01
C ASN D 303 31.04 58.75 -26.34
N THR D 304 30.46 57.82 -25.59
CA THR D 304 29.24 58.09 -24.86
C THR D 304 29.52 58.94 -23.62
N GLY D 305 28.51 59.70 -23.20
CA GLY D 305 28.63 60.54 -22.02
C GLY D 305 29.36 61.84 -22.23
N GLY D 306 29.77 62.16 -23.45
CA GLY D 306 30.50 63.39 -23.71
C GLY D 306 29.64 64.51 -24.28
N VAL D 307 28.56 64.15 -24.98
CA VAL D 307 27.73 65.15 -25.62
C VAL D 307 26.98 65.96 -24.56
N MET D 308 26.53 65.29 -23.48
CA MET D 308 26.00 65.98 -22.32
C MET D 308 26.96 67.03 -21.78
N GLU D 309 28.23 66.64 -21.57
CA GLU D 309 29.20 67.58 -21.02
C GLU D 309 29.46 68.73 -21.97
N ALA D 310 29.57 68.44 -23.27
CA ALA D 310 29.84 69.48 -24.26
C ALA D 310 28.70 70.48 -24.33
N ALA D 311 27.46 70.01 -24.28
CA ALA D 311 26.32 70.92 -24.31
C ALA D 311 26.20 71.70 -23.01
N LEU D 312 26.38 71.03 -21.88
CA LEU D 312 26.20 71.68 -20.57
C LEU D 312 27.27 72.73 -20.30
N ARG D 313 28.50 72.51 -20.76
CA ARG D 313 29.59 73.44 -20.48
C ARG D 313 29.29 74.84 -21.01
N THR D 314 28.58 74.94 -22.13
CA THR D 314 28.18 76.25 -22.64
C THR D 314 26.77 76.65 -22.24
N ALA D 315 25.86 75.68 -22.04
CA ALA D 315 24.50 76.03 -21.61
C ALA D 315 24.51 76.63 -20.22
N TYR D 316 25.34 76.10 -19.32
CA TYR D 316 25.46 76.63 -17.97
C TYR D 316 25.93 78.08 -18.00
N GLU D 317 26.93 78.37 -18.85
CA GLU D 317 27.44 79.73 -19.01
C GLU D 317 26.39 80.66 -19.61
N LEU D 318 25.67 80.19 -20.63
CA LEU D 318 24.64 81.03 -21.25
C LEU D 318 23.43 81.25 -20.36
N ILE D 319 23.23 80.42 -19.34
CA ILE D 319 22.13 80.65 -18.42
C ILE D 319 22.56 81.52 -17.26
N THR D 320 23.58 81.10 -16.51
CA THR D 320 23.95 81.82 -15.29
C THR D 320 24.86 83.02 -15.55
N LYS D 321 25.41 83.15 -16.77
CA LYS D 321 26.10 84.36 -17.24
C LYS D 321 27.34 84.70 -16.41
N LYS D 322 27.88 83.75 -15.65
CA LYS D 322 29.13 83.97 -14.93
C LYS D 322 29.75 82.61 -14.61
N PRO D 323 31.07 82.47 -14.72
CA PRO D 323 31.67 81.13 -14.76
C PRO D 323 31.73 80.44 -13.40
N ILE D 324 31.35 79.16 -13.39
CA ILE D 324 31.60 78.26 -12.27
C ILE D 324 32.23 77.01 -12.86
N PRO D 325 33.36 76.51 -12.32
CA PRO D 325 34.03 75.38 -12.96
C PRO D 325 33.26 74.07 -12.86
N ASN D 326 32.79 73.60 -14.02
CA ASN D 326 32.13 72.30 -14.17
C ASN D 326 32.89 71.46 -15.18
N ILE D 327 34.22 71.41 -15.05
CA ILE D 327 35.08 70.78 -16.05
C ILE D 327 34.90 69.27 -16.08
N ASP D 328 34.34 68.66 -15.04
CA ASP D 328 34.21 67.22 -14.97
C ASP D 328 32.78 66.86 -14.55
N ILE D 329 32.31 65.72 -15.05
CA ILE D 329 31.00 65.20 -14.70
C ILE D 329 31.06 63.67 -14.75
N GLU D 330 30.40 63.03 -13.80
CA GLU D 330 30.43 61.58 -13.68
C GLU D 330 29.05 60.95 -13.53
N PHE D 331 27.98 61.74 -13.48
CA PHE D 331 26.62 61.22 -13.38
C PHE D 331 25.98 61.00 -14.75
N VAL D 332 26.72 61.29 -15.83
CA VAL D 332 26.25 61.04 -17.19
C VAL D 332 27.11 59.99 -17.89
N ARG D 333 27.91 59.25 -17.14
CA ARG D 333 28.80 58.23 -17.71
C ARG D 333 28.14 56.87 -17.57
N GLY D 334 27.91 56.21 -18.69
CA GLY D 334 27.30 54.89 -18.69
C GLY D 334 27.53 54.20 -20.00
N GLY D 335 27.32 52.88 -19.99
CA GLY D 335 27.50 52.07 -21.18
C GLY D 335 26.42 51.03 -21.36
N GLU D 336 25.46 51.00 -20.45
CA GLU D 336 24.35 50.04 -20.54
C GLU D 336 23.14 50.64 -19.85
N GLY D 337 21.97 50.16 -20.25
CA GLY D 337 20.72 50.62 -19.64
C GLY D 337 20.49 52.09 -19.90
N ILE D 338 20.00 52.78 -18.88
CA ILE D 338 19.73 54.21 -18.94
C ILE D 338 20.37 54.88 -17.72
N ARG D 339 20.91 56.07 -17.92
CA ARG D 339 21.51 56.85 -16.84
C ARG D 339 20.84 58.20 -16.75
N THR D 340 20.60 58.68 -15.54
CA THR D 340 19.89 59.93 -15.33
C THR D 340 20.66 60.83 -14.36
N ALA D 341 20.40 62.13 -14.46
CA ALA D 341 21.04 63.12 -13.60
C ALA D 341 20.16 64.36 -13.55
N THR D 342 20.37 65.16 -12.51
CA THR D 342 19.63 66.41 -12.31
C THR D 342 20.63 67.53 -12.06
N VAL D 343 20.49 68.63 -12.80
CA VAL D 343 21.38 69.77 -12.70
C VAL D 343 20.54 71.03 -12.46
N GLN D 344 20.91 71.79 -11.43
CA GLN D 344 20.20 73.03 -11.11
C GLN D 344 21.01 74.21 -11.62
N VAL D 345 20.42 74.96 -12.55
CA VAL D 345 21.04 76.15 -13.12
C VAL D 345 19.98 77.23 -13.27
N GLY D 346 20.35 78.46 -12.92
CA GLY D 346 19.45 79.60 -13.03
C GLY D 346 18.18 79.46 -12.22
N GLU D 347 18.29 78.87 -11.03
CA GLU D 347 17.14 78.53 -10.18
C GLU D 347 16.12 77.68 -10.92
N LEU D 348 16.60 76.81 -11.81
CA LEU D 348 15.73 75.91 -12.58
C LEU D 348 16.39 74.54 -12.65
N GLU D 349 15.61 73.50 -12.43
CA GLU D 349 16.13 72.14 -12.48
C GLU D 349 15.99 71.54 -13.87
N LEU D 350 16.99 70.77 -14.27
CA LEU D 350 16.99 70.07 -15.55
C LEU D 350 17.26 68.61 -15.30
N LYS D 351 16.44 67.74 -15.89
CA LYS D 351 16.57 66.30 -15.76
C LYS D 351 17.13 65.77 -17.08
N ILE D 352 18.41 65.40 -17.07
CA ILE D 352 19.07 64.89 -18.24
C ILE D 352 19.21 63.37 -18.12
N ALA D 353 19.29 62.70 -19.27
CA ALA D 353 19.40 61.25 -19.27
C ALA D 353 20.07 60.80 -20.57
N VAL D 354 20.90 59.78 -20.47
CA VAL D 354 21.53 59.14 -21.62
C VAL D 354 21.04 57.70 -21.71
N VAL D 355 20.89 57.23 -22.94
CA VAL D 355 20.34 55.90 -23.22
C VAL D 355 21.36 55.12 -24.03
N SER D 356 21.56 53.85 -23.64
CA SER D 356 22.46 52.95 -24.35
C SER D 356 21.61 51.96 -25.15
N GLY D 357 21.75 52.00 -26.46
CA GLY D 357 21.01 51.10 -27.32
C GLY D 357 19.66 51.69 -27.73
N LEU D 358 19.10 51.13 -28.79
CA LEU D 358 17.83 51.59 -29.32
C LEU D 358 16.63 50.90 -28.66
N LYS D 359 16.81 49.67 -28.17
CA LYS D 359 15.69 48.93 -27.62
C LYS D 359 15.30 49.37 -26.21
N ASN D 360 16.15 50.15 -25.54
CA ASN D 360 15.89 50.52 -24.15
C ASN D 360 15.11 51.82 -24.00
N VAL D 361 14.82 52.52 -25.08
CA VAL D 361 14.14 53.82 -24.98
C VAL D 361 12.62 53.66 -24.95
N ILE D 362 12.10 52.55 -25.45
CA ILE D 362 10.66 52.28 -25.53
C ILE D 362 9.97 52.39 -24.18
N PRO D 363 10.56 51.98 -23.05
CA PRO D 363 9.93 52.31 -21.75
C PRO D 363 9.69 53.79 -21.52
N ILE D 364 10.57 54.66 -22.00
CA ILE D 364 10.44 56.10 -21.76
C ILE D 364 10.05 56.88 -23.02
N LEU D 365 10.14 56.28 -24.21
CA LEU D 365 9.75 56.99 -25.42
C LEU D 365 8.25 57.15 -25.54
N GLU D 366 7.47 56.34 -24.83
CA GLU D 366 6.02 56.46 -24.87
C GLU D 366 5.57 57.79 -24.27
N ASP D 367 4.51 58.37 -24.85
CA ASP D 367 4.03 59.67 -24.43
C ASP D 367 3.45 59.65 -23.01
N ILE D 368 2.93 58.51 -22.57
CA ILE D 368 2.42 58.41 -21.21
C ILE D 368 3.55 58.50 -20.20
N LYS D 369 4.66 57.78 -20.43
CA LYS D 369 5.78 57.83 -19.51
C LYS D 369 6.56 59.14 -19.62
N LYS D 370 6.56 59.75 -20.82
CA LYS D 370 7.33 60.96 -21.04
C LYS D 370 6.77 62.16 -20.30
N ASN D 371 5.50 62.11 -19.88
CA ASN D 371 4.87 63.23 -19.20
C ASN D 371 5.07 63.23 -17.69
N LYS D 372 5.51 62.11 -17.11
CA LYS D 372 5.70 62.00 -15.67
C LYS D 372 7.08 62.44 -15.20
N CYS D 373 8.01 62.70 -16.13
CA CYS D 373 9.32 63.21 -15.78
C CYS D 373 9.75 64.40 -16.63
N ASP D 374 8.99 64.74 -17.67
CA ASP D 374 9.12 65.93 -18.53
C ASP D 374 10.33 65.83 -19.47
N LEU D 375 11.21 64.86 -19.24
CA LEU D 375 12.31 64.47 -20.13
C LEU D 375 13.00 65.65 -20.79
N HIS D 376 13.64 66.52 -20.00
CA HIS D 376 14.09 67.82 -20.49
C HIS D 376 15.07 67.68 -21.65
N PHE D 377 16.11 66.88 -21.47
CA PHE D 377 17.14 66.77 -22.49
C PHE D 377 17.71 65.36 -22.46
N VAL D 378 17.45 64.59 -23.52
CA VAL D 378 17.93 63.22 -23.64
C VAL D 378 18.61 63.07 -24.99
N GLU D 379 19.86 62.61 -24.96
CA GLU D 379 20.61 62.34 -26.18
C GLU D 379 20.50 60.86 -26.54
N VAL D 380 20.69 60.57 -27.83
CA VAL D 380 20.40 59.26 -28.37
C VAL D 380 21.63 58.71 -29.08
N MET D 381 21.71 57.38 -29.13
CA MET D 381 22.77 56.68 -29.84
C MET D 381 22.30 55.27 -30.14
N THR D 382 22.26 54.91 -31.44
CA THR D 382 21.81 53.59 -31.82
C THR D 382 22.87 52.54 -31.49
N CYS D 383 24.12 52.79 -31.86
CA CYS D 383 25.18 51.85 -31.56
C CYS D 383 25.49 51.89 -30.06
N PRO D 384 25.89 50.78 -29.46
CA PRO D 384 26.30 50.81 -28.05
C PRO D 384 27.57 51.62 -27.86
N GLU D 385 27.56 52.47 -26.84
CA GLU D 385 28.68 53.32 -26.47
C GLU D 385 29.10 54.24 -27.62
N GLY D 386 28.11 54.76 -28.34
CA GLY D 386 28.36 55.80 -29.32
C GLY D 386 28.94 55.30 -30.65
N CYS D 387 29.60 56.23 -31.34
CA CYS D 387 30.18 55.97 -32.66
C CYS D 387 31.44 55.13 -32.63
N ILE D 388 32.03 54.88 -31.45
CA ILE D 388 33.26 54.10 -31.39
C ILE D 388 33.04 52.61 -31.55
N SER D 389 31.79 52.17 -31.55
CA SER D 389 31.44 50.76 -31.75
C SER D 389 30.45 50.61 -32.90
N GLY D 390 30.63 51.40 -33.95
CA GLY D 390 29.75 51.37 -35.10
C GLY D 390 30.15 50.28 -36.09
N GLY D 391 29.44 50.28 -37.22
CA GLY D 391 29.66 49.28 -38.24
C GLY D 391 30.92 49.45 -39.06
N GLY D 392 31.61 50.57 -38.93
CA GLY D 392 32.83 50.79 -39.65
C GLY D 392 34.06 50.31 -38.90
N GLN D 393 33.90 50.07 -37.59
CA GLN D 393 35.01 49.62 -36.78
C GLN D 393 35.39 48.19 -37.12
N PRO D 394 36.69 47.85 -37.02
CA PRO D 394 37.11 46.47 -37.28
C PRO D 394 36.61 45.51 -36.22
N LYS D 395 36.57 44.24 -36.59
CA LYS D 395 36.07 43.20 -35.70
C LYS D 395 37.09 42.88 -34.61
N LEU D 396 36.70 42.00 -33.68
CA LEU D 396 37.57 41.60 -32.57
C LEU D 396 37.83 40.10 -32.58
N LEU D 397 37.56 39.42 -33.70
CA LEU D 397 37.72 37.98 -33.83
C LEU D 397 36.94 37.23 -32.74
N LEU D 398 35.71 37.67 -32.49
CA LEU D 398 34.82 36.99 -31.57
C LEU D 398 33.46 36.77 -32.21
N ALA D 405 39.27 45.89 -24.71
CA ALA D 405 38.28 45.81 -25.78
C ALA D 405 37.78 47.21 -26.15
N TYR D 406 36.52 47.50 -25.81
CA TYR D 406 35.94 48.80 -26.12
C TYR D 406 36.47 49.90 -25.22
N LYS D 407 36.91 49.57 -24.00
CA LYS D 407 37.25 50.61 -23.03
C LYS D 407 38.54 51.35 -23.41
N LYS D 408 39.44 50.69 -24.14
CA LYS D 408 40.70 51.33 -24.51
C LYS D 408 40.48 52.53 -25.41
N ARG D 409 39.54 52.42 -26.36
CA ARG D 409 39.25 53.54 -27.25
C ARG D 409 38.70 54.74 -26.48
N LYS D 410 37.80 54.48 -25.53
CA LYS D 410 37.22 55.59 -24.77
C LYS D 410 38.23 56.20 -23.81
N GLU D 411 39.13 55.40 -23.24
CA GLU D 411 40.18 55.96 -22.40
C GLU D 411 41.14 56.80 -23.22
N ALA D 412 41.49 56.36 -24.44
CA ALA D 412 42.34 57.15 -25.30
C ALA D 412 41.66 58.46 -25.69
N LEU D 413 40.37 58.41 -25.99
CA LEU D 413 39.64 59.63 -26.33
C LEU D 413 39.58 60.60 -25.15
N TYR D 414 39.36 60.08 -23.93
CA TYR D 414 39.32 60.95 -22.77
C TYR D 414 40.70 61.54 -22.47
N LYS D 415 41.76 60.76 -22.68
CA LYS D 415 43.12 61.29 -22.48
C LYS D 415 43.43 62.37 -23.52
N HIS D 416 42.97 62.19 -24.76
CA HIS D 416 43.15 63.23 -25.77
C HIS D 416 42.34 64.48 -25.42
N ASP D 417 41.16 64.30 -24.83
CA ASP D 417 40.37 65.43 -24.38
C ASP D 417 41.05 66.19 -23.26
N ALA D 418 41.61 65.47 -22.28
CA ALA D 418 42.12 66.11 -21.07
C ALA D 418 43.43 66.85 -21.28
N GLU D 419 44.16 66.58 -22.37
CA GLU D 419 45.46 67.20 -22.59
C GLU D 419 45.37 68.54 -23.31
N LEU D 420 44.20 68.92 -23.80
CA LEU D 420 44.05 70.19 -24.51
C LEU D 420 43.83 71.34 -23.54
N GLU D 421 44.36 72.51 -23.90
CA GLU D 421 44.27 73.68 -23.05
C GLU D 421 42.92 74.37 -23.11
N LEU D 422 42.07 74.01 -24.07
CA LEU D 422 40.74 74.60 -24.22
C LEU D 422 39.68 73.54 -23.91
N ARG D 423 38.77 73.89 -23.00
CA ARG D 423 37.69 72.98 -22.59
C ARG D 423 36.32 73.47 -23.00
N LYS D 424 35.98 74.71 -22.69
CA LYS D 424 34.69 75.26 -23.07
C LYS D 424 34.62 75.45 -24.58
N SER D 425 33.48 75.07 -25.17
CA SER D 425 33.29 75.19 -26.61
C SER D 425 32.84 76.60 -26.99
N HIS D 426 33.54 77.61 -26.49
CA HIS D 426 33.28 79.00 -26.87
C HIS D 426 34.54 79.80 -27.11
N GLU D 427 35.72 79.30 -26.73
CA GLU D 427 36.97 80.05 -26.83
C GLU D 427 37.69 79.82 -28.15
N ASN D 428 37.09 79.11 -29.08
CA ASN D 428 37.72 78.85 -30.37
C ASN D 428 37.76 80.14 -31.19
N PRO D 429 38.94 80.61 -31.61
CA PRO D 429 39.00 81.82 -32.44
C PRO D 429 38.31 81.67 -33.79
N ALA D 430 38.31 80.46 -34.36
CA ALA D 430 37.66 80.25 -35.65
C ALA D 430 36.16 80.42 -35.56
N ILE D 431 35.55 80.02 -34.43
CA ILE D 431 34.12 80.21 -34.23
C ILE D 431 33.79 81.70 -34.24
N LYS D 432 34.57 82.50 -33.50
CA LYS D 432 34.33 83.93 -33.45
C LYS D 432 34.55 84.58 -34.81
N LYS D 433 35.58 84.13 -35.54
CA LYS D 433 35.84 84.67 -36.87
C LYS D 433 34.70 84.36 -37.83
N LEU D 434 34.19 83.12 -37.78
CA LEU D 434 33.07 82.76 -38.66
C LEU D 434 31.80 83.52 -38.30
N TYR D 435 31.54 83.70 -37.00
CA TYR D 435 30.36 84.46 -36.59
C TYR D 435 30.47 85.92 -37.00
N GLU D 436 31.68 86.50 -36.89
CA GLU D 436 31.86 87.89 -37.30
C GLU D 436 31.81 88.05 -38.81
N GLU D 437 32.22 87.02 -39.55
CA GLU D 437 32.37 87.13 -41.00
C GLU D 437 31.08 86.78 -41.75
N PHE D 438 30.57 85.57 -41.56
CA PHE D 438 29.52 85.04 -42.42
C PHE D 438 28.19 84.77 -41.72
N LEU D 439 28.19 84.36 -40.45
CA LEU D 439 26.97 83.90 -39.81
C LEU D 439 26.26 84.98 -38.99
N GLY D 440 26.98 85.97 -38.49
CA GLY D 440 26.35 87.01 -37.69
C GLY D 440 25.91 86.51 -36.32
N GLU D 441 24.60 86.45 -36.11
CA GLU D 441 24.02 85.99 -34.87
C GLU D 441 23.28 84.70 -35.09
N PRO D 442 23.44 83.69 -34.23
CA PRO D 442 22.75 82.40 -34.45
C PRO D 442 21.23 82.56 -34.41
N LEU D 443 20.56 81.73 -35.21
CA LEU D 443 19.12 81.83 -35.44
C LEU D 443 18.75 83.23 -35.94
N GLY D 444 19.54 83.73 -36.88
CA GLY D 444 19.35 85.06 -37.44
C GLY D 444 19.04 85.05 -38.92
N LYS D 445 18.16 84.13 -39.33
CA LYS D 445 17.63 83.96 -40.69
C LYS D 445 18.69 83.37 -41.62
N GLN D 446 19.92 83.24 -41.14
CA GLN D 446 20.98 82.58 -41.88
C GLN D 446 21.27 81.17 -41.38
N SER D 447 21.11 80.93 -40.07
CA SER D 447 21.30 79.58 -39.55
C SER D 447 20.17 78.65 -39.98
N HIS D 448 18.97 79.21 -40.25
CA HIS D 448 17.84 78.38 -40.64
C HIS D 448 18.00 77.85 -42.06
N HIS D 449 18.91 78.41 -42.86
CA HIS D 449 19.12 77.97 -44.22
C HIS D 449 20.33 77.04 -44.37
N LEU D 450 21.41 77.29 -43.64
CA LEU D 450 22.63 76.52 -43.79
C LEU D 450 22.92 75.59 -42.61
N LEU D 451 22.29 75.81 -41.45
CA LEU D 451 22.59 75.04 -40.25
C LEU D 451 21.41 74.22 -39.75
N HIS D 452 20.22 74.38 -40.31
CA HIS D 452 19.03 73.70 -39.82
C HIS D 452 18.26 73.11 -40.99
N THR D 453 17.54 72.02 -40.71
CA THR D 453 16.67 71.39 -41.69
C THR D 453 15.51 70.74 -40.96
N LYS D 454 14.46 70.43 -41.71
CA LYS D 454 13.22 69.90 -41.16
C LYS D 454 13.16 68.40 -41.43
N TYR D 455 12.92 67.62 -40.38
CA TYR D 455 12.76 66.17 -40.49
C TYR D 455 11.27 65.85 -40.35
N THR D 456 10.54 65.94 -41.46
CA THR D 456 9.11 65.63 -41.49
C THR D 456 8.74 64.73 -42.68
N PRO D 457 9.26 63.49 -42.73
CA PRO D 457 8.85 62.59 -43.81
C PRO D 457 7.48 61.96 -43.56
N ARG D 458 7.19 61.66 -42.30
CA ARG D 458 5.92 61.06 -41.87
C ARG D 458 5.63 59.77 -42.62
N LYS D 459 6.60 58.85 -42.56
CA LYS D 459 6.45 57.55 -43.21
C LYS D 459 5.67 56.57 -42.33
N PRO E 2 -37.31 -19.50 15.01
CA PRO E 2 -36.37 -18.79 14.12
C PRO E 2 -35.02 -19.48 14.05
N ASN E 3 -34.06 -19.02 14.84
CA ASN E 3 -32.75 -19.64 14.91
C ASN E 3 -32.63 -20.52 16.15
N ARG E 4 -31.80 -21.54 16.05
CA ARG E 4 -31.56 -22.50 17.12
C ARG E 4 -30.33 -22.06 17.90
N PHE E 5 -30.40 -22.11 19.23
CA PHE E 5 -29.21 -21.75 19.99
C PHE E 5 -29.16 -22.62 21.24
N VAL E 6 -28.22 -22.30 22.13
CA VAL E 6 -27.95 -23.12 23.32
C VAL E 6 -27.81 -22.22 24.53
N ILE E 7 -28.44 -22.62 25.64
CA ILE E 7 -28.46 -21.82 26.86
C ILE E 7 -28.07 -22.70 28.05
N ALA E 8 -27.36 -22.10 29.00
CA ALA E 8 -26.87 -22.82 30.18
C ALA E 8 -27.33 -22.09 31.43
N ASP E 9 -28.26 -22.69 32.16
CA ASP E 9 -28.66 -22.13 33.44
C ASP E 9 -27.53 -22.35 34.45
N PRO E 10 -27.13 -21.33 35.19
CA PRO E 10 -25.97 -21.45 36.09
C PRO E 10 -26.24 -22.29 37.34
N LYS E 11 -27.41 -22.90 37.47
CA LYS E 11 -27.71 -23.67 38.67
C LYS E 11 -26.91 -24.96 38.75
N ARG E 12 -26.56 -25.55 37.60
CA ARG E 12 -25.93 -26.86 37.57
C ARG E 12 -24.66 -26.84 36.72
N CYS E 13 -23.84 -25.80 36.87
CA CYS E 13 -22.57 -25.71 36.16
C CYS E 13 -21.44 -25.67 37.18
N LEU E 14 -20.65 -26.75 37.21
CA LEU E 14 -19.56 -26.88 38.17
C LEU E 14 -18.29 -26.16 37.74
N GLY E 15 -18.24 -25.64 36.53
CA GLY E 15 -16.99 -25.11 36.00
C GLY E 15 -15.95 -26.18 35.78
N CYS E 16 -16.36 -27.35 35.31
CA CYS E 16 -15.49 -28.51 35.20
C CYS E 16 -14.69 -28.54 33.90
N TYR E 17 -14.89 -27.57 33.00
CA TYR E 17 -14.12 -27.38 31.78
C TYR E 17 -14.24 -28.55 30.81
N THR E 18 -15.30 -29.35 30.88
CA THR E 18 -15.45 -30.47 29.97
C THR E 18 -16.06 -30.03 28.64
N CYS E 19 -17.09 -29.20 28.70
CA CYS E 19 -17.74 -28.71 27.49
C CYS E 19 -16.77 -27.88 26.65
N ILE E 20 -15.95 -27.05 27.31
CA ILE E 20 -14.98 -26.22 26.60
C ILE E 20 -13.96 -27.08 25.85
N ALA E 21 -13.39 -28.07 26.53
CA ALA E 21 -12.42 -28.95 25.89
C ALA E 21 -13.03 -29.78 24.79
N ALA E 22 -14.25 -30.28 25.00
CA ALA E 22 -14.92 -31.03 23.93
C ALA E 22 -15.17 -30.17 22.71
N CYS E 23 -15.62 -28.93 22.92
CA CYS E 23 -15.84 -28.02 21.80
C CYS E 23 -14.55 -27.70 21.07
N ALA E 24 -13.44 -27.58 21.79
CA ALA E 24 -12.16 -27.35 21.13
C ALA E 24 -11.71 -28.57 20.32
N PHE E 25 -11.78 -29.75 20.92
CA PHE E 25 -11.18 -30.93 20.30
C PHE E 25 -12.02 -31.47 19.15
N VAL E 26 -13.35 -31.34 19.21
CA VAL E 26 -14.18 -31.74 18.09
C VAL E 26 -13.85 -30.90 16.86
N HIS E 27 -13.73 -29.58 17.06
CA HIS E 27 -13.37 -28.70 15.96
C HIS E 27 -11.95 -28.93 15.49
N GLU E 28 -11.05 -29.37 16.38
CA GLU E 28 -9.70 -29.70 15.97
C GLU E 28 -9.67 -30.94 15.08
N GLU E 29 -10.35 -32.01 15.52
CA GLU E 29 -10.34 -33.25 14.75
C GLU E 29 -11.16 -33.14 13.46
N GLN E 30 -12.08 -32.18 13.38
CA GLN E 30 -12.79 -31.96 12.12
C GLN E 30 -11.88 -31.34 11.07
N GLY E 31 -11.00 -30.43 11.46
CA GLY E 31 -10.12 -29.77 10.52
C GLY E 31 -10.20 -28.25 10.58
N LEU E 32 -10.99 -27.75 11.53
CA LEU E 32 -11.15 -26.32 11.75
C LEU E 32 -10.20 -25.88 12.86
N GLN E 33 -10.36 -24.65 13.32
CA GLN E 33 -9.48 -24.11 14.36
C GLN E 33 -9.67 -24.89 15.66
N PRO E 34 -8.59 -25.24 16.35
CA PRO E 34 -8.70 -25.99 17.60
C PRO E 34 -9.09 -25.17 18.82
N PHE E 35 -9.58 -23.96 18.64
CA PHE E 35 -9.84 -23.17 19.85
C PHE E 35 -11.31 -23.24 20.24
N PRO E 36 -11.59 -23.24 21.54
CA PRO E 36 -12.98 -23.34 21.99
C PRO E 36 -13.76 -22.08 21.65
N ARG E 37 -15.08 -22.26 21.50
CA ARG E 37 -16.00 -21.20 21.12
C ARG E 37 -17.11 -21.08 22.16
N LEU E 38 -16.74 -21.25 23.43
CA LEU E 38 -17.67 -21.21 24.55
C LEU E 38 -16.86 -20.83 25.78
N TYR E 39 -17.09 -19.64 26.31
CA TYR E 39 -16.18 -19.03 27.28
C TYR E 39 -16.77 -19.09 28.69
N LEU E 40 -15.98 -19.58 29.64
CA LEU E 40 -16.39 -19.65 31.03
C LEU E 40 -16.02 -18.34 31.72
N THR E 41 -17.00 -17.72 32.38
CA THR E 41 -16.82 -16.44 33.03
C THR E 41 -17.11 -16.56 34.51
N TYR E 42 -16.23 -16.00 35.34
CA TYR E 42 -16.42 -15.97 36.77
C TYR E 42 -16.93 -14.59 37.20
N THR E 43 -18.00 -14.59 38.01
CA THR E 43 -18.58 -13.35 38.49
C THR E 43 -18.61 -13.30 40.00
N SER E 44 -19.25 -12.27 40.56
CA SER E 44 -19.40 -12.18 42.01
C SER E 44 -20.45 -13.14 42.53
N GLU E 45 -21.47 -13.45 41.73
CA GLU E 45 -22.55 -14.37 42.13
C GLU E 45 -22.87 -15.34 40.98
N GLY E 46 -22.13 -16.44 40.94
CA GLY E 46 -22.41 -17.52 40.01
C GLY E 46 -21.40 -17.58 38.87
N ILE E 47 -21.30 -18.76 38.27
CA ILE E 47 -20.45 -19.02 37.11
C ILE E 47 -21.32 -19.60 36.00
N MET E 48 -21.26 -18.99 34.83
CA MET E 48 -22.06 -19.44 33.71
C MET E 48 -21.23 -19.40 32.42
N PRO E 49 -21.24 -20.45 31.62
CA PRO E 49 -20.63 -20.36 30.29
C PRO E 49 -21.46 -19.45 29.38
N ILE E 50 -20.75 -18.75 28.50
CA ILE E 50 -21.36 -17.80 27.57
C ILE E 50 -20.92 -18.16 26.17
N GLN E 51 -21.89 -18.25 25.26
CA GLN E 51 -21.64 -18.58 23.86
C GLN E 51 -22.46 -17.62 23.00
N CYS E 52 -22.53 -17.92 21.71
CA CYS E 52 -23.16 -17.04 20.74
C CYS E 52 -24.65 -17.34 20.67
N ARG E 53 -25.44 -16.59 21.43
CA ARG E 53 -26.88 -16.59 21.24
C ARG E 53 -27.18 -16.05 19.85
N HIS E 54 -27.71 -16.91 18.98
CA HIS E 54 -27.74 -16.59 17.56
C HIS E 54 -28.73 -15.48 17.26
N CYS E 55 -28.22 -14.26 17.22
CA CYS E 55 -29.04 -13.07 17.03
C CYS E 55 -29.69 -13.12 15.65
N GLU E 56 -30.98 -12.82 15.59
CA GLU E 56 -31.71 -12.89 14.34
C GLU E 56 -31.40 -11.72 13.40
N ASP E 57 -30.78 -10.65 13.91
CA ASP E 57 -30.23 -9.60 13.07
C ASP E 57 -28.71 -9.54 13.11
N ALA E 58 -28.08 -10.35 13.97
CA ALA E 58 -26.66 -10.62 14.11
C ALA E 58 -25.79 -9.52 14.74
N PRO E 59 -26.12 -8.21 14.62
CA PRO E 59 -25.08 -7.17 14.62
C PRO E 59 -23.65 -7.54 14.21
N CYS E 60 -23.48 -8.55 13.36
CA CYS E 60 -22.16 -9.02 12.95
C CYS E 60 -21.96 -8.95 11.45
N ALA E 61 -22.94 -9.42 10.68
CA ALA E 61 -22.85 -9.34 9.23
C ALA E 61 -23.06 -7.93 8.71
N GLU E 62 -23.49 -7.00 9.56
CA GLU E 62 -23.63 -5.61 9.17
C GLU E 62 -22.34 -4.81 9.32
N VAL E 63 -21.32 -5.38 9.97
CA VAL E 63 -20.04 -4.69 10.13
C VAL E 63 -18.91 -5.39 9.40
N CYS E 64 -19.12 -6.60 8.89
CA CYS E 64 -18.06 -7.31 8.19
C CYS E 64 -17.86 -6.71 6.80
N PRO E 65 -16.67 -6.20 6.48
CA PRO E 65 -16.48 -5.58 5.16
C PRO E 65 -16.31 -6.56 4.03
N VAL E 66 -15.84 -7.78 4.31
CA VAL E 66 -15.60 -8.79 3.28
C VAL E 66 -16.83 -9.68 3.09
N GLU E 67 -17.87 -9.51 3.92
CA GLU E 67 -19.08 -10.32 3.90
C GLU E 67 -18.76 -11.80 4.12
N ALA E 68 -18.13 -12.07 5.26
CA ALA E 68 -17.80 -13.44 5.66
C ALA E 68 -18.89 -14.09 6.50
N ILE E 69 -19.56 -13.32 7.35
CA ILE E 69 -20.57 -13.86 8.26
C ILE E 69 -21.91 -13.92 7.53
N LYS E 70 -22.54 -15.09 7.55
CA LYS E 70 -23.81 -15.24 6.84
C LYS E 70 -24.68 -16.26 7.55
N LYS E 71 -25.98 -16.17 7.30
CA LYS E 71 -26.95 -17.08 7.91
C LYS E 71 -27.11 -18.33 7.05
N GLU E 72 -26.82 -19.49 7.63
CA GLU E 72 -26.95 -20.75 6.93
C GLU E 72 -27.77 -21.71 7.79
N GLY E 73 -28.71 -22.42 7.15
CA GLY E 73 -29.60 -23.30 7.88
C GLY E 73 -30.45 -22.55 8.86
N ASN E 74 -30.14 -22.70 10.15
CA ASN E 74 -30.78 -21.92 11.20
C ASN E 74 -29.75 -21.33 12.14
N ALA E 75 -28.57 -21.00 11.63
CA ALA E 75 -27.49 -20.50 12.48
C ALA E 75 -26.71 -19.43 11.74
N ILE E 76 -25.81 -18.77 12.48
CA ILE E 76 -24.92 -17.75 11.94
C ILE E 76 -23.54 -18.38 11.78
N ILE E 77 -23.02 -18.38 10.56
CA ILE E 77 -21.80 -19.09 10.21
C ILE E 77 -20.72 -18.07 9.86
N ILE E 78 -19.51 -18.32 10.36
CA ILE E 78 -18.41 -17.38 10.25
C ILE E 78 -17.76 -17.40 8.86
N ASP E 79 -17.74 -18.56 8.19
CA ASP E 79 -17.03 -18.75 6.91
C ASP E 79 -15.59 -18.29 7.02
N GLU E 80 -14.83 -19.05 7.82
CA GLU E 80 -13.48 -18.69 8.23
C GLU E 80 -12.54 -18.41 7.05
N LYS E 81 -12.80 -19.05 5.90
CA LYS E 81 -11.87 -18.94 4.77
C LYS E 81 -11.76 -17.51 4.26
N ALA E 82 -12.85 -16.76 4.28
CA ALA E 82 -12.85 -15.38 3.77
C ALA E 82 -12.57 -14.34 4.84
N CYS E 83 -12.46 -14.73 6.11
CA CYS E 83 -12.23 -13.77 7.17
C CYS E 83 -10.78 -13.26 7.14
N ILE E 84 -10.61 -11.97 7.37
CA ILE E 84 -9.31 -11.33 7.22
C ILE E 84 -8.69 -10.88 8.54
N GLY E 85 -9.48 -10.75 9.60
CA GLY E 85 -8.95 -10.33 10.88
C GLY E 85 -9.25 -8.90 11.29
N CYS E 86 -10.07 -8.18 10.52
CA CYS E 86 -10.47 -6.82 10.89
C CYS E 86 -11.33 -6.88 12.13
N LYS E 87 -10.76 -6.51 13.29
CA LYS E 87 -11.47 -6.70 14.55
C LYS E 87 -12.62 -5.72 14.70
N THR E 88 -13.63 -5.87 13.85
CA THR E 88 -14.82 -5.03 13.85
C THR E 88 -16.03 -5.72 14.47
N CYS E 89 -16.20 -7.02 14.22
CA CYS E 89 -17.26 -7.78 14.86
C CYS E 89 -17.03 -7.94 16.36
N LEU E 90 -15.78 -7.82 16.82
CA LEU E 90 -15.51 -7.87 18.25
C LEU E 90 -16.02 -6.62 18.94
N LEU E 91 -16.13 -5.50 18.22
CA LEU E 91 -16.70 -4.29 18.79
C LEU E 91 -18.22 -4.36 18.90
N ALA E 92 -18.87 -5.02 17.93
CA ALA E 92 -20.33 -4.96 17.80
C ALA E 92 -21.04 -6.15 18.44
N CYS E 93 -20.32 -7.06 19.09
CA CYS E 93 -20.96 -8.16 19.80
C CYS E 93 -21.24 -7.73 21.23
N SER E 94 -22.51 -7.75 21.61
CA SER E 94 -22.90 -7.26 22.93
C SER E 94 -22.43 -8.21 24.03
N PHE E 95 -22.63 -9.51 23.86
CA PHE E 95 -22.25 -10.49 24.87
C PHE E 95 -20.78 -10.88 24.81
N GLY E 96 -20.07 -10.50 23.75
CA GLY E 96 -18.69 -10.89 23.60
C GLY E 96 -18.56 -12.38 23.34
N ALA E 97 -19.12 -12.83 22.22
CA ALA E 97 -19.11 -14.23 21.86
C ALA E 97 -18.06 -14.58 20.81
N ILE E 98 -17.25 -13.62 20.39
CA ILE E 98 -16.23 -13.84 19.36
C ILE E 98 -14.86 -13.61 19.97
N ASP E 99 -13.98 -14.60 19.83
CA ASP E 99 -12.57 -14.46 20.17
C ASP E 99 -11.75 -14.87 18.97
N PHE E 100 -10.48 -14.48 18.98
CA PHE E 100 -9.61 -14.68 17.83
C PHE E 100 -8.57 -15.76 18.10
N SER E 101 -8.22 -16.48 17.04
CA SER E 101 -7.40 -17.69 17.13
C SER E 101 -5.94 -17.31 17.40
N VAL E 102 -5.65 -17.03 18.67
CA VAL E 102 -4.31 -16.65 19.13
C VAL E 102 -4.01 -17.43 20.39
N GLN E 103 -2.76 -17.88 20.53
CA GLN E 103 -2.37 -18.71 21.67
C GLN E 103 -2.55 -17.97 23.00
N ASP E 104 -2.32 -16.66 23.01
CA ASP E 104 -2.45 -15.90 24.25
C ASP E 104 -3.89 -15.69 24.68
N SER E 105 -4.86 -16.03 23.83
CA SER E 105 -6.27 -15.88 24.20
C SER E 105 -6.75 -16.91 25.20
N LEU E 106 -5.93 -17.93 25.51
CA LEU E 106 -6.31 -18.98 26.43
C LEU E 106 -5.95 -18.57 27.86
N GLU E 107 -6.94 -18.62 28.75
CA GLU E 107 -6.69 -18.38 30.16
C GLU E 107 -6.06 -19.62 30.79
N GLN E 108 -5.33 -19.40 31.88
CA GLN E 108 -4.62 -20.48 32.54
C GLN E 108 -5.62 -21.37 33.29
N SER E 109 -5.68 -22.64 32.89
CA SER E 109 -6.63 -23.59 33.46
C SER E 109 -6.15 -25.00 33.10
N ILE E 110 -7.00 -26.00 33.36
CA ILE E 110 -6.65 -27.38 33.03
C ILE E 110 -6.57 -27.56 31.52
N PHE E 111 -7.44 -26.88 30.78
CA PHE E 111 -7.46 -27.02 29.33
C PHE E 111 -6.15 -26.55 28.70
N LYS E 112 -5.57 -25.48 29.22
CA LYS E 112 -4.27 -25.03 28.73
C LYS E 112 -3.20 -26.09 28.98
N ASP E 113 -3.22 -26.72 30.15
CA ASP E 113 -2.24 -27.76 30.44
C ASP E 113 -2.41 -28.95 29.50
N ILE E 114 -3.66 -29.33 29.22
CA ILE E 114 -3.91 -30.43 28.29
C ILE E 114 -3.39 -30.08 26.90
N LYS E 115 -3.67 -28.86 26.44
CA LYS E 115 -3.27 -28.48 25.08
C LYS E 115 -1.78 -28.23 24.96
N GLU E 116 -1.07 -27.96 26.07
CA GLU E 116 0.38 -27.84 25.96
C GLU E 116 1.09 -29.17 26.16
N ASN E 117 0.51 -30.11 26.89
CA ASN E 117 1.07 -31.44 26.98
C ASN E 117 0.71 -32.30 25.77
N LEU E 118 -0.27 -31.88 24.97
CA LEU E 118 -0.57 -32.60 23.74
C LEU E 118 0.50 -32.34 22.68
N MET E 119 0.68 -31.09 22.27
CA MET E 119 1.65 -30.75 21.24
C MET E 119 3.05 -30.70 21.82
N ARG E 127 -2.18 -19.21 11.05
CA ARG E 127 -3.32 -18.35 10.77
C ARG E 127 -3.93 -17.80 12.06
N ILE E 128 -4.38 -16.55 12.00
CA ILE E 128 -5.14 -15.93 13.08
C ILE E 128 -6.45 -15.45 12.50
N VAL E 129 -7.57 -15.88 13.09
CA VAL E 129 -8.88 -15.68 12.50
C VAL E 129 -9.92 -15.71 13.61
N ALA E 130 -11.09 -15.13 13.34
CA ALA E 130 -12.17 -15.03 14.31
C ALA E 130 -12.98 -16.32 14.31
N VAL E 131 -13.19 -16.89 15.49
CA VAL E 131 -13.91 -18.15 15.65
C VAL E 131 -15.18 -17.88 16.46
N LYS E 132 -16.28 -18.51 16.03
CA LYS E 132 -17.57 -18.34 16.65
C LYS E 132 -18.29 -19.68 16.68
N CYS E 133 -19.17 -19.86 17.67
CA CYS E 133 -19.98 -21.07 17.76
C CYS E 133 -20.80 -21.26 16.49
N ASP E 134 -20.51 -22.33 15.77
CA ASP E 134 -21.24 -22.68 14.55
C ASP E 134 -22.30 -23.74 14.80
N LEU E 135 -22.59 -24.05 16.06
CA LEU E 135 -23.65 -24.95 16.51
C LEU E 135 -23.40 -26.39 16.09
N CYS E 136 -22.18 -26.72 15.64
CA CYS E 136 -21.80 -28.08 15.24
C CYS E 136 -22.74 -28.64 14.19
N ASN E 137 -23.00 -27.86 13.15
CA ASN E 137 -23.90 -28.30 12.09
C ASN E 137 -23.29 -29.37 11.20
N PHE E 138 -21.97 -29.55 11.23
CA PHE E 138 -21.29 -30.55 10.42
C PHE E 138 -21.38 -31.96 11.00
N ARG E 139 -21.86 -32.10 12.23
CA ARG E 139 -21.87 -33.37 12.93
C ARG E 139 -23.30 -33.89 12.99
N GLU E 140 -23.49 -35.17 12.68
CA GLU E 140 -24.82 -35.76 12.66
C GLU E 140 -25.44 -35.79 14.06
N GLU E 141 -24.61 -35.93 15.09
CA GLU E 141 -25.09 -35.79 16.46
C GLU E 141 -25.40 -34.32 16.74
N GLY E 142 -25.94 -34.06 17.93
CA GLY E 142 -26.22 -32.71 18.34
C GLY E 142 -24.95 -31.93 18.67
N PRO E 143 -25.10 -30.79 19.32
CA PRO E 143 -23.93 -30.03 19.78
C PRO E 143 -23.09 -30.86 20.75
N ALA E 144 -21.78 -30.71 20.65
CA ALA E 144 -20.89 -31.44 21.54
C ALA E 144 -20.95 -30.92 22.97
N CYS E 145 -21.14 -29.61 23.14
CA CYS E 145 -21.17 -29.01 24.47
C CYS E 145 -22.35 -29.53 25.29
N VAL E 146 -23.51 -29.66 24.66
CA VAL E 146 -24.70 -30.12 25.38
C VAL E 146 -24.63 -31.63 25.64
N GLN E 147 -23.79 -32.35 24.93
CA GLN E 147 -23.76 -33.81 25.00
C GLN E 147 -22.73 -34.36 25.98
N PHE E 148 -21.62 -33.66 26.19
CA PHE E 148 -20.55 -34.14 27.06
C PHE E 148 -20.63 -33.58 28.48
N CYS E 149 -21.65 -32.78 28.78
CA CYS E 149 -21.69 -32.10 30.08
C CYS E 149 -22.02 -33.08 31.19
N PRO E 150 -21.25 -33.13 32.28
CA PRO E 150 -21.53 -34.08 33.36
C PRO E 150 -22.87 -33.87 34.04
N THR E 151 -23.34 -32.63 34.16
CA THR E 151 -24.60 -32.36 34.85
C THR E 151 -25.71 -31.92 33.91
N LYS E 152 -25.48 -31.96 32.59
CA LYS E 152 -26.46 -31.56 31.59
C LYS E 152 -26.95 -30.13 31.82
N ALA E 153 -26.02 -29.22 32.10
CA ALA E 153 -26.37 -27.83 32.33
C ALA E 153 -26.86 -27.16 31.05
N LEU E 154 -26.12 -27.32 29.96
CA LEU E 154 -26.53 -26.70 28.71
C LEU E 154 -27.74 -27.42 28.12
N LYS E 155 -28.51 -26.68 27.34
CA LYS E 155 -29.63 -27.27 26.62
C LYS E 155 -29.86 -26.49 25.33
N LEU E 156 -30.22 -27.22 24.28
CA LEU E 156 -30.43 -26.62 22.97
C LEU E 156 -31.90 -26.26 22.79
N VAL E 157 -32.15 -25.01 22.44
CA VAL E 157 -33.50 -24.51 22.22
C VAL E 157 -33.70 -24.29 20.73
N ASP E 158 -34.83 -24.80 20.23
CA ASP E 158 -35.20 -24.83 18.83
C ASP E 158 -36.13 -23.65 18.52
N GLY E 159 -36.77 -23.70 17.36
CA GLY E 159 -37.82 -22.74 17.08
C GLY E 159 -39.14 -23.11 17.74
N ASP E 160 -39.35 -24.40 18.00
CA ASP E 160 -40.62 -24.86 18.55
C ASP E 160 -40.60 -24.96 20.08
N GLU E 161 -39.43 -25.20 20.67
CA GLU E 161 -39.35 -25.27 22.12
C GLU E 161 -39.66 -23.93 22.77
N ILE E 162 -39.29 -22.83 22.12
CA ILE E 162 -39.64 -21.50 22.62
C ILE E 162 -41.15 -21.33 22.66
N ASN E 163 -41.83 -21.73 21.58
CA ASN E 163 -43.28 -21.64 21.55
C ASN E 163 -43.93 -22.52 22.62
N LYS E 164 -43.39 -23.73 22.81
CA LYS E 164 -43.94 -24.61 23.83
C LYS E 164 -43.77 -24.02 25.22
N MET E 165 -42.59 -23.47 25.52
CA MET E 165 -42.36 -22.86 26.82
C MET E 165 -43.24 -21.65 27.05
N VAL E 166 -43.40 -20.81 26.02
CA VAL E 166 -44.25 -19.64 26.13
C VAL E 166 -45.70 -20.04 26.41
N LYS E 167 -46.19 -21.04 25.67
CA LYS E 167 -47.56 -21.50 25.87
C LYS E 167 -47.74 -22.11 27.25
N ASN E 168 -46.74 -22.86 27.73
CA ASN E 168 -46.84 -23.47 29.05
C ASN E 168 -46.90 -22.42 30.15
N LYS E 169 -46.02 -21.41 30.08
CA LYS E 169 -46.03 -20.35 31.09
C LYS E 169 -47.33 -19.57 31.05
N ARG E 170 -47.81 -19.28 29.84
CA ARG E 170 -49.05 -18.52 29.68
C ARG E 170 -50.25 -19.28 30.24
N THR E 171 -50.34 -20.58 29.93
CA THR E 171 -51.43 -21.40 30.43
C THR E 171 -51.38 -21.53 31.95
N VAL E 172 -50.17 -21.71 32.51
CA VAL E 172 -50.04 -21.82 33.96
C VAL E 172 -50.49 -20.53 34.64
N ASN E 173 -50.08 -19.38 34.09
CA ASN E 173 -50.48 -18.11 34.68
C ASN E 173 -52.00 -17.92 34.63
N VAL E 174 -52.60 -18.23 33.48
CA VAL E 174 -54.05 -18.05 33.33
C VAL E 174 -54.81 -18.98 34.27
N GLU E 175 -54.38 -20.25 34.35
CA GLU E 175 -55.07 -21.20 35.22
C GLU E 175 -54.93 -20.83 36.69
N SER E 176 -53.75 -20.35 37.10
CA SER E 176 -53.57 -19.93 38.49
C SER E 176 -54.45 -18.74 38.82
N LEU E 177 -54.49 -17.74 37.92
CA LEU E 177 -55.32 -16.57 38.16
C LEU E 177 -56.80 -16.94 38.22
N LEU E 178 -57.23 -17.86 37.36
CA LEU E 178 -58.61 -18.33 37.40
C LEU E 178 -58.93 -19.08 38.69
N SER E 179 -58.02 -19.96 39.11
CA SER E 179 -58.31 -20.84 40.24
C SER E 179 -58.30 -20.08 41.55
N VAL E 180 -57.38 -19.13 41.72
CA VAL E 180 -57.23 -18.50 43.03
C VAL E 180 -58.24 -17.37 43.21
N TYR E 181 -58.18 -16.35 42.36
CA TYR E 181 -59.06 -15.20 42.50
C TYR E 181 -59.12 -14.47 41.17
N GLY E 182 -60.33 -14.26 40.66
CA GLY E 182 -60.54 -13.59 39.39
C GLY E 182 -60.10 -12.14 39.39
N THR F 21 3.04 -14.41 20.74
CA THR F 21 2.14 -13.75 19.81
C THR F 21 0.80 -13.47 20.47
N GLN F 22 0.36 -12.21 20.42
CA GLN F 22 -0.89 -11.80 21.02
C GLN F 22 -1.56 -10.76 20.13
N LEU F 23 -2.79 -10.40 20.49
CA LEU F 23 -3.58 -9.50 19.66
C LEU F 23 -2.97 -8.10 19.62
N ASN F 24 -3.07 -7.45 18.47
CA ASN F 24 -2.51 -6.11 18.41
C ASN F 24 -3.59 -5.06 18.69
N PRO F 25 -3.25 -3.98 19.39
CA PRO F 25 -4.24 -2.93 19.64
C PRO F 25 -4.48 -2.08 18.40
N PHE F 26 -5.61 -1.37 18.42
CA PHE F 26 -5.95 -0.46 17.34
C PHE F 26 -6.87 0.62 17.90
N VAL F 27 -6.64 1.87 17.49
CA VAL F 27 -7.45 2.98 17.97
C VAL F 27 -8.79 2.97 17.24
N VAL F 28 -9.85 3.31 17.98
CA VAL F 28 -11.20 3.34 17.44
C VAL F 28 -11.86 4.65 17.86
N ALA F 29 -12.75 5.13 17.01
CA ALA F 29 -13.42 6.41 17.24
C ALA F 29 -14.66 6.19 18.11
N ASN F 30 -15.46 7.24 18.24
CA ASN F 30 -16.72 7.17 18.98
C ASN F 30 -17.64 8.21 18.37
N PRO F 31 -18.59 7.79 17.53
CA PRO F 31 -19.41 8.78 16.79
C PRO F 31 -20.32 9.61 17.67
N ALA F 32 -20.59 9.20 18.90
CA ALA F 32 -21.47 9.98 19.77
C ALA F 32 -20.78 11.24 20.30
N LYS F 33 -19.46 11.20 20.48
CA LYS F 33 -18.72 12.31 21.08
C LYS F 33 -17.72 12.93 20.10
N CYS F 34 -17.97 12.85 18.80
CA CYS F 34 -17.11 13.48 17.82
C CYS F 34 -17.85 14.64 17.15
N ILE F 35 -17.13 15.73 16.90
CA ILE F 35 -17.74 16.92 16.32
C ILE F 35 -17.26 17.20 14.91
N GLY F 36 -15.98 16.96 14.61
CA GLY F 36 -15.42 17.30 13.31
C GLY F 36 -14.53 18.53 13.39
N CYS F 37 -13.72 18.60 14.45
CA CYS F 37 -12.85 19.73 14.68
C CYS F 37 -11.49 19.58 14.02
N LYS F 38 -11.12 18.38 13.58
CA LYS F 38 -9.87 18.12 12.86
C LYS F 38 -8.64 18.49 13.69
N ALA F 39 -8.78 18.43 15.01
CA ALA F 39 -7.67 18.73 15.90
C ALA F 39 -6.89 17.50 16.31
N CYS F 40 -7.29 16.32 15.84
CA CYS F 40 -6.56 15.09 16.09
C CYS F 40 -5.60 14.74 14.97
N GLU F 41 -5.87 15.22 13.75
CA GLU F 41 -4.95 14.98 12.65
C GLU F 41 -3.70 15.86 12.76
N VAL F 42 -3.88 17.11 13.18
CA VAL F 42 -2.76 18.05 13.25
C VAL F 42 -1.72 17.59 14.25
N ALA F 43 -2.17 17.02 15.38
CA ALA F 43 -1.23 16.47 16.35
C ALA F 43 -0.41 15.33 15.76
N CYS F 44 -1.07 14.46 14.98
CA CYS F 44 -0.37 13.35 14.34
C CYS F 44 0.67 13.86 13.35
N PHE F 45 0.29 14.84 12.52
CA PHE F 45 1.22 15.39 11.55
C PHE F 45 2.39 16.07 12.24
N ALA F 46 2.14 16.75 13.35
CA ALA F 46 3.22 17.44 14.06
C ALA F 46 4.12 16.48 14.80
N VAL F 47 3.60 15.32 15.23
CA VAL F 47 4.45 14.42 15.99
C VAL F 47 5.24 13.48 15.08
N HIS F 48 4.75 13.20 13.87
CA HIS F 48 5.51 12.32 12.98
C HIS F 48 6.64 13.03 12.25
N ASN F 49 6.53 14.33 12.01
CA ASN F 49 7.45 15.04 11.13
C ASN F 49 8.47 15.87 11.90
N ARG F 50 8.98 15.32 13.00
CA ARG F 50 9.99 16.03 13.79
C ARG F 50 11.30 16.24 13.04
N ASN F 51 11.56 15.48 11.99
CA ASN F 51 12.77 15.65 11.20
C ASN F 51 12.63 16.69 10.10
N ASN F 52 11.44 17.25 9.90
CA ASN F 52 11.20 18.28 8.90
C ASN F 52 11.08 19.66 9.52
N HIS F 53 11.75 19.88 10.65
CA HIS F 53 11.83 21.18 11.32
C HIS F 53 10.46 21.71 11.71
N VAL F 54 9.79 21.00 12.62
CA VAL F 54 8.56 21.45 13.24
C VAL F 54 8.85 21.75 14.71
N GLY F 55 8.31 22.85 15.20
CA GLY F 55 8.55 23.26 16.57
C GLY F 55 7.29 23.55 17.34
N ALA F 56 6.23 22.79 17.04
CA ALA F 56 4.92 22.95 17.65
C ALA F 56 4.42 24.39 17.49
N THR F 57 4.64 24.95 16.30
CA THR F 57 4.28 26.33 16.02
C THR F 57 4.01 26.48 14.54
N VAL F 58 2.83 26.98 14.19
CA VAL F 58 2.52 27.29 12.80
C VAL F 58 3.41 28.43 12.34
N GLY F 59 4.05 28.25 11.19
CA GLY F 59 5.08 29.15 10.69
C GLY F 59 6.42 28.46 10.52
N THR F 60 6.77 27.54 11.40
CA THR F 60 7.90 26.66 11.19
C THR F 60 7.57 25.50 10.25
N VAL F 61 6.29 25.27 9.98
CA VAL F 61 5.86 24.22 9.06
C VAL F 61 6.07 24.73 7.63
N SER F 62 7.09 24.21 6.95
CA SER F 62 7.40 24.59 5.58
C SER F 62 7.02 23.50 4.58
N ILE F 63 6.26 22.50 5.00
CA ILE F 63 5.92 21.37 4.14
C ILE F 63 4.40 21.27 4.12
N PRO F 64 3.84 20.67 3.06
CA PRO F 64 2.40 20.37 3.08
C PRO F 64 2.07 19.37 4.17
N VAL F 65 0.83 19.43 4.62
CA VAL F 65 0.37 18.65 5.76
C VAL F 65 -0.18 17.30 5.29
N ILE F 66 0.25 16.23 5.96
CA ILE F 66 -0.21 14.88 5.66
C ILE F 66 -0.56 14.17 6.97
N PRO F 67 -1.83 13.94 7.27
CA PRO F 67 -2.19 13.16 8.45
C PRO F 67 -2.26 11.67 8.12
N ARG F 68 -2.54 10.87 9.15
CA ARG F 68 -2.66 9.43 8.98
C ARG F 68 -4.08 8.92 9.13
N LEU F 69 -4.86 9.46 10.07
CA LEU F 69 -6.27 9.15 10.17
C LEU F 69 -7.06 10.17 9.35
N HIS F 70 -8.18 9.73 8.78
CA HIS F 70 -8.96 10.58 7.90
C HIS F 70 -10.37 10.74 8.45
N LEU F 71 -10.83 11.98 8.55
CA LEU F 71 -12.17 12.28 9.04
C LEU F 71 -13.16 12.21 7.90
N ILE F 72 -14.27 11.50 8.12
CA ILE F 72 -15.33 11.38 7.13
C ILE F 72 -16.65 11.77 7.78
N LYS F 73 -17.44 12.56 7.07
CA LYS F 73 -18.71 13.09 7.55
C LYS F 73 -19.81 12.67 6.59
N THR F 74 -20.91 12.14 7.14
CA THR F 74 -22.06 11.73 6.34
C THR F 74 -23.31 12.20 7.07
N GLU F 75 -24.47 11.70 6.63
CA GLU F 75 -25.73 12.14 7.21
C GLU F 75 -25.84 11.78 8.69
N HIS F 76 -25.36 10.61 9.07
CA HIS F 76 -25.45 10.16 10.46
C HIS F 76 -24.20 10.55 11.26
N GLY F 77 -23.79 11.80 11.17
CA GLY F 77 -22.65 12.28 11.92
C GLY F 77 -21.33 12.12 11.20
N THR F 78 -20.26 12.33 11.96
CA THR F 78 -18.91 12.27 11.43
C THR F 78 -18.02 11.50 12.39
N MET F 79 -16.96 10.91 11.84
CA MET F 79 -15.99 10.18 12.65
C MET F 79 -14.71 10.05 11.86
N PRO F 80 -13.57 9.85 12.54
CA PRO F 80 -12.34 9.50 11.83
C PRO F 80 -12.18 7.99 11.70
N ILE F 81 -11.52 7.59 10.62
CA ILE F 81 -11.19 6.20 10.38
C ILE F 81 -9.71 6.09 10.03
N GLN F 82 -9.13 4.97 10.45
CA GLN F 82 -7.70 4.72 10.26
C GLN F 82 -7.49 3.22 10.21
N CYS F 83 -6.22 2.80 10.21
CA CYS F 83 -5.89 1.39 10.08
C CYS F 83 -6.31 0.62 11.34
N ARG F 84 -6.96 -0.52 11.14
CA ARG F 84 -7.40 -1.38 12.23
C ARG F 84 -6.36 -2.42 12.61
N HIS F 85 -5.23 -2.47 11.91
CA HIS F 85 -4.09 -3.34 12.21
C HIS F 85 -4.51 -4.82 12.20
N CYS F 86 -4.94 -5.27 11.03
CA CYS F 86 -5.40 -6.64 10.86
C CYS F 86 -4.25 -7.62 11.09
N GLU F 87 -4.60 -8.81 11.57
CA GLU F 87 -3.58 -9.85 11.76
C GLU F 87 -3.23 -10.51 10.43
N ASP F 88 -4.22 -11.12 9.78
CA ASP F 88 -4.04 -11.62 8.41
C ASP F 88 -4.30 -10.47 7.44
N ALA F 89 -3.37 -9.53 7.45
CA ALA F 89 -3.55 -8.27 6.74
C ALA F 89 -3.48 -8.49 5.24
N PRO F 90 -4.51 -8.12 4.47
CA PRO F 90 -4.40 -8.19 3.01
C PRO F 90 -3.30 -7.32 2.44
N CYS F 91 -3.07 -6.14 3.02
CA CYS F 91 -2.07 -5.22 2.49
C CYS F 91 -0.68 -5.81 2.58
N ALA F 92 -0.37 -6.50 3.68
CA ALA F 92 0.94 -7.13 3.82
C ALA F 92 1.12 -8.26 2.82
N ASN F 93 0.05 -9.00 2.54
CA ASN F 93 0.18 -10.15 1.66
C ASN F 93 0.32 -9.74 0.20
N VAL F 94 -0.44 -8.74 -0.25
CA VAL F 94 -0.39 -8.38 -1.66
C VAL F 94 0.90 -7.64 -2.01
N CYS F 95 1.57 -7.04 -1.03
CA CYS F 95 2.78 -6.26 -1.30
C CYS F 95 3.90 -7.20 -1.74
N THR F 96 4.19 -7.21 -3.04
CA THR F 96 5.20 -8.12 -3.58
C THR F 96 6.60 -7.69 -3.20
N VAL F 97 6.85 -6.37 -3.16
CA VAL F 97 8.19 -5.88 -2.84
C VAL F 97 8.56 -6.20 -1.40
N GLY F 98 7.59 -6.18 -0.49
CA GLY F 98 7.87 -6.43 0.91
C GLY F 98 7.99 -5.20 1.77
N ALA F 99 7.32 -4.11 1.40
CA ALA F 99 7.39 -2.89 2.19
C ALA F 99 6.67 -3.05 3.51
N ILE F 100 5.46 -3.59 3.48
CA ILE F 100 4.63 -3.70 4.68
C ILE F 100 5.04 -4.96 5.45
N LYS F 101 5.48 -4.77 6.68
CA LYS F 101 5.89 -5.88 7.53
C LYS F 101 5.38 -5.64 8.94
N ARG F 102 5.11 -6.74 9.66
CA ARG F 102 4.67 -6.68 11.05
C ARG F 102 5.92 -6.59 11.95
N GLU F 103 6.53 -5.42 11.92
CA GLU F 103 7.80 -5.23 12.64
C GLU F 103 7.60 -5.26 14.14
N GLY F 104 6.63 -4.50 14.65
CA GLY F 104 6.34 -4.51 16.06
C GLY F 104 5.03 -5.20 16.36
N ASN F 105 4.35 -4.77 17.43
CA ASN F 105 3.00 -5.28 17.68
C ASN F 105 2.05 -4.84 16.58
N ALA F 106 2.19 -3.59 16.13
CA ALA F 106 1.34 -3.05 15.07
C ALA F 106 1.95 -3.35 13.70
N ILE F 107 1.18 -3.02 12.66
CA ILE F 107 1.60 -3.20 11.28
C ILE F 107 2.09 -1.86 10.75
N VAL F 108 3.26 -1.86 10.12
CA VAL F 108 3.93 -0.62 9.72
C VAL F 108 4.42 -0.76 8.28
N VAL F 109 4.31 0.32 7.52
CA VAL F 109 4.85 0.40 6.16
C VAL F 109 6.28 0.87 6.26
N ASP F 110 7.10 0.50 5.26
CA ASP F 110 8.49 0.92 5.20
C ASP F 110 8.66 1.87 4.02
N GLU F 111 9.25 3.03 4.28
CA GLU F 111 9.37 4.08 3.28
C GLU F 111 10.56 3.89 2.35
N LYS F 112 11.50 3.02 2.69
CA LYS F 112 12.67 2.83 1.84
C LYS F 112 12.36 2.00 0.60
N LEU F 113 11.54 0.96 0.73
CA LEU F 113 11.36 -0.01 -0.33
C LEU F 113 10.05 0.13 -1.09
N CYS F 114 9.19 1.07 -0.71
CA CYS F 114 7.92 1.23 -1.40
C CYS F 114 8.15 1.79 -2.80
N ILE F 115 7.44 1.23 -3.77
CA ILE F 115 7.55 1.65 -5.17
C ILE F 115 6.24 2.22 -5.70
N GLY F 116 5.20 2.29 -4.89
CA GLY F 116 3.94 2.83 -5.35
C GLY F 116 3.07 1.90 -6.16
N CYS F 117 3.34 0.59 -6.15
CA CYS F 117 2.46 -0.37 -6.78
C CYS F 117 1.13 -0.37 -6.05
N LYS F 118 0.09 0.10 -6.72
CA LYS F 118 -1.13 0.55 -6.05
C LYS F 118 -2.05 -0.58 -5.62
N SER F 119 -1.53 -1.81 -5.58
CA SER F 119 -2.33 -2.96 -5.17
C SER F 119 -2.84 -2.82 -3.75
N CYS F 120 -2.12 -2.08 -2.89
CA CYS F 120 -2.63 -1.81 -1.55
C CYS F 120 -3.99 -1.13 -1.59
N LEU F 121 -4.17 -0.19 -2.52
CA LEU F 121 -5.45 0.50 -2.63
C LEU F 121 -6.56 -0.42 -3.10
N LEU F 122 -6.23 -1.60 -3.63
CA LEU F 122 -7.25 -2.60 -3.95
C LEU F 122 -7.40 -3.65 -2.87
N ALA F 123 -6.55 -3.62 -1.83
CA ALA F 123 -6.59 -4.65 -0.81
C ALA F 123 -7.39 -4.23 0.42
N CYS F 124 -7.06 -3.08 1.00
CA CYS F 124 -7.69 -2.66 2.24
C CYS F 124 -9.13 -2.23 1.99
N PRO F 125 -10.11 -2.86 2.63
CA PRO F 125 -11.52 -2.46 2.42
C PRO F 125 -11.91 -1.17 3.13
N PHE F 126 -11.20 -0.79 4.20
CA PHE F 126 -11.51 0.48 4.86
C PHE F 126 -10.97 1.67 4.08
N GLY F 127 -9.78 1.54 3.50
CA GLY F 127 -9.16 2.65 2.79
C GLY F 127 -8.38 3.55 3.71
N ALA F 128 -7.49 2.96 4.52
CA ALA F 128 -6.67 3.71 5.46
C ALA F 128 -5.26 3.97 4.95
N ILE F 129 -5.01 3.70 3.67
CA ILE F 129 -3.71 3.90 3.05
C ILE F 129 -3.88 4.91 1.92
N GLU F 130 -3.05 5.96 1.92
CA GLU F 130 -3.12 6.95 0.85
C GLU F 130 -1.73 7.22 0.30
N LEU F 131 -1.64 7.43 -1.01
CA LEU F 131 -0.36 7.63 -1.69
C LEU F 131 -0.10 9.12 -1.82
N LEU F 132 0.96 9.61 -1.19
CA LEU F 132 1.28 11.03 -1.19
C LEU F 132 2.78 11.21 -1.32
N PRO F 133 3.23 12.37 -1.80
CA PRO F 133 4.68 12.59 -1.94
C PRO F 133 5.39 12.59 -0.60
N GLN F 134 6.67 12.22 -0.64
CA GLN F 134 7.50 12.20 0.54
C GLN F 134 8.17 13.55 0.75
N TYR F 135 8.38 13.90 2.01
CA TYR F 135 9.03 15.16 2.38
C TYR F 135 10.05 14.86 3.46
N GLU F 136 11.34 15.03 3.14
CA GLU F 136 12.42 14.72 4.05
C GLU F 136 13.33 15.94 4.13
N ASP F 137 13.66 16.34 5.36
CA ASP F 137 14.47 17.53 5.66
C ASP F 137 13.86 18.79 5.05
N GLY F 138 12.53 18.88 5.10
CA GLY F 138 11.84 20.10 4.73
C GLY F 138 11.70 20.35 3.24
N ARG F 139 12.16 19.42 2.40
CA ARG F 139 12.11 19.60 0.96
C ARG F 139 11.48 18.38 0.31
N GLU F 140 10.90 18.60 -0.87
CA GLU F 140 10.37 17.52 -1.67
C GLU F 140 11.50 16.61 -2.13
N VAL F 141 11.23 15.30 -2.14
CA VAL F 141 12.23 14.30 -2.53
C VAL F 141 11.95 13.87 -3.96
N PHE F 142 12.94 14.04 -4.83
CA PHE F 142 12.82 13.72 -6.24
C PHE F 142 13.45 12.36 -6.54
N GLN F 143 13.20 11.88 -7.75
CA GLN F 143 13.69 10.59 -8.22
C GLN F 143 14.88 10.80 -9.16
N ILE F 144 15.39 9.69 -9.69
CA ILE F 144 16.60 9.75 -10.50
C ILE F 144 16.27 10.03 -11.96
N ASN F 145 15.52 9.14 -12.60
CA ASN F 145 15.26 9.23 -14.05
C ASN F 145 13.76 9.12 -14.31
N LEU F 146 13.08 10.26 -14.44
CA LEU F 146 11.68 10.31 -14.86
C LEU F 146 11.38 11.69 -15.42
N LYS F 147 10.20 11.84 -15.99
CA LYS F 147 9.72 13.14 -16.45
C LYS F 147 8.44 13.53 -15.71
N LEU F 154 10.75 19.14 -19.72
CA LEU F 154 11.17 17.91 -19.06
C LEU F 154 11.62 18.22 -17.64
N VAL F 155 10.76 17.92 -16.67
CA VAL F 155 11.04 18.20 -15.26
C VAL F 155 11.14 16.88 -14.50
N GLN F 156 11.49 16.95 -13.22
CA GLN F 156 11.56 15.77 -12.38
C GLN F 156 10.18 15.47 -11.79
N GLU F 157 10.05 14.30 -11.19
CA GLU F 157 8.81 13.92 -10.54
C GLU F 157 9.06 13.47 -9.11
N PRO F 158 8.14 13.78 -8.19
CA PRO F 158 8.37 13.44 -6.79
C PRO F 158 8.11 11.98 -6.47
N ARG F 159 8.80 11.49 -5.46
CA ARG F 159 8.63 10.12 -5.00
C ARG F 159 7.32 10.01 -4.21
N ILE F 160 6.54 8.96 -4.49
CA ILE F 160 5.24 8.76 -3.88
C ILE F 160 5.33 7.58 -2.92
N ILE F 161 4.88 7.79 -1.68
CA ILE F 161 4.95 6.78 -0.64
C ILE F 161 3.55 6.56 -0.08
N ALA F 162 3.31 5.38 0.45
CA ALA F 162 2.05 5.04 1.11
C ALA F 162 2.08 5.48 2.56
N TYR F 163 1.10 6.26 2.95
CA TYR F 163 0.93 6.73 4.32
C TYR F 163 -0.24 5.99 4.95
N LYS F 164 0.00 5.47 6.16
CA LYS F 164 -1.03 4.84 6.98
C LYS F 164 -0.57 4.90 8.43
N CYS F 165 -1.51 4.66 9.33
CA CYS F 165 -1.23 4.70 10.75
C CYS F 165 -0.22 3.62 11.14
N ASP F 166 0.77 3.99 11.94
CA ASP F 166 1.71 3.03 12.50
C ASP F 166 1.59 2.94 14.03
N LEU F 167 0.52 3.50 14.59
CA LEU F 167 0.17 3.40 16.01
C LEU F 167 1.25 4.01 16.91
N CYS F 168 2.06 4.92 16.36
CA CYS F 168 3.09 5.65 17.10
C CYS F 168 4.05 4.70 17.82
N ASN F 169 4.46 3.64 17.13
CA ASN F 169 5.31 2.63 17.77
C ASN F 169 6.71 3.17 18.04
N ASP F 170 7.27 3.94 17.11
CA ASP F 170 8.60 4.50 17.31
C ASP F 170 8.60 5.52 18.44
N LEU F 171 7.55 6.34 18.52
CA LEU F 171 7.42 7.34 19.57
C LEU F 171 6.64 6.75 20.74
N GLY F 172 6.17 7.61 21.64
CA GLY F 172 5.48 7.12 22.82
C GLY F 172 4.02 6.77 22.58
N GLU F 173 3.17 7.17 23.53
CA GLU F 173 1.74 6.88 23.43
C GLU F 173 1.11 7.65 22.27
N PRO F 174 -0.02 7.17 21.74
CA PRO F 174 -0.63 7.79 20.57
C PRO F 174 -0.97 9.26 20.78
N ALA F 175 -0.77 10.06 19.74
CA ALA F 175 -0.96 11.50 19.82
C ALA F 175 -2.34 11.96 19.36
N CYS F 176 -3.07 11.14 18.59
CA CYS F 176 -4.44 11.47 18.28
C CYS F 176 -5.30 11.47 19.54
N VAL F 177 -5.11 10.46 20.39
CA VAL F 177 -5.54 10.57 21.79
C VAL F 177 -4.59 11.50 22.53
N LYS F 178 -5.11 12.16 23.57
CA LYS F 178 -4.50 13.24 24.36
C LYS F 178 -4.55 14.56 23.59
N ALA F 179 -5.04 14.56 22.36
CA ALA F 179 -5.31 15.79 21.64
C ALA F 179 -6.77 15.97 21.29
N CYS F 180 -7.60 14.94 21.45
CA CYS F 180 -9.02 15.08 21.21
C CYS F 180 -9.65 15.84 22.37
N PRO F 181 -10.30 16.98 22.11
CA PRO F 181 -10.90 17.74 23.23
C PRO F 181 -12.08 17.03 23.87
N GLU F 182 -12.88 16.33 23.07
CA GLU F 182 -14.06 15.65 23.58
C GLU F 182 -13.76 14.25 24.09
N ASN F 183 -12.51 13.80 23.98
CA ASN F 183 -12.08 12.48 24.44
C ASN F 183 -12.90 11.37 23.78
N ALA F 184 -12.96 11.40 22.45
CA ALA F 184 -13.73 10.42 21.69
C ALA F 184 -12.89 9.21 21.28
N LEU F 185 -11.67 9.42 20.82
CA LEU F 185 -10.82 8.32 20.39
C LEU F 185 -10.35 7.49 21.58
N THR F 186 -10.36 6.17 21.41
CA THR F 186 -9.93 5.27 22.46
C THR F 186 -9.04 4.17 21.89
N LEU F 187 -7.98 3.83 22.60
CA LEU F 187 -7.10 2.73 22.24
C LEU F 187 -7.61 1.47 22.93
N VAL F 188 -8.19 0.56 22.14
CA VAL F 188 -8.84 -0.63 22.67
C VAL F 188 -7.94 -1.84 22.44
N MET F 189 -7.75 -2.64 23.48
CA MET F 189 -7.13 -3.94 23.34
C MET F 189 -8.22 -5.00 23.25
N PRO F 190 -8.26 -5.81 22.21
CA PRO F 190 -9.44 -6.64 21.97
C PRO F 190 -9.55 -7.86 22.88
N THR F 191 -8.69 -7.95 23.88
CA THR F 191 -8.77 -9.02 24.88
C THR F 191 -9.50 -8.58 26.15
N GLU F 192 -9.17 -7.40 26.68
CA GLU F 192 -9.83 -6.92 27.89
C GLU F 192 -11.29 -6.56 27.61
N MET F 193 -11.56 -6.04 26.41
CA MET F 193 -12.93 -5.66 26.07
C MET F 193 -13.85 -6.88 26.02
N LYS F 194 -13.36 -8.00 25.48
CA LYS F 194 -14.15 -9.22 25.44
C LYS F 194 -14.47 -9.70 26.86
N LYS F 195 -13.50 -9.65 27.76
CA LYS F 195 -13.75 -10.06 29.14
C LYS F 195 -14.76 -9.14 29.81
N ALA F 196 -14.65 -7.83 29.57
CA ALA F 196 -15.62 -6.90 30.17
C ALA F 196 -17.03 -7.15 29.66
N ARG F 197 -17.17 -7.36 28.34
CA ARG F 197 -18.49 -7.65 27.78
C ARG F 197 -19.05 -8.97 28.30
N ASN F 198 -18.18 -9.98 28.43
CA ASN F 198 -18.62 -11.26 28.97
C ASN F 198 -19.11 -11.13 30.41
N LYS F 199 -18.37 -10.39 31.23
CA LYS F 199 -18.79 -10.22 32.63
C LYS F 199 -20.07 -9.42 32.72
N GLU F 200 -20.24 -8.41 31.87
CA GLU F 200 -21.49 -7.65 31.85
C GLU F 200 -22.67 -8.54 31.49
N ALA F 201 -22.49 -9.38 30.45
CA ALA F 201 -23.57 -10.27 30.04
C ALA F 201 -23.90 -11.29 31.14
N ALA F 202 -22.87 -11.83 31.79
CA ALA F 202 -23.09 -12.82 32.84
C ALA F 202 -23.81 -12.22 34.04
N LEU F 203 -23.42 -11.01 34.45
CA LEU F 203 -24.13 -10.37 35.56
C LEU F 203 -25.56 -10.00 35.16
N SER F 204 -25.78 -9.58 33.92
CA SER F 204 -27.13 -9.25 33.50
C SER F 204 -28.03 -10.47 33.47
N PHE F 205 -27.51 -11.61 33.03
CA PHE F 205 -28.36 -12.79 32.94
C PHE F 205 -28.54 -13.50 34.29
N LEU F 206 -27.51 -13.46 35.14
CA LEU F 206 -27.57 -14.24 36.38
C LEU F 206 -28.40 -13.57 37.47
N ARG F 207 -28.72 -12.29 37.32
CA ARG F 207 -29.54 -11.59 38.30
C ARG F 207 -31.03 -11.84 38.10
N VAL F 208 -31.41 -12.50 37.00
CA VAL F 208 -32.81 -12.69 36.66
C VAL F 208 -33.29 -14.12 36.92
N VAL F 209 -32.48 -15.13 36.64
CA VAL F 209 -32.86 -16.52 36.84
C VAL F 209 -33.12 -16.82 38.31
N ALA G 6 58.32 -33.84 -72.13
CA ALA G 6 58.19 -32.58 -71.39
C ALA G 6 58.15 -31.40 -72.36
N ILE G 7 56.93 -30.90 -72.62
CA ILE G 7 56.73 -29.77 -73.52
C ILE G 7 56.09 -28.59 -72.79
N ILE G 8 54.95 -28.83 -72.13
CA ILE G 8 54.25 -27.79 -71.38
C ILE G 8 54.74 -27.91 -69.93
N ASN G 9 55.61 -26.99 -69.54
CA ASN G 9 56.19 -26.97 -68.20
C ASN G 9 56.12 -25.55 -67.63
N ILE G 10 56.26 -25.46 -66.31
CA ILE G 10 56.20 -24.21 -65.57
C ILE G 10 57.55 -23.96 -64.93
N ASP G 11 58.17 -22.82 -65.25
CA ASP G 11 59.41 -22.43 -64.61
C ASP G 11 59.15 -22.01 -63.17
N GLN G 12 59.95 -22.54 -62.25
CA GLN G 12 59.79 -22.25 -60.83
C GLN G 12 60.50 -20.99 -60.37
N GLU G 13 61.34 -20.40 -61.22
CA GLU G 13 62.02 -19.15 -60.89
C GLU G 13 61.24 -17.92 -61.34
N LEU G 14 60.15 -18.10 -62.07
CA LEU G 14 59.31 -17.01 -62.55
C LEU G 14 57.88 -17.08 -62.04
N CYS G 15 57.30 -18.27 -62.01
CA CYS G 15 55.93 -18.44 -61.55
C CYS G 15 55.84 -18.21 -60.04
N THR G 16 54.72 -17.62 -59.61
CA THR G 16 54.44 -17.38 -58.20
C THR G 16 53.19 -18.12 -57.77
N GLY G 17 52.37 -18.56 -58.72
CA GLY G 17 51.12 -19.23 -58.41
C GLY G 17 49.94 -18.29 -58.33
N CYS G 18 49.74 -17.51 -59.39
CA CYS G 18 48.59 -16.60 -59.44
C CYS G 18 47.30 -17.33 -59.73
N ARG G 19 47.36 -18.62 -60.10
CA ARG G 19 46.21 -19.49 -60.29
C ARG G 19 45.28 -19.03 -61.40
N ARG G 20 45.79 -18.22 -62.35
CA ARG G 20 44.97 -17.84 -63.49
C ARG G 20 44.87 -18.97 -64.51
N CYS G 21 45.94 -19.75 -64.68
CA CYS G 21 45.91 -20.88 -65.60
C CYS G 21 45.12 -22.06 -65.07
N ALA G 22 44.85 -22.10 -63.76
CA ALA G 22 44.02 -23.15 -63.18
C ALA G 22 42.53 -22.93 -63.42
N GLU G 23 42.12 -21.73 -63.79
CA GLU G 23 40.73 -21.45 -64.14
C GLU G 23 40.43 -21.70 -65.61
N VAL G 24 41.45 -22.01 -66.41
CA VAL G 24 41.28 -22.30 -67.82
C VAL G 24 41.64 -23.73 -68.18
N CYS G 25 42.36 -24.44 -67.30
CA CYS G 25 42.73 -25.83 -67.56
C CYS G 25 41.49 -26.71 -67.52
N PRO G 26 41.17 -27.44 -68.59
CA PRO G 26 39.94 -28.25 -68.61
C PRO G 26 40.05 -29.58 -67.90
N VAL G 27 41.26 -30.07 -67.64
CA VAL G 27 41.47 -31.36 -66.99
C VAL G 27 42.14 -31.25 -65.64
N ASP G 28 42.40 -30.02 -65.16
CA ASP G 28 43.07 -29.77 -63.88
C ASP G 28 44.44 -30.47 -63.82
N ALA G 29 45.32 -30.06 -64.72
CA ALA G 29 46.65 -30.62 -64.82
C ALA G 29 47.67 -29.89 -63.95
N ILE G 30 47.24 -28.90 -63.18
CA ILE G 30 48.10 -28.13 -62.29
C ILE G 30 47.66 -28.40 -60.85
N GLU G 31 48.64 -28.63 -59.97
CA GLU G 31 48.38 -28.88 -58.57
C GLU G 31 49.18 -27.91 -57.72
N GLY G 32 48.53 -27.30 -56.74
CA GLY G 32 49.20 -26.36 -55.87
C GLY G 32 48.21 -25.59 -55.03
N GLU G 33 48.73 -24.54 -54.40
CA GLU G 33 47.97 -23.67 -53.52
C GLU G 33 47.94 -22.25 -54.08
N LYS G 34 47.46 -21.31 -53.26
CA LYS G 34 47.35 -19.92 -53.69
C LYS G 34 48.72 -19.26 -53.86
N GLY G 35 49.78 -19.84 -53.32
CA GLY G 35 51.11 -19.29 -53.44
C GLY G 35 52.10 -20.32 -53.96
N LYS G 36 53.33 -19.86 -54.23
CA LYS G 36 54.49 -20.62 -54.68
C LYS G 36 54.30 -21.17 -56.09
N PRO G 37 55.39 -21.37 -56.84
CA PRO G 37 55.25 -21.98 -58.18
C PRO G 37 54.77 -23.41 -58.10
N GLN G 38 54.03 -23.82 -59.13
CA GLN G 38 53.43 -25.13 -59.20
C GLN G 38 54.14 -25.98 -60.26
N LYS G 39 53.62 -27.19 -60.47
CA LYS G 39 54.14 -28.11 -61.45
C LYS G 39 52.99 -28.67 -62.29
N ILE G 40 53.27 -28.90 -63.56
CA ILE G 40 52.26 -29.41 -64.49
C ILE G 40 52.34 -30.94 -64.48
N ASN G 41 51.20 -31.57 -64.20
CA ASN G 41 51.12 -33.04 -64.23
C ASN G 41 51.08 -33.50 -65.68
N THR G 42 52.22 -33.95 -66.20
CA THR G 42 52.33 -34.31 -67.59
C THR G 42 51.61 -35.62 -67.92
N GLU G 43 51.25 -36.42 -66.91
CA GLU G 43 50.58 -37.69 -67.15
C GLU G 43 49.09 -37.54 -67.37
N VAL G 44 48.54 -36.35 -67.16
CA VAL G 44 47.11 -36.10 -67.37
C VAL G 44 46.87 -35.00 -68.39
N CYS G 45 47.90 -34.23 -68.75
CA CYS G 45 47.73 -33.09 -69.66
C CYS G 45 47.26 -33.54 -71.03
N VAL G 46 46.26 -32.83 -71.57
CA VAL G 46 45.73 -33.10 -72.90
C VAL G 46 46.32 -32.16 -73.94
N MET G 47 47.26 -31.30 -73.55
CA MET G 47 47.96 -30.37 -74.43
C MET G 47 46.99 -29.45 -75.17
N CYS G 48 46.01 -28.94 -74.42
CA CYS G 48 45.04 -28.02 -75.01
C CYS G 48 45.67 -26.68 -75.37
N GLY G 49 46.51 -26.14 -74.48
CA GLY G 49 47.40 -25.05 -74.82
C GLY G 49 46.96 -23.64 -74.43
N GLN G 50 45.85 -23.50 -73.72
CA GLN G 50 45.42 -22.17 -73.26
C GLN G 50 45.98 -21.79 -71.91
N CYS G 51 46.86 -22.60 -71.34
CA CYS G 51 47.59 -22.22 -70.13
C CYS G 51 48.82 -21.37 -70.44
N VAL G 52 49.16 -21.19 -71.71
CA VAL G 52 50.32 -20.41 -72.11
C VAL G 52 49.94 -18.95 -72.35
N GLN G 53 48.85 -18.70 -73.07
CA GLN G 53 48.42 -17.33 -73.34
C GLN G 53 47.88 -16.63 -72.10
N LYS G 54 47.57 -17.37 -71.04
CA LYS G 54 47.06 -16.79 -69.79
C LYS G 54 48.17 -16.68 -68.75
N CYS G 55 49.42 -16.57 -69.20
CA CYS G 55 50.56 -16.39 -68.32
C CYS G 55 51.21 -15.04 -68.62
N SER G 56 51.60 -14.33 -67.55
CA SER G 56 52.12 -12.98 -67.69
C SER G 56 53.42 -12.73 -66.94
N SER G 57 53.98 -13.74 -66.28
CA SER G 57 55.26 -13.56 -65.60
C SER G 57 56.36 -13.34 -66.63
N TYR G 58 57.15 -12.27 -66.44
CA TYR G 58 58.05 -11.82 -67.49
C TYR G 58 59.43 -11.43 -66.95
N ALA G 59 59.88 -12.10 -65.88
CA ALA G 59 61.12 -11.76 -65.19
C ALA G 59 62.31 -11.64 -66.14
N SER G 60 62.87 -10.43 -66.24
CA SER G 60 63.86 -10.11 -67.25
C SER G 60 65.27 -10.37 -66.71
N TYR G 61 66.27 -9.96 -67.49
CA TYR G 61 67.67 -10.19 -67.19
C TYR G 61 68.33 -9.03 -66.45
N PHE G 62 67.56 -8.02 -66.05
CA PHE G 62 68.13 -6.88 -65.34
C PHE G 62 68.56 -7.23 -63.93
N ASP G 63 68.15 -8.36 -63.39
CA ASP G 63 68.54 -8.81 -62.06
C ASP G 63 69.40 -10.06 -62.18
N GLU G 64 70.42 -10.17 -61.32
CA GLU G 64 71.37 -11.26 -61.37
C GLU G 64 70.96 -12.46 -60.51
N SER G 65 69.80 -12.39 -59.86
CA SER G 65 69.36 -13.51 -59.01
C SER G 65 68.83 -14.67 -59.83
N ILE G 66 68.52 -14.45 -61.11
CA ILE G 66 67.98 -15.50 -61.97
C ILE G 66 68.89 -15.68 -63.17
N THR G 67 68.48 -16.54 -64.11
CA THR G 67 69.27 -16.81 -65.30
C THR G 67 69.45 -15.54 -66.13
N PRO G 68 70.58 -15.41 -66.84
CA PRO G 68 70.85 -14.18 -67.58
C PRO G 68 70.13 -14.09 -68.92
N ARG G 69 69.09 -14.91 -69.10
CA ARG G 69 68.25 -14.93 -70.31
C ARG G 69 69.06 -15.31 -71.55
N ASN G 70 70.11 -16.09 -71.36
CA ASN G 70 70.90 -16.66 -72.45
C ASN G 70 70.81 -18.18 -72.51
N VAL G 71 70.98 -18.86 -71.38
CA VAL G 71 70.76 -20.29 -71.33
C VAL G 71 69.27 -20.63 -71.40
N LYS G 72 68.40 -19.66 -71.10
CA LYS G 72 66.96 -19.90 -71.19
C LYS G 72 66.53 -20.23 -72.61
N LEU G 73 67.04 -19.48 -73.59
CA LEU G 73 66.69 -19.76 -74.98
C LEU G 73 67.18 -21.13 -75.43
N GLN G 74 68.29 -21.59 -74.87
CA GLN G 74 68.73 -22.97 -75.12
C GLN G 74 67.79 -23.97 -74.46
N GLU G 75 67.31 -23.67 -73.25
CA GLU G 75 66.43 -24.59 -72.53
C GLU G 75 65.09 -24.74 -73.23
N ARG G 76 64.49 -23.62 -73.66
CA ARG G 76 63.22 -23.70 -74.38
C ARG G 76 63.38 -24.22 -75.80
N GLY G 77 64.60 -24.27 -76.31
CA GLY G 77 64.80 -24.56 -77.72
C GLY G 77 64.48 -23.42 -78.64
N MET G 78 64.35 -22.21 -78.09
CA MET G 78 63.97 -21.04 -78.85
C MET G 78 65.20 -20.45 -79.56
N LEU G 79 64.94 -19.67 -80.62
CA LEU G 79 66.02 -19.01 -81.34
C LEU G 79 66.76 -18.03 -80.43
N ASP G 80 68.06 -17.89 -80.70
CA ASP G 80 68.95 -17.08 -79.88
C ASP G 80 69.00 -15.63 -80.31
N SER G 81 68.22 -15.24 -81.32
CA SER G 81 68.27 -13.89 -81.86
C SER G 81 66.87 -13.29 -81.93
N VAL G 82 66.04 -13.55 -80.92
CA VAL G 82 64.70 -12.98 -80.83
C VAL G 82 64.52 -12.19 -79.53
N LYS G 83 64.99 -12.73 -78.40
CA LYS G 83 64.94 -12.09 -77.09
C LYS G 83 63.52 -11.65 -76.72
N GLU G 84 62.55 -12.47 -77.06
CA GLU G 84 61.17 -12.18 -76.71
C GLU G 84 60.96 -12.39 -75.20
N PRO G 85 59.99 -11.68 -74.61
CA PRO G 85 59.71 -11.88 -73.18
C PRO G 85 59.22 -13.29 -72.90
N LEU G 86 59.92 -13.98 -72.01
CA LEU G 86 59.63 -15.37 -71.68
C LEU G 86 58.62 -15.45 -70.54
N PHE G 87 57.66 -16.37 -70.68
CA PHE G 87 56.64 -16.59 -69.68
C PHE G 87 56.94 -17.85 -68.88
N ALA G 88 56.23 -18.02 -67.76
CA ALA G 88 56.43 -19.20 -66.93
C ALA G 88 55.91 -20.46 -67.62
N ALA G 89 54.73 -20.38 -68.23
CA ALA G 89 54.17 -21.48 -69.00
C ALA G 89 54.65 -21.34 -70.44
N TYR G 90 55.76 -21.99 -70.75
CA TYR G 90 56.42 -21.84 -72.03
C TYR G 90 56.13 -23.04 -72.93
N ASN G 91 55.93 -22.77 -74.21
CA ASN G 91 55.80 -23.83 -75.20
C ASN G 91 57.17 -24.23 -75.72
N LEU G 92 57.34 -25.53 -75.95
CA LEU G 92 58.63 -26.04 -76.42
C LEU G 92 58.92 -25.53 -77.83
N GLY G 93 60.17 -25.14 -78.07
CA GLY G 93 60.58 -24.58 -79.33
C GLY G 93 61.15 -25.64 -80.26
N TYR G 94 60.81 -25.53 -81.55
CA TYR G 94 61.32 -26.43 -82.57
C TYR G 94 61.98 -25.66 -83.72
N ALA G 95 62.33 -24.40 -83.50
CA ALA G 95 62.88 -23.58 -84.57
C ALA G 95 64.32 -23.95 -84.90
N ARG G 96 65.08 -24.41 -83.90
CA ARG G 96 66.48 -24.78 -84.14
C ARG G 96 66.58 -25.99 -85.06
N GLN G 97 65.74 -27.00 -84.85
CA GLN G 97 65.76 -28.17 -85.72
C GLN G 97 65.29 -27.81 -87.13
N VAL G 98 64.30 -26.93 -87.24
CA VAL G 98 63.84 -26.47 -88.55
C VAL G 98 64.96 -25.73 -89.29
N LYS G 99 65.69 -24.87 -88.57
CA LYS G 99 66.81 -24.16 -89.18
C LYS G 99 67.92 -25.12 -89.59
N GLU G 100 68.18 -26.14 -88.77
CA GLU G 100 69.20 -27.13 -89.10
C GLU G 100 68.80 -27.91 -90.35
N ALA G 101 67.53 -28.28 -90.47
CA ALA G 101 67.06 -28.97 -91.67
C ALA G 101 67.09 -28.05 -92.88
N LEU G 102 66.83 -26.75 -92.69
CA LEU G 102 66.87 -25.79 -93.78
C LEU G 102 68.29 -25.57 -94.29
N GLU G 103 69.28 -25.63 -93.38
CA GLU G 103 70.67 -25.38 -93.77
C GLU G 103 71.26 -26.51 -94.60
N ASN G 104 70.61 -27.66 -94.66
CA ASN G 104 71.12 -28.79 -95.44
C ASN G 104 70.36 -28.91 -96.74
N PRO G 105 70.97 -28.62 -97.89
CA PRO G 105 70.26 -28.76 -99.17
C PRO G 105 69.97 -30.19 -99.57
N GLN G 106 70.56 -31.17 -98.89
CA GLN G 106 70.42 -32.58 -99.26
C GLN G 106 69.01 -33.12 -99.08
N LEU G 107 68.20 -32.50 -98.21
CA LEU G 107 66.87 -32.99 -97.90
C LEU G 107 65.84 -32.17 -98.67
N PHE G 108 64.99 -32.86 -99.43
CA PHE G 108 63.90 -32.21 -100.12
C PHE G 108 62.84 -31.76 -99.12
N LYS G 109 62.64 -30.45 -99.00
CA LYS G 109 61.83 -29.88 -97.93
C LYS G 109 60.46 -29.50 -98.45
N VAL G 110 59.42 -29.98 -97.77
CA VAL G 110 58.04 -29.62 -98.08
C VAL G 110 57.40 -29.06 -96.82
N VAL G 111 56.62 -27.99 -96.99
CA VAL G 111 55.94 -27.33 -95.89
C VAL G 111 54.44 -27.37 -96.16
N GLN G 112 53.67 -27.51 -95.09
CA GLN G 112 52.21 -27.56 -95.13
C GLN G 112 51.64 -26.38 -94.36
N CYS G 113 50.69 -25.68 -94.98
CA CYS G 113 50.11 -24.47 -94.41
C CYS G 113 48.68 -24.75 -93.96
N ALA G 114 48.37 -24.38 -92.71
CA ALA G 114 47.03 -24.49 -92.14
C ALA G 114 46.16 -23.32 -92.63
N PRO G 115 44.82 -23.48 -92.60
CA PRO G 115 43.96 -22.34 -92.93
C PRO G 115 43.72 -21.43 -91.74
N ALA G 116 44.77 -21.16 -90.98
CA ALA G 116 44.72 -20.18 -89.90
C ALA G 116 45.95 -19.27 -89.85
N ILE G 117 47.03 -19.60 -90.54
CA ILE G 117 48.22 -18.76 -90.51
C ILE G 117 48.03 -17.53 -91.39
N ARG G 118 47.19 -17.65 -92.43
CA ARG G 118 46.94 -16.54 -93.33
C ARG G 118 46.20 -15.38 -92.67
N VAL G 119 45.62 -15.58 -91.49
CA VAL G 119 44.93 -14.53 -90.76
C VAL G 119 45.55 -14.23 -89.41
N SER G 120 46.60 -14.97 -89.02
CA SER G 120 47.21 -14.81 -87.71
C SER G 120 48.62 -14.25 -87.76
N ILE G 121 49.44 -14.65 -88.74
CA ILE G 121 50.82 -14.19 -88.80
C ILE G 121 50.89 -12.72 -89.21
N ALA G 122 49.85 -12.19 -89.86
CA ALA G 122 49.83 -10.78 -90.25
C ALA G 122 49.83 -9.86 -89.04
N GLU G 123 49.39 -10.35 -87.88
CA GLU G 123 49.45 -9.57 -86.65
C GLU G 123 50.86 -9.46 -86.09
N GLU G 124 51.81 -10.23 -86.64
CA GLU G 124 53.17 -10.27 -86.09
C GLU G 124 54.09 -9.19 -86.66
N PHE G 125 53.61 -8.37 -87.59
CA PHE G 125 54.43 -7.34 -88.21
C PHE G 125 53.73 -5.98 -88.16
N GLY G 126 52.97 -5.74 -87.10
CA GLY G 126 52.33 -4.45 -86.90
C GLY G 126 51.27 -4.10 -87.93
N LEU G 127 50.44 -5.06 -88.32
CA LEU G 127 49.37 -4.84 -89.27
C LEU G 127 48.03 -5.01 -88.55
N ASP G 128 46.95 -4.86 -89.33
CA ASP G 128 45.61 -5.01 -88.77
C ASP G 128 45.35 -6.47 -88.41
N LEU G 129 44.67 -6.68 -87.30
CA LEU G 129 44.35 -8.03 -86.85
C LEU G 129 43.34 -8.67 -87.80
N GLY G 130 43.52 -9.95 -88.08
CA GLY G 130 42.66 -10.65 -89.01
C GLY G 130 42.81 -10.17 -90.43
N ASP G 131 44.04 -10.01 -90.89
CA ASP G 131 44.34 -9.55 -92.24
C ASP G 131 44.71 -10.74 -93.10
N LEU G 132 44.00 -10.90 -94.23
CA LEU G 132 44.20 -12.05 -95.12
C LEU G 132 45.28 -11.72 -96.13
N THR G 133 46.44 -12.35 -95.98
CA THR G 133 47.57 -12.19 -96.90
C THR G 133 48.10 -13.56 -97.31
N PRO G 134 47.39 -14.27 -98.18
CA PRO G 134 47.89 -15.60 -98.58
C PRO G 134 49.07 -15.53 -99.55
N GLY G 135 49.05 -14.58 -100.48
CA GLY G 135 50.12 -14.49 -101.46
C GLY G 135 51.45 -14.13 -100.84
N LYS G 136 51.46 -13.16 -99.93
CA LYS G 136 52.70 -12.82 -99.23
C LYS G 136 53.17 -13.97 -98.34
N LEU G 137 52.24 -14.71 -97.74
CA LEU G 137 52.61 -15.85 -96.90
C LEU G 137 53.27 -16.94 -97.73
N VAL G 138 52.70 -17.28 -98.88
CA VAL G 138 53.30 -18.34 -99.70
C VAL G 138 54.60 -17.86 -100.34
N ALA G 139 54.70 -16.56 -100.66
CA ALA G 139 55.96 -16.01 -101.16
C ALA G 139 57.05 -16.11 -100.11
N ALA G 140 56.72 -15.79 -98.84
CA ALA G 140 57.69 -15.92 -97.77
C ALA G 140 58.07 -17.37 -97.54
N LEU G 141 57.09 -18.29 -97.62
CA LEU G 141 57.38 -19.70 -97.44
C LEU G 141 58.31 -20.22 -98.53
N ARG G 142 58.12 -19.76 -99.77
CA ARG G 142 59.04 -20.12 -100.84
C ARG G 142 60.41 -19.46 -100.65
N ARG G 143 60.44 -18.25 -100.08
CA ARG G 143 61.70 -17.57 -99.81
C ARG G 143 62.43 -18.14 -98.60
N LEU G 144 61.78 -19.01 -97.82
CA LEU G 144 62.40 -19.65 -96.67
C LEU G 144 63.15 -20.92 -97.03
N ASN G 145 63.64 -21.02 -98.28
CA ASN G 145 64.42 -22.17 -98.77
C ASN G 145 63.64 -23.48 -98.64
N PHE G 146 62.35 -23.42 -98.98
CA PHE G 146 61.50 -24.60 -98.98
C PHE G 146 61.24 -25.04 -100.41
N ASP G 147 61.50 -26.32 -100.70
CA ASP G 147 61.35 -26.80 -102.07
C ASP G 147 59.89 -26.87 -102.50
N ARG G 148 59.00 -27.31 -101.60
CA ARG G 148 57.59 -27.41 -101.93
C ARG G 148 56.75 -26.76 -100.84
N VAL G 149 55.72 -26.04 -101.27
CA VAL G 149 54.76 -25.40 -100.37
C VAL G 149 53.37 -25.91 -100.73
N TYR G 150 52.71 -26.58 -99.79
CA TYR G 150 51.39 -27.14 -100.00
C TYR G 150 50.45 -26.67 -98.90
N ASP G 151 49.16 -26.85 -99.14
CA ASP G 151 48.13 -26.53 -98.17
C ASP G 151 47.50 -27.81 -97.64
N THR G 152 47.23 -27.84 -96.33
CA THR G 152 46.54 -28.97 -95.73
C THR G 152 45.05 -28.96 -96.01
N ASN G 153 44.54 -27.93 -96.68
CA ASN G 153 43.12 -27.85 -96.99
C ASN G 153 42.69 -28.96 -97.96
N PHE G 154 43.62 -29.46 -98.78
CA PHE G 154 43.32 -30.61 -99.62
C PHE G 154 43.07 -31.85 -98.76
N GLY G 155 43.93 -32.09 -97.79
CA GLY G 155 43.68 -33.16 -96.83
C GLY G 155 42.43 -32.93 -96.00
N ALA G 156 42.14 -31.67 -95.71
CA ALA G 156 40.90 -31.35 -94.99
C ALA G 156 39.68 -31.70 -95.82
N ASP G 157 39.69 -31.39 -97.12
CA ASP G 157 38.58 -31.76 -97.98
C ASP G 157 38.47 -33.28 -98.11
N LEU G 158 39.61 -33.96 -98.20
CA LEU G 158 39.60 -35.42 -98.28
C LEU G 158 39.02 -36.04 -97.02
N THR G 159 39.38 -35.51 -95.84
CA THR G 159 38.83 -36.07 -94.61
C THR G 159 37.39 -35.68 -94.39
N ILE G 160 36.93 -34.55 -94.95
CA ILE G 160 35.49 -34.25 -94.92
C ILE G 160 34.73 -35.22 -95.81
N ILE G 161 35.27 -35.56 -96.98
CA ILE G 161 34.64 -36.56 -97.84
C ILE G 161 34.60 -37.92 -97.14
N GLU G 162 35.70 -38.29 -96.47
CA GLU G 162 35.73 -39.54 -95.72
C GLU G 162 34.73 -39.51 -94.56
N GLU G 163 34.59 -38.37 -93.89
CA GLU G 163 33.61 -38.23 -92.82
C GLU G 163 32.19 -38.38 -93.34
N ALA G 164 31.89 -37.79 -94.49
CA ALA G 164 30.57 -37.94 -95.09
C ALA G 164 30.29 -39.38 -95.47
N ASN G 165 31.29 -40.07 -96.04
CA ASN G 165 31.12 -41.48 -96.40
C ASN G 165 30.91 -42.33 -95.15
N GLU G 166 31.66 -42.05 -94.08
CA GLU G 166 31.47 -42.79 -92.83
C GLU G 166 30.09 -42.54 -92.24
N LEU G 167 29.60 -41.30 -92.31
CA LEU G 167 28.26 -41.00 -91.81
C LEU G 167 27.20 -41.73 -92.63
N VAL G 168 27.35 -41.76 -93.95
CA VAL G 168 26.40 -42.47 -94.81
C VAL G 168 26.43 -43.96 -94.52
N LYS G 169 27.63 -44.51 -94.28
CA LYS G 169 27.74 -45.92 -93.93
C LYS G 169 27.10 -46.22 -92.59
N ARG G 170 27.25 -45.33 -91.60
CA ARG G 170 26.83 -45.64 -90.24
C ARG G 170 25.41 -45.22 -89.91
N ILE G 171 24.76 -44.40 -90.74
CA ILE G 171 23.34 -44.12 -90.48
C ILE G 171 22.49 -45.35 -90.75
N LYS G 172 22.83 -46.10 -91.79
CA LYS G 172 22.20 -47.40 -92.03
C LYS G 172 22.89 -48.47 -91.20
N GLU G 173 22.08 -49.35 -90.60
CA GLU G 173 22.55 -50.34 -89.64
C GLU G 173 23.33 -49.66 -88.51
N GLY G 174 22.58 -48.93 -87.69
CA GLY G 174 23.14 -48.08 -86.65
C GLY G 174 24.04 -48.76 -85.65
N LYS G 175 25.32 -48.43 -85.71
CA LYS G 175 26.31 -48.90 -84.73
C LYS G 175 27.18 -47.71 -84.35
N ASP G 176 27.30 -47.47 -83.04
CA ASP G 176 28.01 -46.31 -82.50
C ASP G 176 27.47 -45.02 -83.10
N LEU G 177 26.14 -44.92 -83.16
CA LEU G 177 25.49 -43.76 -83.75
C LEU G 177 25.84 -42.44 -83.05
N PRO G 178 25.96 -42.36 -81.70
CA PRO G 178 26.55 -41.14 -81.12
C PRO G 178 28.03 -41.03 -81.47
N MET G 179 28.30 -40.63 -82.72
CA MET G 179 29.61 -40.78 -83.32
C MET G 179 30.34 -39.44 -83.31
N PHE G 180 31.61 -39.46 -82.90
CA PHE G 180 32.40 -38.25 -82.72
C PHE G 180 33.58 -38.22 -83.68
N THR G 181 33.95 -37.01 -84.08
CA THR G 181 35.07 -36.82 -85.01
C THR G 181 36.39 -36.92 -84.27
N SER G 182 37.46 -37.07 -85.05
CA SER G 182 38.82 -37.16 -84.54
C SER G 182 39.71 -36.08 -85.12
N CYS G 183 39.12 -34.90 -85.38
CA CYS G 183 39.89 -33.79 -85.93
C CYS G 183 40.82 -33.17 -84.89
N CYS G 184 40.46 -33.26 -83.61
CA CYS G 184 41.24 -32.65 -82.54
C CYS G 184 41.94 -33.73 -81.73
N PRO G 185 43.28 -33.81 -81.78
CA PRO G 185 43.99 -34.83 -80.98
C PRO G 185 43.84 -34.63 -79.48
N ALA G 186 43.55 -33.41 -79.02
CA ALA G 186 43.34 -33.18 -77.60
C ALA G 186 42.13 -33.95 -77.09
N TRP G 187 41.06 -34.00 -77.90
CA TRP G 187 39.89 -34.80 -77.52
C TRP G 187 40.23 -36.28 -77.46
N VAL G 188 41.06 -36.76 -78.39
CA VAL G 188 41.46 -38.16 -78.38
C VAL G 188 42.26 -38.48 -77.12
N LYS G 189 43.19 -37.59 -76.75
CA LYS G 189 43.98 -37.80 -75.54
C LYS G 189 43.10 -37.74 -74.30
N PHE G 190 42.13 -36.82 -74.26
CA PHE G 190 41.23 -36.73 -73.12
C PHE G 190 40.36 -37.98 -73.00
N ALA G 191 39.89 -38.51 -74.13
CA ALA G 191 39.11 -39.75 -74.11
C ALA G 191 39.97 -40.92 -73.65
N GLU G 192 41.24 -40.95 -74.06
CA GLU G 192 42.17 -41.95 -73.54
C GLU G 192 42.34 -41.82 -72.03
N GLN G 193 42.43 -40.59 -71.54
CA GLN G 193 42.68 -40.37 -70.12
C GLN G 193 41.48 -40.75 -69.27
N THR G 194 40.27 -40.40 -69.72
CA THR G 194 39.09 -40.48 -68.86
C THR G 194 38.04 -41.49 -69.30
N TYR G 195 37.86 -41.72 -70.60
CA TYR G 195 36.76 -42.55 -71.10
C TYR G 195 37.29 -43.65 -72.01
N PRO G 196 37.87 -44.70 -71.45
CA PRO G 196 38.36 -45.81 -72.29
C PRO G 196 37.25 -46.64 -72.92
N GLU G 197 36.03 -46.57 -72.38
CA GLU G 197 34.93 -47.40 -72.87
C GLU G 197 34.14 -46.75 -73.99
N LEU G 198 34.47 -45.51 -74.38
CA LEU G 198 33.76 -44.82 -75.44
C LEU G 198 34.67 -44.48 -76.62
N LEU G 199 35.80 -45.18 -76.75
CA LEU G 199 36.74 -44.92 -77.83
C LEU G 199 36.23 -45.38 -79.19
N LYS G 200 35.32 -46.35 -79.24
CA LYS G 200 34.78 -46.82 -80.50
C LYS G 200 33.80 -45.83 -81.12
N HIS G 201 33.24 -44.91 -80.32
CA HIS G 201 32.39 -43.87 -80.88
C HIS G 201 33.19 -42.88 -81.71
N ILE G 202 34.46 -42.68 -81.36
CA ILE G 202 35.31 -41.75 -82.09
C ILE G 202 35.64 -42.35 -83.45
N SER G 203 35.50 -41.54 -84.51
CA SER G 203 35.81 -41.99 -85.85
C SER G 203 37.29 -42.27 -86.01
N THR G 204 37.63 -43.21 -86.90
CA THR G 204 39.00 -43.53 -87.22
C THR G 204 39.57 -42.67 -88.33
N CYS G 205 38.90 -41.56 -88.66
CA CYS G 205 39.37 -40.67 -89.70
C CYS G 205 40.65 -39.95 -89.27
N LYS G 206 41.56 -39.79 -90.21
CA LYS G 206 42.84 -39.15 -89.91
C LYS G 206 42.70 -37.64 -89.94
N SER G 207 43.58 -36.97 -89.19
CA SER G 207 43.61 -35.52 -89.19
C SER G 207 44.07 -34.99 -90.54
N PRO G 208 43.62 -33.80 -90.94
CA PRO G 208 44.05 -33.25 -92.24
C PRO G 208 45.56 -33.09 -92.37
N GLN G 209 46.24 -32.71 -91.30
CA GLN G 209 47.70 -32.58 -91.34
C GLN G 209 48.35 -33.94 -91.58
N GLN G 210 47.96 -34.95 -90.80
CA GLN G 210 48.56 -36.27 -90.95
C GLN G 210 48.15 -36.92 -92.28
N MET G 211 46.93 -36.70 -92.73
CA MET G 211 46.51 -37.23 -94.02
C MET G 211 47.30 -36.60 -95.17
N THR G 212 47.49 -35.28 -95.12
CA THR G 212 48.29 -34.61 -96.15
C THR G 212 49.74 -35.08 -96.09
N GLY G 213 50.28 -35.28 -94.89
CA GLY G 213 51.63 -35.81 -94.76
C GLY G 213 51.76 -37.21 -95.33
N ALA G 214 50.76 -38.06 -95.08
CA ALA G 214 50.78 -39.41 -95.65
C ALA G 214 50.69 -39.37 -97.17
N ILE G 215 49.87 -38.46 -97.71
CA ILE G 215 49.79 -38.29 -99.16
C ILE G 215 51.14 -37.85 -99.72
N ILE G 216 51.81 -36.92 -99.04
CA ILE G 216 53.11 -36.44 -99.50
C ILE G 216 54.14 -37.56 -99.46
N LYS G 217 54.17 -38.34 -98.37
CA LYS G 217 55.15 -39.41 -98.25
C LYS G 217 54.83 -40.61 -99.13
N THR G 218 53.59 -40.74 -99.61
CA THR G 218 53.21 -41.88 -100.44
C THR G 218 52.91 -41.48 -101.87
N TYR G 219 51.96 -40.57 -102.08
CA TYR G 219 51.61 -40.14 -103.44
C TYR G 219 52.58 -39.10 -103.97
N GLY G 220 53.09 -38.23 -103.10
CA GLY G 220 54.00 -37.18 -103.53
C GLY G 220 55.35 -37.68 -104.00
N ALA G 221 55.76 -38.87 -103.56
CA ALA G 221 57.01 -39.45 -104.03
C ALA G 221 56.92 -39.96 -105.46
N LYS G 222 55.71 -40.16 -105.98
CA LYS G 222 55.53 -40.65 -107.35
C LYS G 222 55.27 -39.53 -108.34
N ILE G 223 54.66 -38.43 -107.91
CA ILE G 223 54.43 -37.30 -108.81
C ILE G 223 55.75 -36.62 -109.16
N ASN G 224 56.74 -36.70 -108.27
CA ASN G 224 58.06 -36.15 -108.50
C ASN G 224 59.05 -37.28 -108.77
N ASN G 225 60.31 -36.90 -108.98
CA ASN G 225 61.38 -37.86 -109.25
C ASN G 225 62.29 -38.06 -108.04
N VAL G 226 61.72 -38.03 -106.84
CA VAL G 226 62.48 -38.21 -105.61
C VAL G 226 62.04 -39.48 -104.93
N ASP G 227 62.91 -40.00 -104.05
CA ASP G 227 62.66 -41.20 -103.27
C ASP G 227 62.07 -40.84 -101.91
N PRO G 228 61.19 -41.70 -101.35
CA PRO G 228 60.59 -41.44 -100.03
C PRO G 228 61.51 -41.78 -98.86
N ALA G 229 62.76 -41.29 -98.93
CA ALA G 229 63.72 -41.50 -97.86
C ALA G 229 64.47 -40.24 -97.46
N LYS G 230 64.42 -39.18 -98.27
CA LYS G 230 65.05 -37.91 -97.93
C LYS G 230 64.06 -36.77 -97.83
N ILE G 231 62.76 -37.04 -98.04
CA ILE G 231 61.75 -36.00 -97.96
C ILE G 231 61.52 -35.60 -96.50
N PHE G 232 61.51 -34.30 -96.23
CA PHE G 232 61.31 -33.76 -94.90
C PHE G 232 60.10 -32.85 -94.91
N SER G 233 59.10 -33.17 -94.10
CA SER G 233 57.83 -32.46 -94.09
C SER G 233 57.69 -31.68 -92.79
N VAL G 234 57.42 -30.38 -92.92
CA VAL G 234 57.14 -29.51 -91.78
C VAL G 234 55.74 -28.93 -91.96
N SER G 235 54.88 -29.11 -90.97
CA SER G 235 53.50 -28.67 -91.01
C SER G 235 53.30 -27.56 -89.98
N VAL G 236 52.59 -26.51 -90.36
CA VAL G 236 52.38 -25.37 -89.49
C VAL G 236 50.98 -25.45 -88.88
N MET G 237 50.92 -25.55 -87.56
CA MET G 237 49.72 -25.45 -86.74
C MET G 237 49.97 -24.57 -85.52
N PRO G 238 48.99 -23.74 -85.15
CA PRO G 238 49.02 -23.03 -83.86
C PRO G 238 48.54 -23.91 -82.71
N CYS G 239 49.11 -25.11 -82.60
CA CYS G 239 48.66 -26.11 -81.65
C CYS G 239 49.86 -26.85 -81.06
N THR G 240 49.86 -26.98 -79.73
CA THR G 240 50.87 -27.80 -79.06
C THR G 240 50.56 -29.29 -79.21
N CYS G 241 49.27 -29.64 -79.23
CA CYS G 241 48.80 -31.01 -79.34
C CYS G 241 49.25 -31.70 -80.63
N LYS G 242 49.56 -30.95 -81.69
CA LYS G 242 49.99 -31.56 -82.93
C LYS G 242 51.35 -32.23 -82.79
N SER G 243 52.19 -31.72 -81.89
CA SER G 243 53.45 -32.41 -81.59
C SER G 243 53.18 -33.77 -80.92
N TYR G 244 52.20 -33.82 -80.03
CA TYR G 244 51.84 -35.08 -79.39
C TYR G 244 51.14 -36.03 -80.35
N GLU G 245 50.50 -35.51 -81.38
CA GLU G 245 49.83 -36.38 -82.36
C GLU G 245 50.78 -36.89 -83.44
N SER G 246 51.82 -36.14 -83.78
CA SER G 246 52.70 -36.47 -84.90
C SER G 246 53.91 -37.30 -84.49
N ASP G 247 53.87 -37.95 -83.31
CA ASP G 247 54.98 -38.81 -82.91
C ASP G 247 54.50 -40.12 -82.30
N ARG G 248 53.22 -40.46 -82.46
CA ARG G 248 52.69 -41.71 -81.93
C ARG G 248 53.20 -42.88 -82.79
N PRO G 249 53.49 -44.03 -82.16
CA PRO G 249 53.88 -45.21 -82.96
C PRO G 249 52.77 -45.73 -83.86
N GLU G 250 51.51 -45.44 -83.54
CA GLU G 250 50.38 -45.85 -84.36
C GLU G 250 49.98 -44.78 -85.37
N MET G 251 50.75 -43.70 -85.48
CA MET G 251 50.39 -42.60 -86.37
C MET G 251 51.45 -42.44 -87.45
N ARG G 252 51.83 -43.55 -88.08
CA ARG G 252 52.82 -43.54 -89.15
C ARG G 252 52.31 -44.34 -90.33
N SER G 253 52.75 -43.96 -91.53
CA SER G 253 52.36 -44.62 -92.75
C SER G 253 53.59 -44.93 -93.58
N SER G 254 53.59 -46.11 -94.20
CA SER G 254 54.68 -46.60 -95.07
C SER G 254 56.01 -46.68 -94.35
N GLY G 255 56.01 -46.83 -93.03
CA GLY G 255 57.24 -46.97 -92.27
C GLY G 255 57.89 -45.66 -91.87
N TYR G 256 57.69 -44.63 -92.68
CA TYR G 256 58.28 -43.31 -92.43
C TYR G 256 57.28 -42.42 -91.69
N LYS G 257 57.81 -41.42 -90.99
CA LYS G 257 56.97 -40.47 -90.29
C LYS G 257 56.29 -39.53 -91.28
N ASP G 258 54.96 -39.46 -91.23
CA ASP G 258 54.23 -38.57 -92.12
C ASP G 258 54.55 -37.11 -91.82
N VAL G 259 54.59 -36.75 -90.54
CA VAL G 259 54.97 -35.41 -90.11
C VAL G 259 56.12 -35.55 -89.12
N ASP G 260 57.25 -34.89 -89.41
CA ASP G 260 58.41 -34.97 -88.54
C ASP G 260 58.17 -34.21 -87.24
N LEU G 261 57.91 -32.90 -87.35
CA LEU G 261 57.66 -32.07 -86.19
C LEU G 261 56.80 -30.88 -86.62
N VAL G 262 56.21 -30.22 -85.63
CA VAL G 262 55.31 -29.11 -85.88
C VAL G 262 55.95 -27.83 -85.35
N ILE G 263 55.50 -26.71 -85.91
CA ILE G 263 55.95 -25.38 -85.48
C ILE G 263 54.72 -24.49 -85.34
N THR G 264 54.73 -23.68 -84.28
CA THR G 264 53.62 -22.76 -84.04
C THR G 264 53.74 -21.53 -84.93
N THR G 265 52.69 -20.70 -84.90
CA THR G 265 52.70 -19.46 -85.66
C THR G 265 53.77 -18.51 -85.15
N ARG G 266 53.94 -18.43 -83.83
CA ARG G 266 54.98 -17.58 -83.25
C ARG G 266 56.37 -18.05 -83.65
N GLU G 267 56.59 -19.37 -83.65
CA GLU G 267 57.89 -19.90 -84.05
C GLU G 267 58.17 -19.62 -85.52
N LEU G 268 57.17 -19.75 -86.38
CA LEU G 268 57.36 -19.42 -87.79
C LEU G 268 57.64 -17.94 -87.99
N ALA G 269 56.94 -17.08 -87.24
CA ALA G 269 57.18 -15.64 -87.34
C ALA G 269 58.58 -15.28 -86.87
N HIS G 270 59.05 -15.90 -85.79
CA HIS G 270 60.41 -15.63 -85.31
C HIS G 270 61.46 -16.20 -86.26
N LEU G 271 61.17 -17.33 -86.91
CA LEU G 271 62.07 -17.85 -87.94
C LEU G 271 62.16 -16.89 -89.13
N MET G 272 61.01 -16.31 -89.52
CA MET G 272 61.02 -15.32 -90.59
C MET G 272 61.78 -14.06 -90.17
N LYS G 273 61.63 -13.64 -88.92
CA LYS G 273 62.35 -12.47 -88.43
C LYS G 273 63.85 -12.72 -88.36
N ASP G 274 64.24 -13.95 -88.02
CA ASP G 274 65.67 -14.29 -87.96
C ASP G 274 66.32 -14.26 -89.33
N LYS G 275 65.55 -14.53 -90.39
CA LYS G 275 66.08 -14.48 -91.75
C LYS G 275 66.37 -13.06 -92.22
N GLY G 276 65.94 -12.05 -91.47
CA GLY G 276 66.14 -10.66 -91.88
C GLY G 276 65.38 -10.26 -93.12
N ILE G 277 64.13 -10.71 -93.24
CA ILE G 277 63.29 -10.41 -94.40
C ILE G 277 62.02 -9.74 -93.89
N ASP G 278 61.59 -8.69 -94.60
CA ASP G 278 60.39 -7.96 -94.25
C ASP G 278 59.14 -8.70 -94.75
N PHE G 279 57.99 -8.26 -94.27
CA PHE G 279 56.71 -8.85 -94.65
C PHE G 279 55.82 -7.93 -95.47
N ALA G 280 55.96 -6.61 -95.31
CA ALA G 280 55.07 -5.68 -96.01
C ALA G 280 55.39 -5.63 -97.50
N THR G 281 56.66 -5.72 -97.87
CA THR G 281 57.09 -5.56 -99.25
C THR G 281 57.12 -6.87 -100.04
N LEU G 282 56.69 -7.98 -99.44
CA LEU G 282 56.68 -9.23 -100.16
C LEU G 282 55.61 -9.21 -101.25
N PRO G 283 55.86 -9.86 -102.39
CA PRO G 283 54.84 -9.88 -103.46
C PRO G 283 53.80 -10.97 -103.24
N ASP G 284 52.89 -11.12 -104.18
CA ASP G 284 51.83 -12.12 -104.10
C ASP G 284 52.17 -13.29 -105.02
N GLU G 285 52.03 -14.51 -104.48
CA GLU G 285 52.33 -15.72 -105.24
C GLU G 285 51.16 -16.69 -105.16
N GLU G 286 51.35 -17.92 -105.64
CA GLU G 286 50.31 -18.94 -105.65
C GLU G 286 50.89 -20.26 -105.18
N PHE G 287 50.00 -21.13 -104.70
CA PHE G 287 50.38 -22.46 -104.26
C PHE G 287 50.57 -23.39 -105.45
N ASP G 288 51.19 -24.54 -105.19
CA ASP G 288 51.43 -25.51 -106.24
C ASP G 288 50.12 -26.22 -106.61
N SER G 289 49.85 -26.31 -107.91
CA SER G 289 48.59 -26.90 -108.37
C SER G 289 48.40 -28.38 -108.01
N PRO G 290 49.39 -29.28 -108.17
CA PRO G 290 49.10 -30.71 -107.90
C PRO G 290 48.65 -31.02 -106.49
N LEU G 291 49.17 -30.32 -105.48
CA LEU G 291 48.86 -30.63 -104.09
C LEU G 291 48.54 -29.38 -103.29
N GLY G 292 47.89 -28.40 -103.91
CA GLY G 292 47.51 -27.19 -103.21
C GLY G 292 46.16 -26.64 -103.65
N ASN G 293 45.40 -27.45 -104.37
CA ASN G 293 44.08 -27.05 -104.83
C ASN G 293 43.04 -27.46 -103.80
N TYR G 294 42.15 -26.53 -103.48
CA TYR G 294 41.16 -26.76 -102.43
C TYR G 294 39.97 -25.84 -102.65
N THR G 295 38.94 -26.04 -101.84
CA THR G 295 37.71 -25.27 -101.88
C THR G 295 37.58 -24.44 -100.61
N GLY G 296 36.51 -23.63 -100.55
CA GLY G 296 36.28 -22.78 -99.40
C GLY G 296 35.76 -23.50 -98.19
N ALA G 297 35.29 -24.75 -98.34
CA ALA G 297 34.78 -25.49 -97.20
C ALA G 297 35.88 -25.85 -96.21
N ALA G 298 37.12 -25.98 -96.69
CA ALA G 298 38.26 -26.29 -95.83
C ALA G 298 38.97 -25.04 -95.33
N THR G 299 38.46 -23.86 -95.65
CA THR G 299 39.10 -22.60 -95.27
C THR G 299 38.66 -22.12 -93.90
N ILE G 300 37.44 -22.46 -93.48
CA ILE G 300 36.88 -21.91 -92.23
C ILE G 300 37.12 -22.87 -91.08
N PHE G 301 38.08 -23.78 -91.23
CA PHE G 301 38.42 -24.70 -90.15
C PHE G 301 39.10 -24.02 -88.98
N GLY G 302 39.68 -22.83 -89.19
CA GLY G 302 40.25 -22.09 -88.07
C GLY G 302 39.22 -21.66 -87.06
N ASN G 303 38.00 -21.37 -87.50
CA ASN G 303 36.89 -21.05 -86.62
C ASN G 303 36.07 -22.29 -86.34
N THR G 304 35.48 -22.35 -85.14
CA THR G 304 34.61 -23.45 -84.78
C THR G 304 33.32 -23.40 -85.61
N GLY G 305 32.75 -24.58 -85.86
CA GLY G 305 31.55 -24.70 -86.64
C GLY G 305 31.77 -24.81 -88.13
N GLY G 306 33.00 -24.62 -88.61
CA GLY G 306 33.26 -24.78 -90.03
C GLY G 306 33.28 -26.23 -90.46
N VAL G 307 33.68 -27.12 -89.55
CA VAL G 307 33.69 -28.55 -89.86
C VAL G 307 32.28 -29.05 -90.10
N MET G 308 31.32 -28.59 -89.29
CA MET G 308 29.92 -28.99 -89.46
C MET G 308 29.38 -28.53 -90.81
N GLU G 309 29.67 -27.28 -91.19
CA GLU G 309 29.20 -26.77 -92.47
C GLU G 309 29.85 -27.52 -93.64
N ALA G 310 31.15 -27.79 -93.55
CA ALA G 310 31.84 -28.51 -94.61
C ALA G 310 31.31 -29.93 -94.75
N ALA G 311 31.04 -30.59 -93.61
CA ALA G 311 30.48 -31.93 -93.66
C ALA G 311 29.07 -31.93 -94.23
N LEU G 312 28.25 -30.95 -93.85
CA LEU G 312 26.89 -30.87 -94.35
C LEU G 312 26.85 -30.62 -95.86
N ARG G 313 27.74 -29.75 -96.35
CA ARG G 313 27.71 -29.35 -97.75
C ARG G 313 27.97 -30.51 -98.70
N THR G 314 28.55 -31.60 -98.22
CA THR G 314 28.70 -32.82 -99.02
C THR G 314 27.77 -33.95 -98.58
N ALA G 315 27.41 -34.01 -97.29
CA ALA G 315 26.50 -35.05 -96.83
C ALA G 315 25.12 -34.87 -97.41
N TYR G 316 24.66 -33.61 -97.54
CA TYR G 316 23.37 -33.36 -98.15
C TYR G 316 23.34 -33.85 -99.60
N GLU G 317 24.40 -33.57 -100.35
CA GLU G 317 24.48 -34.02 -101.74
C GLU G 317 24.55 -35.54 -101.83
N LEU G 318 25.32 -36.18 -100.94
CA LEU G 318 25.43 -37.63 -100.97
C LEU G 318 24.16 -38.33 -100.48
N ILE G 319 23.30 -37.64 -99.73
CA ILE G 319 22.06 -38.27 -99.27
C ILE G 319 20.93 -38.03 -100.27
N THR G 320 20.61 -36.77 -100.55
CA THR G 320 19.45 -36.49 -101.39
C THR G 320 19.72 -36.71 -102.88
N LYS G 321 21.00 -36.84 -103.27
CA LYS G 321 21.40 -37.13 -104.65
C LYS G 321 20.83 -36.12 -105.64
N LYS G 322 20.78 -34.85 -105.23
CA LYS G 322 20.33 -33.77 -106.10
C LYS G 322 20.90 -32.47 -105.60
N PRO G 323 21.11 -31.48 -106.47
CA PRO G 323 21.66 -30.18 -106.03
C PRO G 323 20.62 -29.35 -105.32
N ILE G 324 20.80 -29.15 -104.02
CA ILE G 324 19.94 -28.28 -103.22
C ILE G 324 20.83 -27.28 -102.50
N PRO G 325 20.54 -25.97 -102.59
CA PRO G 325 21.43 -24.97 -101.99
C PRO G 325 21.51 -25.06 -100.47
N ASN G 326 22.68 -25.44 -99.96
CA ASN G 326 22.94 -25.49 -98.53
C ASN G 326 24.24 -24.75 -98.20
N ILE G 327 24.59 -23.76 -99.03
CA ILE G 327 25.86 -23.05 -98.84
C ILE G 327 25.79 -22.17 -97.60
N ASP G 328 24.69 -21.45 -97.40
CA ASP G 328 24.56 -20.50 -96.31
C ASP G 328 23.70 -21.11 -95.19
N ILE G 329 24.21 -21.02 -93.97
CA ILE G 329 23.48 -21.47 -92.78
C ILE G 329 24.02 -20.69 -91.58
N GLU G 330 23.11 -20.29 -90.69
CA GLU G 330 23.46 -19.41 -89.58
C GLU G 330 23.14 -19.98 -88.21
N PHE G 331 22.56 -21.18 -88.13
CA PHE G 331 22.23 -21.79 -86.85
C PHE G 331 23.35 -22.70 -86.34
N VAL G 332 24.49 -22.72 -87.02
CA VAL G 332 25.62 -23.55 -86.62
C VAL G 332 26.83 -22.73 -86.19
N ARG G 333 26.64 -21.46 -85.83
CA ARG G 333 27.74 -20.60 -85.40
C ARG G 333 27.50 -20.15 -83.96
N GLY G 334 28.49 -20.38 -83.10
CA GLY G 334 28.40 -20.00 -81.70
C GLY G 334 29.79 -19.78 -81.14
N GLY G 335 29.85 -19.32 -79.90
CA GLY G 335 31.12 -19.02 -79.28
C GLY G 335 31.23 -19.36 -77.81
N GLU G 336 30.19 -19.95 -77.23
CA GLU G 336 30.20 -20.26 -75.81
C GLU G 336 29.28 -21.43 -75.54
N GLY G 337 29.70 -22.30 -74.62
CA GLY G 337 28.85 -23.43 -74.23
C GLY G 337 28.77 -24.47 -75.34
N ILE G 338 27.54 -24.90 -75.62
CA ILE G 338 27.28 -25.88 -76.65
C ILE G 338 26.23 -25.32 -77.59
N ARG G 339 26.23 -25.80 -78.84
CA ARG G 339 25.17 -25.45 -79.77
C ARG G 339 24.61 -26.72 -80.38
N THR G 340 23.33 -26.66 -80.76
CA THR G 340 22.64 -27.76 -81.42
C THR G 340 21.77 -27.21 -82.55
N ALA G 341 21.47 -28.10 -83.49
CA ALA G 341 20.65 -27.77 -84.66
C ALA G 341 20.04 -29.06 -85.19
N THR G 342 19.02 -28.90 -86.01
CA THR G 342 18.31 -30.03 -86.62
C THR G 342 18.24 -29.84 -88.13
N VAL G 343 18.31 -30.95 -88.86
CA VAL G 343 18.24 -30.92 -90.31
C VAL G 343 17.44 -32.12 -90.80
N GLN G 344 16.60 -31.92 -91.81
CA GLN G 344 15.82 -32.99 -92.41
C GLN G 344 16.32 -33.22 -93.82
N VAL G 345 17.00 -34.34 -94.04
CA VAL G 345 17.54 -34.69 -95.35
C VAL G 345 17.24 -36.16 -95.62
N GLY G 346 16.82 -36.45 -96.85
CA GLY G 346 16.49 -37.82 -97.23
C GLY G 346 15.37 -38.42 -96.42
N GLU G 347 14.37 -37.62 -96.04
CA GLU G 347 13.30 -38.00 -95.12
C GLU G 347 13.81 -38.55 -93.80
N LEU G 348 15.02 -38.16 -93.39
CA LEU G 348 15.58 -38.51 -92.10
C LEU G 348 15.99 -37.24 -91.35
N GLU G 349 15.72 -37.22 -90.05
CA GLU G 349 16.02 -36.08 -89.21
C GLU G 349 17.31 -36.34 -88.43
N LEU G 350 18.22 -35.37 -88.45
CA LEU G 350 19.51 -35.45 -87.79
C LEU G 350 19.67 -34.27 -86.84
N LYS G 351 20.05 -34.56 -85.60
CA LYS G 351 20.31 -33.55 -84.57
C LYS G 351 21.82 -33.41 -84.44
N ILE G 352 22.37 -32.37 -85.05
CA ILE G 352 23.79 -32.08 -84.95
C ILE G 352 24.02 -31.17 -83.75
N ALA G 353 25.22 -31.26 -83.17
CA ALA G 353 25.57 -30.45 -82.01
C ALA G 353 27.07 -30.44 -81.86
N VAL G 354 27.62 -29.30 -81.41
CA VAL G 354 29.03 -29.24 -81.09
C VAL G 354 29.22 -28.48 -79.77
N VAL G 355 30.45 -28.51 -79.27
CA VAL G 355 30.82 -27.94 -77.99
C VAL G 355 31.80 -26.81 -78.24
N SER G 356 31.77 -25.79 -77.39
CA SER G 356 32.80 -24.76 -77.35
C SER G 356 33.58 -24.93 -76.04
N GLY G 357 34.81 -25.40 -76.15
CA GLY G 357 35.59 -25.76 -74.97
C GLY G 357 35.47 -27.25 -74.65
N LEU G 358 36.38 -27.71 -73.80
CA LEU G 358 36.46 -29.13 -73.48
C LEU G 358 35.57 -29.53 -72.31
N LYS G 359 35.34 -28.63 -71.36
CA LYS G 359 34.57 -28.99 -70.17
C LYS G 359 33.08 -29.15 -70.46
N ASN G 360 32.59 -28.62 -71.58
CA ASN G 360 31.18 -28.76 -71.92
C ASN G 360 30.83 -30.13 -72.49
N VAL G 361 31.83 -30.96 -72.80
CA VAL G 361 31.55 -32.29 -73.33
C VAL G 361 30.99 -33.21 -72.24
N ILE G 362 31.44 -33.02 -70.99
CA ILE G 362 31.10 -33.97 -69.92
C ILE G 362 29.60 -34.13 -69.67
N PRO G 363 28.79 -33.06 -69.54
CA PRO G 363 27.36 -33.30 -69.27
C PRO G 363 26.60 -33.94 -70.42
N ILE G 364 27.14 -33.91 -71.64
CA ILE G 364 26.47 -34.54 -72.78
C ILE G 364 27.13 -35.85 -73.21
N LEU G 365 28.30 -36.18 -72.68
CA LEU G 365 28.97 -37.42 -73.02
C LEU G 365 28.53 -38.60 -72.17
N GLU G 366 27.84 -38.36 -71.06
CA GLU G 366 27.38 -39.44 -70.20
C GLU G 366 26.33 -40.27 -70.91
N ASP G 367 26.36 -41.59 -70.66
CA ASP G 367 25.50 -42.53 -71.37
C ASP G 367 24.03 -42.34 -71.04
N ILE G 368 23.69 -41.77 -69.88
CA ILE G 368 22.28 -41.56 -69.55
C ILE G 368 21.68 -40.47 -70.41
N LYS G 369 22.38 -39.34 -70.56
CA LYS G 369 21.89 -38.26 -71.41
C LYS G 369 22.10 -38.59 -72.89
N LYS G 370 23.07 -39.43 -73.20
CA LYS G 370 23.36 -39.80 -74.59
C LYS G 370 22.21 -40.56 -75.23
N ASN G 371 21.54 -41.43 -74.48
CA ASN G 371 20.47 -42.24 -75.03
C ASN G 371 19.17 -41.46 -75.24
N LYS G 372 19.00 -40.31 -74.59
CA LYS G 372 17.78 -39.54 -74.70
C LYS G 372 17.80 -38.50 -75.81
N CYS G 373 18.95 -38.29 -76.46
CA CYS G 373 19.05 -37.36 -77.58
C CYS G 373 19.60 -38.00 -78.84
N ASP G 374 20.19 -39.19 -78.74
CA ASP G 374 20.61 -40.06 -79.85
C ASP G 374 21.85 -39.54 -80.58
N LEU G 375 22.23 -38.29 -80.30
CA LEU G 375 23.50 -37.66 -80.74
C LEU G 375 23.86 -38.02 -82.18
N HIS G 376 23.01 -37.55 -83.11
CA HIS G 376 23.10 -37.98 -84.51
C HIS G 376 24.46 -37.68 -85.11
N PHE G 377 25.01 -36.50 -84.86
CA PHE G 377 26.36 -36.17 -85.30
C PHE G 377 26.91 -35.08 -84.39
N VAL G 378 27.88 -35.43 -83.55
CA VAL G 378 28.48 -34.49 -82.61
C VAL G 378 29.97 -34.43 -82.88
N GLU G 379 30.49 -33.23 -83.15
CA GLU G 379 31.90 -32.99 -83.31
C GLU G 379 32.51 -32.51 -82.01
N VAL G 380 33.84 -32.52 -81.96
CA VAL G 380 34.59 -32.12 -80.77
C VAL G 380 35.46 -30.93 -81.12
N MET G 381 35.54 -29.96 -80.22
CA MET G 381 36.32 -28.75 -80.44
C MET G 381 36.88 -28.35 -79.07
N THR G 382 38.12 -28.74 -78.79
CA THR G 382 38.69 -28.54 -77.46
C THR G 382 38.96 -27.05 -77.21
N CYS G 383 39.62 -26.39 -78.14
CA CYS G 383 39.94 -24.98 -77.96
C CYS G 383 38.68 -24.12 -78.11
N PRO G 384 38.55 -23.06 -77.33
CA PRO G 384 37.45 -22.12 -77.55
C PRO G 384 37.62 -21.37 -78.87
N GLU G 385 36.55 -21.32 -79.65
CA GLU G 385 36.48 -20.60 -80.92
C GLU G 385 37.55 -21.10 -81.90
N GLY G 386 37.49 -22.41 -82.17
CA GLY G 386 38.31 -23.01 -83.22
C GLY G 386 39.80 -23.07 -82.89
N CYS G 387 40.58 -23.39 -83.93
CA CYS G 387 42.03 -23.45 -83.84
C CYS G 387 42.69 -22.07 -83.83
N ILE G 388 41.92 -21.00 -84.11
CA ILE G 388 42.49 -19.65 -84.12
C ILE G 388 42.68 -19.06 -82.74
N SER G 389 42.38 -19.83 -81.68
CA SER G 389 42.64 -19.43 -80.31
C SER G 389 43.32 -20.57 -79.54
N GLY G 390 44.22 -21.26 -80.22
CA GLY G 390 44.93 -22.38 -79.63
C GLY G 390 46.20 -21.96 -78.91
N GLY G 391 47.08 -22.93 -78.69
CA GLY G 391 48.31 -22.69 -77.97
C GLY G 391 49.43 -22.05 -78.75
N GLY G 392 49.34 -22.03 -80.08
CA GLY G 392 50.39 -21.45 -80.90
C GLY G 392 50.08 -20.03 -81.35
N GLN G 393 48.85 -19.59 -81.12
CA GLN G 393 48.48 -18.23 -81.49
C GLN G 393 49.19 -17.22 -80.60
N PRO G 394 49.56 -16.06 -81.14
CA PRO G 394 50.24 -15.05 -80.32
C PRO G 394 49.31 -14.45 -79.28
N LYS G 395 49.91 -13.97 -78.20
CA LYS G 395 49.17 -13.38 -77.11
C LYS G 395 48.67 -11.98 -77.49
N LEU G 396 47.63 -11.53 -76.78
CA LEU G 396 47.06 -10.21 -76.99
C LEU G 396 47.40 -9.26 -75.84
N LEU G 397 48.44 -9.58 -75.06
CA LEU G 397 48.90 -8.78 -73.93
C LEU G 397 47.77 -8.56 -72.91
N LEU G 398 47.09 -9.66 -72.58
CA LEU G 398 46.02 -9.61 -71.60
C LEU G 398 46.16 -10.73 -70.57
N ALA G 405 38.83 -8.77 -81.12
CA ALA G 405 39.91 -9.68 -80.75
C ALA G 405 39.86 -10.96 -81.57
N TYR G 406 39.14 -11.97 -81.05
CA TYR G 406 39.01 -13.24 -81.74
C TYR G 406 38.05 -13.18 -82.93
N LYS G 407 37.19 -12.15 -82.97
CA LYS G 407 36.18 -12.09 -84.03
C LYS G 407 36.78 -11.68 -85.37
N LYS G 408 37.87 -10.91 -85.36
CA LYS G 408 38.44 -10.43 -86.61
C LYS G 408 38.99 -11.58 -87.46
N ARG G 409 39.66 -12.55 -86.82
CA ARG G 409 40.19 -13.68 -87.56
C ARG G 409 39.08 -14.52 -88.18
N LYS G 410 38.01 -14.78 -87.43
CA LYS G 410 36.90 -15.56 -87.96
C LYS G 410 36.15 -14.79 -89.04
N GLU G 411 36.06 -13.46 -88.93
CA GLU G 411 35.43 -12.68 -89.99
C GLU G 411 36.28 -12.70 -91.26
N ALA G 412 37.61 -12.62 -91.12
CA ALA G 412 38.48 -12.75 -92.28
C ALA G 412 38.36 -14.12 -92.93
N LEU G 413 38.27 -15.18 -92.11
CA LEU G 413 38.10 -16.51 -92.65
C LEU G 413 36.77 -16.66 -93.37
N TYR G 414 35.70 -16.08 -92.82
CA TYR G 414 34.39 -16.14 -93.47
C TYR G 414 34.41 -15.36 -94.79
N LYS G 415 35.08 -14.21 -94.82
CA LYS G 415 35.19 -13.45 -96.06
C LYS G 415 36.00 -14.20 -97.11
N HIS G 416 37.07 -14.88 -96.68
CA HIS G 416 37.85 -15.69 -97.60
C HIS G 416 37.02 -16.87 -98.15
N ASP G 417 36.18 -17.45 -97.30
CA ASP G 417 35.27 -18.50 -97.76
C ASP G 417 34.27 -17.95 -98.77
N ALA G 418 33.72 -16.77 -98.51
CA ALA G 418 32.72 -16.19 -99.38
C ALA G 418 33.29 -15.64 -100.68
N GLU G 419 34.60 -15.43 -100.76
CA GLU G 419 35.21 -14.89 -101.97
C GLU G 419 35.63 -15.97 -102.97
N LEU G 420 35.55 -17.23 -102.59
CA LEU G 420 35.93 -18.33 -103.48
C LEU G 420 34.72 -18.79 -104.29
N GLU G 421 35.01 -19.25 -105.51
CA GLU G 421 33.96 -19.69 -106.43
C GLU G 421 33.46 -21.09 -106.15
N LEU G 422 34.15 -21.86 -105.30
CA LEU G 422 33.75 -23.21 -104.95
C LEU G 422 33.34 -23.25 -103.49
N ARG G 423 32.15 -23.77 -103.22
CA ARG G 423 31.62 -23.88 -101.86
C ARG G 423 31.53 -25.32 -101.38
N LYS G 424 30.90 -26.20 -102.17
CA LYS G 424 30.81 -27.60 -101.80
C LYS G 424 32.18 -28.26 -101.90
N SER G 425 32.49 -29.11 -100.93
CA SER G 425 33.79 -29.78 -100.90
C SER G 425 33.79 -31.05 -101.74
N HIS G 426 33.32 -30.94 -102.98
CA HIS G 426 33.34 -32.08 -103.91
C HIS G 426 33.78 -31.71 -105.32
N GLU G 427 33.88 -30.42 -105.66
CA GLU G 427 34.19 -29.98 -107.02
C GLU G 427 35.68 -29.79 -107.27
N ASN G 428 36.53 -30.20 -106.34
CA ASN G 428 37.96 -30.04 -106.52
C ASN G 428 38.48 -31.01 -107.56
N PRO G 429 39.10 -30.53 -108.65
CA PRO G 429 39.65 -31.47 -109.64
C PRO G 429 40.77 -32.34 -109.10
N ALA G 430 41.54 -31.84 -108.13
CA ALA G 430 42.63 -32.63 -107.56
C ALA G 430 42.10 -33.83 -106.79
N ILE G 431 40.96 -33.68 -106.12
CA ILE G 431 40.35 -34.79 -105.40
C ILE G 431 39.92 -35.88 -106.37
N LYS G 432 39.29 -35.49 -107.48
CA LYS G 432 38.88 -36.47 -108.49
C LYS G 432 40.09 -37.14 -109.13
N LYS G 433 41.15 -36.38 -109.39
CA LYS G 433 42.36 -36.96 -109.96
C LYS G 433 43.00 -37.97 -109.01
N LEU G 434 43.05 -37.63 -107.71
CA LEU G 434 43.61 -38.55 -106.73
C LEU G 434 42.76 -39.81 -106.60
N TYR G 435 41.43 -39.66 -106.63
CA TYR G 435 40.55 -40.81 -106.55
C TYR G 435 40.68 -41.70 -107.79
N GLU G 436 40.83 -41.09 -108.96
CA GLU G 436 40.94 -41.88 -110.20
C GLU G 436 42.30 -42.57 -110.28
N GLU G 437 43.35 -41.92 -109.80
CA GLU G 437 44.71 -42.42 -110.01
C GLU G 437 45.20 -43.32 -108.88
N PHE G 438 45.17 -42.84 -107.64
CA PHE G 438 45.85 -43.51 -106.55
C PHE G 438 44.92 -44.16 -105.52
N LEU G 439 43.78 -43.53 -105.22
CA LEU G 439 42.95 -43.99 -104.11
C LEU G 439 41.81 -44.91 -104.53
N GLY G 440 41.43 -44.94 -105.80
CA GLY G 440 40.34 -45.77 -106.25
C GLY G 440 39.00 -45.29 -105.74
N GLU G 441 38.40 -46.03 -104.82
CA GLU G 441 37.14 -45.65 -104.20
C GLU G 441 37.33 -45.44 -102.70
N PRO G 442 36.52 -44.57 -102.08
CA PRO G 442 36.60 -44.41 -100.63
C PRO G 442 36.22 -45.70 -99.91
N LEU G 443 36.91 -45.96 -98.80
CA LEU G 443 36.80 -47.21 -98.04
C LEU G 443 37.01 -48.43 -98.95
N GLY G 444 38.02 -48.33 -99.81
CA GLY G 444 38.29 -49.39 -100.77
C GLY G 444 39.59 -50.11 -100.51
N LYS G 445 39.83 -50.43 -99.22
CA LYS G 445 40.96 -51.23 -98.73
C LYS G 445 42.26 -50.42 -98.77
N GLN G 446 42.21 -49.22 -99.36
CA GLN G 446 43.34 -48.31 -99.35
C GLN G 446 43.17 -47.15 -98.40
N SER G 447 41.95 -46.66 -98.20
CA SER G 447 41.70 -45.62 -97.22
C SER G 447 41.78 -46.16 -95.80
N HIS G 448 41.58 -47.47 -95.62
CA HIS G 448 41.70 -48.07 -94.31
C HIS G 448 43.15 -48.14 -93.83
N HIS G 449 44.11 -48.05 -94.74
CA HIS G 449 45.53 -48.13 -94.41
C HIS G 449 46.19 -46.77 -94.34
N LEU G 450 46.00 -45.93 -95.36
CA LEU G 450 46.68 -44.64 -95.42
C LEU G 450 45.82 -43.48 -94.94
N LEU G 451 44.50 -43.64 -94.86
CA LEU G 451 43.61 -42.56 -94.46
C LEU G 451 42.92 -42.83 -93.13
N HIS G 452 43.29 -43.91 -92.42
CA HIS G 452 42.66 -44.25 -91.16
C HIS G 452 43.69 -44.85 -90.22
N THR G 453 43.39 -44.76 -88.92
CA THR G 453 44.24 -45.33 -87.88
C THR G 453 43.36 -45.70 -86.69
N LYS G 454 43.87 -46.59 -85.85
CA LYS G 454 43.11 -47.16 -84.74
C LYS G 454 43.58 -46.55 -83.43
N TYR G 455 42.63 -46.11 -82.61
CA TYR G 455 42.91 -45.54 -81.29
C TYR G 455 42.46 -46.55 -80.25
N THR G 456 43.38 -47.44 -79.84
CA THR G 456 43.10 -48.44 -78.81
C THR G 456 44.22 -48.50 -77.75
N PRO G 457 44.40 -47.41 -76.98
CA PRO G 457 45.38 -47.48 -75.88
C PRO G 457 44.86 -48.33 -74.74
N ARG G 458 43.60 -48.08 -74.33
CA ARG G 458 42.87 -48.87 -73.34
C ARG G 458 43.64 -48.95 -72.01
N LYS G 459 43.82 -47.80 -71.39
CA LYS G 459 44.49 -47.74 -70.10
C LYS G 459 43.53 -47.27 -69.01
N THR H 21 45.07 25.33 -57.87
CA THR H 21 45.82 24.27 -57.22
C THR H 21 44.89 23.21 -56.64
N GLN H 22 45.02 21.98 -57.15
CA GLN H 22 44.17 20.86 -56.76
C GLN H 22 45.05 19.67 -56.44
N LEU H 23 44.61 18.87 -55.47
CA LEU H 23 45.46 17.83 -54.88
C LEU H 23 45.79 16.73 -55.87
N ASN H 24 47.04 16.30 -55.87
CA ASN H 24 47.53 15.38 -56.89
C ASN H 24 46.97 13.98 -56.65
N PRO H 25 46.24 13.40 -57.60
CA PRO H 25 45.76 12.03 -57.44
C PRO H 25 46.84 11.00 -57.72
N PHE H 26 46.60 9.78 -57.24
CA PHE H 26 47.53 8.67 -57.46
C PHE H 26 46.77 7.35 -57.35
N VAL H 27 47.29 6.34 -58.03
CA VAL H 27 46.66 5.02 -58.06
C VAL H 27 47.17 4.17 -56.90
N VAL H 28 46.27 3.45 -56.25
CA VAL H 28 46.61 2.63 -55.09
C VAL H 28 45.98 1.25 -55.26
N ALA H 29 46.58 0.26 -54.61
CA ALA H 29 46.14 -1.13 -54.69
C ALA H 29 45.55 -1.60 -53.36
N ASN H 30 45.03 -2.82 -53.38
CA ASN H 30 44.36 -3.43 -52.23
C ASN H 30 45.15 -4.65 -51.78
N PRO H 31 45.68 -4.65 -50.54
CA PRO H 31 46.46 -5.81 -50.08
C PRO H 31 45.69 -7.12 -50.08
N ALA H 32 44.40 -7.08 -49.80
CA ALA H 32 43.59 -8.30 -49.71
C ALA H 32 43.15 -8.82 -51.07
N LYS H 33 43.16 -7.98 -52.10
CA LYS H 33 42.56 -8.35 -53.38
C LYS H 33 43.56 -8.53 -54.51
N CYS H 34 44.84 -8.27 -54.27
CA CYS H 34 45.88 -8.47 -55.27
C CYS H 34 46.57 -9.81 -55.06
N ILE H 35 46.80 -10.52 -56.16
CA ILE H 35 47.47 -11.82 -56.12
C ILE H 35 48.93 -11.72 -56.55
N GLY H 36 49.29 -10.73 -57.36
CA GLY H 36 50.62 -10.68 -57.94
C GLY H 36 50.71 -11.41 -59.27
N CYS H 37 49.66 -11.30 -60.08
CA CYS H 37 49.60 -11.99 -61.37
C CYS H 37 50.39 -11.29 -62.46
N LYS H 38 50.87 -10.06 -62.22
CA LYS H 38 51.75 -9.33 -63.12
C LYS H 38 51.12 -9.08 -64.49
N ALA H 39 49.79 -9.00 -64.54
CA ALA H 39 49.08 -8.73 -65.78
C ALA H 39 48.78 -7.24 -65.98
N CYS H 40 49.20 -6.40 -65.03
CA CYS H 40 48.99 -4.96 -65.14
C CYS H 40 50.24 -4.20 -65.55
N GLU H 41 51.44 -4.79 -65.36
CA GLU H 41 52.67 -4.10 -65.72
C GLU H 41 52.90 -4.14 -67.23
N VAL H 42 52.53 -5.24 -67.88
CA VAL H 42 52.71 -5.35 -69.32
C VAL H 42 51.81 -4.37 -70.05
N ALA H 43 50.64 -4.06 -69.49
CA ALA H 43 49.76 -3.05 -70.09
C ALA H 43 50.42 -1.67 -70.05
N CYS H 44 51.06 -1.33 -68.93
CA CYS H 44 51.80 -0.07 -68.83
C CYS H 44 52.95 -0.03 -69.81
N PHE H 45 53.68 -1.16 -69.94
CA PHE H 45 54.77 -1.22 -70.91
C PHE H 45 54.27 -1.00 -72.33
N ALA H 46 53.16 -1.66 -72.69
CA ALA H 46 52.61 -1.53 -74.04
C ALA H 46 52.12 -0.11 -74.31
N VAL H 47 51.44 0.50 -73.33
CA VAL H 47 50.87 1.82 -73.55
C VAL H 47 51.95 2.92 -73.52
N HIS H 48 53.09 2.67 -72.88
CA HIS H 48 54.12 3.70 -72.80
C HIS H 48 55.04 3.71 -74.03
N ASN H 49 55.24 2.56 -74.67
CA ASN H 49 56.20 2.44 -75.76
C ASN H 49 55.52 2.22 -77.10
N ARG H 50 54.42 2.93 -77.37
CA ARG H 50 53.74 2.83 -78.66
C ARG H 50 54.61 3.33 -79.81
N ASN H 51 55.64 4.12 -79.52
CA ASN H 51 56.56 4.62 -80.54
C ASN H 51 57.66 3.63 -80.88
N ASN H 52 57.70 2.47 -80.23
CA ASN H 52 58.72 1.46 -80.49
C ASN H 52 58.19 0.33 -81.35
N HIS H 53 57.20 0.62 -82.21
CA HIS H 53 56.64 -0.31 -83.19
C HIS H 53 56.08 -1.57 -82.51
N VAL H 54 55.04 -1.36 -81.71
CA VAL H 54 54.33 -2.45 -81.02
C VAL H 54 52.89 -2.45 -81.52
N GLY H 55 52.35 -3.63 -81.76
CA GLY H 55 50.98 -3.77 -82.21
C GLY H 55 50.11 -4.53 -81.23
N ALA H 56 50.38 -4.36 -79.93
CA ALA H 56 49.68 -5.05 -78.85
C ALA H 56 49.72 -6.56 -79.03
N THR H 57 50.87 -7.07 -79.49
CA THR H 57 51.04 -8.48 -79.75
C THR H 57 52.48 -8.87 -79.40
N VAL H 58 52.63 -10.03 -78.77
CA VAL H 58 53.96 -10.53 -78.43
C VAL H 58 54.68 -10.93 -79.71
N GLY H 59 55.98 -10.67 -79.75
CA GLY H 59 56.76 -10.91 -80.94
C GLY H 59 57.15 -9.62 -81.64
N THR H 60 56.25 -8.63 -81.57
CA THR H 60 56.54 -7.30 -82.09
C THR H 60 57.39 -6.48 -81.14
N VAL H 61 57.60 -6.93 -79.91
CA VAL H 61 58.43 -6.25 -78.93
C VAL H 61 59.87 -6.73 -79.15
N SER H 62 60.70 -5.86 -79.74
CA SER H 62 62.09 -6.19 -80.03
C SER H 62 63.06 -5.61 -79.01
N ILE H 63 62.57 -5.11 -77.89
CA ILE H 63 63.42 -4.51 -76.87
C ILE H 63 63.13 -5.15 -75.52
N PRO H 64 64.10 -5.18 -74.60
CA PRO H 64 63.81 -5.68 -73.25
C PRO H 64 62.78 -4.82 -72.54
N VAL H 65 62.12 -5.44 -71.56
CA VAL H 65 60.97 -4.82 -70.90
C VAL H 65 61.43 -3.85 -69.82
N ILE H 66 60.81 -2.67 -69.80
CA ILE H 66 60.99 -1.71 -68.72
C ILE H 66 59.63 -1.42 -68.09
N PRO H 67 59.34 -1.94 -66.90
CA PRO H 67 58.08 -1.60 -66.23
C PRO H 67 58.19 -0.29 -65.46
N ARG H 68 57.02 0.25 -65.11
CA ARG H 68 56.96 1.49 -64.37
C ARG H 68 56.53 1.33 -62.92
N LEU H 69 55.80 0.26 -62.59
CA LEU H 69 55.50 -0.07 -61.21
C LEU H 69 56.15 -1.39 -60.85
N HIS H 70 56.72 -1.47 -59.65
CA HIS H 70 57.35 -2.69 -59.19
C HIS H 70 56.35 -3.51 -58.38
N LEU H 71 56.75 -4.72 -58.03
CA LEU H 71 55.93 -5.60 -57.20
C LEU H 71 56.80 -6.21 -56.11
N ILE H 72 56.24 -6.31 -54.91
CA ILE H 72 56.95 -6.82 -53.76
C ILE H 72 56.13 -7.90 -53.08
N LYS H 73 56.80 -9.00 -52.72
CA LYS H 73 56.22 -10.10 -51.95
C LYS H 73 56.58 -9.92 -50.49
N THR H 74 55.57 -9.89 -49.63
CA THR H 74 55.78 -9.83 -48.19
C THR H 74 55.00 -10.96 -47.53
N GLU H 75 55.34 -11.23 -46.26
CA GLU H 75 54.60 -12.23 -45.50
C GLU H 75 53.19 -11.78 -45.21
N HIS H 76 52.95 -10.46 -45.12
CA HIS H 76 51.59 -9.93 -44.99
C HIS H 76 51.06 -9.45 -46.33
N GLY H 77 50.88 -10.41 -47.25
CA GLY H 77 50.35 -10.12 -48.56
C GLY H 77 51.41 -9.60 -49.53
N THR H 78 50.93 -9.27 -50.73
CA THR H 78 51.76 -8.74 -51.81
C THR H 78 51.32 -7.33 -52.14
N MET H 79 52.19 -6.59 -52.83
CA MET H 79 51.80 -5.22 -53.18
C MET H 79 52.52 -4.78 -54.44
N PRO H 80 51.79 -4.23 -55.40
CA PRO H 80 52.45 -3.41 -56.43
C PRO H 80 52.61 -1.98 -55.96
N ILE H 81 53.79 -1.42 -56.21
CA ILE H 81 54.16 -0.10 -55.75
C ILE H 81 54.51 0.76 -56.96
N GLN H 82 54.12 2.03 -56.90
CA GLN H 82 54.31 2.99 -57.98
C GLN H 82 54.68 4.33 -57.37
N CYS H 83 54.80 5.34 -58.23
CA CYS H 83 55.10 6.68 -57.74
C CYS H 83 53.89 7.25 -57.01
N ARG H 84 54.11 7.71 -55.78
CA ARG H 84 53.04 8.26 -54.96
C ARG H 84 52.64 9.67 -55.37
N HIS H 85 53.39 10.30 -56.28
CA HIS H 85 53.11 11.66 -56.78
C HIS H 85 53.05 12.66 -55.63
N CYS H 86 54.17 12.76 -54.93
CA CYS H 86 54.28 13.66 -53.78
C CYS H 86 54.21 15.11 -54.24
N GLU H 87 53.45 15.92 -53.49
CA GLU H 87 53.37 17.35 -53.82
C GLU H 87 54.69 18.04 -53.54
N ASP H 88 55.25 17.81 -52.35
CA ASP H 88 56.60 18.28 -52.02
C ASP H 88 57.58 17.13 -52.25
N ALA H 89 57.72 16.74 -53.50
CA ALA H 89 58.52 15.58 -53.86
C ALA H 89 60.00 15.86 -53.67
N PRO H 90 60.71 15.11 -52.82
CA PRO H 90 62.16 15.34 -52.67
C PRO H 90 62.95 15.00 -53.91
N CYS H 91 62.42 14.17 -54.82
CA CYS H 91 63.16 13.80 -56.01
C CYS H 91 63.44 15.00 -56.89
N ALA H 92 62.45 15.89 -57.06
CA ALA H 92 62.68 17.12 -57.80
C ALA H 92 63.43 18.16 -56.97
N ASN H 93 63.27 18.12 -55.65
CA ASN H 93 63.96 19.07 -54.78
C ASN H 93 65.48 18.87 -54.83
N VAL H 94 65.91 17.61 -54.81
CA VAL H 94 67.34 17.31 -54.88
C VAL H 94 67.85 17.43 -56.32
N CYS H 95 66.96 17.32 -57.31
CA CYS H 95 67.36 17.37 -58.71
C CYS H 95 67.79 18.79 -59.10
N THR H 96 69.11 19.02 -59.09
CA THR H 96 69.63 20.34 -59.44
C THR H 96 69.52 20.61 -60.92
N VAL H 97 69.48 19.57 -61.75
CA VAL H 97 69.35 19.75 -63.19
C VAL H 97 67.97 20.32 -63.54
N GLY H 98 66.93 19.84 -62.86
CA GLY H 98 65.59 20.31 -63.14
C GLY H 98 64.84 19.50 -64.18
N ALA H 99 65.22 18.24 -64.36
CA ALA H 99 64.53 17.39 -65.34
C ALA H 99 63.09 17.14 -64.93
N ILE H 100 62.84 16.90 -63.65
CA ILE H 100 61.50 16.58 -63.18
C ILE H 100 60.72 17.88 -63.02
N LYS H 101 59.59 17.99 -63.73
CA LYS H 101 58.76 19.17 -63.69
C LYS H 101 57.30 18.76 -63.56
N ARG H 102 56.53 19.55 -62.80
CA ARG H 102 55.09 19.33 -62.66
C ARG H 102 54.39 20.04 -63.81
N GLU H 103 54.49 19.42 -65.00
CA GLU H 103 53.92 20.03 -66.20
C GLU H 103 52.40 20.04 -66.15
N GLY H 104 51.80 18.96 -65.65
CA GLY H 104 50.35 18.83 -65.56
C GLY H 104 49.93 18.53 -64.14
N ASN H 105 48.83 17.79 -64.03
CA ASN H 105 48.34 17.37 -62.71
C ASN H 105 49.32 16.41 -62.04
N ALA H 106 49.94 15.52 -62.81
CA ALA H 106 50.88 14.56 -62.28
C ALA H 106 52.30 15.08 -62.37
N ILE H 107 53.17 14.50 -61.56
CA ILE H 107 54.60 14.80 -61.61
C ILE H 107 55.27 13.85 -62.60
N VAL H 108 56.05 14.41 -63.52
CA VAL H 108 56.60 13.66 -64.64
C VAL H 108 58.08 14.00 -64.79
N VAL H 109 58.88 12.99 -65.15
CA VAL H 109 60.31 13.17 -65.40
C VAL H 109 60.52 13.37 -66.89
N ASP H 110 61.47 14.24 -67.23
CA ASP H 110 61.79 14.54 -68.62
C ASP H 110 63.08 13.82 -69.00
N GLU H 111 63.03 13.05 -70.09
CA GLU H 111 64.18 12.31 -70.56
C GLU H 111 65.18 13.18 -71.32
N LYS H 112 64.77 14.39 -71.73
CA LYS H 112 65.65 15.25 -72.50
C LYS H 112 66.76 15.87 -71.66
N LEU H 113 66.55 16.01 -70.35
CA LEU H 113 67.54 16.64 -69.48
C LEU H 113 68.03 15.71 -68.37
N CYS H 114 67.57 14.48 -68.32
CA CYS H 114 67.99 13.56 -67.27
C CYS H 114 69.41 13.07 -67.54
N ILE H 115 70.27 13.12 -66.52
CA ILE H 115 71.66 12.75 -66.67
C ILE H 115 72.01 11.45 -65.96
N GLY H 116 71.05 10.83 -65.28
CA GLY H 116 71.30 9.56 -64.61
C GLY H 116 72.02 9.64 -63.29
N CYS H 117 72.10 10.84 -62.70
CA CYS H 117 72.77 10.98 -61.40
C CYS H 117 71.95 10.31 -60.30
N LYS H 118 72.64 9.72 -59.33
CA LYS H 118 72.01 8.92 -58.30
C LYS H 118 71.39 9.74 -57.17
N SER H 119 71.34 11.06 -57.31
CA SER H 119 70.75 11.89 -56.26
C SER H 119 69.26 11.63 -56.12
N CYS H 120 68.55 11.47 -57.24
CA CYS H 120 67.11 11.24 -57.17
C CYS H 120 66.78 9.86 -56.60
N LEU H 121 67.70 8.90 -56.76
CA LEU H 121 67.49 7.58 -56.15
C LEU H 121 67.50 7.69 -54.63
N LEU H 122 68.43 8.44 -54.06
CA LEU H 122 68.47 8.65 -52.62
C LEU H 122 67.41 9.63 -52.12
N ALA H 123 66.88 10.47 -53.00
CA ALA H 123 65.90 11.46 -52.57
C ALA H 123 64.55 10.84 -52.24
N CYS H 124 64.20 9.72 -52.88
CA CYS H 124 62.90 9.10 -52.68
C CYS H 124 63.04 7.87 -51.79
N PRO H 125 62.59 7.92 -50.53
CA PRO H 125 62.62 6.70 -49.70
C PRO H 125 61.73 5.60 -50.21
N PHE H 126 60.70 5.93 -50.99
CA PHE H 126 59.79 4.90 -51.50
C PHE H 126 60.46 4.06 -52.59
N GLY H 127 61.38 4.63 -53.34
CA GLY H 127 62.09 3.91 -54.37
C GLY H 127 61.24 3.43 -55.53
N ALA H 128 60.38 4.31 -56.04
CA ALA H 128 59.50 3.97 -57.16
C ALA H 128 60.09 4.34 -58.51
N ILE H 129 61.32 4.84 -58.54
CA ILE H 129 61.99 5.20 -59.79
C ILE H 129 63.07 4.17 -60.07
N GLU H 130 63.52 4.12 -61.32
CA GLU H 130 64.60 3.21 -61.69
C GLU H 130 65.46 3.86 -62.79
N LEU H 131 66.77 3.77 -62.61
CA LEU H 131 67.72 4.30 -63.59
C LEU H 131 68.02 3.21 -64.62
N LEU H 132 67.55 3.38 -65.84
CA LEU H 132 67.69 2.37 -66.88
C LEU H 132 68.12 3.04 -68.18
N PRO H 133 68.74 2.28 -69.09
CA PRO H 133 69.09 2.86 -70.40
C PRO H 133 67.86 3.28 -71.19
N GLN H 134 68.03 4.32 -71.99
CA GLN H 134 66.93 4.86 -72.79
C GLN H 134 66.79 4.07 -74.09
N TYR H 135 65.59 3.55 -74.34
CA TYR H 135 65.30 2.75 -75.53
C TYR H 135 64.33 3.53 -76.41
N GLU H 136 64.71 3.70 -77.68
CA GLU H 136 63.89 4.47 -78.62
C GLU H 136 63.95 3.83 -80.00
N ASP H 137 62.79 3.77 -80.65
CA ASP H 137 62.65 3.27 -82.02
C ASP H 137 63.14 1.84 -82.18
N GLY H 138 62.98 1.03 -81.14
CA GLY H 138 63.34 -0.37 -81.19
C GLY H 138 64.81 -0.68 -81.06
N ARG H 139 65.65 0.32 -80.82
CA ARG H 139 67.09 0.13 -80.68
C ARG H 139 67.60 0.92 -79.49
N GLU H 140 68.71 0.45 -78.93
CA GLU H 140 69.32 1.12 -77.79
C GLU H 140 69.94 2.44 -78.22
N VAL H 141 69.80 3.45 -77.37
CA VAL H 141 70.33 4.78 -77.64
C VAL H 141 71.69 4.91 -76.95
N PHE H 142 72.69 5.32 -77.70
CA PHE H 142 74.06 5.47 -77.21
C PHE H 142 74.40 6.95 -77.04
N GLN H 143 75.31 7.21 -76.11
CA GLN H 143 75.74 8.57 -75.81
C GLN H 143 76.82 9.02 -76.79
N ILE H 144 77.30 10.24 -76.61
CA ILE H 144 78.21 10.85 -77.58
C ILE H 144 79.62 10.30 -77.43
N ASN H 145 80.24 10.52 -76.27
CA ASN H 145 81.65 10.16 -76.05
C ASN H 145 81.89 9.64 -74.62
N LEU H 146 81.79 8.33 -74.46
CA LEU H 146 82.12 7.67 -73.20
C LEU H 146 82.69 6.29 -73.52
N LYS H 147 83.07 5.58 -72.46
CA LYS H 147 83.63 4.23 -72.60
C LYS H 147 82.84 3.23 -71.75
N LEU H 154 86.81 -0.74 -77.01
CA LEU H 154 86.12 0.52 -76.70
C LEU H 154 84.65 0.41 -77.09
N VAL H 155 83.78 0.54 -76.08
CA VAL H 155 82.33 0.46 -76.29
C VAL H 155 81.69 1.77 -75.87
N GLN H 156 80.42 1.91 -76.21
CA GLN H 156 79.65 3.11 -75.88
C GLN H 156 78.60 2.79 -74.81
N GLU H 157 78.49 3.69 -73.84
CA GLU H 157 77.55 3.51 -72.75
C GLU H 157 76.20 4.13 -73.08
N PRO H 158 75.11 3.42 -72.84
CA PRO H 158 73.77 3.97 -73.13
C PRO H 158 73.41 5.09 -72.17
N ARG H 159 72.53 5.97 -72.63
CA ARG H 159 72.08 7.08 -71.81
C ARG H 159 71.16 6.60 -70.70
N ILE H 160 71.44 7.04 -69.48
CA ILE H 160 70.71 6.59 -68.29
C ILE H 160 69.58 7.58 -68.00
N ILE H 161 68.36 7.07 -67.92
CA ILE H 161 67.17 7.87 -67.67
C ILE H 161 66.42 7.26 -66.50
N ALA H 162 65.84 8.12 -65.65
CA ALA H 162 65.00 7.65 -64.55
C ALA H 162 63.58 7.45 -65.04
N TYR H 163 62.98 6.32 -64.66
CA TYR H 163 61.61 5.99 -65.00
C TYR H 163 60.78 5.87 -63.73
N LYS H 164 59.54 6.37 -63.81
CA LYS H 164 58.59 6.28 -62.72
C LYS H 164 57.18 6.48 -63.30
N CYS H 165 56.18 6.24 -62.45
CA CYS H 165 54.79 6.41 -62.85
C CYS H 165 54.48 7.88 -63.11
N ASP H 166 53.71 8.14 -64.17
CA ASP H 166 53.31 9.51 -64.52
C ASP H 166 51.80 9.65 -64.69
N LEU H 167 51.01 8.67 -64.25
CA LEU H 167 49.55 8.65 -64.29
C LEU H 167 48.99 8.64 -65.72
N CYS H 168 49.88 8.58 -66.73
CA CYS H 168 49.49 8.61 -68.15
C CYS H 168 48.71 9.88 -68.48
N ASN H 169 49.25 11.02 -68.04
CA ASN H 169 48.60 12.30 -68.29
C ASN H 169 48.58 12.65 -69.77
N ASP H 170 49.65 12.31 -70.49
CA ASP H 170 49.72 12.62 -71.92
C ASP H 170 48.66 11.86 -72.70
N LEU H 171 48.47 10.57 -72.38
CA LEU H 171 47.48 9.75 -73.06
C LEU H 171 46.17 9.81 -72.29
N GLY H 172 45.23 8.93 -72.64
CA GLY H 172 43.93 8.92 -71.99
C GLY H 172 43.93 8.16 -70.69
N GLU H 173 42.99 7.22 -70.55
CA GLU H 173 42.92 6.41 -69.33
C GLU H 173 44.16 5.55 -69.20
N PRO H 174 44.78 5.48 -68.01
CA PRO H 174 45.97 4.64 -67.85
C PRO H 174 45.67 3.17 -68.01
N ALA H 175 46.68 2.43 -68.49
CA ALA H 175 46.51 1.01 -68.75
C ALA H 175 46.62 0.15 -67.50
N CYS H 176 47.13 0.70 -66.40
CA CYS H 176 47.17 -0.07 -65.15
C CYS H 176 45.77 -0.36 -64.65
N VAL H 177 44.88 0.62 -64.73
CA VAL H 177 43.48 0.43 -64.42
C VAL H 177 42.80 -0.21 -65.63
N LYS H 178 41.77 -1.02 -65.37
CA LYS H 178 40.92 -1.75 -66.32
C LYS H 178 41.65 -2.93 -66.92
N ALA H 179 42.87 -3.24 -66.48
CA ALA H 179 43.60 -4.43 -66.93
C ALA H 179 43.82 -5.43 -65.81
N CYS H 180 43.42 -5.12 -64.58
CA CYS H 180 43.57 -6.06 -63.47
C CYS H 180 42.37 -6.98 -63.40
N PRO H 181 42.56 -8.30 -63.46
CA PRO H 181 41.40 -9.21 -63.34
C PRO H 181 40.67 -9.10 -62.01
N GLU H 182 41.39 -8.81 -60.93
CA GLU H 182 40.75 -8.63 -59.63
C GLU H 182 40.38 -7.18 -59.35
N ASN H 183 40.68 -6.26 -60.28
CA ASN H 183 40.39 -4.83 -60.12
C ASN H 183 41.03 -4.27 -58.85
N ALA H 184 42.26 -4.71 -58.56
CA ALA H 184 42.95 -4.24 -57.37
C ALA H 184 43.41 -2.79 -57.53
N LEU H 185 43.90 -2.44 -58.72
CA LEU H 185 44.41 -1.08 -58.93
C LEU H 185 43.25 -0.12 -59.10
N THR H 186 43.25 0.96 -58.31
CA THR H 186 42.18 1.95 -58.34
C THR H 186 42.77 3.35 -58.35
N LEU H 187 42.24 4.19 -59.23
CA LEU H 187 42.58 5.61 -59.26
C LEU H 187 41.63 6.35 -58.31
N VAL H 188 42.18 6.93 -57.25
CA VAL H 188 41.40 7.54 -56.19
C VAL H 188 41.74 9.02 -56.10
N MET H 189 40.71 9.85 -55.90
CA MET H 189 40.90 11.27 -55.67
C MET H 189 40.86 11.54 -54.19
N PRO H 190 41.92 12.09 -53.59
CA PRO H 190 41.96 12.25 -52.13
C PRO H 190 41.04 13.34 -51.59
N THR H 191 40.36 14.09 -52.45
CA THR H 191 39.52 15.20 -52.00
C THR H 191 38.14 14.72 -51.52
N GLU H 192 37.45 13.92 -52.33
CA GLU H 192 36.13 13.43 -51.93
C GLU H 192 36.22 12.43 -50.79
N MET H 193 37.39 11.80 -50.61
CA MET H 193 37.57 10.84 -49.53
C MET H 193 37.37 11.49 -48.17
N LYS H 194 37.92 12.68 -47.97
CA LYS H 194 37.77 13.36 -46.69
C LYS H 194 36.31 13.70 -46.42
N LYS H 195 35.59 14.18 -47.43
CA LYS H 195 34.18 14.50 -47.24
C LYS H 195 33.38 13.26 -46.91
N ALA H 196 33.66 12.14 -47.60
CA ALA H 196 32.94 10.90 -47.32
C ALA H 196 33.22 10.41 -45.90
N ARG H 197 34.48 10.42 -45.49
CA ARG H 197 34.82 9.97 -44.14
C ARG H 197 34.21 10.88 -43.07
N ASN H 198 34.21 12.19 -43.33
CA ASN H 198 33.63 13.14 -42.38
C ASN H 198 32.13 12.89 -42.23
N LYS H 199 31.43 12.71 -43.35
CA LYS H 199 29.99 12.48 -43.30
C LYS H 199 29.67 11.16 -42.62
N GLU H 200 30.46 10.11 -42.88
CA GLU H 200 30.24 8.83 -42.23
C GLU H 200 30.46 8.94 -40.72
N ALA H 201 31.52 9.64 -40.31
CA ALA H 201 31.78 9.81 -38.88
C ALA H 201 30.67 10.60 -38.20
N ALA H 202 30.19 11.67 -38.86
CA ALA H 202 29.11 12.48 -38.28
C ALA H 202 27.82 11.67 -38.15
N LEU H 203 27.47 10.91 -39.19
CA LEU H 203 26.25 10.11 -39.12
C LEU H 203 26.37 9.01 -38.08
N SER H 204 27.56 8.43 -37.93
CA SER H 204 27.75 7.41 -36.91
C SER H 204 27.64 8.00 -35.51
N PHE H 205 28.23 9.18 -35.29
CA PHE H 205 28.22 9.78 -33.96
C PHE H 205 26.88 10.43 -33.63
N LEU H 206 26.06 10.73 -34.63
CA LEU H 206 24.77 11.38 -34.37
C LEU H 206 23.68 10.38 -34.00
N ARG H 207 23.72 9.17 -34.55
CA ARG H 207 22.65 8.20 -34.30
C ARG H 207 22.67 7.66 -32.88
N VAL H 208 23.80 7.79 -32.17
CA VAL H 208 23.95 7.22 -30.84
C VAL H 208 23.82 8.28 -29.75
N VAL H 209 24.62 9.33 -29.81
CA VAL H 209 24.58 10.37 -28.78
C VAL H 209 23.37 11.28 -29.01
N THR I 21 -1.07 17.39 -10.82
CA THR I 21 -0.57 16.03 -10.68
C THR I 21 -1.67 15.11 -10.17
N GLN I 22 -1.93 14.04 -10.92
CA GLN I 22 -2.99 13.09 -10.62
C GLN I 22 -2.45 11.67 -10.75
N LEU I 23 -3.00 10.77 -9.94
CA LEU I 23 -2.50 9.39 -9.90
C LEU I 23 -2.75 8.68 -11.23
N ASN I 24 -1.81 7.82 -11.61
CA ASN I 24 -1.87 7.18 -12.92
C ASN I 24 -2.91 6.06 -12.92
N PRO I 25 -3.92 6.14 -13.78
CA PRO I 25 -4.90 5.05 -13.85
C PRO I 25 -4.32 3.81 -14.51
N PHE I 26 -4.92 2.67 -14.19
CA PHE I 26 -4.50 1.42 -14.79
C PHE I 26 -5.68 0.46 -14.84
N VAL I 27 -5.55 -0.58 -15.67
CA VAL I 27 -6.60 -1.57 -15.81
C VAL I 27 -6.33 -2.74 -14.87
N VAL I 28 -7.40 -3.35 -14.37
CA VAL I 28 -7.30 -4.49 -13.46
C VAL I 28 -8.28 -5.56 -13.93
N ALA I 29 -7.93 -6.81 -13.67
CA ALA I 29 -8.74 -7.95 -14.09
C ALA I 29 -9.57 -8.47 -12.94
N ASN I 30 -10.67 -9.15 -13.29
CA ASN I 30 -11.52 -9.82 -12.31
C ASN I 30 -11.42 -11.32 -12.56
N PRO I 31 -10.70 -12.07 -11.72
CA PRO I 31 -10.49 -13.50 -12.00
C PRO I 31 -11.75 -14.34 -11.97
N ALA I 32 -12.80 -13.88 -11.27
CA ALA I 32 -14.00 -14.69 -11.16
C ALA I 32 -14.79 -14.72 -12.46
N LYS I 33 -14.59 -13.74 -13.34
CA LYS I 33 -15.33 -13.64 -14.58
C LYS I 33 -14.43 -13.76 -15.81
N CYS I 34 -13.32 -14.47 -15.70
CA CYS I 34 -12.40 -14.67 -16.81
C CYS I 34 -12.35 -16.14 -17.19
N ILE I 35 -12.47 -16.42 -18.48
CA ILE I 35 -12.39 -17.77 -19.01
C ILE I 35 -11.11 -18.03 -19.77
N GLY I 36 -10.21 -17.06 -19.83
CA GLY I 36 -8.98 -17.20 -20.61
C GLY I 36 -9.20 -17.28 -22.10
N CYS I 37 -10.20 -16.56 -22.62
CA CYS I 37 -10.57 -16.66 -24.03
C CYS I 37 -9.57 -16.03 -24.97
N LYS I 38 -8.61 -15.25 -24.45
CA LYS I 38 -7.53 -14.64 -25.24
C LYS I 38 -8.06 -13.74 -26.35
N ALA I 39 -9.19 -13.07 -26.12
CA ALA I 39 -9.72 -12.09 -27.06
C ALA I 39 -9.39 -10.66 -26.66
N CYS I 40 -8.67 -10.47 -25.55
CA CYS I 40 -8.25 -9.15 -25.10
C CYS I 40 -6.87 -8.77 -25.60
N GLU I 41 -5.96 -9.73 -25.74
CA GLU I 41 -4.63 -9.45 -26.26
C GLU I 41 -4.66 -9.17 -27.75
N VAL I 42 -5.52 -9.89 -28.48
CA VAL I 42 -5.61 -9.72 -29.93
C VAL I 42 -6.09 -8.31 -30.27
N ALA I 43 -7.05 -7.80 -29.52
CA ALA I 43 -7.53 -6.43 -29.74
C ALA I 43 -6.41 -5.41 -29.49
N CYS I 44 -5.61 -5.63 -28.44
CA CYS I 44 -4.51 -4.73 -28.14
C CYS I 44 -3.48 -4.71 -29.27
N PHE I 45 -3.13 -5.89 -29.76
CA PHE I 45 -2.19 -5.97 -30.88
C PHE I 45 -2.77 -5.30 -32.12
N ALA I 46 -4.06 -5.51 -32.38
CA ALA I 46 -4.66 -4.94 -33.59
C ALA I 46 -4.83 -3.43 -33.48
N VAL I 47 -4.90 -2.89 -32.26
CA VAL I 47 -5.13 -1.47 -32.12
C VAL I 47 -3.82 -0.68 -32.04
N HIS I 48 -2.72 -1.29 -31.55
CA HIS I 48 -1.47 -0.54 -31.55
C HIS I 48 -0.79 -0.49 -32.92
N ASN I 49 -0.89 -1.53 -33.72
CA ASN I 49 -0.04 -1.69 -34.89
C ASN I 49 -0.70 -1.25 -36.17
N ARG I 50 -1.49 -0.17 -36.13
CA ARG I 50 -2.14 0.34 -37.33
C ARG I 50 -1.16 0.85 -38.38
N ASN I 51 0.09 1.13 -37.98
CA ASN I 51 1.10 1.56 -38.94
C ASN I 51 1.73 0.41 -39.71
N ASN I 52 1.36 -0.83 -39.38
CA ASN I 52 1.90 -2.02 -40.03
C ASN I 52 0.89 -2.67 -40.97
N HIS I 53 -0.08 -1.91 -41.47
CA HIS I 53 -1.09 -2.36 -42.43
C HIS I 53 -1.91 -3.54 -41.88
N VAL I 54 -2.66 -3.25 -40.82
CA VAL I 54 -3.68 -4.17 -40.32
C VAL I 54 -5.05 -3.53 -40.55
N GLY I 55 -5.96 -4.31 -41.13
CA GLY I 55 -7.24 -3.78 -41.52
C GLY I 55 -8.43 -4.42 -40.81
N ALA I 56 -8.27 -4.69 -39.51
CA ALA I 56 -9.30 -5.33 -38.69
C ALA I 56 -9.74 -6.66 -39.29
N THR I 57 -8.78 -7.41 -39.83
CA THR I 57 -9.07 -8.66 -40.51
C THR I 57 -7.79 -9.49 -40.59
N VAL I 58 -7.85 -10.73 -40.09
CA VAL I 58 -6.72 -11.64 -40.23
C VAL I 58 -6.53 -11.98 -41.69
N GLY I 59 -5.29 -11.86 -42.16
CA GLY I 59 -5.00 -11.99 -43.57
C GLY I 59 -4.18 -10.79 -44.00
N THR I 60 -4.48 -9.64 -43.42
CA THR I 60 -3.67 -8.44 -43.58
C THR I 60 -2.53 -8.37 -42.57
N VAL I 61 -2.52 -9.24 -41.56
CA VAL I 61 -1.45 -9.25 -40.56
C VAL I 61 -0.25 -9.98 -41.16
N SER I 62 0.78 -9.22 -41.53
CA SER I 62 2.00 -9.78 -42.08
C SER I 62 3.17 -9.72 -41.10
N ILE I 63 2.90 -9.53 -39.82
CA ILE I 63 3.93 -9.42 -38.80
C ILE I 63 3.60 -10.42 -37.69
N PRO I 64 4.60 -10.81 -36.90
CA PRO I 64 4.31 -11.61 -35.70
C PRO I 64 3.41 -10.85 -34.75
N VAL I 65 2.53 -11.59 -34.09
CA VAL I 65 1.58 -10.99 -33.15
C VAL I 65 2.28 -10.74 -31.81
N ILE I 66 2.17 -9.50 -31.33
CA ILE I 66 2.83 -9.08 -30.09
C ILE I 66 1.84 -8.32 -29.23
N PRO I 67 1.33 -8.90 -28.16
CA PRO I 67 0.43 -8.17 -27.28
C PRO I 67 1.17 -7.40 -26.20
N ARG I 68 0.44 -6.67 -25.35
CA ARG I 68 1.03 -5.94 -24.25
C ARG I 68 0.65 -6.49 -22.88
N LEU I 69 -0.48 -7.17 -22.76
CA LEU I 69 -0.88 -7.87 -21.55
C LEU I 69 -0.81 -9.37 -21.81
N HIS I 70 -0.36 -10.11 -20.80
CA HIS I 70 -0.06 -11.53 -20.98
C HIS I 70 -0.97 -12.38 -20.12
N LEU I 71 -1.68 -13.30 -20.75
CA LEU I 71 -2.56 -14.21 -20.03
C LEU I 71 -1.74 -15.24 -19.28
N ILE I 72 -2.20 -15.62 -18.09
CA ILE I 72 -1.56 -16.67 -17.31
C ILE I 72 -2.63 -17.45 -16.56
N LYS I 73 -2.45 -18.77 -16.51
CA LYS I 73 -3.41 -19.69 -15.93
C LYS I 73 -2.71 -20.54 -14.88
N THR I 74 -3.23 -20.52 -13.66
CA THR I 74 -2.77 -21.38 -12.58
C THR I 74 -3.94 -22.22 -12.10
N GLU I 75 -3.68 -23.11 -11.14
CA GLU I 75 -4.70 -24.03 -10.67
C GLU I 75 -5.89 -23.33 -10.03
N HIS I 76 -5.72 -22.11 -9.55
CA HIS I 76 -6.86 -21.28 -9.14
C HIS I 76 -7.31 -20.35 -10.27
N GLY I 77 -7.52 -20.89 -11.47
CA GLY I 77 -8.07 -20.07 -12.54
C GLY I 77 -7.03 -19.25 -13.28
N THR I 78 -7.53 -18.36 -14.13
CA THR I 78 -6.67 -17.64 -15.06
C THR I 78 -7.04 -16.16 -15.08
N MET I 79 -6.08 -15.33 -15.44
CA MET I 79 -6.32 -13.91 -15.68
C MET I 79 -5.13 -13.34 -16.45
N PRO I 80 -5.28 -12.17 -17.04
CA PRO I 80 -4.12 -11.50 -17.65
C PRO I 80 -3.35 -10.68 -16.64
N ILE I 81 -2.12 -10.34 -17.03
CA ILE I 81 -1.22 -9.49 -16.25
C ILE I 81 -0.71 -8.39 -17.16
N GLN I 82 -0.79 -7.14 -16.69
CA GLN I 82 -0.36 -5.99 -17.46
C GLN I 82 0.38 -5.03 -16.54
N CYS I 83 0.86 -3.93 -17.11
CA CYS I 83 1.60 -2.94 -16.34
C CYS I 83 0.70 -2.24 -15.34
N ARG I 84 1.20 -2.06 -14.12
CA ARG I 84 0.46 -1.39 -13.06
C ARG I 84 0.68 0.11 -13.03
N HIS I 85 1.61 0.63 -13.85
CA HIS I 85 1.96 2.05 -13.88
C HIS I 85 2.38 2.53 -12.50
N CYS I 86 3.46 1.95 -12.00
CA CYS I 86 3.94 2.27 -10.67
C CYS I 86 4.38 3.73 -10.59
N GLU I 87 4.05 4.38 -9.47
CA GLU I 87 4.42 5.78 -9.29
C GLU I 87 5.92 5.93 -9.16
N ASP I 88 6.54 5.14 -8.29
CA ASP I 88 7.99 5.12 -8.14
C ASP I 88 8.56 3.97 -8.97
N ALA I 89 8.41 4.12 -10.28
CA ALA I 89 8.63 3.01 -11.21
C ALA I 89 10.08 2.56 -11.22
N PRO I 90 10.37 1.28 -10.93
CA PRO I 90 11.76 0.81 -10.99
C PRO I 90 12.29 0.69 -12.41
N CYS I 91 11.42 0.39 -13.38
CA CYS I 91 11.88 0.21 -14.76
C CYS I 91 12.43 1.51 -15.33
N ALA I 92 11.87 2.64 -14.93
CA ALA I 92 12.42 3.92 -15.36
C ALA I 92 13.72 4.24 -14.63
N ASN I 93 13.79 3.92 -13.34
CA ASN I 93 14.97 4.28 -12.55
C ASN I 93 16.20 3.50 -12.99
N VAL I 94 16.02 2.22 -13.34
CA VAL I 94 17.18 1.41 -13.71
C VAL I 94 17.78 1.88 -15.04
N CYS I 95 16.94 2.28 -15.98
CA CYS I 95 17.38 2.61 -17.34
C CYS I 95 18.28 3.83 -17.33
N THR I 96 19.57 3.61 -17.57
CA THR I 96 20.53 4.71 -17.57
C THR I 96 20.33 5.63 -18.76
N VAL I 97 19.84 5.10 -19.88
CA VAL I 97 19.57 5.93 -21.04
C VAL I 97 18.38 6.85 -20.79
N GLY I 98 17.48 6.47 -19.90
CA GLY I 98 16.27 7.23 -19.68
C GLY I 98 15.27 7.12 -20.82
N ALA I 99 15.06 5.92 -21.33
CA ALA I 99 14.09 5.72 -22.40
C ALA I 99 12.66 5.76 -21.89
N ILE I 100 12.45 5.39 -20.63
CA ILE I 100 11.09 5.35 -20.07
C ILE I 100 10.76 6.71 -19.48
N LYS I 101 9.68 7.31 -19.97
CA LYS I 101 9.21 8.62 -19.54
C LYS I 101 7.73 8.55 -19.21
N ARG I 102 7.29 9.41 -18.29
CA ARG I 102 5.86 9.57 -18.02
C ARG I 102 5.35 10.70 -18.92
N GLU I 103 4.65 10.32 -19.99
CA GLU I 103 4.25 11.30 -20.99
C GLU I 103 2.93 11.98 -20.67
N GLY I 104 1.97 11.23 -20.13
CA GLY I 104 0.68 11.81 -19.78
C GLY I 104 0.21 11.31 -18.43
N ASN I 105 -0.99 10.74 -18.40
CA ASN I 105 -1.46 10.04 -17.20
C ASN I 105 -0.94 8.61 -17.12
N ALA I 106 -0.17 8.17 -18.11
CA ALA I 106 0.38 6.82 -18.16
C ALA I 106 1.87 6.87 -18.39
N ILE I 107 2.58 5.86 -17.88
CA ILE I 107 4.01 5.75 -18.07
C ILE I 107 4.28 4.91 -19.32
N VAL I 108 5.09 5.46 -20.23
CA VAL I 108 5.27 4.89 -21.55
C VAL I 108 6.76 4.71 -21.82
N VAL I 109 7.09 3.69 -22.60
CA VAL I 109 8.46 3.43 -23.01
C VAL I 109 8.67 4.05 -24.40
N ASP I 110 9.88 4.52 -24.64
CA ASP I 110 10.24 5.12 -25.92
C ASP I 110 10.96 4.08 -26.77
N GLU I 111 10.48 3.89 -27.99
CA GLU I 111 11.03 2.89 -28.89
C GLU I 111 12.17 3.44 -29.75
N LYS I 112 12.56 4.69 -29.55
CA LYS I 112 13.64 5.29 -30.34
C LYS I 112 14.95 5.38 -29.58
N LEU I 113 14.91 5.47 -28.26
CA LEU I 113 16.11 5.62 -27.45
C LEU I 113 16.50 4.36 -26.69
N CYS I 114 15.87 3.23 -26.96
CA CYS I 114 16.19 2.01 -26.23
C CYS I 114 17.43 1.35 -26.80
N ILE I 115 18.40 1.07 -25.94
CA ILE I 115 19.65 0.45 -26.37
C ILE I 115 19.57 -1.06 -26.16
N GLY I 116 18.37 -1.56 -25.89
CA GLY I 116 18.14 -2.98 -25.85
C GLY I 116 18.78 -3.75 -24.72
N CYS I 117 19.25 -3.07 -23.68
CA CYS I 117 19.79 -3.77 -22.52
C CYS I 117 18.69 -4.55 -21.82
N LYS I 118 19.08 -5.34 -20.83
CA LYS I 118 18.12 -6.18 -20.12
C LYS I 118 18.08 -5.88 -18.62
N SER I 119 18.75 -4.82 -18.19
CA SER I 119 18.60 -4.38 -16.80
C SER I 119 17.19 -3.91 -16.52
N CYS I 120 16.45 -3.55 -17.57
CA CYS I 120 15.06 -3.15 -17.42
C CYS I 120 14.19 -4.33 -17.02
N LEU I 121 14.60 -5.55 -17.37
CA LEU I 121 13.84 -6.74 -17.02
C LEU I 121 14.02 -7.14 -15.56
N LEU I 122 15.20 -6.89 -14.99
CA LEU I 122 15.51 -7.34 -13.64
C LEU I 122 14.88 -6.48 -12.56
N ALA I 123 14.19 -5.40 -12.93
CA ALA I 123 13.63 -4.47 -11.95
C ALA I 123 12.16 -4.75 -11.67
N CYS I 124 11.36 -4.87 -12.71
CA CYS I 124 9.91 -4.95 -12.56
C CYS I 124 9.52 -6.24 -11.86
N PRO I 125 8.86 -6.19 -10.71
CA PRO I 125 8.49 -7.43 -10.02
C PRO I 125 7.28 -8.11 -10.63
N PHE I 126 6.45 -7.35 -11.34
CA PHE I 126 5.26 -7.93 -11.95
C PHE I 126 5.56 -8.60 -13.29
N GLY I 127 6.70 -8.31 -13.90
CA GLY I 127 7.07 -8.94 -15.15
C GLY I 127 6.12 -8.65 -16.30
N ALA I 128 5.74 -7.39 -16.47
CA ALA I 128 4.80 -6.99 -17.50
C ALA I 128 5.49 -6.43 -18.75
N ILE I 129 6.80 -6.57 -18.85
CA ILE I 129 7.58 -6.00 -19.94
C ILE I 129 8.44 -7.10 -20.55
N GLU I 130 8.58 -7.09 -21.88
CA GLU I 130 9.34 -8.13 -22.56
C GLU I 130 10.14 -7.54 -23.71
N LEU I 131 11.32 -8.10 -23.95
CA LEU I 131 12.22 -7.63 -25.00
C LEU I 131 11.95 -8.42 -26.27
N LEU I 132 11.46 -7.75 -27.30
CA LEU I 132 11.08 -8.40 -28.55
C LEU I 132 11.51 -7.54 -29.72
N PRO I 133 11.69 -8.13 -30.91
CA PRO I 133 12.08 -7.33 -32.08
C PRO I 133 11.03 -6.31 -32.46
N GLN I 134 11.50 -5.20 -33.02
CA GLN I 134 10.63 -4.13 -33.49
C GLN I 134 10.22 -4.37 -34.93
N TYR I 135 8.98 -4.01 -35.24
CA TYR I 135 8.42 -4.18 -36.59
C TYR I 135 7.79 -2.87 -37.02
N GLU I 136 8.31 -2.29 -38.10
CA GLU I 136 7.77 -1.06 -38.65
C GLU I 136 7.54 -1.21 -40.14
N ASP I 137 6.40 -0.71 -40.60
CA ASP I 137 5.98 -0.78 -42.00
C ASP I 137 5.92 -2.24 -42.47
N GLY I 138 5.38 -3.09 -41.60
CA GLY I 138 5.12 -4.48 -41.96
C GLY I 138 6.33 -5.35 -42.15
N ARG I 139 7.52 -4.88 -41.79
CA ARG I 139 8.75 -5.64 -41.96
C ARG I 139 9.59 -5.54 -40.71
N GLU I 140 10.56 -6.45 -40.60
CA GLU I 140 11.54 -6.38 -39.53
C GLU I 140 12.44 -5.16 -39.72
N VAL I 141 12.93 -4.63 -38.61
CA VAL I 141 13.88 -3.53 -38.64
C VAL I 141 15.28 -4.11 -38.43
N PHE I 142 16.25 -3.60 -39.19
CA PHE I 142 17.61 -4.12 -39.18
C PHE I 142 18.58 -3.03 -38.77
N GLN I 143 19.58 -3.40 -37.99
CA GLN I 143 20.59 -2.46 -37.55
C GLN I 143 21.63 -2.25 -38.64
N ILE I 144 22.66 -1.48 -38.31
CA ILE I 144 23.66 -1.08 -39.30
C ILE I 144 24.92 -1.91 -39.20
N ASN I 145 25.47 -2.09 -38.01
CA ASN I 145 26.80 -2.68 -37.83
C ASN I 145 26.78 -3.76 -36.74
N LEU I 146 26.48 -4.99 -37.12
CA LEU I 146 26.72 -6.18 -36.31
C LEU I 146 26.88 -7.38 -37.25
N LYS I 147 26.87 -8.58 -36.67
CA LYS I 147 26.90 -9.81 -37.44
C LYS I 147 26.18 -10.92 -36.67
N LEU I 154 27.22 -14.05 -42.55
CA LEU I 154 27.27 -12.66 -42.16
C LEU I 154 25.91 -12.01 -42.42
N VAL I 155 25.10 -11.90 -41.37
CA VAL I 155 23.75 -11.35 -41.46
C VAL I 155 23.61 -10.21 -40.45
N GLN I 156 22.56 -9.42 -40.64
CA GLN I 156 22.28 -8.30 -39.76
C GLN I 156 21.37 -8.72 -38.62
N GLU I 157 21.73 -8.30 -37.41
CA GLU I 157 21.02 -8.66 -36.19
C GLU I 157 19.89 -7.66 -35.96
N PRO I 158 18.63 -8.09 -36.00
CA PRO I 158 17.52 -7.12 -35.92
C PRO I 158 17.47 -6.38 -34.59
N ARG I 159 17.07 -5.12 -34.67
CA ARG I 159 16.96 -4.28 -33.48
C ARG I 159 15.80 -4.75 -32.61
N ILE I 160 16.02 -4.77 -31.30
CA ILE I 160 15.09 -5.34 -30.33
C ILE I 160 14.79 -4.32 -29.25
N ILE I 161 13.49 -4.09 -29.00
CA ILE I 161 13.02 -3.03 -28.11
C ILE I 161 12.20 -3.68 -27.00
N ALA I 162 12.00 -2.93 -25.91
CA ALA I 162 11.11 -3.36 -24.86
C ALA I 162 9.65 -3.11 -25.24
N TYR I 163 8.77 -3.97 -24.75
CA TYR I 163 7.34 -3.90 -25.00
C TYR I 163 6.62 -3.95 -23.66
N LYS I 164 5.72 -2.98 -23.44
CA LYS I 164 4.93 -2.91 -22.23
C LYS I 164 3.68 -2.09 -22.51
N CYS I 165 2.69 -2.23 -21.62
CA CYS I 165 1.43 -1.52 -21.79
C CYS I 165 1.62 -0.02 -21.57
N ASP I 166 1.07 0.78 -22.49
CA ASP I 166 1.13 2.23 -22.38
C ASP I 166 -0.25 2.86 -22.14
N LEU I 167 -1.26 2.04 -21.83
CA LEU I 167 -2.62 2.46 -21.52
C LEU I 167 -3.26 3.20 -22.70
N CYS I 168 -2.72 3.00 -23.91
CA CYS I 168 -3.31 3.52 -25.15
C CYS I 168 -3.47 5.04 -25.11
N ASN I 169 -2.46 5.73 -24.56
CA ASN I 169 -2.58 7.17 -24.34
C ASN I 169 -2.66 7.94 -25.66
N ASP I 170 -1.90 7.50 -26.66
CA ASP I 170 -1.95 8.17 -27.96
C ASP I 170 -3.31 7.96 -28.64
N LEU I 171 -3.87 6.77 -28.49
CA LEU I 171 -5.16 6.45 -29.08
C LEU I 171 -6.27 6.76 -28.07
N GLY I 172 -7.48 6.27 -28.34
CA GLY I 172 -8.62 6.56 -27.50
C GLY I 172 -8.68 5.76 -26.22
N GLU I 173 -9.87 5.29 -25.87
CA GLU I 173 -10.08 4.49 -24.67
C GLU I 173 -9.35 3.16 -24.78
N PRO I 174 -9.02 2.52 -23.65
CA PRO I 174 -8.33 1.24 -23.71
C PRO I 174 -9.11 0.19 -24.48
N ALA I 175 -8.39 -0.62 -25.26
CA ALA I 175 -9.00 -1.60 -26.12
C ALA I 175 -9.05 -3.00 -25.51
N CYS I 176 -8.32 -3.25 -24.42
CA CYS I 176 -8.50 -4.50 -23.69
C CYS I 176 -9.89 -4.54 -23.06
N VAL I 177 -10.25 -3.49 -22.34
CA VAL I 177 -11.66 -3.23 -22.06
C VAL I 177 -12.36 -2.87 -23.36
N LYS I 178 -13.68 -3.14 -23.42
CA LYS I 178 -14.58 -2.98 -24.56
C LYS I 178 -14.40 -4.12 -25.56
N ALA I 179 -13.47 -5.04 -25.33
CA ALA I 179 -13.35 -6.24 -26.14
C ALA I 179 -13.56 -7.52 -25.36
N CYS I 180 -13.45 -7.48 -24.04
CA CYS I 180 -13.69 -8.67 -23.22
C CYS I 180 -15.17 -8.97 -23.19
N PRO I 181 -15.60 -10.16 -23.60
CA PRO I 181 -17.05 -10.47 -23.58
C PRO I 181 -17.68 -10.44 -22.20
N GLU I 182 -16.94 -10.79 -21.15
CA GLU I 182 -17.49 -10.83 -19.81
C GLU I 182 -17.23 -9.57 -19.00
N ASN I 183 -16.53 -8.58 -19.57
CA ASN I 183 -16.22 -7.32 -18.92
C ASN I 183 -15.48 -7.55 -17.59
N ALA I 184 -14.50 -8.47 -17.63
CA ALA I 184 -13.70 -8.73 -16.44
C ALA I 184 -12.67 -7.63 -16.19
N LEU I 185 -12.24 -6.94 -17.25
CA LEU I 185 -11.26 -5.88 -17.11
C LEU I 185 -11.95 -4.55 -16.85
N THR I 186 -11.45 -3.80 -15.86
CA THR I 186 -11.99 -2.48 -15.55
C THR I 186 -10.85 -1.49 -15.35
N LEU I 187 -11.03 -0.28 -15.87
CA LEU I 187 -10.05 0.79 -15.70
C LEU I 187 -10.30 1.48 -14.37
N VAL I 188 -9.42 1.26 -13.40
CA VAL I 188 -9.63 1.73 -12.04
C VAL I 188 -8.82 3.01 -11.83
N MET I 189 -9.44 4.00 -11.19
CA MET I 189 -8.77 5.20 -10.73
C MET I 189 -8.56 5.11 -9.22
N PRO I 190 -7.32 5.16 -8.74
CA PRO I 190 -7.06 4.85 -7.33
C PRO I 190 -7.37 5.98 -6.36
N THR I 191 -8.09 7.01 -6.77
CA THR I 191 -8.46 8.11 -5.88
C THR I 191 -9.90 8.02 -5.41
N GLU I 192 -10.85 7.84 -6.34
CA GLU I 192 -12.25 7.74 -5.96
C GLU I 192 -12.53 6.47 -5.15
N MET I 193 -11.76 5.41 -5.40
CA MET I 193 -11.97 4.15 -4.69
C MET I 193 -11.75 4.31 -3.20
N LYS I 194 -10.72 5.05 -2.79
CA LYS I 194 -10.47 5.26 -1.37
C LYS I 194 -11.61 6.01 -0.71
N LYS I 195 -12.13 7.04 -1.38
CA LYS I 195 -13.26 7.80 -0.83
C LYS I 195 -14.50 6.92 -0.71
N ALA I 196 -14.78 6.10 -1.72
CA ALA I 196 -15.93 5.21 -1.66
C ALA I 196 -15.80 4.20 -0.53
N ARG I 197 -14.61 3.63 -0.34
CA ARG I 197 -14.41 2.67 0.73
C ARG I 197 -14.52 3.34 2.10
N ASN I 198 -14.02 4.58 2.22
CA ASN I 198 -14.17 5.31 3.48
C ASN I 198 -15.64 5.55 3.81
N LYS I 199 -16.42 5.98 2.81
CA LYS I 199 -17.84 6.22 3.03
C LYS I 199 -18.57 4.93 3.40
N GLU I 200 -18.25 3.83 2.73
CA GLU I 200 -18.89 2.56 3.04
C GLU I 200 -18.55 2.09 4.44
N ALA I 201 -17.28 2.21 4.84
CA ALA I 201 -16.89 1.82 6.19
C ALA I 201 -17.58 2.67 7.24
N ALA I 202 -17.67 3.98 7.02
CA ALA I 202 -18.34 4.85 7.98
C ALA I 202 -19.82 4.49 8.09
N LEU I 203 -20.49 4.29 6.96
CA LEU I 203 -21.92 3.97 6.98
C LEU I 203 -22.16 2.62 7.66
N SER I 204 -21.28 1.65 7.42
CA SER I 204 -21.44 0.34 8.06
C SER I 204 -21.22 0.44 9.56
N PHE I 205 -20.28 1.29 10.00
CA PHE I 205 -20.00 1.38 11.42
C PHE I 205 -21.08 2.17 12.16
N LEU I 206 -21.69 3.17 11.52
CA LEU I 206 -22.70 3.97 12.20
C LEU I 206 -24.00 3.23 12.42
N ARG I 207 -24.35 2.30 11.54
CA ARG I 207 -25.66 1.65 11.63
C ARG I 207 -25.75 0.66 12.78
N VAL I 208 -24.63 0.34 13.43
CA VAL I 208 -24.65 -0.71 14.45
C VAL I 208 -24.28 -0.15 15.81
N VAL I 209 -23.14 0.53 15.91
CA VAL I 209 -22.70 1.08 17.19
C VAL I 209 -23.47 2.35 17.50
N ALA J 6 -43.79 32.66 67.15
CA ALA J 6 -44.20 31.39 66.55
C ALA J 6 -42.99 30.48 66.32
N ILE J 7 -42.43 29.97 67.41
CA ILE J 7 -41.28 29.08 67.37
C ILE J 7 -41.73 27.62 67.49
N ILE J 8 -42.56 27.32 68.47
CA ILE J 8 -43.09 25.97 68.67
C ILE J 8 -44.49 25.95 68.06
N ASN J 9 -44.63 25.24 66.94
CA ASN J 9 -45.91 25.15 66.24
C ASN J 9 -46.18 23.70 65.87
N ILE J 10 -47.47 23.39 65.71
CA ILE J 10 -47.93 22.06 65.33
C ILE J 10 -48.59 22.17 63.96
N ASP J 11 -48.06 21.45 62.98
CA ASP J 11 -48.62 21.47 61.64
C ASP J 11 -49.96 20.75 61.61
N GLN J 12 -50.91 21.32 60.88
CA GLN J 12 -52.26 20.78 60.82
C GLN J 12 -52.39 19.60 59.86
N GLU J 13 -51.41 19.39 58.98
CA GLU J 13 -51.43 18.29 58.04
C GLU J 13 -50.92 16.99 58.63
N LEU J 14 -50.38 17.02 59.84
CA LEU J 14 -49.79 15.85 60.48
C LEU J 14 -50.45 15.46 61.80
N CYS J 15 -50.94 16.42 62.57
CA CYS J 15 -51.50 16.13 63.88
C CYS J 15 -52.81 15.36 63.75
N THR J 16 -52.93 14.27 64.49
CA THR J 16 -54.13 13.44 64.50
C THR J 16 -54.94 13.58 65.78
N GLY J 17 -54.55 14.50 66.66
CA GLY J 17 -55.26 14.70 67.92
C GLY J 17 -55.19 13.54 68.88
N CYS J 18 -54.01 12.93 69.04
CA CYS J 18 -53.87 11.82 69.98
C CYS J 18 -53.76 12.30 71.43
N ARG J 19 -53.55 13.59 71.64
CA ARG J 19 -53.55 14.23 72.97
C ARG J 19 -52.47 13.67 73.90
N ARG J 20 -51.42 13.05 73.34
CA ARG J 20 -50.35 12.55 74.19
C ARG J 20 -49.44 13.67 74.67
N CYS J 21 -49.21 14.68 73.83
CA CYS J 21 -48.34 15.80 74.21
C CYS J 21 -49.00 16.71 75.24
N ALA J 22 -50.31 16.64 75.41
CA ALA J 22 -51.00 17.44 76.42
C ALA J 22 -50.88 16.85 77.81
N GLU J 23 -50.39 15.62 77.93
CA GLU J 23 -50.22 14.97 79.22
C GLU J 23 -48.86 15.23 79.85
N VAL J 24 -47.98 15.96 79.17
CA VAL J 24 -46.65 16.27 79.69
C VAL J 24 -46.46 17.78 79.63
N CYS J 25 -47.41 18.48 79.01
CA CYS J 25 -47.36 19.93 78.92
C CYS J 25 -47.54 20.53 80.31
N PRO J 26 -46.61 21.35 80.80
CA PRO J 26 -46.68 21.82 82.19
C PRO J 26 -47.64 22.99 82.40
N VAL J 27 -47.96 23.76 81.35
CA VAL J 27 -48.83 24.92 81.49
C VAL J 27 -50.05 24.86 80.60
N ASP J 28 -50.29 23.72 79.93
CA ASP J 28 -51.45 23.52 79.05
C ASP J 28 -51.50 24.58 77.94
N ALA J 29 -50.45 24.59 77.13
CA ALA J 29 -50.31 25.54 76.04
C ALA J 29 -50.91 25.05 74.73
N ILE J 30 -51.54 23.87 74.74
CA ILE J 30 -52.16 23.29 73.56
C ILE J 30 -53.67 23.30 73.74
N GLU J 31 -54.38 23.71 72.68
CA GLU J 31 -55.83 23.82 72.70
C GLU J 31 -56.40 22.97 71.58
N GLY J 32 -57.41 22.17 71.91
CA GLY J 32 -58.05 21.33 70.92
C GLY J 32 -58.98 20.33 71.58
N GLU J 33 -59.51 19.43 70.76
CA GLU J 33 -60.43 18.40 71.19
C GLU J 33 -59.79 17.02 71.02
N LYS J 34 -60.58 15.98 71.27
CA LYS J 34 -60.10 14.61 71.11
C LYS J 34 -59.80 14.27 69.65
N GLY J 35 -60.40 15.01 68.70
CA GLY J 35 -60.10 14.86 67.30
C GLY J 35 -59.57 16.16 66.71
N LYS J 36 -59.13 16.08 65.44
CA LYS J 36 -58.66 17.18 64.60
C LYS J 36 -57.32 17.71 65.09
N PRO J 37 -56.51 18.32 64.21
CA PRO J 37 -55.24 18.90 64.65
C PRO J 37 -55.46 20.08 65.59
N GLN J 38 -54.50 20.28 66.48
CA GLN J 38 -54.57 21.30 67.51
C GLN J 38 -53.81 22.56 67.07
N LYS J 39 -53.83 23.57 67.94
CA LYS J 39 -53.11 24.82 67.74
C LYS J 39 -52.38 25.19 69.01
N ILE J 40 -51.17 25.71 68.86
CA ILE J 40 -50.34 26.09 69.99
C ILE J 40 -50.57 27.57 70.29
N ASN J 41 -50.97 27.87 71.51
CA ASN J 41 -51.18 29.26 71.94
C ASN J 41 -49.84 29.82 72.37
N THR J 42 -49.22 30.63 71.50
CA THR J 42 -47.89 31.16 71.75
C THR J 42 -47.89 32.24 72.84
N GLU J 43 -49.05 32.80 73.19
CA GLU J 43 -49.12 33.82 74.24
C GLU J 43 -49.14 33.22 75.64
N VAL J 44 -49.34 31.91 75.77
CA VAL J 44 -49.33 31.25 77.06
C VAL J 44 -48.22 30.21 77.17
N CYS J 45 -47.61 29.80 76.06
CA CYS J 45 -46.54 28.83 76.09
C CYS J 45 -45.31 29.40 76.80
N VAL J 46 -44.73 28.61 77.70
CA VAL J 46 -43.57 29.05 78.48
C VAL J 46 -42.25 28.70 77.80
N MET J 47 -42.29 28.05 76.63
CA MET J 47 -41.11 27.68 75.85
C MET J 47 -40.19 26.80 76.70
N CYS J 48 -40.70 25.59 76.96
CA CYS J 48 -39.98 24.59 77.74
C CYS J 48 -39.41 23.47 76.87
N GLY J 49 -40.26 22.78 76.11
CA GLY J 49 -39.81 21.86 75.10
C GLY J 49 -39.98 20.37 75.36
N GLN J 50 -41.02 19.95 76.07
CA GLN J 50 -41.33 18.53 76.21
C GLN J 50 -42.46 18.07 75.29
N CYS J 51 -42.94 18.94 74.41
CA CYS J 51 -43.94 18.55 73.41
C CYS J 51 -43.31 18.10 72.09
N VAL J 52 -41.99 18.19 71.97
CA VAL J 52 -41.32 17.79 70.74
C VAL J 52 -40.95 16.32 70.77
N GLN J 53 -40.48 15.81 71.90
CA GLN J 53 -40.04 14.44 72.03
C GLN J 53 -41.18 13.46 72.32
N LYS J 54 -42.42 13.92 72.31
CA LYS J 54 -43.54 13.02 72.56
C LYS J 54 -44.56 13.09 71.43
N CYS J 55 -44.08 13.04 70.19
CA CYS J 55 -44.93 13.03 69.01
C CYS J 55 -44.51 11.89 68.10
N SER J 56 -45.49 11.34 67.36
CA SER J 56 -45.25 10.18 66.54
C SER J 56 -45.86 10.26 65.14
N SER J 57 -46.53 11.35 64.80
CA SER J 57 -47.00 11.53 63.43
C SER J 57 -45.80 11.77 62.52
N TYR J 58 -45.73 11.04 61.41
CA TYR J 58 -44.51 10.95 60.62
C TYR J 58 -44.83 11.02 59.12
N ALA J 59 -45.80 11.85 58.74
CA ALA J 59 -46.31 11.94 57.38
C ALA J 59 -45.21 12.11 56.34
N SER J 60 -45.06 11.12 55.46
CA SER J 60 -43.94 11.05 54.54
C SER J 60 -44.26 11.74 53.23
N TYR J 61 -43.34 11.63 52.27
CA TYR J 61 -43.45 12.29 50.98
C TYR J 61 -43.87 11.34 49.85
N PHE J 62 -44.23 10.10 50.18
CA PHE J 62 -44.67 9.16 49.16
C PHE J 62 -46.09 9.41 48.68
N ASP J 63 -46.83 10.30 49.33
CA ASP J 63 -48.17 10.67 48.92
C ASP J 63 -48.21 12.13 48.52
N GLU J 64 -48.99 12.43 47.48
CA GLU J 64 -49.12 13.78 46.97
C GLU J 64 -50.22 14.57 47.64
N SER J 65 -50.89 13.99 48.64
CA SER J 65 -51.95 14.70 49.36
C SER J 65 -51.41 15.82 50.22
N ILE J 66 -50.12 15.78 50.59
CA ILE J 66 -49.50 16.82 51.40
C ILE J 66 -48.33 17.41 50.64
N THR J 67 -47.60 18.32 51.28
CA THR J 67 -46.45 18.95 50.67
C THR J 67 -45.39 17.90 50.32
N PRO J 68 -44.62 18.13 49.24
CA PRO J 68 -43.67 17.11 48.77
C PRO J 68 -42.38 17.02 49.57
N ARG J 69 -42.37 17.59 50.77
CA ARG J 69 -41.23 17.54 51.70
C ARG J 69 -40.00 18.22 51.13
N ASN J 70 -40.19 19.25 50.32
CA ASN J 70 -39.11 20.08 49.81
C ASN J 70 -39.20 21.52 50.28
N VAL J 71 -40.41 22.10 50.29
CA VAL J 71 -40.59 23.46 50.78
C VAL J 71 -40.78 23.48 52.30
N LYS J 72 -41.10 22.33 52.91
CA LYS J 72 -41.33 22.28 54.35
C LYS J 72 -40.04 22.60 55.12
N LEU J 73 -38.90 22.11 54.64
CA LEU J 73 -37.64 22.35 55.34
C LEU J 73 -37.27 23.83 55.40
N GLN J 74 -37.74 24.63 54.44
CA GLN J 74 -37.56 26.08 54.54
C GLN J 74 -38.44 26.67 55.64
N GLU J 75 -39.65 26.14 55.81
CA GLU J 75 -40.52 26.62 56.88
C GLU J 75 -39.95 26.26 58.25
N ARG J 76 -39.39 25.05 58.38
CA ARG J 76 -38.75 24.67 59.64
C ARG J 76 -37.40 25.34 59.83
N GLY J 77 -36.84 25.95 58.78
CA GLY J 77 -35.53 26.53 58.87
C GLY J 77 -34.39 25.53 58.84
N MET J 78 -34.64 24.31 58.36
CA MET J 78 -33.65 23.25 58.32
C MET J 78 -32.99 23.23 56.95
N LEU J 79 -31.77 22.69 56.91
CA LEU J 79 -31.05 22.57 55.65
C LEU J 79 -31.73 21.57 54.72
N ASP J 80 -31.27 21.54 53.47
CA ASP J 80 -31.86 20.72 52.43
C ASP J 80 -31.13 19.41 52.22
N SER J 81 -30.26 19.01 53.15
CA SER J 81 -29.47 17.80 53.00
C SER J 81 -29.52 16.95 54.25
N VAL J 82 -30.70 16.81 54.85
CA VAL J 82 -30.87 15.91 55.98
C VAL J 82 -31.99 14.90 55.70
N LYS J 83 -33.15 15.39 55.27
CA LYS J 83 -34.32 14.57 54.94
C LYS J 83 -34.69 13.62 56.09
N GLU J 84 -34.56 14.12 57.31
CA GLU J 84 -34.94 13.35 58.48
C GLU J 84 -36.46 13.30 58.60
N PRO J 85 -37.01 12.26 59.24
CA PRO J 85 -38.47 12.11 59.31
C PRO J 85 -39.12 13.24 60.11
N LEU J 86 -39.94 14.04 59.43
CA LEU J 86 -40.59 15.18 60.05
C LEU J 86 -41.73 14.74 60.95
N PHE J 87 -41.95 15.49 62.03
CA PHE J 87 -43.02 15.25 62.97
C PHE J 87 -43.99 16.43 62.96
N ALA J 88 -45.01 16.36 63.83
CA ALA J 88 -45.99 17.44 63.90
C ALA J 88 -45.46 18.62 64.70
N ALA J 89 -45.02 18.38 65.93
CA ALA J 89 -44.43 19.43 66.76
C ALA J 89 -43.00 19.66 66.31
N TYR J 90 -42.80 20.68 65.48
CA TYR J 90 -41.52 20.95 64.87
C TYR J 90 -40.86 22.16 65.52
N ASN J 91 -39.55 22.06 65.74
CA ASN J 91 -38.76 23.15 66.29
C ASN J 91 -38.23 24.04 65.18
N LEU J 92 -38.13 25.33 65.46
CA LEU J 92 -37.57 26.28 64.51
C LEU J 92 -36.07 26.05 64.37
N GLY J 93 -35.60 26.02 63.12
CA GLY J 93 -34.20 25.75 62.83
C GLY J 93 -33.40 27.02 62.60
N TYR J 94 -32.14 26.99 63.01
CA TYR J 94 -31.23 28.11 62.84
C TYR J 94 -29.94 27.71 62.13
N ALA J 95 -29.95 26.57 61.43
CA ALA J 95 -28.73 26.08 60.80
C ALA J 95 -28.32 26.91 59.60
N ARG J 96 -29.29 27.45 58.86
CA ARG J 96 -28.97 28.24 57.67
C ARG J 96 -28.21 29.52 58.04
N GLN J 97 -28.66 30.22 59.09
CA GLN J 97 -27.97 31.43 59.52
C GLN J 97 -26.59 31.11 60.08
N VAL J 98 -26.45 29.98 60.77
CA VAL J 98 -25.14 29.56 61.27
C VAL J 98 -24.20 29.28 60.12
N LYS J 99 -24.69 28.61 59.08
CA LYS J 99 -23.86 28.34 57.90
C LYS J 99 -23.49 29.64 57.18
N GLU J 100 -24.43 30.58 57.10
CA GLU J 100 -24.15 31.87 56.46
C GLU J 100 -23.09 32.64 57.23
N ALA J 101 -23.15 32.61 58.56
CA ALA J 101 -22.12 33.27 59.35
C ALA J 101 -20.78 32.54 59.26
N LEU J 102 -20.81 31.22 59.14
CA LEU J 102 -19.57 30.44 59.07
C LEU J 102 -18.85 30.66 57.75
N GLU J 103 -19.60 30.74 56.64
CA GLU J 103 -18.97 30.88 55.34
C GLU J 103 -18.39 32.27 55.12
N ASN J 104 -18.79 33.25 55.92
CA ASN J 104 -18.28 34.61 55.76
C ASN J 104 -16.91 34.74 56.41
N PRO J 105 -15.85 35.06 55.67
CA PRO J 105 -14.52 35.16 56.29
C PRO J 105 -14.27 36.50 56.98
N GLN J 106 -15.12 37.50 56.80
CA GLN J 106 -14.92 38.81 57.38
C GLN J 106 -15.46 38.91 58.80
N LEU J 107 -16.13 37.88 59.31
CA LEU J 107 -16.66 37.87 60.66
C LEU J 107 -15.88 36.84 61.48
N PHE J 108 -15.19 37.32 62.51
CA PHE J 108 -14.38 36.46 63.35
C PHE J 108 -15.30 35.70 64.31
N LYS J 109 -15.12 34.38 64.43
CA LYS J 109 -16.15 33.51 64.97
C LYS J 109 -15.71 32.84 66.27
N VAL J 110 -16.62 32.81 67.24
CA VAL J 110 -16.42 32.10 68.50
C VAL J 110 -17.66 31.27 68.80
N VAL J 111 -17.46 30.07 69.33
CA VAL J 111 -18.56 29.16 69.63
C VAL J 111 -18.47 28.78 71.11
N GLN J 112 -19.62 28.50 71.71
CA GLN J 112 -19.75 28.15 73.11
C GLN J 112 -20.43 26.80 73.26
N CYS J 113 -19.90 25.97 74.17
CA CYS J 113 -20.42 24.64 74.40
C CYS J 113 -20.91 24.52 75.84
N ALA J 114 -22.11 23.97 76.01
CA ALA J 114 -22.71 23.66 77.31
C ALA J 114 -22.21 22.31 77.82
N PRO J 115 -22.27 22.06 79.14
CA PRO J 115 -21.80 20.76 79.65
C PRO J 115 -22.82 19.66 79.53
N ALA J 116 -23.48 19.56 78.37
CA ALA J 116 -24.38 18.45 78.09
C ALA J 116 -24.26 17.90 76.68
N ILE J 117 -23.41 18.49 75.83
CA ILE J 117 -23.27 17.97 74.47
C ILE J 117 -22.31 16.79 74.45
N ARG J 118 -21.30 16.80 75.33
CA ARG J 118 -20.28 15.74 75.34
C ARG J 118 -20.84 14.37 75.70
N VAL J 119 -22.06 14.30 76.24
CA VAL J 119 -22.71 13.02 76.52
C VAL J 119 -23.93 12.78 75.64
N SER J 120 -24.32 13.73 74.79
CA SER J 120 -25.49 13.60 73.94
C SER J 120 -25.18 13.51 72.46
N ILE J 121 -24.10 14.13 71.99
CA ILE J 121 -23.78 14.11 70.57
C ILE J 121 -23.23 12.77 70.11
N ALA J 122 -22.75 11.94 71.05
CA ALA J 122 -22.22 10.64 70.69
C ALA J 122 -23.30 9.72 70.14
N GLU J 123 -24.54 9.87 70.60
CA GLU J 123 -25.63 9.04 70.09
C GLU J 123 -26.00 9.40 68.66
N GLU J 124 -25.62 10.58 68.18
CA GLU J 124 -26.00 11.03 66.85
C GLU J 124 -25.14 10.41 65.74
N PHE J 125 -24.06 9.72 66.09
CA PHE J 125 -23.18 9.08 65.12
C PHE J 125 -23.05 7.58 65.35
N GLY J 126 -24.12 6.96 65.82
CA GLY J 126 -24.15 5.51 65.97
C GLY J 126 -23.21 4.95 67.02
N LEU J 127 -23.10 5.59 68.17
CA LEU J 127 -22.29 5.10 69.27
C LEU J 127 -23.19 4.73 70.45
N ASP J 128 -22.56 4.17 71.49
CA ASP J 128 -23.30 3.78 72.67
C ASP J 128 -23.78 5.01 73.44
N LEU J 129 -24.94 4.87 74.07
CA LEU J 129 -25.52 5.95 74.85
C LEU J 129 -24.69 6.21 76.10
N GLY J 130 -24.68 7.47 76.55
CA GLY J 130 -23.91 7.85 77.71
C GLY J 130 -22.41 7.74 77.51
N ASP J 131 -21.92 8.18 76.36
CA ASP J 131 -20.51 8.14 76.02
C ASP J 131 -19.93 9.54 76.12
N LEU J 132 -18.75 9.64 76.74
CA LEU J 132 -18.06 10.92 76.90
C LEU J 132 -17.08 11.12 75.76
N THR J 133 -17.19 12.25 75.08
CA THR J 133 -16.32 12.58 73.94
C THR J 133 -15.87 14.02 74.05
N PRO J 134 -14.91 14.31 74.95
CA PRO J 134 -14.45 15.69 75.10
C PRO J 134 -13.53 16.17 73.99
N GLY J 135 -12.59 15.33 73.57
CA GLY J 135 -11.55 15.77 72.64
C GLY J 135 -12.04 15.88 71.21
N LYS J 136 -12.73 14.84 70.73
CA LYS J 136 -13.21 14.85 69.35
C LYS J 136 -14.28 15.92 69.14
N LEU J 137 -15.02 16.28 70.20
CA LEU J 137 -16.01 17.34 70.09
C LEU J 137 -15.36 18.68 69.75
N VAL J 138 -14.34 19.08 70.53
CA VAL J 138 -13.67 20.34 70.26
C VAL J 138 -12.85 20.25 68.98
N ALA J 139 -12.36 19.06 68.63
CA ALA J 139 -11.67 18.89 67.36
C ALA J 139 -12.60 19.16 66.18
N ALA J 140 -13.82 18.60 66.24
CA ALA J 140 -14.79 18.86 65.19
C ALA J 140 -15.24 20.32 65.19
N LEU J 141 -15.37 20.92 66.38
CA LEU J 141 -15.77 22.32 66.46
C LEU J 141 -14.73 23.23 65.82
N ARG J 142 -13.45 22.93 66.03
CA ARG J 142 -12.39 23.65 65.33
C ARG J 142 -12.39 23.36 63.84
N ARG J 143 -12.75 22.13 63.46
CA ARG J 143 -12.87 21.78 62.04
C ARG J 143 -14.08 22.41 61.39
N LEU J 144 -15.01 22.97 62.16
CA LEU J 144 -16.20 23.64 61.62
C LEU J 144 -15.93 25.09 61.23
N ASN J 145 -14.66 25.44 60.98
CA ASN J 145 -14.26 26.80 60.62
C ASN J 145 -14.68 27.81 61.70
N PHE J 146 -14.51 27.41 62.96
CA PHE J 146 -14.76 28.28 64.10
C PHE J 146 -13.42 28.72 64.67
N ASP J 147 -13.24 30.04 64.82
CA ASP J 147 -11.94 30.56 65.22
C ASP J 147 -11.64 30.28 66.69
N ARG J 148 -12.61 30.46 67.58
CA ARG J 148 -12.41 30.03 68.96
C ARG J 148 -13.53 29.12 69.43
N VAL J 149 -13.20 28.19 70.32
CA VAL J 149 -14.15 27.33 71.01
C VAL J 149 -13.98 27.55 72.52
N TYR J 150 -15.06 27.94 73.17
CA TYR J 150 -15.11 28.07 74.63
C TYR J 150 -16.22 27.20 75.19
N ASP J 151 -16.16 26.98 76.50
CA ASP J 151 -17.19 26.28 77.25
C ASP J 151 -17.88 27.27 78.18
N THR J 152 -19.19 27.11 78.35
CA THR J 152 -19.92 27.93 79.29
C THR J 152 -19.71 27.49 80.73
N ASN J 153 -18.91 26.44 80.96
CA ASN J 153 -18.63 25.97 82.31
C ASN J 153 -17.87 27.02 83.11
N PHE J 154 -17.07 27.86 82.45
CA PHE J 154 -16.49 29.01 83.13
C PHE J 154 -17.58 29.97 83.60
N GLY J 155 -18.56 30.25 82.73
CA GLY J 155 -19.70 31.03 83.15
C GLY J 155 -20.53 30.35 84.22
N ALA J 156 -20.63 29.03 84.15
CA ALA J 156 -21.33 28.30 85.21
C ALA J 156 -20.63 28.45 86.55
N ASP J 157 -19.30 28.36 86.57
CA ASP J 157 -18.56 28.56 87.80
C ASP J 157 -18.71 29.99 88.31
N LEU J 158 -18.67 30.96 87.39
CA LEU J 158 -18.83 32.36 87.79
C LEU J 158 -20.21 32.62 88.37
N THR J 159 -21.26 32.04 87.78
CA THR J 159 -22.60 32.25 88.31
C THR J 159 -22.82 31.46 89.59
N ILE J 160 -22.09 30.36 89.79
CA ILE J 160 -22.13 29.68 91.09
C ILE J 160 -21.50 30.54 92.17
N ILE J 161 -20.36 31.17 91.86
CA ILE J 161 -19.72 32.07 92.82
C ILE J 161 -20.63 33.26 93.12
N GLU J 162 -21.26 33.82 92.10
CA GLU J 162 -22.18 34.94 92.30
C GLU J 162 -23.39 34.50 93.12
N GLU J 163 -23.89 33.28 92.89
CA GLU J 163 -25.00 32.74 93.68
C GLU J 163 -24.62 32.61 95.14
N ALA J 164 -23.41 32.09 95.40
CA ALA J 164 -22.94 31.96 96.78
C ALA J 164 -22.79 33.33 97.44
N ASN J 165 -22.27 34.31 96.72
CA ASN J 165 -22.13 35.65 97.26
C ASN J 165 -23.49 36.27 97.55
N GLU J 166 -24.47 36.07 96.66
CA GLU J 166 -25.81 36.58 96.90
C GLU J 166 -26.45 35.90 98.10
N LEU J 167 -26.23 34.60 98.26
CA LEU J 167 -26.74 33.89 99.44
C LEU J 167 -26.13 34.43 100.72
N VAL J 168 -24.81 34.66 100.72
CA VAL J 168 -24.14 35.19 101.90
C VAL J 168 -24.64 36.60 102.21
N LYS J 169 -24.89 37.41 101.17
CA LYS J 169 -25.39 38.76 101.38
C LYS J 169 -26.83 38.75 101.88
N ARG J 170 -27.65 37.78 101.45
CA ARG J 170 -29.06 37.81 101.75
C ARG J 170 -29.46 37.01 102.99
N ILE J 171 -28.59 36.15 103.52
CA ILE J 171 -28.92 35.49 104.78
C ILE J 171 -28.92 36.51 105.91
N LYS J 172 -28.01 37.47 105.87
CA LYS J 172 -28.03 38.59 106.81
C LYS J 172 -28.95 39.67 106.28
N GLU J 173 -29.80 40.22 107.16
CA GLU J 173 -30.82 41.22 106.81
C GLU J 173 -31.75 40.66 105.73
N GLY J 174 -32.50 39.64 106.15
CA GLY J 174 -33.36 38.89 105.26
C GLY J 174 -34.36 39.71 104.47
N LYS J 175 -34.38 39.50 103.16
CA LYS J 175 -35.29 40.23 102.26
C LYS J 175 -35.60 39.30 101.10
N ASP J 176 -36.86 38.89 101.00
CA ASP J 176 -37.31 37.84 100.08
C ASP J 176 -36.48 36.57 100.27
N LEU J 177 -36.53 36.07 101.51
CA LEU J 177 -35.78 34.86 101.86
C LEU J 177 -36.15 33.63 101.04
N PRO J 178 -37.43 33.35 100.70
CA PRO J 178 -37.70 32.27 99.72
C PRO J 178 -37.20 32.65 98.34
N MET J 179 -35.88 32.53 98.17
CA MET J 179 -35.17 33.08 97.02
C MET J 179 -34.89 31.97 96.01
N PHE J 180 -35.16 32.26 94.73
CA PHE J 180 -35.07 31.29 93.66
C PHE J 180 -34.03 31.71 92.63
N THR J 181 -33.48 30.72 91.92
CA THR J 181 -32.47 30.96 90.91
C THR J 181 -33.10 31.33 89.57
N SER J 182 -32.25 31.74 88.63
CA SER J 182 -32.68 32.16 87.30
C SER J 182 -31.83 31.51 86.21
N CYS J 183 -31.65 30.20 86.29
CA CYS J 183 -30.83 29.50 85.30
C CYS J 183 -31.56 29.34 83.97
N CYS J 184 -32.89 29.31 83.98
CA CYS J 184 -33.67 29.01 82.79
C CYS J 184 -34.61 30.15 82.44
N PRO J 185 -34.62 30.62 81.20
CA PRO J 185 -35.55 31.69 80.80
C PRO J 185 -37.01 31.29 80.88
N ALA J 186 -37.32 30.00 80.82
CA ALA J 186 -38.71 29.56 80.90
C ALA J 186 -39.32 29.88 82.25
N TRP J 187 -38.51 29.81 83.31
CA TRP J 187 -38.94 30.27 84.62
C TRP J 187 -39.32 31.75 84.60
N VAL J 188 -38.49 32.58 83.96
CA VAL J 188 -38.77 34.02 83.90
C VAL J 188 -40.04 34.27 83.11
N LYS J 189 -40.23 33.57 81.98
CA LYS J 189 -41.43 33.75 81.19
C LYS J 189 -42.68 33.29 81.94
N PHE J 190 -42.59 32.16 82.65
CA PHE J 190 -43.72 31.66 83.41
C PHE J 190 -44.09 32.61 84.55
N ALA J 191 -43.08 33.15 85.24
CA ALA J 191 -43.36 34.12 86.29
C ALA J 191 -43.94 35.42 85.73
N GLU J 192 -43.48 35.82 84.54
CA GLU J 192 -44.05 36.98 83.87
C GLU J 192 -45.51 36.76 83.53
N GLN J 193 -45.86 35.57 83.05
CA GLN J 193 -47.22 35.30 82.60
C GLN J 193 -48.17 35.09 83.77
N THR J 194 -47.70 34.44 84.84
CA THR J 194 -48.60 33.95 85.88
C THR J 194 -48.39 34.57 87.26
N TYR J 195 -47.15 34.84 87.66
CA TYR J 195 -46.85 35.27 89.03
C TYR J 195 -46.03 36.54 89.01
N PRO J 196 -46.67 37.68 88.73
CA PRO J 196 -45.93 38.96 88.72
C PRO J 196 -45.52 39.43 90.11
N GLU J 197 -46.15 38.91 91.17
CA GLU J 197 -45.86 39.36 92.53
C GLU J 197 -44.61 38.73 93.12
N LEU J 198 -44.08 37.66 92.51
CA LEU J 198 -42.91 36.96 93.03
C LEU J 198 -41.70 37.12 92.11
N LEU J 199 -41.65 38.21 91.36
CA LEU J 199 -40.54 38.47 90.45
C LEU J 199 -39.28 38.92 91.16
N LYS J 200 -39.38 39.39 92.40
CA LYS J 200 -38.21 39.82 93.15
C LYS J 200 -37.53 38.69 93.91
N HIS J 201 -38.23 37.57 94.13
CA HIS J 201 -37.62 36.44 94.80
C HIS J 201 -36.60 35.75 93.91
N ILE J 202 -36.76 35.87 92.58
CA ILE J 202 -35.82 35.28 91.64
C ILE J 202 -34.51 36.04 91.71
N SER J 203 -33.40 35.31 91.77
CA SER J 203 -32.08 35.93 91.84
C SER J 203 -31.78 36.71 90.57
N THR J 204 -31.08 37.84 90.74
CA THR J 204 -30.77 38.74 89.65
C THR J 204 -29.52 38.34 88.87
N CYS J 205 -29.06 37.11 89.05
CA CYS J 205 -27.88 36.62 88.33
C CYS J 205 -28.28 36.12 86.94
N LYS J 206 -27.48 36.50 85.94
CA LYS J 206 -27.75 36.10 84.58
C LYS J 206 -27.45 34.62 84.37
N SER J 207 -27.95 34.10 83.24
CA SER J 207 -27.56 32.77 82.82
C SER J 207 -26.08 32.76 82.43
N PRO J 208 -25.42 31.61 82.54
CA PRO J 208 -23.99 31.57 82.16
C PRO J 208 -23.72 31.98 80.72
N GLN J 209 -24.61 31.62 79.80
CA GLN J 209 -24.38 31.94 78.38
C GLN J 209 -24.40 33.45 78.14
N GLN J 210 -25.33 34.18 78.76
CA GLN J 210 -25.49 35.60 78.45
C GLN J 210 -24.31 36.42 78.95
N MET J 211 -23.93 36.21 80.22
CA MET J 211 -22.80 36.95 80.75
C MET J 211 -21.46 36.42 80.23
N THR J 212 -21.39 35.15 79.82
CA THR J 212 -20.20 34.68 79.12
C THR J 212 -20.04 35.38 77.78
N GLY J 213 -21.14 35.54 77.04
CA GLY J 213 -21.08 36.31 75.80
C GLY J 213 -20.75 37.77 76.05
N ALA J 214 -21.27 38.34 77.15
CA ALA J 214 -20.92 39.72 77.50
C ALA J 214 -19.44 39.85 77.80
N ILE J 215 -18.87 38.87 78.52
CA ILE J 215 -17.43 38.86 78.77
C ILE J 215 -16.64 38.74 77.48
N ILE J 216 -17.12 37.91 76.56
CA ILE J 216 -16.46 37.76 75.25
C ILE J 216 -16.48 39.08 74.49
N LYS J 217 -17.62 39.77 74.49
CA LYS J 217 -17.72 41.05 73.80
C LYS J 217 -16.96 42.16 74.49
N THR J 218 -16.72 42.06 75.80
CA THR J 218 -16.07 43.14 76.55
C THR J 218 -14.68 42.76 77.01
N TYR J 219 -14.54 41.67 77.78
CA TYR J 219 -13.23 41.25 78.26
C TYR J 219 -12.49 40.41 77.22
N GLY J 220 -13.21 39.54 76.52
CA GLY J 220 -12.60 38.73 75.48
C GLY J 220 -12.23 39.51 74.24
N ALA J 221 -12.81 40.68 74.05
CA ALA J 221 -12.44 41.54 72.93
C ALA J 221 -11.14 42.31 73.19
N LYS J 222 -10.67 42.34 74.43
CA LYS J 222 -9.45 43.07 74.76
C LYS J 222 -8.22 42.16 74.81
N ILE J 223 -8.40 40.86 75.04
CA ILE J 223 -7.27 39.95 75.09
C ILE J 223 -6.68 39.71 73.70
N ASN J 224 -7.43 40.01 72.65
CA ASN J 224 -6.99 39.87 71.27
C ASN J 224 -6.93 41.25 70.61
N ASN J 225 -6.67 41.25 69.30
CA ASN J 225 -6.50 42.47 68.53
C ASN J 225 -7.72 42.78 67.65
N VAL J 226 -8.93 42.49 68.14
CA VAL J 226 -10.15 42.76 67.39
C VAL J 226 -11.03 43.70 68.20
N ASP J 227 -11.94 44.38 67.48
CA ASP J 227 -12.93 45.30 68.02
C ASP J 227 -14.25 44.57 68.29
N PRO J 228 -15.03 45.00 69.29
CA PRO J 228 -16.31 44.35 69.61
C PRO J 228 -17.45 44.75 68.66
N ALA J 229 -17.20 44.63 67.36
CA ALA J 229 -18.23 44.91 66.37
C ALA J 229 -18.29 43.89 65.24
N LYS J 230 -17.28 43.03 65.07
CA LYS J 230 -17.29 42.01 64.04
C LYS J 230 -17.28 40.60 64.61
N ILE J 231 -17.13 40.45 65.93
CA ILE J 231 -17.10 39.14 66.55
C ILE J 231 -18.51 38.54 66.55
N PHE J 232 -18.61 37.29 66.12
CA PHE J 232 -19.87 36.57 66.04
C PHE J 232 -19.82 35.37 66.96
N SER J 233 -20.72 35.32 67.93
CA SER J 233 -20.76 34.27 68.94
C SER J 233 -21.96 33.37 68.71
N VAL J 234 -21.70 32.08 68.56
CA VAL J 234 -22.73 31.06 68.43
C VAL J 234 -22.62 30.12 69.61
N SER J 235 -23.73 29.87 70.30
CA SER J 235 -23.75 29.06 71.52
C SER J 235 -24.61 27.84 71.26
N VAL J 236 -24.00 26.65 71.20
CA VAL J 236 -24.73 25.42 70.95
C VAL J 236 -25.25 24.88 72.28
N MET J 237 -26.53 25.10 72.54
CA MET J 237 -27.16 24.73 73.79
C MET J 237 -28.14 23.59 73.57
N PRO J 238 -28.26 22.66 74.53
CA PRO J 238 -29.31 21.63 74.47
C PRO J 238 -30.67 22.13 74.95
N CYS J 239 -31.10 23.27 74.41
CA CYS J 239 -32.33 23.91 74.87
C CYS J 239 -32.91 24.80 73.78
N THR J 240 -34.23 24.79 73.66
CA THR J 240 -34.92 25.70 72.76
C THR J 240 -35.23 27.04 73.40
N CYS J 241 -35.20 27.10 74.74
CA CYS J 241 -35.47 28.32 75.49
C CYS J 241 -34.36 29.34 75.40
N LYS J 242 -33.14 28.92 75.04
CA LYS J 242 -32.03 29.86 74.99
C LYS J 242 -32.19 30.85 73.85
N SER J 243 -32.87 30.45 72.77
CA SER J 243 -33.19 31.39 71.70
C SER J 243 -34.17 32.45 72.17
N TYR J 244 -35.17 32.05 72.97
CA TYR J 244 -36.07 33.01 73.59
C TYR J 244 -35.36 33.88 74.62
N GLU J 245 -34.24 33.42 75.17
CA GLU J 245 -33.47 34.22 76.10
C GLU J 245 -32.52 35.20 75.41
N SER J 246 -31.97 34.83 74.26
CA SER J 246 -30.92 35.60 73.61
C SER J 246 -31.46 36.66 72.64
N ASP J 247 -32.67 37.15 72.87
CA ASP J 247 -33.19 38.25 72.05
C ASP J 247 -33.93 39.29 72.87
N ARG J 248 -33.93 39.18 74.21
CA ARG J 248 -34.57 40.17 75.06
C ARG J 248 -33.77 41.47 75.07
N PRO J 249 -34.44 42.62 75.21
CA PRO J 249 -33.70 43.89 75.33
C PRO J 249 -32.89 44.00 76.60
N GLU J 250 -33.27 43.30 77.66
CA GLU J 250 -32.56 43.36 78.93
C GLU J 250 -31.45 42.32 79.06
N MET J 251 -31.29 41.46 78.05
CA MET J 251 -30.23 40.45 78.04
C MET J 251 -29.03 40.90 77.22
N ARG J 252 -28.76 42.20 77.18
CA ARG J 252 -27.70 42.76 76.36
C ARG J 252 -26.77 43.60 77.21
N SER J 253 -25.50 43.65 76.84
CA SER J 253 -24.51 44.44 77.53
C SER J 253 -23.58 45.10 76.52
N SER J 254 -23.07 46.27 76.89
CA SER J 254 -22.15 47.07 76.07
C SER J 254 -22.74 47.44 74.72
N GLY J 255 -24.07 47.55 74.63
CA GLY J 255 -24.71 47.97 73.40
C GLY J 255 -24.97 46.85 72.41
N TYR J 256 -24.06 45.89 72.33
CA TYR J 256 -24.16 44.79 71.38
C TYR J 256 -24.80 43.58 72.03
N LYS J 257 -25.32 42.69 71.18
CA LYS J 257 -25.90 41.44 71.66
C LYS J 257 -24.80 40.53 72.21
N ASP J 258 -25.02 40.02 73.42
CA ASP J 258 -24.03 39.12 74.02
C ASP J 258 -23.95 37.80 73.27
N VAL J 259 -25.10 37.24 72.91
CA VAL J 259 -25.18 36.01 72.12
C VAL J 259 -26.02 36.29 70.88
N ASP J 260 -25.47 36.01 69.70
CA ASP J 260 -26.22 36.22 68.47
C ASP J 260 -27.44 35.32 68.40
N LEU J 261 -27.22 34.00 68.37
CA LEU J 261 -28.30 33.03 68.34
C LEU J 261 -27.76 31.69 68.81
N VAL J 262 -28.67 30.80 69.17
CA VAL J 262 -28.31 29.48 69.68
C VAL J 262 -28.89 28.42 68.75
N ILE J 263 -28.31 27.21 68.83
CA ILE J 263 -28.76 26.07 68.07
C ILE J 263 -28.82 24.86 68.99
N THR J 264 -29.64 23.89 68.60
CA THR J 264 -29.79 22.65 69.36
C THR J 264 -28.65 21.70 69.03
N THR J 265 -28.52 20.66 69.87
CA THR J 265 -27.52 19.62 69.61
C THR J 265 -27.84 18.85 68.34
N ARG J 266 -29.14 18.62 68.07
CA ARG J 266 -29.54 17.98 66.83
C ARG J 266 -29.16 18.81 65.62
N GLU J 267 -29.33 20.13 65.71
CA GLU J 267 -28.92 21.01 64.61
C GLU J 267 -27.41 20.99 64.41
N LEU J 268 -26.65 20.93 65.51
CA LEU J 268 -25.20 20.83 65.40
C LEU J 268 -24.78 19.53 64.72
N ALA J 269 -25.42 18.41 65.10
CA ALA J 269 -25.11 17.13 64.48
C ALA J 269 -25.49 17.12 63.00
N HIS J 270 -26.63 17.73 62.67
CA HIS J 270 -27.03 17.83 61.27
C HIS J 270 -26.06 18.68 60.47
N LEU J 271 -25.57 19.77 61.05
CA LEU J 271 -24.55 20.58 60.39
C LEU J 271 -23.26 19.79 60.20
N MET J 272 -22.87 19.02 61.22
CA MET J 272 -21.66 18.20 61.13
C MET J 272 -21.78 17.17 60.01
N LYS J 273 -22.94 16.53 59.89
CA LYS J 273 -23.18 15.61 58.78
C LYS J 273 -23.23 16.34 57.45
N ASP J 274 -23.71 17.59 57.44
CA ASP J 274 -23.76 18.37 56.21
C ASP J 274 -22.36 18.71 55.71
N LYS J 275 -21.43 19.00 56.62
CA LYS J 275 -20.04 19.18 56.21
C LYS J 275 -19.43 17.90 55.65
N GLY J 276 -19.94 16.74 56.06
CA GLY J 276 -19.43 15.47 55.56
C GLY J 276 -18.14 15.02 56.23
N ILE J 277 -18.16 14.94 57.55
CA ILE J 277 -17.01 14.51 58.34
C ILE J 277 -17.46 13.43 59.30
N ASP J 278 -16.64 12.40 59.46
CA ASP J 278 -16.93 11.31 60.38
C ASP J 278 -16.50 11.67 61.80
N PHE J 279 -17.02 10.91 62.76
CA PHE J 279 -16.86 11.23 64.18
C PHE J 279 -15.73 10.46 64.84
N ALA J 280 -15.62 9.15 64.60
CA ALA J 280 -14.64 8.34 65.30
C ALA J 280 -13.23 8.56 64.77
N THR J 281 -13.07 9.02 63.53
CA THR J 281 -11.76 9.21 62.94
C THR J 281 -11.03 10.41 63.55
N LEU J 282 -11.77 11.37 64.10
CA LEU J 282 -11.19 12.60 64.61
C LEU J 282 -10.26 12.32 65.79
N PRO J 283 -9.21 13.13 65.96
CA PRO J 283 -8.34 12.97 67.14
C PRO J 283 -8.85 13.76 68.33
N ASP J 284 -8.11 13.73 69.43
CA ASP J 284 -8.49 14.42 70.65
C ASP J 284 -7.77 15.76 70.74
N GLU J 285 -8.53 16.82 71.01
CA GLU J 285 -7.96 18.17 71.12
C GLU J 285 -8.33 18.80 72.46
N GLU J 286 -8.01 20.08 72.62
CA GLU J 286 -8.25 20.79 73.87
C GLU J 286 -8.88 22.14 73.59
N PHE J 287 -9.63 22.64 74.56
CA PHE J 287 -10.27 23.94 74.44
C PHE J 287 -9.24 25.06 74.60
N ASP J 288 -9.66 26.27 74.27
CA ASP J 288 -8.78 27.43 74.40
C ASP J 288 -8.55 27.76 75.87
N SER J 289 -7.29 28.00 76.23
CA SER J 289 -6.94 28.26 77.62
C SER J 289 -7.57 29.50 78.25
N PRO J 290 -7.61 30.68 77.62
CA PRO J 290 -8.09 31.88 78.35
C PRO J 290 -9.50 31.78 78.89
N LEU J 291 -10.43 31.16 78.16
CA LEU J 291 -11.82 31.10 78.60
C LEU J 291 -12.39 29.70 78.37
N GLY J 292 -11.61 28.68 78.66
CA GLY J 292 -12.07 27.31 78.50
C GLY J 292 -11.62 26.41 79.63
N ASN J 293 -11.11 27.02 80.70
CA ASN J 293 -10.66 26.28 81.88
C ASN J 293 -11.76 26.32 82.93
N TYR J 294 -12.08 25.17 83.51
CA TYR J 294 -13.18 25.05 84.45
C TYR J 294 -12.91 23.89 85.39
N THR J 295 -13.80 23.71 86.36
CA THR J 295 -13.71 22.65 87.34
C THR J 295 -14.84 21.64 87.12
N GLY J 296 -14.84 20.61 87.97
CA GLY J 296 -15.86 19.57 87.87
C GLY J 296 -17.22 19.99 88.36
N ALA J 297 -17.30 21.06 89.15
CA ALA J 297 -18.58 21.52 89.68
C ALA J 297 -19.49 22.06 88.59
N ALA J 298 -18.94 22.52 87.48
CA ALA J 298 -19.73 23.05 86.38
C ALA J 298 -20.06 22.00 85.32
N THR J 299 -19.66 20.76 85.54
CA THR J 299 -19.90 19.69 84.58
C THR J 299 -21.22 18.97 84.83
N ILE J 300 -21.70 18.96 86.07
CA ILE J 300 -22.87 18.16 86.44
C ILE J 300 -24.16 18.97 86.31
N PHE J 301 -24.13 20.10 85.61
CA PHE J 301 -25.35 20.88 85.42
C PHE J 301 -26.25 20.32 84.34
N GLY J 302 -25.76 19.41 83.49
CA GLY J 302 -26.63 18.73 82.56
C GLY J 302 -27.69 17.89 83.26
N ASN J 303 -27.31 17.30 84.39
CA ASN J 303 -28.24 16.56 85.25
C ASN J 303 -28.74 17.47 86.37
N THR J 304 -29.97 17.23 86.80
CA THR J 304 -30.49 17.92 87.97
C THR J 304 -29.93 17.29 89.24
N GLY J 305 -30.00 18.05 90.33
CA GLY J 305 -29.49 17.61 91.61
C GLY J 305 -28.05 17.96 91.88
N GLY J 306 -27.33 18.54 90.92
CA GLY J 306 -25.94 18.88 91.12
C GLY J 306 -25.69 20.37 91.31
N VAL J 307 -26.73 21.18 91.10
CA VAL J 307 -26.58 22.62 91.24
C VAL J 307 -26.41 23.01 92.71
N MET J 308 -27.19 22.37 93.60
CA MET J 308 -27.09 22.68 95.02
C MET J 308 -25.72 22.32 95.56
N GLU J 309 -25.20 21.14 95.17
CA GLU J 309 -23.88 20.73 95.62
C GLU J 309 -22.79 21.66 95.09
N ALA J 310 -22.92 22.07 93.81
CA ALA J 310 -21.93 22.97 93.23
C ALA J 310 -21.93 24.32 93.92
N ALA J 311 -23.11 24.84 94.27
CA ALA J 311 -23.18 26.08 95.04
C ALA J 311 -22.61 25.88 96.44
N LEU J 312 -22.90 24.74 97.07
CA LEU J 312 -22.48 24.51 98.44
C LEU J 312 -20.97 24.35 98.54
N ARG J 313 -20.32 23.82 97.50
CA ARG J 313 -18.87 23.62 97.54
C ARG J 313 -18.10 24.91 97.79
N THR J 314 -18.64 26.06 97.42
CA THR J 314 -18.06 27.35 97.77
C THR J 314 -18.83 28.09 98.85
N ALA J 315 -20.13 27.83 99.01
CA ALA J 315 -20.88 28.47 100.08
C ALA J 315 -20.39 28.03 101.45
N TYR J 316 -20.07 26.74 101.60
CA TYR J 316 -19.53 26.24 102.86
C TYR J 316 -18.21 26.91 103.20
N GLU J 317 -17.33 27.04 102.20
CA GLU J 317 -16.04 27.69 102.42
C GLU J 317 -16.21 29.16 102.77
N LEU J 318 -17.14 29.86 102.11
CA LEU J 318 -17.35 31.27 102.44
C LEU J 318 -18.07 31.47 103.76
N ILE J 319 -18.79 30.47 104.27
CA ILE J 319 -19.49 30.63 105.54
C ILE J 319 -18.59 30.24 106.71
N THR J 320 -18.14 28.98 106.75
CA THR J 320 -17.40 28.54 107.93
C THR J 320 -15.94 28.96 107.92
N LYS J 321 -15.43 29.44 106.78
CA LYS J 321 -14.06 29.94 106.63
C LYS J 321 -13.02 28.89 107.06
N LYS J 322 -13.30 27.63 106.72
CA LYS J 322 -12.35 26.55 106.98
C LYS J 322 -12.62 25.43 105.99
N PRO J 323 -11.59 24.66 105.59
CA PRO J 323 -11.80 23.57 104.63
C PRO J 323 -12.41 22.34 105.30
N ILE J 324 -13.63 22.01 104.90
CA ILE J 324 -14.31 20.81 105.37
C ILE J 324 -14.78 20.02 104.16
N PRO J 325 -14.47 18.73 104.07
CA PRO J 325 -14.81 17.96 102.86
C PRO J 325 -16.31 17.78 102.70
N ASN J 326 -16.85 18.37 101.63
CA ASN J 326 -18.24 18.20 101.24
C ASN J 326 -18.35 17.76 99.78
N ILE J 327 -17.42 16.89 99.36
CA ILE J 327 -17.34 16.51 97.95
C ILE J 327 -18.53 15.66 97.54
N ASP J 328 -19.00 14.78 98.43
CA ASP J 328 -20.01 13.79 98.10
C ASP J 328 -21.25 14.01 98.96
N ILE J 329 -22.42 14.02 98.32
CA ILE J 329 -23.71 14.02 99.01
C ILE J 329 -24.69 13.25 98.13
N GLU J 330 -25.61 12.53 98.77
CA GLU J 330 -26.53 11.65 98.05
C GLU J 330 -27.99 11.93 98.33
N PHE J 331 -28.31 12.95 99.13
CA PHE J 331 -29.69 13.24 99.50
C PHE J 331 -30.32 14.32 98.63
N VAL J 332 -29.61 14.80 97.60
CA VAL J 332 -30.11 15.83 96.70
C VAL J 332 -30.30 15.33 95.28
N ARG J 333 -30.16 14.03 95.05
CA ARG J 333 -30.29 13.45 93.71
C ARG J 333 -31.68 12.83 93.55
N GLY J 334 -32.39 13.26 92.50
CA GLY J 334 -33.71 12.73 92.22
C GLY J 334 -34.18 13.20 90.86
N GLY J 335 -35.28 12.60 90.41
CA GLY J 335 -35.82 12.92 89.10
C GLY J 335 -37.32 12.94 89.01
N GLU J 336 -38.01 12.86 90.14
CA GLU J 336 -39.46 12.83 90.15
C GLU J 336 -39.98 13.53 91.40
N GLY J 337 -41.06 14.30 91.24
CA GLY J 337 -41.68 14.96 92.38
C GLY J 337 -40.80 16.07 92.93
N ILE J 338 -40.72 16.14 94.25
CA ILE J 338 -39.93 17.13 94.96
C ILE J 338 -38.94 16.42 95.85
N ARG J 339 -37.78 17.04 96.06
CA ARG J 339 -36.77 16.48 96.95
C ARG J 339 -36.14 17.58 97.78
N THR J 340 -35.91 17.28 99.06
CA THR J 340 -35.43 18.26 100.02
C THR J 340 -34.34 17.65 100.90
N ALA J 341 -33.56 18.53 101.52
CA ALA J 341 -32.48 18.15 102.42
C ALA J 341 -32.23 19.30 103.38
N THR J 342 -31.51 19.00 104.47
CA THR J 342 -31.12 20.01 105.44
C THR J 342 -29.64 19.88 105.75
N VAL J 343 -28.96 21.02 105.80
CA VAL J 343 -27.52 21.06 106.05
C VAL J 343 -27.25 22.17 107.07
N GLN J 344 -26.45 21.85 108.08
CA GLN J 344 -26.07 22.83 109.10
C GLN J 344 -24.65 23.32 108.83
N VAL J 345 -24.51 24.63 108.60
CA VAL J 345 -23.22 25.25 108.35
C VAL J 345 -23.18 26.59 109.08
N GLY J 346 -22.05 26.86 109.74
CA GLY J 346 -21.88 28.12 110.46
C GLY J 346 -22.89 28.35 111.54
N GLU J 347 -23.31 27.29 112.26
CA GLU J 347 -24.36 27.32 113.25
C GLU J 347 -25.70 27.84 112.70
N LEU J 348 -25.89 27.73 111.38
CA LEU J 348 -27.15 28.07 110.74
C LEU J 348 -27.63 26.88 109.92
N GLU J 349 -28.93 26.59 110.00
CA GLU J 349 -29.51 25.50 109.24
C GLU J 349 -30.03 26.00 107.90
N LEU J 350 -29.90 25.15 106.89
CA LEU J 350 -30.37 25.45 105.53
C LEU J 350 -31.28 24.31 105.09
N LYS J 351 -32.50 24.65 104.70
CA LYS J 351 -33.49 23.68 104.23
C LYS J 351 -33.61 23.85 102.71
N ILE J 352 -32.81 23.09 101.98
CA ILE J 352 -32.81 23.15 100.53
C ILE J 352 -33.88 22.23 99.99
N ALA J 353 -34.54 22.65 98.91
CA ALA J 353 -35.58 21.84 98.28
C ALA J 353 -35.68 22.25 96.82
N VAL J 354 -35.88 21.25 95.96
CA VAL J 354 -36.05 21.47 94.53
C VAL J 354 -37.19 20.60 94.02
N VAL J 355 -37.66 20.94 92.82
CA VAL J 355 -38.82 20.31 92.19
C VAL J 355 -38.36 19.66 90.89
N SER J 356 -38.90 18.48 90.60
CA SER J 356 -38.66 17.81 89.33
C SER J 356 -39.88 18.08 88.45
N GLY J 357 -39.78 19.08 87.58
CA GLY J 357 -40.89 19.51 86.76
C GLY J 357 -41.40 20.87 87.18
N LEU J 358 -42.37 21.37 86.40
CA LEU J 358 -42.93 22.69 86.61
C LEU J 358 -44.27 22.66 87.35
N LYS J 359 -45.06 21.60 87.18
CA LYS J 359 -46.36 21.52 87.84
C LYS J 359 -46.24 21.34 89.35
N ASN J 360 -45.11 20.83 89.84
CA ASN J 360 -44.94 20.59 91.26
C ASN J 360 -44.65 21.86 92.05
N VAL J 361 -44.37 22.97 91.38
CA VAL J 361 -44.05 24.21 92.08
C VAL J 361 -45.30 24.79 92.76
N ILE J 362 -46.45 24.72 92.08
CA ILE J 362 -47.69 25.35 92.50
C ILE J 362 -48.15 24.94 93.90
N PRO J 363 -48.07 23.67 94.31
CA PRO J 363 -48.41 23.36 95.71
C PRO J 363 -47.55 24.06 96.74
N ILE J 364 -46.27 24.32 96.43
CA ILE J 364 -45.37 24.94 97.39
C ILE J 364 -45.06 26.40 97.08
N LEU J 365 -45.43 26.90 95.90
CA LEU J 365 -45.15 28.29 95.55
C LEU J 365 -46.12 29.26 96.22
N GLU J 366 -47.27 28.79 96.66
CA GLU J 366 -48.25 29.66 97.31
C GLU J 366 -47.70 30.18 98.63
N ASP J 367 -48.01 31.44 98.93
CA ASP J 367 -47.49 32.10 100.13
C ASP J 367 -48.01 31.45 101.41
N ILE J 368 -49.17 30.79 101.37
CA ILE J 368 -49.66 30.06 102.53
C ILE J 368 -48.76 28.86 102.82
N LYS J 369 -48.25 28.20 101.78
CA LYS J 369 -47.37 27.06 101.94
C LYS J 369 -45.89 27.45 101.97
N LYS J 370 -45.55 28.60 101.39
CA LYS J 370 -44.15 29.00 101.29
C LYS J 370 -43.58 29.44 102.63
N ASN J 371 -44.41 29.99 103.52
CA ASN J 371 -43.92 30.60 104.75
C ASN J 371 -43.84 29.63 105.92
N LYS J 372 -44.31 28.39 105.77
CA LYS J 372 -44.21 27.44 106.87
C LYS J 372 -42.83 26.78 106.95
N CYS J 373 -42.19 26.56 105.81
CA CYS J 373 -40.82 26.07 105.75
C CYS J 373 -39.82 27.14 105.37
N ASP J 374 -40.30 28.31 104.93
CA ASP J 374 -39.55 29.52 104.62
C ASP J 374 -38.73 29.39 103.33
N LEU J 375 -38.61 28.17 102.82
CA LEU J 375 -37.95 27.84 101.55
C LEU J 375 -36.65 28.62 101.37
N HIS J 376 -35.72 28.39 102.30
CA HIS J 376 -34.58 29.29 102.48
C HIS J 376 -33.70 29.35 101.23
N PHE J 377 -33.38 28.20 100.65
CA PHE J 377 -32.61 28.16 99.40
C PHE J 377 -33.25 27.09 98.51
N VAL J 378 -34.18 27.53 97.66
CA VAL J 378 -34.95 26.63 96.82
C VAL J 378 -34.67 26.96 95.37
N GLU J 379 -34.16 25.98 94.63
CA GLU J 379 -34.08 26.05 93.18
C GLU J 379 -35.27 25.31 92.57
N VAL J 380 -35.61 25.67 91.34
CA VAL J 380 -36.62 24.96 90.56
C VAL J 380 -35.93 24.35 89.36
N MET J 381 -36.67 23.56 88.58
CA MET J 381 -36.13 22.99 87.35
C MET J 381 -37.30 22.55 86.49
N THR J 382 -37.35 23.03 85.24
CA THR J 382 -38.45 22.69 84.36
C THR J 382 -38.31 21.28 83.79
N CYS J 383 -37.21 21.02 83.09
CA CYS J 383 -37.03 19.71 82.48
C CYS J 383 -36.69 18.68 83.56
N PRO J 384 -37.46 17.61 83.67
CA PRO J 384 -37.13 16.57 84.66
C PRO J 384 -35.84 15.85 84.30
N GLU J 385 -35.13 15.42 85.35
CA GLU J 385 -33.84 14.73 85.24
C GLU J 385 -32.83 15.56 84.45
N GLY J 386 -32.83 16.87 84.70
CA GLY J 386 -31.83 17.75 84.13
C GLY J 386 -32.19 18.26 82.74
N CYS J 387 -31.28 19.08 82.21
CA CYS J 387 -31.40 19.60 80.85
C CYS J 387 -31.15 18.54 79.78
N ILE J 388 -30.72 17.34 80.17
CA ILE J 388 -30.46 16.27 79.20
C ILE J 388 -31.73 15.60 78.69
N SER J 389 -32.90 16.10 79.08
CA SER J 389 -34.18 15.63 78.55
C SER J 389 -34.99 16.79 77.96
N GLY J 390 -34.30 17.81 77.48
CA GLY J 390 -34.95 19.00 76.94
C GLY J 390 -35.30 18.85 75.47
N GLY J 391 -35.74 19.98 74.89
CA GLY J 391 -36.15 19.99 73.50
C GLY J 391 -35.03 19.81 72.50
N GLY J 392 -33.82 20.23 72.85
CA GLY J 392 -32.69 20.06 71.95
C GLY J 392 -32.10 18.67 71.93
N GLN J 393 -32.56 17.79 72.82
CA GLN J 393 -32.04 16.43 72.87
C GLN J 393 -32.67 15.58 71.78
N PRO J 394 -31.95 14.57 71.28
CA PRO J 394 -32.51 13.70 70.25
C PRO J 394 -33.63 12.82 70.80
N LYS J 395 -34.50 12.40 69.88
CA LYS J 395 -35.62 11.53 70.24
C LYS J 395 -35.11 10.11 70.52
N LEU J 396 -35.96 9.33 71.17
CA LEU J 396 -35.63 7.96 71.57
C LEU J 396 -36.52 6.93 70.89
N LEU J 397 -37.18 7.30 69.79
CA LEU J 397 -38.08 6.40 69.05
C LEU J 397 -39.17 5.84 69.94
N LEU J 398 -39.73 6.70 70.79
CA LEU J 398 -40.80 6.29 71.70
C LEU J 398 -41.78 7.43 71.94
N ALA J 405 -31.73 4.66 79.86
CA ALA J 405 -31.88 5.65 78.81
C ALA J 405 -31.40 7.02 79.29
N TYR J 406 -32.18 7.64 80.17
CA TYR J 406 -31.84 8.95 80.71
C TYR J 406 -30.71 8.89 81.72
N LYS J 407 -30.53 7.74 82.38
CA LYS J 407 -29.56 7.64 83.46
C LYS J 407 -28.12 7.57 82.95
N LYS J 408 -27.91 7.12 81.71
CA LYS J 408 -26.54 6.93 81.21
C LYS J 408 -25.80 8.25 81.08
N ARG J 409 -26.48 9.28 80.57
CA ARG J 409 -25.83 10.58 80.41
C ARG J 409 -25.47 11.20 81.76
N LYS J 410 -26.38 11.10 82.74
CA LYS J 410 -26.09 11.66 84.05
C LYS J 410 -25.01 10.85 84.78
N GLU J 411 -24.95 9.54 84.56
CA GLU J 411 -23.88 8.74 85.14
C GLU J 411 -22.54 9.11 84.51
N ALA J 412 -22.52 9.35 83.20
CA ALA J 412 -21.29 9.80 82.54
C ALA J 412 -20.85 11.16 83.07
N LEU J 413 -21.80 12.07 83.27
CA LEU J 413 -21.47 13.39 83.82
C LEU J 413 -20.92 13.28 85.23
N TYR J 414 -21.53 12.42 86.06
CA TYR J 414 -21.04 12.22 87.42
C TYR J 414 -19.63 11.61 87.42
N LYS J 415 -19.38 10.66 86.50
CA LYS J 415 -18.04 10.07 86.39
C LYS J 415 -17.02 11.12 85.94
N HIS J 416 -17.42 12.00 85.03
CA HIS J 416 -16.52 13.08 84.60
C HIS J 416 -16.22 14.02 85.76
N ASP J 417 -17.23 14.32 86.60
CA ASP J 417 -17.00 15.14 87.78
C ASP J 417 -16.05 14.45 88.75
N ALA J 418 -16.23 13.15 88.97
CA ALA J 418 -15.42 12.42 89.93
C ALA J 418 -14.00 12.14 89.42
N GLU J 419 -13.78 12.16 88.11
CA GLU J 419 -12.47 11.87 87.54
C GLU J 419 -11.54 13.08 87.51
N LEU J 420 -12.06 14.28 87.77
CA LEU J 420 -11.23 15.48 87.77
C LEU J 420 -10.59 15.68 89.14
N GLU J 421 -9.36 16.19 89.12
CA GLU J 421 -8.60 16.40 90.35
C GLU J 421 -9.00 17.68 91.08
N LEU J 422 -9.80 18.54 90.46
CA LEU J 422 -10.30 19.76 91.09
C LEU J 422 -11.82 19.67 91.23
N ARG J 423 -12.32 19.97 92.43
CA ARG J 423 -13.73 19.79 92.74
C ARG J 423 -14.42 21.10 93.10
N LYS J 424 -13.86 21.87 94.04
CA LYS J 424 -14.49 23.11 94.47
C LYS J 424 -14.44 24.15 93.35
N SER J 425 -15.55 24.86 93.16
CA SER J 425 -15.63 25.85 92.10
C SER J 425 -15.07 27.20 92.54
N HIS J 426 -13.88 27.20 93.13
CA HIS J 426 -13.20 28.44 93.50
C HIS J 426 -11.71 28.43 93.19
N GLU J 427 -11.12 27.29 92.87
CA GLU J 427 -9.68 27.18 92.66
C GLU J 427 -9.27 27.42 91.22
N ASN J 428 -10.20 27.81 90.35
CA ASN J 428 -9.89 28.02 88.94
C ASN J 428 -9.00 29.25 88.78
N PRO J 429 -7.82 29.12 88.18
CA PRO J 429 -6.95 30.30 87.99
C PRO J 429 -7.53 31.33 87.04
N ALA J 430 -8.37 30.91 86.09
CA ALA J 430 -8.99 31.85 85.16
C ALA J 430 -9.95 32.77 85.90
N ILE J 431 -10.69 32.25 86.88
CA ILE J 431 -11.60 33.06 87.67
C ILE J 431 -10.82 34.12 88.46
N LYS J 432 -9.70 33.71 89.07
CA LYS J 432 -8.87 34.64 89.83
C LYS J 432 -8.28 35.70 88.90
N LYS J 433 -7.83 35.30 87.72
CA LYS J 433 -7.29 36.25 86.76
C LYS J 433 -8.34 37.26 86.29
N LEU J 434 -9.55 36.79 86.02
CA LEU J 434 -10.63 37.70 85.63
C LEU J 434 -10.99 38.65 86.76
N TYR J 435 -10.97 38.15 88.00
CA TYR J 435 -11.28 39.01 89.14
C TYR J 435 -10.22 40.09 89.33
N GLU J 436 -8.94 39.70 89.31
CA GLU J 436 -7.89 40.70 89.53
C GLU J 436 -7.59 41.53 88.29
N GLU J 437 -8.18 41.21 87.13
CA GLU J 437 -7.94 41.96 85.91
C GLU J 437 -9.10 42.89 85.56
N PHE J 438 -10.32 42.36 85.49
CA PHE J 438 -11.46 43.11 84.99
C PHE J 438 -12.62 43.25 85.96
N LEU J 439 -12.85 42.28 86.84
CA LEU J 439 -14.05 42.28 87.66
C LEU J 439 -13.86 42.85 89.06
N GLY J 440 -12.63 42.95 89.55
CA GLY J 440 -12.40 43.44 90.89
C GLY J 440 -12.94 42.51 91.95
N GLU J 441 -13.88 43.01 92.76
CA GLU J 441 -14.53 42.20 93.77
C GLU J 441 -16.02 42.11 93.48
N PRO J 442 -16.65 40.95 93.68
CA PRO J 442 -18.03 40.75 93.22
C PRO J 442 -19.02 41.67 93.93
N LEU J 443 -20.09 42.02 93.22
CA LEU J 443 -21.08 43.01 93.65
C LEU J 443 -20.39 44.34 93.95
N GLY J 444 -19.48 44.74 93.07
CA GLY J 444 -18.71 45.95 93.22
C GLY J 444 -18.96 46.97 92.13
N LYS J 445 -20.23 47.16 91.77
CA LYS J 445 -20.72 48.15 90.81
C LYS J 445 -20.37 47.73 89.37
N GLN J 446 -19.56 46.69 89.22
CA GLN J 446 -19.26 46.13 87.92
C GLN J 446 -20.00 44.82 87.65
N SER J 447 -20.23 44.02 88.68
CA SER J 447 -21.04 42.81 88.51
C SER J 447 -22.52 43.15 88.32
N HIS J 448 -22.95 44.31 88.78
CA HIS J 448 -24.35 44.72 88.58
C HIS J 448 -24.61 45.21 87.17
N HIS J 449 -23.57 45.45 86.37
CA HIS J 449 -23.72 45.90 84.99
C HIS J 449 -23.62 44.76 83.99
N LEU J 450 -22.60 43.91 84.13
CA LEU J 450 -22.37 42.82 83.19
C LEU J 450 -22.85 41.46 83.70
N LEU J 451 -22.80 41.23 85.01
CA LEU J 451 -23.12 39.93 85.59
C LEU J 451 -24.51 39.88 86.20
N HIS J 452 -25.30 40.94 86.07
CA HIS J 452 -26.61 40.99 86.70
C HIS J 452 -27.59 41.76 85.81
N THR J 453 -28.87 41.54 86.08
CA THR J 453 -29.94 42.17 85.32
C THR J 453 -31.19 42.20 86.18
N LYS J 454 -32.19 42.97 85.73
CA LYS J 454 -33.43 43.15 86.47
C LYS J 454 -34.57 42.49 85.70
N TYR J 455 -35.42 41.75 86.43
CA TYR J 455 -36.58 41.07 85.87
C TYR J 455 -37.84 41.74 86.39
N THR J 456 -38.29 42.78 85.69
CA THR J 456 -39.53 43.49 86.04
C THR J 456 -40.40 43.76 84.80
N PRO J 457 -40.90 42.70 84.14
CA PRO J 457 -41.81 42.93 83.01
C PRO J 457 -43.20 43.34 83.46
N ARG J 458 -43.68 42.73 84.54
CA ARG J 458 -44.97 43.01 85.16
C ARG J 458 -46.12 42.85 84.16
N LYS J 459 -46.29 41.62 83.69
CA LYS J 459 -47.37 41.30 82.77
C LYS J 459 -48.54 40.65 83.52
N ALA K 6 -14.52 43.70 6.59
CA ALA K 6 -14.08 42.30 6.62
C ALA K 6 -12.64 42.20 7.10
N ILE K 7 -12.46 42.02 8.41
CA ILE K 7 -11.14 41.87 9.02
C ILE K 7 -10.96 40.47 9.60
N ILE K 8 -11.89 40.04 10.45
CA ILE K 8 -11.89 38.69 11.00
C ILE K 8 -12.99 37.92 10.27
N ASN K 9 -12.59 37.07 9.34
CA ASN K 9 -13.52 36.29 8.54
C ASN K 9 -13.31 34.80 8.75
N ILE K 10 -14.36 34.04 8.45
CA ILE K 10 -14.34 32.58 8.53
C ILE K 10 -14.66 32.06 7.13
N ASP K 11 -13.75 31.28 6.57
CA ASP K 11 -13.97 30.69 5.26
C ASP K 11 -15.03 29.60 5.35
N GLN K 12 -15.98 29.61 4.41
CA GLN K 12 -17.09 28.68 4.43
C GLN K 12 -16.80 27.39 3.66
N GLU K 13 -15.65 27.30 3.01
CA GLU K 13 -15.25 26.06 2.35
C GLU K 13 -14.38 25.18 3.23
N LEU K 14 -14.08 25.61 4.46
CA LEU K 14 -13.19 24.88 5.33
C LEU K 14 -13.81 24.64 6.70
N CYS K 15 -14.69 25.55 7.12
CA CYS K 15 -15.31 25.44 8.44
C CYS K 15 -16.28 24.27 8.48
N THR K 16 -16.16 23.45 9.53
CA THR K 16 -17.03 22.30 9.72
C THR K 16 -18.02 22.49 10.86
N GLY K 17 -18.13 23.70 11.40
CA GLY K 17 -19.04 23.96 12.50
C GLY K 17 -18.68 23.22 13.78
N CYS K 18 -17.41 23.22 14.17
CA CYS K 18 -17.02 22.50 15.38
C CYS K 18 -17.35 23.26 16.65
N ARG K 19 -17.72 24.54 16.55
CA ARG K 19 -18.22 25.38 17.64
C ARG K 19 -17.20 25.61 18.75
N ARG K 20 -15.95 25.19 18.57
CA ARG K 20 -14.93 25.46 19.59
C ARG K 20 -14.54 26.93 19.64
N CYS K 21 -14.74 27.67 18.55
CA CYS K 21 -14.43 29.10 18.54
C CYS K 21 -15.53 29.94 19.16
N ALA K 22 -16.66 29.34 19.53
CA ALA K 22 -17.73 30.05 20.20
C ALA K 22 -17.64 29.95 21.71
N GLU K 23 -16.65 29.25 22.25
CA GLU K 23 -16.47 29.10 23.68
C GLU K 23 -15.43 30.05 24.26
N VAL K 24 -14.82 30.90 23.44
CA VAL K 24 -13.81 31.84 23.91
C VAL K 24 -14.13 33.25 23.43
N CYS K 25 -15.15 33.36 22.58
CA CYS K 25 -15.55 34.67 22.09
C CYS K 25 -16.17 35.47 23.22
N PRO K 26 -15.63 36.64 23.56
CA PRO K 26 -16.18 37.44 24.66
C PRO K 26 -17.39 38.29 24.30
N VAL K 27 -17.90 38.17 23.07
CA VAL K 27 -19.08 38.92 22.65
C VAL K 27 -20.17 38.02 22.09
N ASP K 28 -19.85 36.80 21.65
CA ASP K 28 -20.76 35.88 20.95
C ASP K 28 -21.25 36.52 19.66
N ALA K 29 -20.28 36.90 18.83
CA ALA K 29 -20.53 37.50 17.52
C ALA K 29 -20.58 36.48 16.40
N ILE K 30 -20.57 35.19 16.73
CA ILE K 30 -20.61 34.13 15.74
C ILE K 30 -21.96 33.42 15.83
N GLU K 31 -22.61 33.25 14.68
CA GLU K 31 -23.96 32.72 14.63
C GLU K 31 -24.00 31.51 13.70
N GLY K 32 -24.56 30.41 14.18
CA GLY K 32 -24.62 29.20 13.39
C GLY K 32 -25.30 28.05 14.12
N GLU K 33 -25.05 26.82 13.67
CA GLU K 33 -25.62 25.65 14.30
C GLU K 33 -24.54 24.69 14.75
N LYS K 34 -24.91 23.51 15.25
CA LYS K 34 -23.92 22.49 15.59
C LYS K 34 -23.26 21.92 14.36
N GLY K 35 -23.92 21.98 13.20
CA GLY K 35 -23.31 21.67 11.93
C GLY K 35 -23.30 22.92 11.05
N LYS K 36 -22.89 22.71 9.79
CA LYS K 36 -22.87 23.71 8.72
C LYS K 36 -21.84 24.81 8.98
N PRO K 37 -21.37 25.50 7.95
CA PRO K 37 -20.37 26.56 8.17
C PRO K 37 -20.92 27.71 9.00
N GLN K 38 -20.03 28.35 9.74
CA GLN K 38 -20.36 29.46 10.62
C GLN K 38 -20.32 30.78 9.87
N LYS K 39 -20.55 31.87 10.60
CA LYS K 39 -20.45 33.22 10.05
C LYS K 39 -20.25 34.20 11.20
N ILE K 40 -19.47 35.24 10.93
CA ILE K 40 -19.10 36.23 11.95
C ILE K 40 -19.95 37.48 11.75
N ASN K 41 -20.65 37.89 12.80
CA ASN K 41 -21.43 39.12 12.77
C ASN K 41 -20.47 40.29 12.95
N THR K 42 -20.04 40.86 11.82
CA THR K 42 -18.98 41.86 11.83
C THR K 42 -19.42 43.21 12.40
N GLU K 43 -20.71 43.40 12.66
CA GLU K 43 -21.20 44.65 13.22
C GLU K 43 -21.21 44.66 14.75
N VAL K 44 -20.86 43.54 15.38
CA VAL K 44 -20.88 43.45 16.83
C VAL K 44 -19.56 42.85 17.30
N CYS K 45 -18.75 42.37 16.35
CA CYS K 45 -17.47 41.76 16.69
C CYS K 45 -16.53 42.79 17.33
N VAL K 46 -15.81 42.35 18.37
CA VAL K 46 -14.98 43.25 19.16
C VAL K 46 -13.51 43.16 18.78
N MET K 47 -13.16 42.28 17.84
CA MET K 47 -11.82 42.16 17.27
C MET K 47 -10.78 41.81 18.35
N CYS K 48 -11.11 40.83 19.18
CA CYS K 48 -10.13 40.31 20.12
C CYS K 48 -9.10 39.42 19.46
N GLY K 49 -9.47 38.77 18.35
CA GLY K 49 -8.56 37.93 17.62
C GLY K 49 -8.33 36.55 18.18
N GLN K 50 -9.05 36.15 19.22
CA GLN K 50 -8.82 34.86 19.85
C GLN K 50 -9.74 33.76 19.32
N CYS K 51 -10.55 34.04 18.29
CA CYS K 51 -11.24 33.00 17.57
C CYS K 51 -10.40 32.43 16.45
N VAL K 52 -9.17 32.90 16.30
CA VAL K 52 -8.25 32.41 15.28
C VAL K 52 -7.38 31.28 15.82
N GLN K 53 -6.96 31.37 17.08
CA GLN K 53 -6.03 30.41 17.66
C GLN K 53 -6.72 29.15 18.17
N LYS K 54 -8.03 29.05 18.08
CA LYS K 54 -8.76 27.83 18.43
C LYS K 54 -9.51 27.29 17.22
N CYS K 55 -8.86 27.33 16.06
CA CYS K 55 -9.38 26.75 14.83
C CYS K 55 -8.39 25.71 14.32
N SER K 56 -8.91 24.59 13.84
CA SER K 56 -8.03 23.50 13.42
C SER K 56 -8.44 22.85 12.10
N SER K 57 -9.43 23.38 11.39
CA SER K 57 -9.72 22.89 10.06
C SER K 57 -8.74 23.53 9.09
N TYR K 58 -7.97 22.70 8.38
CA TYR K 58 -6.75 23.14 7.71
C TYR K 58 -6.69 22.69 6.26
N ALA K 59 -7.86 22.51 5.62
CA ALA K 59 -8.05 21.70 4.41
C ALA K 59 -6.91 21.80 3.42
N SER K 60 -6.31 20.65 3.11
CA SER K 60 -5.11 20.58 2.30
C SER K 60 -5.42 20.83 0.83
N TYR K 61 -4.35 21.01 0.05
CA TYR K 61 -4.47 21.33 -1.37
C TYR K 61 -4.21 20.12 -2.25
N PHE K 62 -4.28 18.91 -1.69
CA PHE K 62 -4.15 17.70 -2.51
C PHE K 62 -5.44 17.34 -3.24
N ASP K 63 -6.54 18.05 -2.97
CA ASP K 63 -7.79 17.84 -3.68
C ASP K 63 -8.19 19.13 -4.40
N GLU K 64 -8.86 18.97 -5.54
CA GLU K 64 -9.25 20.10 -6.37
C GLU K 64 -10.69 20.53 -6.14
N SER K 65 -11.34 20.02 -5.09
CA SER K 65 -12.70 20.41 -4.77
C SER K 65 -12.80 21.83 -4.22
N ILE K 66 -11.67 22.43 -3.85
CA ILE K 66 -11.66 23.78 -3.27
C ILE K 66 -10.78 24.67 -4.14
N THR K 67 -10.60 25.92 -3.72
CA THR K 67 -9.73 26.85 -4.41
C THR K 67 -8.29 26.32 -4.42
N PRO K 68 -7.51 26.64 -5.46
CA PRO K 68 -6.23 25.93 -5.66
C PRO K 68 -5.07 26.43 -4.81
N ARG K 69 -5.37 27.14 -3.72
CA ARG K 69 -4.38 27.62 -2.75
C ARG K 69 -3.41 28.64 -3.36
N ASN K 70 -3.75 29.21 -4.51
CA ASN K 70 -2.99 30.31 -5.06
C ASN K 70 -3.76 31.62 -5.03
N VAL K 71 -5.08 31.57 -5.24
CA VAL K 71 -5.91 32.75 -5.06
C VAL K 71 -6.25 32.97 -3.59
N LYS K 72 -6.14 31.93 -2.76
CA LYS K 72 -6.43 32.08 -1.34
C LYS K 72 -5.45 33.04 -0.66
N LEU K 73 -4.16 32.94 -1.01
CA LEU K 73 -3.17 33.85 -0.45
C LEU K 73 -3.38 35.28 -0.93
N GLN K 74 -4.04 35.48 -2.06
CA GLN K 74 -4.39 36.82 -2.49
C GLN K 74 -5.54 37.38 -1.65
N GLU K 75 -6.52 36.54 -1.33
CA GLU K 75 -7.66 36.99 -0.53
C GLU K 75 -7.25 37.26 0.91
N ARG K 76 -6.43 36.39 1.50
CA ARG K 76 -5.97 36.59 2.87
C ARG K 76 -5.02 37.76 3.00
N GLY K 77 -4.44 38.23 1.90
CA GLY K 77 -3.50 39.33 1.95
C GLY K 77 -2.09 38.94 2.34
N MET K 78 -1.82 37.66 2.52
CA MET K 78 -0.50 37.20 2.92
C MET K 78 0.48 37.28 1.75
N LEU K 79 1.74 36.98 2.04
CA LEU K 79 2.75 36.94 0.98
C LEU K 79 2.52 35.71 0.09
N ASP K 80 3.13 35.74 -1.08
CA ASP K 80 3.00 34.66 -2.05
C ASP K 80 4.08 33.61 -1.91
N SER K 81 4.94 33.72 -0.90
CA SER K 81 6.05 32.79 -0.71
C SER K 81 6.18 32.39 0.75
N VAL K 82 5.05 31.96 1.35
CA VAL K 82 5.03 31.52 2.74
C VAL K 82 4.75 30.02 2.85
N LYS K 83 3.73 29.53 2.12
CA LYS K 83 3.39 28.11 2.04
C LYS K 83 3.23 27.46 3.42
N GLU K 84 2.61 28.19 4.34
CA GLU K 84 2.21 27.62 5.62
C GLU K 84 0.79 27.06 5.50
N PRO K 85 0.40 26.14 6.40
CA PRO K 85 -0.99 25.65 6.36
C PRO K 85 -1.99 26.76 6.61
N LEU K 86 -3.11 26.69 5.91
CA LEU K 86 -4.16 27.70 5.97
C LEU K 86 -5.35 27.17 6.75
N PHE K 87 -5.80 27.94 7.73
CA PHE K 87 -6.91 27.56 8.58
C PHE K 87 -8.20 28.20 8.06
N ALA K 88 -9.28 28.09 8.84
CA ALA K 88 -10.57 28.63 8.43
C ALA K 88 -10.78 30.07 8.92
N ALA K 89 -10.71 30.28 10.23
CA ALA K 89 -10.88 31.62 10.80
C ALA K 89 -9.58 32.39 10.57
N TYR K 90 -9.56 33.20 9.51
CA TYR K 90 -8.33 33.82 9.08
C TYR K 90 -8.31 35.31 9.37
N ASN K 91 -7.16 35.80 9.82
CA ASN K 91 -6.93 37.22 9.99
C ASN K 91 -6.59 37.86 8.64
N LEU K 92 -6.97 39.12 8.49
CA LEU K 92 -6.66 39.86 7.28
C LEU K 92 -5.19 40.24 7.24
N GLY K 93 -4.62 40.27 6.05
CA GLY K 93 -3.20 40.51 5.87
C GLY K 93 -2.86 41.92 5.45
N TYR K 94 -1.67 42.38 5.86
CA TYR K 94 -1.18 43.71 5.50
C TYR K 94 0.26 43.65 5.01
N ALA K 95 0.79 42.45 4.72
CA ALA K 95 2.20 42.32 4.41
C ALA K 95 2.55 42.87 3.03
N ARG K 96 1.64 42.74 2.06
CA ARG K 96 1.93 43.18 0.70
C ARG K 96 2.14 44.69 0.63
N GLN K 97 1.29 45.45 1.33
CA GLN K 97 1.44 46.90 1.33
C GLN K 97 2.73 47.33 2.01
N VAL K 98 3.11 46.66 3.10
CA VAL K 98 4.37 46.97 3.77
C VAL K 98 5.55 46.67 2.86
N LYS K 99 5.50 45.54 2.15
CA LYS K 99 6.58 45.20 1.22
C LYS K 99 6.69 46.22 0.09
N GLU K 100 5.54 46.63 -0.46
CA GLU K 100 5.56 47.58 -1.57
C GLU K 100 6.04 48.96 -1.11
N ALA K 101 5.67 49.37 0.11
CA ALA K 101 6.18 50.61 0.64
C ALA K 101 7.67 50.53 0.96
N LEU K 102 8.15 49.35 1.36
CA LEU K 102 9.56 49.19 1.63
C LEU K 102 10.38 49.22 0.34
N GLU K 103 9.84 48.70 -0.75
CA GLU K 103 10.55 48.74 -2.03
C GLU K 103 10.73 50.16 -2.54
N ASN K 104 9.92 51.11 -2.08
CA ASN K 104 10.05 52.50 -2.49
C ASN K 104 11.24 53.13 -1.78
N PRO K 105 12.25 53.63 -2.50
CA PRO K 105 13.40 54.26 -1.84
C PRO K 105 13.26 55.74 -1.55
N GLN K 106 12.05 56.30 -1.62
CA GLN K 106 11.83 57.72 -1.39
C GLN K 106 11.30 58.04 0.00
N LEU K 107 10.41 57.20 0.53
CA LEU K 107 9.77 57.48 1.82
C LEU K 107 10.70 57.12 2.97
N PHE K 108 10.87 58.06 3.90
CA PHE K 108 11.64 57.80 5.10
C PHE K 108 10.88 56.86 6.01
N LYS K 109 11.41 55.66 6.22
CA LYS K 109 10.69 54.58 6.87
C LYS K 109 11.08 54.47 8.34
N VAL K 110 10.08 54.35 9.20
CA VAL K 110 10.28 54.17 10.63
C VAL K 110 9.37 53.06 11.12
N VAL K 111 9.91 52.18 11.96
CA VAL K 111 9.20 51.02 12.47
C VAL K 111 9.23 51.06 13.99
N GLN K 112 8.15 50.57 14.59
CA GLN K 112 7.96 50.55 16.03
C GLN K 112 7.84 49.11 16.52
N CYS K 113 8.52 48.80 17.62
CA CYS K 113 8.52 47.46 18.20
C CYS K 113 7.75 47.45 19.51
N ALA K 114 6.81 46.53 19.62
CA ALA K 114 6.01 46.37 20.83
C ALA K 114 6.76 45.54 21.87
N PRO K 115 6.39 45.66 23.16
CA PRO K 115 7.11 44.87 24.19
C PRO K 115 6.59 43.45 24.35
N ALA K 116 6.30 42.80 23.23
CA ALA K 116 6.12 41.36 23.19
C ALA K 116 6.72 40.73 21.95
N ILE K 117 7.37 41.51 21.09
CA ILE K 117 8.00 40.96 19.89
C ILE K 117 9.34 40.34 20.24
N ARG K 118 10.00 40.85 21.28
CA ARG K 118 11.30 40.34 21.70
C ARG K 118 11.22 38.95 22.32
N VAL K 119 10.03 38.48 22.68
CA VAL K 119 9.87 37.19 23.33
C VAL K 119 9.04 36.20 22.54
N SER K 120 8.41 36.62 21.45
CA SER K 120 7.51 35.77 20.69
C SER K 120 8.04 35.36 19.33
N ILE K 121 8.80 36.23 18.65
CA ILE K 121 9.25 35.93 17.30
C ILE K 121 10.31 34.84 17.28
N ALA K 122 11.04 34.64 18.39
CA ALA K 122 12.10 33.63 18.42
C ALA K 122 11.55 32.23 18.29
N GLU K 123 10.26 32.01 18.59
CA GLU K 123 9.64 30.71 18.39
C GLU K 123 9.36 30.41 16.93
N GLU K 124 9.46 31.41 16.05
CA GLU K 124 9.17 31.19 14.64
C GLU K 124 10.34 30.60 13.87
N PHE K 125 11.50 30.43 14.50
CA PHE K 125 12.70 29.96 13.82
C PHE K 125 13.30 28.77 14.54
N GLY K 126 12.45 27.94 15.13
CA GLY K 126 12.90 26.70 15.74
C GLY K 126 13.81 26.87 16.94
N LEU K 127 13.50 27.80 17.82
CA LEU K 127 14.27 28.04 19.04
C LEU K 127 13.41 27.72 20.26
N ASP K 128 13.98 27.98 21.44
CA ASP K 128 13.27 27.72 22.68
C ASP K 128 12.07 28.65 22.83
N LEU K 129 11.05 28.18 23.53
CA LEU K 129 9.83 28.96 23.74
C LEU K 129 10.12 30.10 24.71
N GLY K 130 9.96 31.33 24.22
CA GLY K 130 10.17 32.50 25.07
C GLY K 130 11.63 32.83 25.31
N ASP K 131 12.34 33.17 24.24
CA ASP K 131 13.75 33.53 24.32
C ASP K 131 13.90 35.02 24.02
N LEU K 132 14.55 35.74 24.92
CA LEU K 132 14.68 37.20 24.81
C LEU K 132 15.85 37.53 23.91
N THR K 133 15.56 38.03 22.71
CA THR K 133 16.59 38.42 21.74
C THR K 133 16.29 39.82 21.22
N PRO K 134 16.63 40.86 22.00
CA PRO K 134 16.42 42.22 21.49
C PRO K 134 17.44 42.64 20.44
N GLY K 135 18.71 42.29 20.64
CA GLY K 135 19.74 42.69 19.69
C GLY K 135 19.58 42.07 18.33
N LYS K 136 19.26 40.77 18.29
CA LYS K 136 19.01 40.11 17.02
C LYS K 136 17.80 40.71 16.32
N LEU K 137 16.76 41.05 17.09
CA LEU K 137 15.55 41.63 16.51
C LEU K 137 15.84 43.00 15.90
N VAL K 138 16.56 43.86 16.61
CA VAL K 138 16.85 45.18 16.07
C VAL K 138 17.82 45.08 14.89
N ALA K 139 18.75 44.12 14.92
CA ALA K 139 19.64 43.92 13.78
C ALA K 139 18.85 43.48 12.53
N ALA K 140 17.89 42.57 12.71
CA ALA K 140 17.06 42.14 11.59
C ALA K 140 16.21 43.29 11.06
N LEU K 141 15.64 44.08 11.95
CA LEU K 141 14.80 45.20 11.51
C LEU K 141 15.62 46.23 10.75
N ARG K 142 16.86 46.48 11.18
CA ARG K 142 17.73 47.37 10.42
C ARG K 142 18.13 46.75 9.09
N ARG K 143 18.32 45.43 9.05
CA ARG K 143 18.63 44.75 7.81
C ARG K 143 17.43 44.67 6.86
N LEU K 144 16.23 44.98 7.34
CA LEU K 144 15.04 45.02 6.50
C LEU K 144 14.90 46.35 5.75
N ASN K 145 16.00 47.08 5.56
CA ASN K 145 16.00 48.38 4.86
C ASN K 145 15.08 49.40 5.54
N PHE K 146 15.05 49.37 6.87
CA PHE K 146 14.29 50.32 7.66
C PHE K 146 15.21 51.45 8.11
N ASP K 147 14.82 52.69 7.79
CA ASP K 147 15.68 53.83 8.11
C ASP K 147 15.78 54.05 9.61
N ARG K 148 14.65 53.99 10.31
CA ARG K 148 14.63 54.18 11.76
C ARG K 148 13.84 53.07 12.44
N VAL K 149 14.38 52.59 13.55
CA VAL K 149 13.70 51.61 14.40
C VAL K 149 13.60 52.17 15.81
N TYR K 150 12.39 52.14 16.36
CA TYR K 150 12.11 52.66 17.69
C TYR K 150 11.34 51.62 18.48
N ASP K 151 11.42 51.75 19.79
CA ASP K 151 10.63 50.93 20.70
C ASP K 151 9.43 51.72 21.17
N THR K 152 8.26 51.08 21.20
CA THR K 152 7.06 51.76 21.66
C THR K 152 7.05 51.94 23.18
N ASN K 153 8.05 51.40 23.88
CA ASN K 153 8.15 51.60 25.32
C ASN K 153 8.36 53.05 25.70
N PHE K 154 8.85 53.87 24.76
CA PHE K 154 8.83 55.32 24.96
C PHE K 154 7.41 55.82 25.20
N GLY K 155 6.50 55.45 24.29
CA GLY K 155 5.10 55.78 24.50
C GLY K 155 4.52 55.11 25.72
N ALA K 156 5.04 53.94 26.10
CA ALA K 156 4.57 53.27 27.31
C ALA K 156 4.89 54.09 28.54
N ASP K 157 6.13 54.57 28.65
CA ASP K 157 6.49 55.42 29.79
C ASP K 157 5.73 56.75 29.74
N LEU K 158 5.52 57.29 28.54
CA LEU K 158 4.75 58.52 28.40
C LEU K 158 3.33 58.34 28.92
N THR K 159 2.67 57.24 28.55
CA THR K 159 1.31 57.04 28.99
C THR K 159 1.23 56.63 30.46
N ILE K 160 2.28 56.03 31.02
CA ILE K 160 2.32 55.80 32.46
C ILE K 160 2.37 57.12 33.22
N ILE K 161 3.23 58.04 32.76
CA ILE K 161 3.31 59.35 33.40
C ILE K 161 1.97 60.08 33.27
N GLU K 162 1.37 60.02 32.08
CA GLU K 162 0.08 60.69 31.86
C GLU K 162 -1.01 60.09 32.73
N GLU K 163 -1.06 58.76 32.85
CA GLU K 163 -2.09 58.12 33.67
C GLU K 163 -1.90 58.42 35.15
N ALA K 164 -0.65 58.46 35.62
CA ALA K 164 -0.40 58.82 37.02
C ALA K 164 -0.81 60.25 37.30
N ASN K 165 -0.49 61.18 36.39
CA ASN K 165 -0.90 62.56 36.58
C ASN K 165 -2.42 62.70 36.55
N GLU K 166 -3.08 61.94 35.67
CA GLU K 166 -4.54 61.95 35.62
C GLU K 166 -5.14 61.41 36.91
N LEU K 167 -4.55 60.35 37.47
CA LEU K 167 -5.04 59.80 38.73
C LEU K 167 -4.88 60.79 39.87
N VAL K 168 -3.72 61.46 39.94
CA VAL K 168 -3.51 62.45 40.99
C VAL K 168 -4.46 63.62 40.84
N LYS K 169 -4.75 64.02 39.60
CA LYS K 169 -5.70 65.11 39.38
C LYS K 169 -7.12 64.69 39.75
N ARG K 170 -7.50 63.44 39.44
CA ARG K 170 -8.88 63.01 39.61
C ARG K 170 -9.19 62.59 41.05
N ILE K 171 -8.18 62.16 41.82
CA ILE K 171 -8.44 61.79 43.21
C ILE K 171 -8.83 63.02 44.02
N LYS K 172 -8.33 64.20 43.63
CA LYS K 172 -8.83 65.45 44.18
C LYS K 172 -10.06 65.88 43.40
N GLU K 173 -11.12 66.26 44.12
CA GLU K 173 -12.42 66.62 43.54
C GLU K 173 -12.96 65.44 42.72
N GLY K 174 -13.24 64.36 43.43
CA GLY K 174 -13.66 63.09 42.85
C GLY K 174 -14.75 63.17 41.82
N LYS K 175 -14.42 62.82 40.58
CA LYS K 175 -15.36 62.88 39.46
C LYS K 175 -15.06 61.69 38.56
N ASP K 176 -15.96 60.71 38.55
CA ASP K 176 -15.75 59.42 37.90
C ASP K 176 -14.47 58.76 38.42
N LEU K 177 -14.46 58.54 39.74
CA LEU K 177 -13.30 57.92 40.38
C LEU K 177 -13.00 56.52 39.86
N PRO K 178 -13.97 55.60 39.70
CA PRO K 178 -13.58 54.29 39.13
C PRO K 178 -13.31 54.38 37.63
N MET K 179 -12.18 54.98 37.27
CA MET K 179 -11.83 55.14 35.87
C MET K 179 -11.18 53.86 35.32
N PHE K 180 -11.20 53.74 34.01
CA PHE K 180 -10.60 52.61 33.30
C PHE K 180 -9.63 53.13 32.25
N THR K 181 -8.65 52.30 31.92
CA THR K 181 -7.59 52.69 30.99
C THR K 181 -7.94 52.25 29.57
N SER K 182 -7.38 52.98 28.61
CA SER K 182 -7.64 52.75 27.20
C SER K 182 -6.46 52.08 26.50
N CYS K 183 -5.69 51.27 27.24
CA CYS K 183 -4.59 50.54 26.64
C CYS K 183 -5.07 49.50 25.63
N CYS K 184 -6.25 48.92 25.86
CA CYS K 184 -6.78 47.86 25.00
C CYS K 184 -7.88 48.41 24.10
N PRO K 185 -7.65 48.55 22.79
CA PRO K 185 -8.71 49.06 21.91
C PRO K 185 -9.95 48.20 21.88
N ALA K 186 -9.83 46.89 22.11
CA ALA K 186 -11.01 46.03 22.13
C ALA K 186 -11.94 46.40 23.28
N TRP K 187 -11.38 46.75 24.44
CA TRP K 187 -12.21 47.19 25.55
C TRP K 187 -12.95 48.47 25.22
N VAL K 188 -12.28 49.41 24.55
CA VAL K 188 -12.94 50.66 24.15
C VAL K 188 -14.05 50.38 23.15
N LYS K 189 -13.79 49.46 22.22
CA LYS K 189 -14.83 49.07 21.26
C LYS K 189 -16.02 48.44 21.97
N PHE K 190 -15.77 47.58 22.97
CA PHE K 190 -16.87 46.98 23.72
C PHE K 190 -17.66 48.02 24.52
N ALA K 191 -16.96 48.99 25.11
CA ALA K 191 -17.64 50.06 25.84
C ALA K 191 -18.51 50.90 24.91
N GLU K 192 -18.02 51.15 23.69
CA GLU K 192 -18.87 51.77 22.67
C GLU K 192 -20.05 50.88 22.33
N GLN K 193 -19.83 49.56 22.31
CA GLN K 193 -20.87 48.62 21.90
C GLN K 193 -22.03 48.60 22.88
N THR K 194 -21.77 48.22 24.13
CA THR K 194 -22.84 47.83 25.03
C THR K 194 -23.11 48.80 26.17
N TYR K 195 -22.18 49.70 26.49
CA TYR K 195 -22.35 50.63 27.61
C TYR K 195 -21.97 52.04 27.17
N PRO K 196 -22.81 52.68 26.35
CA PRO K 196 -22.49 54.04 25.90
C PRO K 196 -22.58 55.08 27.00
N GLU K 197 -23.22 54.76 28.13
CA GLU K 197 -23.36 55.71 29.22
C GLU K 197 -22.10 55.84 30.06
N LEU K 198 -21.12 54.96 29.88
CA LEU K 198 -19.88 55.00 30.65
C LEU K 198 -18.68 55.35 29.78
N LEU K 199 -18.91 56.07 28.68
CA LEU K 199 -17.81 56.51 27.83
C LEU K 199 -16.96 57.59 28.48
N LYS K 200 -17.44 58.20 29.56
CA LYS K 200 -16.67 59.22 30.27
C LYS K 200 -15.82 58.65 31.40
N HIS K 201 -16.12 57.44 31.86
CA HIS K 201 -15.31 56.82 32.90
C HIS K 201 -13.93 56.45 32.39
N ILE K 202 -13.83 56.02 31.13
CA ILE K 202 -12.57 55.57 30.58
C ILE K 202 -11.61 56.75 30.49
N SER K 203 -10.37 56.52 30.91
CA SER K 203 -9.36 57.57 30.92
C SER K 203 -9.04 58.02 29.50
N THR K 204 -8.66 59.30 29.36
CA THR K 204 -8.42 59.92 28.07
C THR K 204 -6.98 59.73 27.57
N CYS K 205 -6.28 58.71 28.06
CA CYS K 205 -4.93 58.44 27.63
C CYS K 205 -4.94 57.57 26.37
N LYS K 206 -4.09 57.90 25.41
CA LYS K 206 -3.95 57.10 24.22
C LYS K 206 -3.04 55.90 24.47
N SER K 207 -3.10 54.94 23.56
CA SER K 207 -2.24 53.78 23.63
C SER K 207 -0.79 54.17 23.36
N PRO K 208 0.18 53.43 23.90
CA PRO K 208 1.59 53.77 23.65
C PRO K 208 1.98 53.79 22.18
N GLN K 209 1.36 52.92 21.37
CA GLN K 209 1.58 52.95 19.93
C GLN K 209 1.16 54.29 19.35
N GLN K 210 -0.03 54.77 19.72
CA GLN K 210 -0.47 56.07 19.24
C GLN K 210 0.34 57.21 19.86
N MET K 211 0.86 57.02 21.08
CA MET K 211 1.77 58.00 21.67
C MET K 211 2.99 58.18 20.79
N THR K 212 3.65 57.07 20.43
CA THR K 212 4.85 57.16 19.59
C THR K 212 4.49 57.64 18.18
N GLY K 213 3.31 57.28 17.69
CA GLY K 213 2.89 57.76 16.39
C GLY K 213 2.69 59.26 16.35
N ALA K 214 2.13 59.82 17.42
CA ALA K 214 1.98 61.27 17.50
C ALA K 214 3.32 61.95 17.71
N ILE K 215 4.23 61.32 18.45
CA ILE K 215 5.54 61.91 18.70
C ILE K 215 6.35 61.97 17.41
N ILE K 216 6.33 60.89 16.62
CA ILE K 216 7.19 60.81 15.44
C ILE K 216 6.80 61.86 14.40
N LYS K 217 5.50 62.01 14.15
CA LYS K 217 5.05 62.86 13.04
C LYS K 217 5.23 64.35 13.32
N THR K 218 5.39 64.75 14.57
CA THR K 218 5.57 66.15 14.90
C THR K 218 6.95 66.44 15.50
N TYR K 219 7.31 65.76 16.60
CA TYR K 219 8.61 66.00 17.22
C TYR K 219 9.72 65.31 16.46
N GLY K 220 9.46 64.11 15.93
CA GLY K 220 10.50 63.36 15.25
C GLY K 220 10.94 63.96 13.93
N ALA K 221 10.10 64.82 13.34
CA ALA K 221 10.48 65.49 12.11
C ALA K 221 11.48 66.62 12.33
N LYS K 222 11.60 67.11 13.57
CA LYS K 222 12.52 68.20 13.86
C LYS K 222 13.87 67.71 14.37
N ILE K 223 13.92 66.53 15.00
CA ILE K 223 15.20 65.99 15.43
C ILE K 223 16.04 65.60 14.22
N ASN K 224 15.40 65.27 13.10
CA ASN K 224 16.07 65.04 11.83
C ASN K 224 15.75 66.19 10.88
N ASN K 225 16.32 66.12 9.67
CA ASN K 225 16.15 67.16 8.66
C ASN K 225 15.14 66.77 7.60
N VAL K 226 14.09 66.04 7.99
CA VAL K 226 13.08 65.56 7.04
C VAL K 226 11.75 66.25 7.34
N ASP K 227 11.02 66.55 6.28
CA ASP K 227 9.71 67.17 6.43
C ASP K 227 8.69 66.13 6.92
N PRO K 228 7.70 66.54 7.72
CA PRO K 228 6.69 65.60 8.24
C PRO K 228 5.58 65.27 7.25
N ALA K 229 5.97 64.95 6.02
CA ALA K 229 5.01 64.56 4.99
C ALA K 229 5.40 63.30 4.23
N LYS K 230 6.68 62.97 4.16
CA LYS K 230 7.14 61.75 3.50
C LYS K 230 7.46 60.63 4.49
N ILE K 231 7.21 60.84 5.78
CA ILE K 231 7.54 59.84 6.79
C ILE K 231 6.50 58.73 6.76
N PHE K 232 6.97 57.49 6.89
CA PHE K 232 6.12 56.30 6.80
C PHE K 232 6.33 55.45 8.04
N SER K 233 5.31 55.34 8.87
CA SER K 233 5.42 54.69 10.18
C SER K 233 4.66 53.37 10.17
N VAL K 234 5.35 52.29 10.53
CA VAL K 234 4.74 50.97 10.65
C VAL K 234 5.01 50.44 12.06
N SER K 235 3.97 49.92 12.70
CA SER K 235 4.07 49.42 14.07
C SER K 235 3.83 47.91 14.08
N VAL K 236 4.67 47.18 14.80
CA VAL K 236 4.57 45.72 14.90
C VAL K 236 3.93 45.42 16.24
N MET K 237 2.61 45.22 16.25
CA MET K 237 1.89 44.94 17.48
C MET K 237 1.45 43.50 17.53
N PRO K 238 1.51 42.84 18.70
CA PRO K 238 1.21 41.40 18.81
C PRO K 238 -0.28 41.12 18.95
N CYS K 239 -1.08 41.74 18.09
CA CYS K 239 -2.51 41.68 18.27
C CYS K 239 -3.21 42.03 16.97
N THR K 240 -4.38 41.46 16.75
CA THR K 240 -5.28 41.89 15.68
C THR K 240 -6.15 43.06 16.15
N CYS K 241 -5.68 43.72 17.20
CA CYS K 241 -6.44 44.68 17.97
C CYS K 241 -6.12 46.11 17.61
N LYS K 242 -5.00 46.35 16.94
CA LYS K 242 -4.52 47.71 16.68
C LYS K 242 -4.89 48.22 15.30
N SER K 243 -5.33 47.35 14.39
CA SER K 243 -5.72 47.81 13.06
C SER K 243 -6.92 48.74 13.12
N TYR K 244 -7.90 48.41 13.96
CA TYR K 244 -9.07 49.28 14.10
C TYR K 244 -8.73 50.57 14.82
N GLU K 245 -7.75 50.56 15.72
CA GLU K 245 -7.36 51.77 16.42
C GLU K 245 -6.55 52.70 15.54
N SER K 246 -5.90 52.18 14.51
CA SER K 246 -4.97 52.95 13.69
C SER K 246 -5.66 53.70 12.56
N ASP K 247 -6.97 53.51 12.38
CA ASP K 247 -7.66 54.18 11.28
C ASP K 247 -8.94 54.88 11.72
N ARG K 248 -9.09 55.18 13.00
CA ARG K 248 -10.25 55.94 13.44
C ARG K 248 -10.11 57.40 13.02
N PRO K 249 -11.21 58.06 12.64
CA PRO K 249 -11.11 59.46 12.22
C PRO K 249 -10.70 60.41 13.33
N GLU K 250 -10.88 60.03 14.59
CA GLU K 250 -10.51 60.85 15.73
C GLU K 250 -9.15 60.48 16.31
N MET K 251 -8.34 59.73 15.57
CA MET K 251 -7.09 59.20 16.10
C MET K 251 -5.94 59.66 15.23
N ARG K 252 -5.87 60.96 14.94
CA ARG K 252 -4.79 61.53 14.16
C ARG K 252 -4.40 62.89 14.72
N SER K 253 -3.20 63.32 14.39
CA SER K 253 -2.72 64.65 14.73
C SER K 253 -1.82 65.16 13.61
N SER K 254 -1.71 66.48 13.52
CA SER K 254 -0.93 67.16 12.47
C SER K 254 -1.44 66.81 11.08
N GLY K 255 -2.73 66.50 10.95
CA GLY K 255 -3.34 66.25 9.66
C GLY K 255 -3.08 64.86 9.09
N TYR K 256 -2.01 64.21 9.54
CA TYR K 256 -1.60 62.93 9.01
C TYR K 256 -1.79 61.83 10.03
N LYS K 257 -1.94 60.59 9.54
CA LYS K 257 -2.11 59.45 10.42
C LYS K 257 -0.87 59.24 11.28
N ASP K 258 -1.07 58.98 12.56
CA ASP K 258 0.05 58.76 13.47
C ASP K 258 0.81 57.50 13.10
N VAL K 259 0.09 56.43 12.74
CA VAL K 259 0.69 55.21 12.20
C VAL K 259 -0.08 54.85 10.94
N ASP K 260 0.65 54.38 9.91
CA ASP K 260 0.02 54.05 8.64
C ASP K 260 -0.74 52.74 8.73
N LEU K 261 -0.04 51.65 9.02
CA LEU K 261 -0.67 50.34 9.10
C LEU K 261 0.14 49.47 10.05
N VAL K 262 -0.52 48.45 10.60
CA VAL K 262 0.08 47.59 11.60
C VAL K 262 0.16 46.17 11.06
N ILE K 263 1.13 45.43 11.60
CA ILE K 263 1.34 44.03 11.22
C ILE K 263 1.55 43.20 12.47
N THR K 264 0.99 42.00 12.48
CA THR K 264 1.17 41.08 13.59
C THR K 264 2.57 40.48 13.56
N THR K 265 2.89 39.72 14.60
CA THR K 265 4.21 39.08 14.67
C THR K 265 4.39 38.06 13.56
N ARG K 266 3.32 37.33 13.23
CA ARG K 266 3.39 36.34 12.16
C ARG K 266 3.73 36.97 10.83
N GLU K 267 3.20 38.17 10.57
CA GLU K 267 3.50 38.86 9.32
C GLU K 267 4.96 39.29 9.26
N LEU K 268 5.52 39.75 10.39
CA LEU K 268 6.92 40.09 10.43
C LEU K 268 7.80 38.87 10.20
N ALA K 269 7.42 37.74 10.80
CA ALA K 269 8.16 36.50 10.56
C ALA K 269 8.09 36.09 9.09
N HIS K 270 6.92 36.26 8.47
CA HIS K 270 6.77 35.95 7.05
C HIS K 270 7.64 36.85 6.20
N LEU K 271 7.72 38.14 6.54
CA LEU K 271 8.59 39.06 5.81
C LEU K 271 10.06 38.67 5.96
N MET K 272 10.47 38.29 7.17
CA MET K 272 11.86 37.85 7.38
C MET K 272 12.16 36.58 6.59
N LYS K 273 11.21 35.63 6.56
CA LYS K 273 11.40 34.42 5.77
C LYS K 273 11.48 34.73 4.28
N ASP K 274 10.66 35.67 3.80
CA ASP K 274 10.71 36.05 2.39
C ASP K 274 12.02 36.72 2.04
N LYS K 275 12.59 37.50 2.98
CA LYS K 275 13.89 38.12 2.73
C LYS K 275 15.02 37.12 2.71
N GLY K 276 14.79 35.89 3.18
CA GLY K 276 15.80 34.86 3.16
C GLY K 276 17.00 35.13 4.04
N ILE K 277 16.75 35.57 5.27
CA ILE K 277 17.80 35.81 6.25
C ILE K 277 17.54 34.94 7.48
N ASP K 278 18.59 34.28 7.97
CA ASP K 278 18.46 33.45 9.15
C ASP K 278 18.47 34.33 10.40
N PHE K 279 18.12 33.72 11.53
CA PHE K 279 17.97 34.46 12.78
C PHE K 279 19.10 34.20 13.77
N ALA K 280 19.69 33.01 13.77
CA ALA K 280 20.73 32.69 14.73
C ALA K 280 22.06 33.37 14.40
N THR K 281 22.33 33.60 13.12
CA THR K 281 23.60 34.19 12.71
C THR K 281 23.63 35.69 12.99
N LEU K 282 22.46 36.32 13.14
CA LEU K 282 22.39 37.78 13.25
C LEU K 282 23.08 38.26 14.52
N PRO K 283 23.83 39.35 14.45
CA PRO K 283 24.53 39.87 15.62
C PRO K 283 23.60 40.71 16.49
N ASP K 284 24.15 41.21 17.59
CA ASP K 284 23.39 42.03 18.53
C ASP K 284 23.64 43.51 18.24
N GLU K 285 22.56 44.28 18.14
CA GLU K 285 22.65 45.70 17.87
C GLU K 285 21.90 46.49 18.93
N GLU K 286 21.73 47.79 18.71
CA GLU K 286 21.04 48.65 19.66
C GLU K 286 20.06 49.55 18.91
N PHE K 287 19.05 50.02 19.64
CA PHE K 287 18.04 50.90 19.09
C PHE K 287 18.59 52.32 18.94
N ASP K 288 17.82 53.17 18.26
CA ASP K 288 18.19 54.56 18.07
C ASP K 288 17.98 55.32 19.37
N SER K 289 19.05 55.93 19.88
CA SER K 289 19.00 56.60 21.17
C SER K 289 17.98 57.75 21.28
N PRO K 290 17.80 58.65 20.30
CA PRO K 290 16.85 59.76 20.52
C PRO K 290 15.43 59.34 20.83
N LEU K 291 14.94 58.24 20.25
CA LEU K 291 13.55 57.83 20.46
C LEU K 291 13.46 56.33 20.67
N GLY K 292 14.38 55.76 21.43
CA GLY K 292 14.35 54.34 21.70
C GLY K 292 14.79 53.95 23.09
N ASN K 293 15.02 54.93 23.95
CA ASN K 293 15.48 54.70 25.31
C ASN K 293 14.28 54.55 26.23
N TYR K 294 14.33 53.54 27.10
CA TYR K 294 13.21 53.25 27.99
C TYR K 294 13.72 52.57 29.25
N THR K 295 12.84 52.45 30.23
CA THR K 295 13.14 51.86 31.53
C THR K 295 12.48 50.49 31.64
N GLY K 296 12.74 49.82 32.76
CA GLY K 296 12.19 48.49 32.97
C GLY K 296 10.68 48.45 33.10
N ALA K 297 10.10 49.50 33.71
CA ALA K 297 8.66 49.50 33.97
C ALA K 297 7.83 49.47 32.70
N ALA K 298 8.38 49.95 31.58
CA ALA K 298 7.68 49.91 30.31
C ALA K 298 7.81 48.57 29.60
N THR K 299 8.55 47.63 30.16
CA THR K 299 8.78 46.34 29.52
C THR K 299 7.67 45.34 29.82
N ILE K 300 6.94 45.51 30.91
CA ILE K 300 6.02 44.49 31.39
C ILE K 300 4.58 44.78 30.99
N PHE K 301 4.40 45.56 29.92
CA PHE K 301 3.04 45.76 29.40
C PHE K 301 2.46 44.51 28.78
N GLY K 302 3.31 43.57 28.33
CA GLY K 302 2.79 42.37 27.71
C GLY K 302 1.98 41.51 28.65
N ASN K 303 2.50 41.31 29.86
CA ASN K 303 1.81 40.49 30.84
C ASN K 303 0.79 41.34 31.60
N THR K 304 -0.24 40.66 32.13
CA THR K 304 -1.27 41.35 32.89
C THR K 304 -0.70 41.90 34.20
N GLY K 305 -1.25 43.03 34.63
CA GLY K 305 -0.80 43.67 35.84
C GLY K 305 0.47 44.49 35.70
N GLY K 306 1.03 44.58 34.51
CA GLY K 306 2.23 45.37 34.31
C GLY K 306 1.95 46.84 34.16
N VAL K 307 0.83 47.17 33.49
CA VAL K 307 0.43 48.57 33.35
C VAL K 307 0.14 49.18 34.72
N MET K 308 -0.59 48.43 35.56
CA MET K 308 -0.90 48.89 36.90
C MET K 308 0.35 49.02 37.76
N GLU K 309 1.29 48.07 37.65
CA GLU K 309 2.52 48.16 38.42
C GLU K 309 3.34 49.38 38.00
N ALA K 310 3.46 49.61 36.69
CA ALA K 310 4.23 50.75 36.21
C ALA K 310 3.58 52.07 36.61
N ALA K 311 2.24 52.13 36.56
CA ALA K 311 1.53 53.33 36.98
C ALA K 311 1.73 53.59 38.48
N LEU K 312 1.66 52.53 39.29
CA LEU K 312 1.84 52.68 40.73
C LEU K 312 3.27 53.12 41.06
N ARG K 313 4.26 52.62 40.32
CA ARG K 313 5.66 52.92 40.61
C ARG K 313 5.97 54.40 40.54
N THR K 314 5.18 55.19 39.80
CA THR K 314 5.33 56.64 39.78
C THR K 314 4.22 57.38 40.51
N ALA K 315 3.02 56.81 40.60
CA ALA K 315 1.97 57.44 41.38
C ALA K 315 2.32 57.48 42.86
N TYR K 316 3.01 56.46 43.35
CA TYR K 316 3.45 56.44 44.74
C TYR K 316 4.37 57.63 45.02
N GLU K 317 5.34 57.87 44.14
CA GLU K 317 6.25 59.00 44.31
C GLU K 317 5.53 60.34 44.16
N LEU K 318 4.60 60.43 43.21
CA LEU K 318 3.85 61.67 43.06
C LEU K 318 2.90 61.93 44.23
N ILE K 319 2.53 60.90 44.98
CA ILE K 319 1.61 61.08 46.11
C ILE K 319 2.36 61.37 47.41
N THR K 320 3.43 60.62 47.72
CA THR K 320 4.10 60.81 49.00
C THR K 320 5.34 61.69 48.92
N LYS K 321 5.84 61.98 47.72
CA LYS K 321 6.98 62.88 47.49
C LYS K 321 8.25 62.44 48.21
N LYS K 322 8.39 61.14 48.48
CA LYS K 322 9.66 60.66 49.03
C LYS K 322 9.79 59.17 48.74
N PRO K 323 11.00 58.68 48.41
CA PRO K 323 11.12 57.33 47.85
C PRO K 323 10.89 56.24 48.90
N ILE K 324 10.02 55.30 48.57
CA ILE K 324 9.81 54.08 49.34
C ILE K 324 9.94 52.91 48.37
N PRO K 325 10.71 51.87 48.69
CA PRO K 325 10.89 50.76 47.74
C PRO K 325 9.61 49.97 47.49
N ASN K 326 9.10 50.05 46.27
CA ASN K 326 7.91 49.33 45.84
C ASN K 326 8.15 48.63 44.51
N ILE K 327 9.39 48.22 44.26
CA ILE K 327 9.74 47.59 42.99
C ILE K 327 9.06 46.24 42.86
N ASP K 328 9.06 45.44 43.93
CA ASP K 328 8.54 44.09 43.91
C ASP K 328 7.16 44.05 44.54
N ILE K 329 6.18 43.54 43.80
CA ILE K 329 4.83 43.34 44.30
C ILE K 329 4.35 41.97 43.84
N GLU K 330 3.70 41.25 44.75
CA GLU K 330 3.30 39.87 44.49
C GLU K 330 1.81 39.61 44.63
N PHE K 331 1.03 40.60 45.09
CA PHE K 331 -0.40 40.42 45.31
C PHE K 331 -1.22 40.83 44.08
N VAL K 332 -0.56 41.21 42.99
CA VAL K 332 -1.25 41.67 41.79
C VAL K 332 -0.86 40.78 40.62
N ARG K 333 -0.32 39.60 40.91
CA ARG K 333 0.19 38.68 39.90
C ARG K 333 -0.81 37.53 39.75
N GLY K 334 -1.11 37.17 38.51
CA GLY K 334 -2.03 36.08 38.26
C GLY K 334 -2.23 35.87 36.78
N GLY K 335 -3.13 34.94 36.45
CA GLY K 335 -3.40 34.65 35.06
C GLY K 335 -4.84 34.35 34.74
N GLU K 336 -5.73 34.43 35.72
CA GLU K 336 -7.13 34.08 35.51
C GLU K 336 -8.00 34.74 36.56
N GLY K 337 -9.20 35.12 36.15
CA GLY K 337 -10.19 35.67 37.07
C GLY K 337 -10.07 37.17 37.27
N ILE K 338 -10.40 37.63 38.48
CA ILE K 338 -10.32 39.03 38.84
C ILE K 338 -9.32 39.15 39.99
N ARG K 339 -8.36 40.06 39.84
CA ARG K 339 -7.34 40.24 40.87
C ARG K 339 -7.52 41.61 41.53
N THR K 340 -7.35 41.64 42.85
CA THR K 340 -7.58 42.85 43.62
C THR K 340 -6.48 42.99 44.67
N ALA K 341 -6.28 44.23 45.11
CA ALA K 341 -5.28 44.55 46.12
C ALA K 341 -5.66 45.88 46.76
N THR K 342 -5.09 46.13 47.94
CA THR K 342 -5.25 47.39 48.64
C THR K 342 -3.88 47.98 48.91
N VAL K 343 -3.75 49.30 48.71
CA VAL K 343 -2.50 50.01 48.93
C VAL K 343 -2.78 51.27 49.73
N GLN K 344 -2.07 51.43 50.85
CA GLN K 344 -2.20 52.60 51.71
C GLN K 344 -1.06 53.56 51.40
N VAL K 345 -1.36 54.64 50.69
CA VAL K 345 -0.35 55.62 50.29
C VAL K 345 -0.92 57.02 50.48
N GLY K 346 -0.11 57.92 51.03
CA GLY K 346 -0.51 59.30 51.23
C GLY K 346 -1.72 59.47 52.12
N GLU K 347 -1.84 58.64 53.16
CA GLU K 347 -2.99 58.58 54.05
C GLU K 347 -4.30 58.31 53.30
N LEU K 348 -4.21 57.72 52.12
CA LEU K 348 -5.39 57.31 51.34
C LEU K 348 -5.26 55.84 50.96
N GLU K 349 -6.37 55.12 51.07
CA GLU K 349 -6.42 53.72 50.67
C GLU K 349 -6.91 53.61 49.23
N LEU K 350 -6.28 52.71 48.48
CA LEU K 350 -6.65 52.44 47.10
C LEU K 350 -7.03 50.98 46.99
N LYS K 351 -8.24 50.71 46.51
CA LYS K 351 -8.73 49.36 46.24
C LYS K 351 -8.55 49.11 44.75
N ILE K 352 -7.35 48.72 44.38
CA ILE K 352 -6.98 48.54 42.98
C ILE K 352 -7.36 47.13 42.52
N ALA K 353 -7.63 46.99 41.23
CA ALA K 353 -8.01 45.70 40.69
C ALA K 353 -7.66 45.66 39.21
N VAL K 354 -7.49 44.44 38.70
CA VAL K 354 -7.31 44.17 37.28
C VAL K 354 -8.18 42.99 36.88
N VAL K 355 -8.56 42.96 35.61
CA VAL K 355 -9.50 41.97 35.08
C VAL K 355 -8.81 41.22 33.95
N SER K 356 -8.95 39.90 33.94
CA SER K 356 -8.46 39.10 32.83
C SER K 356 -9.64 38.62 31.99
N GLY K 357 -9.60 38.95 30.70
CA GLY K 357 -10.71 38.67 29.82
C GLY K 357 -11.73 39.79 29.80
N LEU K 358 -12.62 39.75 28.81
CA LEU K 358 -13.64 40.78 28.69
C LEU K 358 -14.94 40.39 29.35
N LYS K 359 -15.27 39.10 29.40
CA LYS K 359 -16.51 38.67 30.05
C LYS K 359 -16.44 38.79 31.56
N ASN K 360 -15.23 38.84 32.13
CA ASN K 360 -15.10 38.89 33.58
C ASN K 360 -15.32 40.28 34.16
N VAL K 361 -15.20 41.34 33.35
CA VAL K 361 -15.33 42.69 33.88
C VAL K 361 -16.78 43.14 33.93
N ILE K 362 -17.69 42.43 33.24
CA ILE K 362 -19.11 42.81 33.26
C ILE K 362 -19.72 42.78 34.66
N PRO K 363 -19.42 41.80 35.54
CA PRO K 363 -19.95 41.88 36.92
C PRO K 363 -19.63 43.18 37.65
N ILE K 364 -18.34 43.54 37.79
CA ILE K 364 -17.98 44.72 38.56
C ILE K 364 -18.11 46.00 37.74
N LEU K 365 -18.46 45.90 36.45
CA LEU K 365 -18.75 47.09 35.68
C LEU K 365 -20.12 47.67 36.00
N GLU K 366 -21.02 46.87 36.54
CA GLU K 366 -22.41 47.29 36.75
C GLU K 366 -22.48 48.46 37.71
N ASP K 367 -23.44 49.36 37.46
CA ASP K 367 -23.54 50.61 38.20
C ASP K 367 -23.90 50.40 39.66
N ILE K 368 -24.39 49.21 40.03
CA ILE K 368 -24.70 48.93 41.42
C ILE K 368 -23.56 48.18 42.12
N LYS K 369 -22.84 47.32 41.39
CA LYS K 369 -21.72 46.60 41.97
C LYS K 369 -20.51 47.52 42.18
N LYS K 370 -20.38 48.57 41.39
CA LYS K 370 -19.30 49.53 41.55
C LYS K 370 -19.54 50.53 42.67
N ASN K 371 -20.73 50.50 43.29
CA ASN K 371 -21.10 51.44 44.33
C ASN K 371 -20.78 50.95 45.73
N LYS K 372 -20.16 49.77 45.86
CA LYS K 372 -19.84 49.22 47.17
C LYS K 372 -18.36 49.26 47.52
N CYS K 373 -17.48 49.08 46.54
CA CYS K 373 -16.04 49.18 46.77
C CYS K 373 -15.40 50.37 46.05
N ASP K 374 -16.10 50.95 45.08
CA ASP K 374 -15.77 52.21 44.40
C ASP K 374 -14.58 52.08 43.45
N LEU K 375 -13.86 50.95 43.52
CA LEU K 375 -12.92 50.49 42.48
C LEU K 375 -12.01 51.60 41.96
N HIS K 376 -11.11 52.07 42.83
CA HIS K 376 -10.33 53.28 42.56
C HIS K 376 -9.54 53.20 41.26
N PHE K 377 -9.04 52.02 40.89
CA PHE K 377 -8.25 51.90 39.67
C PHE K 377 -8.41 50.49 39.11
N VAL K 378 -8.97 50.39 37.90
CA VAL K 378 -9.15 49.10 37.23
C VAL K 378 -8.71 49.24 35.78
N GLU K 379 -7.79 48.37 35.35
CA GLU K 379 -7.38 48.24 33.96
C GLU K 379 -8.00 47.00 33.35
N VAL K 380 -7.86 46.87 32.04
CA VAL K 380 -8.57 45.86 31.27
C VAL K 380 -7.64 45.24 30.23
N MET K 381 -7.76 43.93 30.05
CA MET K 381 -7.11 43.20 28.96
C MET K 381 -8.13 42.24 28.37
N THR K 382 -8.49 42.45 27.10
CA THR K 382 -9.50 41.59 26.49
C THR K 382 -9.00 40.16 26.33
N CYS K 383 -7.81 39.99 25.77
CA CYS K 383 -7.22 38.66 25.70
C CYS K 383 -6.75 38.24 27.08
N PRO K 384 -6.94 36.97 27.46
CA PRO K 384 -6.49 36.52 28.78
C PRO K 384 -4.97 36.59 28.90
N GLU K 385 -4.51 36.86 30.12
CA GLU K 385 -3.08 37.00 30.43
C GLU K 385 -2.43 38.09 29.58
N GLY K 386 -3.13 39.20 29.41
CA GLY K 386 -2.54 40.34 28.73
C GLY K 386 -2.44 40.17 27.22
N CYS K 387 -1.61 41.01 26.61
CA CYS K 387 -1.45 41.00 25.17
C CYS K 387 -0.58 39.85 24.67
N ILE K 388 0.13 39.14 25.55
CA ILE K 388 1.00 38.06 25.09
C ILE K 388 0.24 36.85 24.60
N SER K 389 -1.09 36.86 24.67
CA SER K 389 -1.92 35.80 24.13
C SER K 389 -2.93 36.35 23.13
N GLY K 390 -2.56 37.42 22.45
CA GLY K 390 -3.42 38.04 21.48
C GLY K 390 -3.42 37.28 20.16
N GLY K 391 -4.05 37.88 19.16
CA GLY K 391 -4.11 37.26 17.85
C GLY K 391 -2.84 37.31 17.05
N GLY K 392 -1.88 38.12 17.47
CA GLY K 392 -0.64 38.25 16.74
C GLY K 392 0.36 37.15 17.03
N GLN K 393 0.25 36.55 18.21
CA GLN K 393 1.15 35.46 18.57
C GLN K 393 0.86 34.22 17.73
N PRO K 394 1.88 33.42 17.43
CA PRO K 394 1.67 32.26 16.57
C PRO K 394 0.92 31.15 17.30
N LYS K 395 0.35 30.25 16.51
CA LYS K 395 -0.38 29.11 17.06
C LYS K 395 0.59 28.14 17.75
N LEU K 396 0.02 27.30 18.61
CA LEU K 396 0.80 26.29 19.32
C LEU K 396 0.39 24.88 18.94
N LEU K 397 -0.27 24.72 17.80
CA LEU K 397 -0.67 23.41 17.26
C LEU K 397 -1.53 22.63 18.25
N LEU K 398 -2.49 23.31 18.88
CA LEU K 398 -3.53 22.64 19.67
C LEU K 398 -4.90 23.06 19.16
N ALA K 405 4.14 26.92 27.98
CA ALA K 405 3.13 27.54 27.13
C ALA K 405 3.19 29.06 27.23
N TYR K 406 2.17 29.65 27.86
CA TYR K 406 2.11 31.09 28.01
C TYR K 406 3.06 31.61 29.08
N LYS K 407 3.47 30.75 30.01
CA LYS K 407 4.24 31.22 31.16
C LYS K 407 5.67 31.59 30.78
N LYS K 408 6.24 30.95 29.75
CA LYS K 408 7.63 31.20 29.40
C LYS K 408 7.84 32.64 28.93
N ARG K 409 6.92 33.16 28.12
CA ARG K 409 7.06 34.52 27.61
C ARG K 409 6.97 35.55 28.74
N LYS K 410 6.03 35.35 29.67
CA LYS K 410 5.91 36.30 30.76
C LYS K 410 7.08 36.19 31.74
N GLU K 411 7.63 34.99 31.92
CA GLU K 411 8.83 34.86 32.74
C GLU K 411 10.02 35.55 32.10
N ALA K 412 10.15 35.42 30.76
CA ALA K 412 11.22 36.12 30.07
C ALA K 412 11.05 37.63 30.18
N LEU K 413 9.81 38.12 30.07
CA LEU K 413 9.56 39.55 30.21
C LEU K 413 9.90 40.04 31.61
N TYR K 414 9.56 39.25 32.63
CA TYR K 414 9.90 39.63 34.01
C TYR K 414 11.42 39.64 34.21
N LYS K 415 12.12 38.66 33.63
CA LYS K 415 13.57 38.63 33.74
C LYS K 415 14.20 39.82 33.05
N HIS K 416 13.64 40.23 31.90
CA HIS K 416 14.13 41.43 31.23
C HIS K 416 13.85 42.68 32.07
N ASP K 417 12.72 42.71 32.76
CA ASP K 417 12.42 43.83 33.66
C ASP K 417 13.43 43.90 34.80
N ALA K 418 13.76 42.75 35.39
CA ALA K 418 14.66 42.73 36.54
C ALA K 418 16.11 42.95 36.19
N GLU K 419 16.50 42.74 34.92
CA GLU K 419 17.90 42.84 34.53
C GLU K 419 18.33 44.27 34.22
N LEU K 420 17.40 45.21 34.13
CA LEU K 420 17.75 46.60 33.85
C LEU K 420 18.10 47.34 35.12
N GLU K 421 18.86 48.42 34.96
CA GLU K 421 19.30 49.24 36.09
C GLU K 421 18.30 50.31 36.49
N LEU K 422 17.25 50.53 35.70
CA LEU K 422 16.23 51.52 36.00
C LEU K 422 14.89 50.81 36.18
N ARG K 423 14.23 51.10 37.30
CA ARG K 423 12.95 50.47 37.63
C ARG K 423 11.79 51.47 37.61
N LYS K 424 11.95 52.61 38.28
CA LYS K 424 10.92 53.63 38.26
C LYS K 424 10.79 54.23 36.87
N SER K 425 9.55 54.43 36.42
CA SER K 425 9.32 54.95 35.07
C SER K 425 9.39 56.48 35.05
N HIS K 426 10.45 57.04 35.62
CA HIS K 426 10.70 58.47 35.55
C HIS K 426 12.16 58.82 35.29
N GLU K 427 13.09 57.88 35.42
CA GLU K 427 14.51 58.15 35.30
C GLU K 427 15.01 58.17 33.86
N ASN K 428 14.11 58.10 32.89
CA ASN K 428 14.53 58.13 31.50
C ASN K 428 14.95 59.54 31.12
N PRO K 429 16.20 59.75 30.68
CA PRO K 429 16.61 61.10 30.27
C PRO K 429 15.85 61.61 29.06
N ALA K 430 15.37 60.71 28.21
CA ALA K 430 14.61 61.13 27.03
C ALA K 430 13.30 61.80 27.44
N ILE K 431 12.64 61.29 28.49
CA ILE K 431 11.41 61.90 28.97
C ILE K 431 11.69 63.30 29.51
N LYS K 432 12.77 63.46 30.28
CA LYS K 432 13.13 64.77 30.80
C LYS K 432 13.44 65.75 29.68
N LYS K 433 14.19 65.31 28.67
CA LYS K 433 14.49 66.18 27.53
C LYS K 433 13.23 66.55 26.76
N LEU K 434 12.32 65.59 26.57
CA LEU K 434 11.08 65.86 25.85
C LEU K 434 10.21 66.85 26.61
N TYR K 435 10.13 66.71 27.93
CA TYR K 435 9.38 67.67 28.73
C TYR K 435 10.04 69.05 28.73
N GLU K 436 11.38 69.09 28.73
CA GLU K 436 12.07 70.37 28.72
C GLU K 436 11.90 71.10 27.39
N GLU K 437 11.87 70.36 26.28
CA GLU K 437 11.95 70.97 24.97
C GLU K 437 10.59 71.16 24.28
N PHE K 438 9.70 70.18 24.36
CA PHE K 438 8.51 70.16 23.50
C PHE K 438 7.20 70.34 24.25
N LEU K 439 6.96 69.56 25.30
CA LEU K 439 5.67 69.57 25.97
C LEU K 439 5.58 70.57 27.11
N GLY K 440 6.71 70.96 27.70
CA GLY K 440 6.64 71.81 28.88
C GLY K 440 6.22 71.02 30.10
N GLU K 441 4.99 71.27 30.55
CA GLU K 441 4.42 70.54 31.67
C GLU K 441 3.35 69.57 31.19
N PRO K 442 3.13 68.46 31.89
CA PRO K 442 2.04 67.56 31.52
C PRO K 442 0.69 68.23 31.70
N LEU K 443 -0.25 67.85 30.82
CA LEU K 443 -1.59 68.44 30.77
C LEU K 443 -1.54 69.96 30.65
N GLY K 444 -0.61 70.44 29.82
CA GLY K 444 -0.37 71.86 29.69
C GLY K 444 -0.76 72.42 28.34
N LYS K 445 -1.92 71.99 27.84
CA LYS K 445 -2.56 72.46 26.60
C LYS K 445 -1.83 71.93 25.37
N GLN K 446 -0.67 71.28 25.58
CA GLN K 446 0.04 70.60 24.51
C GLN K 446 -0.14 69.09 24.57
N SER K 447 -0.20 68.52 25.78
CA SER K 447 -0.53 67.11 25.92
C SER K 447 -1.99 66.85 25.58
N HIS K 448 -2.87 67.81 25.86
CA HIS K 448 -4.29 67.62 25.56
C HIS K 448 -4.57 67.63 24.06
N HIS K 449 -3.61 68.05 23.24
CA HIS K 449 -3.75 68.02 21.79
C HIS K 449 -3.15 66.77 21.15
N LEU K 450 -2.01 66.30 21.66
CA LEU K 450 -1.32 65.17 21.06
C LEU K 450 -1.43 63.88 21.85
N LEU K 451 -1.62 63.96 23.17
CA LEU K 451 -1.56 62.79 24.04
C LEU K 451 -2.93 62.36 24.56
N HIS K 452 -4.02 62.91 24.02
CA HIS K 452 -5.34 62.59 24.52
C HIS K 452 -6.34 62.57 23.37
N THR K 453 -7.45 61.87 23.61
CA THR K 453 -8.54 61.81 22.64
C THR K 453 -9.85 61.62 23.40
N LYS K 454 -10.96 61.93 22.73
CA LYS K 454 -12.29 61.88 23.33
C LYS K 454 -13.08 60.75 22.68
N TYR K 455 -13.63 59.86 23.51
CA TYR K 455 -14.40 58.71 23.01
C TYR K 455 -15.87 59.10 23.03
N THR K 456 -16.36 59.62 21.90
CA THR K 456 -17.77 59.97 21.73
C THR K 456 -18.40 59.39 20.45
N PRO K 457 -18.36 58.05 20.25
CA PRO K 457 -19.34 57.46 19.33
C PRO K 457 -20.77 57.65 19.82
N ARG K 458 -21.06 57.16 21.02
CA ARG K 458 -22.40 57.11 21.60
C ARG K 458 -23.41 56.50 20.60
N LYS K 459 -23.01 55.39 20.01
CA LYS K 459 -23.84 54.73 19.01
C LYS K 459 -24.90 53.85 19.68
N GLN L 6 -13.79 -50.05 17.07
CA GLN L 6 -13.83 -51.43 16.60
C GLN L 6 -13.90 -52.40 17.79
N GLU L 7 -13.01 -52.21 18.76
CA GLU L 7 -12.97 -53.02 19.96
C GLU L 7 -13.04 -52.13 21.19
N LYS L 8 -13.84 -52.54 22.17
CA LYS L 8 -14.09 -51.77 23.37
C LYS L 8 -13.67 -52.57 24.60
N VAL L 9 -12.89 -51.94 25.48
CA VAL L 9 -12.34 -52.58 26.66
C VAL L 9 -12.77 -51.79 27.89
N LEU L 10 -13.31 -52.49 28.88
CA LEU L 10 -13.73 -51.85 30.12
C LEU L 10 -12.53 -51.58 31.01
N THR L 11 -12.45 -50.35 31.53
CA THR L 11 -11.32 -49.93 32.34
C THR L 11 -11.82 -48.88 33.33
N THR L 12 -11.06 -48.69 34.41
CA THR L 12 -11.36 -47.66 35.39
C THR L 12 -10.45 -46.46 35.16
N CYS L 13 -11.04 -45.27 35.08
CA CYS L 13 -10.27 -44.06 34.83
C CYS L 13 -9.29 -43.81 35.98
N PRO L 14 -8.01 -43.58 35.69
CA PRO L 14 -7.00 -43.49 36.76
C PRO L 14 -6.65 -42.08 37.21
N TYR L 15 -7.30 -41.04 36.67
CA TYR L 15 -6.81 -39.69 36.89
C TYR L 15 -7.17 -39.16 38.27
N CYS L 16 -8.31 -39.54 38.83
CA CYS L 16 -8.61 -39.17 40.22
C CYS L 16 -9.07 -40.40 41.00
N GLY L 17 -9.49 -40.19 42.23
CA GLY L 17 -9.86 -41.26 43.13
C GLY L 17 -11.29 -41.73 43.07
N THR L 18 -12.16 -41.08 42.29
CA THR L 18 -13.55 -41.49 42.24
C THR L 18 -13.70 -42.86 41.60
N GLY L 19 -13.11 -43.06 40.44
CA GLY L 19 -13.24 -44.33 39.74
C GLY L 19 -14.49 -44.35 38.88
N CYS L 20 -14.33 -44.56 37.58
CA CYS L 20 -15.46 -44.55 36.67
C CYS L 20 -15.28 -45.63 35.62
N GLY L 21 -16.40 -46.14 35.12
CA GLY L 21 -16.34 -47.05 33.98
C GLY L 21 -15.96 -46.29 32.72
N LEU L 22 -15.14 -46.94 31.89
CA LEU L 22 -14.59 -46.25 30.73
C LEU L 22 -14.26 -47.28 29.66
N TYR L 23 -14.89 -47.17 28.50
CA TYR L 23 -14.61 -48.03 27.37
C TYR L 23 -13.52 -47.39 26.52
N LEU L 24 -12.37 -48.05 26.43
CA LEU L 24 -11.25 -47.55 25.63
C LEU L 24 -11.43 -48.03 24.20
N LYS L 25 -12.11 -47.20 23.40
CA LYS L 25 -12.35 -47.53 21.99
C LYS L 25 -11.03 -47.54 21.25
N VAL L 26 -10.56 -48.73 20.89
CA VAL L 26 -9.27 -48.95 20.26
C VAL L 26 -9.50 -49.34 18.80
N GLU L 27 -8.53 -48.99 17.96
CA GLU L 27 -8.60 -49.29 16.53
C GLU L 27 -7.19 -49.28 15.97
N ASN L 28 -6.84 -50.36 15.25
CA ASN L 28 -5.49 -50.57 14.73
C ASN L 28 -4.45 -50.49 15.85
N GLU L 29 -4.75 -51.13 16.98
CA GLU L 29 -3.91 -51.32 18.16
C GLU L 29 -3.70 -50.00 18.91
N LYS L 30 -4.19 -48.88 18.41
CA LYS L 30 -4.03 -47.57 19.05
C LYS L 30 -5.38 -47.05 19.53
N ILE L 31 -5.36 -46.34 20.66
CA ILE L 31 -6.59 -45.76 21.20
C ILE L 31 -7.10 -44.67 20.28
N VAL L 32 -8.41 -44.72 19.98
CA VAL L 32 -9.00 -43.74 19.08
C VAL L 32 -10.09 -42.97 19.81
N GLY L 33 -10.59 -43.52 20.92
CA GLY L 33 -11.60 -42.81 21.67
C GLY L 33 -11.84 -43.41 23.04
N VAL L 34 -12.67 -42.73 23.81
CA VAL L 34 -13.10 -43.18 25.13
C VAL L 34 -14.61 -42.95 25.26
N GLU L 35 -15.29 -43.88 25.90
CA GLU L 35 -16.74 -43.86 26.02
C GLU L 35 -17.16 -44.10 27.46
N PRO L 36 -18.31 -43.57 27.87
CA PRO L 36 -18.81 -43.85 29.21
C PRO L 36 -19.72 -45.07 29.26
N ASP L 37 -19.82 -45.64 30.46
CA ASP L 37 -20.63 -46.82 30.69
C ASP L 37 -22.00 -46.40 31.23
N LYS L 38 -23.06 -46.78 30.50
CA LYS L 38 -24.41 -46.40 30.91
C LYS L 38 -24.90 -47.17 32.13
N LEU L 39 -24.28 -48.31 32.46
CA LEU L 39 -24.73 -49.15 33.55
C LEU L 39 -23.82 -49.06 34.77
N HIS L 40 -22.87 -48.15 34.76
CA HIS L 40 -22.01 -48.01 35.93
C HIS L 40 -22.77 -47.27 37.04
N PRO L 41 -22.63 -47.70 38.30
CA PRO L 41 -23.36 -47.06 39.39
C PRO L 41 -22.75 -45.76 39.90
N VAL L 42 -21.56 -45.37 39.43
CA VAL L 42 -20.88 -44.20 39.96
C VAL L 42 -21.03 -43.01 39.03
N ASN L 43 -20.64 -43.16 37.77
CA ASN L 43 -20.66 -42.03 36.85
C ASN L 43 -21.94 -41.94 36.04
N GLN L 44 -22.67 -43.05 35.91
CA GLN L 44 -23.97 -43.11 35.24
C GLN L 44 -23.90 -42.72 33.76
N GLY L 45 -22.73 -42.78 33.16
CA GLY L 45 -22.62 -42.57 31.72
C GLY L 45 -22.18 -41.18 31.30
N GLU L 46 -21.27 -40.58 32.07
CA GLU L 46 -20.73 -39.26 31.76
C GLU L 46 -19.48 -39.03 32.59
N LEU L 47 -18.46 -38.43 31.97
CA LEU L 47 -17.15 -38.28 32.58
C LEU L 47 -16.68 -36.84 32.47
N CYS L 48 -15.66 -36.51 33.27
CA CYS L 48 -15.09 -35.17 33.31
C CYS L 48 -14.09 -35.00 32.17
N ILE L 49 -13.26 -33.96 32.25
CA ILE L 49 -12.30 -33.68 31.19
C ILE L 49 -11.25 -34.79 31.08
N LYS L 50 -10.76 -35.30 32.21
CA LYS L 50 -9.65 -36.25 32.17
C LYS L 50 -10.09 -37.60 31.63
N GLY L 51 -11.33 -38.00 31.90
CA GLY L 51 -11.84 -39.22 31.30
C GLY L 51 -11.99 -39.12 29.79
N TYR L 52 -12.56 -38.01 29.31
CA TYR L 52 -12.82 -37.87 27.88
C TYR L 52 -11.56 -37.59 27.08
N TYR L 53 -10.54 -36.95 27.66
CA TYR L 53 -9.38 -36.58 26.86
C TYR L 53 -8.10 -36.83 27.62
N GLY L 54 -8.03 -37.94 28.33
CA GLY L 54 -6.81 -38.41 28.95
C GLY L 54 -6.14 -39.57 28.23
N TYR L 55 -6.63 -39.95 27.05
CA TYR L 55 -6.03 -41.04 26.29
C TYR L 55 -4.91 -40.58 25.37
N LYS L 56 -4.72 -39.26 25.21
CA LYS L 56 -3.66 -38.72 24.37
C LYS L 56 -2.33 -38.62 25.09
N TYR L 57 -2.15 -39.41 26.14
CA TYR L 57 -0.95 -39.41 26.96
C TYR L 57 -0.13 -40.68 26.76
N VAL L 58 -0.71 -41.70 26.12
CA VAL L 58 -0.09 -43.02 26.06
C VAL L 58 0.75 -43.25 24.82
N HIS L 59 0.56 -42.47 23.75
CA HIS L 59 1.34 -42.68 22.53
C HIS L 59 2.00 -41.40 22.08
N ASP L 60 2.58 -40.65 23.02
CA ASP L 60 3.42 -39.52 22.65
C ASP L 60 4.70 -40.01 21.98
N PRO L 61 5.27 -39.21 21.07
CA PRO L 61 6.52 -39.61 20.42
C PRO L 61 7.74 -39.59 21.35
N ARG L 62 7.59 -39.14 22.59
CA ARG L 62 8.69 -39.09 23.54
C ARG L 62 8.62 -40.18 24.60
N ARG L 63 7.77 -41.20 24.40
CA ARG L 63 7.64 -42.26 25.39
C ARG L 63 8.95 -43.03 25.52
N LEU L 64 9.28 -43.39 26.76
CA LEU L 64 10.52 -44.11 27.01
C LEU L 64 10.37 -45.55 26.53
N THR L 65 11.23 -45.95 25.59
CA THR L 65 11.06 -47.20 24.86
C THR L 65 12.20 -48.19 25.06
N SER L 66 13.20 -47.89 25.88
CA SER L 66 14.32 -48.78 26.08
C SER L 66 14.95 -48.48 27.42
N PRO L 67 15.65 -49.44 28.03
CA PRO L 67 16.40 -49.13 29.25
C PRO L 67 17.68 -48.38 28.92
N LEU L 68 18.04 -47.43 29.79
CA LEU L 68 19.28 -46.70 29.68
C LEU L 68 19.97 -46.65 31.04
N ILE L 69 21.29 -46.54 31.02
CA ILE L 69 22.09 -46.45 32.24
C ILE L 69 23.08 -45.32 32.08
N LYS L 70 23.52 -44.78 33.22
CA LYS L 70 24.51 -43.70 33.27
C LYS L 70 25.87 -44.31 33.57
N LYS L 71 26.77 -44.28 32.58
CA LYS L 71 28.11 -44.83 32.72
C LYS L 71 29.12 -43.75 33.11
N ASN L 72 29.25 -42.70 32.31
CA ASN L 72 30.19 -41.62 32.55
C ASN L 72 29.50 -40.27 32.67
N GLY L 73 28.23 -40.26 33.08
CA GLY L 73 27.45 -39.04 33.15
C GLY L 73 26.45 -38.86 32.03
N LYS L 74 26.44 -39.76 31.05
CA LYS L 74 25.48 -39.71 29.95
C LYS L 74 24.78 -41.06 29.83
N PHE L 75 23.47 -41.01 29.64
CA PHE L 75 22.69 -42.24 29.49
C PHE L 75 22.96 -42.90 28.15
N VAL L 76 23.00 -44.23 28.17
CA VAL L 76 23.31 -45.00 26.97
C VAL L 76 22.29 -46.13 26.82
N PRO L 77 21.76 -46.37 25.61
CA PRO L 77 20.82 -47.48 25.42
C PRO L 77 21.46 -48.83 25.68
N VAL L 78 20.92 -49.55 26.66
CA VAL L 78 21.51 -50.79 27.16
C VAL L 78 20.39 -51.79 27.40
N SER L 79 20.64 -53.06 27.06
CA SER L 79 19.63 -54.11 27.20
C SER L 79 19.34 -54.39 28.68
N TRP L 80 18.35 -55.25 28.90
CA TRP L 80 17.78 -55.42 30.23
C TRP L 80 18.67 -56.22 31.16
N ASP L 81 19.31 -57.29 30.66
CA ASP L 81 19.93 -58.27 31.54
C ASP L 81 21.15 -57.70 32.26
N GLU L 82 22.00 -56.95 31.56
CA GLU L 82 23.17 -56.39 32.22
C GLU L 82 22.80 -55.23 33.15
N ALA L 83 21.72 -54.51 32.83
CA ALA L 83 21.21 -53.51 33.77
C ALA L 83 20.73 -54.19 35.05
N LEU L 84 20.05 -55.33 34.92
CA LEU L 84 19.64 -56.09 36.09
C LEU L 84 20.85 -56.63 36.85
N ASN L 85 21.91 -57.00 36.13
CA ASN L 85 23.16 -57.39 36.77
C ASN L 85 23.72 -56.26 37.62
N PHE L 86 23.73 -55.04 37.06
CA PHE L 86 24.23 -53.89 37.79
C PHE L 86 23.39 -53.60 39.02
N ILE L 87 22.07 -53.67 38.89
CA ILE L 87 21.18 -53.46 40.03
C ILE L 87 21.43 -54.51 41.11
N ALA L 88 21.52 -55.77 40.70
CA ALA L 88 21.72 -56.86 41.66
C ALA L 88 23.03 -56.72 42.40
N ASN L 89 24.12 -56.42 41.69
CA ASN L 89 25.40 -56.31 42.37
C ASN L 89 25.48 -55.07 43.25
N GLY L 90 24.83 -53.97 42.83
CA GLY L 90 24.79 -52.78 43.67
C GLY L 90 24.05 -53.03 44.98
N LEU L 91 22.87 -53.64 44.90
CA LEU L 91 22.12 -53.98 46.12
C LEU L 91 22.90 -54.96 46.97
N LYS L 92 23.56 -55.96 46.35
CA LYS L 92 24.33 -56.92 47.12
C LYS L 92 25.49 -56.25 47.86
N LYS L 93 26.22 -55.35 47.19
CA LYS L 93 27.36 -54.72 47.85
C LYS L 93 26.91 -53.75 48.95
N ILE L 94 25.83 -53.00 48.72
CA ILE L 94 25.39 -52.08 49.78
C ILE L 94 24.82 -52.86 50.97
N LYS L 95 24.16 -54.00 50.72
CA LYS L 95 23.66 -54.81 51.82
C LYS L 95 24.80 -55.46 52.59
N SER L 96 25.87 -55.88 51.88
CA SER L 96 27.03 -56.43 52.57
C SER L 96 27.75 -55.36 53.37
N GLU L 97 27.77 -54.12 52.86
CA GLU L 97 28.50 -53.06 53.55
C GLU L 97 27.75 -52.58 54.79
N TYR L 98 26.53 -52.08 54.62
CA TYR L 98 25.84 -51.39 55.71
C TYR L 98 24.49 -51.98 56.05
N GLY L 99 24.14 -53.13 55.49
CA GLY L 99 22.92 -53.81 55.87
C GLY L 99 21.73 -53.49 54.98
N SER L 100 20.54 -53.79 55.51
CA SER L 100 19.30 -53.72 54.76
C SER L 100 18.64 -52.35 54.82
N ASP L 101 19.18 -51.40 55.59
CA ASP L 101 18.61 -50.06 55.68
C ASP L 101 19.15 -49.10 54.63
N ALA L 102 19.62 -49.62 53.50
CA ALA L 102 20.28 -48.82 52.48
C ALA L 102 19.30 -48.18 51.49
N PHE L 103 18.01 -48.44 51.59
CA PHE L 103 17.07 -47.88 50.64
C PHE L 103 15.72 -47.63 51.31
N ALA L 104 14.99 -46.67 50.76
CA ALA L 104 13.62 -46.40 51.13
C ALA L 104 12.75 -46.50 49.89
N MET L 105 11.67 -47.26 49.98
CA MET L 105 10.88 -47.62 48.82
C MET L 105 9.75 -46.60 48.64
N PHE L 106 9.71 -45.96 47.47
CA PHE L 106 8.68 -44.99 47.14
C PHE L 106 7.75 -45.62 46.11
N CYS L 107 6.74 -46.34 46.59
CA CYS L 107 5.74 -46.93 45.72
C CYS L 107 4.76 -45.86 45.25
N SER L 108 4.38 -45.95 43.97
CA SER L 108 3.51 -44.94 43.38
C SER L 108 2.09 -45.04 43.91
N ALA L 109 1.43 -43.89 43.98
CA ALA L 109 0.01 -43.83 44.28
C ALA L 109 -0.84 -43.95 43.01
N ARG L 110 -0.23 -44.02 41.84
CA ARG L 110 -0.92 -44.17 40.57
C ARG L 110 -0.59 -45.50 39.93
N ALA L 111 -0.55 -46.56 40.74
CA ALA L 111 -0.33 -47.92 40.26
C ALA L 111 -1.31 -48.85 40.97
N THR L 112 -1.54 -50.01 40.36
CA THR L 112 -2.53 -50.93 40.90
C THR L 112 -2.04 -51.52 42.22
N ASN L 113 -2.97 -52.15 42.95
CA ASN L 113 -2.67 -52.69 44.26
C ASN L 113 -1.64 -53.80 44.20
N GLU L 114 -1.61 -54.56 43.10
CA GLU L 114 -0.61 -55.61 42.95
C GLU L 114 0.80 -55.02 42.86
N ASP L 115 0.95 -53.84 42.28
CA ASP L 115 2.27 -53.19 42.25
C ASP L 115 2.76 -52.90 43.66
N ASN L 116 1.89 -52.32 44.49
CA ASN L 116 2.28 -51.99 45.86
C ASN L 116 2.57 -53.26 46.67
N TYR L 117 1.75 -54.30 46.49
CA TYR L 117 1.98 -55.55 47.20
C TYR L 117 3.31 -56.16 46.80
N ALA L 118 3.59 -56.20 45.49
CA ALA L 118 4.85 -56.77 45.01
C ALA L 118 6.04 -55.95 45.49
N ALA L 119 5.92 -54.62 45.48
CA ALA L 119 6.99 -53.76 45.95
C ALA L 119 7.26 -54.00 47.43
N GLN L 120 6.21 -54.11 48.23
CA GLN L 120 6.37 -54.38 49.66
C GLN L 120 7.04 -55.74 49.89
N LYS L 121 6.54 -56.78 49.21
CA LYS L 121 7.10 -58.11 49.42
C LYS L 121 8.55 -58.18 48.98
N PHE L 122 8.87 -57.56 47.85
CA PHE L 122 10.22 -57.65 47.31
C PHE L 122 11.16 -56.63 47.93
N ALA L 123 10.65 -55.78 48.82
CA ALA L 123 11.48 -55.00 49.71
C ALA L 123 11.57 -55.59 51.12
N ARG L 124 10.66 -56.51 51.47
CA ARG L 124 10.64 -57.13 52.79
C ARG L 124 11.01 -58.61 52.79
N ALA L 125 10.58 -59.37 51.79
CA ALA L 125 10.90 -60.79 51.73
C ALA L 125 12.11 -61.08 50.87
N VAL L 126 12.81 -60.06 50.40
CA VAL L 126 14.01 -60.22 49.59
C VAL L 126 15.25 -59.70 50.33
N ILE L 127 15.25 -58.44 50.71
CA ILE L 127 16.33 -57.88 51.51
C ILE L 127 15.86 -57.75 52.95
N GLY L 128 14.72 -57.11 53.14
CA GLY L 128 14.07 -57.04 54.44
C GLY L 128 14.26 -55.74 55.18
N ILE L 129 13.26 -54.86 55.06
CA ILE L 129 13.26 -53.58 55.76
C ILE L 129 11.84 -53.05 55.73
N ASN L 130 11.52 -52.16 56.67
CA ASN L 130 10.19 -51.54 56.73
C ASN L 130 10.19 -50.16 56.09
N ASN L 131 11.09 -49.90 55.14
CA ASN L 131 11.22 -48.60 54.51
C ASN L 131 10.41 -48.56 53.23
N VAL L 132 9.09 -48.40 53.39
CA VAL L 132 8.18 -48.21 52.27
C VAL L 132 7.33 -46.99 52.54
N ASP L 133 7.12 -46.18 51.50
CA ASP L 133 6.39 -44.93 51.61
C ASP L 133 5.73 -44.61 50.29
N HIS L 134 4.72 -43.73 50.34
CA HIS L 134 4.09 -43.21 49.14
C HIS L 134 3.93 -41.71 49.28
N CYS L 135 3.90 -41.01 48.14
CA CYS L 135 3.82 -39.56 48.11
C CYS L 135 2.41 -39.02 48.30
N ALA L 136 1.47 -39.85 48.73
CA ALA L 136 0.10 -39.42 48.95
C ALA L 136 -0.22 -39.19 50.42
N ARG L 137 0.79 -39.21 51.30
CA ARG L 137 0.55 -38.98 52.72
C ARG L 137 0.16 -37.53 52.99
N LEU L 138 0.78 -36.59 52.30
CA LEU L 138 0.49 -35.17 52.49
C LEU L 138 -0.92 -34.83 52.01
N HIS L 140 -3.58 -36.07 53.95
CA HIS L 140 -4.62 -36.94 54.47
C HIS L 140 -4.07 -37.92 55.50
N ALA L 141 -2.80 -37.76 55.84
CA ALA L 141 -2.20 -38.60 56.87
C ALA L 141 -2.86 -38.46 58.24
N PRO L 142 -3.16 -37.26 58.75
CA PRO L 142 -3.84 -37.20 60.06
C PRO L 142 -5.26 -37.73 60.03
N THR L 143 -5.91 -37.78 58.86
CA THR L 143 -7.31 -38.19 58.81
C THR L 143 -7.48 -39.65 59.19
N VAL L 144 -6.65 -40.53 58.62
CA VAL L 144 -6.74 -41.96 58.93
C VAL L 144 -6.36 -42.21 60.39
N ALA L 145 -5.44 -41.42 60.93
CA ALA L 145 -5.09 -41.56 62.34
C ALA L 145 -6.23 -41.14 63.25
N GLY L 146 -6.87 -40.00 62.95
CA GLY L 146 -7.96 -39.51 63.76
C GLY L 146 -9.20 -40.38 63.72
N LEU L 147 -9.59 -40.82 62.53
CA LEU L 147 -10.81 -41.62 62.40
C LEU L 147 -10.64 -42.99 63.06
N ALA L 148 -9.43 -43.55 62.98
CA ALA L 148 -9.17 -44.82 63.67
C ALA L 148 -9.23 -44.65 65.18
N MET L 149 -8.71 -43.55 65.71
CA MET L 149 -8.74 -43.33 67.16
C MET L 149 -10.14 -42.97 67.66
N THR L 150 -10.99 -42.40 66.80
CA THR L 150 -12.35 -42.05 67.20
C THR L 150 -13.32 -43.21 67.01
N LEU L 151 -13.45 -43.71 65.78
CA LEU L 151 -14.47 -44.70 65.45
C LEU L 151 -13.92 -46.10 65.23
N GLY L 152 -12.61 -46.26 65.13
CA GLY L 152 -12.05 -47.56 64.78
C GLY L 152 -12.06 -47.85 63.31
N SER L 153 -12.55 -46.94 62.48
CA SER L 153 -12.58 -47.10 61.04
C SER L 153 -11.53 -46.19 60.42
N GLY L 154 -10.71 -46.75 59.53
CA GLY L 154 -9.64 -46.01 58.91
C GLY L 154 -9.89 -45.53 57.50
N ALA L 155 -11.13 -45.48 57.04
CA ALA L 155 -11.38 -45.18 55.65
C ALA L 155 -12.79 -44.59 55.51
N MET L 156 -13.29 -44.56 54.28
CA MET L 156 -14.66 -44.12 53.99
C MET L 156 -15.68 -44.98 54.72
N THR L 157 -16.77 -44.34 55.15
CA THR L 157 -17.87 -45.01 55.84
C THR L 157 -19.05 -45.32 54.94
N ASN L 158 -19.52 -44.35 54.16
CA ASN L 158 -20.73 -44.48 53.37
C ASN L 158 -20.32 -44.70 51.91
N SER L 159 -21.31 -44.85 51.03
CA SER L 159 -21.05 -45.07 49.61
C SER L 159 -21.62 -43.92 48.79
N ILE L 160 -20.87 -43.50 47.79
CA ILE L 160 -21.13 -42.27 47.03
C ILE L 160 -22.52 -42.22 46.39
N PRO L 161 -22.97 -43.22 45.60
CA PRO L 161 -24.25 -43.05 44.89
C PRO L 161 -25.45 -42.93 45.80
N GLU L 162 -25.31 -43.23 47.09
CA GLU L 162 -26.45 -43.08 48.00
C GLU L 162 -26.72 -41.62 48.35
N ILE L 163 -25.77 -40.72 48.08
CA ILE L 163 -25.98 -39.32 48.42
C ILE L 163 -26.92 -38.61 47.45
N SER L 164 -27.35 -39.27 46.38
CA SER L 164 -28.27 -38.68 45.42
C SER L 164 -29.52 -39.53 45.18
N THR L 165 -29.63 -40.69 45.82
CA THR L 165 -30.85 -41.49 45.69
C THR L 165 -32.05 -40.78 46.29
N TYR L 166 -31.85 -40.11 47.43
CA TYR L 166 -32.90 -39.30 48.02
C TYR L 166 -32.29 -38.10 48.71
N SER L 167 -33.13 -37.10 48.98
CA SER L 167 -32.66 -35.81 49.48
C SER L 167 -32.11 -35.94 50.89
N ASP L 168 -30.93 -35.35 51.10
CA ASP L 168 -30.28 -35.32 52.41
C ASP L 168 -29.83 -33.90 52.74
N VAL L 169 -29.03 -33.75 53.78
CA VAL L 169 -28.35 -32.50 54.10
C VAL L 169 -26.86 -32.70 53.88
N ILE L 170 -26.28 -31.89 53.02
CA ILE L 170 -24.88 -32.06 52.62
C ILE L 170 -24.06 -30.93 53.23
N PHE L 171 -23.09 -31.30 54.06
CA PHE L 171 -22.26 -30.36 54.81
C PHE L 171 -20.83 -30.47 54.29
N ILE L 172 -20.33 -29.40 53.69
CA ILE L 172 -19.04 -29.39 53.01
C ILE L 172 -18.04 -28.57 53.83
N ILE L 173 -16.86 -29.15 54.05
CA ILE L 173 -15.77 -28.50 54.77
C ILE L 173 -14.62 -28.27 53.80
N GLY L 174 -14.18 -27.01 53.69
CA GLY L 174 -13.11 -26.67 52.77
C GLY L 174 -13.48 -26.98 51.35
N SER L 175 -14.49 -26.30 50.82
CA SER L 175 -15.10 -26.67 49.55
C SER L 175 -14.14 -26.49 48.37
N ASN L 176 -13.65 -27.62 47.85
CA ASN L 176 -12.95 -27.65 46.56
C ASN L 176 -13.38 -28.86 45.75
N THR L 177 -14.49 -29.49 46.15
CA THR L 177 -14.98 -30.68 45.45
C THR L 177 -15.42 -30.34 44.03
N ALA L 178 -15.82 -29.09 43.80
CA ALA L 178 -16.26 -28.69 42.46
C ALA L 178 -15.13 -28.70 41.44
N GLU L 179 -13.88 -28.75 41.89
CA GLU L 179 -12.76 -28.78 40.95
C GLU L 179 -11.67 -29.74 41.43
N CYS L 180 -12.05 -30.77 42.18
CA CYS L 180 -11.12 -31.83 42.54
C CYS L 180 -11.71 -33.19 42.17
N HIS L 181 -13.02 -33.33 42.35
CA HIS L 181 -13.76 -34.52 41.93
C HIS L 181 -14.98 -34.06 41.17
N PRO L 182 -14.85 -33.78 39.87
CA PRO L 182 -15.96 -33.20 39.11
C PRO L 182 -17.17 -34.09 38.91
N LEU L 183 -17.21 -35.27 39.54
CA LEU L 183 -18.39 -36.12 39.47
C LEU L 183 -19.06 -36.38 40.82
N ILE L 184 -18.33 -36.26 41.93
CA ILE L 184 -18.96 -36.32 43.24
C ILE L 184 -19.84 -35.09 43.45
N ALA L 185 -19.30 -33.91 43.10
CA ALA L 185 -20.10 -32.70 43.12
C ALA L 185 -21.24 -32.76 42.12
N ALA L 186 -21.09 -33.55 41.06
CA ALA L 186 -22.20 -33.78 40.14
C ALA L 186 -23.35 -34.51 40.84
N HIS L 187 -23.02 -35.49 41.69
CA HIS L 187 -24.05 -36.10 42.53
C HIS L 187 -24.63 -35.12 43.54
N VAL L 188 -23.80 -34.25 44.11
CA VAL L 188 -24.30 -33.31 45.11
C VAL L 188 -25.29 -32.33 44.47
N ILE L 189 -24.94 -31.82 43.29
CA ILE L 189 -25.87 -30.95 42.56
C ILE L 189 -27.11 -31.72 42.13
N LYS L 190 -26.94 -32.94 41.61
CA LYS L 190 -28.07 -33.77 41.25
C LYS L 190 -28.86 -34.25 42.46
N ALA L 191 -28.31 -34.17 43.66
CA ALA L 191 -29.08 -34.49 44.86
C ALA L 191 -30.20 -33.49 45.07
N LYS L 192 -30.09 -32.28 44.53
CA LYS L 192 -31.10 -31.25 44.74
C LYS L 192 -32.38 -31.57 43.98
N GLU L 193 -33.11 -32.58 44.46
CA GLU L 193 -34.42 -32.92 43.92
C GLU L 193 -35.50 -32.08 44.59
N ARG L 194 -35.27 -30.77 44.61
CA ARG L 194 -36.07 -29.78 45.35
C ARG L 194 -36.14 -30.09 46.84
N GLY L 195 -35.25 -30.93 47.36
CA GLY L 195 -35.26 -31.23 48.77
C GLY L 195 -33.91 -31.43 49.42
N ALA L 196 -32.84 -31.42 48.63
CA ALA L 196 -31.51 -31.51 49.23
C ALA L 196 -31.06 -30.12 49.66
N LYS L 197 -30.39 -30.08 50.80
CA LYS L 197 -30.17 -28.80 51.47
C LYS L 197 -28.71 -28.74 51.92
N LEU L 198 -28.03 -27.66 51.58
CA LEU L 198 -26.57 -27.57 51.58
C LEU L 198 -26.09 -26.59 52.64
N ILE L 199 -25.06 -27.00 53.39
CA ILE L 199 -24.34 -26.13 54.31
C ILE L 199 -22.86 -26.22 53.95
N VAL L 200 -22.28 -25.10 53.54
CA VAL L 200 -20.92 -25.07 53.00
C VAL L 200 -20.07 -24.13 53.85
N ALA L 201 -18.85 -24.56 54.17
CA ALA L 201 -17.93 -23.77 54.99
C ALA L 201 -16.54 -23.78 54.35
N ASP L 202 -16.05 -22.61 53.94
CA ASP L 202 -14.75 -22.48 53.31
C ASP L 202 -14.36 -21.01 53.28
N PRO L 203 -13.05 -20.70 53.28
CA PRO L 203 -12.63 -19.30 53.30
C PRO L 203 -12.58 -18.61 51.95
N ARG L 204 -12.83 -19.32 50.86
CA ARG L 204 -12.62 -18.79 49.53
C ARG L 204 -13.95 -18.73 48.77
N MET L 205 -13.86 -18.43 47.48
CA MET L 205 -15.01 -18.43 46.58
C MET L 205 -14.79 -19.52 45.54
N ASN L 206 -15.74 -20.45 45.46
CA ASN L 206 -15.67 -21.56 44.52
C ASN L 206 -16.90 -21.53 43.62
N ALA L 207 -17.01 -22.55 42.77
CA ALA L 207 -18.20 -22.68 41.92
C ALA L 207 -19.32 -23.40 42.66
N MET L 208 -19.04 -23.92 43.85
CA MET L 208 -20.05 -24.68 44.56
C MET L 208 -20.80 -23.83 45.58
N VAL L 209 -20.16 -22.79 46.12
CA VAL L 209 -20.81 -21.98 47.15
C VAL L 209 -21.90 -21.09 46.54
N HIS L 210 -21.78 -20.75 45.26
CA HIS L 210 -22.77 -19.88 44.64
C HIS L 210 -24.11 -20.57 44.44
N LYS L 211 -24.15 -21.91 44.53
CA LYS L 211 -25.38 -22.66 44.49
C LYS L 211 -25.87 -23.04 45.89
N ALA L 212 -25.12 -22.65 46.92
CA ALA L 212 -25.45 -23.01 48.29
C ALA L 212 -26.47 -22.03 48.85
N ASP L 213 -27.50 -22.56 49.53
CA ASP L 213 -28.48 -21.70 50.16
C ASP L 213 -27.90 -20.97 51.37
N ILE L 214 -26.99 -21.60 52.09
CA ILE L 214 -26.36 -21.03 53.28
C ILE L 214 -24.86 -21.13 53.13
N TRP L 215 -24.15 -20.03 53.36
CA TRP L 215 -22.71 -19.95 53.16
C TRP L 215 -22.04 -19.61 54.48
N LEU L 216 -21.27 -20.56 55.02
CA LEU L 216 -20.54 -20.35 56.28
C LEU L 216 -19.08 -19.98 55.97
N ARG L 217 -18.92 -18.80 55.38
CA ARG L 217 -17.59 -18.32 55.00
C ARG L 217 -16.78 -17.99 56.26
N VAL L 218 -15.80 -18.83 56.57
CA VAL L 218 -14.99 -18.66 57.78
C VAL L 218 -13.52 -18.60 57.39
N PRO L 219 -12.72 -17.72 58.01
CA PRO L 219 -11.30 -17.66 57.68
C PRO L 219 -10.58 -18.97 57.96
N SER L 220 -9.45 -19.17 57.28
CA SER L 220 -8.68 -20.40 57.39
C SER L 220 -8.16 -20.59 58.81
N GLY L 221 -8.19 -21.83 59.28
CA GLY L 221 -7.71 -22.16 60.61
C GLY L 221 -8.69 -21.86 61.72
N TYR L 222 -9.89 -21.37 61.40
CA TYR L 222 -10.88 -21.00 62.41
C TYR L 222 -12.15 -21.84 62.28
N ASN L 223 -12.03 -23.07 61.79
CA ASN L 223 -13.18 -23.94 61.64
C ASN L 223 -13.43 -24.83 62.85
N ILE L 224 -12.41 -25.05 63.68
CA ILE L 224 -12.62 -25.73 64.97
C ILE L 224 -13.55 -24.94 65.88
N PRO L 225 -13.38 -23.63 66.09
CA PRO L 225 -14.41 -22.89 66.82
C PRO L 225 -15.75 -22.89 66.13
N LEU L 226 -15.78 -22.93 64.80
CA LEU L 226 -17.05 -22.97 64.08
C LEU L 226 -17.82 -24.25 64.40
N ILE L 227 -17.15 -25.40 64.31
CA ILE L 227 -17.83 -26.66 64.62
C ILE L 227 -18.15 -26.76 66.10
N ASN L 228 -17.30 -26.20 66.97
CA ASN L 228 -17.60 -26.22 68.40
C ASN L 228 -18.84 -25.39 68.72
N GLY L 229 -18.98 -24.21 68.10
CA GLY L 229 -20.18 -23.43 68.28
C GLY L 229 -21.41 -24.10 67.69
N MET L 230 -21.24 -24.78 66.55
CA MET L 230 -22.33 -25.54 65.96
C MET L 230 -22.81 -26.62 66.91
N ILE L 231 -21.87 -27.32 67.55
CA ILE L 231 -22.22 -28.37 68.50
C ILE L 231 -22.87 -27.77 69.74
N HIS L 232 -22.39 -26.61 70.18
CA HIS L 232 -23.00 -25.93 71.33
C HIS L 232 -24.45 -25.56 71.03
N ILE L 233 -24.72 -25.07 69.82
CA ILE L 233 -26.08 -24.71 69.44
C ILE L 233 -26.96 -25.96 69.37
N ILE L 234 -26.47 -27.04 68.76
CA ILE L 234 -27.31 -28.24 68.66
C ILE L 234 -27.49 -28.92 70.02
N ILE L 235 -26.61 -28.66 70.99
CA ILE L 235 -26.82 -29.21 72.33
C ILE L 235 -27.81 -28.35 73.11
N LYS L 236 -27.70 -27.02 73.02
CA LYS L 236 -28.57 -26.14 73.79
C LYS L 236 -30.03 -26.28 73.36
N GLU L 237 -30.27 -26.59 72.08
CA GLU L 237 -31.63 -26.78 71.60
C GLU L 237 -32.13 -28.21 71.82
N GLY L 238 -31.32 -29.09 72.39
CA GLY L 238 -31.74 -30.44 72.69
C GLY L 238 -32.03 -31.31 71.48
N LEU L 239 -31.19 -31.22 70.45
CA LEU L 239 -31.33 -32.04 69.26
C LEU L 239 -30.41 -33.26 69.26
N VAL L 240 -29.92 -33.67 70.42
CA VAL L 240 -29.03 -34.80 70.54
C VAL L 240 -29.85 -36.08 70.64
N LYS L 241 -29.51 -37.07 69.82
CA LYS L 241 -30.16 -38.38 69.85
C LYS L 241 -29.64 -39.12 71.08
N THR L 242 -30.42 -39.07 72.15
CA THR L 242 -29.97 -39.59 73.45
C THR L 242 -29.84 -41.10 73.48
N ASP L 243 -30.64 -41.83 72.69
CA ASP L 243 -30.54 -43.29 72.69
C ASP L 243 -29.20 -43.74 72.12
N PHE L 244 -28.74 -43.09 71.05
CA PHE L 244 -27.48 -43.46 70.42
C PHE L 244 -26.30 -43.22 71.36
N VAL L 245 -26.31 -42.11 72.08
CA VAL L 245 -25.19 -41.81 72.97
C VAL L 245 -25.28 -42.63 74.25
N LYS L 246 -26.48 -43.02 74.67
CA LYS L 246 -26.58 -43.82 75.89
C LYS L 246 -26.38 -45.30 75.63
N ASN L 247 -26.47 -45.73 74.36
CA ASN L 247 -26.33 -47.15 74.08
C ASN L 247 -24.89 -47.52 73.73
N HIS L 248 -24.21 -46.71 72.91
CA HIS L 248 -22.91 -47.07 72.38
C HIS L 248 -21.77 -46.16 72.81
N ALA L 249 -22.04 -44.92 73.20
CA ALA L 249 -20.99 -44.01 73.61
C ALA L 249 -20.65 -44.23 75.09
N VAL L 250 -19.50 -43.67 75.49
CA VAL L 250 -19.01 -43.87 76.85
C VAL L 250 -19.40 -42.73 77.81
N GLY L 251 -19.81 -41.58 77.28
CA GLY L 251 -20.18 -40.47 78.15
C GLY L 251 -20.64 -39.29 77.32
N PHE L 252 -21.20 -38.32 78.02
CA PHE L 252 -21.66 -37.09 77.38
C PHE L 252 -21.14 -35.83 78.05
N GLU L 253 -20.98 -35.85 79.38
CA GLU L 253 -20.59 -34.65 80.11
C GLU L 253 -19.13 -34.26 79.89
N GLU L 254 -18.28 -35.22 79.49
CA GLU L 254 -16.89 -34.88 79.20
C GLU L 254 -16.79 -33.94 78.01
N MET L 255 -17.59 -34.18 76.98
CA MET L 255 -17.65 -33.28 75.83
C MET L 255 -18.33 -31.95 76.21
N ALA L 256 -19.32 -32.02 77.09
CA ALA L 256 -20.02 -30.81 77.53
C ALA L 256 -19.09 -29.89 78.31
N LYS L 257 -18.13 -30.47 79.04
CA LYS L 257 -17.17 -29.68 79.80
C LYS L 257 -16.22 -28.89 78.91
N ALA L 258 -16.16 -29.19 77.62
CA ALA L 258 -15.26 -28.49 76.70
C ALA L 258 -15.99 -27.79 75.56
N VAL L 259 -17.29 -28.03 75.37
CA VAL L 259 -18.02 -27.37 74.30
C VAL L 259 -18.76 -26.12 74.77
N GLU L 260 -19.08 -26.02 76.07
CA GLU L 260 -19.88 -24.88 76.54
C GLU L 260 -19.09 -23.57 76.56
N LYS L 261 -17.76 -23.62 76.47
CA LYS L 261 -16.97 -22.41 76.49
C LYS L 261 -17.14 -21.58 75.22
N TYR L 262 -17.55 -22.21 74.12
CA TYR L 262 -17.79 -21.50 72.88
C TYR L 262 -19.28 -21.21 72.74
N THR L 263 -19.61 -19.95 72.46
CA THR L 263 -20.98 -19.49 72.30
C THR L 263 -21.16 -18.90 70.91
N PRO L 264 -22.40 -18.79 70.41
CA PRO L 264 -22.62 -18.10 69.14
C PRO L 264 -22.05 -16.68 69.09
N GLU L 265 -22.13 -15.95 70.20
CA GLU L 265 -21.52 -14.63 70.26
C GLU L 265 -20.00 -14.72 70.25
N TYR L 266 -19.44 -15.77 70.85
CA TYR L 266 -17.99 -15.95 70.85
C TYR L 266 -17.45 -16.13 69.44
N VAL L 267 -18.04 -17.05 68.68
CA VAL L 267 -17.60 -17.23 67.29
C VAL L 267 -18.03 -16.05 66.43
N GLU L 268 -19.09 -15.35 66.83
CA GLU L 268 -19.50 -14.13 66.12
C GLU L 268 -18.40 -13.08 66.18
N GLU L 269 -17.83 -12.86 67.36
CA GLU L 269 -16.76 -11.89 67.49
C GLU L 269 -15.40 -12.46 67.11
N LEU L 270 -15.27 -13.78 66.99
CA LEU L 270 -13.98 -14.39 66.69
C LEU L 270 -13.75 -14.58 65.20
N THR L 271 -14.77 -14.96 64.43
CA THR L 271 -14.59 -15.27 63.02
C THR L 271 -15.17 -14.22 62.08
N GLY L 272 -16.15 -13.44 62.51
CA GLY L 272 -16.73 -12.43 61.66
C GLY L 272 -17.81 -12.98 60.75
N ILE L 273 -18.74 -13.75 61.31
CA ILE L 273 -19.82 -14.34 60.54
C ILE L 273 -21.14 -13.98 61.23
N PRO L 274 -22.23 -13.91 60.46
CA PRO L 274 -23.53 -13.58 61.05
C PRO L 274 -24.01 -14.65 62.03
N LYS L 275 -24.84 -14.21 62.98
CA LYS L 275 -25.33 -15.08 64.04
C LYS L 275 -26.49 -15.97 63.60
N LYS L 276 -27.36 -15.48 62.71
CA LYS L 276 -28.50 -16.26 62.28
C LYS L 276 -28.11 -17.44 61.40
N ASP L 277 -26.98 -17.34 60.69
CA ASP L 277 -26.54 -18.42 59.83
C ASP L 277 -26.22 -19.68 60.63
N LEU L 278 -25.53 -19.53 61.76
CA LEU L 278 -25.19 -20.69 62.58
C LEU L 278 -26.44 -21.33 63.18
N ILE L 279 -27.37 -20.51 63.67
CA ILE L 279 -28.63 -21.03 64.21
C ILE L 279 -29.38 -21.80 63.13
N LYS L 280 -29.47 -21.22 61.93
CA LYS L 280 -30.15 -21.88 60.83
C LYS L 280 -29.50 -23.21 60.48
N ALA L 281 -28.17 -23.20 60.28
CA ALA L 281 -27.46 -24.39 59.84
C ALA L 281 -27.55 -25.50 60.89
N ALA L 282 -27.46 -25.13 62.18
CA ALA L 282 -27.64 -26.11 63.24
C ALA L 282 -29.05 -26.70 63.22
N ARG L 283 -30.07 -25.86 62.97
CA ARG L 283 -31.42 -26.38 62.87
C ARG L 283 -31.57 -27.36 61.71
N PHE L 284 -31.03 -27.01 60.55
CA PHE L 284 -31.18 -27.89 59.39
C PHE L 284 -30.39 -29.18 59.57
N TYR L 285 -29.25 -29.13 60.26
CA TYR L 285 -28.54 -30.37 60.55
C TYR L 285 -29.27 -31.22 61.58
N GLY L 286 -29.90 -30.59 62.57
CA GLY L 286 -30.55 -31.33 63.63
C GLY L 286 -31.86 -31.97 63.25
N GLN L 287 -32.81 -31.17 62.74
CA GLN L 287 -34.14 -31.71 62.46
C GLN L 287 -34.15 -32.72 61.31
N ALA L 288 -33.15 -32.70 60.44
CA ALA L 288 -33.11 -33.66 59.35
C ALA L 288 -32.48 -34.97 59.81
N GLN L 289 -32.95 -36.08 59.25
CA GLN L 289 -32.49 -37.41 59.63
C GLN L 289 -31.33 -37.91 58.77
N ALA L 290 -30.91 -37.14 57.76
CA ALA L 290 -29.84 -37.55 56.86
C ALA L 290 -28.85 -36.41 56.72
N ALA L 291 -27.56 -36.72 56.91
CA ALA L 291 -26.52 -35.71 56.83
C ALA L 291 -25.20 -36.36 56.42
N ALA L 292 -24.59 -35.82 55.38
CA ALA L 292 -23.31 -36.31 54.86
C ALA L 292 -22.28 -35.20 54.90
N ILE L 293 -21.14 -35.48 55.51
CA ILE L 293 -20.08 -34.48 55.69
C ILE L 293 -18.98 -34.77 54.67
N LEU L 294 -18.93 -33.95 53.63
CA LEU L 294 -17.85 -33.98 52.66
C LEU L 294 -16.73 -33.06 53.12
N TYR L 295 -15.49 -33.40 52.78
CA TYR L 295 -14.43 -32.41 52.88
C TYR L 295 -13.35 -32.70 51.86
N SER L 296 -12.91 -31.63 51.20
CA SER L 296 -11.96 -31.67 50.09
C SER L 296 -10.54 -31.50 50.62
N MET L 297 -9.60 -31.20 49.72
CA MET L 297 -8.18 -31.11 50.08
C MET L 297 -7.88 -29.99 51.05
N GLY L 298 -8.76 -28.98 51.13
CA GLY L 298 -8.43 -27.77 51.88
C GLY L 298 -8.22 -28.03 53.36
N VAL L 299 -9.11 -28.81 53.97
CA VAL L 299 -8.97 -29.11 55.40
C VAL L 299 -7.82 -30.07 55.63
N THR L 300 -7.49 -30.91 54.64
CA THR L 300 -6.49 -31.94 54.81
C THR L 300 -5.06 -31.44 54.64
N GLN L 301 -4.87 -30.21 54.16
CA GLN L 301 -3.55 -29.62 54.04
C GLN L 301 -3.20 -28.71 55.23
N PHE L 302 -3.88 -28.88 56.35
CA PHE L 302 -3.66 -28.07 57.54
C PHE L 302 -2.84 -28.85 58.56
N SER L 303 -2.04 -28.11 59.33
CA SER L 303 -1.16 -28.74 60.31
C SER L 303 -1.95 -29.30 61.49
N HIS L 304 -3.04 -28.62 61.87
CA HIS L 304 -3.84 -29.01 63.03
C HIS L 304 -5.09 -29.78 62.63
N GLY L 305 -5.00 -30.61 61.59
CA GLY L 305 -6.16 -31.34 61.11
C GLY L 305 -6.57 -32.51 61.97
N THR L 306 -5.73 -32.94 62.92
CA THR L 306 -6.04 -34.11 63.73
C THR L 306 -7.29 -33.86 64.59
N GLY L 307 -7.22 -32.88 65.49
CA GLY L 307 -8.37 -32.55 66.30
C GLY L 307 -9.55 -32.06 65.49
N ASN L 308 -9.27 -31.46 64.33
CA ASN L 308 -10.35 -30.97 63.48
C ASN L 308 -11.17 -32.14 62.91
N VAL L 309 -10.50 -33.17 62.39
CA VAL L 309 -11.25 -34.31 61.87
C VAL L 309 -11.84 -35.13 63.02
N VAL L 310 -11.21 -35.09 64.20
CA VAL L 310 -11.82 -35.70 65.37
C VAL L 310 -13.15 -35.02 65.70
N SER L 311 -13.17 -33.69 65.65
CA SER L 311 -14.41 -32.95 65.87
C SER L 311 -15.44 -33.23 64.78
N LEU L 312 -14.98 -33.34 63.52
CA LEU L 312 -15.89 -33.65 62.43
C LEU L 312 -16.55 -35.02 62.62
N ALA L 313 -15.78 -36.01 63.07
CA ALA L 313 -16.36 -37.32 63.35
C ALA L 313 -17.30 -37.28 64.55
N ASN L 314 -16.91 -36.54 65.60
CA ASN L 314 -17.70 -36.56 66.83
C ASN L 314 -18.99 -35.76 66.67
N LEU L 315 -19.02 -34.79 65.75
CA LEU L 315 -20.26 -34.10 65.45
C LEU L 315 -21.30 -35.06 64.88
N ALA L 316 -20.88 -35.92 63.94
CA ALA L 316 -21.79 -36.95 63.42
C ALA L 316 -22.09 -38.00 64.47
N VAL L 317 -21.17 -38.26 65.39
CA VAL L 317 -21.41 -39.20 66.47
C VAL L 317 -22.55 -38.71 67.36
N ILE L 318 -22.50 -37.43 67.74
CA ILE L 318 -23.46 -36.91 68.72
C ILE L 318 -24.85 -36.76 68.10
N THR L 319 -24.96 -36.74 66.78
CA THR L 319 -26.25 -36.58 66.12
C THR L 319 -26.91 -37.92 65.77
N GLY L 320 -26.13 -38.90 65.33
CA GLY L 320 -26.69 -40.19 64.99
C GLY L 320 -26.88 -40.43 63.51
N ASN L 321 -26.21 -39.67 62.66
CA ASN L 321 -26.28 -39.85 61.21
C ASN L 321 -25.14 -40.72 60.68
N LEU L 322 -24.73 -41.71 61.45
CA LEU L 322 -23.62 -42.58 61.08
C LEU L 322 -24.10 -44.02 61.02
N GLY L 323 -23.51 -44.79 60.10
CA GLY L 323 -23.89 -46.18 59.93
C GLY L 323 -25.28 -46.38 59.37
N ARG L 324 -25.79 -45.41 58.62
CA ARG L 324 -27.11 -45.47 58.03
C ARG L 324 -27.00 -45.10 56.54
N PRO L 325 -27.86 -45.65 55.71
CA PRO L 325 -27.81 -45.30 54.27
C PRO L 325 -28.19 -43.84 54.07
N GLY L 326 -27.42 -43.16 53.22
CA GLY L 326 -27.66 -41.77 52.92
C GLY L 326 -27.03 -40.78 53.88
N ALA L 327 -26.24 -41.26 54.85
CA ALA L 327 -25.64 -40.35 55.82
C ALA L 327 -24.32 -40.96 56.29
N GLY L 328 -23.41 -40.09 56.69
CA GLY L 328 -22.12 -40.52 57.19
C GLY L 328 -21.02 -39.55 56.78
N ILE L 329 -19.88 -39.67 57.46
CA ILE L 329 -18.72 -38.83 57.15
C ILE L 329 -18.09 -39.31 55.85
N CYS L 330 -17.59 -38.37 55.07
CA CYS L 330 -17.02 -38.65 53.74
C CYS L 330 -15.65 -38.02 53.58
N PRO L 331 -14.59 -38.72 53.99
CA PRO L 331 -13.25 -38.31 53.56
C PRO L 331 -13.09 -38.51 52.07
N LEU L 332 -12.26 -37.68 51.45
CA LEU L 332 -12.00 -37.75 50.02
C LEU L 332 -10.51 -37.87 49.77
N ARG L 333 -10.15 -38.78 48.87
CA ARG L 333 -8.75 -39.00 48.50
C ARG L 333 -8.49 -38.37 47.14
N GLY L 334 -7.24 -37.95 46.93
CA GLY L 334 -6.85 -37.22 45.75
C GLY L 334 -6.21 -38.02 44.64
N GLN L 335 -6.08 -39.33 44.80
CA GLN L 335 -5.49 -40.16 43.76
C GLN L 335 -6.27 -41.46 43.67
N ASN L 336 -6.11 -42.15 42.53
CA ASN L 336 -6.91 -43.33 42.23
C ASN L 336 -6.65 -44.47 43.20
N ASN L 337 -5.40 -44.65 43.63
CA ASN L 337 -5.02 -45.82 44.42
C ASN L 337 -4.37 -45.41 45.73
N VAL L 338 -4.88 -44.36 46.38
CA VAL L 338 -4.46 -44.08 47.74
C VAL L 338 -4.93 -45.17 48.69
N GLN L 339 -6.19 -45.61 48.53
CA GLN L 339 -6.73 -46.68 49.34
C GLN L 339 -6.03 -48.00 49.07
N GLY L 340 -5.39 -48.15 47.91
CA GLY L 340 -4.55 -49.29 47.64
C GLY L 340 -3.19 -49.24 48.29
N ALA L 341 -2.85 -48.10 48.90
CA ALA L 341 -1.60 -47.96 49.64
C ALA L 341 -1.82 -48.06 51.15
N CYS L 342 -3.04 -48.39 51.58
CA CYS L 342 -3.33 -48.59 53.00
C CYS L 342 -3.79 -50.00 53.32
N ASP L 343 -4.58 -50.63 52.46
CA ASP L 343 -4.99 -52.01 52.68
C ASP L 343 -3.78 -52.94 52.68
N VAL L 344 -2.86 -52.72 51.75
CA VAL L 344 -1.57 -53.37 51.79
C VAL L 344 -0.56 -52.39 52.38
N GLY L 345 0.57 -52.92 52.83
CA GLY L 345 1.55 -52.10 53.53
C GLY L 345 2.35 -51.17 52.64
N ALA L 346 2.08 -49.86 52.74
CA ALA L 346 2.91 -48.86 52.08
C ALA L 346 3.35 -47.78 53.06
N LEU L 347 3.23 -48.05 54.35
CA LEU L 347 3.67 -47.17 55.43
C LEU L 347 4.60 -47.95 56.35
N PRO L 348 5.54 -47.28 57.00
CA PRO L 348 6.57 -48.00 57.77
C PRO L 348 6.06 -48.70 59.02
N ASN L 349 4.78 -48.53 59.40
CA ASN L 349 4.27 -49.17 60.60
C ASN L 349 3.00 -49.97 60.33
N VAL L 350 2.77 -50.40 59.08
CA VAL L 350 1.57 -51.13 58.73
C VAL L 350 1.96 -52.38 57.94
N LEU L 351 1.10 -53.38 58.00
CA LEU L 351 1.18 -54.62 57.25
C LEU L 351 -0.14 -54.83 56.53
N PRO L 352 -0.14 -55.54 55.40
CA PRO L 352 -1.41 -55.84 54.72
C PRO L 352 -2.42 -56.50 55.65
N GLY L 353 -3.65 -56.01 55.61
CA GLY L 353 -4.67 -56.37 56.56
C GLY L 353 -4.85 -55.39 57.71
N TYR L 354 -4.33 -54.16 57.57
CA TYR L 354 -4.38 -53.14 58.63
C TYR L 354 -3.74 -53.65 59.92
N LEU L 355 -2.62 -54.35 59.78
CA LEU L 355 -1.88 -54.90 60.91
C LEU L 355 -0.63 -54.06 61.15
N ASP L 356 -0.34 -53.82 62.43
CA ASP L 356 0.81 -53.02 62.83
C ASP L 356 1.99 -53.94 63.10
N VAL L 357 3.15 -53.58 62.56
CA VAL L 357 4.34 -54.40 62.73
C VAL L 357 4.93 -54.30 64.13
N THR L 358 4.51 -53.30 64.92
CA THR L 358 5.01 -53.16 66.28
C THR L 358 4.51 -54.27 67.19
N LYS L 359 3.44 -54.96 66.82
CA LYS L 359 2.93 -56.08 67.60
C LYS L 359 3.48 -57.38 67.04
N GLU L 360 4.04 -58.21 67.93
CA GLU L 360 4.65 -59.47 67.50
C GLU L 360 3.60 -60.47 67.03
N GLN L 361 2.34 -60.32 67.44
CA GLN L 361 1.29 -61.20 66.95
C GLN L 361 1.07 -61.04 65.45
N ASN L 362 1.13 -59.80 64.96
CA ASN L 362 1.02 -59.55 63.53
C ASN L 362 2.22 -60.05 62.76
N ARG L 363 3.34 -60.29 63.43
CA ARG L 363 4.53 -60.80 62.75
C ARG L 363 4.57 -62.33 62.75
N GLU L 364 4.16 -62.95 63.85
CA GLU L 364 4.24 -64.40 64.00
C GLU L 364 3.14 -65.14 63.25
N ARG L 365 2.21 -64.42 62.60
CA ARG L 365 1.17 -65.09 61.84
C ARG L 365 1.62 -65.50 60.45
N PHE L 366 2.71 -64.92 59.94
CA PHE L 366 3.25 -65.27 58.62
C PHE L 366 4.74 -65.52 58.73
N GLU L 367 5.14 -66.78 58.57
CA GLU L 367 6.56 -67.13 58.41
C GLU L 367 6.85 -67.76 57.06
N LYS L 368 6.18 -68.86 56.71
CA LYS L 368 6.46 -69.58 55.48
C LYS L 368 5.53 -69.20 54.34
N VAL L 369 4.30 -68.79 54.65
CA VAL L 369 3.38 -68.33 53.61
C VAL L 369 3.86 -67.03 53.00
N TRP L 370 4.68 -66.26 53.71
CA TRP L 370 5.22 -65.02 53.19
C TRP L 370 6.63 -65.17 52.62
N GLY L 371 7.40 -66.15 53.09
CA GLY L 371 8.72 -66.39 52.57
C GLY L 371 9.83 -66.23 53.60
N VAL L 372 10.67 -65.21 53.40
CA VAL L 372 11.79 -64.96 54.30
C VAL L 372 11.29 -64.17 55.51
N LYS L 373 11.97 -64.37 56.65
CA LYS L 373 11.57 -63.72 57.89
C LYS L 373 11.68 -62.21 57.78
N LEU L 374 10.76 -61.51 58.47
CA LEU L 374 10.53 -60.08 58.38
C LEU L 374 11.15 -59.35 59.58
N PRO L 375 11.56 -58.10 59.39
CA PRO L 375 11.99 -57.29 60.54
C PRO L 375 10.80 -56.89 61.40
N SER L 376 11.09 -56.62 62.67
CA SER L 376 10.08 -56.25 63.65
C SER L 376 10.15 -54.78 64.08
N ASN L 377 11.00 -53.98 63.45
CA ASN L 377 11.15 -52.59 63.83
C ASN L 377 10.38 -51.67 62.89
N ILE L 378 9.98 -50.50 63.42
CA ILE L 378 9.32 -49.50 62.60
C ILE L 378 10.31 -48.90 61.61
N GLY L 379 9.87 -48.71 60.38
CA GLY L 379 10.74 -48.23 59.33
C GLY L 379 10.92 -46.72 59.35
N LEU L 380 11.35 -46.20 58.21
CA LEU L 380 11.66 -44.78 58.05
C LEU L 380 10.53 -44.08 57.31
N ARG L 381 10.06 -42.96 57.86
CA ARG L 381 8.97 -42.23 57.26
C ARG L 381 9.45 -41.41 56.06
N VAL L 382 8.49 -40.95 55.26
CA VAL L 382 8.82 -40.18 54.05
C VAL L 382 9.39 -38.82 54.42
N THR L 383 8.99 -38.25 55.56
CA THR L 383 9.51 -36.97 55.99
C THR L 383 10.88 -37.07 56.64
N GLU L 384 11.33 -38.28 56.97
CA GLU L 384 12.60 -38.47 57.66
C GLU L 384 13.73 -38.90 56.73
N VAL L 385 13.41 -39.52 55.60
CA VAL L 385 14.45 -40.00 54.68
C VAL L 385 15.24 -38.90 53.99
N PRO L 386 14.75 -37.67 53.78
CA PRO L 386 15.70 -36.61 53.38
C PRO L 386 16.76 -36.33 54.43
N ASP L 387 16.41 -36.42 55.72
CA ASP L 387 17.41 -36.25 56.77
C ASP L 387 18.45 -37.35 56.73
N ALA L 388 18.04 -38.58 56.42
CA ALA L 388 19.01 -39.66 56.27
C ALA L 388 19.86 -39.49 55.01
N ILE L 389 19.29 -38.92 53.95
CA ILE L 389 20.06 -38.63 52.75
C ILE L 389 21.14 -37.60 53.05
N LEU L 390 20.77 -36.52 53.74
CA LEU L 390 21.76 -35.52 54.14
C LEU L 390 22.78 -36.09 55.11
N ASN L 391 22.35 -36.97 56.01
CA ASN L 391 23.24 -37.60 56.97
C ASN L 391 23.94 -38.83 56.40
N LYS L 392 23.69 -39.16 55.13
CA LYS L 392 24.35 -40.26 54.42
C LYS L 392 24.11 -41.60 55.12
N ARG L 393 22.92 -41.77 55.69
CA ARG L 393 22.57 -43.01 56.37
C ARG L 393 21.80 -43.98 55.48
N VAL L 394 21.42 -43.59 54.28
CA VAL L 394 20.75 -44.46 53.32
C VAL L 394 21.45 -44.36 51.98
N ARG L 395 21.55 -45.49 51.28
CA ARG L 395 22.38 -45.59 50.08
C ARG L 395 21.59 -45.54 48.79
N ALA L 396 20.34 -45.98 48.78
CA ALA L 396 19.57 -46.11 47.55
C ALA L 396 18.18 -45.53 47.74
N LEU L 397 17.46 -45.40 46.63
CA LEU L 397 16.09 -44.91 46.64
C LEU L 397 15.40 -45.41 45.36
N TYR L 398 14.13 -45.76 45.49
CA TYR L 398 13.35 -46.33 44.39
C TYR L 398 12.22 -45.36 44.03
N ILE L 399 12.47 -44.50 43.06
CA ILE L 399 11.45 -43.60 42.55
C ILE L 399 10.62 -44.37 41.54
N PHE L 400 9.39 -44.70 41.90
CA PHE L 400 8.52 -45.53 41.07
C PHE L 400 7.31 -44.74 40.61
N GLY L 401 7.11 -44.66 39.29
CA GLY L 401 5.86 -44.22 38.69
C GLY L 401 5.40 -42.83 39.08
N GLU L 402 6.30 -41.95 39.49
CA GLU L 402 5.91 -40.63 39.97
C GLU L 402 7.10 -39.69 39.86
N ASN L 403 6.84 -38.40 40.09
CA ASN L 403 7.84 -37.35 40.00
C ASN L 403 7.80 -36.53 41.28
N PRO L 404 8.43 -37.02 42.36
CA PRO L 404 8.39 -36.34 43.66
C PRO L 404 9.41 -35.23 43.79
N ILE L 405 9.43 -34.33 42.80
CA ILE L 405 10.36 -33.20 42.81
C ILE L 405 9.59 -31.92 42.54
N MET L 406 8.33 -32.05 42.11
CA MET L 406 7.48 -30.92 41.79
C MET L 406 6.26 -30.80 42.68
N SER L 407 5.49 -31.89 42.81
CA SER L 407 4.25 -31.82 43.58
C SER L 407 4.53 -31.70 45.07
N ASP L 408 5.56 -32.38 45.56
CA ASP L 408 5.85 -32.36 46.99
C ASP L 408 6.43 -31.00 47.39
N PRO L 409 6.11 -30.51 48.59
CA PRO L 409 6.62 -29.21 49.02
C PRO L 409 8.10 -29.26 49.36
N ASP L 410 8.69 -28.07 49.44
CA ASP L 410 10.11 -27.88 49.77
C ASP L 410 10.99 -28.63 48.77
N SER L 411 10.83 -28.26 47.50
CA SER L 411 11.45 -29.01 46.40
C SER L 411 12.96 -28.82 46.37
N ASP L 412 13.44 -27.62 46.71
CA ASP L 412 14.87 -27.33 46.60
C ASP L 412 15.70 -28.18 47.57
N HIS L 413 15.16 -28.47 48.76
CA HIS L 413 15.87 -29.33 49.69
C HIS L 413 16.05 -30.74 49.13
N LEU L 414 15.00 -31.28 48.50
CA LEU L 414 15.12 -32.58 47.87
C LEU L 414 16.05 -32.56 46.68
N ARG L 415 16.03 -31.47 45.89
CA ARG L 415 16.92 -31.37 44.75
C ARG L 415 18.38 -31.32 45.18
N HIS L 416 18.67 -30.56 46.24
CA HIS L 416 20.03 -30.56 46.79
C HIS L 416 20.37 -31.89 47.45
N ALA L 417 19.37 -32.61 47.96
CA ALA L 417 19.61 -33.91 48.54
C ALA L 417 19.88 -34.96 47.46
N LEU L 418 19.40 -34.71 46.24
CA LEU L 418 19.50 -35.69 45.17
C LEU L 418 20.93 -35.86 44.65
N GLU L 419 21.87 -35.01 45.07
CA GLU L 419 23.27 -35.17 44.68
C GLU L 419 23.96 -36.18 45.60
N HIS L 420 23.38 -37.37 45.73
CA HIS L 420 23.95 -38.49 46.48
C HIS L 420 23.99 -39.71 45.56
N LEU L 421 24.61 -39.56 44.40
CA LEU L 421 24.54 -40.56 43.34
C LEU L 421 25.44 -41.75 43.62
N ASP L 422 24.87 -42.83 44.16
CA ASP L 422 25.51 -44.13 44.21
C ASP L 422 24.75 -45.16 43.39
N LEU L 423 23.45 -45.28 43.60
CA LEU L 423 22.60 -46.09 42.75
C LEU L 423 21.16 -45.59 42.88
N LEU L 424 20.49 -45.40 41.74
CA LEU L 424 19.13 -44.91 41.72
C LEU L 424 18.36 -45.63 40.62
N ILE L 425 17.18 -46.12 40.98
CA ILE L 425 16.32 -46.86 40.06
C ILE L 425 15.04 -46.07 39.87
N VAL L 426 14.73 -45.72 38.62
CA VAL L 426 13.50 -45.01 38.29
C VAL L 426 12.76 -45.84 37.23
N GLN L 427 11.84 -46.68 37.70
CA GLN L 427 10.97 -47.45 36.80
C GLN L 427 9.75 -46.59 36.46
N ASP L 428 10.00 -45.56 35.64
CA ASP L 428 9.01 -44.53 35.41
C ASP L 428 8.72 -44.32 33.93
N ILE L 429 7.99 -43.25 33.62
CA ILE L 429 7.62 -42.92 32.25
C ILE L 429 8.26 -41.58 31.87
N PHE L 430 7.97 -41.11 30.67
CA PHE L 430 8.66 -39.96 30.10
C PHE L 430 8.39 -38.68 30.88
N LEU L 431 9.26 -37.68 30.64
CA LEU L 431 9.14 -36.32 31.18
C LEU L 431 9.15 -36.35 32.71
N THR L 432 10.28 -36.79 33.26
CA THR L 432 10.57 -36.73 34.68
C THR L 432 12.00 -36.23 34.87
N GLU L 433 12.16 -35.18 35.67
CA GLU L 433 13.49 -34.68 35.97
C GLU L 433 14.23 -35.55 36.97
N THR L 434 13.50 -36.34 37.75
CA THR L 434 14.14 -37.25 38.69
C THR L 434 15.00 -38.29 37.97
N ALA L 435 14.50 -38.81 36.85
CA ALA L 435 15.27 -39.75 36.05
C ALA L 435 16.53 -39.11 35.49
N ARG L 436 16.44 -37.84 35.08
CA ARG L 436 17.62 -37.12 34.64
C ARG L 436 18.62 -36.95 35.78
N LEU L 437 18.13 -36.76 36.99
CA LEU L 437 19.00 -36.70 38.17
C LEU L 437 19.27 -38.08 38.76
N ALA L 438 18.71 -39.14 38.20
CA ALA L 438 18.89 -40.48 38.74
C ALA L 438 20.16 -41.13 38.18
N HIS L 439 20.31 -42.42 38.41
CA HIS L 439 21.45 -43.19 37.95
C HIS L 439 21.09 -44.22 36.90
N VAL L 440 20.07 -45.03 37.15
CA VAL L 440 19.60 -46.04 36.21
C VAL L 440 18.12 -45.80 35.94
N VAL L 441 17.74 -45.79 34.67
CA VAL L 441 16.35 -45.56 34.26
C VAL L 441 15.84 -46.80 33.54
N LEU L 442 14.62 -47.21 33.88
CA LEU L 442 13.97 -48.37 33.29
C LEU L 442 12.56 -47.97 32.86
N PRO L 443 12.15 -48.31 31.64
CA PRO L 443 10.79 -47.96 31.20
C PRO L 443 9.72 -48.75 31.96
N ALA L 444 8.55 -48.13 32.10
CA ALA L 444 7.42 -48.71 32.81
C ALA L 444 6.19 -48.70 31.90
N ALA L 445 5.07 -49.15 32.46
CA ALA L 445 3.83 -49.29 31.72
C ALA L 445 2.73 -48.47 32.39
N CYS L 446 1.92 -47.79 31.58
CA CYS L 446 0.86 -46.94 32.09
C CYS L 446 -0.40 -47.73 32.45
N TRP L 447 -1.51 -47.03 32.67
CA TRP L 447 -2.73 -47.69 33.16
C TRP L 447 -3.34 -48.60 32.11
N ALA L 448 -3.23 -48.23 30.83
CA ALA L 448 -3.82 -49.01 29.75
C ALA L 448 -2.94 -50.17 29.31
N GLU L 449 -1.79 -50.36 29.95
CA GLU L 449 -0.84 -51.39 29.57
C GLU L 449 -0.76 -52.51 30.60
N LYS L 450 -1.47 -52.39 31.71
CA LYS L 450 -1.35 -53.30 32.83
C LYS L 450 -2.61 -54.14 32.95
N ASP L 451 -2.60 -55.06 33.91
CA ASP L 451 -3.79 -55.82 34.27
C ASP L 451 -3.81 -55.90 35.80
N GLY L 452 -4.46 -54.91 36.42
CA GLY L 452 -4.47 -54.81 37.87
C GLY L 452 -5.77 -54.29 38.42
N THR L 453 -5.76 -53.90 39.69
CA THR L 453 -6.98 -53.49 40.39
C THR L 453 -6.82 -52.09 40.96
N PHE L 454 -7.93 -51.35 40.98
CA PHE L 454 -8.00 -50.02 41.55
C PHE L 454 -8.96 -50.02 42.74
N THR L 455 -8.55 -49.35 43.82
CA THR L 455 -9.34 -49.20 45.03
C THR L 455 -9.64 -47.71 45.21
N ASN L 456 -10.89 -47.32 45.00
CA ASN L 456 -11.25 -45.91 44.96
C ASN L 456 -11.40 -45.35 46.37
N THR L 457 -11.82 -44.09 46.47
CA THR L 457 -12.04 -43.47 47.78
C THR L 457 -13.17 -44.15 48.52
N GLU L 458 -14.18 -44.63 47.81
CA GLU L 458 -15.30 -45.34 48.38
C GLU L 458 -15.02 -46.82 48.59
N ARG L 459 -13.73 -47.19 48.71
CA ARG L 459 -13.21 -48.53 48.96
C ARG L 459 -13.75 -49.58 47.99
N ARG L 460 -14.31 -49.15 46.86
CA ARG L 460 -14.76 -50.07 45.82
C ARG L 460 -13.55 -50.59 45.05
N VAL L 461 -13.57 -51.88 44.73
CA VAL L 461 -12.47 -52.54 44.04
C VAL L 461 -12.92 -52.86 42.62
N GLN L 462 -12.22 -52.31 41.63
CA GLN L 462 -12.46 -52.65 40.24
C GLN L 462 -11.16 -53.16 39.61
N ARG L 463 -11.27 -53.69 38.40
CA ARG L 463 -10.11 -54.24 37.70
C ARG L 463 -9.77 -53.41 36.49
N VAL L 464 -8.50 -53.49 36.08
CA VAL L 464 -7.99 -52.81 34.89
C VAL L 464 -7.67 -53.86 33.84
N ARG L 465 -8.18 -53.68 32.64
CA ARG L 465 -7.99 -54.62 31.55
C ARG L 465 -7.11 -54.01 30.48
N LYS L 466 -6.06 -54.72 30.09
CA LYS L 466 -5.11 -54.23 29.10
C LYS L 466 -5.77 -54.16 27.73
N ALA L 467 -5.56 -53.06 27.02
CA ALA L 467 -6.10 -52.87 25.68
C ALA L 467 -5.01 -52.72 24.62
N VAL L 468 -4.06 -51.84 24.84
CA VAL L 468 -3.00 -51.57 23.88
C VAL L 468 -1.74 -52.30 24.34
N GLU L 469 -0.93 -52.74 23.39
CA GLU L 469 0.34 -53.40 23.68
C GLU L 469 1.44 -52.37 23.94
N ALA L 470 2.44 -52.78 24.69
CA ALA L 470 3.44 -51.86 25.21
C ALA L 470 4.34 -51.33 24.10
N PRO L 471 4.72 -50.05 24.14
CA PRO L 471 5.68 -49.54 23.15
C PRO L 471 7.09 -49.97 23.50
N GLY L 472 7.75 -50.62 22.55
CA GLY L 472 9.14 -51.02 22.75
C GLY L 472 9.29 -52.07 23.84
N GLU L 473 10.38 -51.96 24.59
CA GLU L 473 10.71 -52.90 25.65
C GLU L 473 10.18 -52.46 27.01
N ALA L 474 9.26 -51.50 27.05
CA ALA L 474 8.63 -51.11 28.30
C ALA L 474 7.79 -52.26 28.83
N LYS L 475 8.02 -52.63 30.08
CA LYS L 475 7.41 -53.82 30.65
C LYS L 475 6.86 -53.50 32.03
N PRO L 476 5.84 -54.23 32.49
CA PRO L 476 5.32 -54.01 33.83
C PRO L 476 6.35 -54.32 34.91
N ASP L 477 6.19 -53.66 36.06
CA ASP L 477 7.20 -53.70 37.12
C ASP L 477 7.26 -55.05 37.83
N TRP L 478 6.20 -55.86 37.73
CA TRP L 478 6.19 -57.14 38.45
C TRP L 478 7.32 -58.04 37.98
N TRP L 479 7.51 -58.12 36.66
CA TRP L 479 8.56 -58.95 36.10
C TRP L 479 9.93 -58.36 36.40
N ILE L 480 10.02 -57.03 36.51
CA ILE L 480 11.26 -56.38 36.94
C ILE L 480 11.63 -56.83 38.35
N PHE L 481 10.66 -56.77 39.27
CA PHE L 481 10.91 -57.18 40.65
C PHE L 481 11.24 -58.66 40.74
N SER L 482 10.52 -59.50 39.98
CA SER L 482 10.79 -60.93 39.98
C SER L 482 12.19 -61.22 39.47
N GLN L 483 12.61 -60.52 38.42
CA GLN L 483 13.97 -60.70 37.90
C GLN L 483 15.01 -60.30 38.93
N ILE L 484 14.79 -59.17 39.61
CA ILE L 484 15.76 -58.71 40.62
C ILE L 484 15.85 -59.72 41.77
N ALA L 485 14.71 -60.22 42.23
CA ALA L 485 14.70 -61.17 43.33
C ALA L 485 15.35 -62.48 42.93
N GLU L 486 15.09 -62.95 41.71
CA GLU L 486 15.72 -64.18 41.23
C GLU L 486 17.22 -64.01 41.09
N ARG L 487 17.67 -62.83 40.64
CA ARG L 487 19.10 -62.57 40.51
C ARG L 487 19.78 -62.54 41.87
N MET L 488 19.16 -61.91 42.86
CA MET L 488 19.74 -61.99 44.21
C MET L 488 19.53 -63.37 44.81
N GLY L 489 18.42 -64.02 44.48
CA GLY L 489 18.12 -65.34 44.99
C GLY L 489 16.92 -65.33 45.92
N TYR L 490 15.76 -65.72 45.41
CA TYR L 490 14.51 -65.77 46.15
C TYR L 490 14.00 -67.19 46.22
N THR L 491 13.46 -67.57 47.37
CA THR L 491 12.85 -68.88 47.53
C THR L 491 11.63 -69.00 46.62
N GLY L 492 11.72 -69.88 45.63
CA GLY L 492 10.68 -69.98 44.63
C GLY L 492 10.80 -68.88 43.60
N MET L 493 9.72 -68.73 42.81
CA MET L 493 9.70 -67.75 41.74
C MET L 493 8.26 -67.28 41.59
N GLN L 494 8.05 -65.97 41.76
CA GLN L 494 6.71 -65.39 41.81
C GLN L 494 6.38 -64.67 40.51
N TYR L 495 5.12 -64.23 40.43
CA TYR L 495 4.56 -63.54 39.26
C TYR L 495 4.63 -64.43 38.01
N ASN L 496 3.86 -65.52 38.07
CA ASN L 496 3.48 -66.20 36.84
C ASN L 496 2.49 -65.34 36.06
N ASN L 497 1.49 -64.80 36.75
CA ASN L 497 0.56 -63.83 36.19
C ASN L 497 0.01 -63.00 37.35
N VAL L 498 -0.80 -61.99 37.01
CA VAL L 498 -1.39 -61.15 38.04
C VAL L 498 -2.43 -61.91 38.85
N GLN L 499 -3.04 -62.93 38.25
CA GLN L 499 -4.08 -63.69 38.94
C GLN L 499 -3.52 -64.45 40.14
N GLU L 500 -2.31 -65.02 39.99
CA GLU L 500 -1.68 -65.71 41.11
C GLU L 500 -1.39 -64.74 42.25
N ILE L 501 -0.92 -63.53 41.93
CA ILE L 501 -0.64 -62.53 42.95
C ILE L 501 -1.92 -62.13 43.68
N TRP L 502 -3.00 -61.91 42.94
CA TRP L 502 -4.25 -61.53 43.59
C TRP L 502 -4.80 -62.67 44.43
N ASP L 503 -4.63 -63.92 43.97
CA ASP L 503 -5.06 -65.07 44.77
C ASP L 503 -4.25 -65.17 46.06
N GLU L 504 -2.95 -64.88 45.99
CA GLU L 504 -2.13 -64.88 47.20
C GLU L 504 -2.56 -63.78 48.16
N VAL L 505 -2.94 -62.62 47.62
CA VAL L 505 -3.49 -61.55 48.46
C VAL L 505 -4.77 -62.00 49.13
N ARG L 506 -5.64 -62.70 48.39
CA ARG L 506 -6.86 -63.22 48.99
C ARG L 506 -6.54 -64.23 50.08
N LYS L 507 -5.54 -65.07 49.87
CA LYS L 507 -5.20 -66.11 50.84
C LYS L 507 -4.61 -65.54 52.12
N ILE L 508 -3.74 -64.53 52.00
CA ILE L 508 -3.00 -64.07 53.18
C ILE L 508 -3.92 -63.36 54.17
N VAL L 509 -4.91 -62.61 53.69
CA VAL L 509 -5.80 -61.84 54.56
C VAL L 509 -7.26 -62.16 54.26
N PRO L 510 -7.73 -63.39 54.54
CA PRO L 510 -9.13 -63.72 54.23
C PRO L 510 -10.14 -63.04 55.13
N GLU L 511 -9.72 -62.49 56.27
CA GLU L 511 -10.67 -61.86 57.18
C GLU L 511 -11.23 -60.57 56.60
N LYS L 512 -10.40 -59.79 55.91
CA LYS L 512 -10.88 -58.55 55.31
C LYS L 512 -11.53 -58.82 53.95
N PHE L 513 -10.76 -59.33 53.00
CA PHE L 513 -11.30 -59.65 51.68
C PHE L 513 -10.66 -60.97 51.21
N GLY L 514 -11.51 -61.97 51.00
CA GLY L 514 -11.07 -63.24 50.47
C GLY L 514 -11.96 -63.68 49.31
N GLY L 515 -13.07 -62.96 49.13
CA GLY L 515 -14.01 -63.22 48.06
C GLY L 515 -13.93 -62.26 46.89
N ILE L 516 -12.87 -61.46 46.80
CA ILE L 516 -12.73 -60.51 45.70
C ILE L 516 -11.92 -61.21 44.61
N SER L 517 -12.61 -61.96 43.76
CA SER L 517 -12.00 -62.71 42.68
C SER L 517 -12.38 -62.09 41.33
N TYR L 518 -11.75 -62.61 40.28
CA TYR L 518 -11.95 -62.04 38.95
C TYR L 518 -13.35 -62.30 38.43
N ALA L 519 -13.96 -63.43 38.79
CA ALA L 519 -15.28 -63.77 38.26
C ALA L 519 -16.34 -62.79 38.74
N ARG L 520 -16.33 -62.45 40.02
CA ARG L 520 -17.33 -61.52 40.56
C ARG L 520 -17.15 -60.14 39.97
N LEU L 521 -15.90 -59.67 39.84
CA LEU L 521 -15.66 -58.35 39.28
C LEU L 521 -15.97 -58.32 37.78
N GLU L 522 -15.89 -59.47 37.11
CA GLU L 522 -16.36 -59.57 35.73
C GLU L 522 -17.88 -59.51 35.66
N LYS L 523 -18.56 -60.11 36.63
CA LYS L 523 -20.03 -60.11 36.65
C LYS L 523 -20.59 -58.84 37.29
N GLU L 524 -20.23 -58.58 38.55
CA GLU L 524 -20.72 -57.41 39.25
C GLU L 524 -19.95 -56.17 38.82
N LYS L 525 -20.49 -55.00 39.15
CA LYS L 525 -19.85 -53.72 38.86
C LYS L 525 -18.92 -53.30 39.98
N GLY L 526 -18.01 -54.20 40.36
CA GLY L 526 -17.06 -53.92 41.42
C GLY L 526 -17.60 -54.25 42.80
N LEU L 527 -16.71 -54.61 43.71
CA LEU L 527 -17.07 -54.93 45.09
C LEU L 527 -16.24 -54.07 46.03
N ALA L 528 -16.75 -53.87 47.23
CA ALA L 528 -16.09 -53.06 48.25
C ALA L 528 -15.84 -53.91 49.49
N TRP L 529 -14.60 -53.91 49.96
CA TRP L 529 -14.24 -54.64 51.16
C TRP L 529 -14.87 -53.96 52.39
N PRO L 530 -15.13 -54.71 53.47
CA PRO L 530 -14.88 -56.13 53.73
C PRO L 530 -15.79 -57.11 52.98
N CYS L 531 -15.26 -58.30 52.71
CA CYS L 531 -15.98 -59.38 52.05
C CYS L 531 -15.26 -60.68 52.36
N PRO L 532 -15.52 -61.28 53.54
CA PRO L 532 -14.70 -62.42 53.98
C PRO L 532 -14.95 -63.71 53.23
N THR L 533 -16.03 -63.81 52.47
CA THR L 533 -16.37 -65.03 51.75
C THR L 533 -16.75 -64.68 50.31
N GLU L 534 -16.86 -65.72 49.48
CA GLU L 534 -17.11 -65.50 48.06
C GLU L 534 -18.55 -65.09 47.79
N ASP L 535 -19.52 -65.70 48.47
CA ASP L 535 -20.92 -65.44 48.15
C ASP L 535 -21.45 -64.15 48.75
N HIS L 536 -20.68 -63.47 49.60
CA HIS L 536 -21.12 -62.20 50.17
C HIS L 536 -21.18 -61.12 49.10
N THR L 537 -22.10 -60.18 49.29
CA THR L 537 -22.34 -59.11 48.33
C THR L 537 -21.63 -57.81 48.71
N GLY L 538 -20.78 -57.84 49.72
CA GLY L 538 -20.09 -56.65 50.16
C GLY L 538 -20.86 -55.89 51.23
N THR L 539 -20.16 -55.01 51.92
CA THR L 539 -20.77 -54.25 53.01
C THR L 539 -21.59 -53.05 52.53
N PRO L 540 -21.12 -52.23 51.55
CA PRO L 540 -22.05 -51.16 51.20
C PRO L 540 -22.88 -51.48 49.96
N GLY L 546 -25.42 -48.54 53.06
CA GLY L 546 -24.19 -47.77 52.96
C GLY L 546 -23.31 -47.92 54.18
N LYS L 547 -23.52 -48.99 54.93
CA LYS L 547 -22.70 -49.28 56.09
C LYS L 547 -21.29 -49.66 55.67
N PHE L 548 -20.32 -49.30 56.51
CA PHE L 548 -18.97 -49.79 56.30
C PHE L 548 -18.76 -51.05 57.13
N ALA L 549 -18.82 -50.90 58.45
CA ALA L 549 -18.93 -52.05 59.32
C ALA L 549 -19.76 -51.79 60.58
N THR L 550 -20.37 -50.62 60.72
CA THR L 550 -20.77 -50.15 62.03
C THR L 550 -22.11 -50.72 62.55
N PRO L 551 -23.20 -50.81 61.75
CA PRO L 551 -24.29 -51.68 62.20
C PRO L 551 -23.88 -53.08 62.66
N CYS L 567 -24.67 -49.35 66.10
CA CYS L 567 -23.43 -49.57 66.80
C CYS L 567 -22.33 -48.70 66.21
N ILE L 568 -21.57 -48.02 67.06
CA ILE L 568 -20.28 -47.44 66.68
C ILE L 568 -19.22 -48.23 67.44
N CYS L 569 -18.83 -49.36 66.85
CA CYS L 569 -18.05 -50.37 67.54
C CYS L 569 -17.07 -51.05 66.58
N ASP L 570 -16.39 -50.27 65.75
CA ASP L 570 -15.26 -50.79 64.97
C ASP L 570 -13.98 -50.85 65.78
N GLU L 571 -13.93 -50.21 66.95
CA GLU L 571 -12.79 -50.29 67.83
C GLU L 571 -12.72 -51.67 68.49
N GLY L 572 -11.51 -52.05 68.90
CA GLY L 572 -11.35 -53.33 69.58
C GLY L 572 -12.09 -53.39 70.90
N ALA L 573 -12.32 -52.24 71.53
CA ALA L 573 -13.08 -52.18 72.77
C ALA L 573 -14.59 -52.16 72.54
N GLU L 574 -15.03 -52.18 71.28
CA GLU L 574 -16.45 -52.21 70.91
C GLU L 574 -17.18 -50.94 71.39
N LYS L 575 -16.42 -49.87 71.62
CA LYS L 575 -17.00 -48.62 72.11
C LYS L 575 -16.06 -47.48 71.72
N GLN L 576 -16.63 -46.42 71.15
CA GLN L 576 -15.84 -45.26 70.76
C GLN L 576 -15.67 -44.30 71.94
N ASP L 577 -14.60 -43.50 71.86
CA ASP L 577 -14.29 -42.52 72.88
C ASP L 577 -14.30 -41.11 72.26
N PHE L 578 -13.90 -40.13 73.06
CA PHE L 578 -13.84 -38.74 72.64
C PHE L 578 -12.50 -38.14 73.00
N ASN L 579 -12.15 -37.06 72.31
CA ASN L 579 -10.96 -36.28 72.62
C ASN L 579 -11.35 -34.82 72.72
N HIS L 580 -10.99 -34.19 73.83
CA HIS L 580 -11.29 -32.78 74.02
C HIS L 580 -10.42 -31.93 73.10
N VAL L 581 -11.01 -30.88 72.54
CA VAL L 581 -10.34 -30.03 71.56
C VAL L 581 -10.12 -28.65 72.16
N ILE L 582 -9.19 -27.92 71.54
CA ILE L 582 -8.85 -26.56 71.96
C ILE L 582 -8.30 -25.82 70.76
N VAL L 583 -8.54 -24.51 70.71
CA VAL L 583 -8.02 -23.70 69.62
C VAL L 583 -6.50 -23.60 69.75
N GLY L 584 -5.81 -23.75 68.63
CA GLY L 584 -4.36 -23.74 68.61
C GLY L 584 -3.79 -22.35 68.37
N SER L 585 -2.50 -22.33 68.03
CA SER L 585 -1.79 -21.10 67.74
C SER L 585 -1.10 -21.22 66.38
N ILE L 586 -0.88 -20.08 65.74
CA ILE L 586 -0.24 -20.04 64.44
C ILE L 586 1.24 -20.40 64.55
N ASP L 591 1.70 -12.49 60.50
CA ASP L 591 2.09 -11.35 61.31
C ASP L 591 2.18 -10.08 60.48
N GLU L 592 2.90 -9.07 61.00
CA GLU L 592 3.06 -7.83 60.27
C GLU L 592 3.95 -8.01 59.05
N GLU L 593 4.98 -8.87 59.16
CA GLU L 593 5.88 -9.09 58.04
C GLU L 593 5.18 -9.83 56.89
N TYR L 594 4.30 -10.77 57.23
CA TYR L 594 3.56 -11.56 56.24
C TYR L 594 2.07 -11.46 56.55
N PRO L 595 1.43 -10.36 56.17
CA PRO L 595 0.00 -10.19 56.48
C PRO L 595 -0.92 -11.04 55.62
N PHE L 596 -0.44 -11.62 54.54
CA PHE L 596 -1.27 -12.36 53.60
C PHE L 596 -1.07 -13.85 53.77
N THR L 597 -2.18 -14.58 53.95
CA THR L 597 -2.13 -16.03 54.07
C THR L 597 -2.10 -16.66 52.68
N LEU L 598 -1.16 -17.57 52.47
CA LEU L 598 -0.99 -18.24 51.18
C LEU L 598 -1.51 -19.67 51.27
N THR L 599 -2.36 -20.04 50.31
CA THR L 599 -2.93 -21.37 50.25
C THR L 599 -2.83 -21.89 48.82
N THR L 600 -3.01 -23.21 48.68
CA THR L 600 -2.92 -23.86 47.38
C THR L 600 -3.85 -25.07 47.36
N GLY L 601 -4.18 -25.51 46.15
CA GLY L 601 -5.05 -26.66 45.97
C GLY L 601 -4.54 -27.64 44.93
N ALA M 6 -10.54 -35.69 -41.44
CA ALA M 6 -11.28 -34.67 -40.73
C ALA M 6 -11.23 -33.34 -41.47
N ILE M 7 -12.13 -32.43 -41.12
CA ILE M 7 -12.16 -31.08 -41.68
C ILE M 7 -12.03 -30.02 -40.58
N ILE M 8 -12.84 -30.12 -39.55
CA ILE M 8 -12.78 -29.21 -38.42
C ILE M 8 -12.09 -29.94 -37.27
N ASN M 9 -11.00 -29.36 -36.78
CA ASN M 9 -10.24 -29.92 -35.68
C ASN M 9 -10.02 -28.85 -34.62
N ILE M 10 -9.48 -29.29 -33.48
CA ILE M 10 -9.07 -28.38 -32.41
C ILE M 10 -7.71 -28.83 -31.92
N ASP M 11 -6.71 -27.96 -32.08
CA ASP M 11 -5.37 -28.29 -31.60
C ASP M 11 -5.35 -28.33 -30.09
N GLN M 12 -4.70 -29.36 -29.54
CA GLN M 12 -4.63 -29.54 -28.10
C GLN M 12 -3.47 -28.80 -27.45
N GLU M 13 -2.56 -28.24 -28.24
CA GLU M 13 -1.48 -27.44 -27.72
C GLU M 13 -1.84 -25.97 -27.59
N LEU M 14 -2.92 -25.53 -28.24
CA LEU M 14 -3.31 -24.13 -28.26
C LEU M 14 -4.68 -23.88 -27.65
N CYS M 15 -5.56 -24.88 -27.60
CA CYS M 15 -6.87 -24.68 -27.00
C CYS M 15 -6.75 -24.44 -25.50
N THR M 16 -7.60 -23.58 -24.99
CA THR M 16 -7.54 -23.17 -23.60
C THR M 16 -8.83 -23.46 -22.82
N GLY M 17 -9.81 -24.08 -23.45
CA GLY M 17 -11.05 -24.39 -22.76
C GLY M 17 -11.87 -23.18 -22.37
N CYS M 18 -12.03 -22.21 -23.27
CA CYS M 18 -12.88 -21.07 -22.96
C CYS M 18 -14.35 -21.33 -23.27
N ARG M 19 -14.66 -22.43 -23.96
CA ARG M 19 -16.02 -22.89 -24.23
C ARG M 19 -16.85 -21.91 -25.04
N ARG M 20 -16.22 -20.90 -25.64
CA ARG M 20 -16.98 -19.93 -26.44
C ARG M 20 -17.51 -20.56 -27.71
N CYS M 21 -16.68 -21.33 -28.42
CA CYS M 21 -17.12 -21.96 -29.66
C CYS M 21 -18.22 -22.99 -29.44
N ALA M 22 -18.36 -23.50 -28.22
CA ALA M 22 -19.47 -24.39 -27.91
C ALA M 22 -20.81 -23.67 -27.85
N GLU M 23 -20.81 -22.35 -27.76
CA GLU M 23 -22.03 -21.57 -27.61
C GLU M 23 -22.59 -21.10 -28.94
N VAL M 24 -22.02 -21.53 -30.06
CA VAL M 24 -22.49 -21.08 -31.36
C VAL M 24 -22.85 -22.22 -32.30
N CYS M 25 -22.28 -23.43 -32.16
CA CYS M 25 -22.66 -24.47 -33.12
C CYS M 25 -23.98 -25.12 -32.71
N PRO M 26 -24.91 -25.32 -33.65
CA PRO M 26 -26.24 -25.80 -33.29
C PRO M 26 -26.30 -27.24 -32.84
N VAL M 27 -25.35 -28.07 -33.26
CA VAL M 27 -25.37 -29.50 -32.94
C VAL M 27 -24.79 -29.78 -31.56
N ASP M 28 -23.94 -28.91 -31.03
CA ASP M 28 -23.23 -29.11 -29.76
C ASP M 28 -22.40 -30.40 -29.82
N ALA M 29 -21.52 -30.45 -30.81
CA ALA M 29 -20.59 -31.56 -30.98
C ALA M 29 -19.26 -31.31 -30.27
N ILE M 30 -19.14 -30.22 -29.52
CA ILE M 30 -17.89 -29.89 -28.83
C ILE M 30 -17.95 -30.48 -27.43
N GLU M 31 -17.08 -31.43 -27.15
CA GLU M 31 -17.09 -32.19 -25.91
C GLU M 31 -15.87 -31.84 -25.09
N GLY M 32 -16.09 -31.50 -23.82
CA GLY M 32 -14.98 -31.16 -22.95
C GLY M 32 -15.48 -30.72 -21.59
N GLU M 33 -14.63 -29.98 -20.88
CA GLU M 33 -14.93 -29.48 -19.55
C GLU M 33 -14.91 -27.96 -19.57
N LYS M 34 -15.09 -27.37 -18.38
CA LYS M 34 -14.95 -25.92 -18.24
C LYS M 34 -13.51 -25.48 -18.48
N GLY M 35 -12.54 -26.34 -18.17
CA GLY M 35 -11.16 -26.16 -18.58
C GLY M 35 -10.75 -27.25 -19.55
N LYS M 36 -9.45 -27.27 -19.84
CA LYS M 36 -8.76 -28.30 -20.63
C LYS M 36 -9.18 -28.26 -22.10
N PRO M 37 -8.34 -28.75 -23.01
CA PRO M 37 -8.72 -28.72 -24.44
C PRO M 37 -9.91 -29.60 -24.75
N GLN M 38 -10.68 -29.18 -25.75
CA GLN M 38 -11.89 -29.86 -26.18
C GLN M 38 -11.58 -30.78 -27.36
N LYS M 39 -12.63 -31.34 -27.95
CA LYS M 39 -12.50 -32.18 -29.14
C LYS M 39 -13.82 -32.18 -29.89
N ILE M 40 -13.72 -32.21 -31.21
CA ILE M 40 -14.89 -32.14 -32.09
C ILE M 40 -15.42 -33.55 -32.33
N ASN M 41 -16.71 -33.75 -32.10
CA ASN M 41 -17.38 -35.01 -32.42
C ASN M 41 -17.61 -35.02 -33.93
N THR M 42 -16.61 -35.50 -34.67
CA THR M 42 -16.61 -35.39 -36.12
C THR M 42 -17.67 -36.25 -36.80
N GLU M 43 -18.29 -37.19 -36.08
CA GLU M 43 -19.31 -38.03 -36.69
C GLU M 43 -20.69 -37.38 -36.69
N VAL M 44 -20.86 -36.26 -35.99
CA VAL M 44 -22.15 -35.58 -35.93
C VAL M 44 -22.04 -34.12 -36.34
N CYS M 45 -20.83 -33.58 -36.49
CA CYS M 45 -20.65 -32.18 -36.85
C CYS M 45 -21.17 -31.90 -38.26
N VAL M 46 -21.87 -30.77 -38.41
CA VAL M 46 -22.44 -30.37 -39.69
C VAL M 46 -21.50 -29.47 -40.48
N MET M 47 -20.30 -29.21 -39.96
CA MET M 47 -19.26 -28.43 -40.65
C MET M 47 -19.76 -27.04 -41.02
N CYS M 48 -20.41 -26.38 -40.07
CA CYS M 48 -20.90 -25.02 -40.30
C CYS M 48 -19.76 -24.02 -40.31
N GLY M 49 -18.82 -24.15 -39.38
CA GLY M 49 -17.63 -23.32 -39.38
C GLY M 49 -17.59 -22.21 -38.37
N GLN M 50 -18.70 -21.92 -37.69
CA GLN M 50 -18.73 -20.81 -36.74
C GLN M 50 -17.96 -21.08 -35.45
N CYS M 51 -17.46 -22.30 -35.25
CA CYS M 51 -16.54 -22.56 -34.15
C CYS M 51 -15.12 -22.17 -34.48
N VAL M 52 -14.84 -21.84 -35.75
CA VAL M 52 -13.52 -21.36 -36.13
C VAL M 52 -13.37 -19.87 -35.87
N GLN M 53 -14.35 -19.07 -36.32
CA GLN M 53 -14.27 -17.63 -36.22
C GLN M 53 -14.48 -17.11 -34.80
N LYS M 54 -14.98 -17.93 -33.90
CA LYS M 54 -15.14 -17.55 -32.50
C LYS M 54 -13.89 -17.86 -31.68
N CYS M 55 -12.93 -18.56 -32.27
CA CYS M 55 -11.71 -18.94 -31.57
C CYS M 55 -10.75 -17.77 -31.52
N SER M 56 -10.04 -17.64 -30.39
CA SER M 56 -9.12 -16.53 -30.23
C SER M 56 -7.81 -16.92 -29.55
N SER M 57 -7.46 -18.20 -29.49
CA SER M 57 -6.13 -18.61 -29.06
C SER M 57 -5.20 -18.61 -30.26
N TYR M 58 -4.01 -18.01 -30.10
CA TYR M 58 -3.23 -17.62 -31.25
C TYR M 58 -1.73 -17.88 -31.09
N ALA M 59 -1.33 -18.82 -30.23
CA ALA M 59 -0.01 -18.89 -29.61
C ALA M 59 1.13 -18.55 -30.56
N SER M 60 1.93 -17.57 -30.16
CA SER M 60 2.98 -17.00 -30.99
C SER M 60 4.18 -17.95 -31.07
N TYR M 61 5.18 -17.54 -31.86
CA TYR M 61 6.34 -18.38 -32.12
C TYR M 61 7.62 -17.81 -31.50
N PHE M 62 7.50 -17.02 -30.43
CA PHE M 62 8.66 -16.57 -29.69
C PHE M 62 9.02 -17.50 -28.54
N ASP M 63 8.37 -18.67 -28.46
CA ASP M 63 8.71 -19.70 -27.49
C ASP M 63 8.90 -21.03 -28.21
N GLU M 64 9.76 -21.87 -27.65
CA GLU M 64 10.07 -23.17 -28.23
C GLU M 64 9.39 -24.33 -27.50
N SER M 65 8.44 -24.04 -26.60
CA SER M 65 7.74 -25.08 -25.89
C SER M 65 6.71 -25.81 -26.75
N ILE M 66 6.43 -25.31 -27.95
CA ILE M 66 5.44 -25.90 -28.83
C ILE M 66 6.10 -26.30 -30.15
N THR M 67 5.30 -26.76 -31.10
CA THR M 67 5.81 -27.14 -32.41
C THR M 67 6.45 -25.93 -33.10
N PRO M 68 7.47 -26.15 -33.94
CA PRO M 68 8.30 -25.03 -34.40
C PRO M 68 7.67 -24.14 -35.47
N ARG M 69 6.36 -24.21 -35.68
CA ARG M 69 5.56 -23.34 -36.53
C ARG M 69 5.84 -23.56 -38.02
N ASN M 70 6.82 -24.39 -38.37
CA ASN M 70 7.05 -24.78 -39.76
C ASN M 70 6.37 -26.10 -40.11
N VAL M 71 6.36 -27.05 -39.18
CA VAL M 71 5.60 -28.28 -39.38
C VAL M 71 4.10 -28.03 -39.20
N LYS M 72 3.72 -26.95 -38.50
CA LYS M 72 2.31 -26.63 -38.31
C LYS M 72 1.65 -26.30 -39.64
N LEU M 73 2.37 -25.62 -40.54
CA LEU M 73 1.82 -25.29 -41.85
C LEU M 73 1.63 -26.52 -42.73
N GLN M 74 2.20 -27.67 -42.36
CA GLN M 74 1.95 -28.91 -43.07
C GLN M 74 0.72 -29.64 -42.54
N GLU M 75 0.51 -29.59 -41.22
CA GLU M 75 -0.68 -30.22 -40.65
C GLU M 75 -1.95 -29.50 -41.08
N ARG M 76 -1.95 -28.16 -41.04
CA ARG M 76 -3.13 -27.40 -41.41
C ARG M 76 -3.38 -27.40 -42.91
N GLY M 77 -2.41 -27.82 -43.71
CA GLY M 77 -2.58 -27.81 -45.14
C GLY M 77 -2.48 -26.45 -45.80
N MET M 78 -2.04 -25.43 -45.07
CA MET M 78 -1.92 -24.10 -45.62
C MET M 78 -0.62 -23.96 -46.42
N LEU M 79 -0.50 -22.84 -47.12
CA LEU M 79 0.72 -22.54 -47.83
C LEU M 79 1.85 -22.21 -46.86
N ASP M 80 3.08 -22.32 -47.35
CA ASP M 80 4.26 -22.13 -46.50
C ASP M 80 4.76 -20.69 -46.50
N SER M 81 4.04 -19.76 -47.14
CA SER M 81 4.44 -18.36 -47.22
C SER M 81 3.26 -17.46 -46.89
N VAL M 82 2.59 -17.74 -45.78
CA VAL M 82 1.43 -16.97 -45.35
C VAL M 82 1.76 -16.04 -44.19
N LYS M 83 2.57 -16.49 -43.24
CA LYS M 83 3.07 -15.74 -42.08
C LYS M 83 1.95 -14.99 -41.33
N GLU M 84 0.72 -15.46 -41.45
CA GLU M 84 -0.38 -14.93 -40.65
C GLU M 84 -0.46 -15.70 -39.33
N PRO M 85 -1.10 -15.13 -38.31
CA PRO M 85 -1.25 -15.86 -37.05
C PRO M 85 -2.07 -17.13 -37.24
N LEU M 86 -1.67 -18.19 -36.52
CA LEU M 86 -2.34 -19.47 -36.59
C LEU M 86 -3.17 -19.67 -35.32
N PHE M 87 -4.44 -20.02 -35.51
CA PHE M 87 -5.38 -20.13 -34.41
C PHE M 87 -5.49 -21.60 -33.97
N ALA M 88 -6.40 -21.87 -33.03
CA ALA M 88 -6.58 -23.22 -32.53
C ALA M 88 -7.58 -24.01 -33.36
N ALA M 89 -8.82 -23.51 -33.45
CA ALA M 89 -9.85 -24.19 -34.23
C ALA M 89 -9.61 -23.93 -35.70
N TYR M 90 -8.79 -24.80 -36.32
CA TYR M 90 -8.33 -24.58 -37.68
C TYR M 90 -9.15 -25.37 -38.68
N ASN M 91 -9.41 -24.77 -39.83
CA ASN M 91 -9.95 -25.47 -40.97
C ASN M 91 -8.85 -26.28 -41.64
N LEU M 92 -9.25 -27.25 -42.46
CA LEU M 92 -8.29 -27.99 -43.26
C LEU M 92 -8.01 -27.26 -44.56
N GLY M 93 -6.74 -27.20 -44.94
CA GLY M 93 -6.31 -26.42 -46.08
C GLY M 93 -6.14 -27.26 -47.34
N TYR M 94 -6.53 -26.68 -48.47
CA TYR M 94 -6.42 -27.34 -49.77
C TYR M 94 -5.69 -26.48 -50.79
N ALA M 95 -4.96 -25.46 -50.34
CA ALA M 95 -4.29 -24.56 -51.28
C ALA M 95 -3.11 -25.23 -51.97
N ARG M 96 -2.41 -26.13 -51.28
CA ARG M 96 -1.22 -26.77 -51.85
C ARG M 96 -1.59 -27.63 -53.06
N GLN M 97 -2.68 -28.38 -52.96
CA GLN M 97 -3.10 -29.21 -54.10
C GLN M 97 -3.51 -28.35 -55.28
N VAL M 98 -4.14 -27.21 -55.01
CA VAL M 98 -4.47 -26.27 -56.09
C VAL M 98 -3.19 -25.77 -56.74
N LYS M 99 -2.18 -25.43 -55.95
CA LYS M 99 -0.91 -24.96 -56.49
C LYS M 99 -0.25 -26.03 -57.36
N GLU M 100 -0.24 -27.28 -56.87
CA GLU M 100 0.35 -28.37 -57.65
C GLU M 100 -0.41 -28.61 -58.95
N ALA M 101 -1.73 -28.48 -58.93
CA ALA M 101 -2.49 -28.59 -60.17
C ALA M 101 -2.17 -27.44 -61.12
N LEU M 102 -1.95 -26.24 -60.58
CA LEU M 102 -1.58 -25.10 -61.42
C LEU M 102 -0.20 -25.27 -62.02
N GLU M 103 0.70 -25.99 -61.35
CA GLU M 103 2.03 -26.22 -61.90
C GLU M 103 1.99 -27.09 -63.15
N ASN M 104 1.06 -28.03 -63.22
CA ASN M 104 0.94 -28.90 -64.39
C ASN M 104 0.31 -28.13 -65.54
N PRO M 105 0.98 -28.00 -66.68
CA PRO M 105 0.39 -27.30 -67.83
C PRO M 105 -0.46 -28.18 -68.75
N GLN M 106 -0.77 -29.41 -68.37
CA GLN M 106 -1.54 -30.31 -69.20
C GLN M 106 -3.01 -30.37 -68.80
N LEU M 107 -3.46 -29.53 -67.89
CA LEU M 107 -4.83 -29.56 -67.37
C LEU M 107 -5.57 -28.32 -67.84
N PHE M 108 -6.69 -28.52 -68.55
CA PHE M 108 -7.59 -27.44 -68.92
C PHE M 108 -8.31 -26.96 -67.67
N LYS M 109 -7.82 -25.88 -67.09
CA LYS M 109 -8.23 -25.46 -65.75
C LYS M 109 -9.38 -24.46 -65.82
N VAL M 110 -10.43 -24.74 -65.06
CA VAL M 110 -11.57 -23.85 -64.93
C VAL M 110 -11.78 -23.56 -63.44
N VAL M 111 -12.26 -22.35 -63.14
CA VAL M 111 -12.51 -21.95 -61.77
C VAL M 111 -13.92 -21.35 -61.70
N GLN M 112 -14.50 -21.39 -60.52
CA GLN M 112 -15.85 -20.89 -60.27
C GLN M 112 -15.82 -19.78 -59.22
N CYS M 113 -16.73 -18.83 -59.38
CA CYS M 113 -16.86 -17.71 -58.45
C CYS M 113 -18.25 -17.74 -57.81
N ALA M 114 -18.29 -17.67 -56.49
CA ALA M 114 -19.53 -17.65 -55.72
C ALA M 114 -20.07 -16.22 -55.61
N PRO M 115 -21.38 -16.05 -55.33
CA PRO M 115 -21.89 -14.69 -55.11
C PRO M 115 -21.71 -14.22 -53.68
N ALA M 116 -20.59 -14.56 -53.07
CA ALA M 116 -20.13 -13.87 -51.86
C ALA M 116 -18.63 -13.67 -51.83
N ILE M 117 -17.89 -14.07 -52.86
CA ILE M 117 -16.45 -13.86 -52.90
C ILE M 117 -16.13 -12.46 -53.41
N ARG M 118 -16.87 -11.99 -54.40
CA ARG M 118 -16.65 -10.69 -55.02
C ARG M 118 -16.73 -9.54 -54.02
N VAL M 119 -17.44 -9.73 -52.91
CA VAL M 119 -17.49 -8.74 -51.85
C VAL M 119 -16.50 -9.06 -50.73
N SER M 120 -16.28 -10.33 -50.41
CA SER M 120 -15.44 -10.72 -49.29
C SER M 120 -13.96 -10.49 -49.53
N ILE M 121 -13.47 -10.72 -50.76
CA ILE M 121 -12.03 -10.73 -50.99
C ILE M 121 -11.41 -9.34 -50.86
N ALA M 122 -12.21 -8.27 -51.00
CA ALA M 122 -11.64 -6.92 -51.00
C ALA M 122 -11.07 -6.54 -49.65
N GLU M 123 -11.50 -7.18 -48.56
CA GLU M 123 -10.99 -6.85 -47.24
C GLU M 123 -9.62 -7.46 -46.97
N GLU M 124 -9.11 -8.30 -47.85
CA GLU M 124 -7.85 -8.99 -47.65
C GLU M 124 -6.65 -8.21 -48.16
N PHE M 125 -6.84 -6.99 -48.65
CA PHE M 125 -5.74 -6.18 -49.14
C PHE M 125 -5.86 -4.73 -48.66
N GLY M 126 -6.40 -4.54 -47.47
CA GLY M 126 -6.50 -3.21 -46.89
C GLY M 126 -7.43 -2.24 -47.59
N LEU M 127 -8.61 -2.72 -48.00
CA LEU M 127 -9.61 -1.87 -48.62
C LEU M 127 -10.82 -1.73 -47.68
N ASP M 128 -11.83 -1.01 -48.15
CA ASP M 128 -13.04 -0.82 -47.35
C ASP M 128 -13.83 -2.13 -47.26
N LEU M 129 -14.45 -2.33 -46.10
CA LEU M 129 -15.19 -3.56 -45.83
C LEU M 129 -16.46 -3.60 -46.67
N GLY M 130 -16.49 -4.50 -47.65
CA GLY M 130 -17.66 -4.65 -48.48
C GLY M 130 -17.62 -3.81 -49.74
N ASP M 131 -16.54 -3.89 -50.49
CA ASP M 131 -16.36 -3.13 -51.72
C ASP M 131 -16.55 -4.09 -52.89
N LEU M 132 -17.62 -3.87 -53.68
CA LEU M 132 -18.00 -4.78 -54.75
C LEU M 132 -16.95 -4.73 -55.86
N THR M 133 -16.17 -5.81 -56.01
CA THR M 133 -15.07 -5.88 -56.97
C THR M 133 -15.18 -7.15 -57.81
N PRO M 134 -16.06 -7.15 -58.84
CA PRO M 134 -16.06 -8.28 -59.77
C PRO M 134 -14.90 -8.24 -60.77
N GLY M 135 -14.62 -7.05 -61.32
CA GLY M 135 -13.59 -6.95 -62.34
C GLY M 135 -12.19 -7.23 -61.83
N LYS M 136 -11.85 -6.69 -60.67
CA LYS M 136 -10.54 -6.97 -60.09
C LYS M 136 -10.40 -8.45 -59.77
N LEU M 137 -11.46 -9.06 -59.23
CA LEU M 137 -11.43 -10.48 -58.92
C LEU M 137 -11.20 -11.32 -60.16
N VAL M 138 -11.93 -11.04 -61.25
CA VAL M 138 -11.77 -11.86 -62.45
C VAL M 138 -10.41 -11.61 -63.09
N ALA M 139 -9.91 -10.37 -63.06
CA ALA M 139 -8.59 -10.11 -63.62
C ALA M 139 -7.51 -10.86 -62.85
N ALA M 140 -7.59 -10.85 -61.53
CA ALA M 140 -6.61 -11.57 -60.72
C ALA M 140 -6.73 -13.08 -60.93
N LEU M 141 -7.96 -13.59 -61.09
CA LEU M 141 -8.14 -15.02 -61.32
C LEU M 141 -7.54 -15.45 -62.64
N ARG M 142 -7.73 -14.65 -63.70
CA ARG M 142 -7.06 -14.97 -64.97
C ARG M 142 -5.56 -14.76 -64.88
N ARG M 143 -5.09 -13.90 -63.98
CA ARG M 143 -3.65 -13.76 -63.77
C ARG M 143 -3.07 -14.85 -62.88
N LEU M 144 -3.91 -15.67 -62.25
CA LEU M 144 -3.45 -16.81 -61.45
C LEU M 144 -3.29 -18.08 -62.27
N ASN M 145 -3.09 -17.95 -63.59
CA ASN M 145 -2.89 -19.08 -64.51
C ASN M 145 -4.09 -20.03 -64.52
N PHE M 146 -5.30 -19.47 -64.38
CA PHE M 146 -6.53 -20.23 -64.56
C PHE M 146 -7.02 -20.00 -65.98
N ASP M 147 -7.22 -21.09 -66.74
CA ASP M 147 -7.54 -20.95 -68.16
C ASP M 147 -8.94 -20.37 -68.36
N ARG M 148 -9.90 -20.76 -67.54
CA ARG M 148 -11.26 -20.25 -67.67
C ARG M 148 -11.83 -19.86 -66.32
N VAL M 149 -12.64 -18.80 -66.31
CA VAL M 149 -13.33 -18.32 -65.12
C VAL M 149 -14.82 -18.32 -65.40
N TYR M 150 -15.60 -18.97 -64.52
CA TYR M 150 -17.05 -19.05 -64.64
C TYR M 150 -17.68 -18.61 -63.33
N ASP M 151 -18.96 -18.24 -63.41
CA ASP M 151 -19.73 -17.83 -62.26
C ASP M 151 -20.73 -18.91 -61.88
N THR M 152 -20.78 -19.23 -60.58
CA THR M 152 -21.72 -20.24 -60.12
C THR M 152 -23.17 -19.77 -60.17
N ASN M 153 -23.41 -18.49 -60.44
CA ASN M 153 -24.77 -17.98 -60.54
C ASN M 153 -25.51 -18.55 -61.75
N PHE M 154 -24.79 -19.10 -62.72
CA PHE M 154 -25.46 -19.83 -63.81
C PHE M 154 -26.22 -21.03 -63.24
N GLY M 155 -25.54 -21.83 -62.41
CA GLY M 155 -26.23 -22.91 -61.73
C GLY M 155 -27.28 -22.42 -60.75
N ALA M 156 -27.11 -21.20 -60.22
CA ALA M 156 -28.13 -20.61 -59.38
C ALA M 156 -29.42 -20.34 -60.16
N ASP M 157 -29.29 -19.78 -61.37
CA ASP M 157 -30.47 -19.61 -62.22
C ASP M 157 -31.07 -20.96 -62.59
N LEU M 158 -30.21 -21.94 -62.87
CA LEU M 158 -30.69 -23.27 -63.20
C LEU M 158 -31.50 -23.88 -62.05
N THR M 159 -30.99 -23.77 -60.82
CA THR M 159 -31.70 -24.36 -59.69
C THR M 159 -32.94 -23.54 -59.33
N ILE M 160 -32.95 -22.24 -59.63
CA ILE M 160 -34.17 -21.47 -59.44
C ILE M 160 -35.27 -21.96 -60.37
N ILE M 161 -34.95 -22.16 -61.65
CA ILE M 161 -35.94 -22.66 -62.58
C ILE M 161 -36.40 -24.06 -62.19
N GLU M 162 -35.44 -24.91 -61.80
CA GLU M 162 -35.78 -26.28 -61.41
C GLU M 162 -36.66 -26.30 -60.16
N GLU M 163 -36.34 -25.48 -59.17
CA GLU M 163 -37.13 -25.46 -57.94
C GLU M 163 -38.51 -24.85 -58.17
N ALA M 164 -38.61 -23.85 -59.05
CA ALA M 164 -39.92 -23.31 -59.38
C ALA M 164 -40.80 -24.36 -60.04
N ASN M 165 -40.23 -25.10 -61.00
CA ASN M 165 -41.02 -26.17 -61.65
C ASN M 165 -41.37 -27.27 -60.65
N GLU M 166 -40.44 -27.58 -59.73
CA GLU M 166 -40.72 -28.57 -58.70
C GLU M 166 -41.86 -28.13 -57.79
N LEU M 167 -41.89 -26.85 -57.42
CA LEU M 167 -42.94 -26.35 -56.54
C LEU M 167 -44.28 -26.30 -57.25
N VAL M 168 -44.29 -25.96 -58.54
CA VAL M 168 -45.54 -26.01 -59.30
C VAL M 168 -46.03 -27.45 -59.43
N LYS M 169 -45.12 -28.40 -59.61
CA LYS M 169 -45.51 -29.80 -59.67
C LYS M 169 -46.06 -30.29 -58.33
N ARG M 170 -45.44 -29.86 -57.23
CA ARG M 170 -45.85 -30.34 -55.91
C ARG M 170 -47.06 -29.61 -55.35
N ILE M 171 -47.42 -28.44 -55.89
CA ILE M 171 -48.60 -27.74 -55.39
C ILE M 171 -49.87 -28.39 -55.92
N LYS M 172 -49.78 -29.13 -57.02
CA LYS M 172 -50.90 -29.92 -57.52
C LYS M 172 -50.79 -31.35 -57.03
N GLU M 173 -51.88 -31.85 -56.45
CA GLU M 173 -51.94 -33.17 -55.83
C GLU M 173 -50.82 -33.31 -54.79
N GLY M 174 -50.92 -32.45 -53.78
CA GLY M 174 -49.90 -32.29 -52.77
C GLY M 174 -49.44 -33.55 -52.07
N LYS M 175 -48.15 -33.86 -52.20
CA LYS M 175 -47.53 -34.99 -51.51
C LYS M 175 -46.31 -34.47 -50.75
N ASP M 176 -46.40 -34.48 -49.43
CA ASP M 176 -45.40 -33.89 -48.55
C ASP M 176 -45.12 -32.44 -48.94
N LEU M 177 -46.21 -31.66 -49.00
CA LEU M 177 -46.14 -30.29 -49.51
C LEU M 177 -45.18 -29.37 -48.78
N PRO M 178 -45.03 -29.38 -47.42
CA PRO M 178 -44.04 -28.49 -46.80
C PRO M 178 -42.62 -28.88 -47.15
N MET M 179 -42.22 -28.57 -48.38
CA MET M 179 -40.91 -28.90 -48.92
C MET M 179 -39.90 -27.82 -48.58
N PHE M 180 -38.64 -28.24 -48.47
CA PHE M 180 -37.56 -27.37 -48.03
C PHE M 180 -36.56 -27.15 -49.16
N THR M 181 -35.79 -26.08 -49.04
CA THR M 181 -34.75 -25.78 -50.01
C THR M 181 -33.56 -26.70 -49.83
N SER M 182 -32.82 -26.92 -50.92
CA SER M 182 -31.69 -27.82 -50.96
C SER M 182 -30.42 -27.09 -51.38
N CYS M 183 -30.14 -25.95 -50.76
CA CYS M 183 -28.96 -25.16 -51.10
C CYS M 183 -27.89 -25.15 -50.02
N CYS M 184 -28.21 -25.58 -48.80
CA CYS M 184 -27.24 -25.56 -47.71
C CYS M 184 -26.91 -26.98 -47.28
N PRO M 185 -25.74 -27.52 -47.67
CA PRO M 185 -25.43 -28.93 -47.36
C PRO M 185 -25.33 -29.25 -45.88
N ALA M 186 -25.01 -28.28 -45.01
CA ALA M 186 -25.02 -28.57 -43.58
C ALA M 186 -26.44 -28.86 -43.09
N TRP M 187 -27.42 -28.16 -43.64
CA TRP M 187 -28.82 -28.46 -43.34
C TRP M 187 -29.18 -29.88 -43.76
N VAL M 188 -28.74 -30.30 -44.95
CA VAL M 188 -29.01 -31.66 -45.41
C VAL M 188 -28.34 -32.68 -44.50
N LYS M 189 -27.10 -32.38 -44.08
CA LYS M 189 -26.39 -33.28 -43.18
C LYS M 189 -27.10 -33.40 -41.85
N PHE M 190 -27.59 -32.29 -41.31
CA PHE M 190 -28.31 -32.34 -40.03
C PHE M 190 -29.64 -33.09 -40.16
N ALA M 191 -30.38 -32.85 -41.25
CA ALA M 191 -31.64 -33.53 -41.45
C ALA M 191 -31.45 -35.04 -41.59
N GLU M 192 -30.41 -35.45 -42.32
CA GLU M 192 -30.10 -36.88 -42.41
C GLU M 192 -29.51 -37.42 -41.11
N GLN M 193 -28.97 -36.56 -40.26
CA GLN M 193 -28.37 -37.01 -39.01
C GLN M 193 -29.43 -37.31 -37.95
N THR M 194 -30.40 -36.40 -37.77
CA THR M 194 -31.29 -36.50 -36.63
C THR M 194 -32.73 -36.82 -37.00
N TYR M 195 -33.24 -36.33 -38.13
CA TYR M 195 -34.63 -36.52 -38.52
C TYR M 195 -34.70 -37.23 -39.87
N PRO M 196 -34.43 -38.53 -39.90
CA PRO M 196 -34.36 -39.24 -41.18
C PRO M 196 -35.71 -39.42 -41.86
N GLU M 197 -36.82 -39.30 -41.14
CA GLU M 197 -38.12 -39.60 -41.71
C GLU M 197 -38.67 -38.47 -42.58
N LEU M 198 -38.05 -37.30 -42.56
CA LEU M 198 -38.55 -36.14 -43.29
C LEU M 198 -37.68 -35.77 -44.49
N LEU M 199 -36.77 -36.65 -44.89
CA LEU M 199 -35.81 -36.29 -45.93
C LEU M 199 -36.43 -36.20 -47.32
N LYS M 200 -37.60 -36.79 -47.55
CA LYS M 200 -38.25 -36.68 -48.85
C LYS M 200 -38.96 -35.34 -49.01
N HIS M 201 -39.25 -34.66 -47.90
CA HIS M 201 -39.76 -33.29 -47.98
C HIS M 201 -38.76 -32.39 -48.69
N ILE M 202 -37.48 -32.51 -48.37
CA ILE M 202 -36.46 -31.67 -48.99
C ILE M 202 -36.38 -31.98 -50.49
N SER M 203 -36.33 -30.93 -51.30
CA SER M 203 -36.40 -31.08 -52.73
C SER M 203 -35.16 -31.80 -53.27
N THR M 204 -35.33 -32.41 -54.44
CA THR M 204 -34.27 -33.16 -55.09
C THR M 204 -33.48 -32.32 -56.09
N CYS M 205 -33.40 -31.02 -55.85
CA CYS M 205 -32.61 -30.11 -56.69
C CYS M 205 -31.22 -29.98 -56.10
N LYS M 206 -30.21 -29.96 -56.97
CA LYS M 206 -28.82 -29.90 -56.56
C LYS M 206 -28.41 -28.46 -56.22
N SER M 207 -27.32 -28.35 -55.47
CA SER M 207 -26.75 -27.06 -55.16
C SER M 207 -26.22 -26.40 -56.43
N PRO M 208 -26.16 -25.06 -56.48
CA PRO M 208 -25.71 -24.40 -57.73
C PRO M 208 -24.31 -24.79 -58.18
N GLN M 209 -23.39 -25.03 -57.25
CA GLN M 209 -22.04 -25.41 -57.65
C GLN M 209 -22.03 -26.75 -58.36
N GLN M 210 -22.89 -27.68 -57.94
CA GLN M 210 -22.90 -29.00 -58.55
C GLN M 210 -23.51 -28.97 -59.94
N MET M 211 -24.58 -28.19 -60.15
CA MET M 211 -25.09 -28.01 -61.50
C MET M 211 -24.06 -27.33 -62.39
N THR M 212 -23.36 -26.31 -61.86
CA THR M 212 -22.33 -25.65 -62.66
C THR M 212 -21.22 -26.62 -63.05
N GLY M 213 -20.78 -27.45 -62.11
CA GLY M 213 -19.74 -28.42 -62.42
C GLY M 213 -20.21 -29.47 -63.41
N ALA M 214 -21.45 -29.94 -63.26
CA ALA M 214 -21.98 -30.93 -64.18
C ALA M 214 -22.10 -30.36 -65.59
N ILE M 215 -22.51 -29.10 -65.71
CA ILE M 215 -22.59 -28.47 -67.02
C ILE M 215 -21.20 -28.25 -67.60
N ILE M 216 -20.22 -27.92 -66.75
CA ILE M 216 -18.85 -27.74 -67.21
C ILE M 216 -18.30 -29.05 -67.77
N LYS M 217 -18.53 -30.16 -67.07
CA LYS M 217 -17.89 -31.42 -67.45
C LYS M 217 -18.44 -32.01 -68.75
N THR M 218 -19.76 -31.94 -68.97
CA THR M 218 -20.34 -32.58 -70.14
C THR M 218 -20.87 -31.62 -71.19
N TYR M 219 -21.20 -30.39 -70.84
CA TYR M 219 -21.62 -29.41 -71.83
C TYR M 219 -20.51 -28.42 -72.17
N GLY M 220 -19.70 -28.04 -71.18
CA GLY M 220 -18.54 -27.22 -71.45
C GLY M 220 -17.47 -27.91 -72.26
N ALA M 221 -17.42 -29.23 -72.21
CA ALA M 221 -16.53 -30.01 -73.06
C ALA M 221 -17.06 -30.18 -74.47
N LYS M 222 -18.33 -29.87 -74.71
CA LYS M 222 -18.91 -29.97 -76.05
C LYS M 222 -18.84 -28.65 -76.80
N ILE M 223 -18.95 -27.51 -76.10
CA ILE M 223 -18.80 -26.22 -76.75
C ILE M 223 -17.34 -25.93 -77.06
N ASN M 224 -16.42 -26.65 -76.44
CA ASN M 224 -14.98 -26.52 -76.66
C ASN M 224 -14.44 -27.79 -77.31
N ASN M 225 -13.12 -27.86 -77.43
CA ASN M 225 -12.48 -29.02 -78.02
C ASN M 225 -11.60 -29.72 -76.98
N VAL M 226 -12.11 -29.85 -75.76
CA VAL M 226 -11.39 -30.47 -74.66
C VAL M 226 -12.14 -31.72 -74.23
N ASP M 227 -11.42 -32.84 -74.15
CA ASP M 227 -12.04 -34.08 -73.69
C ASP M 227 -12.37 -33.98 -72.20
N PRO M 228 -13.48 -34.60 -71.76
CA PRO M 228 -13.89 -34.54 -70.36
C PRO M 228 -13.12 -35.49 -69.44
N ALA M 229 -11.79 -35.46 -69.56
CA ALA M 229 -10.93 -36.32 -68.75
C ALA M 229 -9.76 -35.57 -68.12
N LYS M 230 -9.38 -34.41 -68.64
CA LYS M 230 -8.27 -33.64 -68.09
C LYS M 230 -8.73 -32.33 -67.46
N ILE M 231 -10.03 -32.10 -67.34
CA ILE M 231 -10.54 -30.84 -66.80
C ILE M 231 -10.38 -30.84 -65.29
N PHE M 232 -9.79 -29.77 -64.75
CA PHE M 232 -9.60 -29.58 -63.32
C PHE M 232 -10.48 -28.40 -62.90
N SER M 233 -11.51 -28.67 -62.10
CA SER M 233 -12.47 -27.67 -61.69
C SER M 233 -12.34 -27.40 -60.20
N VAL M 234 -12.17 -26.13 -59.84
CA VAL M 234 -12.10 -25.70 -58.45
C VAL M 234 -13.13 -24.60 -58.24
N SER M 235 -13.94 -24.74 -57.19
CA SER M 235 -14.96 -23.76 -56.86
C SER M 235 -14.54 -22.99 -55.61
N VAL M 236 -14.60 -21.67 -55.68
CA VAL M 236 -14.29 -20.82 -54.53
C VAL M 236 -15.59 -20.52 -53.81
N MET M 237 -15.76 -21.11 -52.63
CA MET M 237 -16.98 -20.95 -51.86
C MET M 237 -16.67 -20.39 -50.48
N PRO M 238 -17.51 -19.52 -49.95
CA PRO M 238 -17.25 -18.85 -48.67
C PRO M 238 -17.62 -19.72 -47.48
N CYS M 239 -17.25 -20.99 -47.54
CA CYS M 239 -17.95 -21.99 -46.75
C CYS M 239 -16.98 -23.09 -46.36
N THR M 240 -17.04 -23.51 -45.10
CA THR M 240 -16.24 -24.62 -44.60
C THR M 240 -17.16 -25.84 -44.70
N CYS M 241 -17.94 -25.85 -45.76
CA CYS M 241 -19.17 -26.61 -45.86
C CYS M 241 -19.34 -27.31 -47.19
N LYS M 242 -18.69 -26.84 -48.25
CA LYS M 242 -18.85 -27.43 -49.57
C LYS M 242 -17.87 -28.56 -49.84
N SER M 243 -16.81 -28.68 -49.04
CA SER M 243 -15.87 -29.78 -49.21
C SER M 243 -16.54 -31.12 -48.94
N TYR M 244 -17.34 -31.20 -47.88
CA TYR M 244 -18.14 -32.40 -47.64
C TYR M 244 -19.18 -32.60 -48.72
N GLU M 245 -19.70 -31.52 -49.29
CA GLU M 245 -20.71 -31.65 -50.33
C GLU M 245 -20.11 -32.19 -51.62
N SER M 246 -18.82 -31.91 -51.88
CA SER M 246 -18.21 -32.21 -53.15
C SER M 246 -17.54 -33.59 -53.20
N ASP M 247 -17.63 -34.38 -52.14
CA ASP M 247 -16.97 -35.69 -52.16
C ASP M 247 -17.89 -36.81 -51.68
N ARG M 248 -19.20 -36.64 -51.85
CA ARG M 248 -20.09 -37.75 -51.58
C ARG M 248 -19.97 -38.80 -52.68
N PRO M 249 -20.15 -40.08 -52.35
CA PRO M 249 -20.13 -41.12 -53.39
C PRO M 249 -21.22 -40.95 -54.44
N GLU M 250 -22.33 -40.31 -54.10
CA GLU M 250 -23.43 -40.08 -55.03
C GLU M 250 -23.38 -38.70 -55.68
N MET M 251 -22.24 -38.00 -55.59
CA MET M 251 -22.17 -36.61 -56.00
C MET M 251 -21.27 -36.46 -57.22
N ARG M 252 -21.40 -37.36 -58.19
CA ARG M 252 -20.64 -37.29 -59.42
C ARG M 252 -21.56 -37.62 -60.59
N SER M 253 -21.25 -37.04 -61.74
CA SER M 253 -21.99 -37.29 -62.97
C SER M 253 -21.02 -37.28 -64.14
N SER M 254 -21.44 -37.93 -65.23
CA SER M 254 -20.61 -38.13 -66.42
C SER M 254 -19.31 -38.83 -66.08
N GLY M 255 -19.36 -39.76 -65.13
CA GLY M 255 -18.22 -40.60 -64.80
C GLY M 255 -17.29 -40.04 -63.76
N TYR M 256 -17.04 -38.73 -63.80
CA TYR M 256 -16.03 -38.10 -62.96
C TYR M 256 -16.67 -37.13 -61.98
N LYS M 257 -15.86 -36.66 -61.04
CA LYS M 257 -16.32 -35.66 -60.07
C LYS M 257 -16.63 -34.36 -60.78
N ASP M 258 -17.74 -33.72 -60.39
CA ASP M 258 -18.08 -32.42 -60.96
C ASP M 258 -17.16 -31.33 -60.41
N VAL M 259 -16.93 -31.32 -59.10
CA VAL M 259 -16.05 -30.35 -58.45
C VAL M 259 -15.00 -31.13 -57.68
N ASP M 260 -13.72 -30.88 -57.97
CA ASP M 260 -12.65 -31.67 -57.40
C ASP M 260 -12.44 -31.33 -55.93
N LEU M 261 -12.06 -30.09 -55.64
CA LEU M 261 -11.86 -29.67 -54.27
C LEU M 261 -12.03 -28.16 -54.19
N VAL M 262 -12.68 -27.70 -53.12
CA VAL M 262 -13.06 -26.31 -52.98
C VAL M 262 -12.08 -25.61 -52.04
N ILE M 263 -11.96 -24.29 -52.22
CA ILE M 263 -11.10 -23.44 -51.41
C ILE M 263 -11.90 -22.24 -50.95
N THR M 264 -11.72 -21.85 -49.70
CA THR M 264 -12.44 -20.72 -49.13
C THR M 264 -11.81 -19.41 -49.59
N THR M 265 -12.34 -18.30 -49.06
CA THR M 265 -11.82 -16.99 -49.43
C THR M 265 -10.40 -16.78 -48.90
N ARG M 266 -10.13 -17.23 -47.68
CA ARG M 266 -8.82 -17.02 -47.08
C ARG M 266 -7.74 -17.77 -47.83
N GLU M 267 -8.04 -18.98 -48.31
CA GLU M 267 -7.07 -19.72 -49.12
C GLU M 267 -6.82 -19.03 -50.46
N LEU M 268 -7.86 -18.43 -51.03
CA LEU M 268 -7.67 -17.65 -52.26
C LEU M 268 -6.78 -16.44 -52.00
N ALA M 269 -6.96 -15.79 -50.85
CA ALA M 269 -6.09 -14.67 -50.50
C ALA M 269 -4.65 -15.12 -50.29
N HIS M 270 -4.45 -16.29 -49.68
CA HIS M 270 -3.10 -16.81 -49.49
C HIS M 270 -2.44 -17.14 -50.83
N LEU M 271 -3.20 -17.72 -51.75
CA LEU M 271 -2.67 -17.95 -53.11
C LEU M 271 -2.36 -16.64 -53.81
N MET M 272 -3.20 -15.63 -53.59
CA MET M 272 -2.98 -14.32 -54.21
C MET M 272 -1.69 -13.70 -53.72
N LYS M 273 -1.45 -13.77 -52.41
CA LYS M 273 -0.25 -13.16 -51.84
C LYS M 273 1.00 -13.96 -52.17
N ASP M 274 0.87 -15.30 -52.26
CA ASP M 274 2.03 -16.13 -52.55
C ASP M 274 2.56 -15.88 -53.96
N LYS M 275 1.67 -15.69 -54.92
CA LYS M 275 2.08 -15.41 -56.30
C LYS M 275 2.67 -14.02 -56.46
N GLY M 276 2.58 -13.16 -55.45
CA GLY M 276 3.14 -11.82 -55.52
C GLY M 276 2.47 -10.93 -56.53
N ILE M 277 1.13 -10.96 -56.56
CA ILE M 277 0.34 -10.12 -57.45
C ILE M 277 -0.47 -9.15 -56.59
N ASP M 278 -0.36 -7.87 -56.89
CA ASP M 278 -1.11 -6.86 -56.15
C ASP M 278 -2.55 -6.77 -56.63
N PHE M 279 -3.43 -6.31 -55.75
CA PHE M 279 -4.86 -6.34 -56.01
C PHE M 279 -5.39 -5.02 -56.54
N ALA M 280 -4.89 -3.89 -56.03
CA ALA M 280 -5.46 -2.59 -56.38
C ALA M 280 -5.10 -2.15 -57.79
N THR M 281 -3.92 -2.55 -58.27
CA THR M 281 -3.45 -2.05 -59.56
C THR M 281 -4.18 -2.72 -60.73
N LEU M 282 -4.67 -3.94 -60.53
CA LEU M 282 -5.25 -4.70 -61.63
C LEU M 282 -6.54 -4.05 -62.12
N PRO M 283 -6.80 -4.05 -63.43
CA PRO M 283 -8.01 -3.43 -63.96
C PRO M 283 -9.22 -4.35 -63.89
N ASP M 284 -10.34 -3.92 -64.46
CA ASP M 284 -11.56 -4.71 -64.49
C ASP M 284 -11.64 -5.53 -65.78
N GLU M 285 -12.41 -6.61 -65.73
CA GLU M 285 -12.57 -7.50 -66.86
C GLU M 285 -13.92 -8.19 -66.72
N GLU M 286 -14.32 -8.94 -67.74
CA GLU M 286 -15.59 -9.63 -67.76
C GLU M 286 -15.37 -11.14 -67.81
N PHE M 287 -16.33 -11.88 -67.26
CA PHE M 287 -16.26 -13.34 -67.26
C PHE M 287 -16.53 -13.88 -68.67
N ASP M 288 -16.36 -15.20 -68.81
CA ASP M 288 -16.58 -15.85 -70.09
C ASP M 288 -18.06 -15.86 -70.44
N SER M 289 -18.37 -15.49 -71.69
CA SER M 289 -19.77 -15.38 -72.10
C SER M 289 -20.57 -16.68 -72.06
N PRO M 290 -20.09 -17.83 -72.58
CA PRO M 290 -21.00 -19.00 -72.68
C PRO M 290 -21.56 -19.50 -71.36
N LEU M 291 -20.79 -19.43 -70.28
CA LEU M 291 -21.25 -19.93 -68.99
C LEU M 291 -20.90 -18.96 -67.87
N GLY M 292 -21.12 -17.67 -68.11
CA GLY M 292 -20.86 -16.67 -67.10
C GLY M 292 -21.85 -15.52 -67.10
N ASN M 293 -22.91 -15.65 -67.89
CA ASN M 293 -23.93 -14.63 -68.00
C ASN M 293 -25.11 -15.00 -67.11
N TYR M 294 -25.38 -14.18 -66.10
CA TYR M 294 -26.42 -14.45 -65.13
C TYR M 294 -27.21 -13.18 -64.88
N THR M 295 -28.23 -13.29 -64.02
CA THR M 295 -29.12 -12.19 -63.71
C THR M 295 -28.97 -11.81 -62.24
N GLY M 296 -29.65 -10.72 -61.85
CA GLY M 296 -29.55 -10.23 -60.49
C GLY M 296 -30.26 -11.10 -59.48
N ALA M 297 -31.21 -11.92 -59.93
CA ALA M 297 -31.92 -12.81 -59.02
C ALA M 297 -31.00 -13.87 -58.43
N ALA M 298 -29.98 -14.28 -59.17
CA ALA M 298 -28.99 -15.22 -58.68
C ALA M 298 -27.92 -14.57 -57.84
N THR M 299 -27.87 -13.24 -57.80
CA THR M 299 -26.84 -12.52 -57.06
C THR M 299 -27.15 -12.42 -55.57
N ILE M 300 -28.41 -12.56 -55.19
CA ILE M 300 -28.83 -12.29 -53.82
C ILE M 300 -28.84 -13.55 -52.96
N PHE M 301 -28.27 -14.65 -53.45
CA PHE M 301 -28.24 -15.86 -52.63
C PHE M 301 -27.29 -15.74 -51.45
N GLY M 302 -26.28 -14.88 -51.54
CA GLY M 302 -25.38 -14.71 -50.41
C GLY M 302 -26.10 -14.22 -49.17
N ASN M 303 -26.98 -13.25 -49.34
CA ASN M 303 -27.81 -12.79 -48.25
C ASN M 303 -28.89 -13.83 -47.93
N THR M 304 -29.40 -13.76 -46.71
CA THR M 304 -30.47 -14.68 -46.30
C THR M 304 -31.78 -14.31 -46.97
N GLY M 305 -32.50 -15.32 -47.43
CA GLY M 305 -33.82 -15.14 -47.98
C GLY M 305 -33.89 -14.75 -49.45
N GLY M 306 -32.75 -14.49 -50.10
CA GLY M 306 -32.79 -14.09 -51.50
C GLY M 306 -33.30 -15.18 -52.42
N VAL M 307 -33.15 -16.44 -52.00
CA VAL M 307 -33.70 -17.56 -52.74
C VAL M 307 -35.20 -17.40 -52.90
N MET M 308 -35.87 -16.78 -51.92
CA MET M 308 -37.30 -16.62 -51.98
C MET M 308 -37.73 -15.69 -53.10
N GLU M 309 -37.11 -14.51 -53.19
CA GLU M 309 -37.43 -13.59 -54.29
C GLU M 309 -37.05 -14.21 -55.62
N ALA M 310 -35.89 -14.86 -55.69
CA ALA M 310 -35.45 -15.45 -56.95
C ALA M 310 -36.41 -16.54 -57.42
N ALA M 311 -36.94 -17.33 -56.49
CA ALA M 311 -37.89 -18.38 -56.87
C ALA M 311 -39.25 -17.80 -57.21
N LEU M 312 -39.71 -16.80 -56.44
CA LEU M 312 -41.05 -16.25 -56.65
C LEU M 312 -41.15 -15.48 -57.95
N ARG M 313 -40.07 -14.79 -58.36
CA ARG M 313 -40.13 -13.98 -59.58
C ARG M 313 -40.44 -14.80 -60.82
N THR M 314 -40.18 -16.12 -60.79
CA THR M 314 -40.58 -17.00 -61.88
C THR M 314 -41.73 -17.94 -61.50
N ALA M 315 -41.92 -18.24 -60.21
CA ALA M 315 -43.05 -19.06 -59.80
C ALA M 315 -44.37 -18.33 -60.01
N TYR M 316 -44.36 -17.00 -59.85
CA TYR M 316 -45.56 -16.20 -60.13
C TYR M 316 -45.97 -16.33 -61.60
N GLU M 317 -45.00 -16.28 -62.51
CA GLU M 317 -45.30 -16.45 -63.92
C GLU M 317 -45.64 -17.89 -64.26
N LEU M 318 -45.10 -18.85 -63.50
CA LEU M 318 -45.45 -20.24 -63.73
C LEU M 318 -46.88 -20.55 -63.29
N ILE M 319 -47.36 -19.88 -62.25
CA ILE M 319 -48.70 -20.14 -61.73
C ILE M 319 -49.73 -19.29 -62.46
N THR M 320 -49.61 -17.97 -62.35
CA THR M 320 -50.62 -17.08 -62.89
C THR M 320 -50.55 -16.92 -64.41
N LYS M 321 -49.40 -17.24 -65.02
CA LYS M 321 -49.17 -17.15 -66.46
C LYS M 321 -49.33 -15.72 -67.00
N LYS M 322 -49.40 -14.73 -66.09
CA LYS M 322 -49.55 -13.33 -66.47
C LYS M 322 -48.38 -12.55 -65.89
N PRO M 323 -47.67 -11.78 -66.70
CA PRO M 323 -46.54 -10.99 -66.17
C PRO M 323 -47.00 -9.79 -65.35
N ILE M 324 -46.84 -9.88 -64.04
CA ILE M 324 -47.19 -8.79 -63.12
C ILE M 324 -45.99 -8.58 -62.20
N PRO M 325 -45.61 -7.33 -61.89
CA PRO M 325 -44.38 -7.09 -61.12
C PRO M 325 -44.37 -7.68 -59.72
N ASN M 326 -43.37 -8.52 -59.45
CA ASN M 326 -43.05 -9.02 -58.12
C ASN M 326 -41.56 -8.91 -57.85
N ILE M 327 -40.94 -7.81 -58.28
CA ILE M 327 -39.48 -7.70 -58.26
C ILE M 327 -38.96 -7.62 -56.83
N ASP M 328 -39.56 -6.77 -56.01
CA ASP M 328 -39.01 -6.46 -54.70
C ASP M 328 -40.03 -6.70 -53.61
N ILE M 329 -39.61 -7.39 -52.55
CA ILE M 329 -40.37 -7.51 -51.32
C ILE M 329 -39.44 -7.22 -50.15
N GLU M 330 -39.93 -6.45 -49.18
CA GLU M 330 -39.12 -6.05 -48.04
C GLU M 330 -39.62 -6.64 -46.72
N PHE M 331 -40.59 -7.55 -46.77
CA PHE M 331 -41.19 -8.10 -45.58
C PHE M 331 -40.53 -9.40 -45.12
N VAL M 332 -39.65 -9.98 -45.94
CA VAL M 332 -38.96 -11.22 -45.61
C VAL M 332 -37.46 -11.02 -45.43
N ARG M 333 -36.98 -9.78 -45.41
CA ARG M 333 -35.56 -9.49 -45.27
C ARG M 333 -35.24 -9.12 -43.82
N GLY M 334 -34.35 -9.87 -43.21
CA GLY M 334 -33.94 -9.63 -41.85
C GLY M 334 -32.60 -10.26 -41.57
N GLY M 335 -32.34 -10.54 -40.29
CA GLY M 335 -31.05 -11.09 -39.94
C GLY M 335 -31.00 -12.12 -38.83
N GLU M 336 -32.14 -12.48 -38.24
CA GLU M 336 -32.11 -13.37 -37.09
C GLU M 336 -33.49 -14.02 -36.92
N GLY M 337 -33.49 -15.22 -36.34
CA GLY M 337 -34.73 -15.89 -36.01
C GLY M 337 -35.44 -16.42 -37.24
N ILE M 338 -36.75 -16.57 -37.12
CA ILE M 338 -37.60 -17.10 -38.18
C ILE M 338 -38.57 -16.01 -38.61
N ARG M 339 -38.74 -15.86 -39.92
CA ARG M 339 -39.57 -14.81 -40.48
C ARG M 339 -40.67 -15.42 -41.31
N THR M 340 -41.87 -14.85 -41.24
CA THR M 340 -43.04 -15.42 -41.88
C THR M 340 -43.72 -14.38 -42.76
N ALA M 341 -44.44 -14.87 -43.76
CA ALA M 341 -45.13 -14.01 -44.73
C ALA M 341 -46.25 -14.80 -45.38
N THR M 342 -47.14 -14.08 -46.06
CA THR M 342 -48.25 -14.67 -46.77
C THR M 342 -48.26 -14.12 -48.20
N VAL M 343 -48.42 -15.01 -49.17
CA VAL M 343 -48.40 -14.64 -50.59
C VAL M 343 -49.66 -15.15 -51.25
N GLN M 344 -50.33 -14.27 -52.00
CA GLN M 344 -51.55 -14.60 -52.73
C GLN M 344 -51.21 -14.70 -54.22
N VAL M 345 -51.14 -15.93 -54.73
CA VAL M 345 -50.81 -16.18 -56.13
C VAL M 345 -51.70 -17.28 -56.68
N GLY M 346 -52.29 -17.04 -57.85
CA GLY M 346 -53.07 -18.03 -58.56
C GLY M 346 -54.26 -18.56 -57.78
N GLU M 347 -55.06 -17.63 -57.23
CA GLU M 347 -56.12 -17.90 -56.25
C GLU M 347 -55.70 -18.92 -55.19
N LEU M 348 -54.42 -18.92 -54.85
CA LEU M 348 -53.83 -19.82 -53.85
C LEU M 348 -53.11 -18.98 -52.81
N GLU M 349 -53.27 -19.36 -51.55
CA GLU M 349 -52.61 -18.67 -50.45
C GLU M 349 -51.46 -19.53 -49.94
N LEU M 350 -50.27 -18.93 -49.84
CA LEU M 350 -49.09 -19.64 -49.38
C LEU M 350 -48.52 -18.95 -48.15
N LYS M 351 -48.32 -19.74 -47.09
CA LYS M 351 -47.62 -19.28 -45.89
C LYS M 351 -46.14 -19.63 -46.05
N ILE M 352 -45.30 -18.62 -46.09
CA ILE M 352 -43.88 -18.79 -46.35
C ILE M 352 -43.09 -18.45 -45.10
N ALA M 353 -42.05 -19.22 -44.82
CA ALA M 353 -41.15 -18.94 -43.71
C ALA M 353 -39.72 -19.06 -44.19
N VAL M 354 -38.86 -18.19 -43.65
CA VAL M 354 -37.42 -18.25 -43.88
C VAL M 354 -36.72 -18.30 -42.53
N VAL M 355 -35.75 -19.19 -42.42
CA VAL M 355 -35.10 -19.46 -41.14
C VAL M 355 -33.62 -19.17 -41.28
N SER M 356 -33.10 -18.30 -40.41
CA SER M 356 -31.66 -18.07 -40.32
C SER M 356 -31.15 -18.84 -39.11
N GLY M 357 -30.26 -19.79 -39.34
CA GLY M 357 -29.78 -20.68 -38.31
C GLY M 357 -30.26 -22.11 -38.54
N LEU M 358 -29.77 -23.00 -37.68
CA LEU M 358 -30.15 -24.40 -37.73
C LEU M 358 -30.98 -24.84 -36.54
N LYS M 359 -30.74 -24.26 -35.36
CA LYS M 359 -31.60 -24.55 -34.21
C LYS M 359 -33.02 -24.10 -34.46
N ASN M 360 -33.20 -22.96 -35.12
CA ASN M 360 -34.51 -22.36 -35.36
C ASN M 360 -35.32 -23.10 -36.42
N VAL M 361 -34.90 -24.29 -36.85
CA VAL M 361 -35.77 -25.16 -37.61
C VAL M 361 -36.44 -26.19 -36.71
N ILE M 362 -35.79 -26.52 -35.58
CA ILE M 362 -36.34 -27.55 -34.68
C ILE M 362 -37.76 -27.24 -34.21
N PRO M 363 -38.12 -26.01 -33.83
CA PRO M 363 -39.54 -25.75 -33.52
C PRO M 363 -40.50 -26.02 -34.66
N ILE M 364 -40.10 -25.78 -35.92
CA ILE M 364 -41.02 -25.93 -37.05
C ILE M 364 -40.78 -27.22 -37.81
N LEU M 365 -39.95 -28.12 -37.28
CA LEU M 365 -39.72 -29.40 -37.93
C LEU M 365 -40.50 -30.54 -37.29
N GLU M 366 -41.15 -30.28 -36.15
CA GLU M 366 -41.88 -31.33 -35.44
C GLU M 366 -43.06 -31.82 -36.27
N ASP M 367 -43.38 -33.11 -36.13
CA ASP M 367 -44.50 -33.70 -36.85
C ASP M 367 -45.84 -33.16 -36.39
N ILE M 368 -45.89 -32.50 -35.22
CA ILE M 368 -47.12 -31.88 -34.73
C ILE M 368 -47.19 -30.41 -35.13
N LYS M 369 -46.06 -29.71 -35.07
CA LYS M 369 -46.04 -28.30 -35.47
C LYS M 369 -46.16 -28.12 -36.97
N LYS M 370 -45.61 -29.06 -37.76
CA LYS M 370 -45.73 -28.96 -39.21
C LYS M 370 -47.17 -29.14 -39.66
N ASN M 371 -47.96 -29.92 -38.93
CA ASN M 371 -49.36 -30.15 -39.27
C ASN M 371 -50.24 -28.95 -38.93
N LYS M 372 -49.83 -28.13 -37.95
CA LYS M 372 -50.62 -26.99 -37.51
C LYS M 372 -50.33 -25.71 -38.28
N CYS M 373 -49.31 -25.72 -39.16
CA CYS M 373 -48.98 -24.56 -39.98
C CYS M 373 -48.91 -24.86 -41.46
N ASP M 374 -48.49 -26.07 -41.82
CA ASP M 374 -48.48 -26.64 -43.18
C ASP M 374 -47.40 -26.04 -44.07
N LEU M 375 -46.77 -24.96 -43.62
CA LEU M 375 -45.43 -24.49 -44.04
C LEU M 375 -45.17 -24.69 -45.54
N HIS M 376 -45.97 -24.00 -46.36
CA HIS M 376 -46.03 -24.30 -47.79
C HIS M 376 -44.68 -24.20 -48.49
N PHE M 377 -43.76 -23.39 -47.95
CA PHE M 377 -42.42 -23.29 -48.51
C PHE M 377 -41.51 -22.73 -47.43
N VAL M 378 -40.38 -23.39 -47.18
CA VAL M 378 -39.46 -22.97 -46.13
C VAL M 378 -38.05 -22.92 -46.70
N GLU M 379 -37.33 -21.83 -46.43
CA GLU M 379 -35.94 -21.67 -46.81
C GLU M 379 -35.05 -21.67 -45.58
N VAL M 380 -33.93 -22.37 -45.65
CA VAL M 380 -33.10 -22.64 -44.49
C VAL M 380 -31.63 -22.35 -44.79
N MET M 381 -30.96 -21.71 -43.83
CA MET M 381 -29.52 -21.49 -43.85
C MET M 381 -28.97 -21.78 -42.47
N THR M 382 -27.99 -22.67 -42.38
CA THR M 382 -27.42 -23.01 -41.09
C THR M 382 -26.61 -21.85 -40.51
N CYS M 383 -25.75 -21.24 -41.32
CA CYS M 383 -24.97 -20.11 -40.86
C CYS M 383 -25.88 -18.90 -40.63
N PRO M 384 -25.68 -18.16 -39.54
CA PRO M 384 -26.51 -16.98 -39.29
C PRO M 384 -26.34 -15.93 -40.37
N GLU M 385 -27.43 -15.25 -40.70
CA GLU M 385 -27.47 -14.17 -41.68
C GLU M 385 -27.01 -14.62 -43.07
N GLY M 386 -27.12 -15.91 -43.35
CA GLY M 386 -26.78 -16.43 -44.65
C GLY M 386 -25.30 -16.66 -44.86
N CYS M 387 -24.98 -17.10 -46.09
CA CYS M 387 -23.62 -17.49 -46.44
C CYS M 387 -22.63 -16.34 -46.38
N ILE M 388 -23.10 -15.08 -46.31
CA ILE M 388 -22.19 -13.97 -46.09
C ILE M 388 -21.57 -13.97 -44.70
N SER M 389 -21.96 -14.90 -43.84
CA SER M 389 -21.32 -15.09 -42.55
C SER M 389 -20.88 -16.53 -42.36
N GLY M 390 -20.46 -17.17 -43.45
CA GLY M 390 -20.05 -18.57 -43.41
C GLY M 390 -18.70 -18.76 -42.77
N GLY M 391 -18.12 -19.93 -43.00
CA GLY M 391 -16.81 -20.22 -42.44
C GLY M 391 -15.68 -19.71 -43.30
N GLY M 392 -15.95 -19.50 -44.59
CA GLY M 392 -14.92 -19.01 -45.49
C GLY M 392 -14.66 -17.52 -45.41
N GLN M 393 -15.56 -16.77 -44.79
CA GLN M 393 -15.36 -15.34 -44.65
C GLN M 393 -14.21 -15.06 -43.68
N PRO M 394 -13.44 -14.00 -43.90
CA PRO M 394 -12.24 -13.77 -43.09
C PRO M 394 -12.57 -13.43 -41.65
N LYS M 395 -11.56 -13.57 -40.80
CA LYS M 395 -11.70 -13.18 -39.40
C LYS M 395 -11.92 -11.68 -39.27
N LEU M 396 -12.45 -11.27 -38.12
CA LEU M 396 -12.77 -9.87 -37.90
C LEU M 396 -12.19 -9.35 -36.59
N LEU M 397 -11.25 -10.09 -35.99
CA LEU M 397 -10.47 -9.63 -34.83
C LEU M 397 -11.36 -9.25 -33.65
N LEU M 398 -12.26 -10.17 -33.29
CA LEU M 398 -13.08 -10.04 -32.08
C LEU M 398 -13.13 -11.37 -31.33
N ALA M 405 -20.56 -4.46 -39.90
CA ALA M 405 -19.65 -5.49 -40.39
C ALA M 405 -20.34 -6.38 -41.41
N TYR M 406 -21.37 -7.10 -40.97
CA TYR M 406 -22.10 -8.00 -41.86
C TYR M 406 -23.02 -7.23 -42.81
N LYS M 407 -23.50 -6.06 -42.40
CA LYS M 407 -24.51 -5.36 -43.18
C LYS M 407 -23.93 -4.76 -44.46
N LYS M 408 -22.63 -4.46 -44.46
CA LYS M 408 -22.00 -3.88 -45.65
C LYS M 408 -22.05 -4.86 -46.82
N ARG M 409 -21.77 -6.13 -46.56
CA ARG M 409 -21.76 -7.14 -47.63
C ARG M 409 -23.16 -7.33 -48.22
N LYS M 410 -24.18 -7.40 -47.36
CA LYS M 410 -25.53 -7.60 -47.86
C LYS M 410 -26.06 -6.37 -48.59
N GLU M 411 -25.70 -5.17 -48.12
CA GLU M 411 -26.09 -3.96 -48.84
C GLU M 411 -25.39 -3.89 -50.19
N ALA M 412 -24.13 -4.33 -50.26
CA ALA M 412 -23.43 -4.37 -51.55
C ALA M 412 -24.09 -5.36 -52.49
N LEU M 413 -24.50 -6.53 -51.97
CA LEU M 413 -25.18 -7.50 -52.82
C LEU M 413 -26.51 -6.96 -53.34
N TYR M 414 -27.28 -6.29 -52.47
CA TYR M 414 -28.55 -5.74 -52.90
C TYR M 414 -28.36 -4.60 -53.90
N LYS M 415 -27.31 -3.80 -53.72
CA LYS M 415 -26.99 -2.76 -54.71
C LYS M 415 -26.61 -3.37 -56.05
N HIS M 416 -25.86 -4.48 -56.03
CA HIS M 416 -25.53 -5.16 -57.27
C HIS M 416 -26.78 -5.73 -57.93
N ASP M 417 -27.72 -6.23 -57.14
CA ASP M 417 -28.99 -6.69 -57.69
C ASP M 417 -29.77 -5.54 -58.33
N ALA M 418 -29.80 -4.38 -57.67
CA ALA M 418 -30.55 -3.24 -58.17
C ALA M 418 -29.87 -2.55 -59.35
N GLU M 419 -28.56 -2.73 -59.54
CA GLU M 419 -27.86 -2.08 -60.63
C GLU M 419 -28.12 -2.75 -61.97
N LEU M 420 -28.23 -4.08 -61.99
CA LEU M 420 -28.40 -4.81 -63.23
C LEU M 420 -29.78 -4.54 -63.83
N GLU M 421 -29.84 -4.54 -65.16
CA GLU M 421 -31.09 -4.32 -65.86
C GLU M 421 -31.94 -5.58 -65.99
N LEU M 422 -31.41 -6.73 -65.63
CA LEU M 422 -32.14 -7.99 -65.65
C LEU M 422 -32.41 -8.40 -64.20
N ARG M 423 -33.68 -8.59 -63.87
CA ARG M 423 -34.09 -8.89 -62.51
C ARG M 423 -34.71 -10.27 -62.36
N LYS M 424 -35.67 -10.62 -63.21
CA LYS M 424 -36.25 -11.95 -63.16
C LYS M 424 -35.27 -13.00 -63.66
N SER M 425 -35.27 -14.16 -63.02
CA SER M 425 -34.38 -15.25 -63.42
C SER M 425 -35.02 -16.13 -64.50
N HIS M 426 -35.50 -15.49 -65.56
CA HIS M 426 -36.07 -16.20 -66.70
C HIS M 426 -35.65 -15.63 -68.05
N GLU M 427 -35.13 -14.41 -68.11
CA GLU M 427 -34.83 -13.75 -69.37
C GLU M 427 -33.38 -13.93 -69.82
N ASN M 428 -32.59 -14.71 -69.11
CA ASN M 428 -31.19 -14.90 -69.48
C ASN M 428 -31.10 -15.71 -70.76
N PRO M 429 -30.48 -15.17 -71.82
CA PRO M 429 -30.40 -15.92 -73.09
C PRO M 429 -29.58 -17.19 -72.98
N ALA M 430 -28.61 -17.25 -72.07
CA ALA M 430 -27.81 -18.46 -71.90
C ALA M 430 -28.65 -19.63 -71.42
N ILE M 431 -29.55 -19.37 -70.47
CA ILE M 431 -30.44 -20.43 -69.98
C ILE M 431 -31.36 -20.91 -71.08
N LYS M 432 -31.90 -19.98 -71.87
CA LYS M 432 -32.77 -20.36 -72.98
C LYS M 432 -32.02 -21.19 -74.01
N LYS M 433 -30.79 -20.80 -74.33
CA LYS M 433 -29.99 -21.57 -75.29
C LYS M 433 -29.68 -22.96 -74.75
N LEU M 434 -29.36 -23.05 -73.46
CA LEU M 434 -29.07 -24.35 -72.84
C LEU M 434 -30.29 -25.26 -72.88
N TYR M 435 -31.47 -24.71 -72.60
CA TYR M 435 -32.68 -25.52 -72.64
C TYR M 435 -33.07 -25.90 -74.05
N GLU M 436 -32.81 -25.03 -75.04
CA GLU M 436 -33.17 -25.34 -76.41
C GLU M 436 -32.15 -26.25 -77.10
N GLU M 437 -30.96 -26.41 -76.54
CA GLU M 437 -29.93 -27.24 -77.16
C GLU M 437 -29.72 -28.57 -76.45
N PHE M 438 -29.45 -28.53 -75.15
CA PHE M 438 -28.94 -29.70 -74.44
C PHE M 438 -29.97 -30.43 -73.57
N LEU M 439 -30.81 -29.70 -72.84
CA LEU M 439 -31.67 -30.32 -71.85
C LEU M 439 -33.12 -30.49 -72.28
N GLY M 440 -33.58 -29.76 -73.30
CA GLY M 440 -34.98 -29.84 -73.68
C GLY M 440 -35.87 -29.08 -72.72
N GLU M 441 -36.64 -29.80 -71.91
CA GLU M 441 -37.53 -29.20 -70.94
C GLU M 441 -37.12 -29.60 -69.52
N PRO M 442 -37.40 -28.75 -68.52
CA PRO M 442 -37.15 -29.16 -67.14
C PRO M 442 -38.02 -30.34 -66.75
N LEU M 443 -37.46 -31.21 -65.90
CA LEU M 443 -38.06 -32.50 -65.56
C LEU M 443 -38.36 -33.30 -66.83
N GLY M 444 -37.37 -33.33 -67.73
CA GLY M 444 -37.52 -33.91 -69.06
C GLY M 444 -36.62 -35.10 -69.32
N LYS M 445 -36.56 -36.02 -68.35
CA LYS M 445 -35.79 -37.27 -68.34
C LYS M 445 -34.31 -37.08 -68.68
N GLN M 446 -33.80 -35.85 -68.58
CA GLN M 446 -32.38 -35.55 -68.67
C GLN M 446 -31.85 -34.86 -67.44
N SER M 447 -32.64 -33.95 -66.85
CA SER M 447 -32.27 -33.31 -65.61
C SER M 447 -32.28 -34.27 -64.43
N HIS M 448 -33.04 -35.36 -64.52
CA HIS M 448 -33.06 -36.34 -63.44
C HIS M 448 -31.74 -37.07 -63.30
N HIS M 449 -30.90 -37.07 -64.34
CA HIS M 449 -29.58 -37.68 -64.29
C HIS M 449 -28.48 -36.68 -63.95
N LEU M 450 -28.66 -35.42 -64.36
CA LEU M 450 -27.62 -34.41 -64.18
C LEU M 450 -27.93 -33.39 -63.10
N LEU M 451 -29.20 -33.06 -62.87
CA LEU M 451 -29.56 -31.97 -61.96
C LEU M 451 -30.39 -32.45 -60.78
N HIS M 452 -30.52 -33.75 -60.58
CA HIS M 452 -31.32 -34.28 -59.49
C HIS M 452 -30.53 -35.35 -58.73
N THR M 453 -30.74 -35.37 -57.41
CA THR M 453 -30.08 -36.34 -56.55
C THR M 453 -31.10 -36.94 -55.61
N LYS M 454 -30.79 -38.13 -55.11
CA LYS M 454 -31.63 -38.82 -54.14
C LYS M 454 -30.90 -38.82 -52.81
N TYR M 455 -31.54 -38.26 -51.79
CA TYR M 455 -30.91 -38.09 -50.47
C TYR M 455 -31.10 -39.38 -49.69
N THR M 456 -30.22 -40.35 -49.96
CA THR M 456 -30.31 -41.68 -49.36
C THR M 456 -29.01 -42.13 -48.68
N PRO M 457 -28.52 -41.39 -47.65
CA PRO M 457 -27.58 -42.03 -46.72
C PRO M 457 -28.32 -42.76 -45.61
N ARG M 458 -29.51 -42.27 -45.26
CA ARG M 458 -30.38 -42.86 -44.25
C ARG M 458 -29.67 -43.02 -42.91
N LYS M 459 -28.90 -41.99 -42.55
CA LYS M 459 -28.08 -42.03 -41.35
C LYS M 459 -28.95 -41.97 -40.10
N THR N 21 -42.57 9.94 41.64
CA THR N 21 -42.84 8.77 40.81
C THR N 21 -44.19 8.15 41.15
N GLN N 22 -44.79 7.48 40.17
CA GLN N 22 -46.10 6.87 40.33
C GLN N 22 -46.07 5.47 39.75
N LEU N 23 -46.82 4.56 40.35
CA LEU N 23 -46.81 3.15 39.94
C LEU N 23 -47.45 3.02 38.56
N ASN N 24 -46.83 2.20 37.71
CA ASN N 24 -47.29 2.04 36.34
C ASN N 24 -48.63 1.33 36.31
N PRO N 25 -49.65 1.88 35.63
CA PRO N 25 -50.90 1.16 35.46
C PRO N 25 -50.75 0.04 34.44
N PHE N 26 -51.56 -1.01 34.63
CA PHE N 26 -51.57 -2.13 33.72
C PHE N 26 -53.00 -2.61 33.51
N VAL N 27 -53.34 -2.95 32.27
CA VAL N 27 -54.68 -3.41 31.94
C VAL N 27 -54.83 -4.87 32.32
N VAL N 28 -55.98 -5.24 32.86
CA VAL N 28 -56.26 -6.59 33.31
C VAL N 28 -57.62 -7.01 32.77
N ALA N 29 -57.82 -8.32 32.66
CA ALA N 29 -59.06 -8.88 32.13
C ALA N 29 -59.88 -9.51 33.25
N ASN N 30 -61.20 -9.49 33.06
CA ASN N 30 -62.14 -10.16 33.96
C ASN N 30 -62.64 -11.40 33.23
N PRO N 31 -62.26 -12.61 33.67
CA PRO N 31 -62.60 -13.81 32.89
C PRO N 31 -64.06 -14.20 33.00
N ALA N 32 -64.78 -13.73 34.02
CA ALA N 32 -66.17 -14.13 34.19
C ALA N 32 -67.09 -13.50 33.15
N LYS N 33 -66.67 -12.41 32.51
CA LYS N 33 -67.49 -11.73 31.53
C LYS N 33 -66.92 -11.78 30.11
N CYS N 34 -65.70 -12.29 29.94
CA CYS N 34 -65.11 -12.40 28.61
C CYS N 34 -65.71 -13.59 27.87
N ILE N 35 -65.84 -13.45 26.55
CA ILE N 35 -66.40 -14.51 25.72
C ILE N 35 -65.35 -15.15 24.81
N GLY N 36 -64.32 -14.41 24.40
CA GLY N 36 -63.39 -14.93 23.43
C GLY N 36 -63.66 -14.45 22.02
N CYS N 37 -64.40 -13.37 21.86
CA CYS N 37 -64.81 -12.88 20.55
C CYS N 37 -63.68 -12.31 19.72
N LYS N 38 -62.50 -12.12 20.33
CA LYS N 38 -61.30 -11.65 19.62
C LYS N 38 -61.52 -10.28 18.97
N ALA N 39 -62.37 -9.48 19.56
CA ALA N 39 -62.60 -8.11 19.10
C ALA N 39 -61.68 -7.10 19.77
N CYS N 40 -60.87 -7.54 20.73
CA CYS N 40 -59.92 -6.68 21.41
C CYS N 40 -58.55 -6.67 20.76
N GLU N 41 -58.11 -7.81 20.20
CA GLU N 41 -56.85 -7.84 19.48
C GLU N 41 -56.93 -7.04 18.19
N VAL N 42 -58.07 -7.11 17.50
CA VAL N 42 -58.23 -6.44 16.21
C VAL N 42 -58.13 -4.93 16.37
N ALA N 43 -58.76 -4.39 17.42
CA ALA N 43 -58.70 -2.95 17.65
C ALA N 43 -57.28 -2.49 17.95
N CYS N 44 -56.55 -3.26 18.76
CA CYS N 44 -55.17 -2.91 19.06
C CYS N 44 -54.30 -2.95 17.81
N PHE N 45 -54.48 -3.97 16.97
CA PHE N 45 -53.73 -4.06 15.73
C PHE N 45 -54.04 -2.89 14.81
N ALA N 46 -55.32 -2.50 14.74
CA ALA N 46 -55.70 -1.37 13.90
C ALA N 46 -55.15 -0.06 14.43
N VAL N 47 -55.10 0.10 15.75
CA VAL N 47 -54.73 1.39 16.31
C VAL N 47 -53.21 1.57 16.32
N HIS N 48 -52.44 0.48 16.36
CA HIS N 48 -50.98 0.64 16.32
C HIS N 48 -50.40 0.67 14.92
N ASN N 49 -51.17 0.39 13.88
CA ASN N 49 -50.65 0.33 12.52
C ASN N 49 -51.22 1.42 11.63
N ARG N 50 -51.39 2.63 12.17
CA ARG N 50 -51.86 3.75 11.37
C ARG N 50 -50.84 4.17 10.32
N ASN N 51 -49.55 3.89 10.53
CA ASN N 51 -48.53 4.20 9.53
C ASN N 51 -48.47 3.17 8.42
N ASN N 52 -49.24 2.09 8.51
CA ASN N 52 -49.28 1.05 7.49
C ASN N 52 -50.49 1.19 6.57
N HIS N 53 -51.09 2.38 6.51
CA HIS N 53 -52.19 2.71 5.61
C HIS N 53 -53.41 1.81 5.85
N VAL N 54 -53.99 1.94 7.04
CA VAL N 54 -55.27 1.32 7.36
C VAL N 54 -56.28 2.44 7.61
N GLY N 55 -57.49 2.26 7.09
CA GLY N 55 -58.51 3.29 7.21
C GLY N 55 -59.75 2.84 7.93
N ALA N 56 -59.57 2.04 8.99
CA ALA N 56 -60.67 1.48 9.78
C ALA N 56 -61.65 0.71 8.89
N THR N 57 -61.10 -0.04 7.94
CA THR N 57 -61.91 -0.82 7.00
C THR N 57 -61.07 -1.96 6.46
N VAL N 58 -61.59 -3.19 6.59
CA VAL N 58 -60.90 -4.35 6.04
C VAL N 58 -60.92 -4.26 4.51
N GLY N 59 -59.73 -4.45 3.91
CA GLY N 59 -59.52 -4.21 2.50
C GLY N 59 -58.36 -3.27 2.24
N THR N 60 -58.13 -2.33 3.14
CA THR N 60 -56.95 -1.49 3.14
C THR N 60 -55.79 -2.12 3.89
N VAL N 61 -56.00 -3.29 4.50
CA VAL N 61 -54.98 -3.96 5.30
C VAL N 61 -54.16 -4.84 4.37
N SER N 62 -52.95 -4.39 4.04
CA SER N 62 -52.01 -5.18 3.25
C SER N 62 -50.90 -5.77 4.11
N ILE N 63 -51.11 -5.82 5.43
CA ILE N 63 -50.11 -6.29 6.37
C ILE N 63 -50.66 -7.49 7.13
N PRO N 64 -49.87 -8.52 7.40
CA PRO N 64 -50.32 -9.58 8.30
C PRO N 64 -50.64 -9.01 9.67
N VAL N 65 -51.61 -9.62 10.34
CA VAL N 65 -52.11 -9.09 11.60
C VAL N 65 -51.22 -9.54 12.75
N ILE N 66 -50.79 -8.59 13.57
CA ILE N 66 -50.03 -8.86 14.79
C ILE N 66 -50.60 -8.04 15.93
N PRO N 67 -51.24 -8.67 16.91
CA PRO N 67 -51.74 -7.91 18.07
C PRO N 67 -50.71 -7.81 19.17
N ARG N 68 -51.09 -7.23 20.30
CA ARG N 68 -50.18 -7.10 21.44
C ARG N 68 -50.57 -7.95 22.64
N LEU N 69 -51.86 -8.01 23.00
CA LEU N 69 -52.33 -8.96 23.99
C LEU N 69 -52.73 -10.25 23.28
N HIS N 70 -52.62 -11.37 24.00
CA HIS N 70 -52.87 -12.68 23.42
C HIS N 70 -53.92 -13.42 24.24
N LEU N 71 -54.90 -14.00 23.54
CA LEU N 71 -56.02 -14.68 24.16
C LEU N 71 -55.74 -16.17 24.20
N ILE N 72 -55.97 -16.80 25.36
CA ILE N 72 -55.95 -18.25 25.44
C ILE N 72 -57.14 -18.73 26.26
N LYS N 73 -57.44 -20.01 26.07
CA LYS N 73 -58.58 -20.68 26.66
C LYS N 73 -58.12 -21.92 27.41
N THR N 74 -58.77 -22.19 28.54
CA THR N 74 -58.54 -23.44 29.25
C THR N 74 -59.91 -24.07 29.53
N GLU N 75 -59.95 -25.12 30.35
CA GLU N 75 -61.23 -25.71 30.71
C GLU N 75 -62.08 -24.74 31.51
N HIS N 76 -61.46 -23.99 32.42
CA HIS N 76 -62.17 -23.05 33.28
C HIS N 76 -62.15 -21.63 32.72
N GLY N 77 -62.51 -21.43 31.45
CA GLY N 77 -62.73 -20.10 30.92
C GLY N 77 -61.66 -19.66 29.94
N THR N 78 -61.95 -18.50 29.32
CA THR N 78 -61.12 -17.90 28.29
C THR N 78 -60.80 -16.48 28.70
N MET N 79 -59.56 -16.04 28.43
CA MET N 79 -59.27 -14.62 28.60
C MET N 79 -58.01 -14.29 27.81
N PRO N 80 -57.77 -13.01 27.53
CA PRO N 80 -56.45 -12.58 27.08
C PRO N 80 -55.58 -12.11 28.23
N ILE N 81 -54.27 -12.21 28.00
CA ILE N 81 -53.28 -11.64 28.91
C ILE N 81 -52.31 -10.79 28.10
N GLN N 82 -51.61 -9.91 28.81
CA GLN N 82 -50.74 -8.92 28.22
C GLN N 82 -49.64 -8.57 29.21
N CYS N 83 -48.85 -7.56 28.85
CA CYS N 83 -47.78 -7.11 29.72
C CYS N 83 -48.31 -6.50 31.00
N ARG N 84 -47.78 -6.93 32.14
CA ARG N 84 -48.20 -6.40 33.43
C ARG N 84 -47.41 -5.16 33.86
N HIS N 85 -46.38 -4.79 33.10
CA HIS N 85 -45.56 -3.61 33.37
C HIS N 85 -44.94 -3.69 34.77
N CYS N 86 -44.11 -4.71 34.95
CA CYS N 86 -43.44 -4.93 36.23
C CYS N 86 -42.49 -3.78 36.53
N GLU N 87 -42.44 -3.38 37.81
CA GLU N 87 -41.55 -2.29 38.20
C GLU N 87 -40.09 -2.71 38.11
N ASP N 88 -39.75 -3.87 38.67
CA ASP N 88 -38.40 -4.44 38.53
C ASP N 88 -38.43 -5.44 37.38
N ALA N 89 -38.59 -4.89 36.17
CA ALA N 89 -38.89 -5.70 35.00
C ALA N 89 -37.72 -6.60 34.64
N PRO N 90 -37.91 -7.92 34.56
CA PRO N 90 -36.81 -8.79 34.14
C PRO N 90 -36.44 -8.61 32.68
N CYS N 91 -37.41 -8.32 31.81
CA CYS N 91 -37.13 -8.18 30.39
C CYS N 91 -36.22 -6.99 30.11
N ALA N 92 -36.34 -5.91 30.88
CA ALA N 92 -35.44 -4.78 30.70
C ALA N 92 -34.03 -5.12 31.18
N ASN N 93 -33.91 -5.88 32.26
CA ASN N 93 -32.59 -6.20 32.80
C ASN N 93 -31.84 -7.18 31.92
N VAL N 94 -32.54 -8.13 31.30
CA VAL N 94 -31.86 -9.13 30.48
C VAL N 94 -31.26 -8.49 29.23
N CYS N 95 -32.00 -7.59 28.59
CA CYS N 95 -31.56 -7.00 27.33
C CYS N 95 -30.30 -6.18 27.52
N THR N 96 -29.22 -6.59 26.86
CA THR N 96 -27.93 -5.90 26.99
C THR N 96 -27.86 -4.66 26.11
N VAL N 97 -28.58 -4.64 24.99
CA VAL N 97 -28.59 -3.46 24.14
C VAL N 97 -29.29 -2.30 24.83
N GLY N 98 -30.36 -2.59 25.56
CA GLY N 98 -31.11 -1.55 26.24
C GLY N 98 -32.28 -1.00 25.45
N ALA N 99 -32.91 -1.82 24.60
CA ALA N 99 -34.03 -1.34 23.81
C ALA N 99 -35.26 -1.13 24.69
N ILE N 100 -35.46 -1.95 25.70
CA ILE N 100 -36.63 -1.83 26.56
C ILE N 100 -36.38 -0.74 27.59
N LYS N 101 -37.24 0.28 27.59
CA LYS N 101 -37.12 1.42 28.48
C LYS N 101 -38.49 1.77 29.02
N ARG N 102 -38.50 2.55 30.11
CA ARG N 102 -39.74 3.12 30.64
C ARG N 102 -39.82 4.56 30.13
N GLU N 103 -40.42 4.73 28.96
CA GLU N 103 -40.46 6.05 28.33
C GLU N 103 -41.43 6.98 29.04
N GLY N 104 -42.62 6.50 29.37
CA GLY N 104 -43.60 7.31 30.04
C GLY N 104 -44.06 6.70 31.35
N ASN N 105 -45.37 6.73 31.61
CA ASN N 105 -45.91 6.04 32.77
C ASN N 105 -45.80 4.52 32.61
N ALA N 106 -45.78 4.04 31.37
CA ALA N 106 -45.68 2.63 31.07
C ALA N 106 -44.27 2.25 30.64
N ILE N 107 -44.04 0.95 30.50
CA ILE N 107 -42.78 0.42 29.99
C ILE N 107 -42.98 -0.01 28.55
N VAL N 108 -42.09 0.43 27.67
CA VAL N 108 -42.25 0.25 26.23
C VAL N 108 -41.01 -0.41 25.66
N VAL N 109 -41.16 -0.98 24.48
CA VAL N 109 -40.06 -1.55 23.72
C VAL N 109 -39.71 -0.60 22.59
N ASP N 110 -38.44 -0.53 22.24
CA ASP N 110 -37.96 0.32 21.15
C ASP N 110 -37.63 -0.57 19.96
N GLU N 111 -38.17 -0.23 18.80
CA GLU N 111 -38.01 -1.02 17.60
C GLU N 111 -36.79 -0.60 16.78
N LYS N 112 -35.98 0.32 17.28
CA LYS N 112 -34.79 0.78 16.57
C LYS N 112 -33.51 0.15 17.08
N LEU N 113 -33.44 -0.18 18.37
CA LEU N 113 -32.26 -0.79 18.96
C LEU N 113 -32.39 -2.28 19.17
N CYS N 114 -33.54 -2.88 18.87
CA CYS N 114 -33.70 -4.31 19.02
C CYS N 114 -32.86 -5.05 17.99
N ILE N 115 -32.20 -6.12 18.44
CA ILE N 115 -31.33 -6.90 17.57
C ILE N 115 -31.84 -8.32 17.38
N GLY N 116 -32.83 -8.77 18.14
CA GLY N 116 -33.38 -10.10 17.98
C GLY N 116 -32.82 -11.17 18.91
N CYS N 117 -31.96 -10.80 19.86
CA CYS N 117 -31.46 -11.76 20.83
C CYS N 117 -32.61 -12.21 21.73
N LYS N 118 -33.06 -13.43 21.55
CA LYS N 118 -34.33 -13.88 22.14
C LYS N 118 -34.25 -14.07 23.63
N SER N 119 -33.23 -13.58 24.32
CA SER N 119 -33.11 -13.81 25.75
C SER N 119 -34.25 -13.14 26.52
N CYS N 120 -34.85 -12.08 25.97
CA CYS N 120 -35.99 -11.47 26.62
C CYS N 120 -37.20 -12.39 26.62
N LEU N 121 -37.22 -13.39 25.73
CA LEU N 121 -38.27 -14.40 25.78
C LEU N 121 -38.06 -15.37 26.93
N LEU N 122 -36.83 -15.46 27.45
CA LEU N 122 -36.52 -16.34 28.56
C LEU N 122 -36.64 -15.64 29.91
N ALA N 123 -37.11 -14.40 29.93
CA ALA N 123 -37.21 -13.62 31.16
C ALA N 123 -38.63 -13.39 31.61
N CYS N 124 -39.52 -13.00 30.71
CA CYS N 124 -40.89 -12.66 31.09
C CYS N 124 -41.66 -13.91 31.46
N PRO N 125 -42.13 -14.06 32.70
CA PRO N 125 -42.88 -15.26 33.06
C PRO N 125 -44.28 -15.28 32.48
N PHE N 126 -44.85 -14.13 32.17
CA PHE N 126 -46.20 -14.08 31.62
C PHE N 126 -46.22 -14.31 30.11
N GLY N 127 -45.07 -14.25 29.44
CA GLY N 127 -45.00 -14.51 28.02
C GLY N 127 -45.76 -13.52 27.18
N ALA N 128 -45.59 -12.23 27.44
CA ALA N 128 -46.27 -11.18 26.70
C ALA N 128 -45.46 -10.63 25.55
N ILE N 129 -44.24 -11.13 25.34
CA ILE N 129 -43.36 -10.64 24.28
C ILE N 129 -43.31 -11.69 23.17
N GLU N 130 -43.47 -11.25 21.93
CA GLU N 130 -43.36 -12.16 20.79
C GLU N 130 -42.42 -11.56 19.74
N LEU N 131 -41.54 -12.38 19.18
CA LEU N 131 -40.57 -11.92 18.19
C LEU N 131 -41.15 -12.15 16.80
N LEU N 132 -41.43 -11.07 16.09
CA LEU N 132 -42.10 -11.15 14.79
C LEU N 132 -41.49 -10.12 13.85
N PRO N 133 -41.62 -10.33 12.54
CA PRO N 133 -41.06 -9.36 11.59
C PRO N 133 -41.69 -7.98 11.72
N GLN N 134 -40.88 -6.95 11.47
CA GLN N 134 -41.34 -5.57 11.52
C GLN N 134 -41.97 -5.18 10.20
N TYR N 135 -43.06 -4.42 10.26
CA TYR N 135 -43.78 -3.96 9.08
C TYR N 135 -43.88 -2.44 9.13
N GLU N 136 -43.39 -1.77 8.10
CA GLU N 136 -43.43 -0.31 8.04
C GLU N 136 -43.79 0.14 6.63
N ASP N 137 -44.64 1.16 6.55
CA ASP N 137 -45.04 1.79 5.28
C ASP N 137 -45.66 0.78 4.32
N GLY N 138 -46.40 -0.19 4.87
CA GLY N 138 -47.12 -1.15 4.07
C GLY N 138 -46.29 -2.26 3.46
N ARG N 139 -45.01 -2.35 3.79
CA ARG N 139 -44.14 -3.37 3.22
C ARG N 139 -43.25 -3.95 4.31
N GLU N 140 -42.85 -5.21 4.11
CA GLU N 140 -41.95 -5.87 5.03
C GLU N 140 -40.57 -5.25 4.97
N VAL N 141 -39.95 -5.09 6.14
CA VAL N 141 -38.59 -4.54 6.20
C VAL N 141 -37.58 -5.67 5.96
N PHE N 142 -36.48 -5.34 5.31
CA PHE N 142 -35.45 -6.30 4.95
C PHE N 142 -34.10 -5.86 5.51
N GLN N 143 -33.39 -6.80 6.10
CA GLN N 143 -32.04 -6.52 6.59
C GLN N 143 -31.08 -6.37 5.42
N ILE N 144 -29.96 -5.70 5.68
CA ILE N 144 -29.05 -5.32 4.60
C ILE N 144 -28.21 -6.51 4.14
N ASN N 145 -27.50 -7.15 5.07
CA ASN N 145 -26.51 -8.17 4.74
C ASN N 145 -26.83 -9.49 5.45
N LEU N 146 -27.66 -10.31 4.82
CA LEU N 146 -27.93 -11.67 5.28
C LEU N 146 -28.33 -12.52 4.09
N LYS N 147 -28.25 -13.84 4.28
CA LYS N 147 -28.67 -14.78 3.24
C LYS N 147 -29.93 -15.54 3.67
N LEU N 154 -29.97 -17.11 -2.96
CA LEU N 154 -29.45 -16.04 -2.12
C LEU N 154 -30.49 -14.93 -2.00
N VAL N 155 -31.20 -14.89 -0.87
CA VAL N 155 -32.26 -13.92 -0.65
C VAL N 155 -31.92 -13.05 0.56
N GLN N 156 -32.78 -12.10 0.88
CA GLN N 156 -32.59 -11.20 2.00
C GLN N 156 -33.48 -11.61 3.16
N GLU N 157 -32.85 -11.84 4.32
CA GLU N 157 -33.59 -12.23 5.52
C GLU N 157 -34.37 -11.04 6.08
N PRO N 158 -35.55 -11.27 6.64
CA PRO N 158 -36.30 -10.18 7.25
C PRO N 158 -35.74 -9.80 8.61
N ARG N 159 -36.10 -8.60 9.05
CA ARG N 159 -35.72 -8.10 10.36
C ARG N 159 -36.84 -8.40 11.35
N ILE N 160 -36.46 -8.92 12.51
CA ILE N 160 -37.42 -9.36 13.52
C ILE N 160 -37.28 -8.48 14.76
N ILE N 161 -38.42 -7.98 15.25
CA ILE N 161 -38.48 -7.08 16.39
C ILE N 161 -39.41 -7.70 17.42
N ALA N 162 -39.19 -7.36 18.69
CA ALA N 162 -40.10 -7.77 19.74
C ALA N 162 -41.41 -7.00 19.65
N TYR N 163 -42.47 -7.62 20.18
CA TYR N 163 -43.79 -7.02 20.25
C TYR N 163 -44.37 -7.28 21.63
N LYS N 164 -44.88 -6.22 22.25
CA LYS N 164 -45.51 -6.31 23.56
C LYS N 164 -46.40 -5.08 23.75
N CYS N 165 -47.28 -5.16 24.74
CA CYS N 165 -48.16 -4.04 25.08
C CYS N 165 -47.33 -2.86 25.58
N ASP N 166 -47.61 -1.67 25.06
CA ASP N 166 -46.97 -0.45 25.51
C ASP N 166 -47.98 0.56 26.05
N LEU N 167 -49.18 0.12 26.38
CA LEU N 167 -50.25 0.90 27.00
C LEU N 167 -50.72 2.07 26.16
N CYS N 168 -50.36 2.10 24.87
CA CYS N 168 -50.79 3.13 23.92
C CYS N 168 -50.42 4.53 24.42
N ASN N 169 -49.21 4.68 24.95
CA ASN N 169 -48.81 5.94 25.56
C ASN N 169 -48.71 7.07 24.53
N ASP N 170 -48.20 6.75 23.34
CA ASP N 170 -48.10 7.77 22.29
C ASP N 170 -49.47 8.19 21.79
N LEU N 171 -50.40 7.25 21.69
CA LEU N 171 -51.75 7.54 21.22
C LEU N 171 -52.64 7.84 22.43
N GLY N 172 -53.95 7.83 22.22
CA GLY N 172 -54.88 8.22 23.27
C GLY N 172 -55.13 7.16 24.32
N GLU N 173 -56.39 6.99 24.72
CA GLU N 173 -56.75 6.01 25.72
C GLU N 173 -56.51 4.59 25.19
N PRO N 174 -56.34 3.62 26.08
CA PRO N 174 -56.14 2.23 25.64
C PRO N 174 -57.28 1.75 24.76
N ALA N 175 -56.93 1.10 23.64
CA ALA N 175 -57.91 0.68 22.67
C ALA N 175 -58.47 -0.71 22.93
N CYS N 176 -57.81 -1.51 23.77
CA CYS N 176 -58.40 -2.78 24.17
C CYS N 176 -59.67 -2.55 24.96
N VAL N 177 -59.65 -1.59 25.88
CA VAL N 177 -60.87 -1.05 26.47
C VAL N 177 -61.54 -0.18 25.41
N LYS N 178 -62.87 -0.07 25.49
CA LYS N 178 -63.78 0.62 24.58
C LYS N 178 -63.98 -0.17 23.28
N ALA N 179 -63.43 -1.37 23.18
CA ALA N 179 -63.75 -2.28 22.10
C ALA N 179 -64.33 -3.60 22.57
N CYS N 180 -64.26 -3.91 23.86
CA CYS N 180 -64.81 -5.13 24.42
C CYS N 180 -66.30 -4.95 24.67
N PRO N 181 -67.18 -5.75 24.07
CA PRO N 181 -68.62 -5.57 24.28
C PRO N 181 -69.06 -5.79 25.73
N GLU N 182 -68.39 -6.67 26.47
CA GLU N 182 -68.79 -7.00 27.82
C GLU N 182 -68.07 -6.18 28.88
N ASN N 183 -67.16 -5.28 28.48
CA ASN N 183 -66.36 -4.48 29.41
C ASN N 183 -65.61 -5.36 30.41
N ALA N 184 -65.06 -6.46 29.92
CA ALA N 184 -64.26 -7.33 30.77
C ALA N 184 -62.87 -6.75 31.01
N LEU N 185 -62.38 -5.96 30.06
CA LEU N 185 -61.06 -5.36 30.20
C LEU N 185 -61.15 -4.07 31.01
N THR N 186 -60.30 -3.95 32.03
CA THR N 186 -60.28 -2.79 32.90
C THR N 186 -58.84 -2.32 33.10
N LEU N 187 -58.66 -1.01 33.06
CA LEU N 187 -57.39 -0.39 33.43
C LEU N 187 -57.41 -0.11 34.93
N VAL N 188 -56.44 -0.65 35.66
CA VAL N 188 -56.41 -0.55 37.11
C VAL N 188 -55.24 0.32 37.53
N MET N 189 -55.44 1.07 38.62
CA MET N 189 -54.37 1.82 39.26
C MET N 189 -54.01 1.13 40.56
N PRO N 190 -52.77 0.65 40.72
CA PRO N 190 -52.46 -0.20 41.87
C PRO N 190 -52.25 0.56 43.18
N THR N 191 -52.62 1.84 43.22
CA THR N 191 -52.58 2.62 44.46
C THR N 191 -53.96 2.99 44.97
N GLU N 192 -54.83 3.49 44.10
CA GLU N 192 -56.20 3.80 44.50
C GLU N 192 -56.99 2.54 44.84
N MET N 193 -56.72 1.44 44.13
CA MET N 193 -57.42 0.19 44.41
C MET N 193 -57.11 -0.31 45.82
N LYS N 194 -55.87 -0.15 46.26
CA LYS N 194 -55.53 -0.54 47.62
C LYS N 194 -56.28 0.31 48.65
N LYS N 195 -56.44 1.60 48.37
CA LYS N 195 -57.22 2.46 49.26
C LYS N 195 -58.68 2.02 49.31
N ALA N 196 -59.25 1.67 48.15
CA ALA N 196 -60.63 1.19 48.12
C ALA N 196 -60.78 -0.11 48.91
N ARG N 197 -59.83 -1.04 48.74
CA ARG N 197 -59.88 -2.29 49.49
C ARG N 197 -59.75 -2.04 50.99
N ASN N 198 -58.87 -1.11 51.37
CA ASN N 198 -58.72 -0.78 52.79
C ASN N 198 -60.01 -0.20 53.36
N LYS N 199 -60.66 0.69 52.62
CA LYS N 199 -61.91 1.28 53.10
C LYS N 199 -63.00 0.23 53.22
N GLU N 200 -63.11 -0.67 52.24
CA GLU N 200 -64.11 -1.72 52.32
C GLU N 200 -63.86 -2.67 53.48
N ALA N 201 -62.59 -3.04 53.70
CA ALA N 201 -62.26 -3.91 54.82
C ALA N 201 -62.57 -3.24 56.16
N ALA N 202 -62.22 -1.96 56.29
CA ALA N 202 -62.49 -1.24 57.54
C ALA N 202 -63.99 -1.11 57.78
N LEU N 203 -64.77 -0.81 56.73
CA LEU N 203 -66.21 -0.70 56.89
C LEU N 203 -66.85 -2.05 57.23
N SER N 204 -66.35 -3.13 56.64
CA SER N 204 -66.88 -4.45 56.96
C SER N 204 -66.56 -4.85 58.40
N PHE N 205 -65.35 -4.52 58.86
CA PHE N 205 -64.97 -4.90 60.22
C PHE N 205 -65.68 -4.05 61.26
N LEU N 206 -65.82 -2.75 61.00
CA LEU N 206 -66.40 -1.84 62.00
C LEU N 206 -67.91 -2.03 62.15
N ARG N 207 -68.58 -2.52 61.11
CA ARG N 207 -70.02 -2.73 61.20
C ARG N 207 -70.39 -3.93 62.07
N VAL N 208 -69.44 -4.82 62.34
CA VAL N 208 -69.67 -5.98 63.18
C VAL N 208 -69.31 -5.71 64.63
N VAL N 209 -68.19 -5.05 64.87
CA VAL N 209 -67.75 -4.73 66.23
C VAL N 209 -68.65 -3.66 66.84
N GLN O 6 50.71 -31.24 -11.65
CA GLN O 6 50.58 -32.68 -11.82
C GLN O 6 50.46 -33.37 -10.46
N GLU O 7 51.26 -32.92 -9.50
CA GLU O 7 51.24 -33.47 -8.15
C GLU O 7 50.55 -32.50 -7.21
N LYS O 8 49.58 -32.99 -6.45
CA LYS O 8 48.80 -32.18 -5.53
C LYS O 8 49.36 -32.32 -4.12
N VAL O 9 49.74 -31.20 -3.52
CA VAL O 9 50.31 -31.18 -2.18
C VAL O 9 49.42 -30.33 -1.28
N LEU O 10 49.07 -30.87 -0.12
CA LEU O 10 48.22 -30.15 0.82
C LEU O 10 49.05 -29.21 1.70
N THR O 11 48.55 -27.99 1.88
CA THR O 11 49.24 -26.97 2.65
C THR O 11 48.18 -26.04 3.24
N THR O 12 48.56 -25.31 4.29
CA THR O 12 47.70 -24.28 4.87
C THR O 12 48.24 -22.91 4.48
N CYS O 13 47.34 -22.02 4.07
CA CYS O 13 47.75 -20.71 3.55
C CYS O 13 48.41 -19.88 4.65
N PRO O 14 49.63 -19.40 4.45
CA PRO O 14 50.33 -18.63 5.49
C PRO O 14 50.16 -17.12 5.42
N TYR O 15 49.24 -16.60 4.61
CA TYR O 15 49.18 -15.16 4.40
C TYR O 15 48.50 -14.43 5.56
N CYS O 16 47.37 -14.94 6.03
CA CYS O 16 46.70 -14.37 7.19
C CYS O 16 46.38 -15.48 8.18
N GLY O 17 45.74 -15.10 9.29
CA GLY O 17 45.47 -16.02 10.38
C GLY O 17 44.20 -16.83 10.27
N THR O 18 43.42 -16.66 9.21
CA THR O 18 42.16 -17.39 9.10
C THR O 18 42.40 -18.89 8.94
N GLY O 19 43.32 -19.27 8.06
CA GLY O 19 43.66 -20.67 7.90
C GLY O 19 42.76 -21.37 6.90
N CYS O 20 43.34 -21.85 5.80
CA CYS O 20 42.55 -22.47 4.75
C CYS O 20 43.34 -23.61 4.13
N GLY O 21 42.62 -24.62 3.65
CA GLY O 21 43.25 -25.67 2.87
C GLY O 21 43.73 -25.16 1.54
N LEU O 22 44.77 -25.81 1.00
CA LEU O 22 45.41 -25.28 -0.20
C LEU O 22 46.10 -26.45 -0.91
N TYR O 23 45.59 -26.84 -2.07
CA TYR O 23 46.20 -27.88 -2.89
C TYR O 23 47.09 -27.22 -3.93
N LEU O 24 48.40 -27.36 -3.77
CA LEU O 24 49.37 -26.84 -4.72
C LEU O 24 49.58 -27.90 -5.80
N LYS O 25 49.33 -27.53 -7.05
CA LYS O 25 49.61 -28.39 -8.20
C LYS O 25 51.01 -28.05 -8.70
N VAL O 26 51.96 -28.92 -8.41
CA VAL O 26 53.35 -28.74 -8.80
C VAL O 26 53.65 -29.65 -9.98
N GLU O 27 54.56 -29.19 -10.85
CA GLU O 27 54.94 -29.94 -12.03
C GLU O 27 56.32 -29.48 -12.47
N ASN O 28 57.22 -30.44 -12.69
CA ASN O 28 58.61 -30.17 -13.05
C ASN O 28 59.28 -29.23 -12.04
N GLU O 29 59.04 -29.51 -10.75
CA GLU O 29 59.65 -28.87 -9.59
C GLU O 29 59.12 -27.45 -9.37
N LYS O 30 58.35 -26.90 -10.29
CA LYS O 30 57.82 -25.54 -10.18
C LYS O 30 56.31 -25.59 -9.95
N ILE O 31 55.83 -24.73 -9.06
CA ILE O 31 54.40 -24.66 -8.76
C ILE O 31 53.67 -24.06 -9.95
N VAL O 32 52.61 -24.73 -10.40
CA VAL O 32 51.89 -24.30 -11.60
C VAL O 32 50.46 -23.92 -11.26
N GLY O 33 49.87 -24.58 -10.26
CA GLY O 33 48.45 -24.39 -9.99
C GLY O 33 48.16 -24.29 -8.51
N VAL O 34 47.02 -23.66 -8.22
CA VAL O 34 46.52 -23.48 -6.86
C VAL O 34 45.04 -23.81 -6.85
N GLU O 35 44.63 -24.68 -5.91
CA GLU O 35 43.24 -25.06 -5.79
C GLU O 35 42.80 -25.04 -4.34
N PRO O 36 41.52 -24.79 -4.08
CA PRO O 36 41.00 -24.92 -2.71
C PRO O 36 40.50 -26.32 -2.41
N ASP O 37 40.33 -26.59 -1.12
CA ASP O 37 39.84 -27.89 -0.67
C ASP O 37 38.32 -27.87 -0.60
N LYS O 38 37.68 -28.76 -1.35
CA LYS O 38 36.22 -28.84 -1.31
C LYS O 38 35.71 -29.43 -0.02
N LEU O 39 36.53 -30.20 0.70
CA LEU O 39 36.11 -30.90 1.91
C LEU O 39 36.59 -30.21 3.18
N HIS O 40 37.35 -29.14 3.08
CA HIS O 40 37.80 -28.43 4.26
C HIS O 40 36.63 -27.67 4.89
N PRO O 41 36.38 -27.82 6.19
CA PRO O 41 35.22 -27.18 6.82
C PRO O 41 35.41 -25.72 7.16
N VAL O 42 36.48 -25.07 6.72
CA VAL O 42 36.69 -23.66 7.02
C VAL O 42 36.45 -22.82 5.78
N ASN O 43 37.26 -23.01 4.74
CA ASN O 43 37.12 -22.21 3.53
C ASN O 43 35.99 -22.71 2.63
N GLN O 44 35.62 -23.98 2.73
CA GLN O 44 34.54 -24.64 2.00
C GLN O 44 34.80 -24.77 0.50
N GLY O 45 35.98 -24.38 0.03
CA GLY O 45 36.31 -24.57 -1.38
C GLY O 45 36.42 -23.28 -2.16
N GLU O 46 36.84 -22.21 -1.50
CA GLU O 46 36.92 -20.90 -2.13
C GLU O 46 37.79 -19.99 -1.27
N LEU O 47 38.71 -19.27 -1.93
CA LEU O 47 39.72 -18.48 -1.24
C LEU O 47 39.62 -17.02 -1.67
N CYS O 48 40.46 -16.19 -1.05
CA CYS O 48 40.58 -14.78 -1.40
C CYS O 48 41.69 -14.60 -2.43
N ILE O 49 42.10 -13.35 -2.65
CA ILE O 49 43.12 -13.07 -3.66
C ILE O 49 44.47 -13.62 -3.25
N LYS O 50 44.82 -13.54 -1.96
CA LYS O 50 46.15 -13.93 -1.53
C LYS O 50 46.36 -15.43 -1.65
N GLY O 51 45.37 -16.23 -1.28
CA GLY O 51 45.51 -17.68 -1.40
C GLY O 51 45.52 -18.15 -2.84
N TYR O 52 44.70 -17.54 -3.70
CA TYR O 52 44.62 -17.99 -5.09
C TYR O 52 45.86 -17.65 -5.89
N TYR O 53 46.56 -16.58 -5.54
CA TYR O 53 47.74 -16.15 -6.28
C TYR O 53 48.88 -15.79 -5.34
N GLY O 54 49.13 -16.64 -4.35
CA GLY O 54 50.29 -16.54 -3.50
C GLY O 54 51.45 -17.43 -3.89
N TYR O 55 51.33 -18.16 -5.01
CA TYR O 55 52.37 -19.08 -5.43
C TYR O 55 53.40 -18.44 -6.34
N LYS O 56 53.21 -17.19 -6.75
CA LYS O 56 54.12 -16.50 -7.65
C LYS O 56 55.20 -15.72 -6.90
N TYR O 57 55.57 -16.18 -5.71
CA TYR O 57 56.55 -15.47 -4.89
C TYR O 57 57.73 -16.37 -4.50
N VAL O 58 57.86 -17.54 -5.13
CA VAL O 58 58.88 -18.49 -4.74
C VAL O 58 59.90 -18.77 -5.84
N HIS O 59 59.58 -18.51 -7.10
CA HIS O 59 60.49 -18.82 -8.20
C HIS O 59 60.98 -17.56 -8.90
N ASP O 60 61.06 -16.45 -8.16
CA ASP O 60 61.57 -15.21 -8.73
C ASP O 60 63.07 -15.34 -9.04
N PRO O 61 63.53 -14.71 -10.12
CA PRO O 61 64.96 -14.77 -10.45
C PRO O 61 65.84 -13.99 -9.50
N ARG O 62 65.29 -13.15 -8.64
CA ARG O 62 66.05 -12.34 -7.71
C ARG O 62 66.16 -12.96 -6.32
N ARG O 63 65.69 -14.20 -6.16
CA ARG O 63 65.77 -14.87 -4.87
C ARG O 63 67.22 -15.10 -4.47
N LEU O 64 67.49 -14.97 -3.18
CA LEU O 64 68.84 -15.17 -2.66
C LEU O 64 69.21 -16.64 -2.72
N THR O 65 70.38 -16.94 -3.26
CA THR O 65 70.82 -18.31 -3.45
C THR O 65 72.17 -18.62 -2.82
N SER O 66 72.84 -17.64 -2.22
CA SER O 66 74.15 -17.86 -1.61
C SER O 66 74.37 -16.79 -0.55
N PRO O 67 75.11 -17.09 0.51
CA PRO O 67 75.45 -16.05 1.49
C PRO O 67 76.40 -15.01 0.92
N LEU O 68 76.25 -13.78 1.41
CA LEU O 68 77.12 -12.67 1.05
C LEU O 68 77.67 -12.04 2.33
N ILE O 69 78.94 -11.68 2.30
CA ILE O 69 79.59 -11.03 3.43
C ILE O 69 80.16 -9.69 2.98
N LYS O 70 80.05 -8.70 3.86
CA LYS O 70 80.56 -7.35 3.58
C LYS O 70 81.98 -7.26 4.12
N LYS O 71 82.96 -7.16 3.21
CA LYS O 71 84.36 -7.04 3.61
C LYS O 71 84.81 -5.59 3.64
N ASN O 72 84.69 -4.89 2.51
CA ASN O 72 85.08 -3.48 2.41
C ASN O 72 83.93 -2.62 1.91
N GLY O 73 82.71 -2.89 2.37
CA GLY O 73 81.53 -2.18 1.91
C GLY O 73 80.83 -2.80 0.72
N LYS O 74 81.39 -3.86 0.14
CA LYS O 74 80.81 -4.52 -1.02
C LYS O 74 80.72 -6.00 -0.71
N PHE O 75 79.53 -6.58 -0.90
CA PHE O 75 79.30 -7.98 -0.58
C PHE O 75 80.01 -8.90 -1.57
N VAL O 76 80.74 -9.87 -1.02
CA VAL O 76 81.47 -10.82 -1.85
C VAL O 76 80.91 -12.23 -1.60
N PRO O 77 80.64 -13.00 -2.67
CA PRO O 77 80.09 -14.34 -2.47
C PRO O 77 81.12 -15.29 -1.88
N VAL O 78 80.71 -16.03 -0.85
CA VAL O 78 81.56 -17.01 -0.18
C VAL O 78 80.73 -18.26 0.10
N SER O 79 81.40 -19.29 0.58
CA SER O 79 80.74 -20.54 0.91
C SER O 79 79.99 -20.42 2.24
N TRP O 80 79.16 -21.43 2.51
CA TRP O 80 78.40 -21.46 3.75
C TRP O 80 79.32 -21.65 4.96
N ASP O 81 80.35 -22.49 4.81
CA ASP O 81 81.22 -22.83 5.93
C ASP O 81 82.01 -21.61 6.42
N GLU O 82 82.52 -20.80 5.49
CA GLU O 82 83.27 -19.60 5.88
C GLU O 82 82.38 -18.61 6.61
N ALA O 83 81.16 -18.40 6.10
CA ALA O 83 80.23 -17.49 6.76
C ALA O 83 79.85 -17.99 8.15
N LEU O 84 79.60 -19.30 8.28
CA LEU O 84 79.26 -19.85 9.59
C LEU O 84 80.41 -19.73 10.58
N ASN O 85 81.64 -19.98 10.11
CA ASN O 85 82.80 -19.84 10.99
C ASN O 85 83.00 -18.39 11.41
N PHE O 86 82.82 -17.45 10.48
CA PHE O 86 82.95 -16.04 10.83
C PHE O 86 81.90 -15.61 11.83
N ILE O 87 80.66 -16.08 11.65
CA ILE O 87 79.58 -15.75 12.59
C ILE O 87 79.88 -16.31 13.97
N ALA O 88 80.34 -17.56 14.01
CA ALA O 88 80.66 -18.18 15.30
C ALA O 88 81.80 -17.47 16.01
N ASN O 89 82.86 -17.11 15.27
CA ASN O 89 83.99 -16.40 15.87
C ASN O 89 83.56 -15.02 16.36
N GLY O 90 82.77 -14.29 15.57
CA GLY O 90 82.32 -12.98 15.99
C GLY O 90 81.44 -13.04 17.22
N LEU O 91 80.52 -14.02 17.26
CA LEU O 91 79.67 -14.18 18.43
C LEU O 91 80.48 -14.56 19.66
N LYS O 92 81.47 -15.43 19.50
CA LYS O 92 82.34 -15.80 20.63
C LYS O 92 83.10 -14.60 21.16
N LYS O 93 83.68 -13.80 20.25
CA LYS O 93 84.41 -12.61 20.69
C LYS O 93 83.49 -11.61 21.38
N ILE O 94 82.29 -11.41 20.83
CA ILE O 94 81.35 -10.47 21.43
C ILE O 94 80.92 -10.93 22.81
N LYS O 95 80.65 -12.23 22.97
CA LYS O 95 80.28 -12.76 24.28
C LYS O 95 81.44 -12.63 25.27
N SER O 96 82.67 -12.85 24.81
CA SER O 96 83.82 -12.76 25.70
C SER O 96 84.12 -11.31 26.09
N GLU O 97 83.73 -10.36 25.23
CA GLU O 97 84.03 -8.96 25.51
C GLU O 97 83.14 -8.40 26.62
N TYR O 98 81.82 -8.41 26.41
CA TYR O 98 80.92 -7.73 27.33
C TYR O 98 79.77 -8.59 27.85
N GLY O 99 79.51 -9.75 27.28
CA GLY O 99 78.51 -10.65 27.80
C GLY O 99 77.48 -11.07 26.76
N SER O 100 76.36 -11.59 27.26
CA SER O 100 75.32 -12.20 26.44
C SER O 100 74.17 -11.25 26.12
N ASP O 101 74.24 -9.98 26.56
CA ASP O 101 73.16 -9.03 26.34
C ASP O 101 73.35 -8.21 25.07
N ALA O 102 74.07 -8.73 24.09
CA ALA O 102 74.40 -7.98 22.88
C ALA O 102 73.49 -8.28 21.70
N PHE O 103 72.42 -9.04 21.89
CA PHE O 103 71.49 -9.28 20.80
C PHE O 103 70.09 -9.50 21.35
N ALA O 104 69.09 -9.00 20.62
CA ALA O 104 67.68 -9.23 20.92
C ALA O 104 67.03 -9.77 19.65
N MET O 105 66.92 -11.09 19.57
CA MET O 105 66.49 -11.74 18.34
C MET O 105 65.02 -11.42 18.03
N PHE O 106 64.71 -11.35 16.75
CA PHE O 106 63.38 -10.99 16.25
C PHE O 106 62.83 -12.20 15.50
N CYS O 107 62.01 -13.00 16.18
CA CYS O 107 61.37 -14.14 15.54
C CYS O 107 60.22 -13.67 14.66
N SER O 108 60.13 -14.21 13.45
CA SER O 108 59.07 -13.83 12.54
C SER O 108 57.74 -14.45 12.97
N ALA O 109 56.67 -13.69 12.75
CA ALA O 109 55.32 -14.18 12.97
C ALA O 109 54.77 -14.96 11.79
N ARG O 110 55.52 -15.02 10.68
CA ARG O 110 55.11 -15.73 9.47
C ARG O 110 55.96 -16.96 9.23
N ALA O 111 56.30 -17.67 10.30
CA ALA O 111 57.05 -18.92 10.21
C ALA O 111 56.33 -19.99 11.03
N THR O 112 56.77 -21.23 10.86
CA THR O 112 56.17 -22.33 11.59
C THR O 112 56.57 -22.26 13.07
N ASN O 113 55.86 -23.03 13.89
CA ASN O 113 56.15 -23.05 15.32
C ASN O 113 57.51 -23.67 15.62
N GLU O 114 57.97 -24.59 14.76
CA GLU O 114 59.28 -25.19 14.94
C GLU O 114 60.40 -24.16 14.80
N ASP O 115 60.22 -23.16 13.93
CA ASP O 115 61.21 -22.10 13.80
C ASP O 115 61.40 -21.36 15.12
N ASN O 116 60.30 -20.92 15.72
CA ASN O 116 60.38 -20.21 16.99
C ASN O 116 60.89 -21.12 18.10
N TYR O 117 60.47 -22.39 18.10
CA TYR O 117 60.91 -23.32 19.12
C TYR O 117 62.43 -23.51 19.08
N ALA O 118 62.97 -23.82 17.89
CA ALA O 118 64.41 -24.04 17.77
C ALA O 118 65.19 -22.76 18.00
N ALA O 119 64.67 -21.63 17.52
CA ALA O 119 65.37 -20.36 17.72
C ALA O 119 65.43 -19.99 19.19
N GLN O 120 64.34 -20.20 19.93
CA GLN O 120 64.35 -19.95 21.37
C GLN O 120 65.27 -20.92 22.10
N LYS O 121 65.28 -22.18 21.68
CA LYS O 121 66.16 -23.17 22.31
C LYS O 121 67.63 -22.79 22.11
N PHE O 122 67.99 -22.36 20.90
CA PHE O 122 69.37 -22.01 20.60
C PHE O 122 69.71 -20.57 20.94
N ALA O 123 68.74 -19.79 21.42
CA ALA O 123 69.02 -18.49 21.99
C ALA O 123 69.03 -18.49 23.51
N ARG O 124 68.46 -19.51 24.14
CA ARG O 124 68.47 -19.63 25.60
C ARG O 124 69.36 -20.75 26.09
N ALA O 125 69.23 -21.96 25.53
CA ALA O 125 70.03 -23.11 25.96
C ALA O 125 71.34 -23.22 25.20
N VAL O 126 71.80 -22.15 24.56
CA VAL O 126 73.07 -22.11 23.85
C VAL O 126 73.92 -20.92 24.29
N ILE O 127 73.33 -19.73 24.31
CA ILE O 127 74.03 -18.57 24.83
C ILE O 127 73.48 -18.26 26.23
N GLY O 128 72.18 -18.00 26.30
CA GLY O 128 71.52 -17.68 27.55
C GLY O 128 71.08 -16.24 27.63
N ILE O 129 69.82 -15.99 27.30
CA ILE O 129 69.23 -14.65 27.36
C ILE O 129 67.73 -14.81 27.24
N ASN O 130 66.99 -13.84 27.78
CA ASN O 130 65.54 -13.80 27.65
C ASN O 130 65.08 -12.74 26.65
N ASN O 131 65.99 -12.22 25.83
CA ASN O 131 65.67 -11.18 24.85
C ASN O 131 65.07 -11.85 23.62
N VAL O 132 63.78 -12.16 23.72
CA VAL O 132 63.02 -12.76 22.63
C VAL O 132 61.81 -11.88 22.34
N ASP O 133 61.58 -11.59 21.06
CA ASP O 133 60.50 -10.69 20.67
C ASP O 133 60.14 -10.96 19.21
N HIS O 134 58.97 -10.47 18.83
CA HIS O 134 58.49 -10.57 17.45
C HIS O 134 57.94 -9.22 17.02
N CYS O 135 57.93 -9.00 15.70
CA CYS O 135 57.45 -7.73 15.15
C CYS O 135 55.94 -7.58 15.26
N ALA O 136 55.21 -8.63 15.63
CA ALA O 136 53.77 -8.57 15.79
C ALA O 136 53.34 -8.14 17.19
N ARG O 137 54.29 -7.68 18.01
CA ARG O 137 53.95 -7.24 19.36
C ARG O 137 53.09 -5.98 19.34
N LEU O 138 53.37 -5.05 18.42
CA LEU O 138 52.62 -3.81 18.33
C LEU O 138 51.19 -4.05 17.85
N HIS O 140 49.32 -7.57 18.25
CA HIS O 140 48.21 -7.24 19.14
C HIS O 140 48.60 -7.48 20.59
N ALA O 141 49.56 -6.70 21.06
CA ALA O 141 50.07 -6.86 22.43
C ALA O 141 49.04 -6.61 23.52
N PRO O 142 48.26 -5.51 23.53
CA PRO O 142 47.35 -5.31 24.67
C PRO O 142 46.17 -6.28 24.69
N THR O 143 45.64 -6.66 23.53
CA THR O 143 44.44 -7.50 23.48
C THR O 143 44.68 -8.84 24.15
N VAL O 144 45.78 -9.51 23.79
CA VAL O 144 46.14 -10.77 24.46
C VAL O 144 46.47 -10.50 25.93
N ALA O 145 46.97 -9.31 26.24
CA ALA O 145 47.19 -8.96 27.64
C ALA O 145 45.90 -8.56 28.33
N GLY O 146 44.87 -8.20 27.57
CA GLY O 146 43.63 -7.74 28.15
C GLY O 146 42.74 -8.84 28.69
N LEU O 147 42.38 -9.79 27.81
CA LEU O 147 41.51 -10.89 28.22
C LEU O 147 42.15 -11.74 29.30
N ALA O 148 43.48 -11.83 29.33
CA ALA O 148 44.17 -12.54 30.38
C ALA O 148 43.92 -11.91 31.75
N MET O 149 43.72 -10.59 31.79
CA MET O 149 43.36 -9.93 33.04
C MET O 149 41.89 -10.10 33.39
N THR O 150 41.07 -10.58 32.46
CA THR O 150 39.64 -10.74 32.68
C THR O 150 39.21 -12.19 32.75
N LEU O 151 39.55 -12.99 31.73
CA LEU O 151 39.15 -14.38 31.66
C LEU O 151 40.33 -15.35 31.60
N GLY O 152 41.56 -14.86 31.55
CA GLY O 152 42.71 -15.73 31.54
C GLY O 152 42.94 -16.50 30.27
N SER O 153 42.45 -16.01 29.14
CA SER O 153 42.60 -16.67 27.86
C SER O 153 43.16 -15.68 26.83
N GLY O 154 43.79 -16.24 25.80
CA GLY O 154 44.38 -15.42 24.75
C GLY O 154 43.86 -15.74 23.36
N ALA O 155 42.95 -16.71 23.27
CA ALA O 155 42.38 -17.15 22.01
C ALA O 155 40.86 -16.95 22.05
N MET O 156 40.19 -17.34 20.98
CA MET O 156 38.74 -17.28 20.96
C MET O 156 38.15 -18.35 21.86
N THR O 157 36.99 -18.05 22.44
CA THR O 157 36.20 -19.06 23.12
C THR O 157 35.40 -19.91 22.17
N ASN O 158 35.37 -19.56 20.88
CA ASN O 158 34.56 -20.27 19.90
C ASN O 158 35.37 -20.65 18.67
N SER O 159 34.69 -21.20 17.65
CA SER O 159 35.34 -21.65 16.42
C SER O 159 34.66 -21.00 15.23
N ILE O 160 35.41 -20.88 14.13
CA ILE O 160 34.94 -20.12 12.96
C ILE O 160 33.71 -20.74 12.31
N PRO O 161 33.65 -22.05 12.00
CA PRO O 161 32.45 -22.57 11.33
C PRO O 161 31.21 -22.61 12.21
N GLU O 162 31.34 -22.38 13.52
CA GLU O 162 30.19 -22.43 14.41
C GLU O 162 29.23 -21.27 14.14
N ILE O 163 29.74 -20.15 13.63
CA ILE O 163 28.89 -19.01 13.31
C ILE O 163 27.94 -19.36 12.18
N SER O 164 28.44 -20.05 11.15
CA SER O 164 27.64 -20.38 9.97
C SER O 164 26.74 -21.59 10.19
N THR O 165 26.82 -22.26 11.34
CA THR O 165 25.96 -23.41 11.59
C THR O 165 24.50 -23.00 11.67
N TYR O 166 24.22 -21.87 12.32
CA TYR O 166 22.86 -21.38 12.45
C TYR O 166 22.88 -19.86 12.59
N SER O 167 21.72 -19.25 12.37
CA SER O 167 21.60 -17.80 12.41
C SER O 167 21.70 -17.30 13.85
N ASP O 168 22.56 -16.30 14.06
CA ASP O 168 22.75 -15.70 15.38
C ASP O 168 22.83 -14.19 15.26
N VAL O 169 23.24 -13.52 16.34
CA VAL O 169 23.48 -12.08 16.35
C VAL O 169 24.98 -11.86 16.29
N ILE O 170 25.42 -11.02 15.34
CA ILE O 170 26.83 -10.78 15.10
C ILE O 170 27.10 -9.29 15.34
N PHE O 171 28.02 -8.99 16.26
CA PHE O 171 28.39 -7.64 16.63
C PHE O 171 29.83 -7.39 16.19
N ILE O 172 30.08 -6.24 15.59
CA ILE O 172 31.39 -5.90 15.05
C ILE O 172 31.83 -4.56 15.60
N ILE O 173 33.06 -4.48 16.09
CA ILE O 173 33.67 -3.25 16.59
C ILE O 173 34.86 -2.94 15.70
N GLY O 174 34.89 -1.74 15.13
CA GLY O 174 35.98 -1.35 14.25
C GLY O 174 36.01 -2.20 12.99
N SER O 175 35.01 -2.00 12.12
CA SER O 175 34.80 -2.89 10.97
C SER O 175 35.94 -2.72 9.97
N ASN O 176 36.84 -3.69 9.94
CA ASN O 176 37.80 -3.82 8.85
C ASN O 176 37.96 -5.27 8.42
N THR O 177 37.02 -6.14 8.80
CA THR O 177 37.06 -7.55 8.46
C THR O 177 36.94 -7.78 6.95
N ALA O 178 36.33 -6.84 6.23
CA ALA O 178 36.10 -7.01 4.80
C ALA O 178 37.39 -7.16 4.02
N GLU O 179 38.48 -6.56 4.50
CA GLU O 179 39.77 -6.73 3.83
C GLU O 179 40.84 -7.09 4.86
N CYS O 180 40.47 -7.91 5.84
CA CYS O 180 41.44 -8.48 6.76
C CYS O 180 41.28 -10.00 6.80
N HIS O 181 40.02 -10.46 6.76
CA HIS O 181 39.70 -11.87 6.71
C HIS O 181 38.46 -12.03 5.84
N PRO O 182 38.64 -12.15 4.52
CA PRO O 182 37.47 -12.21 3.62
C PRO O 182 36.53 -13.37 3.88
N LEU O 183 37.05 -14.55 4.24
CA LEU O 183 36.21 -15.70 4.46
C LEU O 183 35.45 -15.66 5.78
N ILE O 184 36.00 -14.99 6.80
CA ILE O 184 35.23 -14.77 8.03
C ILE O 184 34.01 -13.92 7.74
N ALA O 185 34.19 -12.85 6.96
CA ALA O 185 33.04 -12.04 6.55
C ALA O 185 32.11 -12.81 5.62
N ALA O 186 32.66 -13.74 4.83
CA ALA O 186 31.82 -14.59 4.00
C ALA O 186 30.92 -15.48 4.85
N HIS O 187 31.48 -16.04 5.92
CA HIS O 187 30.66 -16.77 6.89
C HIS O 187 29.64 -15.87 7.55
N VAL O 188 30.02 -14.64 7.86
CA VAL O 188 29.11 -13.70 8.51
C VAL O 188 27.91 -13.40 7.62
N ILE O 189 28.17 -13.13 6.34
CA ILE O 189 27.07 -12.79 5.44
C ILE O 189 26.30 -14.04 5.01
N LYS O 190 26.95 -15.21 5.05
CA LYS O 190 26.24 -16.46 4.78
C LYS O 190 25.32 -16.84 5.93
N ALA O 191 25.59 -16.36 7.14
CA ALA O 191 24.71 -16.60 8.27
C ALA O 191 23.39 -15.85 8.14
N LYS O 192 23.30 -14.91 7.21
CA LYS O 192 22.05 -14.16 6.97
C LYS O 192 21.08 -15.04 6.17
N GLU O 193 20.59 -16.08 6.85
CA GLU O 193 19.56 -16.95 6.30
C GLU O 193 18.17 -16.46 6.67
N ARG O 194 17.94 -15.17 6.42
CA ARG O 194 16.70 -14.46 6.76
C ARG O 194 16.39 -14.51 8.25
N GLY O 195 17.40 -14.77 9.09
CA GLY O 195 17.18 -14.84 10.52
C GLY O 195 18.33 -14.31 11.35
N ALA O 196 19.32 -13.70 10.71
CA ALA O 196 20.48 -13.16 11.40
C ALA O 196 20.30 -11.67 11.66
N LYS O 197 21.09 -11.16 12.59
CA LYS O 197 21.03 -9.75 12.98
C LYS O 197 22.44 -9.22 13.12
N LEU O 198 22.78 -8.22 12.31
CA LEU O 198 24.11 -7.62 12.28
C LEU O 198 24.07 -6.26 12.97
N ILE O 199 24.96 -6.07 13.93
CA ILE O 199 25.16 -4.77 14.59
C ILE O 199 26.63 -4.41 14.42
N VAL O 200 26.89 -3.35 13.64
CA VAL O 200 28.24 -2.96 13.27
C VAL O 200 28.51 -1.55 13.75
N ALA O 201 29.64 -1.34 14.41
CA ALA O 201 30.09 -0.02 14.82
C ALA O 201 31.41 0.28 14.14
N ASP O 202 31.49 1.42 13.46
CA ASP O 202 32.68 1.73 12.67
C ASP O 202 32.79 3.24 12.45
N PRO O 203 33.90 3.87 12.86
CA PRO O 203 34.12 5.28 12.50
C PRO O 203 34.32 5.52 11.01
N ARG O 204 34.69 4.49 10.25
CA ARG O 204 34.90 4.63 8.81
C ARG O 204 33.78 3.89 8.08
N MET O 205 33.90 3.82 6.76
CA MET O 205 32.90 3.20 5.91
C MET O 205 33.56 2.07 5.12
N ASN O 206 32.98 0.88 5.20
CA ASN O 206 33.51 -0.31 4.52
C ASN O 206 32.34 -1.06 3.89
N ALA O 207 32.62 -2.27 3.41
CA ALA O 207 31.59 -3.09 2.78
C ALA O 207 30.65 -3.72 3.79
N MET O 208 31.07 -3.83 5.06
CA MET O 208 30.22 -4.48 6.05
C MET O 208 29.09 -3.57 6.52
N VAL O 209 29.35 -2.27 6.64
CA VAL O 209 28.33 -1.36 7.19
C VAL O 209 27.16 -1.18 6.23
N HIS O 210 27.40 -1.39 4.93
CA HIS O 210 26.33 -1.21 3.95
C HIS O 210 25.37 -2.39 3.89
N LYS O 211 25.70 -3.51 4.54
CA LYS O 211 24.84 -4.68 4.55
C LYS O 211 24.20 -4.91 5.91
N ALA O 212 24.34 -3.97 6.84
CA ALA O 212 23.78 -4.11 8.19
C ALA O 212 22.60 -3.18 8.35
N ASP O 213 21.56 -3.66 9.04
CA ASP O 213 20.37 -2.85 9.26
C ASP O 213 20.64 -1.73 10.27
N ILE O 214 21.58 -1.94 11.19
CA ILE O 214 21.90 -0.97 12.23
C ILE O 214 23.36 -0.57 12.07
N TRP O 215 23.61 0.72 11.90
CA TRP O 215 24.95 1.27 11.71
C TRP O 215 25.25 2.21 12.87
N LEU O 216 25.90 1.70 13.90
CA LEU O 216 26.25 2.49 15.08
C LEU O 216 27.60 3.16 14.88
N ARG O 217 27.62 4.12 13.96
CA ARG O 217 28.85 4.85 13.68
C ARG O 217 29.23 5.72 14.87
N VAL O 218 30.47 5.59 15.32
CA VAL O 218 30.95 6.30 16.49
C VAL O 218 32.32 6.90 16.18
N PRO O 219 32.61 8.12 16.63
CA PRO O 219 33.96 8.67 16.44
C PRO O 219 35.01 7.85 17.16
N SER O 220 36.23 7.87 16.61
CA SER O 220 37.31 7.07 17.15
C SER O 220 37.67 7.52 18.56
N GLY O 221 37.86 6.55 19.45
CA GLY O 221 38.14 6.83 20.84
C GLY O 221 36.93 7.04 21.71
N TYR O 222 35.73 7.04 21.13
CA TYR O 222 34.50 7.20 21.89
C TYR O 222 33.70 5.91 21.99
N ASN O 223 34.35 4.76 21.83
CA ASN O 223 33.67 3.48 21.99
C ASN O 223 33.50 3.10 23.46
N ILE O 224 34.32 3.65 24.34
CA ILE O 224 34.15 3.40 25.78
C ILE O 224 32.82 3.93 26.31
N PRO O 225 32.43 5.18 26.05
CA PRO O 225 31.07 5.58 26.46
C PRO O 225 29.98 4.81 25.76
N LEU O 226 30.20 4.39 24.51
CA LEU O 226 29.19 3.61 23.80
C LEU O 226 28.96 2.27 24.49
N ILE O 227 30.04 1.57 24.85
CA ILE O 227 29.87 0.28 25.52
C ILE O 227 29.36 0.45 26.95
N ASN O 228 29.74 1.55 27.61
CA ASN O 228 29.20 1.82 28.94
C ASN O 228 27.70 2.06 28.89
N GLY O 229 27.24 2.85 27.91
CA GLY O 229 25.81 3.03 27.72
C GLY O 229 25.11 1.75 27.30
N MET O 230 25.80 0.90 26.52
CA MET O 230 25.26 -0.40 26.16
C MET O 230 24.97 -1.24 27.41
N ILE O 231 25.95 -1.32 28.31
CA ILE O 231 25.78 -2.08 29.55
C ILE O 231 24.70 -1.44 30.41
N HIS O 232 24.65 -0.10 30.46
CA HIS O 232 23.64 0.59 31.25
C HIS O 232 22.24 0.30 30.73
N ILE O 233 22.06 0.30 29.41
CA ILE O 233 20.74 0.03 28.84
C ILE O 233 20.33 -1.40 29.07
N ILE O 234 21.24 -2.36 28.86
CA ILE O 234 20.86 -3.75 29.07
C ILE O 234 20.66 -4.07 30.54
N ILE O 235 21.27 -3.28 31.45
CA ILE O 235 20.97 -3.43 32.88
C ILE O 235 19.60 -2.85 33.20
N LYS O 236 19.27 -1.68 32.65
CA LYS O 236 18.03 -0.99 32.97
C LYS O 236 16.81 -1.79 32.52
N GLU O 237 16.90 -2.43 31.35
CA GLU O 237 15.78 -3.21 30.84
C GLU O 237 15.59 -4.53 31.58
N GLY O 238 16.51 -4.89 32.47
CA GLY O 238 16.38 -6.14 33.21
C GLY O 238 16.53 -7.39 32.38
N LEU O 239 17.44 -7.38 31.41
CA LEU O 239 17.71 -8.55 30.56
C LEU O 239 18.98 -9.28 30.97
N VAL O 240 19.36 -9.20 32.24
CA VAL O 240 20.59 -9.80 32.72
C VAL O 240 20.31 -11.23 33.19
N LYS O 241 21.10 -12.17 32.71
CA LYS O 241 21.00 -13.58 33.11
C LYS O 241 21.71 -13.72 34.45
N THR O 242 20.92 -13.66 35.54
CA THR O 242 21.48 -13.59 36.88
C THR O 242 22.12 -14.91 37.33
N ASP O 243 21.75 -16.03 36.72
CA ASP O 243 22.28 -17.31 37.16
C ASP O 243 23.78 -17.41 36.91
N PHE O 244 24.24 -16.93 35.75
CA PHE O 244 25.66 -17.06 35.41
C PHE O 244 26.52 -16.15 36.29
N VAL O 245 26.08 -14.91 36.51
CA VAL O 245 26.84 -14.00 37.34
C VAL O 245 26.79 -14.43 38.80
N LYS O 246 25.69 -15.04 39.24
CA LYS O 246 25.60 -15.51 40.62
C LYS O 246 26.45 -16.77 40.84
N ASN O 247 26.52 -17.64 39.84
CA ASN O 247 27.20 -18.93 40.01
C ASN O 247 28.70 -18.87 39.76
N HIS O 248 29.17 -17.94 38.93
CA HIS O 248 30.57 -17.91 38.55
C HIS O 248 31.26 -16.59 38.83
N ALA O 249 30.60 -15.46 38.60
CA ALA O 249 31.24 -14.17 38.78
C ALA O 249 31.29 -13.79 40.25
N VAL O 250 32.23 -12.88 40.57
CA VAL O 250 32.42 -12.47 41.95
C VAL O 250 31.55 -11.29 42.35
N GLY O 251 30.99 -10.56 41.39
CA GLY O 251 30.19 -9.40 41.72
C GLY O 251 29.40 -8.92 40.53
N PHE O 252 28.36 -8.13 40.83
CA PHE O 252 27.50 -7.56 39.80
C PHE O 252 27.41 -6.05 39.97
N GLU O 253 27.47 -5.59 41.22
CA GLU O 253 27.32 -4.16 41.51
C GLU O 253 28.56 -3.36 41.11
N GLU O 254 29.71 -4.02 40.94
CA GLU O 254 30.94 -3.30 40.60
C GLU O 254 30.84 -2.60 39.25
N MET O 255 30.31 -3.30 38.24
CA MET O 255 30.13 -2.68 36.93
C MET O 255 28.92 -1.76 36.90
N ALA O 256 27.88 -2.06 37.68
CA ALA O 256 26.72 -1.17 37.76
C ALA O 256 27.09 0.17 38.38
N LYS O 257 28.07 0.19 39.27
CA LYS O 257 28.57 1.45 39.82
C LYS O 257 29.23 2.32 38.76
N ALA O 258 29.77 1.71 37.70
CA ALA O 258 30.48 2.45 36.67
C ALA O 258 29.63 2.74 35.44
N VAL O 259 28.57 1.99 35.19
CA VAL O 259 27.77 2.21 33.98
C VAL O 259 26.54 3.08 34.22
N GLU O 260 26.09 3.23 35.47
CA GLU O 260 24.93 4.08 35.73
C GLU O 260 25.27 5.57 35.61
N LYS O 261 26.55 5.93 35.64
CA LYS O 261 26.93 7.31 35.41
C LYS O 261 26.62 7.75 33.99
N TYR O 262 26.82 6.86 33.02
CA TYR O 262 26.58 7.15 31.62
C TYR O 262 25.15 6.76 31.26
N THR O 263 24.39 7.73 30.75
CA THR O 263 23.00 7.54 30.34
C THR O 263 22.92 7.49 28.82
N PRO O 264 21.82 6.97 28.27
CA PRO O 264 21.64 7.04 26.81
C PRO O 264 21.70 8.46 26.26
N GLU O 265 21.17 9.43 26.99
CA GLU O 265 21.27 10.82 26.54
C GLU O 265 22.70 11.34 26.70
N TYR O 266 23.39 10.93 27.76
CA TYR O 266 24.77 11.37 27.96
C TYR O 266 25.63 10.98 26.76
N VAL O 267 25.55 9.72 26.35
CA VAL O 267 26.27 9.29 25.15
C VAL O 267 25.62 9.82 23.88
N GLU O 268 24.35 10.22 23.93
CA GLU O 268 23.69 10.78 22.75
C GLU O 268 24.32 12.11 22.35
N GLU O 269 24.47 13.02 23.30
CA GLU O 269 25.25 14.23 22.99
C GLU O 269 26.76 14.06 23.15
N LEU O 270 27.25 12.93 23.68
CA LEU O 270 28.68 12.70 23.67
C LEU O 270 29.16 12.22 22.30
N THR O 271 28.35 11.44 21.60
CA THR O 271 28.74 10.87 20.31
C THR O 271 27.99 11.45 19.13
N GLY O 272 26.88 12.15 19.36
CA GLY O 272 26.10 12.71 18.27
C GLY O 272 25.44 11.68 17.39
N ILE O 273 24.89 10.62 17.98
CA ILE O 273 24.26 9.54 17.22
C ILE O 273 22.82 9.42 17.71
N PRO O 274 21.92 8.90 16.87
CA PRO O 274 20.53 8.73 17.29
C PRO O 274 20.40 7.78 18.48
N LYS O 275 19.44 8.08 19.35
CA LYS O 275 19.26 7.34 20.59
C LYS O 275 18.36 6.13 20.45
N LYS O 276 17.45 6.11 19.48
CA LYS O 276 16.61 4.93 19.27
C LYS O 276 17.41 3.76 18.74
N ASP O 277 18.53 4.04 18.08
CA ASP O 277 19.38 2.96 17.55
C ASP O 277 19.98 2.14 18.69
N LEU O 278 20.35 2.78 19.79
CA LEU O 278 20.86 2.04 20.94
C LEU O 278 19.79 1.12 21.52
N ILE O 279 18.55 1.60 21.61
CA ILE O 279 17.46 0.78 22.12
C ILE O 279 17.20 -0.41 21.20
N LYS O 280 17.21 -0.17 19.89
CA LYS O 280 17.01 -1.26 18.95
C LYS O 280 18.13 -2.28 19.02
N ALA O 281 19.38 -1.81 19.15
CA ALA O 281 20.51 -2.73 19.28
C ALA O 281 20.41 -3.55 20.56
N ALA O 282 19.98 -2.91 21.65
CA ALA O 282 19.79 -3.65 22.90
C ALA O 282 18.69 -4.69 22.77
N ARG O 283 17.60 -4.34 22.08
CA ARG O 283 16.52 -5.29 21.88
C ARG O 283 16.96 -6.49 21.04
N PHE O 284 17.78 -6.23 20.01
CA PHE O 284 18.27 -7.33 19.18
C PHE O 284 19.30 -8.17 19.92
N TYR O 285 20.13 -7.55 20.75
CA TYR O 285 21.20 -8.26 21.46
C TYR O 285 20.68 -9.06 22.66
N GLY O 286 19.66 -8.55 23.35
CA GLY O 286 19.22 -9.15 24.59
C GLY O 286 18.35 -10.37 24.44
N GLN O 287 17.25 -10.25 23.69
CA GLN O 287 16.31 -11.35 23.52
C GLN O 287 16.88 -12.50 22.70
N ALA O 288 18.01 -12.31 22.03
CA ALA O 288 18.63 -13.40 21.31
C ALA O 288 19.35 -14.34 22.27
N GLN O 289 19.73 -15.51 21.75
CA GLN O 289 20.37 -16.54 22.56
C GLN O 289 21.88 -16.57 22.38
N ALA O 290 22.38 -16.45 21.15
CA ALA O 290 23.80 -16.51 20.87
C ALA O 290 24.23 -15.24 20.15
N ALA O 291 25.29 -14.60 20.64
CA ALA O 291 25.82 -13.39 20.03
C ALA O 291 27.34 -13.47 20.02
N ALA O 292 27.93 -13.19 18.85
CA ALA O 292 29.37 -13.27 18.65
C ALA O 292 29.92 -11.88 18.35
N ILE O 293 30.96 -11.50 19.08
CA ILE O 293 31.56 -10.17 18.99
C ILE O 293 32.93 -10.29 18.33
N LEU O 294 33.15 -9.50 17.29
CA LEU O 294 34.38 -9.48 16.51
C LEU O 294 34.96 -8.08 16.50
N TYR O 295 36.28 -8.00 16.35
CA TYR O 295 36.92 -6.71 16.15
C TYR O 295 38.21 -6.88 15.36
N SER O 296 38.45 -5.95 14.44
CA SER O 296 39.57 -5.99 13.51
C SER O 296 40.75 -5.21 14.09
N MET O 297 41.74 -4.89 13.25
CA MET O 297 42.96 -4.24 13.68
C MET O 297 42.74 -2.82 14.22
N GLY O 298 41.58 -2.23 13.97
CA GLY O 298 41.37 -0.83 14.33
C GLY O 298 41.46 -0.58 15.83
N VAL O 299 40.85 -1.46 16.62
CA VAL O 299 40.90 -1.29 18.07
C VAL O 299 42.17 -1.89 18.67
N THR O 300 42.79 -2.85 17.98
CA THR O 300 44.00 -3.47 18.51
C THR O 300 45.20 -2.53 18.43
N GLN O 301 45.23 -1.63 17.43
CA GLN O 301 46.33 -0.68 17.28
C GLN O 301 46.07 0.63 18.00
N PHE O 302 45.26 0.62 19.05
CA PHE O 302 44.93 1.80 19.83
C PHE O 302 45.69 1.77 21.14
N SER O 303 46.04 2.97 21.64
CA SER O 303 46.78 3.06 22.90
C SER O 303 45.92 2.63 24.08
N HIS O 304 44.63 2.96 24.06
CA HIS O 304 43.72 2.63 25.15
C HIS O 304 42.87 1.39 24.84
N GLY O 305 43.45 0.42 24.12
CA GLY O 305 42.71 -0.79 23.78
C GLY O 305 42.48 -1.73 24.94
N THR O 306 43.26 -1.59 26.02
CA THR O 306 43.07 -2.44 27.19
C THR O 306 41.71 -2.21 27.82
N GLY O 307 41.32 -0.93 27.96
CA GLY O 307 39.99 -0.65 28.47
C GLY O 307 38.90 -1.14 27.55
N ASN O 308 39.13 -1.07 26.24
CA ASN O 308 38.15 -1.55 25.26
C ASN O 308 37.93 -3.04 25.41
N VAL O 309 39.02 -3.82 25.47
CA VAL O 309 38.88 -5.26 25.57
C VAL O 309 38.34 -5.67 26.94
N VAL O 310 38.68 -4.93 28.00
CA VAL O 310 38.12 -5.22 29.32
C VAL O 310 36.61 -4.98 29.31
N SER O 311 36.16 -3.88 28.71
CA SER O 311 34.74 -3.59 28.62
C SER O 311 34.01 -4.62 27.77
N LEU O 312 34.64 -5.06 26.68
CA LEU O 312 34.05 -6.11 25.85
C LEU O 312 33.91 -7.42 26.62
N ALA O 313 34.94 -7.78 27.39
CA ALA O 313 34.86 -8.97 28.23
C ALA O 313 33.76 -8.85 29.28
N ASN O 314 33.60 -7.66 29.87
CA ASN O 314 32.54 -7.44 30.84
C ASN O 314 31.17 -7.57 30.21
N LEU O 315 31.00 -7.03 29.00
CA LEU O 315 29.73 -7.15 28.30
C LEU O 315 29.43 -8.61 27.96
N ALA O 316 30.46 -9.35 27.55
CA ALA O 316 30.26 -10.78 27.25
C ALA O 316 29.92 -11.57 28.50
N VAL O 317 30.48 -11.19 29.65
CA VAL O 317 30.19 -11.89 30.90
C VAL O 317 28.76 -11.60 31.35
N ILE O 318 28.35 -10.34 31.30
CA ILE O 318 27.04 -9.96 31.84
C ILE O 318 25.88 -10.53 31.04
N THR O 319 26.05 -10.79 29.74
CA THR O 319 24.97 -11.33 28.92
C THR O 319 24.87 -12.85 29.00
N GLY O 320 25.84 -13.52 29.61
CA GLY O 320 25.78 -14.96 29.71
C GLY O 320 26.01 -15.69 28.40
N ASN O 321 26.68 -15.07 27.44
CA ASN O 321 26.91 -15.66 26.13
C ASN O 321 28.32 -16.25 26.00
N LEU O 322 28.85 -16.81 27.09
CA LEU O 322 30.17 -17.42 27.08
C LEU O 322 30.05 -18.91 27.37
N GLY O 323 30.97 -19.68 26.80
CA GLY O 323 30.93 -21.12 26.95
C GLY O 323 29.74 -21.78 26.28
N ARG O 324 29.29 -21.24 25.16
CA ARG O 324 28.16 -21.77 24.42
C ARG O 324 28.50 -21.76 22.94
N PRO O 325 27.94 -22.69 22.16
CA PRO O 325 28.22 -22.71 20.71
C PRO O 325 27.52 -21.56 20.00
N GLY O 326 28.29 -20.76 19.27
CA GLY O 326 27.75 -19.65 18.53
C GLY O 326 27.76 -18.32 19.25
N ALA O 327 28.42 -18.23 20.41
CA ALA O 327 28.45 -17.00 21.17
C ALA O 327 29.76 -16.90 21.94
N GLY O 328 30.28 -15.67 22.06
CA GLY O 328 31.49 -15.44 22.82
C GLY O 328 32.41 -14.41 22.19
N ILE O 329 33.43 -14.00 22.94
CA ILE O 329 34.40 -13.03 22.42
C ILE O 329 35.25 -13.69 21.34
N CYS O 330 35.34 -13.04 20.19
CA CYS O 330 36.02 -13.59 19.02
C CYS O 330 37.02 -12.58 18.48
N PRO O 331 38.22 -12.49 19.08
CA PRO O 331 39.26 -11.62 18.53
C PRO O 331 39.76 -12.10 17.18
N LEU O 332 40.43 -11.21 16.46
CA LEU O 332 41.06 -11.54 15.19
C LEU O 332 42.54 -11.22 15.28
N ARG O 333 43.36 -12.09 14.68
CA ARG O 333 44.80 -11.92 14.66
C ARG O 333 45.27 -11.52 13.27
N GLY O 334 46.20 -10.58 13.21
CA GLY O 334 46.66 -10.00 11.97
C GLY O 334 47.72 -10.79 11.23
N GLN O 335 48.20 -11.89 11.77
CA GLN O 335 49.19 -12.72 11.10
C GLN O 335 48.80 -14.19 11.24
N ASN O 336 49.44 -15.02 10.42
CA ASN O 336 49.07 -16.44 10.37
C ASN O 336 49.42 -17.16 11.67
N ASN O 337 50.59 -16.86 12.25
CA ASN O 337 51.13 -17.68 13.31
C ASN O 337 51.37 -16.86 14.58
N VAL O 338 50.49 -15.91 14.88
CA VAL O 338 50.58 -15.18 16.14
C VAL O 338 50.23 -16.07 17.32
N GLN O 339 49.18 -16.87 17.18
CA GLN O 339 48.77 -17.78 18.25
C GLN O 339 49.84 -18.82 18.55
N GLY O 340 50.52 -19.31 17.52
CA GLY O 340 51.65 -20.19 17.72
C GLY O 340 52.92 -19.48 18.14
N ALA O 341 52.89 -18.15 18.21
CA ALA O 341 53.96 -17.36 18.81
C ALA O 341 53.61 -16.91 20.22
N CYS O 342 52.56 -17.50 20.82
CA CYS O 342 52.18 -17.17 22.18
C CYS O 342 52.23 -18.42 23.05
N ASP O 343 51.85 -19.56 22.48
CA ASP O 343 51.94 -20.82 23.21
C ASP O 343 53.39 -21.18 23.48
N VAL O 344 54.29 -20.86 22.54
CA VAL O 344 55.72 -21.02 22.73
C VAL O 344 56.30 -19.66 23.08
N GLY O 345 57.55 -19.67 23.54
CA GLY O 345 58.19 -18.45 23.99
C GLY O 345 58.59 -17.50 22.89
N ALA O 346 57.87 -16.37 22.79
CA ALA O 346 58.25 -15.30 21.86
C ALA O 346 58.14 -13.93 22.51
N LEU O 347 58.00 -13.88 23.83
CA LEU O 347 57.96 -12.65 24.62
C LEU O 347 58.97 -12.76 25.74
N PRO O 348 59.53 -11.64 26.20
CA PRO O 348 60.57 -11.69 27.25
C PRO O 348 60.04 -12.09 28.63
N ASN O 349 58.76 -12.43 28.76
CA ASN O 349 58.18 -12.84 30.03
C ASN O 349 57.29 -14.06 29.86
N VAL O 350 57.65 -14.97 28.94
CA VAL O 350 56.85 -16.15 28.68
C VAL O 350 57.78 -17.31 28.33
N LEU O 351 57.32 -18.53 28.62
CA LEU O 351 57.94 -19.80 28.30
C LEU O 351 56.91 -20.67 27.58
N PRO O 352 57.36 -21.60 26.73
CA PRO O 352 56.41 -22.51 26.06
C PRO O 352 55.51 -23.24 27.05
N GLY O 353 54.22 -23.28 26.73
CA GLY O 353 53.22 -23.79 27.63
C GLY O 353 52.45 -22.76 28.42
N TYR O 354 52.43 -21.50 27.97
CA TYR O 354 51.79 -20.39 28.69
C TYR O 354 52.33 -20.26 30.12
N LEU O 355 53.65 -20.40 30.26
CA LEU O 355 54.32 -20.29 31.54
C LEU O 355 55.19 -19.05 31.57
N ASP O 356 55.21 -18.37 32.71
CA ASP O 356 55.99 -17.15 32.86
C ASP O 356 57.40 -17.47 33.33
N VAL O 357 58.38 -16.78 32.75
CA VAL O 357 59.77 -17.00 33.12
C VAL O 357 60.11 -16.38 34.48
N THR O 358 59.26 -15.50 35.00
CA THR O 358 59.51 -14.89 36.30
C THR O 358 59.33 -15.89 37.45
N LYS O 359 58.65 -17.01 37.20
CA LYS O 359 58.46 -18.04 38.22
C LYS O 359 59.64 -18.99 38.18
N GLU O 360 60.28 -19.20 39.33
CA GLU O 360 61.45 -20.08 39.40
C GLU O 360 61.08 -21.55 39.24
N GLN O 361 59.84 -21.93 39.54
CA GLN O 361 59.42 -23.31 39.36
C GLN O 361 59.45 -23.71 37.89
N ASN O 362 58.96 -22.84 37.01
CA ASN O 362 59.06 -23.12 35.58
C ASN O 362 60.50 -23.07 35.09
N ARG O 363 61.33 -22.23 35.74
CA ARG O 363 62.75 -22.18 35.38
C ARG O 363 63.45 -23.49 35.70
N GLU O 364 63.15 -24.09 36.86
CA GLU O 364 63.75 -25.36 37.23
C GLU O 364 63.01 -26.56 36.62
N ARG O 365 61.86 -26.33 35.99
CA ARG O 365 61.12 -27.42 35.37
C ARG O 365 61.90 -28.04 34.21
N PHE O 366 62.54 -27.21 33.38
CA PHE O 366 63.33 -27.68 32.25
C PHE O 366 64.74 -27.09 32.38
N GLU O 367 65.67 -27.91 32.87
CA GLU O 367 67.07 -27.51 32.98
C GLU O 367 68.04 -28.47 32.31
N LYS O 368 67.75 -29.77 32.32
CA LYS O 368 68.59 -30.76 31.68
C LYS O 368 68.02 -31.26 30.36
N VAL O 369 66.72 -31.51 30.29
CA VAL O 369 66.09 -31.90 29.04
C VAL O 369 66.16 -30.77 28.02
N TRP O 370 66.17 -29.52 28.49
CA TRP O 370 66.33 -28.38 27.59
C TRP O 370 67.76 -28.24 27.10
N GLY O 371 68.73 -28.65 27.90
CA GLY O 371 70.13 -28.51 27.54
C GLY O 371 70.92 -27.69 28.54
N VAL O 372 71.48 -26.57 28.10
CA VAL O 372 72.20 -25.68 28.99
C VAL O 372 71.19 -24.88 29.82
N LYS O 373 71.58 -24.61 31.07
CA LYS O 373 70.71 -23.90 32.01
C LYS O 373 70.39 -22.50 31.52
N LEU O 374 69.22 -22.00 31.92
CA LEU O 374 68.70 -20.74 31.39
C LEU O 374 68.71 -19.66 32.46
N PRO O 375 68.90 -18.40 32.06
CA PRO O 375 68.74 -17.30 33.01
C PRO O 375 67.28 -17.11 33.41
N SER O 376 67.09 -16.55 34.60
CA SER O 376 65.76 -16.30 35.14
C SER O 376 65.37 -14.83 35.10
N ASN O 377 66.18 -13.97 34.50
CA ASN O 377 65.88 -12.55 34.46
C ASN O 377 64.92 -12.23 33.32
N ILE O 378 64.17 -11.15 33.49
CA ILE O 378 63.24 -10.70 32.46
C ILE O 378 64.01 -10.03 31.34
N GLY O 379 63.70 -10.41 30.10
CA GLY O 379 64.39 -9.87 28.94
C GLY O 379 63.94 -8.47 28.60
N LEU O 380 64.55 -7.92 27.55
CA LEU O 380 64.28 -6.57 27.09
C LEU O 380 63.16 -6.58 26.06
N ARG O 381 62.23 -5.65 26.20
CA ARG O 381 61.09 -5.57 25.30
C ARG O 381 61.53 -5.02 23.93
N VAL O 382 60.66 -5.24 22.93
CA VAL O 382 60.96 -4.79 21.58
C VAL O 382 60.94 -3.26 21.51
N THR O 383 60.18 -2.60 22.38
CA THR O 383 60.13 -1.15 22.40
C THR O 383 61.27 -0.52 23.17
N GLU O 384 62.03 -1.31 23.94
CA GLU O 384 63.14 -0.80 24.74
C GLU O 384 64.49 -0.97 24.06
N VAL O 385 64.64 -1.97 23.20
CA VAL O 385 65.92 -2.27 22.55
C VAL O 385 66.43 -1.20 21.58
N PRO O 386 65.61 -0.34 20.94
CA PRO O 386 66.22 0.76 20.18
C PRO O 386 67.06 1.71 21.02
N ASP O 387 66.67 1.96 22.27
CA ASP O 387 67.47 2.80 23.15
C ASP O 387 68.81 2.15 23.46
N ALA O 388 68.81 0.83 23.71
CA ALA O 388 70.06 0.12 23.92
C ALA O 388 70.92 0.09 22.67
N ILE O 389 70.29 0.01 21.50
CA ILE O 389 71.03 0.08 20.24
C ILE O 389 71.70 1.44 20.09
N LEU O 390 70.97 2.51 20.39
CA LEU O 390 71.54 3.86 20.28
C LEU O 390 72.69 4.07 21.26
N ASN O 391 72.55 3.57 22.49
CA ASN O 391 73.55 3.76 23.53
C ASN O 391 74.63 2.68 23.44
N LYS O 392 74.52 1.78 22.45
CA LYS O 392 75.47 0.69 22.23
C LYS O 392 75.54 -0.24 23.44
N ARG O 393 74.38 -0.78 23.80
CA ARG O 393 74.29 -1.89 24.73
C ARG O 393 73.98 -3.21 24.03
N VAL O 394 73.43 -3.16 22.82
CA VAL O 394 73.14 -4.33 22.00
C VAL O 394 73.96 -4.20 20.73
N ARG O 395 74.78 -5.21 20.45
CA ARG O 395 75.73 -5.12 19.35
C ARG O 395 75.35 -5.94 18.12
N ALA O 396 74.27 -6.72 18.19
CA ALA O 396 73.86 -7.55 17.07
C ALA O 396 72.35 -7.72 17.10
N LEU O 397 71.80 -8.13 15.96
CA LEU O 397 70.37 -8.40 15.86
C LEU O 397 70.15 -9.61 14.96
N TYR O 398 69.10 -10.36 15.26
CA TYR O 398 68.72 -11.54 14.48
C TYR O 398 67.41 -11.23 13.76
N ILE O 399 67.53 -10.63 12.59
CA ILE O 399 66.37 -10.32 11.74
C ILE O 399 66.06 -11.59 10.95
N PHE O 400 65.14 -12.40 11.47
CA PHE O 400 64.82 -13.71 10.90
C PHE O 400 63.45 -13.64 10.24
N GLY O 401 63.41 -13.82 8.92
CA GLY O 401 62.17 -14.00 8.19
C GLY O 401 61.22 -12.82 8.21
N GLU O 402 61.74 -11.60 8.30
CA GLU O 402 60.89 -10.41 8.32
C GLU O 402 61.71 -9.21 7.90
N ASN O 403 61.01 -8.13 7.57
CA ASN O 403 61.62 -6.87 7.16
C ASN O 403 61.03 -5.74 8.00
N PRO O 404 61.53 -5.57 9.24
CA PRO O 404 60.99 -4.56 10.16
C PRO O 404 61.61 -3.16 9.95
N ILE O 405 61.52 -2.66 8.73
CA ILE O 405 62.08 -1.36 8.39
C ILE O 405 61.04 -0.51 7.68
N MET O 406 59.93 -1.13 7.28
CA MET O 406 58.84 -0.44 6.62
C MET O 406 57.53 -0.53 7.39
N SER O 407 57.16 -1.72 7.85
CA SER O 407 55.90 -1.89 8.55
C SER O 407 55.93 -1.26 9.94
N ASP O 408 57.09 -1.18 10.55
CA ASP O 408 57.19 -0.56 11.87
C ASP O 408 56.98 0.95 11.77
N PRO O 409 56.14 1.54 12.61
CA PRO O 409 55.96 3.00 12.57
C PRO O 409 57.21 3.72 13.02
N ASP O 410 57.40 4.92 12.47
CA ASP O 410 58.55 5.79 12.73
C ASP O 410 59.86 5.04 12.41
N SER O 411 60.01 4.71 11.13
CA SER O 411 61.12 3.89 10.68
C SER O 411 62.44 4.65 10.66
N ASP O 412 62.41 5.99 10.71
CA ASP O 412 63.64 6.77 10.68
C ASP O 412 64.48 6.52 11.92
N HIS O 413 63.84 6.36 13.08
CA HIS O 413 64.58 6.10 14.32
C HIS O 413 65.37 4.80 14.22
N LEU O 414 64.72 3.73 13.75
CA LEU O 414 65.41 2.45 13.61
C LEU O 414 66.45 2.48 12.51
N ARG O 415 66.19 3.21 11.42
CA ARG O 415 67.14 3.30 10.33
C ARG O 415 68.41 4.05 10.77
N HIS O 416 68.24 5.13 11.53
CA HIS O 416 69.41 5.85 12.04
C HIS O 416 70.09 5.10 13.16
N ALA O 417 69.34 4.28 13.91
CA ALA O 417 69.94 3.49 14.99
C ALA O 417 70.77 2.34 14.44
N LEU O 418 70.48 1.90 13.22
CA LEU O 418 71.14 0.72 12.65
C LEU O 418 72.61 0.95 12.32
N GLU O 419 73.09 2.20 12.36
CA GLU O 419 74.48 2.50 12.05
C GLU O 419 75.40 2.17 13.24
N HIS O 420 75.43 0.89 13.58
CA HIS O 420 76.29 0.34 14.62
C HIS O 420 76.90 -0.98 14.16
N LEU O 421 77.26 -1.05 12.89
CA LEU O 421 77.55 -2.32 12.23
C LEU O 421 78.87 -2.90 12.74
N ASP O 422 78.77 -3.91 13.60
CA ASP O 422 79.90 -4.77 13.95
C ASP O 422 79.66 -6.22 13.52
N LEU O 423 78.48 -6.76 13.80
CA LEU O 423 78.06 -8.04 13.27
C LEU O 423 76.53 -8.04 13.22
N LEU O 424 75.99 -8.55 12.12
CA LEU O 424 74.54 -8.60 11.93
C LEU O 424 74.17 -9.88 11.22
N ILE O 425 73.06 -10.49 11.67
CA ILE O 425 72.54 -11.71 11.10
C ILE O 425 71.14 -11.42 10.59
N VAL O 426 70.94 -11.60 9.28
CA VAL O 426 69.61 -11.46 8.66
C VAL O 426 69.32 -12.74 7.89
N GLN O 427 68.24 -13.42 8.29
CA GLN O 427 67.77 -14.62 7.59
C GLN O 427 66.44 -14.27 6.93
N ASP O 428 66.53 -13.75 5.72
CA ASP O 428 65.37 -13.18 5.06
C ASP O 428 65.27 -13.59 3.60
N ILE O 429 64.39 -12.93 2.86
CA ILE O 429 64.13 -13.22 1.45
C ILE O 429 64.58 -12.04 0.61
N PHE O 430 64.39 -12.13 -0.70
CA PHE O 430 64.84 -11.10 -1.63
C PHE O 430 64.09 -9.79 -1.39
N LEU O 431 64.73 -8.70 -1.82
CA LEU O 431 64.18 -7.34 -1.74
C LEU O 431 63.84 -6.95 -0.29
N THR O 432 64.88 -6.90 0.53
CA THR O 432 64.77 -6.43 1.91
C THR O 432 65.83 -5.39 2.18
N GLU O 433 65.47 -4.35 2.93
CA GLU O 433 66.39 -3.25 3.18
C GLU O 433 67.36 -3.54 4.31
N THR O 434 66.98 -4.41 5.24
CA THR O 434 67.85 -4.71 6.38
C THR O 434 69.11 -5.45 5.94
N ALA O 435 68.99 -6.30 4.90
CA ALA O 435 70.14 -7.03 4.42
C ALA O 435 71.20 -6.11 3.84
N ARG O 436 70.77 -5.06 3.12
CA ARG O 436 71.72 -4.10 2.57
C ARG O 436 72.41 -3.31 3.68
N LEU O 437 71.73 -3.12 4.81
CA LEU O 437 72.32 -2.47 5.97
C LEU O 437 72.96 -3.45 6.95
N ALA O 438 72.97 -4.75 6.62
CA ALA O 438 73.54 -5.75 7.49
C ALA O 438 74.99 -6.03 7.08
N HIS O 439 75.64 -6.94 7.82
CA HIS O 439 77.03 -7.30 7.58
C HIS O 439 77.16 -8.64 6.87
N VAL O 440 76.50 -9.68 7.38
CA VAL O 440 76.45 -10.99 6.75
C VAL O 440 74.99 -11.37 6.54
N VAL O 441 74.65 -11.80 5.33
CA VAL O 441 73.30 -12.22 4.99
C VAL O 441 73.26 -13.74 4.88
N LEU O 442 72.10 -14.31 5.18
CA LEU O 442 71.90 -15.75 5.10
C LEU O 442 70.56 -16.07 4.46
N PRO O 443 70.55 -16.73 3.30
CA PRO O 443 69.27 -17.13 2.69
C PRO O 443 68.55 -18.17 3.53
N ALA O 444 67.22 -18.12 3.51
CA ALA O 444 66.37 -19.00 4.29
C ALA O 444 65.44 -19.78 3.35
N ALA O 445 64.49 -20.50 3.95
CA ALA O 445 63.53 -21.31 3.22
C ALA O 445 62.15 -20.69 3.35
N CYS O 446 61.42 -20.62 2.23
CA CYS O 446 60.08 -20.06 2.23
C CYS O 446 59.07 -21.13 2.66
N TRP O 447 57.79 -20.74 2.66
CA TRP O 447 56.74 -21.62 3.17
C TRP O 447 56.58 -22.88 2.31
N ALA O 448 56.76 -22.75 1.00
CA ALA O 448 56.54 -23.88 0.10
C ALA O 448 57.65 -24.91 0.15
N GLU O 449 58.84 -24.54 0.61
CA GLU O 449 59.96 -25.47 0.67
C GLU O 449 60.27 -25.92 2.10
N LYS O 450 59.42 -25.59 3.05
CA LYS O 450 59.57 -26.06 4.42
C LYS O 450 58.60 -27.21 4.70
N ASP O 451 58.70 -27.75 5.90
CA ASP O 451 57.77 -28.79 6.36
C ASP O 451 57.60 -28.57 7.86
N GLY O 452 56.55 -27.83 8.24
CA GLY O 452 56.35 -27.50 9.63
C GLY O 452 54.89 -27.49 10.03
N THR O 453 54.58 -26.78 11.11
CA THR O 453 53.22 -26.71 11.64
C THR O 453 52.75 -25.26 11.69
N PHE O 454 51.48 -25.06 11.39
CA PHE O 454 50.83 -23.76 11.45
C PHE O 454 49.73 -23.81 12.50
N THR O 455 49.75 -22.85 13.41
CA THR O 455 48.66 -22.63 14.36
C THR O 455 48.02 -21.31 13.98
N ASN O 456 46.83 -21.37 13.40
CA ASN O 456 46.12 -20.18 12.95
C ASN O 456 45.48 -19.49 14.16
N THR O 457 44.62 -18.50 13.91
CA THR O 457 44.01 -17.80 15.02
C THR O 457 43.04 -18.68 15.80
N GLU O 458 42.41 -19.65 15.15
CA GLU O 458 41.41 -20.51 15.76
C GLU O 458 42.03 -21.71 16.46
N ARG O 459 43.28 -21.57 16.95
CA ARG O 459 44.08 -22.54 17.69
C ARG O 459 44.13 -23.92 17.06
N ARG O 460 43.74 -24.05 15.79
CA ARG O 460 43.85 -25.33 15.09
C ARG O 460 45.27 -25.51 14.59
N VAL O 461 45.80 -26.72 14.75
CA VAL O 461 47.14 -27.05 14.29
C VAL O 461 47.03 -27.83 12.99
N GLN O 462 47.72 -27.35 11.95
CA GLN O 462 47.80 -28.05 10.69
C GLN O 462 49.27 -28.20 10.30
N ARG O 463 49.54 -29.09 9.35
CA ARG O 463 50.90 -29.39 8.94
C ARG O 463 51.13 -28.96 7.50
N VAL O 464 52.31 -28.42 7.23
CA VAL O 464 52.72 -27.99 5.90
C VAL O 464 53.57 -29.08 5.27
N ARG O 465 53.16 -29.54 4.08
CA ARG O 465 53.88 -30.57 3.36
C ARG O 465 54.72 -29.92 2.26
N LYS O 466 56.00 -30.25 2.23
CA LYS O 466 56.92 -29.64 1.29
C LYS O 466 56.59 -30.03 -0.15
N ALA O 467 56.55 -29.06 -1.04
CA ALA O 467 56.25 -29.28 -2.44
C ALA O 467 57.39 -28.87 -3.36
N VAL O 468 58.11 -27.81 -3.04
CA VAL O 468 59.21 -27.32 -3.86
C VAL O 468 60.51 -27.52 -3.09
N GLU O 469 61.60 -27.70 -3.84
CA GLU O 469 62.93 -27.81 -3.25
C GLU O 469 63.57 -26.44 -3.13
N ALA O 470 64.51 -26.33 -2.20
CA ALA O 470 65.20 -25.06 -2.00
C ALA O 470 66.14 -24.77 -3.16
N PRO O 471 65.98 -23.66 -3.87
CA PRO O 471 66.83 -23.40 -5.03
C PRO O 471 68.24 -23.01 -4.62
N GLY O 472 69.23 -23.60 -5.29
CA GLY O 472 70.61 -23.25 -5.03
C GLY O 472 71.08 -23.71 -3.65
N GLU O 473 71.87 -22.87 -3.01
CA GLU O 473 72.45 -23.17 -1.71
C GLU O 473 71.56 -22.73 -0.56
N ALA O 474 70.32 -22.34 -0.83
CA ALA O 474 69.39 -21.95 0.22
C ALA O 474 69.05 -23.16 1.09
N LYS O 475 68.98 -22.93 2.40
CA LYS O 475 68.76 -24.00 3.36
C LYS O 475 67.85 -23.47 4.47
N PRO O 476 67.13 -24.37 5.15
CA PRO O 476 66.25 -23.93 6.24
C PRO O 476 67.03 -23.34 7.41
N ASP O 477 66.34 -22.50 8.18
CA ASP O 477 66.97 -21.80 9.30
C ASP O 477 67.40 -22.75 10.41
N TRP O 478 66.72 -23.90 10.55
CA TRP O 478 67.12 -24.87 11.57
C TRP O 478 68.52 -25.41 11.31
N TRP O 479 68.87 -25.64 10.04
CA TRP O 479 70.21 -26.09 9.71
C TRP O 479 71.25 -25.04 10.08
N ILE O 480 70.95 -23.77 9.82
CA ILE O 480 71.86 -22.69 10.17
C ILE O 480 72.05 -22.62 11.68
N PHE O 481 70.94 -22.69 12.43
CA PHE O 481 71.03 -22.64 13.88
C PHE O 481 71.80 -23.82 14.45
N SER O 482 71.55 -25.03 13.92
CA SER O 482 72.25 -26.21 14.38
C SER O 482 73.74 -26.13 14.06
N GLN O 483 74.08 -25.63 12.87
CA GLN O 483 75.48 -25.48 12.50
C GLN O 483 76.18 -24.47 13.40
N ILE O 484 75.52 -23.35 13.70
CA ILE O 484 76.10 -22.36 14.61
C ILE O 484 76.31 -22.96 15.99
N ALA O 485 75.32 -23.69 16.50
CA ALA O 485 75.42 -24.29 17.82
C ALA O 485 76.54 -25.32 17.87
N GLU O 486 76.71 -26.11 16.80
CA GLU O 486 77.79 -27.09 16.76
C GLU O 486 79.15 -26.40 16.64
N ARG O 487 79.21 -25.28 15.91
CA ARG O 487 80.47 -24.55 15.78
C ARG O 487 80.91 -23.97 17.12
N MET O 488 79.97 -23.39 17.88
CA MET O 488 80.34 -22.82 19.18
C MET O 488 80.36 -23.86 20.29
N GLY O 489 79.67 -24.99 20.12
CA GLY O 489 79.68 -26.04 21.12
C GLY O 489 78.35 -26.22 21.83
N TYR O 490 77.57 -27.20 21.40
CA TYR O 490 76.26 -27.47 21.97
C TYR O 490 76.16 -28.94 22.36
N THR O 491 75.48 -29.20 23.48
CA THR O 491 75.30 -30.56 23.97
C THR O 491 74.49 -31.40 22.99
N GLY O 492 75.13 -32.37 22.35
CA GLY O 492 74.47 -33.18 21.35
C GLY O 492 74.39 -32.47 20.01
N MET O 493 73.75 -33.16 19.06
CA MET O 493 73.56 -32.63 17.71
C MET O 493 72.09 -32.79 17.39
N GLN O 494 71.42 -31.68 17.10
CA GLN O 494 69.96 -31.64 17.04
C GLN O 494 69.48 -31.48 15.60
N TYR O 495 68.16 -31.57 15.44
CA TYR O 495 67.45 -31.40 14.17
C TYR O 495 67.91 -32.41 13.12
N ASN O 496 67.62 -33.68 13.41
CA ASN O 496 67.63 -34.68 12.35
C ASN O 496 66.46 -34.48 11.40
N ASN O 497 65.30 -34.09 11.93
CA ASN O 497 64.14 -33.75 11.12
C ASN O 497 63.19 -32.92 11.98
N VAL O 498 62.19 -32.33 11.33
CA VAL O 498 61.19 -31.54 12.03
C VAL O 498 60.33 -32.40 12.96
N GLN O 499 60.22 -33.70 12.68
CA GLN O 499 59.45 -34.59 13.54
C GLN O 499 60.07 -34.67 14.93
N GLU O 500 61.41 -34.64 15.00
CA GLU O 500 62.07 -34.63 16.30
C GLU O 500 61.72 -33.39 17.10
N ILE O 501 61.69 -32.22 16.43
CA ILE O 501 61.33 -30.98 17.12
C ILE O 501 59.88 -31.04 17.60
N TRP O 502 58.98 -31.55 16.75
CA TRP O 502 57.58 -31.63 17.13
C TRP O 502 57.37 -32.59 18.30
N ASP O 503 58.06 -33.72 18.28
CA ASP O 503 57.97 -34.67 19.40
C ASP O 503 58.58 -34.07 20.67
N GLU O 504 59.64 -33.27 20.52
CA GLU O 504 60.20 -32.57 21.68
C GLU O 504 59.19 -31.60 22.27
N VAL O 505 58.46 -30.88 21.42
CA VAL O 505 57.41 -29.99 21.88
C VAL O 505 56.33 -30.78 22.62
N ARG O 506 55.95 -31.93 22.07
CA ARG O 506 54.91 -32.75 22.71
C ARG O 506 55.38 -33.27 24.06
N LYS O 507 56.66 -33.66 24.16
CA LYS O 507 57.16 -34.22 25.41
C LYS O 507 57.33 -33.15 26.49
N ILE O 508 57.86 -31.98 26.11
CA ILE O 508 58.16 -30.95 27.12
C ILE O 508 56.87 -30.41 27.73
N VAL O 509 55.87 -30.12 26.90
CA VAL O 509 54.61 -29.55 27.40
C VAL O 509 53.46 -30.49 27.05
N PRO O 510 53.14 -31.47 27.89
CA PRO O 510 51.97 -32.31 27.63
C PRO O 510 50.68 -31.74 28.18
N GLU O 511 50.74 -30.75 29.08
CA GLU O 511 49.53 -30.20 29.67
C GLU O 511 48.71 -29.44 28.64
N LYS O 512 49.38 -28.71 27.74
CA LYS O 512 48.66 -27.96 26.71
C LYS O 512 48.25 -28.87 25.56
N PHE O 513 49.24 -29.44 24.87
CA PHE O 513 48.98 -30.36 23.76
C PHE O 513 50.11 -31.36 23.68
N GLY O 514 49.77 -32.65 23.75
CA GLY O 514 50.74 -33.71 23.64
C GLY O 514 50.27 -34.80 22.69
N GLY O 515 49.01 -34.75 22.31
CA GLY O 515 48.41 -35.72 21.42
C GLY O 515 48.26 -35.27 19.98
N ILE O 516 48.88 -34.16 19.59
CA ILE O 516 48.80 -33.66 18.22
C ILE O 516 49.98 -34.26 17.48
N SER O 517 49.76 -35.42 16.86
CA SER O 517 50.79 -36.15 16.13
C SER O 517 50.59 -36.00 14.63
N TYR O 518 51.62 -36.37 13.88
CA TYR O 518 51.58 -36.21 12.44
C TYR O 518 50.56 -37.14 11.78
N ALA O 519 50.37 -38.35 12.34
CA ALA O 519 49.41 -39.28 11.77
C ALA O 519 47.99 -38.74 11.88
N ARG O 520 47.66 -38.08 12.99
CA ARG O 520 46.34 -37.47 13.16
C ARG O 520 46.10 -36.39 12.12
N LEU O 521 47.13 -35.58 11.84
CA LEU O 521 47.02 -34.58 10.77
C LEU O 521 46.92 -35.24 9.41
N GLU O 522 47.52 -36.43 9.24
CA GLU O 522 47.41 -37.13 7.98
C GLU O 522 45.99 -37.69 7.78
N LYS O 523 45.31 -38.07 8.86
CA LYS O 523 43.98 -38.63 8.75
C LYS O 523 42.86 -37.62 8.99
N GLU O 524 43.11 -36.57 9.77
CA GLU O 524 42.09 -35.58 10.10
C GLU O 524 42.48 -34.22 9.53
N LYS O 525 41.47 -33.34 9.43
CA LYS O 525 41.66 -31.99 8.89
C LYS O 525 41.98 -31.01 10.01
N GLY O 526 43.05 -31.30 10.74
CA GLY O 526 43.52 -30.41 11.79
C GLY O 526 42.77 -30.57 13.10
N LEU O 527 43.50 -30.39 14.21
CA LEU O 527 42.90 -30.41 15.53
C LEU O 527 43.35 -29.18 16.30
N ALA O 528 42.54 -28.76 17.25
CA ALA O 528 42.77 -27.53 18.00
C ALA O 528 43.09 -27.86 19.46
N TRP O 529 44.19 -27.30 19.95
CA TRP O 529 44.58 -27.46 21.34
C TRP O 529 43.61 -26.67 22.23
N PRO O 530 43.44 -27.09 23.50
CA PRO O 530 44.11 -28.14 24.28
C PRO O 530 43.76 -29.58 23.86
N CYS O 531 44.75 -30.46 23.97
CA CYS O 531 44.62 -31.87 23.64
C CYS O 531 45.72 -32.65 24.35
N PRO O 532 45.60 -32.87 25.67
CA PRO O 532 46.69 -33.54 26.40
C PRO O 532 46.87 -35.00 26.07
N THR O 533 45.88 -35.65 25.45
CA THR O 533 45.94 -37.06 25.13
C THR O 533 45.64 -37.27 23.65
N GLU O 534 46.15 -38.38 23.12
CA GLU O 534 46.04 -38.65 21.69
C GLU O 534 44.60 -38.98 21.27
N ASP O 535 43.87 -39.70 22.12
CA ASP O 535 42.50 -40.09 21.77
C ASP O 535 41.50 -38.95 21.83
N HIS O 536 41.88 -37.81 22.39
CA HIS O 536 40.97 -36.68 22.47
C HIS O 536 40.76 -36.06 21.09
N THR O 537 39.53 -35.66 20.81
CA THR O 537 39.14 -35.13 19.51
C THR O 537 39.24 -33.62 19.43
N GLY O 538 39.74 -32.96 20.47
CA GLY O 538 39.88 -31.52 20.46
C GLY O 538 38.74 -30.83 21.18
N THR O 539 39.06 -29.72 21.86
CA THR O 539 38.07 -28.95 22.60
C THR O 539 36.96 -28.35 21.74
N PRO O 540 37.23 -27.84 20.51
CA PRO O 540 36.04 -27.36 19.80
C PRO O 540 35.20 -28.49 19.22
N GLY O 546 32.09 -24.99 19.05
CA GLY O 546 32.63 -25.61 20.25
C GLY O 546 33.09 -24.60 21.29
N LYS O 547 33.90 -25.07 22.23
CA LYS O 547 34.44 -24.23 23.30
C LYS O 547 35.96 -24.34 23.31
N PHE O 548 36.59 -23.36 23.96
CA PHE O 548 38.05 -23.34 24.05
C PHE O 548 38.55 -23.98 25.33
N ALA O 549 38.26 -23.35 26.47
CA ALA O 549 38.57 -23.96 27.75
C ALA O 549 37.55 -23.65 28.84
N THR O 550 36.48 -22.92 28.56
CA THR O 550 35.65 -22.36 29.61
C THR O 550 34.75 -23.37 30.34
N PRO O 551 34.03 -24.28 29.65
CA PRO O 551 33.13 -25.09 30.48
C PRO O 551 33.84 -26.18 31.27
N CYS O 567 30.76 -22.33 32.85
CA CYS O 567 31.85 -21.94 33.75
C CYS O 567 32.71 -20.90 33.05
N ILE O 568 33.00 -19.80 33.74
CA ILE O 568 34.08 -18.91 33.33
C ILE O 568 35.14 -19.02 34.43
N CYS O 569 35.99 -20.04 34.28
CA CYS O 569 36.88 -20.50 35.33
C CYS O 569 38.22 -20.95 34.75
N ASP O 570 38.76 -20.17 33.81
CA ASP O 570 40.09 -20.40 33.28
C ASP O 570 41.16 -19.58 33.99
N GLU O 571 40.78 -18.73 34.95
CA GLU O 571 41.73 -17.90 35.66
C GLU O 571 42.48 -18.72 36.71
N GLY O 572 43.45 -18.06 37.34
CA GLY O 572 44.16 -18.71 38.44
C GLY O 572 43.25 -19.00 39.62
N ALA O 573 42.39 -18.06 39.97
CA ALA O 573 41.36 -18.28 40.98
C ALA O 573 40.11 -18.92 40.39
N GLU O 574 40.06 -19.09 39.07
CA GLU O 574 38.93 -19.72 38.37
C GLU O 574 37.61 -18.99 38.66
N LYS O 575 37.68 -17.67 38.70
CA LYS O 575 36.48 -16.85 38.89
C LYS O 575 36.67 -15.52 38.17
N GLN O 576 35.60 -15.06 37.52
CA GLN O 576 35.66 -13.84 36.72
C GLN O 576 35.78 -12.62 37.62
N ASP O 577 36.60 -11.66 37.20
CA ASP O 577 36.77 -10.40 37.90
C ASP O 577 36.42 -9.25 36.95
N PHE O 578 36.25 -8.07 37.54
CA PHE O 578 35.90 -6.87 36.79
C PHE O 578 36.85 -5.74 37.13
N ASN O 579 37.20 -4.94 36.13
CA ASN O 579 38.02 -3.76 36.29
C ASN O 579 37.22 -2.55 35.82
N HIS O 580 37.13 -1.53 36.68
CA HIS O 580 36.40 -0.32 36.33
C HIS O 580 37.13 0.46 35.24
N VAL O 581 36.37 1.04 34.33
CA VAL O 581 36.91 1.78 33.19
C VAL O 581 36.64 3.26 33.39
N ILE O 582 37.61 4.10 32.99
CA ILE O 582 37.50 5.54 33.06
C ILE O 582 37.91 6.10 31.71
N VAL O 583 37.08 7.00 31.16
CA VAL O 583 37.39 7.62 29.87
C VAL O 583 38.65 8.48 30.00
N GLY O 584 39.53 8.38 29.01
CA GLY O 584 40.79 9.08 29.03
C GLY O 584 40.75 10.40 28.28
N SER O 585 41.94 10.95 28.08
CA SER O 585 42.11 12.20 27.35
C SER O 585 43.24 12.05 26.34
N ILE O 586 43.17 12.83 25.28
CA ILE O 586 44.18 12.80 24.23
C ILE O 586 45.46 13.44 24.73
N ASP O 591 44.17 19.25 17.89
CA ASP O 591 44.14 20.66 18.27
C ASP O 591 43.85 21.55 17.06
N GLU O 592 44.06 22.87 17.25
CA GLU O 592 43.83 23.81 16.15
C GLU O 592 44.86 23.65 15.05
N GLU O 593 46.11 23.32 15.40
CA GLU O 593 47.15 23.19 14.39
C GLU O 593 46.91 21.97 13.49
N TYR O 594 46.44 20.87 14.07
CA TYR O 594 46.15 19.64 13.33
C TYR O 594 44.74 19.19 13.66
N PRO O 595 43.72 19.78 13.02
CA PRO O 595 42.33 19.38 13.30
C PRO O 595 41.93 18.06 12.67
N PHE O 596 42.78 17.46 11.83
CA PHE O 596 42.44 16.24 11.11
C PHE O 596 43.15 15.05 11.74
N THR O 597 42.38 14.01 12.03
CA THR O 597 42.94 12.78 12.59
C THR O 597 43.42 11.88 11.45
N LEU O 598 44.67 11.42 11.55
CA LEU O 598 45.30 10.61 10.52
C LEU O 598 45.37 9.16 10.98
N THR O 599 44.90 8.24 10.13
CA THR O 599 44.94 6.81 10.40
C THR O 599 45.47 6.09 9.18
N THR O 600 45.83 4.83 9.37
CA THR O 600 46.39 4.01 8.29
C THR O 600 45.72 2.64 8.29
N GLY O 601 45.77 2.00 7.13
CA GLY O 601 45.18 0.68 6.97
C GLY O 601 45.94 -0.20 6.00
N ALA P 6 -74.82 -24.15 -0.34
CA ALA P 6 -74.10 -23.60 0.80
C ALA P 6 -73.24 -22.41 0.38
N ILE P 7 -73.82 -21.22 0.42
CA ILE P 7 -73.12 -20.00 0.08
C ILE P 7 -72.47 -19.37 1.31
N ILE P 8 -73.20 -19.27 2.41
CA ILE P 8 -72.69 -18.70 3.65
C ILE P 8 -72.26 -19.86 4.55
N ASN P 9 -71.00 -19.87 4.94
CA ASN P 9 -70.42 -20.99 5.67
C ASN P 9 -69.51 -20.46 6.77
N ILE P 10 -69.27 -21.31 7.76
CA ILE P 10 -68.44 -20.97 8.91
C ILE P 10 -67.32 -21.99 9.03
N ASP P 11 -66.08 -21.53 8.98
CA ASP P 11 -64.95 -22.41 9.20
C ASP P 11 -64.90 -22.84 10.66
N GLN P 12 -64.60 -24.11 10.88
CA GLN P 12 -64.55 -24.67 12.22
C GLN P 12 -63.14 -24.71 12.81
N GLU P 13 -62.12 -24.37 12.03
CA GLU P 13 -60.78 -24.23 12.55
C GLU P 13 -60.50 -22.84 13.09
N LEU P 14 -61.42 -21.90 12.88
CA LEU P 14 -61.26 -20.52 13.34
C LEU P 14 -62.38 -20.06 14.26
N CYS P 15 -63.55 -20.69 14.22
CA CYS P 15 -64.66 -20.28 15.07
C CYS P 15 -64.35 -20.63 16.52
N THR P 16 -64.79 -19.75 17.42
CA THR P 16 -64.55 -19.92 18.84
C THR P 16 -65.83 -19.98 19.66
N GLY P 17 -66.99 -19.97 19.02
CA GLY P 17 -68.25 -20.02 19.74
C GLY P 17 -68.53 -18.81 20.58
N CYS P 18 -68.24 -17.61 20.08
CA CYS P 18 -68.54 -16.40 20.84
C CYS P 18 -70.02 -16.07 20.86
N ARG P 19 -70.79 -16.64 19.94
CA ARG P 19 -72.26 -16.56 19.89
C ARG P 19 -72.77 -15.14 19.65
N ARG P 20 -71.89 -14.19 19.28
CA ARG P 20 -72.37 -12.85 18.99
C ARG P 20 -73.17 -12.80 17.70
N CYS P 21 -72.74 -13.54 16.68
CA CYS P 21 -73.44 -13.53 15.39
C CYS P 21 -74.83 -14.15 15.47
N ALA P 22 -75.15 -14.87 16.55
CA ALA P 22 -76.50 -15.33 16.76
C ALA P 22 -77.46 -14.21 17.15
N GLU P 23 -76.94 -13.07 17.60
CA GLU P 23 -77.76 -11.95 18.03
C GLU P 23 -78.21 -11.06 16.89
N VAL P 24 -77.73 -11.31 15.67
CA VAL P 24 -78.10 -10.52 14.50
C VAL P 24 -78.88 -11.34 13.48
N CYS P 25 -78.90 -12.66 13.61
CA CYS P 25 -79.63 -13.51 12.68
C CYS P 25 -81.13 -13.29 12.79
N PRO P 26 -81.83 -12.95 11.70
CA PRO P 26 -83.28 -12.73 11.80
C PRO P 26 -84.10 -13.99 11.93
N VAL P 27 -83.50 -15.17 11.76
CA VAL P 27 -84.20 -16.44 11.84
C VAL P 27 -83.60 -17.36 12.90
N ASP P 28 -82.39 -17.07 13.36
CA ASP P 28 -81.58 -17.97 14.20
C ASP P 28 -81.33 -19.29 13.45
N ALA P 29 -80.64 -19.16 12.32
CA ALA P 29 -80.24 -20.29 11.49
C ALA P 29 -78.91 -20.89 11.92
N ILE P 30 -78.31 -20.38 12.98
CA ILE P 30 -77.03 -20.87 13.48
C ILE P 30 -77.24 -21.53 14.84
N GLU P 31 -76.69 -22.72 15.00
CA GLU P 31 -76.93 -23.54 16.19
C GLU P 31 -75.61 -23.96 16.81
N GLY P 32 -75.67 -24.25 18.10
CA GLY P 32 -74.48 -24.65 18.85
C GLY P 32 -74.70 -24.41 20.34
N GLU P 33 -73.59 -24.22 21.04
CA GLU P 33 -73.61 -23.96 22.48
C GLU P 33 -72.67 -22.79 22.77
N LYS P 34 -72.49 -22.50 24.06
CA LYS P 34 -71.69 -21.35 24.47
C LYS P 34 -70.21 -21.52 24.12
N GLY P 35 -69.74 -22.76 23.96
CA GLY P 35 -68.40 -23.02 23.47
C GLY P 35 -68.44 -23.77 22.15
N LYS P 36 -67.24 -24.14 21.68
CA LYS P 36 -67.01 -24.99 20.52
C LYS P 36 -67.42 -24.30 19.22
N PRO P 37 -66.91 -24.75 18.06
CA PRO P 37 -67.36 -24.14 16.80
C PRO P 37 -68.84 -24.34 16.55
N GLN P 38 -69.45 -23.34 15.91
CA GLN P 38 -70.87 -23.34 15.61
C GLN P 38 -71.11 -24.06 14.28
N LYS P 39 -72.37 -24.04 13.84
CA LYS P 39 -72.73 -24.61 12.55
C LYS P 39 -74.02 -23.96 12.07
N ILE P 40 -74.12 -23.75 10.76
CA ILE P 40 -75.25 -23.05 10.16
C ILE P 40 -76.27 -24.09 9.68
N ASN P 41 -77.52 -23.90 10.08
CA ASN P 41 -78.63 -24.71 9.56
C ASN P 41 -78.97 -24.17 8.18
N THR P 42 -78.41 -24.79 7.15
CA THR P 42 -78.46 -24.24 5.80
C THR P 42 -79.85 -24.31 5.17
N GLU P 43 -80.74 -25.16 5.68
CA GLU P 43 -82.06 -25.30 5.08
C GLU P 43 -83.03 -24.21 5.51
N VAL P 44 -82.67 -23.39 6.49
CA VAL P 44 -83.52 -22.30 6.95
C VAL P 44 -82.85 -20.94 6.83
N CYS P 45 -81.58 -20.89 6.42
CA CYS P 45 -80.88 -19.62 6.27
C CYS P 45 -81.50 -18.79 5.17
N VAL P 46 -81.62 -17.48 5.43
CA VAL P 46 -82.19 -16.54 4.46
C VAL P 46 -81.10 -15.75 3.74
N MET P 47 -79.82 -16.04 4.01
CA MET P 47 -78.68 -15.39 3.36
C MET P 47 -78.73 -13.87 3.49
N CYS P 48 -79.04 -13.41 4.70
CA CYS P 48 -79.05 -11.96 4.97
C CYS P 48 -77.65 -11.39 4.98
N GLY P 49 -76.67 -12.17 5.44
CA GLY P 49 -75.28 -11.81 5.34
C GLY P 49 -74.71 -11.06 6.54
N GLN P 50 -75.55 -10.66 7.50
CA GLN P 50 -75.05 -9.93 8.66
C GLN P 50 -74.24 -10.79 9.61
N CYS P 51 -74.21 -12.11 9.42
CA CYS P 51 -73.34 -12.96 10.22
C CYS P 51 -71.88 -12.85 9.80
N VAL P 52 -71.60 -12.19 8.68
CA VAL P 52 -70.23 -12.01 8.23
C VAL P 52 -69.59 -10.79 8.87
N GLN P 53 -70.35 -9.70 9.04
CA GLN P 53 -69.81 -8.44 9.52
C GLN P 53 -69.83 -8.33 11.04
N LYS P 54 -70.40 -9.31 11.74
CA LYS P 54 -70.35 -9.35 13.21
C LYS P 54 -69.53 -10.55 13.67
N CYS P 55 -68.43 -10.81 12.97
CA CYS P 55 -67.48 -11.85 13.32
C CYS P 55 -66.11 -11.24 13.46
N SER P 56 -65.33 -11.73 14.42
CA SER P 56 -64.04 -11.13 14.69
C SER P 56 -62.91 -12.12 14.91
N SER P 57 -63.17 -13.42 14.81
CA SER P 57 -62.06 -14.39 14.82
C SER P 57 -61.27 -14.25 13.53
N TYR P 58 -59.94 -14.16 13.65
CA TYR P 58 -59.14 -13.63 12.55
C TYR P 58 -57.85 -14.40 12.31
N ALA P 59 -57.79 -15.67 12.73
CA ALA P 59 -56.55 -16.42 12.99
C ALA P 59 -55.48 -16.19 11.92
N SER P 60 -54.29 -15.82 12.38
CA SER P 60 -53.18 -15.44 11.53
C SER P 60 -52.47 -16.68 10.98
N TYR P 61 -51.48 -16.43 10.12
CA TYR P 61 -50.73 -17.50 9.46
C TYR P 61 -49.32 -17.63 10.00
N PHE P 62 -49.04 -17.08 11.19
CA PHE P 62 -47.74 -17.25 11.82
C PHE P 62 -47.62 -18.54 12.59
N ASP P 63 -48.66 -19.36 12.63
CA ASP P 63 -48.62 -20.68 13.25
C ASP P 63 -48.93 -21.74 12.20
N GLU P 64 -48.32 -22.91 12.36
CA GLU P 64 -48.49 -24.01 11.42
C GLU P 64 -49.47 -25.06 11.91
N SER P 65 -50.16 -24.80 13.02
CA SER P 65 -51.15 -25.75 13.53
C SER P 65 -52.43 -25.79 12.70
N ILE P 66 -52.58 -24.86 11.75
CA ILE P 66 -53.77 -24.82 10.89
C ILE P 66 -53.33 -24.94 9.43
N THR P 67 -54.29 -24.81 8.52
CA THR P 67 -53.99 -24.85 7.10
C THR P 67 -53.06 -23.69 6.73
N PRO P 68 -52.17 -23.89 5.74
CA PRO P 68 -51.11 -22.91 5.49
C PRO P 68 -51.54 -21.68 4.71
N ARG P 69 -52.86 -21.45 4.62
CA ARG P 69 -53.45 -20.26 4.02
C ARG P 69 -53.17 -20.15 2.52
N ASN P 70 -52.68 -21.22 1.91
CA ASN P 70 -52.54 -21.28 0.45
C ASN P 70 -53.67 -22.03 -0.21
N VAL P 71 -54.14 -23.12 0.41
CA VAL P 71 -55.34 -23.81 -0.06
C VAL P 71 -56.60 -23.17 0.50
N LYS P 72 -56.47 -22.33 1.53
CA LYS P 72 -57.63 -21.64 2.10
C LYS P 72 -58.28 -20.70 1.09
N LEU P 73 -57.45 -19.97 0.32
CA LEU P 73 -57.98 -18.97 -0.60
C LEU P 73 -58.84 -19.60 -1.70
N GLN P 74 -58.46 -20.80 -2.16
CA GLN P 74 -59.27 -21.48 -3.16
C GLN P 74 -60.64 -21.86 -2.61
N GLU P 75 -60.68 -22.33 -1.37
CA GLU P 75 -61.96 -22.68 -0.75
C GLU P 75 -62.81 -21.45 -0.45
N ARG P 76 -62.19 -20.35 -0.04
CA ARG P 76 -62.95 -19.13 0.22
C ARG P 76 -63.51 -18.50 -1.05
N GLY P 77 -63.00 -18.87 -2.21
CA GLY P 77 -63.45 -18.31 -3.46
C GLY P 77 -62.85 -16.99 -3.84
N MET P 78 -61.88 -16.49 -3.07
CA MET P 78 -61.24 -15.22 -3.35
C MET P 78 -60.06 -15.40 -4.30
N LEU P 79 -59.39 -14.30 -4.61
CA LEU P 79 -58.24 -14.34 -5.51
C LEU P 79 -57.00 -14.85 -4.78
N ASP P 80 -55.89 -14.93 -5.51
CA ASP P 80 -54.64 -15.41 -4.96
C ASP P 80 -53.67 -14.30 -4.58
N SER P 81 -54.07 -13.03 -4.72
CA SER P 81 -53.17 -11.91 -4.48
C SER P 81 -53.89 -10.79 -3.73
N VAL P 82 -54.58 -11.15 -2.64
CA VAL P 82 -55.22 -10.15 -1.80
C VAL P 82 -54.63 -10.18 -0.40
N LYS P 83 -54.62 -11.36 0.23
CA LYS P 83 -54.00 -11.60 1.54
C LYS P 83 -54.50 -10.64 2.60
N GLU P 84 -55.80 -10.34 2.56
CA GLU P 84 -56.44 -9.63 3.65
C GLU P 84 -56.70 -10.59 4.81
N PRO P 85 -56.89 -10.07 6.03
CA PRO P 85 -57.18 -10.96 7.15
C PRO P 85 -58.46 -11.76 6.97
N LEU P 86 -58.32 -13.09 6.86
CA LEU P 86 -59.46 -13.97 6.65
C LEU P 86 -60.14 -14.25 7.98
N PHE P 87 -61.47 -14.23 7.98
CA PHE P 87 -62.25 -14.37 9.19
C PHE P 87 -62.92 -15.74 9.23
N ALA P 88 -63.70 -15.97 10.29
CA ALA P 88 -64.36 -17.26 10.47
C ALA P 88 -65.58 -17.40 9.57
N ALA P 89 -66.58 -16.54 9.76
CA ALA P 89 -67.77 -16.57 8.93
C ALA P 89 -67.52 -15.75 7.68
N TYR P 90 -67.53 -16.40 6.52
CA TYR P 90 -67.12 -15.77 5.27
C TYR P 90 -68.20 -15.89 4.20
N ASN P 91 -68.19 -14.93 3.29
CA ASN P 91 -69.01 -14.98 2.09
C ASN P 91 -68.31 -15.80 1.01
N LEU P 92 -69.10 -16.55 0.24
CA LEU P 92 -68.54 -17.30 -0.87
C LEU P 92 -68.11 -16.35 -1.99
N GLY P 93 -66.99 -16.68 -2.61
CA GLY P 93 -66.37 -15.81 -3.61
C GLY P 93 -66.64 -16.31 -5.02
N TYR P 94 -66.92 -15.36 -5.92
CA TYR P 94 -67.14 -15.66 -7.33
C TYR P 94 -66.25 -14.81 -8.23
N ALA P 95 -65.18 -14.23 -7.68
CA ALA P 95 -64.33 -13.33 -8.46
C ALA P 95 -63.44 -14.08 -9.45
N ARG P 96 -63.11 -15.34 -9.15
CA ARG P 96 -62.27 -16.11 -10.07
C ARG P 96 -62.99 -16.35 -11.39
N GLN P 97 -64.29 -16.66 -11.34
CA GLN P 97 -65.06 -16.81 -12.56
C GLN P 97 -65.16 -15.49 -13.32
N VAL P 98 -65.25 -14.38 -12.59
CA VAL P 98 -65.27 -13.06 -13.23
C VAL P 98 -63.96 -12.82 -13.96
N LYS P 99 -62.83 -13.16 -13.34
CA LYS P 99 -61.53 -12.99 -13.98
C LYS P 99 -61.40 -13.89 -15.20
N GLU P 100 -61.89 -15.13 -15.09
CA GLU P 100 -61.82 -16.06 -16.22
C GLU P 100 -62.67 -15.57 -17.39
N ALA P 101 -63.84 -15.00 -17.11
CA ALA P 101 -64.66 -14.43 -18.18
C ALA P 101 -64.04 -13.17 -18.75
N LEU P 102 -63.35 -12.39 -17.91
CA LEU P 102 -62.74 -11.14 -18.37
C LEU P 102 -61.56 -11.42 -19.29
N GLU P 103 -60.73 -12.41 -18.94
CA GLU P 103 -59.55 -12.70 -19.75
C GLU P 103 -59.90 -13.33 -21.09
N ASN P 104 -61.09 -13.90 -21.23
CA ASN P 104 -61.52 -14.49 -22.49
C ASN P 104 -62.08 -13.39 -23.39
N PRO P 105 -61.48 -13.13 -24.56
CA PRO P 105 -61.97 -12.05 -25.43
C PRO P 105 -63.11 -12.44 -26.35
N GLN P 106 -63.76 -13.58 -26.13
CA GLN P 106 -64.85 -14.02 -27.00
C GLN P 106 -66.23 -13.66 -26.47
N LEU P 107 -66.35 -13.35 -25.18
CA LEU P 107 -67.64 -13.09 -24.56
C LEU P 107 -67.91 -11.59 -24.51
N PHE P 108 -69.07 -11.19 -25.00
CA PHE P 108 -69.50 -9.79 -24.94
C PHE P 108 -69.93 -9.47 -23.51
N LYS P 109 -69.12 -8.70 -22.80
CA LYS P 109 -69.26 -8.55 -21.36
C LYS P 109 -70.03 -7.27 -21.02
N VAL P 110 -71.03 -7.41 -20.14
CA VAL P 110 -71.80 -6.28 -19.64
C VAL P 110 -71.86 -6.38 -18.12
N VAL P 111 -71.66 -5.23 -17.46
CA VAL P 111 -71.66 -5.16 -16.00
C VAL P 111 -72.77 -4.19 -15.58
N GLN P 112 -73.32 -4.44 -14.40
CA GLN P 112 -74.40 -3.66 -13.83
C GLN P 112 -73.95 -3.04 -12.51
N CYS P 113 -74.24 -1.74 -12.36
CA CYS P 113 -73.88 -0.98 -11.18
C CYS P 113 -75.12 -0.73 -10.33
N ALA P 114 -75.07 -1.14 -9.07
CA ALA P 114 -76.15 -0.96 -8.12
C ALA P 114 -76.18 0.47 -7.60
N PRO P 115 -77.31 0.90 -6.98
CA PRO P 115 -77.29 2.19 -6.28
C PRO P 115 -76.75 2.09 -4.86
N ALA P 116 -75.68 1.30 -4.67
CA ALA P 116 -74.93 1.32 -3.43
C ALA P 116 -73.43 1.17 -3.62
N ILE P 117 -72.94 0.95 -4.84
CA ILE P 117 -71.50 0.90 -5.07
C ILE P 117 -70.89 2.30 -4.99
N ARG P 118 -71.59 3.31 -5.51
CA ARG P 118 -71.03 4.64 -5.67
C ARG P 118 -70.73 5.34 -4.35
N VAL P 119 -71.33 4.92 -3.24
CA VAL P 119 -71.19 5.62 -1.97
C VAL P 119 -70.45 4.80 -0.93
N SER P 120 -69.96 3.61 -1.28
CA SER P 120 -69.32 2.73 -0.31
C SER P 120 -67.90 2.35 -0.68
N ILE P 121 -67.61 2.24 -1.98
CA ILE P 121 -66.33 1.70 -2.44
C ILE P 121 -65.15 2.60 -2.11
N ALA P 122 -65.38 3.89 -1.85
CA ALA P 122 -64.30 4.82 -1.55
C ALA P 122 -63.57 4.48 -0.26
N GLU P 123 -64.20 3.69 0.63
CA GLU P 123 -63.53 3.23 1.83
C GLU P 123 -62.39 2.27 1.52
N GLU P 124 -62.41 1.63 0.35
CA GLU P 124 -61.46 0.59 0.03
C GLU P 124 -60.13 1.12 -0.51
N PHE P 125 -59.98 2.44 -0.64
CA PHE P 125 -58.73 3.01 -1.15
C PHE P 125 -58.28 4.19 -0.30
N GLY P 126 -58.55 4.16 1.00
CA GLY P 126 -58.07 5.17 1.91
C GLY P 126 -58.64 6.56 1.71
N LEU P 127 -59.94 6.67 1.50
CA LEU P 127 -60.62 7.96 1.36
C LEU P 127 -61.64 8.12 2.49
N ASP P 128 -62.35 9.25 2.46
CA ASP P 128 -63.39 9.50 3.45
C ASP P 128 -64.58 8.57 3.23
N LEU P 129 -65.26 8.25 4.32
CA LEU P 129 -66.39 7.33 4.27
C LEU P 129 -67.60 8.04 3.65
N GLY P 130 -68.20 7.40 2.65
CA GLY P 130 -69.37 7.95 2.01
C GLY P 130 -69.07 9.06 1.02
N ASP P 131 -68.17 8.79 0.08
CA ASP P 131 -67.80 9.75 -0.95
C ASP P 131 -68.34 9.26 -2.29
N LEU P 132 -69.14 10.11 -2.95
CA LEU P 132 -69.79 9.75 -4.20
C LEU P 132 -68.81 9.96 -5.35
N THR P 133 -68.36 8.87 -5.96
CA THR P 133 -67.44 8.90 -7.10
C THR P 133 -68.00 8.04 -8.22
N PRO P 134 -69.03 8.52 -8.93
CA PRO P 134 -69.58 7.71 -10.03
C PRO P 134 -68.69 7.70 -11.26
N GLY P 135 -68.05 8.83 -11.56
CA GLY P 135 -67.18 8.89 -12.73
C GLY P 135 -65.96 8.00 -12.60
N LYS P 136 -65.31 8.03 -11.43
CA LYS P 136 -64.17 7.15 -11.21
C LYS P 136 -64.60 5.69 -11.21
N LEU P 137 -65.78 5.41 -10.67
CA LEU P 137 -66.29 4.03 -10.66
C LEU P 137 -66.51 3.51 -12.07
N VAL P 138 -67.20 4.30 -12.91
CA VAL P 138 -67.45 3.84 -14.27
C VAL P 138 -66.17 3.81 -15.08
N ALA P 139 -65.21 4.70 -14.79
CA ALA P 139 -63.91 4.64 -15.45
C ALA P 139 -63.15 3.37 -15.09
N ALA P 140 -63.17 2.99 -13.82
CA ALA P 140 -62.53 1.74 -13.41
C ALA P 140 -63.20 0.54 -14.05
N LEU P 141 -64.53 0.55 -14.11
CA LEU P 141 -65.25 -0.54 -14.75
C LEU P 141 -64.93 -0.62 -16.24
N ARG P 142 -64.72 0.53 -16.88
CA ARG P 142 -64.36 0.53 -18.30
C ARG P 142 -62.93 0.03 -18.50
N ARG P 143 -62.01 0.40 -17.60
CA ARG P 143 -60.66 -0.12 -17.66
C ARG P 143 -60.55 -1.57 -17.23
N LEU P 144 -61.61 -2.14 -16.65
CA LEU P 144 -61.64 -3.53 -16.23
C LEU P 144 -62.02 -4.48 -17.38
N ASN P 145 -61.82 -4.04 -18.63
CA ASN P 145 -62.09 -4.85 -19.82
C ASN P 145 -63.56 -5.29 -19.89
N PHE P 146 -64.46 -4.40 -19.52
CA PHE P 146 -65.90 -4.63 -19.64
C PHE P 146 -66.42 -3.85 -20.83
N ASP P 147 -67.10 -4.55 -21.74
CA ASP P 147 -67.57 -3.91 -22.97
C ASP P 147 -68.67 -2.90 -22.69
N ARG P 148 -69.64 -3.28 -21.86
CA ARG P 148 -70.74 -2.38 -21.53
C ARG P 148 -70.85 -2.22 -20.02
N VAL P 149 -71.10 -0.99 -19.58
CA VAL P 149 -71.28 -0.67 -18.18
C VAL P 149 -72.62 0.02 -18.04
N TYR P 150 -73.62 -0.69 -17.51
CA TYR P 150 -74.96 -0.18 -17.35
C TYR P 150 -75.28 0.03 -15.89
N ASP P 151 -76.31 0.82 -15.63
CA ASP P 151 -76.81 1.07 -14.29
C ASP P 151 -78.17 0.41 -14.12
N THR P 152 -78.36 -0.26 -12.99
CA THR P 152 -79.63 -0.92 -12.72
C THR P 152 -80.70 0.06 -12.24
N ASN P 153 -80.38 1.34 -12.15
CA ASN P 153 -81.37 2.33 -11.71
C ASN P 153 -82.47 2.50 -12.75
N PHE P 154 -82.18 2.23 -14.02
CA PHE P 154 -83.23 2.25 -15.03
C PHE P 154 -84.26 1.15 -14.77
N GLY P 155 -83.78 -0.06 -14.48
CA GLY P 155 -84.69 -1.12 -14.06
C GLY P 155 -85.37 -0.81 -12.73
N ALA P 156 -84.70 -0.05 -11.87
CA ALA P 156 -85.32 0.39 -10.62
C ALA P 156 -86.51 1.30 -10.89
N ASP P 157 -86.35 2.26 -11.79
CA ASP P 157 -87.46 3.12 -12.17
C ASP P 157 -88.57 2.31 -12.83
N LEU P 158 -88.18 1.32 -13.64
CA LEU P 158 -89.16 0.45 -14.28
C LEU P 158 -89.96 -0.35 -13.24
N THR P 159 -89.30 -0.87 -12.21
CA THR P 159 -90.05 -1.64 -11.23
C THR P 159 -90.89 -0.73 -10.33
N ILE P 160 -90.47 0.52 -10.13
CA ILE P 160 -91.35 1.48 -9.45
C ILE P 160 -92.61 1.75 -10.26
N ILE P 161 -92.48 2.01 -11.55
CA ILE P 161 -93.68 2.30 -12.33
C ILE P 161 -94.55 1.04 -12.46
N GLU P 162 -93.93 -0.15 -12.50
CA GLU P 162 -94.69 -1.39 -12.49
C GLU P 162 -95.46 -1.54 -11.18
N GLU P 163 -94.82 -1.24 -10.05
CA GLU P 163 -95.50 -1.32 -8.77
C GLU P 163 -96.63 -0.29 -8.67
N ALA P 164 -96.42 0.90 -9.24
CA ALA P 164 -97.47 1.91 -9.27
C ALA P 164 -98.67 1.44 -10.07
N ASN P 165 -98.42 0.83 -11.24
CA ASN P 165 -99.53 0.32 -12.04
C ASN P 165 -100.22 -0.85 -11.34
N GLU P 166 -99.45 -1.68 -10.61
CA GLU P 166 -100.05 -2.74 -9.81
C GLU P 166 -100.94 -2.17 -8.72
N LEU P 167 -100.50 -1.10 -8.06
CA LEU P 167 -101.31 -0.45 -7.04
C LEU P 167 -102.58 0.14 -7.64
N VAL P 168 -102.46 0.75 -8.82
CA VAL P 168 -103.63 1.32 -9.49
C VAL P 168 -104.62 0.22 -9.87
N LYS P 169 -104.11 -0.92 -10.34
CA LYS P 169 -104.99 -2.04 -10.65
C LYS P 169 -105.65 -2.61 -9.40
N ARG P 170 -104.93 -2.64 -8.29
CA ARG P 170 -105.42 -3.31 -7.09
C ARG P 170 -106.32 -2.44 -6.23
N ILE P 171 -106.23 -1.11 -6.32
CA ILE P 171 -107.11 -0.27 -5.51
C ILE P 171 -108.55 -0.38 -6.01
N LYS P 172 -108.74 -0.40 -7.33
CA LYS P 172 -110.06 -0.67 -7.88
C LYS P 172 -110.31 -2.17 -7.86
N GLU P 173 -111.54 -2.55 -7.47
CA GLU P 173 -111.94 -3.96 -7.29
C GLU P 173 -111.00 -4.62 -6.27
N GLY P 174 -111.12 -4.14 -5.03
CA GLY P 174 -110.23 -4.50 -3.93
C GLY P 174 -109.95 -5.96 -3.75
N LYS P 175 -108.68 -6.33 -3.93
CA LYS P 175 -108.25 -7.72 -3.81
C LYS P 175 -106.79 -7.71 -3.39
N ASP P 176 -106.50 -8.25 -2.20
CA ASP P 176 -105.17 -8.24 -1.60
C ASP P 176 -104.65 -6.81 -1.46
N LEU P 177 -105.37 -6.03 -0.65
CA LEU P 177 -104.95 -4.67 -0.36
C LEU P 177 -103.57 -4.57 0.28
N PRO P 178 -103.13 -5.47 1.18
CA PRO P 178 -101.71 -5.39 1.61
C PRO P 178 -100.68 -6.12 0.74
N MET P 179 -100.28 -5.47 -0.36
CA MET P 179 -99.14 -6.03 -1.10
C MET P 179 -97.84 -5.61 -0.42
N PHE P 180 -96.77 -6.36 -0.73
CA PHE P 180 -95.44 -6.07 -0.22
C PHE P 180 -94.45 -6.12 -1.36
N THR P 181 -93.44 -5.25 -1.28
CA THR P 181 -92.43 -5.20 -2.33
C THR P 181 -91.56 -6.45 -2.31
N SER P 182 -91.08 -6.83 -3.50
CA SER P 182 -90.21 -7.98 -3.66
C SER P 182 -88.75 -7.57 -3.84
N CYS P 183 -88.40 -6.38 -3.32
CA CYS P 183 -87.03 -5.89 -3.46
C CYS P 183 -86.03 -6.71 -2.66
N CYS P 184 -86.48 -7.40 -1.61
CA CYS P 184 -85.58 -8.20 -0.79
C CYS P 184 -85.90 -9.68 -0.97
N PRO P 185 -85.12 -10.41 -1.76
CA PRO P 185 -85.39 -11.84 -1.94
C PRO P 185 -85.20 -12.66 -0.67
N ALA P 186 -84.47 -12.14 0.32
CA ALA P 186 -84.39 -12.84 1.61
C ALA P 186 -85.74 -12.88 2.30
N TRP P 187 -86.50 -11.78 2.24
CA TRP P 187 -87.85 -11.79 2.80
C TRP P 187 -88.77 -12.72 2.03
N VAL P 188 -88.60 -12.79 0.71
CA VAL P 188 -89.36 -13.76 -0.09
C VAL P 188 -89.01 -15.18 0.33
N LYS P 189 -87.73 -15.44 0.60
CA LYS P 189 -87.32 -16.75 1.07
C LYS P 189 -87.91 -17.05 2.44
N PHE P 190 -87.96 -16.04 3.32
CA PHE P 190 -88.55 -16.24 4.65
C PHE P 190 -90.04 -16.55 4.55
N ALA P 191 -90.74 -15.86 3.66
CA ALA P 191 -92.15 -16.16 3.42
C ALA P 191 -92.33 -17.56 2.85
N GLU P 192 -91.41 -17.96 1.96
CA GLU P 192 -91.38 -19.36 1.49
C GLU P 192 -91.19 -20.33 2.64
N GLN P 193 -90.37 -19.94 3.62
CA GLN P 193 -89.99 -20.86 4.69
C GLN P 193 -91.12 -21.04 5.69
N THR P 194 -91.60 -19.96 6.30
CA THR P 194 -92.46 -20.05 7.46
C THR P 194 -93.88 -19.55 7.23
N TYR P 195 -94.17 -19.01 6.04
CA TYR P 195 -95.50 -18.46 5.75
C TYR P 195 -95.99 -18.98 4.39
N PRO P 196 -96.37 -20.26 4.32
CA PRO P 196 -96.82 -20.82 3.05
C PRO P 196 -98.13 -20.23 2.54
N GLU P 197 -98.91 -19.59 3.41
CA GLU P 197 -100.21 -19.03 3.03
C GLU P 197 -100.14 -17.56 2.65
N LEU P 198 -98.95 -16.95 2.61
CA LEU P 198 -98.79 -15.57 2.18
C LEU P 198 -97.89 -15.46 0.95
N LEU P 199 -97.98 -16.42 0.04
CA LEU P 199 -97.31 -16.32 -1.25
C LEU P 199 -98.18 -15.65 -2.31
N LYS P 200 -99.40 -15.26 -1.96
CA LYS P 200 -100.33 -14.66 -2.91
C LYS P 200 -100.49 -13.15 -2.73
N HIS P 201 -100.32 -12.65 -1.51
CA HIS P 201 -100.42 -11.21 -1.27
C HIS P 201 -99.19 -10.46 -1.75
N ILE P 202 -98.07 -11.15 -2.00
CA ILE P 202 -96.84 -10.48 -2.39
C ILE P 202 -96.97 -9.94 -3.80
N SER P 203 -96.25 -8.85 -4.08
CA SER P 203 -96.31 -8.21 -5.39
C SER P 203 -95.74 -9.13 -6.47
N THR P 204 -96.22 -8.93 -7.70
CA THR P 204 -95.83 -9.74 -8.85
C THR P 204 -94.69 -9.13 -9.66
N CYS P 205 -93.83 -8.34 -9.02
CA CYS P 205 -92.72 -7.70 -9.71
C CYS P 205 -91.40 -8.19 -9.12
N LYS P 206 -90.36 -8.20 -9.95
CA LYS P 206 -89.07 -8.74 -9.56
C LYS P 206 -88.19 -7.62 -9.00
N SER P 207 -86.90 -7.92 -8.80
CA SER P 207 -85.89 -6.96 -8.39
C SER P 207 -85.41 -6.15 -9.60
N PRO P 208 -84.89 -4.93 -9.36
CA PRO P 208 -84.34 -4.16 -10.49
C PRO P 208 -83.20 -4.84 -11.21
N GLN P 209 -82.37 -5.61 -10.49
CA GLN P 209 -81.28 -6.33 -11.13
C GLN P 209 -81.80 -7.34 -12.14
N GLN P 210 -82.87 -8.06 -11.79
CA GLN P 210 -83.47 -9.00 -12.72
C GLN P 210 -84.12 -8.28 -13.90
N MET P 211 -84.70 -7.11 -13.66
CA MET P 211 -85.21 -6.28 -14.76
C MET P 211 -84.12 -5.96 -15.76
N THR P 212 -82.98 -5.44 -15.28
CA THR P 212 -81.89 -5.09 -16.19
C THR P 212 -81.33 -6.33 -16.87
N GLY P 213 -81.21 -7.44 -16.13
CA GLY P 213 -80.69 -8.68 -16.68
C GLY P 213 -81.59 -9.33 -17.70
N ALA P 214 -82.89 -9.05 -17.66
CA ALA P 214 -83.79 -9.52 -18.70
C ALA P 214 -83.84 -8.57 -19.89
N ILE P 215 -83.79 -7.26 -19.64
CA ILE P 215 -83.81 -6.29 -20.73
C ILE P 215 -82.53 -6.38 -21.57
N ILE P 216 -81.39 -6.67 -20.93
CA ILE P 216 -80.15 -6.79 -21.69
C ILE P 216 -80.20 -7.99 -22.64
N LYS P 217 -80.88 -9.06 -22.25
CA LYS P 217 -81.02 -10.22 -23.12
C LYS P 217 -82.19 -10.10 -24.09
N THR P 218 -83.12 -9.17 -23.86
CA THR P 218 -84.27 -9.02 -24.74
C THR P 218 -84.21 -7.73 -25.54
N TYR P 219 -84.09 -6.58 -24.88
CA TYR P 219 -84.03 -5.29 -25.58
C TYR P 219 -82.60 -4.89 -25.95
N GLY P 220 -81.63 -5.24 -25.10
CA GLY P 220 -80.24 -4.89 -25.38
C GLY P 220 -79.62 -5.69 -26.52
N ALA P 221 -80.19 -6.86 -26.84
CA ALA P 221 -79.67 -7.65 -27.94
C ALA P 221 -80.01 -7.05 -29.29
N LYS P 222 -81.11 -6.30 -29.39
CA LYS P 222 -81.52 -5.70 -30.66
C LYS P 222 -80.91 -4.32 -30.88
N ILE P 223 -80.59 -3.60 -29.80
CA ILE P 223 -79.97 -2.29 -29.96
C ILE P 223 -78.52 -2.42 -30.42
N ASN P 224 -77.90 -3.58 -30.20
CA ASN P 224 -76.54 -3.85 -30.63
C ASN P 224 -76.55 -4.88 -31.76
N ASN P 225 -75.36 -5.17 -32.28
CA ASN P 225 -75.19 -6.14 -33.36
C ASN P 225 -74.71 -7.49 -32.84
N VAL P 226 -75.13 -7.88 -31.65
CA VAL P 226 -74.73 -9.15 -31.05
C VAL P 226 -75.97 -9.98 -30.76
N ASP P 227 -75.77 -11.29 -30.62
CA ASP P 227 -76.85 -12.23 -30.33
C ASP P 227 -77.00 -12.42 -28.83
N PRO P 228 -78.23 -12.67 -28.33
CA PRO P 228 -78.46 -12.91 -26.90
C PRO P 228 -78.13 -14.33 -26.45
N ALA P 229 -76.97 -14.83 -26.88
CA ALA P 229 -76.50 -16.15 -26.48
C ALA P 229 -75.03 -16.17 -26.08
N LYS P 230 -74.25 -15.14 -26.41
CA LYS P 230 -72.85 -15.07 -26.04
C LYS P 230 -72.55 -13.91 -25.09
N ILE P 231 -73.57 -13.21 -24.62
CA ILE P 231 -73.37 -12.06 -23.75
C ILE P 231 -73.30 -12.51 -22.30
N PHE P 232 -72.30 -11.99 -21.58
CA PHE P 232 -72.01 -12.37 -20.21
C PHE P 232 -72.30 -11.18 -19.31
N SER P 233 -73.28 -11.34 -18.43
CA SER P 233 -73.78 -10.25 -17.59
C SER P 233 -73.39 -10.48 -16.14
N VAL P 234 -72.71 -9.51 -15.54
CA VAL P 234 -72.32 -9.56 -14.14
C VAL P 234 -72.86 -8.32 -13.44
N SER P 235 -73.48 -8.52 -12.28
CA SER P 235 -74.05 -7.43 -11.49
C SER P 235 -73.23 -7.26 -10.23
N VAL P 236 -72.75 -6.05 -9.98
CA VAL P 236 -71.95 -5.74 -8.79
C VAL P 236 -72.86 -5.03 -7.80
N MET P 237 -73.38 -5.76 -6.82
CA MET P 237 -74.24 -5.17 -5.81
C MET P 237 -73.90 -5.75 -4.44
N PRO P 238 -73.78 -4.91 -3.40
CA PRO P 238 -73.31 -5.36 -2.08
C PRO P 238 -74.36 -6.16 -1.32
N CYS P 239 -74.47 -7.44 -1.66
CA CYS P 239 -75.47 -8.28 -1.02
C CYS P 239 -75.08 -9.74 -1.19
N THR P 240 -75.23 -10.51 -0.12
CA THR P 240 -75.15 -11.98 -0.18
C THR P 240 -76.52 -12.59 -0.37
N CYS P 241 -77.37 -11.90 -1.11
CA CYS P 241 -78.81 -12.11 -1.13
C CYS P 241 -79.38 -12.25 -2.53
N LYS P 242 -78.70 -11.75 -3.56
CA LYS P 242 -79.19 -11.84 -4.93
C LYS P 242 -78.78 -13.14 -5.62
N SER P 243 -77.71 -13.79 -5.14
CA SER P 243 -77.31 -15.06 -5.72
C SER P 243 -78.38 -16.12 -5.50
N TYR P 244 -79.04 -16.07 -4.35
CA TYR P 244 -80.18 -16.96 -4.12
C TYR P 244 -81.38 -16.58 -4.99
N GLU P 245 -81.42 -15.36 -5.51
CA GLU P 245 -82.52 -14.93 -6.34
C GLU P 245 -82.29 -15.24 -7.82
N SER P 246 -81.05 -15.16 -8.29
CA SER P 246 -80.72 -15.32 -9.70
C SER P 246 -80.38 -16.76 -10.07
N ASP P 247 -80.80 -17.74 -9.27
CA ASP P 247 -80.56 -19.14 -9.62
C ASP P 247 -81.81 -19.99 -9.47
N ARG P 248 -82.97 -19.39 -9.26
CA ARG P 248 -84.21 -20.14 -9.19
C ARG P 248 -84.67 -20.57 -10.58
N PRO P 249 -85.26 -21.75 -10.71
CA PRO P 249 -85.77 -22.18 -12.02
C PRO P 249 -86.95 -21.37 -12.52
N GLU P 250 -87.67 -20.68 -11.63
CA GLU P 250 -88.85 -19.92 -12.01
C GLU P 250 -88.53 -18.48 -12.41
N MET P 251 -87.26 -18.08 -12.37
CA MET P 251 -86.92 -16.66 -12.47
C MET P 251 -86.01 -16.52 -13.71
N ARG P 252 -86.41 -17.17 -14.79
CA ARG P 252 -85.67 -17.14 -16.05
C ARG P 252 -86.49 -16.39 -17.09
N SER P 253 -85.80 -15.70 -17.98
CA SER P 253 -86.44 -14.92 -19.03
C SER P 253 -85.61 -15.05 -20.30
N SER P 254 -86.30 -15.09 -21.45
CA SER P 254 -85.68 -15.25 -22.77
C SER P 254 -84.85 -16.52 -22.86
N GLY P 255 -85.23 -17.55 -22.11
CA GLY P 255 -84.57 -18.84 -22.18
C GLY P 255 -83.30 -18.93 -21.37
N TYR P 256 -82.47 -17.90 -21.40
CA TYR P 256 -81.18 -17.89 -20.75
C TYR P 256 -81.24 -17.19 -19.40
N LYS P 257 -80.13 -17.23 -18.68
CA LYS P 257 -80.02 -16.57 -17.40
C LYS P 257 -80.04 -15.05 -17.58
N ASP P 258 -80.78 -14.36 -16.70
CA ASP P 258 -80.78 -12.90 -16.72
C ASP P 258 -79.44 -12.36 -16.25
N VAL P 259 -78.94 -12.85 -15.12
CA VAL P 259 -77.63 -12.50 -14.60
C VAL P 259 -76.94 -13.78 -14.21
N ASP P 260 -75.73 -13.99 -14.73
CA ASP P 260 -75.02 -15.25 -14.50
C ASP P 260 -74.62 -15.41 -13.04
N LEU P 261 -74.02 -14.37 -12.45
CA LEU P 261 -73.56 -14.43 -11.08
C LEU P 261 -73.44 -13.01 -10.53
N VAL P 262 -73.43 -12.91 -9.20
CA VAL P 262 -73.34 -11.63 -8.51
C VAL P 262 -72.07 -11.60 -7.67
N ILE P 263 -71.55 -10.39 -7.46
CA ILE P 263 -70.38 -10.17 -6.62
C ILE P 263 -70.64 -8.98 -5.71
N THR P 264 -69.80 -8.83 -4.70
CA THR P 264 -69.91 -7.76 -3.72
C THR P 264 -68.89 -6.66 -4.01
N THR P 265 -68.97 -5.61 -3.19
CA THR P 265 -68.04 -4.49 -3.33
C THR P 265 -66.62 -4.90 -2.94
N ARG P 266 -66.50 -5.73 -1.91
CA ARG P 266 -65.18 -6.19 -1.46
C ARG P 266 -64.48 -6.99 -2.55
N GLU P 267 -65.23 -7.85 -3.25
CA GLU P 267 -64.65 -8.62 -4.34
C GLU P 267 -64.25 -7.71 -5.50
N LEU P 268 -65.02 -6.65 -5.75
CA LEU P 268 -64.63 -5.69 -6.78
C LEU P 268 -63.34 -4.97 -6.41
N ALA P 269 -63.19 -4.61 -5.13
CA ALA P 269 -61.95 -4.00 -4.67
C ALA P 269 -60.78 -4.98 -4.80
N HIS P 270 -61.03 -6.26 -4.50
CA HIS P 270 -60.00 -7.28 -4.68
C HIS P 270 -59.58 -7.39 -6.14
N LEU P 271 -60.56 -7.37 -7.06
CA LEU P 271 -60.25 -7.47 -8.48
C LEU P 271 -59.45 -6.27 -8.96
N MET P 272 -59.83 -5.07 -8.53
CA MET P 272 -59.08 -3.88 -8.95
C MET P 272 -57.68 -3.85 -8.35
N LYS P 273 -57.53 -4.30 -7.10
CA LYS P 273 -56.19 -4.38 -6.52
C LYS P 273 -55.32 -5.41 -7.21
N ASP P 274 -55.91 -6.53 -7.63
CA ASP P 274 -55.17 -7.52 -8.42
C ASP P 274 -54.78 -6.94 -9.78
N LYS P 275 -55.66 -6.13 -10.37
CA LYS P 275 -55.36 -5.50 -11.65
C LYS P 275 -54.33 -4.38 -11.54
N GLY P 276 -54.02 -3.93 -10.32
CA GLY P 276 -53.02 -2.90 -10.13
C GLY P 276 -53.41 -1.55 -10.68
N ILE P 277 -54.64 -1.13 -10.44
CA ILE P 277 -55.14 0.17 -10.91
C ILE P 277 -55.47 1.03 -9.69
N ASP P 278 -54.95 2.25 -9.67
CA ASP P 278 -55.20 3.17 -8.58
C ASP P 278 -56.56 3.84 -8.72
N PHE P 279 -56.93 4.60 -7.69
CA PHE P 279 -58.25 5.21 -7.63
C PHE P 279 -58.21 6.74 -7.65
N ALA P 280 -57.22 7.35 -7.00
CA ALA P 280 -57.18 8.81 -6.93
C ALA P 280 -56.78 9.42 -8.26
N THR P 281 -55.76 8.86 -8.92
CA THR P 281 -55.30 9.41 -10.19
C THR P 281 -56.26 9.10 -11.32
N LEU P 282 -57.09 8.08 -11.18
CA LEU P 282 -58.00 7.68 -12.24
C LEU P 282 -59.07 8.74 -12.43
N PRO P 283 -59.20 9.33 -13.63
CA PRO P 283 -60.21 10.39 -13.83
C PRO P 283 -61.61 9.85 -14.00
N ASP P 284 -62.56 10.73 -14.30
CA ASP P 284 -63.96 10.38 -14.40
C ASP P 284 -64.36 10.13 -15.85
N GLU P 285 -65.43 9.35 -16.02
CA GLU P 285 -65.98 9.05 -17.33
C GLU P 285 -67.48 9.28 -17.36
N GLU P 286 -68.14 8.85 -18.43
CA GLU P 286 -69.57 9.04 -18.61
C GLU P 286 -70.28 7.69 -18.74
N PHE P 287 -71.54 7.67 -18.33
CA PHE P 287 -72.35 6.46 -18.40
C PHE P 287 -72.87 6.26 -19.82
N ASP P 288 -73.37 5.05 -20.08
CA ASP P 288 -73.94 4.71 -21.38
C ASP P 288 -75.39 5.20 -21.42
N SER P 289 -75.66 6.13 -22.35
CA SER P 289 -76.99 6.74 -22.41
C SER P 289 -78.14 5.78 -22.71
N PRO P 290 -78.06 4.85 -23.67
CA PRO P 290 -79.27 4.05 -23.99
C PRO P 290 -79.83 3.23 -22.84
N LEU P 291 -78.98 2.70 -21.97
CA LEU P 291 -79.45 1.82 -20.89
C LEU P 291 -78.76 2.18 -19.58
N GLY P 292 -78.50 3.47 -19.36
CA GLY P 292 -77.92 3.91 -18.11
C GLY P 292 -78.46 5.24 -17.64
N ASN P 293 -79.49 5.74 -18.33
CA ASN P 293 -80.14 6.99 -17.96
C ASN P 293 -81.20 6.72 -16.91
N TYR P 294 -81.21 7.51 -15.85
CA TYR P 294 -82.12 7.30 -14.74
C TYR P 294 -82.39 8.62 -14.03
N THR P 295 -83.44 8.63 -13.22
CA THR P 295 -83.83 9.78 -12.44
C THR P 295 -83.35 9.62 -11.00
N GLY P 296 -83.59 10.66 -10.19
CA GLY P 296 -83.09 10.65 -8.83
C GLY P 296 -83.89 9.75 -7.90
N ALA P 297 -85.10 9.36 -8.31
CA ALA P 297 -85.92 8.49 -7.47
C ALA P 297 -85.35 7.10 -7.33
N ALA P 298 -84.59 6.64 -8.31
CA ALA P 298 -84.00 5.30 -8.29
C ALA P 298 -82.68 5.24 -7.52
N THR P 299 -82.17 6.38 -7.06
CA THR P 299 -80.90 6.41 -6.35
C THR P 299 -81.07 6.24 -4.84
N ILE P 300 -82.28 6.42 -4.32
CA ILE P 300 -82.49 6.43 -2.88
C ILE P 300 -82.96 5.07 -2.37
N PHE P 301 -82.70 4.02 -3.14
CA PHE P 301 -83.11 2.69 -2.70
C PHE P 301 -82.20 2.16 -1.60
N GLY P 302 -80.98 2.71 -1.47
CA GLY P 302 -80.06 2.21 -0.48
C GLY P 302 -80.54 2.38 0.94
N ASN P 303 -81.09 3.56 1.24
CA ASN P 303 -81.68 3.78 2.56
C ASN P 303 -83.11 3.26 2.58
N THR P 304 -83.55 2.84 3.77
CA THR P 304 -84.90 2.33 3.92
C THR P 304 -85.93 3.44 3.70
N GLY P 305 -87.08 3.04 3.16
CA GLY P 305 -88.15 3.98 2.88
C GLY P 305 -87.98 4.78 1.61
N GLY P 306 -86.92 4.55 0.84
CA GLY P 306 -86.72 5.28 -0.39
C GLY P 306 -87.52 4.71 -1.54
N VAL P 307 -87.69 3.39 -1.54
CA VAL P 307 -88.51 2.74 -2.56
C VAL P 307 -89.96 3.18 -2.43
N MET P 308 -90.42 3.36 -1.19
CA MET P 308 -91.78 3.83 -0.95
C MET P 308 -91.95 5.26 -1.47
N GLU P 309 -90.96 6.13 -1.23
CA GLU P 309 -91.03 7.49 -1.74
C GLU P 309 -91.03 7.52 -3.26
N ALA P 310 -90.19 6.69 -3.88
CA ALA P 310 -90.19 6.59 -5.35
C ALA P 310 -91.53 6.09 -5.87
N ALA P 311 -92.14 5.13 -5.15
CA ALA P 311 -93.45 4.62 -5.55
C ALA P 311 -94.50 5.72 -5.51
N LEU P 312 -94.53 6.51 -4.45
CA LEU P 312 -95.53 7.58 -4.39
C LEU P 312 -95.25 8.68 -5.41
N ARG P 313 -93.97 8.92 -5.74
CA ARG P 313 -93.65 10.00 -6.68
C ARG P 313 -94.34 9.85 -8.02
N THR P 314 -94.65 8.63 -8.44
CA THR P 314 -95.46 8.44 -9.64
C THR P 314 -96.88 7.94 -9.36
N ALA P 315 -97.11 7.30 -8.20
CA ALA P 315 -98.47 6.90 -7.85
C ALA P 315 -99.37 8.10 -7.64
N TYR P 316 -98.84 9.19 -7.08
CA TYR P 316 -99.63 10.41 -6.91
C TYR P 316 -100.09 10.95 -8.26
N GLU P 317 -99.18 11.00 -9.24
CA GLU P 317 -99.55 11.48 -10.56
C GLU P 317 -100.54 10.54 -11.24
N LEU P 318 -100.37 9.22 -11.07
CA LEU P 318 -101.32 8.29 -11.66
C LEU P 318 -102.67 8.29 -10.97
N ILE P 319 -102.76 8.78 -9.73
CA ILE P 319 -104.04 8.82 -9.04
C ILE P 319 -104.76 10.14 -9.29
N THR P 320 -104.15 11.26 -8.90
CA THR P 320 -104.86 12.53 -8.96
C THR P 320 -104.88 13.14 -10.36
N LYS P 321 -104.07 12.61 -11.29
CA LYS P 321 -104.06 13.04 -12.69
C LYS P 321 -103.77 14.53 -12.83
N LYS P 322 -102.92 15.06 -11.95
CA LYS P 322 -102.53 16.46 -12.02
C LYS P 322 -101.19 16.63 -11.32
N PRO P 323 -100.34 17.56 -11.79
CA PRO P 323 -99.02 17.75 -11.15
C PRO P 323 -99.14 18.60 -9.89
N ILE P 324 -98.84 18.00 -8.75
CA ILE P 324 -98.82 18.69 -7.47
C ILE P 324 -97.43 18.52 -6.88
N PRO P 325 -96.79 19.57 -6.37
CA PRO P 325 -95.42 19.44 -5.85
C PRO P 325 -95.34 18.51 -4.65
N ASN P 326 -94.59 17.43 -4.81
CA ASN P 326 -94.36 16.42 -3.78
C ASN P 326 -92.88 16.07 -3.72
N ILE P 327 -92.02 17.10 -3.68
CA ILE P 327 -90.58 16.90 -3.84
C ILE P 327 -90.00 16.14 -2.65
N ASP P 328 -90.32 16.58 -1.44
CA ASP P 328 -89.65 16.09 -0.24
C ASP P 328 -90.65 15.56 0.78
N ILE P 329 -90.26 14.51 1.46
CA ILE P 329 -91.02 13.95 2.58
C ILE P 329 -90.04 13.56 3.68
N GLU P 330 -90.40 13.86 4.93
CA GLU P 330 -89.53 13.61 6.06
C GLU P 330 -90.17 12.76 7.15
N PHE P 331 -91.47 12.50 7.06
CA PHE P 331 -92.20 11.78 8.10
C PHE P 331 -92.16 10.26 7.90
N VAL P 332 -91.64 9.81 6.76
CA VAL P 332 -91.58 8.38 6.47
C VAL P 332 -90.19 7.80 6.64
N ARG P 333 -89.17 8.62 6.87
CA ARG P 333 -87.80 8.15 7.00
C ARG P 333 -87.56 7.67 8.44
N GLY P 334 -86.99 6.47 8.58
CA GLY P 334 -86.68 5.91 9.87
C GLY P 334 -85.37 5.15 9.84
N GLY P 335 -84.99 4.63 11.01
CA GLY P 335 -83.75 3.89 11.12
C GLY P 335 -83.82 2.69 12.04
N GLU P 336 -84.98 2.44 12.63
CA GLU P 336 -85.13 1.35 13.58
C GLU P 336 -86.59 1.00 13.73
N GLY P 337 -86.88 -0.31 13.83
CA GLY P 337 -88.24 -0.74 14.12
C GLY P 337 -89.16 -0.54 12.93
N ILE P 338 -90.27 0.15 13.17
CA ILE P 338 -91.28 0.40 12.14
C ILE P 338 -91.56 1.90 12.09
N ARG P 339 -91.98 2.35 10.92
CA ARG P 339 -92.43 3.73 10.72
C ARG P 339 -93.77 3.70 10.00
N THR P 340 -94.69 4.57 10.43
CA THR P 340 -96.03 4.63 9.86
C THR P 340 -96.36 6.06 9.46
N ALA P 341 -97.27 6.19 8.50
CA ALA P 341 -97.65 7.48 7.97
C ALA P 341 -99.01 7.35 7.28
N THR P 342 -99.63 8.50 7.04
CA THR P 342 -100.88 8.59 6.31
C THR P 342 -100.71 9.49 5.10
N VAL P 343 -101.33 9.10 3.99
CA VAL P 343 -101.27 9.87 2.75
C VAL P 343 -102.68 10.02 2.21
N GLN P 344 -103.11 11.26 1.98
CA GLN P 344 -104.44 11.53 1.45
C GLN P 344 -104.32 11.93 -0.01
N VAL P 345 -104.99 11.18 -0.89
CA VAL P 345 -104.96 11.45 -2.32
C VAL P 345 -106.18 10.79 -2.96
N GLY P 346 -106.80 11.49 -3.90
CA GLY P 346 -107.96 10.99 -4.60
C GLY P 346 -109.11 10.69 -3.67
N GLU P 347 -109.38 11.61 -2.74
CA GLU P 347 -110.28 11.43 -1.59
C GLU P 347 -110.16 10.04 -0.95
N LEU P 348 -108.94 9.50 -0.91
CA LEU P 348 -108.69 8.17 -0.37
C LEU P 348 -107.46 8.21 0.52
N GLU P 349 -107.52 7.48 1.63
CA GLU P 349 -106.46 7.48 2.63
C GLU P 349 -105.56 6.26 2.47
N LEU P 350 -104.28 6.45 2.76
CA LEU P 350 -103.27 5.42 2.62
C LEU P 350 -102.52 5.28 3.94
N LYS P 351 -102.63 4.10 4.56
CA LYS P 351 -101.91 3.77 5.78
C LYS P 351 -100.61 3.11 5.39
N ILE P 352 -99.55 3.90 5.26
CA ILE P 352 -98.27 3.41 4.76
C ILE P 352 -97.35 3.09 5.93
N ALA P 353 -96.54 2.05 5.77
CA ALA P 353 -95.57 1.69 6.79
C ALA P 353 -94.31 1.13 6.11
N VAL P 354 -93.18 1.34 6.77
CA VAL P 354 -91.90 0.75 6.38
C VAL P 354 -91.28 0.12 7.62
N VAL P 355 -90.38 -0.84 7.38
CA VAL P 355 -89.76 -1.62 8.46
C VAL P 355 -88.26 -1.62 8.26
N SER P 356 -87.52 -1.70 9.36
CA SER P 356 -86.07 -1.90 9.34
C SER P 356 -85.76 -3.07 10.28
N GLY P 357 -85.43 -4.21 9.71
CA GLY P 357 -85.25 -5.42 10.48
C GLY P 357 -86.37 -6.41 10.25
N LEU P 358 -86.03 -7.66 9.97
CA LEU P 358 -87.02 -8.66 9.60
C LEU P 358 -87.91 -9.06 10.78
N LYS P 359 -87.38 -8.98 12.01
CA LYS P 359 -88.16 -9.39 13.17
C LYS P 359 -89.32 -8.45 13.47
N ASN P 360 -89.27 -7.21 12.98
CA ASN P 360 -90.33 -6.25 13.26
C ASN P 360 -91.59 -6.54 12.44
N VAL P 361 -91.47 -7.20 11.30
CA VAL P 361 -92.64 -7.47 10.46
C VAL P 361 -93.54 -8.52 11.11
N ILE P 362 -92.95 -9.44 11.87
CA ILE P 362 -93.71 -10.59 12.38
C ILE P 362 -94.90 -10.20 13.25
N PRO P 363 -94.81 -9.23 14.17
CA PRO P 363 -96.02 -8.82 14.89
C PRO P 363 -97.10 -8.21 14.00
N ILE P 364 -96.73 -7.66 12.84
CA ILE P 364 -97.69 -6.97 11.99
C ILE P 364 -98.17 -7.88 10.87
N LEU P 365 -97.28 -8.76 10.39
CA LEU P 365 -97.60 -9.62 9.26
C LEU P 365 -98.65 -10.68 9.59
N GLU P 366 -98.92 -10.92 10.88
CA GLU P 366 -99.95 -11.88 11.25
C GLU P 366 -101.32 -11.44 10.77
N ASP P 367 -102.14 -12.42 10.38
CA ASP P 367 -103.46 -12.13 9.83
C ASP P 367 -104.39 -11.49 10.87
N ILE P 368 -104.19 -11.77 12.15
CA ILE P 368 -105.00 -11.12 13.18
C ILE P 368 -104.70 -9.63 13.26
N LYS P 369 -103.42 -9.26 13.16
CA LYS P 369 -103.00 -7.87 13.24
C LYS P 369 -103.02 -7.17 11.88
N LYS P 370 -103.28 -7.89 10.79
CA LYS P 370 -103.30 -7.29 9.47
C LYS P 370 -104.67 -6.73 9.10
N ASN P 371 -105.75 -7.37 9.55
CA ASN P 371 -107.10 -6.99 9.15
C ASN P 371 -107.58 -5.71 9.83
N LYS P 372 -106.86 -5.21 10.85
CA LYS P 372 -107.31 -4.06 11.60
C LYS P 372 -106.69 -2.74 11.13
N CYS P 373 -105.62 -2.79 10.35
CA CYS P 373 -105.00 -1.59 9.80
C CYS P 373 -104.93 -1.58 8.29
N ASP P 374 -105.21 -2.71 7.62
CA ASP P 374 -105.39 -2.85 6.18
C ASP P 374 -104.09 -2.73 5.40
N LEU P 375 -103.01 -2.30 6.06
CA LEU P 375 -101.63 -2.32 5.53
C LEU P 375 -101.55 -1.87 4.07
N HIS P 376 -101.89 -0.59 3.85
CA HIS P 376 -102.15 -0.10 2.49
C HIS P 376 -100.97 -0.32 1.56
N PHE P 377 -99.75 -0.02 2.01
CA PHE P 377 -98.56 -0.31 1.23
C PHE P 377 -97.36 -0.39 2.15
N VAL P 378 -96.68 -1.54 2.15
CA VAL P 378 -95.55 -1.79 3.03
C VAL P 378 -94.42 -2.39 2.22
N GLU P 379 -93.23 -1.81 2.35
CA GLU P 379 -92.01 -2.42 1.83
C GLU P 379 -91.21 -3.01 2.99
N VAL P 380 -90.42 -4.04 2.69
CA VAL P 380 -89.68 -4.78 3.70
C VAL P 380 -88.20 -4.79 3.36
N MET P 381 -87.36 -4.52 4.35
CA MET P 381 -85.91 -4.59 4.25
C MET P 381 -85.41 -5.51 5.35
N THR P 382 -85.04 -6.74 4.98
CA THR P 382 -84.55 -7.69 5.97
C THR P 382 -83.23 -7.22 6.57
N CYS P 383 -82.29 -6.82 5.73
CA CYS P 383 -81.04 -6.26 6.24
C CYS P 383 -81.32 -4.93 6.94
N PRO P 384 -80.62 -4.64 8.03
CA PRO P 384 -80.87 -3.38 8.75
C PRO P 384 -80.48 -2.17 7.91
N GLU P 385 -81.37 -1.17 7.92
CA GLU P 385 -81.16 0.12 7.26
C GLU P 385 -80.97 -0.04 5.74
N GLY P 386 -81.49 -1.12 5.18
CA GLY P 386 -81.44 -1.31 3.75
C GLY P 386 -80.09 -1.78 3.25
N CYS P 387 -80.00 -1.87 1.92
CA CYS P 387 -78.84 -2.44 1.24
C CYS P 387 -77.57 -1.62 1.39
N ILE P 388 -77.61 -0.48 2.09
CA ILE P 388 -76.36 0.20 2.46
C ILE P 388 -75.67 -0.43 3.64
N SER P 389 -76.29 -1.43 4.28
CA SER P 389 -75.68 -2.14 5.40
C SER P 389 -75.89 -3.64 5.24
N GLY P 390 -75.69 -4.14 4.03
CA GLY P 390 -75.82 -5.55 3.75
C GLY P 390 -74.52 -6.30 3.97
N GLY P 391 -74.47 -7.52 3.46
CA GLY P 391 -73.28 -8.34 3.58
C GLY P 391 -72.15 -7.97 2.66
N GLY P 392 -72.43 -7.24 1.58
CA GLY P 392 -71.39 -6.86 0.64
C GLY P 392 -70.61 -5.62 1.02
N GLN P 393 -71.16 -4.80 1.92
CA GLN P 393 -70.44 -3.64 2.41
C GLN P 393 -69.22 -4.08 3.22
N PRO P 394 -68.14 -3.29 3.19
CA PRO P 394 -66.89 -3.74 3.83
C PRO P 394 -66.97 -3.77 5.35
N LYS P 395 -66.00 -4.43 5.98
CA LYS P 395 -65.94 -4.49 7.43
C LYS P 395 -65.57 -3.11 8.00
N LEU P 396 -65.93 -2.91 9.26
CA LEU P 396 -65.73 -1.62 9.92
C LEU P 396 -64.76 -1.69 11.09
N LEU P 397 -64.14 -2.84 11.33
CA LEU P 397 -63.21 -3.04 12.45
C LEU P 397 -63.87 -2.70 13.78
N LEU P 398 -65.13 -3.12 13.93
CA LEU P 398 -65.89 -2.91 15.16
C LEU P 398 -66.66 -4.17 15.53
N ALA P 405 -70.32 6.84 9.99
CA ALA P 405 -70.48 5.38 9.88
C ALA P 405 -71.53 5.03 8.84
N TYR P 406 -72.68 4.54 9.30
CA TYR P 406 -73.77 4.19 8.39
C TYR P 406 -74.36 5.43 7.70
N LYS P 407 -74.47 6.54 8.42
CA LYS P 407 -75.23 7.68 7.90
C LYS P 407 -74.53 8.39 6.75
N LYS P 408 -73.21 8.23 6.61
CA LYS P 408 -72.49 8.93 5.54
C LYS P 408 -72.95 8.46 4.16
N ARG P 409 -73.11 7.14 3.99
CA ARG P 409 -73.55 6.62 2.70
C ARG P 409 -74.97 7.08 2.37
N LYS P 410 -75.86 7.09 3.37
CA LYS P 410 -77.23 7.48 3.10
C LYS P 410 -77.36 8.98 2.84
N GLU P 411 -76.56 9.81 3.51
CA GLU P 411 -76.61 11.23 3.18
C GLU P 411 -75.99 11.50 1.82
N ALA P 412 -74.96 10.74 1.44
CA ALA P 412 -74.40 10.86 0.10
C ALA P 412 -75.45 10.49 -0.95
N LEU P 413 -76.23 9.44 -0.68
CA LEU P 413 -77.30 9.06 -1.58
C LEU P 413 -78.37 10.16 -1.69
N TYR P 414 -78.73 10.76 -0.54
CA TYR P 414 -79.74 11.81 -0.57
C TYR P 414 -79.26 13.04 -1.33
N LYS P 415 -78.00 13.46 -1.15
CA LYS P 415 -77.52 14.61 -1.90
C LYS P 415 -77.25 14.26 -3.36
N HIS P 416 -77.03 12.97 -3.67
CA HIS P 416 -77.00 12.57 -5.08
C HIS P 416 -78.38 12.68 -5.70
N ASP P 417 -79.43 12.36 -4.93
CA ASP P 417 -80.79 12.59 -5.40
C ASP P 417 -81.06 14.08 -5.60
N ALA P 418 -80.66 14.91 -4.64
CA ALA P 418 -80.97 16.33 -4.68
C ALA P 418 -80.16 17.09 -5.72
N GLU P 419 -79.07 16.52 -6.22
CA GLU P 419 -78.23 17.20 -7.20
C GLU P 419 -78.68 16.98 -8.64
N LEU P 420 -79.66 16.10 -8.87
CA LEU P 420 -80.16 15.84 -10.20
C LEU P 420 -81.36 16.72 -10.50
N GLU P 421 -81.53 17.06 -11.78
CA GLU P 421 -82.63 17.91 -12.21
C GLU P 421 -83.93 17.15 -12.40
N LEU P 422 -83.91 15.82 -12.34
CA LEU P 422 -85.09 14.99 -12.50
C LEU P 422 -85.37 14.27 -11.20
N ARG P 423 -86.61 14.35 -10.72
CA ARG P 423 -87.02 13.72 -9.47
C ARG P 423 -88.12 12.70 -9.67
N LYS P 424 -89.16 13.05 -10.42
CA LYS P 424 -90.25 12.11 -10.68
C LYS P 424 -89.77 10.98 -11.59
N SER P 425 -90.17 9.75 -11.25
CA SER P 425 -89.78 8.59 -12.03
C SER P 425 -90.69 8.39 -13.24
N HIS P 426 -90.88 9.46 -14.02
CA HIS P 426 -91.64 9.37 -15.25
C HIS P 426 -91.01 10.12 -16.42
N GLU P 427 -89.98 10.93 -16.19
CA GLU P 427 -89.39 11.79 -17.21
C GLU P 427 -88.17 11.19 -17.87
N ASN P 428 -87.87 9.91 -17.61
CA ASN P 428 -86.71 9.28 -18.22
C ASN P 428 -86.93 9.05 -19.70
N PRO P 429 -86.08 9.60 -20.58
CA PRO P 429 -86.27 9.37 -22.03
C PRO P 429 -86.14 7.91 -22.43
N ALA P 430 -85.30 7.13 -21.74
CA ALA P 430 -85.14 5.73 -22.08
C ALA P 430 -86.41 4.94 -21.81
N ILE P 431 -87.10 5.25 -20.70
CA ILE P 431 -88.36 4.59 -20.39
C ILE P 431 -89.41 4.91 -21.45
N LYS P 432 -89.50 6.18 -21.85
CA LYS P 432 -90.47 6.58 -22.86
C LYS P 432 -90.18 5.91 -24.19
N LYS P 433 -88.89 5.83 -24.57
CA LYS P 433 -88.52 5.15 -25.80
C LYS P 433 -88.83 3.66 -25.73
N LEU P 434 -88.61 3.05 -24.57
CA LEU P 434 -88.91 1.63 -24.41
C LEU P 434 -90.40 1.36 -24.55
N TYR P 435 -91.24 2.23 -23.98
CA TYR P 435 -92.68 2.06 -24.13
C TYR P 435 -93.13 2.33 -25.57
N GLU P 436 -92.58 3.36 -26.20
CA GLU P 436 -93.03 3.70 -27.56
C GLU P 436 -92.46 2.75 -28.60
N GLU P 437 -91.44 1.97 -28.25
CA GLU P 437 -90.82 1.04 -29.20
C GLU P 437 -91.27 -0.40 -29.00
N PHE P 438 -91.05 -0.97 -27.82
CA PHE P 438 -91.23 -2.40 -27.61
C PHE P 438 -92.29 -2.75 -26.57
N LEU P 439 -92.21 -2.22 -25.36
CA LEU P 439 -93.10 -2.63 -24.28
C LEU P 439 -94.54 -2.20 -24.48
N GLY P 440 -94.79 -1.15 -25.24
CA GLY P 440 -96.13 -0.64 -25.40
C GLY P 440 -96.68 -0.10 -24.08
N GLU P 441 -97.83 -0.60 -23.68
CA GLU P 441 -98.40 -0.19 -22.42
C GLU P 441 -98.28 -1.31 -21.38
N PRO P 442 -97.99 -0.97 -20.13
CA PRO P 442 -97.69 -2.00 -19.12
C PRO P 442 -98.91 -2.86 -18.80
N LEU P 443 -98.63 -4.08 -18.35
CA LEU P 443 -99.64 -5.13 -18.17
C LEU P 443 -100.40 -5.38 -19.48
N GLY P 444 -99.64 -5.40 -20.58
CA GLY P 444 -100.21 -5.58 -21.90
C GLY P 444 -99.75 -6.85 -22.58
N LYS P 445 -99.68 -7.95 -21.81
CA LYS P 445 -99.35 -9.30 -22.26
C LYS P 445 -97.86 -9.43 -22.58
N GLN P 446 -97.14 -8.31 -22.56
CA GLN P 446 -95.68 -8.34 -22.62
C GLN P 446 -95.03 -8.22 -21.26
N SER P 447 -95.65 -7.45 -20.34
CA SER P 447 -95.14 -7.40 -18.98
C SER P 447 -95.40 -8.70 -18.23
N HIS P 448 -96.41 -9.46 -18.64
CA HIS P 448 -96.69 -10.74 -18.01
C HIS P 448 -95.72 -11.83 -18.46
N HIS P 449 -94.91 -11.57 -19.49
CA HIS P 449 -94.00 -12.57 -20.04
C HIS P 449 -92.55 -12.33 -19.60
N LEU P 450 -92.06 -11.09 -19.73
CA LEU P 450 -90.67 -10.79 -19.46
C LEU P 450 -90.47 -9.88 -18.26
N LEU P 451 -91.53 -9.33 -17.68
CA LEU P 451 -91.42 -8.38 -16.58
C LEU P 451 -91.92 -8.93 -15.25
N HIS P 452 -92.65 -10.04 -15.26
CA HIS P 452 -93.21 -10.63 -14.06
C HIS P 452 -92.77 -12.09 -13.94
N THR P 453 -93.01 -12.64 -12.75
CA THR P 453 -92.79 -14.07 -12.52
C THR P 453 -93.82 -14.54 -11.50
N LYS P 454 -93.80 -15.84 -11.23
CA LYS P 454 -94.73 -16.46 -10.30
C LYS P 454 -93.95 -17.02 -9.12
N TYR P 455 -94.06 -16.37 -7.97
CA TYR P 455 -93.44 -16.85 -6.74
C TYR P 455 -94.40 -17.83 -6.08
N THR P 456 -94.30 -19.10 -6.46
CA THR P 456 -95.08 -20.17 -5.83
C THR P 456 -94.22 -21.38 -5.47
N PRO P 457 -93.19 -21.23 -4.62
CA PRO P 457 -92.52 -22.42 -4.10
C PRO P 457 -93.37 -23.11 -3.03
N ARG P 458 -93.93 -22.30 -2.12
CA ARG P 458 -94.83 -22.76 -1.07
C ARG P 458 -94.21 -23.87 -0.23
N LYS P 459 -92.98 -23.64 0.21
CA LYS P 459 -92.27 -24.62 1.03
C LYS P 459 -92.90 -24.74 2.41
FE1 SF4 Q . 34.40 -9.53 -6.46
FE2 SF4 Q . 32.74 -11.23 -5.12
FE3 SF4 Q . 32.92 -8.61 -4.35
FE4 SF4 Q . 35.00 -10.32 -3.91
S1 SF4 Q . 32.92 -10.45 -2.99
S2 SF4 Q . 35.12 -8.21 -4.75
S3 SF4 Q . 34.87 -11.64 -5.76
S4 SF4 Q . 32.13 -9.40 -6.33
FE1 SF4 R . 28.92 -3.34 -23.23
FE2 SF4 R . 28.82 -1.60 -25.33
FE3 SF4 R . 28.76 -0.64 -22.78
FE4 SF4 R . 26.60 -2.00 -23.78
S1 SF4 R . 27.42 0.00 -24.51
S2 SF4 R . 27.56 -2.27 -21.74
S3 SF4 R . 27.65 -3.53 -25.11
S4 SF4 R . 30.47 -1.76 -23.78
FE1 SF4 S . 36.56 0.53 -32.19
FE2 SF4 S . 38.85 0.34 -30.71
FE3 SF4 S . 36.65 1.59 -29.67
FE4 SF4 S . 38.06 2.76 -31.72
S1 SF4 S . 38.81 2.32 -29.60
S2 SF4 S . 35.80 2.57 -31.54
S3 SF4 S . 38.69 0.92 -32.90
S4 SF4 S . 36.83 -0.61 -30.23
FE1 SF4 T . 34.19 -11.02 -18.13
FE2 SF4 T . 36.48 -11.16 -16.64
FE3 SF4 T . 35.62 -13.34 -18.05
FE4 SF4 T . 34.24 -12.52 -15.84
S1 SF4 T . 36.37 -13.31 -15.89
S2 SF4 T . 33.36 -13.12 -17.86
S3 SF4 T . 34.48 -10.26 -16.00
S4 SF4 T . 36.31 -11.35 -18.89
FE1 SF4 U . 29.28 24.93 -33.05
FE2 SF4 U . 29.68 27.63 -33.05
FE3 SF4 U . 31.82 25.94 -33.21
FE4 SF4 U . 30.42 26.14 -30.87
S1 SF4 U . 31.63 27.78 -31.89
S2 SF4 U . 31.11 24.23 -31.88
S3 SF4 U . 28.31 26.45 -31.67
S4 SF4 U . 30.15 26.18 -34.74
FE1 SF4 V . 43.09 10.47 -37.56
FE2 SF4 V . 44.09 11.81 -35.39
FE3 SF4 V . 45.67 10.05 -36.75
FE4 SF4 V . 43.60 9.12 -35.22
S1 SF4 V . 45.46 10.22 -34.50
S2 SF4 V . 44.14 8.46 -37.33
S3 SF4 V . 42.06 10.78 -35.54
S4 SF4 V . 44.79 11.99 -37.55
FE1 SF4 W . 53.44 12.26 -45.69
FE2 SF4 W . 51.68 12.62 -43.62
FE3 SF4 W . 53.65 14.47 -44.10
FE4 SF4 W . 54.30 12.00 -43.11
S1 SF4 W . 53.04 13.61 -42.08
S2 SF4 W . 55.35 13.12 -44.80
S3 SF4 W . 52.78 10.70 -44.17
S4 SF4 W . 51.92 13.93 -45.47
FE1 SF4 X . 41.38 23.66 -30.81
FE2 SF4 X . 42.52 24.28 -33.21
FE3 SF4 X . 43.18 21.95 -31.94
FE4 SF4 X . 44.03 24.35 -30.94
S1 SF4 X . 44.61 23.43 -32.93
S2 SF4 X . 43.12 22.63 -29.76
S3 SF4 X . 42.23 25.67 -31.43
S4 SF4 X . 41.14 22.52 -32.76
FE1 SF4 Y . -51.01 2.27 67.04
FE2 SF4 Y . -51.82 2.20 69.65
FE3 SF4 Y . -53.55 3.04 67.69
FE4 SF4 Y . -51.42 4.60 68.41
S1 SF4 Y . -53.19 4.03 69.72
S2 SF4 Y . -52.12 4.11 66.29
S3 SF4 Y . -49.85 3.01 68.84
S4 SF4 Y . -52.65 0.96 67.92
FE1 SF4 Z . -53.33 -10.29 52.18
FE2 SF4 Z . -51.71 -11.31 54.14
FE3 SF4 Z . -51.84 -12.52 51.69
FE4 SF4 Z . -53.98 -12.66 53.40
S1 SF4 Z . -51.90 -13.54 53.73
S2 SF4 Z . -54.03 -12.20 51.17
S3 SF4 Z . -53.87 -10.61 54.38
S4 SF4 Z . -51.06 -10.43 52.15
FE1 SF4 AA . -44.94 -10.14 41.93
FE2 SF4 AA . -46.04 -9.96 44.43
FE3 SF4 AA . -43.33 -9.72 44.10
FE4 SF4 AA . -44.56 -12.15 43.74
S1 SF4 AA . -44.43 -10.95 45.68
S2 SF4 AA . -42.98 -11.20 42.40
S3 SF4 AA . -46.53 -11.49 42.82
S4 SF4 AA . -44.94 -8.32 43.30
FE1 SF4 BA . -45.83 -5.90 64.17
FE2 SF4 BA . -44.43 -4.83 62.08
FE3 SF4 BA . -45.76 -7.19 61.77
FE4 SF4 BA . -43.52 -7.08 63.32
S1 SF4 BA . -43.65 -6.71 61.08
S2 SF4 BA . -45.49 -8.12 63.82
S3 SF4 BA . -43.73 -5.01 64.25
S4 SF4 BA . -46.68 -5.15 62.20
FE1 SF4 CA . 24.84 33.62 -38.42
FE2 SF4 CA . 23.91 34.08 -40.96
FE3 SF4 CA . 26.14 35.38 -40.06
FE4 SF4 CA . 23.68 36.02 -39.03
S1 SF4 CA . 24.39 36.30 -41.18
S2 SF4 CA . 25.61 35.69 -37.87
S3 SF4 CA . 22.68 33.98 -39.03
S4 SF4 CA . 25.91 33.14 -40.39
FE1 SF4 DA . 21.27 46.92 -37.90
FE2 SF4 DA . 21.88 44.67 -39.34
FE3 SF4 DA . 19.97 46.39 -40.25
FE4 SF4 DA . 19.48 44.85 -38.04
S1 SF4 DA . 19.83 44.11 -40.17
S2 SF4 DA . 19.03 47.08 -38.29
S3 SF4 DA . 21.55 44.81 -37.08
S4 SF4 DA . 22.19 46.83 -39.99
FE1 402 EA . 29.79 60.17 -35.17
FE2 402 EA . 29.41 62.28 -36.57
S1 402 EA . 29.83 62.29 -34.31
S2 402 EA . 27.76 60.76 -36.09
O3 402 EA . 29.61 57.70 -36.65
N4 402 EA . 32.53 59.90 -34.00
O5 402 EA . 31.89 60.85 -37.13
N6 402 EA . 29.11 62.47 -39.58
O7 402 EA . 31.40 64.48 -36.82
C3 402 EA . 29.79 58.68 -35.98
C4 402 EA . 31.44 60.00 -34.47
C5 402 EA . 30.79 60.82 -36.66
C6 402 EA . 29.21 62.19 -38.48
C7 402 EA . 30.68 63.54 -36.76
C2 402 EA . 26.67 61.39 -34.67
N1 402 EA . 27.07 62.73 -34.13
C1 402 EA . 28.36 62.71 -33.36
FE1 SF4 FA . 27.51 56.57 -34.60
FE2 SF4 FA . 26.14 55.54 -36.74
FE3 SF4 FA . 24.76 56.62 -34.64
FE4 SF4 FA . 26.09 54.24 -34.33
S1 SF4 FA . 24.31 54.66 -35.71
S2 SF4 FA . 26.10 55.99 -32.89
S3 SF4 FA . 27.91 54.59 -35.66
S4 SF4 FA . 26.18 57.71 -36.06
FE1 SF4 GA . -18.67 -28.49 33.10
FE2 SF4 GA . -19.26 -26.83 31.01
FE3 SF4 GA . -20.04 -26.17 33.54
FE4 SF4 GA . -21.26 -28.25 32.24
S1 SF4 GA . -21.30 -26.05 31.65
S2 SF4 GA . -20.52 -28.23 34.39
S3 SF4 GA . -19.50 -29.09 31.06
S4 SF4 GA . -17.91 -26.37 32.78
FE1 SF4 HA . -23.40 -13.92 18.08
FE2 SF4 HA . -22.99 -11.56 16.77
FE3 SF4 HA . -22.61 -11.71 19.48
FE4 SF4 HA . -25.14 -11.85 18.45
S1 SF4 HA . -23.71 -10.08 18.35
S2 SF4 HA . -24.25 -13.19 20.06
S3 SF4 HA . -24.75 -12.97 16.51
S4 SF4 HA . -21.44 -12.81 17.86
FE1 SF4 IA . -15.74 -10.17 9.32
FE2 SF4 IA . -13.66 -11.68 10.24
FE3 SF4 IA . -15.08 -10.14 11.97
FE4 SF4 IA . -13.44 -8.95 10.13
S1 SF4 IA . -12.82 -10.32 11.87
S2 SF4 IA . -15.57 -8.34 10.65
S3 SF4 IA . -13.68 -10.37 8.38
S4 SF4 IA . -15.85 -11.92 10.78
FE1 SF4 JA . -18.69 -25.55 20.66
FE2 SF4 JA . -20.92 -24.32 19.66
FE3 SF4 JA . -21.17 -26.17 21.64
FE4 SF4 JA . -20.47 -26.96 19.12
S1 SF4 JA . -22.43 -26.01 19.76
S2 SF4 JA . -19.51 -27.64 21.06
S3 SF4 JA . -19.19 -25.19 18.46
S4 SF4 JA . -20.10 -24.17 21.78
FE1 SF4 KA . -12.10 16.42 17.00
FE2 SF4 KA . -11.75 14.22 18.59
FE3 SF4 KA . -10.70 14.26 16.07
FE4 SF4 KA . -13.41 14.09 16.41
S1 SF4 KA . -11.85 12.55 17.04
S2 SF4 KA . -12.30 15.44 14.96
S3 SF4 KA . -13.68 15.38 18.27
S4 SF4 KA . -10.13 15.61 17.82
FE1 SF4 LA . -4.64 -1.59 7.98
FE2 SF4 LA . -6.23 -1.87 5.77
FE3 SF4 LA . -5.98 -3.94 7.55
FE4 SF4 LA . -3.88 -3.25 5.95
S1 SF4 LA . -5.89 -4.07 5.28
S2 SF4 LA . -3.80 -3.70 8.17
S3 SF4 LA . -4.13 -0.98 5.83
S4 SF4 LA . -6.90 -1.89 7.95
FE1 SF4 MA . 1.78 -0.81 -1.04
FE2 SF4 MA . 3.25 -1.25 -3.31
FE3 SF4 MA . 4.04 -2.36 -0.93
FE4 SF4 MA . 4.24 0.34 -1.32
S1 SF4 MA . 5.36 -1.30 -2.45
S2 SF4 MA . 3.42 -0.71 0.52
S3 SF4 MA . 2.40 0.73 -2.60
S4 SF4 MA . 2.13 -2.80 -2.09
FE1 SF4 NA . -1.96 6.56 14.44
FE2 SF4 NA . -1.38 9.21 14.12
FE3 SF4 NA . -0.47 7.87 16.32
FE4 SF4 NA . -3.14 8.42 16.05
S1 SF4 NA . -1.44 9.93 16.27
S2 SF4 NA . -2.21 6.44 16.69
S3 SF4 NA . -3.40 8.21 13.80
S4 SF4 NA . 0.11 7.48 14.16
FE1 SF4 OA . 52.16 -19.46 -62.73
FE2 SF4 OA . 50.12 -17.69 -63.11
FE3 SF4 OA . 49.94 -20.21 -64.14
FE4 SF4 OA . 51.70 -18.42 -65.22
S1 SF4 OA . 49.41 -18.27 -65.20
S2 SF4 OA . 52.11 -20.60 -64.72
S3 SF4 OA . 52.35 -17.27 -63.36
S4 SF4 OA . 50.04 -19.64 -61.94
FE1 SF4 PA . 45.80 -27.26 -71.27
FE2 SF4 PA . 47.74 -28.91 -70.28
FE3 SF4 PA . 46.03 -27.62 -68.57
FE4 SF4 PA . 47.94 -26.21 -69.93
S1 SF4 PA . 48.29 -27.82 -68.36
S2 SF4 PA . 45.75 -25.64 -69.67
S3 SF4 PA . 47.99 -27.34 -71.91
S4 SF4 PA . 45.48 -29.20 -70.12
FE1 402 QA . 43.51 -26.96 -86.77
FE2 402 QA . 43.16 -28.81 -88.50
S1 402 QA . 41.82 -26.94 -88.33
S2 402 QA . 42.80 -29.07 -86.25
O3 402 QA . 45.78 -26.98 -84.98
N4 402 QA . 44.39 -24.31 -87.89
O5 402 QA . 45.81 -27.55 -88.60
N6 402 QA . 45.13 -31.06 -88.54
O7 402 QA . 43.51 -28.25 -91.42
C3 402 QA . 44.84 -27.09 -85.71
C4 402 QA . 44.03 -25.36 -87.44
C5 402 QA . 44.73 -27.63 -88.08
C6 402 QA . 44.35 -30.29 -88.47
C7 402 QA . 43.43 -28.49 -90.25
C2 402 QA . 40.94 -29.08 -85.91
N1 402 QA . 40.09 -28.79 -87.11
C1 402 QA . 40.23 -27.39 -87.63
FE1 SF4 RA . 43.14 -27.23 -82.90
FE2 SF4 RA . 44.92 -28.50 -81.26
FE3 SF4 RA . 42.27 -29.07 -81.07
FE4 SF4 RA . 43.21 -26.64 -80.23
S1 SF4 RA . 43.71 -28.68 -79.34
S2 SF4 RA . 41.36 -27.03 -81.51
S3 SF4 RA . 44.86 -26.27 -81.76
S4 SF4 RA . 43.62 -29.47 -82.86
FE1 SF4 SA . 47.91 -7.52 -58.72
FE2 SF4 SA . 47.64 -8.87 -61.09
FE3 SF4 SA . 48.47 -6.26 -61.09
FE4 SF4 SA . 45.88 -6.87 -60.43
S1 SF4 SA . 46.89 -7.19 -62.45
S2 SF4 SA . 47.26 -5.43 -59.34
S3 SF4 SA . 46.17 -8.85 -59.34
S4 SF4 SA . 49.57 -8.05 -60.20
FE1 SF4 TA . 59.14 9.20 -54.89
FE2 SF4 TA . 57.20 9.79 -56.73
FE3 SF4 TA . 59.10 11.66 -56.10
FE4 SF4 TA . 57.17 10.99 -54.28
S1 SF4 TA . 56.86 12.00 -56.31
S2 SF4 TA . 59.40 11.22 -53.89
S3 SF4 TA . 56.91 8.78 -54.71
S4 SF4 TA . 59.45 9.64 -57.11
FE1 SF4 UA . 67.47 12.67 -63.80
FE2 SF4 UA . 69.51 13.21 -62.05
FE3 SF4 UA . 67.23 12.01 -61.15
FE4 SF4 UA . 67.17 14.64 -61.92
S1 SF4 UA . 68.34 13.74 -60.17
S2 SF4 UA . 65.66 13.02 -62.46
S3 SF4 UA . 68.66 14.61 -63.65
S4 SF4 UA . 68.74 11.16 -62.64
FE1 SF4 VA . 49.26 2.90 -64.38
FE2 SF4 VA . 51.62 2.94 -65.76
FE3 SF4 VA . 51.18 4.74 -63.74
FE4 SF4 VA . 49.80 4.95 -66.10
S1 SF4 VA . 52.05 5.18 -65.80
S2 SF4 VA . 48.96 5.12 -63.99
S3 SF4 VA . 49.53 2.76 -66.64
S4 SF4 VA . 51.34 2.47 -63.55
FE1 SF4 WA . -10.23 -12.98 -19.82
FE2 SF4 WA . -11.11 -13.22 -22.41
FE3 SF4 WA . -9.15 -11.41 -21.79
FE4 SF4 WA . -11.72 -10.98 -20.95
S1 SF4 WA . -10.98 -11.05 -23.11
S2 SF4 WA . -9.83 -10.75 -19.71
S3 SF4 WA . -12.39 -13.12 -20.53
S4 SF4 WA . -9.02 -13.68 -21.62
FE1 SF4 XA . 5.03 -1.31 -15.21
FE2 SF4 XA . 6.71 -3.15 -14.09
FE3 SF4 XA . 5.77 -1.05 -12.59
FE4 SF4 XA . 7.59 -0.60 -14.59
S1 SF4 XA . 7.92 -1.82 -12.68
S2 SF4 XA . 5.70 0.59 -14.15
S3 SF4 XA . 6.93 -2.15 -16.13
S4 SF4 XA . 4.54 -2.75 -13.50
FE1 SF4 YA . 16.06 1.26 -20.67
FE2 SF4 YA . 15.16 -0.29 -22.74
FE3 SF4 YA . 14.52 -0.95 -20.16
FE4 SF4 YA . 17.09 -1.24 -21.06
S1 SF4 YA . 15.25 -2.35 -21.80
S2 SF4 YA . 16.44 -0.33 -19.08
S3 SF4 YA . 17.26 0.54 -22.47
S4 SF4 YA . 13.89 0.92 -21.29
FE1 SF4 ZA . -5.34 -2.65 -22.53
FE2 SF4 ZA . -3.30 -3.05 -24.32
FE3 SF4 ZA . -2.85 -1.63 -22.02
FE4 SF4 ZA . -4.38 -0.56 -24.02
S1 SF4 ZA . -2.18 -1.08 -24.12
S2 SF4 ZA . -4.84 -0.56 -21.79
S3 SF4 ZA . -5.43 -2.42 -24.79
S4 SF4 ZA . -3.42 -3.83 -22.17
FE1 SF4 AB . -50.34 13.74 68.99
FE2 SF4 AB . -50.68 16.03 67.54
FE3 SF4 AB . -48.18 14.96 67.85
FE4 SF4 AB . -49.45 16.12 69.98
S1 SF4 AB . -48.76 17.15 68.07
S2 SF4 AB . -48.33 14.14 69.98
S3 SF4 AB . -51.61 15.54 69.57
S4 SF4 AB . -49.94 14.02 66.76
FE1 SF4 BB . -45.13 24.78 75.08
FE2 SF4 BB . -43.75 22.99 76.62
FE3 SF4 BB . -44.74 22.23 74.18
FE4 SF4 BB . -46.45 22.70 76.27
S1 SF4 BB . -44.87 21.06 76.14
S2 SF4 BB . -46.68 23.42 74.12
S3 SF4 BB . -45.39 24.43 77.31
S4 SF4 BB . -43.13 23.80 74.58
FE1 SF4 CB . -35.27 22.59 79.79
FE2 SF4 CB . -34.22 24.88 78.71
FE3 SF4 CB . -32.85 23.52 80.66
FE4 SF4 CB . -35.15 24.88 81.27
S1 SF4 CB . -33.18 25.77 80.54
S2 SF4 CB . -34.58 22.79 81.96
S3 SF4 CB . -36.37 24.54 79.38
S4 SF4 CB . -33.35 22.78 78.57
FE1 402 DB . -28.93 23.53 81.09
FE2 402 DB . -27.64 25.60 81.88
S1 402 DB . -27.74 23.62 83.06
S2 402 DB . -29.93 25.48 81.79
O3 402 DB . -30.07 23.53 78.44
N4 402 DB . -27.16 21.23 80.34
O5 402 DB . -26.84 24.55 79.25
N6 402 DB . -27.60 28.11 80.26
O7 402 DB . -24.64 25.45 81.99
C3 402 DB . -29.69 23.61 79.57
C4 402 DB . -27.88 22.14 80.64
C5 402 DB . -27.55 24.50 80.21
C6 402 DB . -27.70 27.17 80.81
C7 402 DB . -25.84 25.58 81.95
C2 402 DB . -30.62 25.28 83.56
N1 402 DB . -29.58 25.07 84.61
C1 402 DB . -28.81 23.79 84.50
FE1 SF4 EB . -14.49 25.18 14.18
FE2 SF4 EB . -15.38 26.63 12.06
FE3 SF4 EB . -12.80 26.88 12.90
FE4 SF4 EB . -14.84 27.87 14.43
S1 SF4 EB . -14.22 28.57 12.36
S2 SF4 EB . -13.06 26.65 15.15
S3 SF4 EB . -16.46 26.31 14.03
S4 SF4 EB . -13.77 25.02 12.03
FE1 SF4 FB . -14.64 38.58 16.93
FE2 SF4 FB . -15.52 36.62 18.62
FE3 SF4 FB . -13.05 37.71 18.96
FE4 SF4 FB . -13.53 36.08 16.82
S1 SF4 FB . -13.58 35.50 19.02
S2 SF4 FB . -12.43 38.08 16.81
S3 SF4 FB . -15.68 36.64 16.34
S4 SF4 FB . -15.05 38.78 19.15
FE1 402 GB . -0.53 45.45 23.95
FE2 402 GB . 0.13 47.88 24.39
S1 402 GB . 0.58 46.15 25.85
S2 402 GB . -2.04 47.12 24.41
O3 402 GB . -2.10 44.92 21.60
N4 402 GB . 1.82 43.68 23.39
O5 402 GB . 1.07 46.77 21.83
N6 402 GB . -0.48 50.07 22.45
O7 402 GB . 2.99 48.75 24.26
C3 402 GB . -1.34 45.10 22.51
C4 402 GB . 0.87 44.37 23.62
C5 402 GB . 0.51 46.62 22.88
C6 402 GB . -0.34 49.21 23.14
C7 402 GB . 1.86 48.36 24.37
C2 402 GB . -2.65 47.00 26.20
N1 402 GB . -1.60 47.30 27.21
C1 402 GB . -0.50 46.28 27.28
FE1 SF4 HB . -5.76 41.55 23.17
FE2 SF4 HB . -6.47 44.00 24.15
FE3 SF4 HB . -5.60 43.76 21.57
FE4 SF4 HB . -3.84 43.43 23.65
S1 SF4 HB . -4.95 45.34 23.09
S2 SF4 HB . -4.04 42.12 21.81
S3 SF4 HB . -5.18 42.43 25.19
S4 SF4 HB . -7.48 42.86 22.46
FE1 SF4 IB . -11.73 -40.12 35.45
FE2 SF4 IB . -12.12 -39.09 37.95
FE3 SF4 IB . -14.20 -40.24 36.61
FE4 SF4 IB . -13.19 -37.84 35.78
S1 SF4 IB . -14.24 -38.27 37.75
S2 SF4 IB . -13.72 -39.63 34.47
S3 SF4 IB . -10.98 -38.12 36.24
S4 SF4 IB . -12.30 -41.28 37.33
FE1 SF4 JB . -11.86 -21.53 -26.87
FE2 SF4 JB . -13.02 -23.34 -28.55
FE3 SF4 JB . -10.62 -23.91 -27.38
FE4 SF4 JB . -10.77 -22.00 -29.33
S1 SF4 JB . -11.19 -24.23 -29.56
S2 SF4 JB . -9.66 -21.85 -27.35
S3 SF4 JB . -12.81 -21.10 -28.90
S4 SF4 JB . -12.62 -23.59 -26.33
FE1 SF4 KB . -19.29 -28.42 -35.68
FE2 SF4 KB . -17.76 -26.23 -35.12
FE3 SF4 KB . -20.09 -26.65 -33.74
FE4 SF4 KB . -20.17 -25.92 -36.38
S1 SF4 KB . -19.37 -24.69 -34.64
S2 SF4 KB . -21.39 -27.57 -35.37
S3 SF4 KB . -18.34 -27.00 -37.18
S4 SF4 KB . -18.24 -27.96 -33.72
FE1 402 LB . -24.06 -20.00 -50.22
FE2 402 LB . -25.00 -21.08 -52.33
S1 402 LB . -25.79 -19.12 -51.45
S2 402 LB . -25.25 -21.97 -50.22
O3 402 LB . -22.01 -21.54 -48.91
N4 402 LB . -22.48 -17.51 -50.80
O5 402 LB . -22.17 -20.33 -52.48
N6 402 LB . -23.66 -23.51 -53.44
O7 402 LB . -24.81 -19.80 -55.03
C3 402 LB . -22.77 -20.79 -49.44
C4 402 LB . -23.12 -18.50 -50.54
C5 402 LB . -23.17 -20.48 -51.82
C6 402 LB . -24.20 -22.68 -52.96
C7 402 LB . -24.82 -20.29 -53.93
C2 402 LB . -27.04 -21.67 -49.67
N1 402 LB . -27.83 -20.85 -50.65
C1 402 LB . -27.40 -19.41 -50.74
FE1 SF4 MB . -22.86 -21.96 -43.97
FE2 SF4 MB . -24.98 -23.28 -45.09
FE3 SF4 MB . -22.43 -23.99 -45.76
FE4 SF4 MB . -23.46 -21.59 -46.62
S1 SF4 MB . -24.18 -23.68 -47.19
S2 SF4 MB . -21.40 -21.96 -45.71
S3 SF4 MB . -24.75 -21.03 -44.83
S4 SF4 MB . -23.38 -24.15 -43.71
FE1 SF4 NB . -61.36 -9.40 23.98
FE2 SF4 NB . -63.46 -8.34 25.38
FE3 SF4 NB . -62.90 -11.00 25.58
FE4 SF4 NB . -63.94 -9.99 23.26
S1 SF4 NB . -64.95 -10.05 25.30
S2 SF4 NB . -62.21 -11.45 23.46
S3 SF4 NB . -62.93 -7.94 23.19
S4 SF4 NB . -61.57 -9.27 26.24
FE1 SF4 OB . -44.05 -6.77 30.81
FE2 SF4 OB . -43.21 -9.37 30.94
FE3 SF4 OB . -43.07 -7.78 33.16
FE4 SF4 OB . -41.38 -7.34 31.05
S1 SF4 OB . -41.45 -9.19 32.39
S2 SF4 OB . -42.55 -5.78 32.21
S3 SF4 OB . -42.74 -7.86 29.30
S4 SF4 OB . -44.95 -8.45 32.06
FE1 SF4 PB . -32.78 -8.62 22.35
FE2 SF4 PB . -35.30 -8.66 23.41
FE3 SF4 PB . -34.70 -6.90 21.42
FE4 SF4 PB . -33.63 -6.56 23.92
S1 SF4 PB . -35.84 -6.46 23.33
S2 SF4 PB . -32.54 -6.40 21.93
S3 SF4 PB . -33.33 -8.71 24.56
S4 SF4 PB . -34.71 -9.17 21.27
FE1 SF4 QB . -54.67 -2.38 25.05
FE2 SF4 QB . -52.93 -2.97 23.02
FE3 SF4 QB . -51.99 -2.50 25.54
FE4 SF4 QB . -53.01 -0.44 24.07
S1 SF4 QB . -51.15 -1.67 23.61
S2 SF4 QB . -53.44 -0.90 26.25
S3 SF4 QB . -54.68 -1.51 22.94
S4 SF4 QB . -53.33 -4.22 24.88
FE1 SF4 RB . 44.97 -17.63 2.61
FE2 SF4 RB . 43.75 -16.10 4.53
FE3 SF4 RB . 42.46 -18.29 3.51
FE4 SF4 RB . 42.82 -16.06 1.97
S1 SF4 RB . 41.58 -16.22 3.86
S2 SF4 RB . 43.17 -18.22 1.34
S3 SF4 RB . 44.87 -15.36 2.69
S4 SF4 RB . 44.39 -18.28 4.72
FE1 SF4 SB . -68.03 -18.16 15.55
FE2 SF4 SB . -68.34 -15.85 16.98
FE3 SF4 SB . -70.15 -16.50 15.04
FE4 SF4 SB . -67.61 -15.75 14.35
S1 SF4 SB . -69.19 -14.47 15.38
S2 SF4 SB . -68.78 -17.50 13.50
S3 SF4 SB . -66.41 -16.64 16.07
S4 SF4 SB . -69.74 -17.64 16.96
FE1 SF4 TB . -78.04 -14.10 7.94
FE2 SF4 TB . -77.84 -16.77 7.42
FE3 SF4 TB . -78.16 -15.90 9.99
FE4 SF4 TB . -75.80 -15.47 8.68
S1 SF4 TB . -76.70 -17.49 9.25
S2 SF4 TB . -76.95 -13.96 9.94
S3 SF4 TB . -76.54 -15.11 6.56
S4 SF4 TB . -79.65 -15.67 8.28
FE1 SF4 UB . -80.07 -7.39 2.45
FE2 SF4 UB . -82.54 -7.54 1.28
FE3 SF4 UB . -80.42 -8.78 0.10
FE4 SF4 UB . -80.57 -6.04 0.12
S1 SF4 UB . -81.99 -7.49 -0.92
S2 SF4 UB . -78.74 -7.31 0.60
S3 SF4 UB . -81.55 -5.68 2.14
S4 SF4 UB . -81.33 -9.27 2.12
FE1 402 VB . -80.54 -3.30 -2.90
FE2 402 VB . -82.08 -3.33 -4.93
S1 402 VB . -81.92 -1.56 -3.47
S2 402 VB . -82.40 -4.64 -3.07
O3 402 VB . -78.89 -5.53 -2.13
N4 402 VB . -78.26 -1.37 -3.16
O5 402 VB . -79.27 -4.02 -5.48
N6 402 VB . -82.11 -5.65 -6.81
O7 402 VB . -81.65 -1.53 -7.29
C3 402 VB . -79.56 -4.65 -2.58
C4 402 VB . -79.17 -2.15 -3.04
C5 402 VB . -80.10 -3.61 -4.72
C6 402 VB . -82.11 -4.88 -6.04
C7 402 VB . -81.76 -2.24 -6.33
C2 402 VB . -83.84 -3.93 -2.07
N1 402 VB . -84.34 -2.59 -2.54
C1 402 VB . -83.36 -1.47 -2.41
#